data_3RG1
#
_entry.id   3RG1
#
_cell.length_a   101.509
_cell.length_b   141.577
_cell.length_c   141.953
_cell.angle_alpha   94.00
_cell.angle_beta   91.66
_cell.angle_gamma   91.37
#
_symmetry.space_group_name_H-M   'P 1'
#
loop_
_entity.id
_entity.type
_entity.pdbx_description
1 polymer 'CD180 molecule'
2 polymer 'LY86 protein'
3 branched beta-D-mannopyranose-(1-4)-2-acetamido-2-deoxy-beta-D-glucopyranose-(1-4)-2-acetamido-2-deoxy-beta-D-glucopyranose
4 branched alpha-D-mannopyranose-(1-2)-alpha-D-mannopyranose-(1-6)-[alpha-D-mannopyranose-(1-3)]alpha-D-mannopyranose-(1-6)-[alpha-D-mannopyranose-(1-3)]beta-D-mannopyranose-(1-4)-2-acetamido-2-deoxy-beta-D-glucopyranose-(1-4)-2-acetamido-2-deoxy-beta-D-glucopyranose
5 non-polymer '(1S)-2-{[{[(2R)-2,3-DIHYDROXYPROPYL]OXY}(HYDROXY)PHOSPHORYL]OXY}-1-[(PALMITOYLOXY)METHYL]ETHYL STEARATE'
6 water water
#
loop_
_entity_poly.entity_id
_entity_poly.type
_entity_poly.pdbx_seq_one_letter_code
_entity_poly.pdbx_strand_id
1 'polypeptide(L)'
;AGSDPKCTEKEGNRTYNCENLGLREIPDTLPNTTEVLEFSFNFLPTIQNTTFSRLINLIFLDLTRCQINWVHEDTFQSHH
QLNTIVLTGNPLIFMAETSLTGPKFLKHLFLTQTGISNLEFIPVHNLENLESLHLGSNHISSINLPENFPTQNLKVLDFQ
NNAIHYISRKDTNSLEQATNLSLNFNGNDIKGIEPGAFISKIFQSLKFGGSLNLFIIFKGLQNSTLQSLWLGTFEDTDDQ
YLTSATFEGLCDMSVESINLQKHRFSDLSSSTFRCFTRVQELDLTAAHLNGLPSGIEGMNSLKKLVLNANSFDQLCQINA
ASFPSLRDLYIKGNMRKLDLGTRCLEKLENLQKLDLSHSDIEASDCCNLQLKNLRHLQYLNLSYNEPLGLEDQAFKECPQ
LELLDVAFTHLHVKAPHSPFQNLHLLRVLNLSHCLLDTSNQHLLAGLQDLRHLNLQGNSFQDGSISKTNLLQMVGSLEIL
ILSSCNLLSIDQQAFHGLRNVNHLDLSHNSLTGDSMDALSHLKGLYLNMASNNIRIIPPHLLPALSQQSIINLSHNPLDC
TCSNIHFITWYKENLHKLEDSEETTCANPPSLRGVKLSDVKLHCGTHMLVPR
;
A,E,I,M,B,F,J,N
2 'polypeptide(L)'
;AGEAWPTHTACRNGNLQVLYQSCDPLQDFGFSVDQCARQLKPNINIRFGMVLREDIEQLFLDVALFSKGLSILNFSYPVC
EVDLPKFSFCGRRKGEQIYYAGPINNPGFEIPEGDYQVLLELYNQDHATVACANATVLYSARGLVPR
;
C,D,G,H,K,L,O,P
#
loop_
_chem_comp.id
_chem_comp.type
_chem_comp.name
_chem_comp.formula
BMA D-saccharide, beta linking beta-D-mannopyranose 'C6 H12 O6'
MAN D-saccharide, alpha linking alpha-D-mannopyranose 'C6 H12 O6'
NAG D-saccharide, beta linking 2-acetamido-2-deoxy-beta-D-glucopyranose 'C8 H15 N O6'
PGT non-polymer '(1S)-2-{[{[(2R)-2,3-DIHYDROXYPROPYL]OXY}(HYDROXY)PHOSPHORYL]OXY}-1-[(PALMITOYLOXY)METHYL]ETHYL STEARATE' 'C40 H79 O10 P'
#
# COMPACT_ATOMS: atom_id res chain seq x y z
N PRO A 5 67.84 13.79 21.61
CA PRO A 5 69.04 14.24 20.97
C PRO A 5 69.88 13.24 20.19
N LYS A 6 70.07 11.98 20.64
CA LYS A 6 71.08 11.17 19.94
C LYS A 6 70.52 9.94 19.22
N CYS A 7 70.96 9.73 17.99
CA CYS A 7 70.57 8.56 17.20
C CYS A 7 71.31 7.33 17.77
N THR A 8 71.01 6.15 17.24
CA THR A 8 71.60 4.89 17.70
C THR A 8 72.29 4.16 16.56
N GLU A 9 73.56 3.82 16.76
CA GLU A 9 74.33 3.09 15.75
C GLU A 9 73.92 1.63 15.81
N LYS A 10 72.89 1.26 15.06
CA LYS A 10 72.44 -0.14 14.99
C LYS A 10 73.44 -1.08 14.26
N GLU A 11 74.31 -0.56 13.41
CA GLU A 11 75.37 -1.37 12.81
C GLU A 11 76.51 -0.50 12.30
N GLY A 12 77.74 -1.00 12.45
CA GLY A 12 78.97 -0.19 12.34
C GLY A 12 79.04 0.76 11.15
N ASN A 13 78.78 2.04 11.40
CA ASN A 13 78.89 3.07 10.38
C ASN A 13 77.90 2.93 9.19
N ARG A 14 76.98 1.94 9.23
CA ARG A 14 76.08 1.67 8.10
C ARG A 14 74.56 1.78 8.41
N THR A 15 74.10 1.46 9.62
CA THR A 15 72.67 1.57 9.95
C THR A 15 72.42 2.39 11.20
N TYR A 16 71.53 3.38 11.14
CA TYR A 16 71.21 4.20 12.32
C TYR A 16 69.73 4.32 12.53
N ASN A 17 69.32 4.50 13.77
CA ASN A 17 67.92 4.70 14.13
C ASN A 17 67.82 6.07 14.78
N CYS A 18 66.94 6.92 14.24
CA CYS A 18 66.71 8.27 14.78
C CYS A 18 65.25 8.51 15.12
N GLU A 19 64.53 7.46 15.48
CA GLU A 19 63.10 7.54 15.61
C GLU A 19 62.63 8.36 16.82
N ASN A 20 61.47 8.99 16.71
CA ASN A 20 60.85 9.73 17.79
C ASN A 20 61.74 10.81 18.38
N LEU A 21 62.73 11.32 17.65
CA LEU A 21 63.58 12.35 18.20
C LEU A 21 63.16 13.78 17.86
N GLY A 22 62.08 13.97 17.11
CA GLY A 22 61.65 15.33 16.74
C GLY A 22 62.67 16.21 16.01
N LEU A 23 63.57 15.58 15.28
CA LEU A 23 64.61 16.30 14.55
C LEU A 23 64.02 17.07 13.36
N ARG A 24 64.55 18.25 13.08
CA ARG A 24 64.08 19.06 11.96
C ARG A 24 65.05 18.99 10.79
N GLU A 25 66.09 18.19 10.96
CA GLU A 25 67.14 18.07 9.96
C GLU A 25 68.03 16.86 10.20
N ILE A 26 68.83 16.48 9.22
CA ILE A 26 69.72 15.35 9.39
C ILE A 26 70.92 15.78 10.22
N PRO A 27 71.26 15.04 11.26
CA PRO A 27 72.37 15.44 12.07
C PRO A 27 73.73 15.37 11.36
N ASP A 28 74.61 16.31 11.69
CA ASP A 28 76.00 16.30 11.23
C ASP A 28 76.72 15.08 11.77
N THR A 29 76.31 14.61 12.95
CA THR A 29 76.75 13.33 13.48
C THR A 29 76.70 12.19 12.45
N LEU A 30 75.55 12.01 11.78
CA LEU A 30 75.40 10.90 10.83
C LEU A 30 76.45 10.96 9.71
N PRO A 31 77.21 9.87 9.48
CA PRO A 31 78.32 9.83 8.53
C PRO A 31 77.99 9.54 7.08
N ASN A 32 78.83 10.02 6.18
CA ASN A 32 78.84 9.67 4.75
C ASN A 32 78.43 8.22 4.47
N THR A 33 78.88 7.31 5.30
CA THR A 33 78.72 5.85 5.05
C THR A 33 77.33 5.26 5.36
N THR A 34 76.36 6.10 5.71
CA THR A 34 75.05 5.62 6.15
C THR A 34 74.27 5.07 4.97
N GLU A 35 73.69 3.90 5.17
CA GLU A 35 72.94 3.19 4.13
C GLU A 35 71.50 2.86 4.53
N VAL A 36 71.25 2.66 5.83
CA VAL A 36 69.91 2.45 6.35
C VAL A 36 69.60 3.47 7.46
N LEU A 37 68.66 4.39 7.17
CA LEU A 37 68.22 5.43 8.11
C LEU A 37 66.74 5.28 8.43
N GLU A 38 66.45 4.94 9.69
CA GLU A 38 65.07 4.90 10.20
C GLU A 38 64.78 6.22 10.85
N PHE A 39 64.01 7.07 10.16
CA PHE A 39 63.80 8.44 10.57
C PHE A 39 62.35 8.74 10.95
N SER A 40 61.60 7.74 11.37
CA SER A 40 60.20 7.90 11.74
C SER A 40 59.98 8.91 12.84
N PHE A 41 58.86 9.60 12.79
CA PHE A 41 58.43 10.48 13.89
C PHE A 41 59.41 11.60 14.17
N ASN A 42 59.84 12.26 13.09
CA ASN A 42 60.61 13.48 13.18
C ASN A 42 59.78 14.55 12.47
N PHE A 43 60.36 15.72 12.20
CA PHE A 43 59.59 16.85 11.74
C PHE A 43 60.22 17.42 10.48
N LEU A 44 59.71 17.00 9.32
CA LEU A 44 60.18 17.51 8.04
C LEU A 44 59.01 17.95 7.16
N PRO A 45 58.36 19.08 7.53
CA PRO A 45 57.28 19.67 6.75
C PRO A 45 57.55 19.73 5.26
N THR A 46 58.76 20.16 4.89
CA THR A 46 59.20 20.27 3.52
C THR A 46 60.42 19.42 3.37
N ILE A 47 60.56 18.78 2.21
CA ILE A 47 61.70 17.96 1.85
C ILE A 47 62.26 18.43 0.50
N GLN A 48 63.58 18.54 0.39
CA GLN A 48 64.24 19.19 -0.75
C GLN A 48 65.58 18.56 -1.12
N ASN A 49 66.16 19.00 -2.24
CA ASN A 49 67.50 18.62 -2.66
C ASN A 49 68.53 18.73 -1.55
N THR A 50 68.40 19.75 -0.71
CA THR A 50 69.32 19.95 0.42
C THR A 50 69.08 19.02 1.63
N THR A 51 67.87 18.45 1.79
CA THR A 51 67.52 17.71 3.02
C THR A 51 68.44 16.53 3.38
N PHE A 52 68.79 15.75 2.35
CA PHE A 52 69.55 14.49 2.53
C PHE A 52 70.89 14.46 1.76
N SER A 53 71.42 15.63 1.42
CA SER A 53 72.57 15.68 0.51
C SER A 53 73.82 15.15 1.18
N ARG A 54 74.02 15.51 2.44
CA ARG A 54 75.13 14.90 3.21
C ARG A 54 75.09 13.35 3.11
N LEU A 55 73.92 12.72 3.16
CA LEU A 55 73.87 11.24 3.18
C LEU A 55 73.71 10.59 1.79
N ILE A 56 74.73 10.74 0.96
CA ILE A 56 74.68 10.32 -0.47
C ILE A 56 74.53 8.83 -0.74
N ASN A 57 74.77 7.95 0.25
CA ASN A 57 74.74 6.49 0.02
C ASN A 57 73.56 5.73 0.62
N LEU A 58 72.42 6.39 0.78
CA LEU A 58 71.27 5.74 1.39
C LEU A 58 70.76 4.66 0.46
N ILE A 59 70.39 3.52 1.07
CA ILE A 59 69.77 2.39 0.40
C ILE A 59 68.35 2.28 0.86
N PHE A 60 68.11 2.47 2.15
CA PHE A 60 66.77 2.37 2.75
C PHE A 60 66.47 3.61 3.60
N LEU A 61 65.40 4.32 3.28
CA LEU A 61 65.06 5.58 3.97
C LEU A 61 63.62 5.56 4.43
N ASP A 62 63.41 5.59 5.75
CA ASP A 62 62.05 5.54 6.29
C ASP A 62 61.66 6.88 6.89
N LEU A 63 60.74 7.58 6.22
CA LEU A 63 60.29 8.91 6.67
C LEU A 63 58.86 8.89 7.24
N THR A 64 58.48 7.75 7.79
CA THR A 64 57.10 7.54 8.28
C THR A 64 56.69 8.58 9.28
N ARG A 65 55.52 9.16 9.06
CA ARG A 65 54.94 10.03 10.06
C ARG A 65 55.86 11.22 10.47
N CYS A 66 56.48 11.84 9.47
CA CYS A 66 57.34 12.97 9.68
C CYS A 66 56.66 14.31 9.32
N GLN A 67 55.34 14.30 9.19
CA GLN A 67 54.57 15.50 8.89
C GLN A 67 54.99 16.15 7.58
N ILE A 68 55.48 15.36 6.63
CA ILE A 68 55.88 15.90 5.33
C ILE A 68 54.63 16.37 4.60
N ASN A 69 54.69 17.64 4.14
CA ASN A 69 53.66 18.23 3.28
C ASN A 69 54.11 18.29 1.84
N TRP A 70 55.39 18.58 1.64
CA TRP A 70 55.91 18.88 0.30
C TRP A 70 57.13 18.09 0.04
N VAL A 71 57.16 17.43 -1.12
CA VAL A 71 58.35 16.76 -1.61
C VAL A 71 58.71 17.47 -2.91
N HIS A 72 59.68 18.37 -2.80
CA HIS A 72 60.07 19.23 -3.91
C HIS A 72 60.98 18.62 -4.93
N GLU A 73 61.03 19.25 -6.09
CA GLU A 73 61.81 18.74 -7.23
C GLU A 73 63.29 18.42 -6.92
N ASP A 74 63.78 17.35 -7.51
CA ASP A 74 65.18 16.91 -7.39
C ASP A 74 65.62 16.52 -5.97
N THR A 75 64.66 16.22 -5.11
CA THR A 75 64.99 15.80 -3.76
C THR A 75 66.00 14.66 -3.72
N PHE A 76 65.87 13.68 -4.59
CA PHE A 76 66.71 12.50 -4.52
C PHE A 76 67.66 12.34 -5.73
N GLN A 77 67.99 13.45 -6.38
CA GLN A 77 68.90 13.42 -7.55
C GLN A 77 70.23 12.73 -7.22
N SER A 78 70.79 13.02 -6.04
CA SER A 78 72.13 12.54 -5.64
C SER A 78 72.12 11.21 -4.90
N HIS A 79 71.08 10.40 -5.06
CA HIS A 79 70.87 9.21 -4.23
C HIS A 79 70.72 7.96 -5.11
N HIS A 80 71.79 7.65 -5.84
CA HIS A 80 71.73 6.64 -6.89
C HIS A 80 71.38 5.26 -6.38
N GLN A 81 71.78 4.92 -5.16
CA GLN A 81 71.52 3.57 -4.65
C GLN A 81 70.22 3.41 -3.86
N LEU A 82 69.35 4.43 -3.82
CA LEU A 82 68.10 4.33 -3.04
C LEU A 82 67.21 3.19 -3.55
N ASN A 83 66.87 2.30 -2.65
CA ASN A 83 66.11 1.11 -2.99
C ASN A 83 64.67 1.20 -2.49
N THR A 84 64.51 1.67 -1.26
CA THR A 84 63.20 1.80 -0.61
C THR A 84 62.96 3.21 -0.02
N ILE A 85 61.85 3.82 -0.38
CA ILE A 85 61.41 5.06 0.26
C ILE A 85 60.09 4.83 0.98
N VAL A 86 60.02 5.13 2.28
CA VAL A 86 58.81 4.91 3.04
C VAL A 86 58.20 6.24 3.48
N LEU A 87 57.02 6.55 2.93
CA LEU A 87 56.34 7.85 3.19
C LEU A 87 54.99 7.73 3.96
N THR A 88 54.73 6.56 4.51
CA THR A 88 53.53 6.31 5.24
C THR A 88 53.14 7.37 6.24
N GLY A 89 51.89 7.77 6.22
CA GLY A 89 51.38 8.60 7.27
C GLY A 89 51.75 10.05 7.19
N ASN A 90 52.21 10.53 6.04
CA ASN A 90 52.49 11.95 5.86
C ASN A 90 51.35 12.65 5.14
N PRO A 91 50.94 13.83 5.61
CA PRO A 91 49.88 14.59 4.97
C PRO A 91 50.38 15.31 3.71
N LEU A 92 50.65 14.54 2.67
CA LEU A 92 51.30 15.09 1.49
C LEU A 92 50.33 16.03 0.78
N ILE A 93 50.82 17.19 0.39
CA ILE A 93 50.02 18.16 -0.35
C ILE A 93 50.34 18.10 -1.83
N PHE A 94 51.61 17.88 -2.16
CA PHE A 94 52.06 17.87 -3.54
C PHE A 94 53.44 17.26 -3.65
N MET A 95 53.65 16.44 -4.68
CA MET A 95 54.95 15.86 -5.00
C MET A 95 55.32 16.34 -6.40
N ALA A 96 56.51 16.95 -6.55
CA ALA A 96 56.95 17.49 -7.85
C ALA A 96 57.19 16.36 -8.84
N GLU A 97 57.12 16.67 -10.12
CA GLU A 97 57.26 15.64 -11.18
C GLU A 97 58.56 14.81 -11.06
N THR A 98 59.64 15.50 -10.69
CA THR A 98 60.95 14.86 -10.58
C THR A 98 61.38 14.59 -9.15
N SER A 99 60.41 14.66 -8.21
CA SER A 99 60.68 14.51 -6.78
C SER A 99 61.24 13.14 -6.37
N LEU A 100 60.95 12.10 -7.12
CA LEU A 100 61.56 10.80 -6.86
C LEU A 100 62.58 10.36 -7.93
N THR A 101 62.93 11.22 -8.88
CA THR A 101 63.97 10.82 -9.82
C THR A 101 65.34 11.01 -9.15
N GLY A 102 66.31 10.22 -9.60
CA GLY A 102 67.63 10.16 -8.98
C GLY A 102 68.12 8.71 -8.84
N PRO A 103 67.47 7.93 -7.96
CA PRO A 103 67.88 6.55 -7.76
C PRO A 103 67.80 5.74 -9.04
N LYS A 104 68.79 4.88 -9.27
CA LYS A 104 68.89 4.09 -10.51
C LYS A 104 67.98 2.87 -10.46
N PHE A 105 67.64 2.39 -9.24
CA PHE A 105 66.74 1.24 -9.10
C PHE A 105 65.86 1.34 -7.84
N LEU A 106 64.89 2.25 -7.88
CA LEU A 106 63.92 2.37 -6.81
C LEU A 106 62.90 1.25 -6.94
N LYS A 107 62.92 0.32 -5.99
CA LYS A 107 62.15 -0.90 -6.10
C LYS A 107 60.92 -0.95 -5.17
N HIS A 108 60.87 -0.07 -4.18
CA HIS A 108 59.75 -0.11 -3.21
C HIS A 108 59.33 1.28 -2.72
N LEU A 109 58.08 1.63 -2.98
CA LEU A 109 57.55 2.92 -2.57
C LEU A 109 56.35 2.71 -1.71
N PHE A 110 56.39 3.19 -0.47
CA PHE A 110 55.25 3.13 0.46
C PHE A 110 54.52 4.49 0.54
N LEU A 111 53.30 4.56 -0.02
CA LEU A 111 52.48 5.77 0.08
C LEU A 111 51.22 5.56 0.96
N THR A 112 51.31 4.64 1.89
CA THR A 112 50.20 4.29 2.75
C THR A 112 49.73 5.47 3.56
N GLN A 113 48.42 5.56 3.72
CA GLN A 113 47.75 6.64 4.48
C GLN A 113 48.40 8.00 4.28
N THR A 114 48.52 8.43 3.04
CA THR A 114 49.06 9.73 2.73
C THR A 114 47.99 10.61 2.12
N GLY A 115 46.75 10.16 2.15
CA GLY A 115 45.65 11.03 1.76
C GLY A 115 45.28 10.99 0.31
N ILE A 116 45.83 10.04 -0.39
CA ILE A 116 45.71 10.02 -1.86
C ILE A 116 44.33 9.57 -2.26
N SER A 117 43.63 10.39 -3.03
CA SER A 117 42.34 9.97 -3.62
C SER A 117 42.42 9.91 -5.12
N ASN A 118 43.37 10.61 -5.74
CA ASN A 118 43.57 10.57 -7.17
C ASN A 118 44.95 10.04 -7.53
N LEU A 119 44.99 8.86 -8.15
CA LEU A 119 46.28 8.23 -8.48
C LEU A 119 47.17 9.09 -9.39
N GLU A 120 46.59 10.07 -10.09
CA GLU A 120 47.38 11.05 -10.87
C GLU A 120 48.38 11.83 -9.99
N PHE A 121 48.17 11.78 -8.69
CA PHE A 121 49.01 12.47 -7.73
C PHE A 121 50.44 11.92 -7.68
N ILE A 122 50.58 10.63 -8.01
CA ILE A 122 51.85 9.93 -7.89
C ILE A 122 52.71 10.27 -9.11
N PRO A 123 53.92 10.79 -8.87
CA PRO A 123 54.78 11.08 -10.01
C PRO A 123 55.36 9.83 -10.66
N VAL A 124 55.03 9.62 -11.94
CA VAL A 124 55.41 8.40 -12.68
C VAL A 124 56.84 8.39 -13.18
N HIS A 125 57.48 9.55 -13.24
CA HIS A 125 58.75 9.68 -13.99
C HIS A 125 59.77 8.55 -13.81
N ASN A 126 59.97 8.11 -12.57
CA ASN A 126 61.01 7.13 -12.26
C ASN A 126 60.49 5.92 -11.49
N LEU A 127 59.40 5.36 -11.97
CA LEU A 127 58.78 4.26 -11.30
C LEU A 127 58.89 2.94 -12.08
N GLU A 128 59.51 2.95 -13.26
CA GLU A 128 59.56 1.75 -14.11
C GLU A 128 60.30 0.57 -13.52
N ASN A 129 61.11 0.81 -12.50
CA ASN A 129 61.75 -0.28 -11.75
C ASN A 129 61.01 -0.65 -10.44
N LEU A 130 59.79 -0.14 -10.23
CA LEU A 130 59.06 -0.50 -9.02
C LEU A 130 58.72 -1.97 -9.01
N GLU A 131 59.04 -2.64 -7.90
CA GLU A 131 58.59 -4.01 -7.61
C GLU A 131 57.40 -4.04 -6.67
N SER A 132 57.24 -3.04 -5.81
CA SER A 132 56.06 -2.97 -4.93
C SER A 132 55.58 -1.53 -4.70
N LEU A 133 54.26 -1.35 -4.74
CA LEU A 133 53.66 -0.03 -4.53
C LEU A 133 52.57 -0.18 -3.50
N HIS A 134 52.70 0.55 -2.41
CA HIS A 134 51.79 0.40 -1.27
C HIS A 134 50.89 1.63 -1.12
N LEU A 135 49.60 1.42 -1.40
CA LEU A 135 48.63 2.52 -1.44
C LEU A 135 47.47 2.30 -0.48
N GLY A 136 47.70 1.59 0.60
CA GLY A 136 46.64 1.30 1.54
C GLY A 136 46.21 2.50 2.38
N SER A 137 44.99 2.41 2.91
CA SER A 137 44.43 3.39 3.86
C SER A 137 44.43 4.79 3.28
N ASN A 138 44.30 4.89 1.97
CA ASN A 138 44.14 6.17 1.30
C ASN A 138 42.65 6.38 1.01
N HIS A 139 42.32 7.36 0.19
CA HIS A 139 40.94 7.68 -0.13
C HIS A 139 40.64 7.26 -1.60
N ILE A 140 41.07 6.05 -1.98
CA ILE A 140 40.99 5.59 -3.38
C ILE A 140 39.70 4.81 -3.63
N SER A 141 39.15 4.96 -4.83
CA SER A 141 37.93 4.21 -5.18
C SER A 141 37.98 3.48 -6.52
N SER A 142 39.10 3.56 -7.23
CA SER A 142 39.25 2.85 -8.48
C SER A 142 40.69 2.42 -8.67
N ILE A 143 40.90 1.12 -8.86
CA ILE A 143 42.26 0.61 -9.07
C ILE A 143 42.77 0.94 -10.47
N ASN A 144 41.93 1.53 -11.29
CA ASN A 144 42.34 1.96 -12.62
C ASN A 144 43.56 2.91 -12.55
N LEU A 145 44.69 2.48 -13.10
CA LEU A 145 45.90 3.31 -13.05
C LEU A 145 45.78 4.34 -14.14
N PRO A 146 46.52 5.47 -14.02
CA PRO A 146 46.61 6.43 -15.10
C PRO A 146 47.27 5.82 -16.34
N GLU A 147 46.95 6.36 -17.52
CA GLU A 147 47.61 5.94 -18.74
C GLU A 147 49.10 6.28 -18.62
N ASN A 148 49.95 5.41 -19.18
CA ASN A 148 51.40 5.66 -19.18
C ASN A 148 51.95 5.63 -17.73
N PHE A 149 51.39 4.70 -16.95
CA PHE A 149 51.87 4.42 -15.61
C PHE A 149 52.57 3.06 -15.71
N PRO A 150 53.87 3.02 -15.43
CA PRO A 150 54.62 1.80 -15.60
C PRO A 150 54.14 0.70 -14.67
N THR A 151 53.97 -0.50 -15.22
CA THR A 151 53.51 -1.66 -14.45
C THR A 151 54.32 -2.95 -14.72
N GLN A 152 55.33 -2.89 -15.58
CA GLN A 152 56.02 -4.10 -16.09
C GLN A 152 56.63 -4.92 -14.96
N ASN A 153 57.44 -4.31 -14.12
CA ASN A 153 58.09 -5.02 -13.01
C ASN A 153 57.27 -5.06 -11.72
N LEU A 154 56.05 -4.51 -11.76
CA LEU A 154 55.22 -4.48 -10.59
C LEU A 154 54.86 -5.90 -10.16
N LYS A 155 55.25 -6.30 -8.97
CA LYS A 155 54.93 -7.65 -8.49
C LYS A 155 53.97 -7.65 -7.29
N VAL A 156 53.94 -6.57 -6.51
CA VAL A 156 53.00 -6.43 -5.37
C VAL A 156 52.32 -5.07 -5.44
N LEU A 157 50.99 -5.03 -5.33
CA LEU A 157 50.24 -3.77 -5.43
C LEU A 157 49.18 -3.76 -4.37
N ASP A 158 49.39 -2.99 -3.30
CA ASP A 158 48.54 -3.10 -2.12
C ASP A 158 47.50 -2.00 -2.05
N PHE A 159 46.21 -2.37 -2.10
CA PHE A 159 45.10 -1.42 -2.09
C PHE A 159 44.18 -1.49 -0.84
N GLN A 160 44.68 -2.05 0.25
CA GLN A 160 43.87 -2.26 1.45
C GLN A 160 43.15 -1.04 1.99
N ASN A 161 42.05 -1.29 2.69
CA ASN A 161 41.35 -0.26 3.40
C ASN A 161 41.23 1.03 2.60
N ASN A 162 40.60 0.91 1.45
CA ASN A 162 40.33 2.04 0.61
C ASN A 162 38.83 2.00 0.38
N ALA A 163 38.35 2.68 -0.66
CA ALA A 163 36.91 2.76 -0.96
C ALA A 163 36.60 2.19 -2.33
N ILE A 164 37.17 1.02 -2.63
CA ILE A 164 36.97 0.36 -3.93
C ILE A 164 35.72 -0.50 -3.86
N HIS A 165 34.71 -0.16 -4.63
CA HIS A 165 33.45 -0.89 -4.58
C HIS A 165 33.17 -1.67 -5.84
N TYR A 166 33.72 -1.22 -6.97
CA TYR A 166 33.58 -1.95 -8.22
C TYR A 166 34.93 -2.13 -8.92
N ILE A 167 35.13 -3.30 -9.53
CA ILE A 167 36.29 -3.54 -10.38
C ILE A 167 35.79 -3.94 -11.78
N SER A 168 36.20 -3.19 -12.79
CA SER A 168 35.77 -3.44 -14.17
C SER A 168 36.88 -4.03 -15.01
N ARG A 169 36.51 -4.58 -16.17
CA ARG A 169 37.50 -5.09 -17.13
C ARG A 169 38.43 -3.94 -17.54
N LYS A 170 37.86 -2.76 -17.77
CA LYS A 170 38.65 -1.58 -18.09
C LYS A 170 39.70 -1.36 -17.03
N ASP A 171 39.27 -1.38 -15.76
CA ASP A 171 40.15 -1.14 -14.61
C ASP A 171 41.36 -2.06 -14.64
N THR A 172 41.12 -3.37 -14.71
CA THR A 172 42.19 -4.38 -14.61
C THR A 172 43.09 -4.42 -15.84
N ASN A 173 42.57 -4.00 -16.98
CA ASN A 173 43.35 -3.96 -18.23
C ASN A 173 44.56 -3.04 -18.12
N SER A 174 44.40 -2.00 -17.32
CA SER A 174 45.49 -1.12 -16.92
C SER A 174 46.78 -1.87 -16.52
N LEU A 175 46.64 -3.03 -15.90
CA LEU A 175 47.77 -3.74 -15.29
C LEU A 175 48.33 -4.82 -16.20
N GLU A 176 47.98 -4.77 -17.50
CA GLU A 176 48.26 -5.89 -18.42
C GLU A 176 49.76 -6.16 -18.61
N GLN A 177 50.57 -5.12 -18.50
CA GLN A 177 52.02 -5.25 -18.62
C GLN A 177 52.70 -6.03 -17.49
N ALA A 178 52.01 -6.25 -16.37
CA ALA A 178 52.61 -6.95 -15.21
C ALA A 178 52.75 -8.47 -15.45
N THR A 179 53.57 -9.11 -14.63
CA THR A 179 53.73 -10.55 -14.65
C THR A 179 53.88 -11.07 -13.22
N ASN A 180 53.10 -12.08 -12.88
CA ASN A 180 53.00 -12.59 -11.50
C ASN A 180 52.73 -11.47 -10.53
N LEU A 181 51.61 -10.80 -10.72
CA LEU A 181 51.23 -9.67 -9.87
C LEU A 181 50.31 -10.13 -8.75
N SER A 182 50.49 -9.57 -7.57
CA SER A 182 49.64 -9.94 -6.42
C SER A 182 48.99 -8.70 -5.91
N LEU A 183 47.68 -8.75 -5.67
CA LEU A 183 46.92 -7.59 -5.25
C LEU A 183 46.20 -7.83 -3.95
N ASN A 184 46.22 -6.86 -3.06
CA ASN A 184 45.53 -6.95 -1.80
C ASN A 184 44.35 -5.96 -1.76
N PHE A 185 43.12 -6.48 -1.62
CA PHE A 185 41.92 -5.64 -1.52
C PHE A 185 41.27 -5.72 -0.16
N ASN A 186 41.95 -6.35 0.80
CA ASN A 186 41.43 -6.49 2.16
C ASN A 186 40.81 -5.21 2.64
N GLY A 187 39.64 -5.32 3.22
CA GLY A 187 38.99 -4.16 3.82
C GLY A 187 38.39 -3.17 2.86
N ASN A 188 38.27 -3.52 1.59
CA ASN A 188 37.41 -2.82 0.65
C ASN A 188 36.09 -3.56 0.52
N ASP A 189 34.98 -2.85 0.53
CA ASP A 189 33.66 -3.48 0.40
C ASP A 189 33.28 -3.68 -1.07
N ILE A 190 33.71 -4.79 -1.67
CA ILE A 190 33.55 -5.01 -3.10
C ILE A 190 32.12 -5.46 -3.40
N LYS A 191 31.34 -4.60 -4.06
CA LYS A 191 29.93 -4.91 -4.36
C LYS A 191 29.75 -5.60 -5.70
N GLY A 192 30.73 -5.44 -6.59
CA GLY A 192 30.68 -6.11 -7.91
C GLY A 192 32.03 -6.19 -8.64
N ILE A 193 32.19 -7.25 -9.42
CA ILE A 193 33.33 -7.36 -10.30
C ILE A 193 32.78 -7.78 -11.68
N GLU A 194 33.09 -6.98 -12.69
CA GLU A 194 32.71 -7.32 -14.07
C GLU A 194 33.34 -8.67 -14.38
N PRO A 195 32.52 -9.63 -14.84
CA PRO A 195 33.10 -10.95 -15.06
C PRO A 195 34.21 -10.95 -16.12
N GLY A 196 35.24 -11.75 -15.85
CA GLY A 196 36.37 -11.90 -16.75
C GLY A 196 37.47 -10.88 -16.54
N ALA A 197 37.30 -9.98 -15.57
CA ALA A 197 38.32 -8.97 -15.30
C ALA A 197 39.70 -9.58 -14.97
N PHE A 198 39.69 -10.82 -14.49
CA PHE A 198 40.93 -11.49 -14.12
C PHE A 198 41.25 -12.71 -15.01
N ILE A 199 40.68 -12.75 -16.23
CA ILE A 199 41.07 -13.76 -17.21
C ILE A 199 42.57 -13.70 -17.50
N SER A 200 43.15 -12.51 -17.48
CA SER A 200 44.57 -12.33 -17.77
C SER A 200 45.37 -13.26 -16.89
N LYS A 201 46.34 -13.97 -17.47
CA LYS A 201 47.15 -14.97 -16.74
C LYS A 201 48.18 -14.32 -15.81
N ILE A 202 48.41 -13.02 -15.98
CA ILE A 202 49.37 -12.27 -15.18
C ILE A 202 49.09 -12.23 -13.66
N PHE A 203 47.88 -12.59 -13.20
CA PHE A 203 47.54 -12.43 -11.78
C PHE A 203 47.91 -13.67 -11.01
N GLN A 204 48.82 -13.51 -10.05
CA GLN A 204 49.29 -14.63 -9.23
C GLN A 204 48.38 -14.85 -8.05
N SER A 205 48.18 -13.80 -7.25
CA SER A 205 47.43 -13.93 -6.00
C SER A 205 46.55 -12.71 -5.66
N LEU A 206 45.36 -12.97 -5.13
CA LEU A 206 44.42 -11.89 -4.75
C LEU A 206 43.91 -12.12 -3.34
N LYS A 207 43.71 -11.02 -2.59
CA LYS A 207 43.12 -11.07 -1.25
C LYS A 207 41.90 -10.17 -1.20
N PHE A 208 40.78 -10.71 -0.73
CA PHE A 208 39.52 -9.97 -0.64
C PHE A 208 39.00 -10.04 0.78
N GLY A 209 39.88 -9.87 1.75
CA GLY A 209 39.49 -10.03 3.13
C GLY A 209 38.29 -9.21 3.56
N GLY A 210 37.48 -9.81 4.42
CA GLY A 210 36.38 -9.09 5.05
C GLY A 210 35.22 -8.85 4.14
N SER A 211 35.32 -9.31 2.89
CA SER A 211 34.29 -9.11 1.89
C SER A 211 32.98 -9.77 2.31
N LEU A 212 31.87 -9.07 2.08
CA LEU A 212 30.57 -9.52 2.57
C LEU A 212 29.77 -10.36 1.59
N ASN A 213 30.25 -10.53 0.35
CA ASN A 213 29.52 -11.40 -0.63
C ASN A 213 30.41 -12.22 -1.56
N LEU A 214 30.75 -13.43 -1.15
CA LEU A 214 31.68 -14.26 -1.91
C LEU A 214 31.09 -14.73 -3.25
N PHE A 215 29.78 -14.92 -3.30
CA PHE A 215 29.11 -15.23 -4.57
C PHE A 215 29.52 -14.21 -5.65
N ILE A 216 29.34 -12.92 -5.33
CA ILE A 216 29.74 -11.85 -6.22
C ILE A 216 31.20 -11.99 -6.66
N ILE A 217 32.09 -12.27 -5.72
CA ILE A 217 33.51 -12.36 -6.00
C ILE A 217 33.83 -13.51 -6.96
N PHE A 218 33.37 -14.71 -6.61
CA PHE A 218 33.66 -15.86 -7.43
C PHE A 218 33.14 -15.63 -8.86
N LYS A 219 31.89 -15.16 -8.98
CA LYS A 219 31.35 -14.91 -10.30
C LYS A 219 32.27 -14.00 -11.08
N GLY A 220 32.82 -13.00 -10.42
CA GLY A 220 33.73 -12.07 -11.08
C GLY A 220 35.01 -12.72 -11.56
N LEU A 221 35.54 -13.66 -10.77
CA LEU A 221 36.82 -14.31 -11.07
C LEU A 221 36.69 -15.45 -12.10
N GLN A 222 35.53 -15.53 -12.77
CA GLN A 222 35.27 -16.59 -13.75
C GLN A 222 36.37 -16.71 -14.81
N ASN A 223 36.71 -17.95 -15.18
CA ASN A 223 37.78 -18.28 -16.16
C ASN A 223 39.14 -17.65 -15.75
N SER A 224 39.60 -17.85 -14.51
CA SER A 224 40.89 -17.30 -14.09
C SER A 224 41.79 -18.32 -13.39
N THR A 225 43.09 -18.06 -13.46
CA THR A 225 44.10 -18.93 -12.88
C THR A 225 44.85 -18.16 -11.81
N LEU A 226 44.72 -18.60 -10.57
CA LEU A 226 45.33 -17.94 -9.46
C LEU A 226 46.14 -18.95 -8.67
N GLN A 227 47.26 -18.51 -8.12
CA GLN A 227 47.99 -19.31 -7.18
C GLN A 227 47.20 -19.37 -5.86
N SER A 228 46.79 -18.21 -5.34
CA SER A 228 46.02 -18.18 -4.11
C SER A 228 45.02 -17.04 -4.02
N LEU A 229 43.98 -17.30 -3.21
CA LEU A 229 42.82 -16.43 -3.06
C LEU A 229 42.46 -16.37 -1.58
N TRP A 230 42.59 -15.21 -0.97
CA TRP A 230 42.34 -15.06 0.45
C TRP A 230 40.95 -14.47 0.65
N LEU A 231 40.02 -15.31 1.08
CA LEU A 231 38.64 -14.87 1.30
C LEU A 231 38.23 -14.95 2.77
N GLY A 232 39.20 -14.89 3.67
CA GLY A 232 38.92 -14.91 5.08
C GLY A 232 38.17 -13.68 5.54
N THR A 233 37.52 -13.79 6.70
CA THR A 233 36.73 -12.71 7.30
C THR A 233 37.31 -12.41 8.68
N PHE A 234 36.77 -11.41 9.36
CA PHE A 234 37.25 -11.03 10.67
C PHE A 234 36.14 -11.00 11.74
N GLU A 235 36.56 -10.94 12.99
CA GLU A 235 35.62 -10.82 14.10
C GLU A 235 34.65 -9.67 13.81
N ASP A 236 35.25 -8.49 13.69
CA ASP A 236 34.48 -7.27 13.58
C ASP A 236 33.60 -7.22 12.29
N THR A 237 33.91 -8.05 11.28
CA THR A 237 33.18 -7.90 10.00
C THR A 237 31.72 -8.42 10.16
N ASP A 238 30.79 -7.77 9.46
CA ASP A 238 29.34 -8.08 9.58
C ASP A 238 28.97 -9.56 9.26
N ASP A 239 27.86 -10.03 9.80
CA ASP A 239 27.59 -11.49 9.81
C ASP A 239 26.96 -12.01 8.48
N GLN A 240 27.66 -12.95 7.84
CA GLN A 240 27.13 -13.66 6.65
C GLN A 240 27.04 -15.15 6.96
N TYR A 241 26.69 -15.95 5.96
CA TYR A 241 26.60 -17.41 6.09
C TYR A 241 26.92 -18.08 4.76
N LEU A 242 28.01 -18.83 4.70
CA LEU A 242 28.38 -19.52 3.46
C LEU A 242 27.48 -20.72 3.19
N THR A 243 27.18 -20.96 1.91
CA THR A 243 26.35 -22.08 1.43
C THR A 243 27.04 -22.79 0.28
N SER A 244 26.66 -24.03 0.03
CA SER A 244 27.05 -24.72 -1.20
C SER A 244 26.87 -23.82 -2.42
N ALA A 245 25.74 -23.11 -2.44
CA ALA A 245 25.43 -22.13 -3.48
C ALA A 245 26.54 -21.12 -3.66
N THR A 246 27.11 -20.67 -2.55
CA THR A 246 28.16 -19.65 -2.56
C THR A 246 29.32 -20.01 -3.49
N PHE A 247 29.67 -21.30 -3.55
CA PHE A 247 30.88 -21.72 -4.24
C PHE A 247 30.64 -22.20 -5.66
N GLU A 248 29.42 -22.06 -6.17
CA GLU A 248 29.08 -22.52 -7.52
C GLU A 248 30.08 -21.94 -8.53
N GLY A 249 30.42 -20.66 -8.37
CA GLY A 249 31.32 -20.01 -9.29
C GLY A 249 32.74 -20.54 -9.29
N LEU A 250 33.10 -21.32 -8.27
CA LEU A 250 34.49 -21.77 -8.11
C LEU A 250 34.90 -22.80 -9.17
N CYS A 251 33.97 -23.64 -9.61
CA CYS A 251 34.38 -24.65 -10.59
C CYS A 251 34.39 -24.12 -12.03
N ASP A 252 34.27 -22.82 -12.21
CA ASP A 252 34.58 -22.17 -13.47
C ASP A 252 35.85 -21.34 -13.34
N MET A 253 36.76 -21.79 -12.47
CA MET A 253 38.07 -21.15 -12.29
C MET A 253 39.07 -22.11 -11.65
N SER A 254 40.32 -21.68 -11.49
CA SER A 254 41.36 -22.54 -10.93
C SER A 254 42.24 -21.80 -9.93
N VAL A 255 42.26 -22.28 -8.70
CA VAL A 255 43.03 -21.66 -7.65
C VAL A 255 43.67 -22.77 -6.82
N GLU A 256 44.98 -22.66 -6.59
CA GLU A 256 45.73 -23.68 -5.86
C GLU A 256 45.43 -23.63 -4.37
N SER A 257 45.24 -22.42 -3.85
CA SER A 257 45.19 -22.19 -2.41
C SER A 257 44.05 -21.23 -2.00
N ILE A 258 43.16 -21.70 -1.13
CA ILE A 258 42.04 -20.88 -0.66
C ILE A 258 42.02 -20.75 0.85
N ASN A 259 41.72 -19.57 1.34
CA ASN A 259 41.61 -19.34 2.78
C ASN A 259 40.23 -18.84 3.07
N LEU A 260 39.55 -19.49 4.00
CA LEU A 260 38.21 -19.10 4.36
C LEU A 260 38.11 -18.93 5.87
N GLN A 261 39.12 -18.32 6.47
CA GLN A 261 39.18 -18.20 7.93
C GLN A 261 37.98 -17.50 8.53
N LYS A 262 37.63 -17.91 9.75
CA LYS A 262 36.60 -17.23 10.55
C LYS A 262 35.16 -17.21 9.96
N HIS A 263 34.91 -17.99 8.89
CA HIS A 263 33.58 -18.05 8.29
C HIS A 263 32.65 -19.02 8.99
N ARG A 264 31.36 -18.90 8.71
CA ARG A 264 30.36 -19.80 9.29
C ARG A 264 29.64 -20.51 8.17
N PHE A 265 29.72 -21.85 8.17
CA PHE A 265 29.08 -22.68 7.16
C PHE A 265 27.68 -23.05 7.56
N SER A 266 26.71 -22.58 6.77
CA SER A 266 25.29 -22.73 7.06
C SER A 266 24.84 -24.17 7.15
N ASP A 267 25.03 -24.92 6.07
CA ASP A 267 24.53 -26.30 6.06
C ASP A 267 25.58 -27.23 5.49
N LEU A 268 26.70 -27.34 6.19
CA LEU A 268 27.86 -28.07 5.68
C LEU A 268 27.51 -29.50 5.31
N SER A 269 27.50 -29.78 4.01
CA SER A 269 27.35 -31.13 3.46
C SER A 269 28.60 -31.47 2.65
N SER A 270 28.73 -32.73 2.23
CA SER A 270 29.83 -33.09 1.33
C SER A 270 29.67 -32.39 -0.02
N SER A 271 28.42 -32.05 -0.34
CA SER A 271 28.11 -31.26 -1.54
C SER A 271 28.71 -29.84 -1.51
N THR A 272 28.96 -29.30 -0.33
CA THR A 272 29.56 -27.96 -0.18
C THR A 272 30.94 -27.83 -0.89
N PHE A 273 31.67 -28.92 -0.98
CA PHE A 273 32.98 -28.93 -1.61
C PHE A 273 32.96 -29.44 -3.06
N ARG A 274 31.82 -29.30 -3.76
CA ARG A 274 31.71 -29.80 -5.13
C ARG A 274 32.83 -29.22 -6.00
N CYS A 275 33.11 -27.93 -5.87
CA CYS A 275 34.06 -27.27 -6.76
C CYS A 275 35.49 -27.11 -6.21
N PHE A 276 35.85 -27.89 -5.20
CA PHE A 276 37.18 -27.82 -4.66
C PHE A 276 38.10 -28.89 -5.25
N THR A 277 37.78 -29.41 -6.43
CA THR A 277 38.46 -30.59 -6.96
C THR A 277 39.88 -30.36 -7.42
N ARG A 278 40.21 -29.10 -7.76
CA ARG A 278 41.58 -28.77 -8.18
C ARG A 278 42.34 -27.93 -7.14
N VAL A 279 41.76 -27.80 -5.96
CA VAL A 279 42.39 -27.08 -4.86
C VAL A 279 43.45 -27.97 -4.21
N GLN A 280 44.60 -27.38 -3.92
CA GLN A 280 45.73 -28.09 -3.30
C GLN A 280 45.94 -27.74 -1.80
N GLU A 281 45.51 -26.54 -1.41
CA GLU A 281 45.60 -26.11 -0.04
C GLU A 281 44.31 -25.44 0.40
N LEU A 282 43.76 -25.90 1.52
CA LEU A 282 42.54 -25.34 2.06
C LEU A 282 42.75 -24.96 3.52
N ASP A 283 42.37 -23.73 3.87
CA ASP A 283 42.51 -23.23 5.24
C ASP A 283 41.14 -22.87 5.80
N LEU A 284 40.67 -23.63 6.79
CA LEU A 284 39.38 -23.42 7.40
C LEU A 284 39.56 -23.03 8.86
N THR A 285 40.55 -22.17 9.12
CA THR A 285 40.87 -21.73 10.48
C THR A 285 39.71 -21.01 11.21
N ALA A 286 39.45 -21.40 12.45
CA ALA A 286 38.43 -20.77 13.26
C ALA A 286 37.13 -20.67 12.48
N ALA A 287 36.77 -21.74 11.77
CA ALA A 287 35.54 -21.79 10.96
C ALA A 287 34.34 -22.36 11.71
N HIS A 288 34.43 -22.40 13.04
CA HIS A 288 33.39 -22.96 13.92
C HIS A 288 33.05 -24.42 13.70
N LEU A 289 33.98 -25.18 13.15
CA LEU A 289 33.75 -26.58 12.82
C LEU A 289 33.73 -27.51 14.06
N ASN A 290 32.74 -28.40 14.13
CA ASN A 290 32.75 -29.51 15.10
C ASN A 290 33.16 -30.83 14.43
N GLY A 291 33.26 -30.81 13.11
CA GLY A 291 33.71 -31.95 12.34
C GLY A 291 33.72 -31.59 10.88
N LEU A 292 34.05 -32.54 10.03
CA LEU A 292 33.85 -32.41 8.59
C LEU A 292 32.93 -33.53 8.11
N PRO A 293 32.25 -33.32 6.98
CA PRO A 293 31.32 -34.33 6.48
C PRO A 293 32.10 -35.52 5.96
N SER A 294 31.44 -36.66 5.85
CA SER A 294 32.10 -37.86 5.34
C SER A 294 31.93 -37.97 3.83
N GLY A 295 32.90 -38.62 3.19
CA GLY A 295 32.90 -38.89 1.75
C GLY A 295 32.75 -37.66 0.85
N ILE A 296 33.71 -36.75 0.89
CA ILE A 296 33.64 -35.52 0.09
C ILE A 296 33.82 -35.77 -1.42
N GLU A 297 34.87 -36.52 -1.81
CA GLU A 297 35.21 -36.73 -3.25
C GLU A 297 35.80 -35.49 -3.96
N GLY A 298 35.36 -34.28 -3.56
CA GLY A 298 35.87 -32.99 -4.03
C GLY A 298 37.02 -32.35 -3.20
N MET A 299 37.75 -33.16 -2.46
CA MET A 299 39.06 -32.74 -1.99
C MET A 299 39.96 -33.96 -2.22
N ASN A 300 39.84 -34.51 -3.42
CA ASN A 300 40.64 -35.67 -3.84
C ASN A 300 42.13 -35.35 -4.09
N SER A 301 42.43 -34.11 -4.47
CA SER A 301 43.82 -33.71 -4.74
C SER A 301 44.37 -32.61 -3.79
N LEU A 302 43.83 -32.55 -2.57
CA LEU A 302 44.37 -31.69 -1.51
C LEU A 302 45.71 -32.19 -1.02
N LYS A 303 46.65 -31.29 -0.81
CA LYS A 303 47.93 -31.62 -0.19
C LYS A 303 48.04 -30.98 1.23
N LYS A 304 47.39 -29.84 1.45
CA LYS A 304 47.54 -29.13 2.71
C LYS A 304 46.18 -28.69 3.26
N LEU A 305 45.82 -29.16 4.46
CA LEU A 305 44.57 -28.75 5.09
C LEU A 305 44.86 -28.11 6.44
N VAL A 306 44.29 -26.94 6.69
CA VAL A 306 44.45 -26.27 7.98
C VAL A 306 43.10 -26.16 8.70
N LEU A 307 42.96 -26.85 9.82
CA LEU A 307 41.73 -26.83 10.61
C LEU A 307 41.95 -26.20 12.00
N ASN A 308 42.96 -25.35 12.10
CA ASN A 308 43.31 -24.69 13.37
C ASN A 308 42.16 -23.91 14.04
N ALA A 309 42.21 -23.81 15.36
CA ALA A 309 41.27 -22.97 16.11
C ALA A 309 39.79 -23.38 15.97
N ASN A 310 39.51 -24.65 15.67
CA ASN A 310 38.11 -25.12 15.55
C ASN A 310 37.62 -25.77 16.86
N SER A 311 36.52 -26.54 16.83
CA SER A 311 35.98 -27.16 18.05
C SER A 311 35.65 -28.64 17.89
N PHE A 312 36.66 -29.46 17.61
CA PHE A 312 36.47 -30.90 17.45
C PHE A 312 36.38 -31.58 18.80
N ASP A 313 35.71 -32.72 18.86
CA ASP A 313 35.67 -33.54 20.08
C ASP A 313 36.54 -34.78 19.91
N GLN A 314 36.33 -35.50 18.82
CA GLN A 314 37.17 -36.64 18.51
C GLN A 314 37.84 -36.38 17.16
N LEU A 315 39.11 -36.77 17.08
CA LEU A 315 39.91 -36.61 15.84
C LEU A 315 39.25 -37.24 14.59
N CYS A 316 38.58 -38.37 14.77
CA CYS A 316 37.91 -39.06 13.67
C CYS A 316 36.78 -38.25 13.01
N GLN A 317 36.30 -37.22 13.69
CA GLN A 317 35.25 -36.39 13.11
C GLN A 317 35.72 -35.57 11.90
N ILE A 318 37.03 -35.47 11.67
CA ILE A 318 37.49 -34.79 10.48
C ILE A 318 37.29 -35.65 9.23
N ASN A 319 36.97 -36.92 9.42
CA ASN A 319 36.68 -37.84 8.32
C ASN A 319 37.79 -37.85 7.28
N ALA A 320 38.98 -38.22 7.74
CA ALA A 320 40.21 -38.15 6.95
C ALA A 320 40.11 -38.92 5.65
N ALA A 321 39.26 -39.95 5.61
CA ALA A 321 39.00 -40.72 4.38
C ALA A 321 38.88 -39.81 3.14
N SER A 322 38.35 -38.61 3.34
CA SER A 322 38.13 -37.68 2.25
C SER A 322 39.37 -37.20 1.52
N PHE A 323 40.53 -37.22 2.17
CA PHE A 323 41.72 -36.58 1.60
C PHE A 323 42.92 -37.52 1.66
N PRO A 324 42.92 -38.58 0.85
CA PRO A 324 44.03 -39.54 0.83
C PRO A 324 45.42 -38.97 0.45
N SER A 325 45.46 -37.97 -0.44
CA SER A 325 46.73 -37.48 -0.95
C SER A 325 47.36 -36.44 -0.03
N LEU A 326 46.82 -36.29 1.16
CA LEU A 326 47.21 -35.20 2.07
C LEU A 326 48.65 -35.31 2.53
N ARG A 327 49.34 -34.19 2.58
CA ARG A 327 50.73 -34.15 3.03
C ARG A 327 50.84 -33.48 4.39
N ASP A 328 50.20 -32.33 4.54
CA ASP A 328 50.31 -31.56 5.74
C ASP A 328 48.94 -31.34 6.37
N LEU A 329 48.82 -31.62 7.67
CA LEU A 329 47.56 -31.46 8.39
C LEU A 329 47.76 -30.68 9.68
N TYR A 330 47.09 -29.54 9.82
CA TYR A 330 47.24 -28.70 11.00
C TYR A 330 45.93 -28.66 11.77
N ILE A 331 45.98 -29.08 13.03
CA ILE A 331 44.86 -28.94 13.94
C ILE A 331 45.41 -28.34 15.22
N LYS A 332 45.95 -27.12 15.11
CA LYS A 332 46.48 -26.38 16.25
C LYS A 332 45.42 -25.49 16.90
N GLY A 333 45.41 -25.48 18.23
CA GLY A 333 44.57 -24.54 18.93
C GLY A 333 43.12 -24.94 19.08
N ASN A 334 42.85 -26.25 19.07
CA ASN A 334 41.49 -26.72 19.24
C ASN A 334 40.92 -26.14 20.53
N MET A 335 39.64 -25.79 20.50
CA MET A 335 39.01 -25.05 21.61
C MET A 335 38.29 -25.93 22.65
N ARG A 336 38.57 -27.22 22.65
CA ARG A 336 38.06 -28.11 23.67
C ARG A 336 38.79 -29.46 23.63
N LYS A 337 38.65 -30.23 24.71
CA LYS A 337 39.41 -31.46 24.88
C LYS A 337 39.31 -32.30 23.61
N LEU A 338 40.40 -32.41 22.87
CA LEU A 338 40.45 -33.18 21.63
C LEU A 338 40.88 -34.62 21.91
N ASP A 339 40.00 -35.56 21.64
CA ASP A 339 40.27 -36.99 21.85
C ASP A 339 40.84 -37.56 20.55
N LEU A 340 42.09 -37.99 20.59
CA LEU A 340 42.78 -38.48 19.39
C LEU A 340 42.21 -39.82 18.84
N GLY A 341 41.48 -40.55 19.69
CA GLY A 341 40.89 -41.82 19.29
C GLY A 341 41.94 -42.85 18.93
N THR A 342 41.62 -43.71 17.95
CA THR A 342 42.56 -44.73 17.46
C THR A 342 42.37 -45.00 15.96
N ARG A 343 43.49 -45.25 15.27
CA ARG A 343 43.49 -45.45 13.81
C ARG A 343 42.74 -44.36 13.01
N CYS A 344 42.64 -43.15 13.56
CA CYS A 344 41.81 -42.09 12.97
C CYS A 344 42.41 -41.47 11.73
N LEU A 345 43.72 -41.39 11.65
CA LEU A 345 44.40 -40.88 10.47
C LEU A 345 44.97 -42.01 9.63
N GLU A 346 44.67 -43.26 10.02
CA GLU A 346 45.07 -44.49 9.27
C GLU A 346 45.00 -44.41 7.74
N LYS A 347 44.04 -43.68 7.20
CA LYS A 347 43.87 -43.54 5.75
C LYS A 347 44.86 -42.53 5.12
N LEU A 348 45.48 -41.66 5.93
CA LEU A 348 46.39 -40.63 5.43
C LEU A 348 47.83 -41.14 5.28
N GLU A 349 48.02 -42.07 4.33
CA GLU A 349 49.28 -42.83 4.16
C GLU A 349 50.51 -41.96 3.83
N ASN A 350 50.30 -40.80 3.24
CA ASN A 350 51.40 -39.99 2.75
C ASN A 350 51.68 -38.74 3.59
N LEU A 351 51.07 -38.65 4.76
CA LEU A 351 51.22 -37.49 5.63
C LEU A 351 52.69 -37.27 6.00
N GLN A 352 53.13 -36.02 5.99
CA GLN A 352 54.53 -35.65 6.32
C GLN A 352 54.61 -34.67 7.48
N LYS A 353 53.63 -33.77 7.58
CA LYS A 353 53.58 -32.83 8.66
C LYS A 353 52.27 -32.98 9.44
N LEU A 354 52.36 -33.04 10.76
CA LEU A 354 51.16 -33.10 11.61
C LEU A 354 51.33 -32.19 12.83
N ASP A 355 50.53 -31.13 12.91
CA ASP A 355 50.60 -30.20 14.02
C ASP A 355 49.33 -30.30 14.90
N LEU A 356 49.51 -30.80 16.12
CA LEU A 356 48.40 -30.97 17.01
C LEU A 356 48.60 -30.12 18.25
N SER A 357 49.30 -29.00 18.10
CA SER A 357 49.70 -28.23 19.27
C SER A 357 48.54 -27.44 19.84
N HIS A 358 48.63 -27.10 21.13
CA HIS A 358 47.65 -26.21 21.77
C HIS A 358 46.18 -26.64 21.66
N SER A 359 45.96 -27.94 21.44
CA SER A 359 44.62 -28.46 21.22
C SER A 359 44.16 -29.26 22.44
N ASP A 360 44.80 -28.98 23.59
CA ASP A 360 44.32 -29.49 24.85
C ASP A 360 44.16 -31.02 24.76
N ILE A 361 45.20 -31.67 24.26
CA ILE A 361 45.22 -33.11 24.06
C ILE A 361 45.73 -33.77 25.34
N GLU A 362 44.98 -34.76 25.83
CA GLU A 362 45.44 -35.61 26.96
C GLU A 362 45.45 -37.06 26.55
N ALA A 363 46.53 -37.46 25.88
CA ALA A 363 46.77 -38.86 25.54
C ALA A 363 47.26 -39.50 26.82
N SER A 364 47.25 -40.83 26.85
CA SER A 364 47.57 -41.60 28.07
C SER A 364 48.25 -42.94 27.79
N ASP A 365 47.94 -43.59 26.67
CA ASP A 365 48.78 -44.72 26.20
C ASP A 365 49.22 -44.40 24.79
N CYS A 366 50.18 -43.48 24.70
CA CYS A 366 50.59 -42.90 23.42
C CYS A 366 51.87 -43.54 22.86
N CYS A 367 52.04 -43.60 21.53
CA CYS A 367 51.13 -43.05 20.49
C CYS A 367 50.87 -44.01 19.34
N ASN A 368 51.14 -45.29 19.53
CA ASN A 368 51.03 -46.23 18.43
C ASN A 368 49.65 -46.46 17.83
N LEU A 369 48.59 -46.33 18.62
CA LEU A 369 47.23 -46.46 18.04
C LEU A 369 46.64 -45.12 17.62
N GLN A 370 46.94 -44.08 18.39
CA GLN A 370 46.55 -42.74 17.99
C GLN A 370 47.15 -42.42 16.65
N LEU A 371 48.39 -42.85 16.39
CA LEU A 371 49.09 -42.48 15.14
C LEU A 371 49.23 -43.66 14.18
N LYS A 372 48.38 -44.68 14.34
CA LYS A 372 48.43 -45.87 13.49
C LYS A 372 48.66 -45.51 12.05
N ASN A 373 49.49 -46.31 11.39
CA ASN A 373 49.65 -46.30 9.95
C ASN A 373 50.23 -45.05 9.31
N LEU A 374 50.87 -44.17 10.09
CA LEU A 374 51.40 -42.92 9.53
C LEU A 374 52.89 -43.05 9.18
N ARG A 375 53.16 -43.98 8.27
CA ARG A 375 54.49 -44.47 7.93
C ARG A 375 55.45 -43.39 7.37
N HIS A 376 54.95 -42.34 6.74
CA HIS A 376 55.85 -41.37 6.13
C HIS A 376 55.95 -40.08 6.89
N LEU A 377 55.53 -40.07 8.15
CA LEU A 377 55.46 -38.81 8.90
C LEU A 377 56.87 -38.32 9.21
N GLN A 378 57.13 -37.04 8.96
CA GLN A 378 58.45 -36.47 9.22
C GLN A 378 58.44 -35.44 10.36
N TYR A 379 57.36 -34.69 10.50
CA TYR A 379 57.28 -33.64 11.50
C TYR A 379 56.05 -33.87 12.33
N LEU A 380 56.23 -34.04 13.64
CA LEU A 380 55.12 -34.13 14.57
C LEU A 380 55.29 -33.09 15.67
N ASN A 381 54.25 -32.32 15.92
CA ASN A 381 54.29 -31.27 16.92
C ASN A 381 53.15 -31.47 17.93
N LEU A 382 53.52 -31.91 19.13
CA LEU A 382 52.55 -32.14 20.21
C LEU A 382 52.77 -31.15 21.38
N SER A 383 53.44 -30.05 21.08
CA SER A 383 53.79 -29.09 22.09
C SER A 383 52.57 -28.43 22.71
N TYR A 384 52.78 -27.84 23.89
CA TYR A 384 51.73 -27.13 24.65
C TYR A 384 50.46 -27.94 24.79
N ASN A 385 50.61 -29.16 25.24
CA ASN A 385 49.45 -30.00 25.53
C ASN A 385 49.45 -30.44 27.00
N GLU A 386 48.34 -30.99 27.43
CA GLU A 386 48.26 -31.63 28.73
C GLU A 386 49.16 -32.89 28.70
N PRO A 387 49.41 -33.49 29.87
CA PRO A 387 50.36 -34.61 29.96
C PRO A 387 50.14 -35.73 28.94
N LEU A 388 51.24 -36.22 28.35
CA LEU A 388 51.21 -37.45 27.54
C LEU A 388 51.74 -38.65 28.32
N GLY A 389 51.08 -39.79 28.19
CA GLY A 389 51.60 -41.08 28.65
C GLY A 389 52.29 -41.80 27.51
N LEU A 390 53.63 -41.75 27.49
CA LEU A 390 54.42 -42.36 26.43
C LEU A 390 54.84 -43.81 26.75
N GLU A 391 54.22 -44.73 26.00
CA GLU A 391 54.63 -46.16 25.89
C GLU A 391 56.16 -46.32 25.80
N ASP A 392 56.67 -47.46 26.24
CA ASP A 392 57.96 -47.86 25.69
C ASP A 392 57.80 -47.97 24.13
N GLN A 393 58.87 -47.70 23.40
CA GLN A 393 58.71 -47.56 21.95
C GLN A 393 57.40 -46.81 21.60
N ALA A 394 57.26 -45.59 22.12
CA ALA A 394 56.09 -44.76 21.87
C ALA A 394 55.74 -44.54 20.38
N PHE A 395 56.75 -44.44 19.52
CA PHE A 395 56.52 -44.03 18.13
C PHE A 395 57.00 -45.10 17.14
N LYS A 396 56.61 -46.35 17.36
CA LYS A 396 56.97 -47.44 16.43
C LYS A 396 56.26 -47.12 15.14
N GLU A 397 54.97 -46.87 15.23
CA GLU A 397 54.12 -46.68 14.07
C GLU A 397 54.37 -45.39 13.25
N CYS A 398 55.32 -44.54 13.67
CA CYS A 398 55.79 -43.33 12.92
C CYS A 398 57.31 -43.31 12.73
N PRO A 399 57.86 -44.33 12.03
CA PRO A 399 59.30 -44.56 12.07
C PRO A 399 60.18 -43.55 11.34
N GLN A 400 59.77 -43.01 10.18
CA GLN A 400 60.67 -42.11 9.42
C GLN A 400 60.69 -40.64 9.93
N LEU A 401 60.25 -40.43 11.17
CA LEU A 401 60.15 -39.11 11.83
C LEU A 401 61.49 -38.43 11.91
N GLU A 402 61.50 -37.11 11.74
CA GLU A 402 62.72 -36.32 11.53
C GLU A 402 62.85 -35.20 12.54
N LEU A 403 61.73 -34.52 12.80
CA LEU A 403 61.64 -33.46 13.80
C LEU A 403 60.43 -33.69 14.71
N LEU A 404 60.69 -33.94 15.99
CA LEU A 404 59.62 -34.13 16.98
C LEU A 404 59.66 -33.02 18.01
N ASP A 405 58.54 -32.32 18.22
CA ASP A 405 58.47 -31.21 19.17
C ASP A 405 57.36 -31.42 20.19
N VAL A 406 57.75 -31.58 21.47
CA VAL A 406 56.77 -31.74 22.59
C VAL A 406 56.97 -30.71 23.72
N ALA A 407 57.55 -29.58 23.40
CA ALA A 407 57.87 -28.56 24.40
C ALA A 407 56.64 -28.17 25.21
N PHE A 408 56.83 -28.02 26.50
CA PHE A 408 55.77 -27.62 27.41
C PHE A 408 54.63 -28.64 27.56
N THR A 409 54.82 -29.87 27.07
CA THR A 409 53.88 -30.96 27.32
C THR A 409 54.54 -32.01 28.21
N HIS A 410 54.26 -31.91 29.50
CA HIS A 410 54.71 -32.87 30.50
C HIS A 410 54.64 -34.30 30.01
N LEU A 411 55.80 -34.93 29.92
CA LEU A 411 55.88 -36.34 29.56
C LEU A 411 55.91 -37.24 30.80
N HIS A 412 54.96 -38.18 30.91
CA HIS A 412 55.08 -39.26 31.89
C HIS A 412 55.73 -40.48 31.23
N VAL A 413 57.00 -40.74 31.56
CA VAL A 413 57.73 -41.93 31.08
C VAL A 413 58.22 -42.78 32.26
N LYS A 414 57.64 -43.97 32.46
CA LYS A 414 58.08 -44.91 33.55
C LYS A 414 59.43 -45.52 33.22
N ALA A 415 60.49 -45.15 33.97
CA ALA A 415 61.84 -45.71 33.73
C ALA A 415 61.85 -47.25 33.80
N PRO A 416 62.66 -47.89 32.97
CA PRO A 416 63.71 -47.35 32.10
C PRO A 416 63.27 -47.27 30.67
N HIS A 417 62.00 -47.02 30.44
CA HIS A 417 61.48 -47.08 29.08
C HIS A 417 62.21 -46.11 28.16
N SER A 418 62.36 -46.52 26.93
CA SER A 418 62.85 -45.69 25.87
C SER A 418 61.71 -45.38 24.85
N PRO A 419 61.06 -44.22 25.01
CA PRO A 419 59.97 -43.91 24.09
C PRO A 419 60.43 -43.58 22.65
N PHE A 420 61.69 -43.21 22.50
CA PHE A 420 62.14 -42.65 21.23
C PHE A 420 62.91 -43.65 20.36
N GLN A 421 63.01 -44.85 20.89
CA GLN A 421 63.94 -45.89 20.48
C GLN A 421 64.00 -46.24 18.99
N ASN A 422 62.83 -46.21 18.38
CA ASN A 422 62.69 -46.53 16.97
C ASN A 422 62.98 -45.29 16.07
N LEU A 423 63.19 -44.11 16.65
CA LEU A 423 63.21 -42.88 15.86
C LEU A 423 64.63 -42.60 15.35
N HIS A 424 65.07 -43.57 14.54
CA HIS A 424 66.41 -43.68 13.97
C HIS A 424 66.78 -42.55 13.02
N LEU A 425 65.80 -41.80 12.51
CA LEU A 425 66.10 -40.70 11.59
C LEU A 425 65.84 -39.33 12.21
N LEU A 426 65.36 -39.33 13.47
CA LEU A 426 65.03 -38.08 14.19
C LEU A 426 66.30 -37.27 14.36
N ARG A 427 66.32 -36.06 13.79
CA ARG A 427 67.50 -35.17 13.91
C ARG A 427 67.30 -33.97 14.87
N VAL A 428 66.05 -33.63 15.15
CA VAL A 428 65.78 -32.53 16.05
C VAL A 428 64.68 -32.93 17.02
N LEU A 429 65.00 -32.87 18.31
CA LEU A 429 64.06 -33.21 19.36
C LEU A 429 64.02 -32.06 20.35
N ASN A 430 62.81 -31.57 20.62
CA ASN A 430 62.63 -30.52 21.62
C ASN A 430 61.81 -31.04 22.79
N LEU A 431 62.46 -31.18 23.96
CA LEU A 431 61.80 -31.60 25.20
C LEU A 431 61.83 -30.46 26.26
N SER A 432 61.79 -29.22 25.81
CA SER A 432 61.84 -28.08 26.74
C SER A 432 60.66 -28.09 27.69
N HIS A 433 60.94 -27.88 28.98
CA HIS A 433 59.90 -27.80 30.02
C HIS A 433 58.93 -28.97 30.06
N CYS A 434 59.39 -30.12 29.57
CA CYS A 434 58.63 -31.35 29.58
C CYS A 434 58.59 -32.06 30.93
N LEU A 435 59.36 -31.56 31.89
CA LEU A 435 59.36 -32.07 33.25
C LEU A 435 59.82 -33.48 33.20
N LEU A 436 60.96 -33.71 32.56
CA LEU A 436 61.44 -35.07 32.33
C LEU A 436 61.90 -35.66 33.64
N ASP A 437 62.31 -36.90 33.62
CA ASP A 437 63.00 -37.47 34.76
C ASP A 437 64.36 -37.96 34.23
N THR A 438 65.30 -37.02 34.28
CA THR A 438 66.60 -37.16 33.66
C THR A 438 67.40 -38.28 34.29
N SER A 439 66.95 -38.76 35.45
CA SER A 439 67.55 -39.92 36.12
C SER A 439 67.52 -41.17 35.27
N ASN A 440 66.52 -41.33 34.40
CA ASN A 440 66.51 -42.48 33.48
C ASN A 440 67.56 -42.42 32.34
N GLN A 441 68.59 -43.26 32.41
CA GLN A 441 69.70 -43.22 31.42
C GLN A 441 69.26 -43.62 30.02
N HIS A 442 68.21 -44.43 29.98
CA HIS A 442 67.69 -45.01 28.75
C HIS A 442 66.59 -44.21 28.09
N LEU A 443 66.33 -42.99 28.56
CA LEU A 443 65.23 -42.16 28.07
C LEU A 443 65.42 -41.78 26.64
N LEU A 444 66.68 -41.66 26.20
CA LEU A 444 67.02 -41.25 24.82
C LEU A 444 67.72 -42.37 24.03
N ALA A 445 67.58 -43.60 24.53
CA ALA A 445 68.15 -44.80 23.88
C ALA A 445 67.62 -44.95 22.46
N GLY A 446 68.51 -45.14 21.50
CA GLY A 446 68.10 -45.31 20.11
C GLY A 446 68.23 -44.04 19.28
N LEU A 447 68.65 -42.97 19.96
CA LEU A 447 68.82 -41.71 19.33
C LEU A 447 70.30 -41.45 19.17
N GLN A 448 71.06 -42.49 18.89
CA GLN A 448 72.51 -42.32 18.62
C GLN A 448 72.84 -41.32 17.50
N ASP A 449 71.94 -41.11 16.54
CA ASP A 449 72.28 -40.20 15.45
C ASP A 449 71.68 -38.78 15.46
N LEU A 450 70.90 -38.45 16.49
CA LEU A 450 70.21 -37.14 16.64
C LEU A 450 71.22 -35.97 16.65
N ARG A 451 70.90 -34.89 15.96
CA ARG A 451 71.86 -33.77 15.80
C ARG A 451 71.53 -32.49 16.65
N HIS A 452 70.33 -32.43 17.21
CA HIS A 452 69.87 -31.25 17.91
C HIS A 452 68.92 -31.66 19.03
N LEU A 453 69.33 -31.41 20.28
CA LEU A 453 68.49 -31.73 21.46
C LEU A 453 68.26 -30.49 22.31
N ASN A 454 67.02 -30.29 22.74
CA ASN A 454 66.67 -29.18 23.60
C ASN A 454 66.11 -29.73 24.90
N LEU A 455 66.90 -29.68 25.98
CA LEU A 455 66.48 -30.13 27.34
C LEU A 455 66.29 -28.94 28.27
N GLN A 456 65.99 -27.78 27.70
CA GLN A 456 65.77 -26.60 28.50
C GLN A 456 64.70 -26.82 29.57
N GLY A 457 64.89 -26.16 30.71
CA GLY A 457 63.93 -26.22 31.79
C GLY A 457 63.70 -27.58 32.44
N ASN A 458 64.68 -28.47 32.46
CA ASN A 458 64.50 -29.70 33.24
C ASN A 458 65.46 -29.79 34.45
N SER A 459 65.29 -30.79 35.30
CA SER A 459 66.07 -30.88 36.52
C SER A 459 67.00 -32.08 36.48
N PHE A 460 67.96 -32.09 37.40
CA PHE A 460 68.96 -33.16 37.51
C PHE A 460 69.18 -33.47 38.98
N GLN A 461 69.53 -34.72 39.31
CA GLN A 461 69.88 -35.10 40.68
C GLN A 461 70.98 -34.15 41.18
N ASP A 462 70.72 -33.52 42.33
CA ASP A 462 71.66 -32.62 43.01
C ASP A 462 72.03 -31.35 42.22
N GLY A 463 71.30 -31.10 41.14
CA GLY A 463 71.58 -29.98 40.26
C GLY A 463 72.94 -30.08 39.62
N SER A 464 73.32 -31.30 39.27
CA SER A 464 74.65 -31.57 38.76
C SER A 464 74.63 -32.66 37.71
N ILE A 465 75.41 -32.47 36.65
CA ILE A 465 75.51 -33.45 35.58
C ILE A 465 76.75 -34.29 35.76
N SER A 466 76.58 -35.56 36.16
CA SER A 466 77.70 -36.45 36.51
C SER A 466 78.42 -37.10 35.33
N LYS A 467 79.46 -37.88 35.65
CA LYS A 467 80.31 -38.62 34.69
C LYS A 467 79.44 -39.46 33.79
N THR A 468 78.49 -40.10 34.45
CA THR A 468 77.52 -40.98 33.83
C THR A 468 76.12 -40.31 33.78
N ASN A 469 75.55 -40.16 32.58
CA ASN A 469 74.26 -39.45 32.35
C ASN A 469 73.54 -39.87 31.06
N LEU A 470 72.34 -39.36 30.82
CA LEU A 470 71.57 -39.77 29.63
C LEU A 470 72.15 -39.28 28.29
N LEU A 471 73.04 -38.29 28.32
CA LEU A 471 73.59 -37.70 27.11
C LEU A 471 74.60 -38.60 26.43
N GLN A 472 75.09 -39.64 27.09
CA GLN A 472 75.98 -40.60 26.42
C GLN A 472 75.09 -41.76 25.99
N MET A 473 74.29 -41.45 24.99
CA MET A 473 73.24 -42.27 24.39
C MET A 473 72.70 -41.42 23.20
N VAL A 474 73.22 -40.20 23.08
CA VAL A 474 72.94 -39.31 21.99
C VAL A 474 74.30 -38.74 21.65
N GLY A 475 75.23 -39.65 21.32
CA GLY A 475 76.64 -39.33 21.14
C GLY A 475 76.98 -38.40 20.00
N SER A 476 76.07 -38.22 19.05
CA SER A 476 76.36 -37.46 17.86
C SER A 476 76.07 -35.99 18.00
N LEU A 477 75.13 -35.62 18.87
CA LEU A 477 74.67 -34.21 18.96
C LEU A 477 75.63 -33.10 18.45
N GLU A 478 75.07 -32.19 17.67
CA GLU A 478 75.75 -30.93 17.30
C GLU A 478 75.26 -29.75 18.15
N ILE A 479 73.96 -29.62 18.24
CA ILE A 479 73.34 -28.59 19.08
C ILE A 479 72.83 -29.22 20.34
N LEU A 480 73.23 -28.67 21.47
CA LEU A 480 72.75 -29.14 22.79
C LEU A 480 72.34 -27.94 23.63
N ILE A 481 71.09 -27.89 24.03
CA ILE A 481 70.59 -26.80 24.87
C ILE A 481 70.23 -27.31 26.27
N LEU A 482 70.99 -26.81 27.26
CA LEU A 482 70.81 -27.17 28.67
C LEU A 482 70.56 -25.94 29.53
N SER A 483 69.87 -24.96 28.97
CA SER A 483 69.67 -23.71 29.70
C SER A 483 68.53 -23.81 30.68
N SER A 484 68.53 -22.91 31.66
CA SER A 484 67.42 -22.76 32.59
C SER A 484 67.04 -24.11 33.22
N CYS A 485 68.06 -24.92 33.54
CA CYS A 485 67.93 -26.22 34.26
C CYS A 485 68.39 -26.26 35.76
N ASN A 486 68.72 -25.10 36.36
CA ASN A 486 69.24 -25.04 37.75
C ASN A 486 70.52 -25.87 38.01
N LEU A 487 71.44 -25.91 37.05
CA LEU A 487 72.69 -26.68 37.20
C LEU A 487 73.63 -25.89 38.07
N LEU A 488 74.12 -26.50 39.15
CA LEU A 488 75.21 -25.91 39.94
C LEU A 488 76.58 -26.36 39.43
N SER A 489 76.66 -27.57 38.87
CA SER A 489 77.92 -28.07 38.34
C SER A 489 77.74 -29.06 37.20
N ILE A 490 78.76 -29.15 36.36
CA ILE A 490 78.89 -30.23 35.40
C ILE A 490 80.20 -30.96 35.62
N ASP A 491 80.16 -32.29 35.71
CA ASP A 491 81.37 -33.13 35.86
C ASP A 491 82.32 -33.02 34.67
N GLN A 492 83.60 -33.16 34.98
CA GLN A 492 84.70 -33.04 34.02
C GLN A 492 84.51 -33.96 32.82
N GLN A 493 84.23 -35.24 33.07
CA GLN A 493 84.08 -36.24 32.01
C GLN A 493 82.60 -36.46 31.63
N ALA A 494 81.80 -35.40 31.70
CA ALA A 494 80.35 -35.49 31.42
C ALA A 494 80.04 -35.43 29.90
N PHE A 495 80.86 -34.71 29.14
CA PHE A 495 80.60 -34.54 27.70
C PHE A 495 81.56 -35.29 26.76
N HIS A 496 82.68 -35.81 27.28
CA HIS A 496 83.40 -36.85 26.58
C HIS A 496 82.35 -37.83 26.01
N GLY A 497 82.59 -38.36 24.82
CA GLY A 497 81.57 -39.20 24.18
C GLY A 497 80.66 -38.43 23.25
N LEU A 498 80.49 -37.13 23.51
CA LEU A 498 80.01 -36.17 22.52
C LEU A 498 81.24 -35.50 21.88
N ARG A 499 81.64 -35.96 20.69
CA ARG A 499 82.82 -35.41 20.02
C ARG A 499 82.48 -34.74 18.69
N ASN A 500 81.38 -33.99 18.69
CA ASN A 500 80.83 -33.36 17.49
C ASN A 500 80.26 -31.95 17.75
N VAL A 501 79.96 -31.63 19.00
CA VAL A 501 79.14 -30.47 19.34
C VAL A 501 79.79 -29.23 18.73
N ASN A 502 78.95 -28.31 18.28
CA ASN A 502 79.38 -27.00 17.81
C ASN A 502 78.47 -25.86 18.31
N HIS A 503 77.48 -26.19 19.15
CA HIS A 503 76.58 -25.22 19.76
C HIS A 503 76.18 -25.74 21.16
N LEU A 504 76.66 -25.07 22.21
CA LEU A 504 76.40 -25.50 23.58
C LEU A 504 75.86 -24.33 24.38
N ASP A 505 74.64 -24.51 24.86
CA ASP A 505 73.96 -23.48 25.62
C ASP A 505 73.77 -23.94 27.06
N LEU A 506 74.59 -23.38 27.96
CA LEU A 506 74.50 -23.65 29.38
C LEU A 506 74.00 -22.44 30.15
N SER A 507 73.40 -21.48 29.44
CA SER A 507 72.98 -20.22 30.05
C SER A 507 71.86 -20.42 31.06
N HIS A 508 71.68 -19.41 31.93
CA HIS A 508 70.64 -19.39 32.96
C HIS A 508 70.70 -20.60 33.91
N ASN A 509 71.91 -20.86 34.42
CA ASN A 509 72.10 -21.82 35.51
C ASN A 509 72.93 -21.19 36.62
N SER A 510 73.47 -21.98 37.51
CA SER A 510 74.31 -21.44 38.55
C SER A 510 75.68 -22.11 38.48
N LEU A 511 76.13 -22.33 37.25
CA LEU A 511 77.43 -22.94 36.97
C LEU A 511 78.49 -21.88 37.18
N THR A 512 79.73 -22.32 37.34
CA THR A 512 80.85 -21.43 37.64
C THR A 512 82.03 -21.80 36.75
N GLY A 513 83.17 -21.14 36.94
CA GLY A 513 84.31 -21.24 36.01
C GLY A 513 84.87 -22.64 35.90
N ASP A 514 84.77 -23.39 37.01
CA ASP A 514 85.26 -24.76 37.09
C ASP A 514 84.43 -25.75 36.29
N SER A 515 83.20 -25.37 35.96
CA SER A 515 82.42 -26.15 35.02
C SER A 515 83.02 -26.10 33.60
N MET A 516 83.83 -25.08 33.29
CA MET A 516 84.49 -24.96 31.96
C MET A 516 85.51 -26.08 31.70
N ASP A 517 85.92 -26.79 32.74
CA ASP A 517 86.74 -27.99 32.59
C ASP A 517 86.09 -28.97 31.60
N ALA A 518 84.78 -29.20 31.76
CA ALA A 518 84.03 -30.11 30.89
C ALA A 518 84.08 -29.78 29.39
N LEU A 519 84.53 -28.58 29.03
CA LEU A 519 84.62 -28.17 27.63
C LEU A 519 86.02 -28.34 27.02
N SER A 520 87.02 -28.65 27.85
CA SER A 520 88.43 -28.63 27.40
C SER A 520 88.72 -29.41 26.11
N HIS A 521 88.00 -30.51 25.90
CA HIS A 521 88.27 -31.38 24.76
C HIS A 521 87.58 -30.94 23.46
N LEU A 522 86.90 -29.80 23.50
CA LEU A 522 86.12 -29.33 22.34
C LEU A 522 86.74 -28.09 21.70
N LYS A 523 86.48 -27.92 20.40
CA LYS A 523 87.06 -26.81 19.64
C LYS A 523 86.01 -26.06 18.80
N GLY A 524 86.20 -24.75 18.67
CA GLY A 524 85.43 -23.91 17.77
C GLY A 524 83.92 -23.94 17.90
N LEU A 525 83.41 -24.13 19.12
CA LEU A 525 81.96 -24.06 19.29
C LEU A 525 81.44 -22.63 19.50
N TYR A 526 80.13 -22.49 19.32
CA TYR A 526 79.41 -21.37 19.88
C TYR A 526 79.11 -21.79 21.32
N LEU A 527 79.72 -21.09 22.28
CA LEU A 527 79.55 -21.40 23.72
C LEU A 527 78.79 -20.29 24.44
N ASN A 528 77.55 -20.57 24.83
CA ASN A 528 76.77 -19.58 25.57
C ASN A 528 76.69 -19.90 27.06
N MET A 529 77.41 -19.12 27.87
CA MET A 529 77.43 -19.28 29.32
C MET A 529 76.80 -18.06 30.04
N ALA A 530 75.94 -17.34 29.31
CA ALA A 530 75.30 -16.13 29.84
C ALA A 530 74.46 -16.45 31.07
N SER A 531 74.28 -15.48 31.96
CA SER A 531 73.39 -15.63 33.12
C SER A 531 73.69 -16.87 33.97
N ASN A 532 74.93 -16.98 34.42
CA ASN A 532 75.34 -18.05 35.31
C ASN A 532 75.88 -17.44 36.63
N ASN A 533 76.71 -18.18 37.36
CA ASN A 533 77.35 -17.68 38.56
C ASN A 533 78.87 -17.77 38.42
N ILE A 534 79.37 -17.44 37.24
CA ILE A 534 80.82 -17.40 37.00
C ILE A 534 81.41 -16.11 37.60
N ARG A 535 82.44 -16.28 38.43
CA ARG A 535 83.13 -15.14 39.06
C ARG A 535 84.60 -15.11 38.61
N ILE A 536 85.44 -15.95 39.22
CA ILE A 536 86.81 -16.12 38.76
C ILE A 536 86.87 -17.25 37.73
N ILE A 537 87.58 -17.02 36.63
CA ILE A 537 87.84 -18.06 35.64
C ILE A 537 89.28 -18.55 35.81
N PRO A 538 89.47 -19.74 36.42
CA PRO A 538 90.83 -20.18 36.67
C PRO A 538 91.64 -20.20 35.36
N PRO A 539 92.91 -19.75 35.42
CA PRO A 539 93.71 -19.61 34.20
C PRO A 539 94.05 -20.92 33.50
N HIS A 540 94.27 -22.00 34.25
CA HIS A 540 94.64 -23.28 33.65
C HIS A 540 93.61 -23.77 32.64
N LEU A 541 92.35 -23.39 32.83
CA LEU A 541 91.26 -23.78 31.91
C LEU A 541 90.78 -22.61 31.08
N LEU A 542 91.61 -21.56 31.03
CA LEU A 542 91.40 -20.43 30.11
C LEU A 542 91.57 -20.81 28.62
N PRO A 543 92.50 -21.73 28.31
CA PRO A 543 92.56 -22.18 26.91
C PRO A 543 91.30 -22.92 26.40
N ALA A 544 90.48 -23.44 27.31
CA ALA A 544 89.20 -24.04 26.92
C ALA A 544 88.31 -22.99 26.26
N LEU A 545 88.35 -21.76 26.77
CA LEU A 545 87.59 -20.66 26.18
C LEU A 545 88.20 -20.23 24.85
N SER A 546 89.51 -20.13 24.81
CA SER A 546 90.24 -19.67 23.61
C SER A 546 90.14 -20.64 22.43
N GLN A 547 89.88 -21.92 22.73
CA GLN A 547 89.67 -22.92 21.67
C GLN A 547 88.35 -22.75 20.86
N GLN A 548 87.47 -21.85 21.27
CA GLN A 548 86.14 -21.75 20.69
C GLN A 548 86.02 -20.56 19.72
N SER A 549 84.87 -20.43 19.05
CA SER A 549 84.66 -19.44 17.98
C SER A 549 83.95 -18.21 18.49
N ILE A 550 82.83 -18.44 19.15
CA ILE A 550 82.06 -17.36 19.77
C ILE A 550 81.77 -17.76 21.22
N ILE A 551 81.97 -16.80 22.12
CA ILE A 551 81.65 -17.01 23.53
C ILE A 551 80.71 -15.92 24.04
N ASN A 552 79.78 -16.30 24.91
CA ASN A 552 78.90 -15.35 25.60
C ASN A 552 78.98 -15.55 27.12
N LEU A 553 79.64 -14.61 27.81
CA LEU A 553 79.79 -14.65 29.28
C LEU A 553 78.99 -13.53 29.97
N SER A 554 78.04 -12.94 29.24
CA SER A 554 77.25 -11.81 29.74
C SER A 554 76.38 -12.19 30.92
N HIS A 555 75.99 -11.18 31.69
CA HIS A 555 75.18 -11.35 32.90
C HIS A 555 75.78 -12.38 33.90
N ASN A 556 77.09 -12.32 34.12
CA ASN A 556 77.71 -13.11 35.17
C ASN A 556 78.35 -12.18 36.18
N PRO A 557 78.32 -12.56 37.46
CA PRO A 557 78.96 -11.73 38.47
C PRO A 557 80.49 -11.82 38.36
N LEU A 558 81.02 -11.48 37.19
CA LEU A 558 82.43 -11.68 36.87
C LEU A 558 83.31 -10.90 37.85
N ASP A 559 84.46 -11.48 38.22
CA ASP A 559 85.38 -10.87 39.21
C ASP A 559 86.38 -9.92 38.55
N CYS A 560 86.55 -8.74 39.14
CA CYS A 560 87.51 -7.75 38.63
C CYS A 560 88.53 -7.33 39.68
N THR A 561 89.08 -8.33 40.36
CA THR A 561 90.24 -8.14 41.23
C THR A 561 91.45 -8.70 40.47
N CYS A 562 92.62 -8.67 41.08
CA CYS A 562 93.83 -9.23 40.46
C CYS A 562 93.78 -10.75 40.35
N SER A 563 92.96 -11.38 41.19
CA SER A 563 92.78 -12.84 41.18
C SER A 563 92.19 -13.34 39.87
N ASN A 564 91.56 -12.43 39.10
CA ASN A 564 91.03 -12.76 37.76
C ASN A 564 91.79 -12.01 36.65
N ILE A 565 93.07 -11.68 36.91
CA ILE A 565 93.87 -10.90 35.96
C ILE A 565 94.05 -11.62 34.61
N HIS A 566 94.35 -12.92 34.66
CA HIS A 566 94.58 -13.68 33.44
C HIS A 566 93.35 -13.67 32.53
N PHE A 567 92.15 -13.83 33.11
CA PHE A 567 90.90 -13.78 32.35
C PHE A 567 90.61 -12.42 31.74
N ILE A 568 91.02 -11.35 32.44
CA ILE A 568 90.76 -9.97 31.98
C ILE A 568 91.63 -9.59 30.77
N THR A 569 92.90 -10.00 30.77
CA THR A 569 93.74 -9.80 29.58
C THR A 569 93.29 -10.69 28.42
N TRP A 570 92.93 -11.95 28.68
CA TRP A 570 92.30 -12.81 27.67
C TRP A 570 91.08 -12.15 26.99
N TYR A 571 90.17 -11.59 27.80
CA TYR A 571 88.91 -11.03 27.29
C TYR A 571 89.15 -9.82 26.40
N LYS A 572 90.11 -8.96 26.78
CA LYS A 572 90.44 -7.77 25.99
C LYS A 572 91.05 -8.23 24.67
N GLU A 573 92.09 -9.08 24.76
CA GLU A 573 92.72 -9.68 23.58
C GLU A 573 91.70 -10.25 22.59
N ASN A 574 90.71 -11.01 23.07
CA ASN A 574 89.76 -11.69 22.18
C ASN A 574 88.36 -11.03 22.06
N LEU A 575 88.29 -9.72 22.29
CA LEU A 575 87.00 -9.01 22.28
C LEU A 575 86.10 -9.40 21.10
N HIS A 576 86.72 -9.57 19.92
CA HIS A 576 85.97 -9.86 18.68
C HIS A 576 85.15 -11.14 18.77
N LYS A 577 85.76 -12.17 19.37
CA LYS A 577 85.12 -13.48 19.54
C LYS A 577 83.98 -13.46 20.58
N LEU A 578 83.80 -12.36 21.32
CA LEU A 578 82.88 -12.37 22.48
C LEU A 578 81.52 -11.77 22.15
N GLU A 579 80.48 -12.59 22.18
CA GLU A 579 79.08 -12.13 21.96
C GLU A 579 78.51 -11.40 23.19
N ASP A 580 77.62 -10.44 22.94
CA ASP A 580 76.91 -9.68 24.01
C ASP A 580 77.88 -9.01 25.01
N SER A 581 78.99 -8.52 24.45
CA SER A 581 80.04 -7.83 25.22
C SER A 581 79.54 -6.67 26.10
N GLU A 582 78.66 -5.83 25.51
CA GLU A 582 78.09 -4.66 26.20
C GLU A 582 77.46 -5.01 27.54
N GLU A 583 76.81 -6.18 27.66
CA GLU A 583 76.21 -6.59 28.93
C GLU A 583 77.07 -7.54 29.78
N THR A 584 78.41 -7.52 29.60
CA THR A 584 79.34 -8.35 30.38
C THR A 584 80.19 -7.48 31.31
N THR A 585 79.83 -7.49 32.60
CA THR A 585 80.28 -6.47 33.55
C THR A 585 80.67 -7.03 34.91
N CYS A 586 81.52 -6.27 35.62
CA CYS A 586 82.05 -6.71 36.94
C CYS A 586 81.01 -6.72 38.04
N ALA A 587 81.16 -7.63 38.99
CA ALA A 587 80.39 -7.62 40.24
C ALA A 587 81.27 -7.08 41.35
N ASN A 588 82.46 -7.67 41.52
CA ASN A 588 83.50 -7.21 42.48
C ASN A 588 84.62 -6.46 41.77
N PRO A 589 85.31 -5.54 42.47
CA PRO A 589 84.94 -4.92 43.74
C PRO A 589 83.85 -3.87 43.53
N PRO A 590 83.29 -3.34 44.63
CA PRO A 590 82.28 -2.29 44.56
C PRO A 590 82.63 -1.10 43.64
N SER A 591 83.87 -0.61 43.72
CA SER A 591 84.35 0.45 42.84
C SER A 591 84.09 0.18 41.35
N LEU A 592 84.30 -1.07 40.93
CA LEU A 592 84.16 -1.45 39.53
C LEU A 592 82.83 -2.12 39.21
N ARG A 593 81.93 -2.21 40.19
CA ARG A 593 80.61 -2.84 39.94
C ARG A 593 79.86 -2.15 38.79
N GLY A 594 79.48 -2.91 37.77
CA GLY A 594 78.77 -2.32 36.62
C GLY A 594 79.68 -1.99 35.43
N VAL A 595 80.98 -1.73 35.71
CA VAL A 595 81.98 -1.51 34.65
C VAL A 595 82.03 -2.70 33.66
N LYS A 596 81.86 -2.41 32.37
CA LYS A 596 82.11 -3.39 31.31
C LYS A 596 83.52 -3.96 31.44
N LEU A 597 83.67 -5.28 31.35
CA LEU A 597 85.01 -5.90 31.55
C LEU A 597 86.11 -5.38 30.55
N SER A 598 85.72 -4.50 29.61
CA SER A 598 86.67 -3.75 28.76
C SER A 598 87.31 -2.55 29.49
N PRO B 5 -23.56 68.80 0.32
CA PRO B 5 -22.69 67.67 -0.02
C PRO B 5 -21.39 68.17 -0.69
N LYS B 6 -20.24 67.78 -0.15
CA LYS B 6 -18.91 68.01 -0.76
C LYS B 6 -17.85 67.18 0.00
N CYS B 7 -16.93 66.56 -0.73
CA CYS B 7 -15.82 65.81 -0.14
C CYS B 7 -14.83 66.82 0.46
N THR B 8 -13.80 66.33 1.14
CA THR B 8 -12.79 67.18 1.81
C THR B 8 -11.41 66.84 1.33
N GLU B 9 -10.67 67.85 0.84
CA GLU B 9 -9.32 67.66 0.33
C GLU B 9 -8.35 67.56 1.52
N LYS B 10 -8.18 66.35 2.04
CA LYS B 10 -7.28 66.13 3.17
C LYS B 10 -5.78 66.28 2.81
N GLU B 11 -5.39 66.15 1.53
CA GLU B 11 -4.00 66.45 1.09
C GLU B 11 -3.97 66.79 -0.39
N GLY B 12 -3.11 67.75 -0.75
CA GLY B 12 -3.15 68.40 -2.06
C GLY B 12 -3.33 67.45 -3.22
N ASN B 13 -4.55 67.42 -3.76
CA ASN B 13 -4.85 66.64 -4.95
C ASN B 13 -4.64 65.11 -4.83
N ARG B 14 -4.25 64.60 -3.64
CA ARG B 14 -3.90 63.18 -3.46
C ARG B 14 -4.74 62.39 -2.43
N THR B 15 -5.28 63.04 -1.40
CA THR B 15 -6.16 62.36 -0.43
C THR B 15 -7.49 63.06 -0.22
N TYR B 16 -8.58 62.32 -0.33
CA TYR B 16 -9.92 62.89 -0.13
C TYR B 16 -10.80 62.04 0.80
N ASN B 17 -11.65 62.72 1.57
CA ASN B 17 -12.58 62.08 2.47
C ASN B 17 -14.00 62.39 2.03
N CYS B 18 -14.78 61.35 1.76
CA CYS B 18 -16.17 61.52 1.29
C CYS B 18 -17.15 60.77 2.19
N GLU B 19 -16.78 60.63 3.47
CA GLU B 19 -17.52 59.79 4.38
C GLU B 19 -18.93 60.33 4.71
N ASN B 20 -19.85 59.42 4.99
CA ASN B 20 -21.21 59.76 5.42
C ASN B 20 -21.97 60.69 4.46
N LEU B 21 -21.58 60.76 3.20
CA LEU B 21 -22.27 61.68 2.27
C LEU B 21 -23.43 61.05 1.46
N GLY B 22 -23.68 59.75 1.66
CA GLY B 22 -24.72 59.06 0.90
C GLY B 22 -24.60 59.10 -0.62
N LEU B 23 -23.37 59.21 -1.14
CA LEU B 23 -23.15 59.27 -2.56
C LEU B 23 -23.48 57.92 -3.22
N ARG B 24 -24.03 57.96 -4.44
CA ARG B 24 -24.30 56.75 -5.21
C ARG B 24 -23.27 56.54 -6.31
N GLU B 25 -22.27 57.41 -6.38
CA GLU B 25 -21.28 57.35 -7.43
C GLU B 25 -20.08 58.20 -7.07
N ILE B 26 -18.97 58.01 -7.79
CA ILE B 26 -17.78 58.83 -7.57
C ILE B 26 -17.96 60.21 -8.21
N PRO B 27 -17.72 61.28 -7.45
CA PRO B 27 -17.96 62.60 -8.02
C PRO B 27 -17.01 62.98 -9.13
N ASP B 28 -17.52 63.71 -10.12
CA ASP B 28 -16.68 64.28 -11.18
C ASP B 28 -15.66 65.24 -10.58
N THR B 29 -16.01 65.88 -9.46
CA THR B 29 -15.09 66.67 -8.67
C THR B 29 -13.76 65.97 -8.40
N LEU B 30 -13.80 64.73 -7.90
CA LEU B 30 -12.57 64.01 -7.56
C LEU B 30 -11.65 63.88 -8.78
N PRO B 31 -10.38 64.30 -8.65
CA PRO B 31 -9.43 64.31 -9.76
C PRO B 31 -8.68 63.00 -10.08
N ASN B 32 -8.25 62.85 -11.35
CA ASN B 32 -7.28 61.83 -11.81
C ASN B 32 -6.23 61.44 -10.75
N THR B 33 -5.71 62.44 -10.04
CA THR B 33 -4.54 62.27 -9.17
C THR B 33 -4.84 61.68 -7.81
N THR B 34 -6.07 61.26 -7.55
CA THR B 34 -6.46 60.73 -6.25
C THR B 34 -5.80 59.39 -6.00
N GLU B 35 -5.22 59.26 -4.81
CA GLU B 35 -4.54 58.04 -4.40
C GLU B 35 -5.12 57.44 -3.11
N VAL B 36 -5.70 58.26 -2.23
CA VAL B 36 -6.35 57.75 -1.01
C VAL B 36 -7.79 58.26 -0.94
N LEU B 37 -8.77 57.35 -1.04
CA LEU B 37 -10.19 57.71 -0.99
C LEU B 37 -10.87 57.01 0.16
N GLU B 38 -11.32 57.80 1.13
CA GLU B 38 -12.11 57.29 2.26
C GLU B 38 -13.55 57.45 1.86
N PHE B 39 -14.20 56.34 1.52
CA PHE B 39 -15.56 56.39 0.96
C PHE B 39 -16.63 55.74 1.84
N SER B 40 -16.36 55.64 3.14
CA SER B 40 -17.26 54.96 4.08
C SER B 40 -18.65 55.56 4.15
N PHE B 41 -19.64 54.72 4.37
CA PHE B 41 -21.00 55.18 4.59
C PHE B 41 -21.55 55.96 3.40
N ASN B 42 -21.36 55.39 2.22
CA ASN B 42 -22.03 55.85 1.02
C ASN B 42 -22.94 54.71 0.51
N PHE B 43 -23.45 54.81 -0.71
CA PHE B 43 -24.43 53.83 -1.21
C PHE B 43 -24.02 53.22 -2.56
N LEU B 44 -23.39 52.06 -2.52
CA LEU B 44 -22.98 51.38 -3.72
C LEU B 44 -23.40 49.91 -3.71
N PRO B 45 -24.71 49.65 -3.82
CA PRO B 45 -25.27 48.30 -3.88
C PRO B 45 -24.48 47.38 -4.81
N THR B 46 -24.11 47.91 -5.98
CA THR B 46 -23.38 47.16 -6.98
C THR B 46 -22.09 47.88 -7.25
N ILE B 47 -21.04 47.13 -7.52
CA ILE B 47 -19.75 47.67 -7.82
C ILE B 47 -19.24 47.01 -9.11
N GLN B 48 -18.68 47.80 -10.04
CA GLN B 48 -18.38 47.33 -11.39
C GLN B 48 -17.14 47.98 -11.99
N ASN B 49 -16.75 47.50 -13.16
CA ASN B 49 -15.66 48.09 -13.92
C ASN B 49 -15.85 49.59 -14.09
N THR B 50 -17.07 50.03 -14.30
CA THR B 50 -17.35 51.46 -14.48
C THR B 50 -17.31 52.31 -13.17
N THR B 51 -17.44 51.69 -11.98
CA THR B 51 -17.60 52.44 -10.72
C THR B 51 -16.44 53.37 -10.38
N PHE B 52 -15.20 52.91 -10.56
CA PHE B 52 -14.02 53.67 -10.15
C PHE B 52 -13.05 53.99 -11.29
N SER B 53 -13.56 53.99 -12.53
CA SER B 53 -12.68 54.04 -13.70
C SER B 53 -12.03 55.39 -13.80
N ARG B 54 -12.80 56.45 -13.60
CA ARG B 54 -12.23 57.80 -13.53
C ARG B 54 -10.99 57.84 -12.59
N LEU B 55 -11.05 57.19 -11.45
CA LEU B 55 -9.96 57.25 -10.46
C LEU B 55 -8.91 56.15 -10.63
N ILE B 56 -8.17 56.20 -11.73
CA ILE B 56 -7.19 55.14 -12.08
C ILE B 56 -6.02 54.95 -11.10
N ASN B 57 -5.66 55.95 -10.28
CA ASN B 57 -4.43 55.89 -9.48
C ASN B 57 -4.62 55.61 -8.01
N LEU B 58 -5.69 54.92 -7.64
CA LEU B 58 -5.96 54.65 -6.23
C LEU B 58 -4.90 53.71 -5.65
N ILE B 59 -4.47 54.03 -4.45
CA ILE B 59 -3.57 53.20 -3.67
C ILE B 59 -4.33 52.59 -2.52
N PHE B 60 -5.19 53.37 -1.87
CA PHE B 60 -5.95 52.96 -0.70
C PHE B 60 -7.41 53.33 -0.90
N LEU B 61 -8.29 52.34 -0.86
CA LEU B 61 -9.72 52.54 -1.10
C LEU B 61 -10.53 51.92 0.03
N ASP B 62 -11.29 52.74 0.75
CA ASP B 62 -12.09 52.26 1.87
C ASP B 62 -13.56 52.35 1.51
N LEU B 63 -14.20 51.20 1.36
CA LEU B 63 -15.62 51.14 1.02
C LEU B 63 -16.46 50.64 2.18
N THR B 64 -15.99 50.86 3.39
CA THR B 64 -16.67 50.35 4.57
C THR B 64 -18.14 50.78 4.63
N ARG B 65 -19.01 49.81 4.87
CA ARG B 65 -20.40 50.09 5.20
C ARG B 65 -21.09 50.88 4.09
N CYS B 66 -20.83 50.48 2.85
CA CYS B 66 -21.44 51.10 1.68
C CYS B 66 -22.61 50.30 1.11
N GLN B 67 -23.09 49.32 1.86
CA GLN B 67 -24.21 48.49 1.43
C GLN B 67 -23.93 47.70 0.13
N ILE B 68 -22.67 47.37 -0.12
CA ILE B 68 -22.32 46.67 -1.34
C ILE B 68 -22.83 45.25 -1.28
N ASN B 69 -23.58 44.85 -2.29
CA ASN B 69 -24.10 43.48 -2.39
C ASN B 69 -23.33 42.66 -3.40
N TRP B 70 -22.89 43.32 -4.47
CA TRP B 70 -22.24 42.64 -5.57
C TRP B 70 -20.96 43.33 -5.87
N VAL B 71 -19.91 42.54 -6.06
CA VAL B 71 -18.64 43.01 -6.61
C VAL B 71 -18.42 42.22 -7.90
N HIS B 72 -18.76 42.87 -9.02
CA HIS B 72 -18.76 42.21 -10.33
C HIS B 72 -17.38 42.10 -10.96
N GLU B 73 -17.31 41.23 -11.95
CA GLU B 73 -16.05 40.94 -12.67
C GLU B 73 -15.34 42.16 -13.21
N ASP B 74 -14.02 42.13 -13.12
CA ASP B 74 -13.12 43.16 -13.66
C ASP B 74 -13.29 44.54 -13.01
N THR B 75 -13.88 44.59 -11.83
CA THR B 75 -14.06 45.87 -11.15
C THR B 75 -12.78 46.69 -11.02
N PHE B 76 -11.66 46.02 -10.76
CA PHE B 76 -10.41 46.72 -10.49
C PHE B 76 -9.32 46.46 -11.54
N GLN B 77 -9.73 46.08 -12.75
CA GLN B 77 -8.78 45.79 -13.83
C GLN B 77 -7.85 46.96 -14.09
N SER B 78 -8.38 48.18 -14.03
CA SER B 78 -7.63 49.41 -14.36
C SER B 78 -6.94 50.09 -13.17
N HIS B 79 -6.66 49.33 -12.11
CA HIS B 79 -6.21 49.90 -10.83
C HIS B 79 -4.91 49.23 -10.37
N HIS B 80 -3.88 49.41 -11.17
CA HIS B 80 -2.62 48.68 -10.99
C HIS B 80 -1.96 48.93 -9.63
N GLN B 81 -2.09 50.14 -9.10
CA GLN B 81 -1.40 50.50 -7.87
C GLN B 81 -2.23 50.30 -6.61
N LEU B 82 -3.36 49.62 -6.70
CA LEU B 82 -4.17 49.37 -5.49
C LEU B 82 -3.44 48.50 -4.49
N ASN B 83 -3.30 49.02 -3.28
CA ASN B 83 -2.57 48.35 -2.23
C ASN B 83 -3.49 47.77 -1.15
N THR B 84 -4.50 48.53 -0.75
CA THR B 84 -5.45 48.15 0.28
C THR B 84 -6.89 48.35 -0.16
N ILE B 85 -7.71 47.32 -0.01
CA ILE B 85 -9.15 47.42 -0.24
C ILE B 85 -9.86 47.12 1.08
N VAL B 86 -10.74 48.02 1.53
CA VAL B 86 -11.49 47.80 2.76
C VAL B 86 -12.98 47.61 2.48
N LEU B 87 -13.49 46.39 2.74
CA LEU B 87 -14.87 46.05 2.45
C LEU B 87 -15.73 45.79 3.70
N THR B 88 -15.19 46.11 4.87
CA THR B 88 -15.85 45.86 6.13
C THR B 88 -17.32 46.27 6.19
N GLY B 89 -18.18 45.38 6.66
CA GLY B 89 -19.53 45.77 6.96
C GLY B 89 -20.43 45.92 5.77
N ASN B 90 -20.10 45.22 4.68
CA ASN B 90 -20.99 45.18 3.53
C ASN B 90 -21.65 43.81 3.42
N PRO B 91 -22.96 43.78 3.10
CA PRO B 91 -23.72 42.54 3.00
C PRO B 91 -23.49 41.90 1.67
N LEU B 92 -22.29 41.37 1.49
CA LEU B 92 -21.86 40.86 0.19
C LEU B 92 -22.68 39.63 -0.11
N ILE B 93 -23.19 39.53 -1.33
CA ILE B 93 -23.92 38.36 -1.81
C ILE B 93 -23.02 37.48 -2.64
N PHE B 94 -22.20 38.09 -3.49
CA PHE B 94 -21.36 37.35 -4.41
C PHE B 94 -20.21 38.19 -4.92
N MET B 95 -19.03 37.60 -5.02
CA MET B 95 -17.86 38.26 -5.60
C MET B 95 -17.38 37.46 -6.81
N ALA B 96 -17.29 38.09 -7.98
CA ALA B 96 -16.90 37.38 -9.20
C ALA B 96 -15.47 36.85 -9.09
N GLU B 97 -15.14 35.84 -9.88
CA GLU B 97 -13.82 35.24 -9.77
C GLU B 97 -12.70 36.27 -9.98
N THR B 98 -12.90 37.18 -10.92
CA THR B 98 -11.88 38.17 -11.27
C THR B 98 -12.16 39.53 -10.66
N SER B 99 -13.08 39.59 -9.70
CA SER B 99 -13.51 40.86 -9.09
C SER B 99 -12.39 41.68 -8.41
N LEU B 100 -11.35 41.02 -7.91
CA LEU B 100 -10.21 41.71 -7.32
C LEU B 100 -8.94 41.60 -8.16
N THR B 101 -9.01 41.04 -9.38
CA THR B 101 -7.80 41.04 -10.22
C THR B 101 -7.69 42.41 -10.89
N GLY B 102 -6.45 42.81 -11.16
CA GLY B 102 -6.13 44.14 -11.64
C GLY B 102 -4.89 44.73 -10.98
N PRO B 103 -4.95 44.96 -9.67
CA PRO B 103 -3.80 45.50 -8.98
C PRO B 103 -2.62 44.56 -9.01
N LYS B 104 -1.43 45.12 -9.20
CA LYS B 104 -0.21 44.31 -9.34
C LYS B 104 0.29 43.86 -7.96
N PHE B 105 -0.04 44.59 -6.89
CA PHE B 105 0.42 44.21 -5.56
C PHE B 105 -0.59 44.58 -4.49
N LEU B 106 -1.71 43.85 -4.49
CA LEU B 106 -2.74 43.98 -3.45
C LEU B 106 -2.20 43.31 -2.20
N LYS B 107 -1.95 44.10 -1.16
CA LYS B 107 -1.27 43.60 0.04
C LYS B 107 -2.20 43.50 1.26
N HIS B 108 -3.36 44.14 1.21
CA HIS B 108 -4.28 44.14 2.37
C HIS B 108 -5.74 44.12 1.98
N LEU B 109 -6.45 43.07 2.39
CA LEU B 109 -7.87 42.92 2.12
C LEU B 109 -8.62 42.81 3.44
N PHE B 110 -9.57 43.70 3.68
CA PHE B 110 -10.45 43.64 4.85
C PHE B 110 -11.83 43.14 4.47
N LEU B 111 -12.15 41.93 4.89
CA LEU B 111 -13.49 41.35 4.70
C LEU B 111 -14.23 41.14 6.04
N THR B 112 -13.94 42.02 7.00
CA THR B 112 -14.57 42.00 8.29
C THR B 112 -16.09 42.18 8.25
N GLN B 113 -16.80 41.38 9.05
CA GLN B 113 -18.26 41.43 9.14
C GLN B 113 -18.92 41.61 7.79
N THR B 114 -18.60 40.73 6.86
CA THR B 114 -19.25 40.76 5.56
C THR B 114 -20.14 39.54 5.35
N GLY B 115 -20.39 38.80 6.42
CA GLY B 115 -21.33 37.67 6.37
C GLY B 115 -20.71 36.39 5.87
N ILE B 116 -19.38 36.32 5.79
CA ILE B 116 -18.72 35.15 5.23
C ILE B 116 -18.79 34.00 6.23
N SER B 117 -19.33 32.88 5.80
CA SER B 117 -19.26 31.63 6.56
C SER B 117 -18.49 30.54 5.82
N ASN B 118 -18.35 30.66 4.50
CA ASN B 118 -17.53 29.70 3.75
C ASN B 118 -16.33 30.38 3.06
N LEU B 119 -15.11 30.03 3.47
CA LEU B 119 -13.92 30.66 2.93
C LEU B 119 -13.74 30.48 1.41
N GLU B 120 -14.46 29.52 0.83
CA GLU B 120 -14.51 29.36 -0.63
C GLU B 120 -15.07 30.62 -1.33
N PHE B 121 -15.79 31.45 -0.56
CA PHE B 121 -16.37 32.70 -1.05
C PHE B 121 -15.36 33.73 -1.52
N ILE B 122 -14.14 33.68 -0.97
CA ILE B 122 -13.10 34.66 -1.24
C ILE B 122 -12.43 34.25 -2.53
N PRO B 123 -12.34 35.16 -3.50
CA PRO B 123 -11.66 34.84 -4.76
C PRO B 123 -10.14 34.80 -4.63
N VAL B 124 -9.54 33.65 -4.95
CA VAL B 124 -8.10 33.44 -4.74
C VAL B 124 -7.22 34.03 -5.83
N HIS B 125 -7.81 34.33 -6.99
CA HIS B 125 -7.01 34.57 -8.20
C HIS B 125 -5.77 35.44 -8.00
N ASN B 126 -5.93 36.54 -7.27
CA ASN B 126 -4.86 37.56 -7.14
C ASN B 126 -4.54 37.88 -5.70
N LEU B 127 -4.30 36.84 -4.92
CA LEU B 127 -4.04 37.01 -3.51
C LEU B 127 -2.64 36.59 -3.10
N GLU B 128 -1.82 36.12 -4.06
CA GLU B 128 -0.46 35.60 -3.76
C GLU B 128 0.49 36.62 -3.14
N ASN B 129 0.17 37.91 -3.31
CA ASN B 129 0.92 38.99 -2.68
C ASN B 129 0.27 39.53 -1.39
N LEU B 130 -0.74 38.84 -0.84
CA LEU B 130 -1.33 39.30 0.42
C LEU B 130 -0.35 39.20 1.58
N GLU B 131 -0.20 40.30 2.30
CA GLU B 131 0.53 40.32 3.58
C GLU B 131 -0.41 40.27 4.81
N SER B 132 -1.66 40.73 4.65
CA SER B 132 -2.63 40.63 5.72
C SER B 132 -4.07 40.37 5.23
N LEU B 133 -4.77 39.47 5.90
CA LEU B 133 -6.14 39.11 5.55
C LEU B 133 -6.99 39.20 6.81
N HIS B 134 -7.99 40.05 6.77
CA HIS B 134 -8.79 40.33 7.94
C HIS B 134 -10.20 39.74 7.77
N LEU B 135 -10.51 38.72 8.54
CA LEU B 135 -11.75 37.98 8.43
C LEU B 135 -12.59 37.99 9.71
N GLY B 136 -12.39 38.98 10.56
CA GLY B 136 -13.06 38.99 11.85
C GLY B 136 -14.55 39.27 11.76
N SER B 137 -15.27 38.83 12.78
CA SER B 137 -16.72 39.10 12.94
C SER B 137 -17.54 38.54 11.78
N ASN B 138 -17.07 37.44 11.22
CA ASN B 138 -17.80 36.79 10.16
C ASN B 138 -18.48 35.61 10.82
N HIS B 139 -19.01 34.67 10.04
CA HIS B 139 -19.70 33.51 10.56
C HIS B 139 -18.84 32.28 10.27
N ILE B 140 -17.54 32.36 10.58
CA ILE B 140 -16.57 31.27 10.28
C ILE B 140 -16.44 30.30 11.45
N SER B 141 -16.25 29.02 11.14
CA SER B 141 -16.04 28.01 12.20
C SER B 141 -14.85 27.06 11.98
N SER B 142 -14.08 27.25 10.90
CA SER B 142 -12.87 26.47 10.67
C SER B 142 -11.81 27.28 9.95
N ILE B 143 -10.65 27.43 10.59
CA ILE B 143 -9.58 28.21 9.97
C ILE B 143 -8.96 27.46 8.81
N ASN B 144 -9.42 26.25 8.54
CA ASN B 144 -8.93 25.48 7.40
C ASN B 144 -9.15 26.22 6.09
N LEU B 145 -8.06 26.62 5.42
CA LEU B 145 -8.21 27.37 4.18
C LEU B 145 -8.51 26.40 3.05
N PRO B 146 -9.09 26.91 1.96
CA PRO B 146 -9.31 26.06 0.79
C PRO B 146 -8.00 25.62 0.15
N GLU B 147 -8.01 24.47 -0.53
CA GLU B 147 -6.83 24.00 -1.25
C GLU B 147 -6.47 25.00 -2.36
N ASN B 148 -5.19 25.20 -2.59
CA ASN B 148 -4.74 26.15 -3.59
C ASN B 148 -5.11 27.59 -3.22
N PHE B 149 -5.06 27.89 -1.93
CA PHE B 149 -5.22 29.25 -1.41
C PHE B 149 -3.83 29.70 -1.05
N PRO B 150 -3.37 30.81 -1.65
CA PRO B 150 -2.01 31.28 -1.40
C PRO B 150 -1.79 31.76 0.03
N THR B 151 -0.70 31.30 0.64
CA THR B 151 -0.36 31.68 2.01
C THR B 151 1.11 32.05 2.20
N GLN B 152 1.90 32.08 1.12
CA GLN B 152 3.35 32.23 1.22
C GLN B 152 3.75 33.54 1.91
N ASN B 153 3.22 34.66 1.42
CA ASN B 153 3.56 35.97 1.98
C ASN B 153 2.67 36.42 3.10
N LEU B 154 1.73 35.56 3.49
CA LEU B 154 0.78 35.89 4.53
C LEU B 154 1.51 36.05 5.86
N LYS B 155 1.45 37.25 6.45
CA LYS B 155 2.12 37.54 7.73
C LYS B 155 1.13 37.87 8.89
N VAL B 156 -0.08 38.33 8.58
CA VAL B 156 -1.13 38.51 9.58
C VAL B 156 -2.44 37.89 9.10
N LEU B 157 -3.11 37.13 9.95
CA LEU B 157 -4.36 36.46 9.57
C LEU B 157 -5.34 36.57 10.73
N ASP B 158 -6.33 37.45 10.61
CA ASP B 158 -7.17 37.80 11.73
C ASP B 158 -8.52 37.06 11.71
N PHE B 159 -8.77 36.23 12.72
CA PHE B 159 -10.00 35.43 12.80
C PHE B 159 -10.91 35.80 14.00
N GLN B 160 -10.75 36.99 14.55
CA GLN B 160 -11.50 37.38 15.75
C GLN B 160 -12.99 37.21 15.65
N ASN B 161 -13.62 37.03 16.81
CA ASN B 161 -15.07 37.05 16.94
C ASN B 161 -15.77 36.25 15.86
N ASN B 162 -15.40 34.99 15.77
CA ASN B 162 -15.99 34.09 14.80
C ASN B 162 -16.52 32.92 15.61
N ALA B 163 -16.78 31.78 15.00
CA ALA B 163 -17.33 30.62 15.69
C ALA B 163 -16.38 29.42 15.64
N ILE B 164 -15.10 29.67 15.89
CA ILE B 164 -14.10 28.61 15.79
C ILE B 164 -14.05 27.92 17.15
N HIS B 165 -14.39 26.63 17.19
CA HIS B 165 -14.39 25.91 18.48
C HIS B 165 -13.31 24.84 18.57
N TYR B 166 -12.86 24.35 17.41
CA TYR B 166 -11.78 23.37 17.38
C TYR B 166 -10.75 23.70 16.31
N ILE B 167 -9.48 23.48 16.63
CA ILE B 167 -8.38 23.62 15.68
C ILE B 167 -7.65 22.30 15.59
N SER B 168 -7.56 21.74 14.38
CA SER B 168 -6.92 20.44 14.16
C SER B 168 -5.57 20.58 13.47
N ARG B 169 -4.78 19.51 13.51
CA ARG B 169 -3.52 19.43 12.75
C ARG B 169 -3.80 19.62 11.25
N LYS B 170 -4.86 18.98 10.75
CA LYS B 170 -5.27 19.17 9.37
C LYS B 170 -5.48 20.67 9.08
N ASP B 171 -6.26 21.34 9.94
CA ASP B 171 -6.57 22.76 9.79
C ASP B 171 -5.30 23.63 9.64
N THR B 172 -4.38 23.49 10.59
CA THR B 172 -3.18 24.35 10.61
C THR B 172 -2.24 24.05 9.46
N ASN B 173 -2.21 22.79 9.01
CA ASN B 173 -1.31 22.35 7.93
C ASN B 173 -1.51 23.16 6.66
N SER B 174 -2.76 23.58 6.46
CA SER B 174 -3.15 24.52 5.43
C SER B 174 -2.19 25.71 5.30
N LEU B 175 -1.66 26.18 6.42
CA LEU B 175 -0.88 27.41 6.44
C LEU B 175 0.61 27.19 6.31
N GLU B 176 1.02 25.97 5.93
CA GLU B 176 2.44 25.58 6.03
C GLU B 176 3.41 26.43 5.21
N GLN B 177 2.90 26.97 4.09
CA GLN B 177 3.68 27.85 3.21
C GLN B 177 4.06 29.22 3.83
N ALA B 178 3.41 29.60 4.93
CA ALA B 178 3.66 30.92 5.53
C ALA B 178 4.96 30.93 6.30
N THR B 179 5.46 32.14 6.58
CA THR B 179 6.68 32.32 7.39
C THR B 179 6.47 33.51 8.29
N ASN B 180 6.77 33.36 9.58
CA ASN B 180 6.47 34.38 10.61
C ASN B 180 5.02 34.90 10.55
N LEU B 181 4.09 33.97 10.73
CA LEU B 181 2.67 34.25 10.64
C LEU B 181 2.12 34.52 12.02
N SER B 182 1.23 35.50 12.13
CA SER B 182 0.60 35.81 13.40
C SER B 182 -0.89 35.68 13.27
N LEU B 183 -1.53 35.00 14.22
CA LEU B 183 -2.97 34.73 14.13
C LEU B 183 -3.69 35.27 15.34
N ASN B 184 -4.84 35.85 15.12
CA ASN B 184 -5.68 36.36 16.21
C ASN B 184 -7.00 35.58 16.32
N PHE B 185 -7.19 34.89 17.44
CA PHE B 185 -8.39 34.12 17.71
C PHE B 185 -9.24 34.72 18.81
N ASN B 186 -8.90 35.95 19.22
CA ASN B 186 -9.65 36.63 20.25
C ASN B 186 -11.14 36.46 20.04
N GLY B 187 -11.85 36.15 21.11
CA GLY B 187 -13.29 36.09 21.07
C GLY B 187 -13.87 34.86 20.40
N ASN B 188 -13.05 33.89 20.05
CA ASN B 188 -13.55 32.57 19.68
C ASN B 188 -13.51 31.67 20.91
N ASP B 189 -14.55 30.90 21.15
CA ASP B 189 -14.60 30.01 22.29
C ASP B 189 -13.92 28.69 21.92
N ILE B 190 -12.61 28.58 22.15
CA ILE B 190 -11.84 27.41 21.73
C ILE B 190 -12.00 26.28 22.74
N LYS B 191 -12.69 25.22 22.36
CA LYS B 191 -12.93 24.11 23.28
C LYS B 191 -11.84 23.03 23.21
N GLY B 192 -11.12 22.97 22.09
CA GLY B 192 -10.04 21.99 21.93
C GLY B 192 -9.06 22.34 20.81
N ILE B 193 -7.80 21.94 21.00
CA ILE B 193 -6.79 22.02 19.96
C ILE B 193 -6.09 20.66 19.91
N GLU B 194 -6.07 20.06 18.73
CA GLU B 194 -5.35 18.80 18.53
C GLU B 194 -3.89 19.06 18.86
N PRO B 195 -3.29 18.25 19.75
CA PRO B 195 -1.92 18.58 20.15
C PRO B 195 -0.92 18.51 18.99
N GLY B 196 0.03 19.42 18.99
CA GLY B 196 1.05 19.49 17.95
C GLY B 196 0.65 20.29 16.72
N ALA B 197 -0.57 20.82 16.70
CA ALA B 197 -1.03 21.65 15.57
C ALA B 197 -0.13 22.84 15.28
N PHE B 198 0.63 23.29 16.29
CA PHE B 198 1.52 24.43 16.12
C PHE B 198 2.99 24.07 16.26
N ILE B 199 3.33 22.80 16.06
CA ILE B 199 4.75 22.40 16.00
C ILE B 199 5.51 23.11 14.88
N SER B 200 4.82 23.44 13.80
CA SER B 200 5.45 24.14 12.69
C SER B 200 6.11 25.40 13.22
N LYS B 201 7.35 25.65 12.80
CA LYS B 201 8.14 26.80 13.28
C LYS B 201 7.66 28.12 12.67
N ILE B 202 6.83 28.03 11.64
CA ILE B 202 6.30 29.21 10.92
C ILE B 202 5.42 30.18 11.76
N PHE B 203 4.95 29.76 12.94
CA PHE B 203 4.04 30.61 13.73
C PHE B 203 4.80 31.52 14.67
N GLN B 204 4.68 32.82 14.45
CA GLN B 204 5.36 33.83 15.26
C GLN B 204 4.55 34.16 16.52
N SER B 205 3.28 34.55 16.35
CA SER B 205 2.46 35.00 17.47
C SER B 205 0.97 34.60 17.40
N LEU B 206 0.42 34.21 18.54
CA LEU B 206 -0.98 33.78 18.63
C LEU B 206 -1.72 34.50 19.76
N LYS B 207 -2.98 34.86 19.52
CA LYS B 207 -3.81 35.50 20.54
C LYS B 207 -5.04 34.65 20.76
N PHE B 208 -5.34 34.35 22.01
CA PHE B 208 -6.50 33.54 22.37
C PHE B 208 -7.33 34.26 23.40
N GLY B 209 -7.54 35.55 23.18
CA GLY B 209 -8.23 36.39 24.15
C GLY B 209 -9.60 35.89 24.57
N GLY B 210 -9.90 36.03 25.86
CA GLY B 210 -11.22 35.71 26.42
C GLY B 210 -11.47 34.21 26.63
N SER B 211 -10.48 33.41 26.23
CA SER B 211 -10.63 31.96 26.22
C SER B 211 -10.91 31.47 27.64
N LEU B 212 -11.82 30.52 27.78
CA LEU B 212 -12.26 30.09 29.08
C LEU B 212 -11.49 28.92 29.66
N ASN B 213 -10.58 28.30 28.89
CA ASN B 213 -9.81 27.15 29.41
C ASN B 213 -8.36 27.07 28.92
N LEU B 214 -7.47 27.71 29.67
CA LEU B 214 -6.07 27.79 29.28
C LEU B 214 -5.38 26.42 29.30
N PHE B 215 -5.79 25.54 30.21
CA PHE B 215 -5.27 24.17 30.24
C PHE B 215 -5.38 23.52 28.86
N ILE B 216 -6.57 23.57 28.29
CA ILE B 216 -6.80 23.10 26.92
C ILE B 216 -5.83 23.74 25.92
N ILE B 217 -5.68 25.04 25.99
CA ILE B 217 -4.84 25.76 25.04
C ILE B 217 -3.38 25.33 25.12
N PHE B 218 -2.83 25.38 26.33
CA PHE B 218 -1.44 25.02 26.51
C PHE B 218 -1.18 23.62 26.01
N LYS B 219 -2.02 22.66 26.41
CA LYS B 219 -1.87 21.28 25.99
C LYS B 219 -1.82 21.20 24.46
N GLY B 220 -2.63 22.02 23.79
CA GLY B 220 -2.64 22.07 22.33
C GLY B 220 -1.35 22.61 21.72
N LEU B 221 -0.76 23.61 22.38
CA LEU B 221 0.44 24.26 21.88
C LEU B 221 1.74 23.50 22.20
N GLN B 222 1.61 22.25 22.64
CA GLN B 222 2.77 21.45 23.04
C GLN B 222 3.83 21.37 21.93
N ASN B 223 5.11 21.42 22.33
CA ASN B 223 6.26 21.39 21.42
C ASN B 223 6.23 22.50 20.37
N SER B 224 6.01 23.75 20.79
CA SER B 224 5.94 24.87 19.83
C SER B 224 6.82 26.05 20.26
N THR B 225 7.22 26.84 19.26
CA THR B 225 8.06 28.00 19.48
C THR B 225 7.29 29.23 19.02
N LEU B 226 7.03 30.13 19.96
CA LEU B 226 6.25 31.33 19.69
C LEU B 226 6.98 32.51 20.22
N GLN B 227 6.92 33.62 19.49
CA GLN B 227 7.43 34.89 20.00
C GLN B 227 6.54 35.34 21.15
N SER B 228 5.23 35.40 20.91
CA SER B 228 4.29 35.83 21.95
C SER B 228 2.95 35.13 21.90
N LEU B 229 2.32 35.06 23.08
CA LEU B 229 1.06 34.36 23.29
C LEU B 229 0.19 35.25 24.17
N TRP B 230 -0.93 35.72 23.63
CA TRP B 230 -1.84 36.63 24.36
C TRP B 230 -3.00 35.82 24.93
N LEU B 231 -3.00 35.60 26.24
CA LEU B 231 -4.04 34.81 26.91
C LEU B 231 -4.82 35.64 27.92
N GLY B 232 -4.87 36.94 27.69
CA GLY B 232 -5.62 37.86 28.55
C GLY B 232 -7.11 37.63 28.46
N THR B 233 -7.83 38.06 29.48
CA THR B 233 -9.29 37.92 29.53
C THR B 233 -9.92 39.31 29.63
N PHE B 234 -11.25 39.39 29.65
CA PHE B 234 -11.95 40.68 29.72
C PHE B 234 -12.98 40.77 30.84
N GLU B 235 -13.41 41.98 31.16
CA GLU B 235 -14.39 42.18 32.21
C GLU B 235 -15.56 41.26 31.93
N ASP B 236 -16.13 41.43 30.74
CA ASP B 236 -17.35 40.72 30.37
C ASP B 236 -17.19 39.18 30.29
N THR B 237 -15.97 38.70 30.15
CA THR B 237 -15.79 37.25 29.91
C THR B 237 -16.10 36.46 31.21
N ASP B 238 -16.73 35.29 31.06
CA ASP B 238 -17.19 34.46 32.21
C ASP B 238 -16.07 34.13 33.21
N ASP B 239 -16.46 33.80 34.45
CA ASP B 239 -15.47 33.72 35.53
C ASP B 239 -14.73 32.37 35.58
N GLN B 240 -13.40 32.41 35.51
CA GLN B 240 -12.53 31.23 35.73
C GLN B 240 -11.55 31.50 36.87
N TYR B 241 -10.62 30.58 37.11
CA TYR B 241 -9.61 30.76 38.15
C TYR B 241 -8.34 30.02 37.80
N LEU B 242 -7.25 30.73 37.57
CA LEU B 242 -6.00 30.08 37.20
C LEU B 242 -5.36 29.34 38.38
N THR B 243 -4.71 28.21 38.08
CA THR B 243 -3.98 27.41 39.08
C THR B 243 -2.58 27.06 38.56
N SER B 244 -1.68 26.72 39.47
CA SER B 244 -0.40 26.12 39.09
C SER B 244 -0.60 24.99 38.06
N ALA B 245 -1.63 24.17 38.29
CA ALA B 245 -2.03 23.11 37.37
C ALA B 245 -2.25 23.63 35.96
N THR B 246 -2.86 24.80 35.85
CA THR B 246 -3.18 25.40 34.56
C THR B 246 -1.95 25.52 33.66
N PHE B 247 -0.79 25.80 34.24
CA PHE B 247 0.39 26.10 33.44
C PHE B 247 1.33 24.91 33.26
N GLU B 248 0.91 23.72 33.67
CA GLU B 248 1.75 22.53 33.53
C GLU B 248 2.21 22.37 32.09
N GLY B 249 1.30 22.57 31.13
CA GLY B 249 1.62 22.41 29.71
C GLY B 249 2.67 23.37 29.18
N LEU B 250 2.95 24.44 29.90
CA LEU B 250 3.78 25.52 29.39
C LEU B 250 5.26 25.10 29.30
N CYS B 251 5.72 24.24 30.20
CA CYS B 251 7.14 23.83 30.13
C CYS B 251 7.40 22.69 29.11
N ASP B 252 6.40 22.37 28.29
CA ASP B 252 6.62 21.58 27.08
C ASP B 252 6.51 22.46 25.83
N MET B 253 6.85 23.74 25.97
CA MET B 253 6.85 24.67 24.83
C MET B 253 7.75 25.86 25.15
N SER B 254 7.90 26.77 24.18
CA SER B 254 8.76 27.95 24.35
C SER B 254 8.08 29.21 23.82
N VAL B 255 7.87 30.18 24.69
CA VAL B 255 7.28 31.46 24.34
C VAL B 255 8.07 32.57 25.03
N GLU B 256 8.44 33.58 24.26
CA GLU B 256 9.20 34.71 24.79
C GLU B 256 8.32 35.65 25.62
N SER B 257 7.07 35.80 25.22
CA SER B 257 6.21 36.82 25.80
C SER B 257 4.80 36.30 26.08
N ILE B 258 4.36 36.41 27.32
CA ILE B 258 3.01 36.00 27.69
C ILE B 258 2.24 37.15 28.32
N ASN B 259 0.95 37.25 27.99
CA ASN B 259 0.06 38.22 28.59
C ASN B 259 -1.08 37.48 29.27
N LEU B 260 -1.30 37.79 30.55
CA LEU B 260 -2.37 37.17 31.29
C LEU B 260 -3.25 38.23 31.94
N GLN B 261 -3.55 39.30 31.20
CA GLN B 261 -4.27 40.42 31.78
C GLN B 261 -5.60 40.03 32.40
N LYS B 262 -6.02 40.74 33.44
CA LYS B 262 -7.39 40.62 34.02
C LYS B 262 -7.79 39.22 34.61
N HIS B 263 -6.82 38.32 34.75
CA HIS B 263 -7.07 36.97 35.30
C HIS B 263 -7.02 36.98 36.82
N ARG B 264 -7.54 35.93 37.42
CA ARG B 264 -7.57 35.80 38.86
C ARG B 264 -6.81 34.54 39.26
N PHE B 265 -5.75 34.72 40.03
CA PHE B 265 -4.95 33.60 40.49
C PHE B 265 -5.52 33.00 41.76
N SER B 266 -5.92 31.73 41.67
CA SER B 266 -6.57 31.02 42.79
C SER B 266 -5.70 30.87 44.03
N ASP B 267 -4.53 30.26 43.89
CA ASP B 267 -3.66 30.02 45.05
C ASP B 267 -2.21 30.34 44.70
N LEU B 268 -1.96 31.62 44.43
CA LEU B 268 -0.64 32.07 43.95
C LEU B 268 0.48 31.67 44.91
N SER B 269 1.30 30.71 44.46
CA SER B 269 2.51 30.30 45.15
C SER B 269 3.68 30.57 44.21
N SER B 270 4.90 30.43 44.71
CA SER B 270 6.09 30.49 43.85
C SER B 270 6.08 29.30 42.87
N SER B 271 5.44 28.21 43.28
CA SER B 271 5.26 27.04 42.43
C SER B 271 4.43 27.34 41.18
N THR B 272 3.57 28.37 41.24
CA THR B 272 2.73 28.76 40.09
C THR B 272 3.55 29.12 38.83
N PHE B 273 4.77 29.61 39.05
CA PHE B 273 5.65 29.99 37.94
C PHE B 273 6.72 28.95 37.62
N ARG B 274 6.42 27.67 37.87
CA ARG B 274 7.39 26.61 37.62
C ARG B 274 7.85 26.63 36.16
N CYS B 275 6.92 26.80 35.22
CA CYS B 275 7.25 26.68 33.80
C CYS B 275 7.50 28.02 33.07
N PHE B 276 7.77 29.08 33.82
CA PHE B 276 8.05 30.37 33.20
C PHE B 276 9.56 30.62 33.02
N THR B 277 10.35 29.56 33.00
CA THR B 277 11.81 29.68 33.08
C THR B 277 12.44 30.29 31.84
N ARG B 278 11.82 30.10 30.68
CA ARG B 278 12.37 30.64 29.45
C ARG B 278 11.58 31.88 28.96
N VAL B 279 10.65 32.36 29.79
CA VAL B 279 9.89 33.54 29.45
C VAL B 279 10.75 34.79 29.66
N GLN B 280 10.63 35.73 28.73
CA GLN B 280 11.39 36.98 28.78
C GLN B 280 10.52 38.18 29.13
N GLU B 281 9.23 38.11 28.81
CA GLU B 281 8.29 39.18 29.10
C GLU B 281 7.01 38.63 29.70
N LEU B 282 6.61 39.16 30.84
CA LEU B 282 5.40 38.72 31.50
C LEU B 282 4.53 39.94 31.80
N ASP B 283 3.25 39.85 31.44
CA ASP B 283 2.28 40.91 31.68
C ASP B 283 1.13 40.40 32.56
N LEU B 284 1.06 40.91 33.79
CA LEU B 284 0.02 40.52 34.74
C LEU B 284 -0.85 41.73 35.07
N THR B 285 -1.20 42.51 34.03
CA THR B 285 -2.01 43.71 34.20
C THR B 285 -3.39 43.45 34.78
N ALA B 286 -3.77 44.24 35.77
CA ALA B 286 -5.09 44.12 36.39
C ALA B 286 -5.41 42.69 36.79
N ALA B 287 -4.42 41.97 37.33
CA ALA B 287 -4.57 40.58 37.72
C ALA B 287 -4.98 40.44 39.19
N HIS B 288 -5.53 41.50 39.77
CA HIS B 288 -5.96 41.53 41.18
C HIS B 288 -4.87 41.22 42.20
N LEU B 289 -3.62 41.49 41.86
CA LEU B 289 -2.51 41.15 42.75
C LEU B 289 -2.39 42.16 43.91
N ASN B 290 -2.16 41.64 45.12
CA ASN B 290 -1.75 42.46 46.28
C ASN B 290 -0.24 42.33 46.54
N GLY B 291 0.37 41.35 45.86
CA GLY B 291 1.81 41.15 45.93
C GLY B 291 2.20 40.02 45.01
N LEU B 292 3.50 39.70 45.02
CA LEU B 292 3.99 38.51 44.39
C LEU B 292 4.65 37.62 45.45
N PRO B 293 4.71 36.31 45.20
CA PRO B 293 5.33 35.41 46.16
C PRO B 293 6.82 35.63 46.19
N SER B 294 7.49 35.20 47.27
CA SER B 294 8.92 35.35 47.38
C SER B 294 9.64 34.12 46.85
N GLY B 295 10.87 34.32 46.36
CA GLY B 295 11.73 33.25 45.87
C GLY B 295 11.14 32.38 44.78
N ILE B 296 10.85 32.96 43.62
CA ILE B 296 10.23 32.21 42.51
C ILE B 296 11.18 31.22 41.82
N GLU B 297 12.40 31.66 41.48
CA GLU B 297 13.39 30.84 40.74
C GLU B 297 13.01 30.62 39.24
N GLY B 298 11.70 30.50 38.96
CA GLY B 298 11.15 30.38 37.59
C GLY B 298 10.78 31.68 36.86
N MET B 299 11.37 32.79 37.27
CA MET B 299 11.42 33.98 36.42
C MET B 299 12.86 34.50 36.53
N ASN B 300 13.81 33.57 36.39
CA ASN B 300 15.24 33.87 36.46
C ASN B 300 15.76 34.63 35.23
N SER B 301 15.13 34.45 34.08
CA SER B 301 15.55 35.10 32.83
C SER B 301 14.50 36.09 32.25
N LEU B 302 13.67 36.65 33.12
CA LEU B 302 12.74 37.72 32.76
C LEU B 302 13.50 39.03 32.48
N LYS B 303 13.13 39.73 31.42
CA LYS B 303 13.67 41.06 31.13
C LYS B 303 12.61 42.16 31.29
N LYS B 304 11.33 41.83 31.06
CA LYS B 304 10.24 42.80 31.15
C LYS B 304 9.07 42.24 32.00
N LEU B 305 8.70 42.96 33.05
CA LEU B 305 7.54 42.59 33.87
C LEU B 305 6.53 43.75 33.93
N VAL B 306 5.26 43.48 33.64
CA VAL B 306 4.23 44.52 33.71
C VAL B 306 3.24 44.16 34.81
N LEU B 307 3.19 44.96 35.86
CA LEU B 307 2.25 44.76 36.97
C LEU B 307 1.24 45.92 37.09
N ASN B 308 0.92 46.55 35.96
CA ASN B 308 0.00 47.69 35.93
C ASN B 308 -1.41 47.38 36.46
N ALA B 309 -2.06 48.39 37.02
CA ALA B 309 -3.46 48.29 37.41
C ALA B 309 -3.73 47.22 38.47
N ASN B 310 -2.75 46.90 39.33
CA ASN B 310 -2.96 45.95 40.41
C ASN B 310 -3.28 46.68 41.74
N SER B 311 -3.13 46.01 42.89
CA SER B 311 -3.46 46.61 44.20
C SER B 311 -2.39 46.38 45.26
N PHE B 312 -1.20 46.89 45.03
CA PHE B 312 -0.11 46.74 45.99
C PHE B 312 -0.22 47.79 47.11
N ASP B 313 0.34 47.49 48.28
CA ASP B 313 0.36 48.44 49.37
C ASP B 313 1.76 48.98 49.59
N GLN B 314 2.74 48.09 49.64
CA GLN B 314 4.14 48.46 49.73
C GLN B 314 4.84 47.89 48.50
N LEU B 315 5.75 48.67 47.92
CA LEU B 315 6.53 48.25 46.75
C LEU B 315 7.29 46.93 46.96
N CYS B 316 7.81 46.73 48.17
CA CYS B 316 8.55 45.50 48.50
C CYS B 316 7.75 44.20 48.38
N GLN B 317 6.42 44.31 48.31
CA GLN B 317 5.58 43.13 48.16
C GLN B 317 5.72 42.46 46.79
N ILE B 318 6.34 43.13 45.83
CA ILE B 318 6.57 42.48 44.54
C ILE B 318 7.69 41.47 44.62
N ASN B 319 8.43 41.49 45.73
CA ASN B 319 9.53 40.56 45.97
C ASN B 319 10.51 40.51 44.79
N ALA B 320 11.12 41.67 44.53
CA ALA B 320 11.97 41.88 43.35
C ALA B 320 13.13 40.89 43.29
N ALA B 321 13.55 40.38 44.44
CA ALA B 321 14.59 39.34 44.51
C ALA B 321 14.42 38.26 43.44
N SER B 322 13.17 37.96 43.09
CA SER B 322 12.87 36.91 42.14
C SER B 322 13.36 37.15 40.71
N PHE B 323 13.60 38.41 40.32
CA PHE B 323 13.91 38.72 38.91
C PHE B 323 15.14 39.63 38.77
N PRO B 324 16.32 39.08 39.02
CA PRO B 324 17.56 39.87 38.98
C PRO B 324 17.91 40.46 37.61
N SER B 325 17.59 39.75 36.54
CA SER B 325 18.01 40.16 35.21
C SER B 325 17.06 41.19 34.59
N LEU B 326 16.14 41.72 35.40
CA LEU B 326 15.07 42.55 34.88
C LEU B 326 15.57 43.87 34.32
N ARG B 327 14.98 44.27 33.19
CA ARG B 327 15.35 45.50 32.50
C ARG B 327 14.27 46.56 32.62
N ASP B 328 13.03 46.16 32.38
CA ASP B 328 11.91 47.08 32.39
C ASP B 328 10.83 46.62 33.38
N LEU B 329 10.41 47.53 34.26
CA LEU B 329 9.40 47.24 35.26
C LEU B 329 8.30 48.30 35.26
N TYR B 330 7.06 47.88 35.01
CA TYR B 330 5.93 48.81 34.94
C TYR B 330 4.96 48.53 36.07
N ILE B 331 4.73 49.55 36.90
CA ILE B 331 3.71 49.50 37.94
C ILE B 331 2.86 50.78 37.82
N LYS B 332 2.23 50.93 36.67
CA LYS B 332 1.39 52.09 36.38
C LYS B 332 -0.07 51.80 36.75
N GLY B 333 -0.71 52.78 37.37
CA GLY B 333 -2.14 52.71 37.66
C GLY B 333 -2.51 51.87 38.86
N ASN B 334 -1.63 51.79 39.86
CA ASN B 334 -1.97 51.08 41.08
C ASN B 334 -3.25 51.63 41.68
N MET B 335 -4.07 50.76 42.24
CA MET B 335 -5.42 51.12 42.66
C MET B 335 -5.56 51.49 44.14
N ARG B 336 -4.45 51.76 44.80
CA ARG B 336 -4.45 52.27 46.18
C ARG B 336 -3.08 52.82 46.56
N LYS B 337 -3.03 53.61 47.64
CA LYS B 337 -1.80 54.31 48.04
C LYS B 337 -0.60 53.37 48.06
N LEU B 338 0.30 53.54 47.08
CA LEU B 338 1.48 52.70 46.97
C LEU B 338 2.66 53.30 47.75
N ASP B 339 3.11 52.59 48.77
CA ASP B 339 4.22 53.03 49.58
C ASP B 339 5.51 52.47 48.98
N LEU B 340 6.37 53.35 48.50
CA LEU B 340 7.60 52.95 47.81
C LEU B 340 8.62 52.28 48.73
N GLY B 341 8.51 52.50 50.05
CA GLY B 341 9.41 51.90 51.03
C GLY B 341 10.84 52.41 50.90
N THR B 342 11.80 51.51 51.17
CA THR B 342 13.24 51.81 51.03
C THR B 342 14.06 50.58 50.63
N ARG B 343 15.06 50.81 49.76
CA ARG B 343 15.89 49.75 49.17
C ARG B 343 15.07 48.57 48.58
N CYS B 344 13.83 48.82 48.14
CA CYS B 344 12.93 47.73 47.70
C CYS B 344 13.28 47.14 46.36
N LEU B 345 13.81 47.96 45.45
CA LEU B 345 14.27 47.49 44.15
C LEU B 345 15.80 47.28 44.11
N GLU B 346 16.45 47.48 45.27
CA GLU B 346 17.89 47.29 45.47
C GLU B 346 18.49 46.11 44.71
N LYS B 347 17.75 44.99 44.59
CA LYS B 347 18.29 43.80 43.94
C LYS B 347 18.25 43.87 42.41
N LEU B 348 17.50 44.83 41.86
CA LEU B 348 17.32 44.96 40.39
C LEU B 348 18.41 45.83 39.77
N GLU B 349 19.64 45.31 39.80
CA GLU B 349 20.84 46.05 39.42
C GLU B 349 20.88 46.56 37.97
N ASN B 350 20.18 45.89 37.07
CA ASN B 350 20.27 46.19 35.64
C ASN B 350 19.04 46.90 35.07
N LEU B 351 18.17 47.39 35.96
CA LEU B 351 16.92 48.06 35.55
C LEU B 351 17.21 49.29 34.69
N GLN B 352 16.48 49.45 33.60
CA GLN B 352 16.66 50.58 32.68
C GLN B 352 15.41 51.44 32.56
N LYS B 353 14.23 50.80 32.64
CA LYS B 353 12.96 51.52 32.57
C LYS B 353 12.16 51.22 33.84
N LEU B 354 11.62 52.28 34.44
CA LEU B 354 10.74 52.13 35.61
C LEU B 354 9.55 53.10 35.51
N ASP B 355 8.35 52.56 35.33
CA ASP B 355 7.15 53.39 35.23
C ASP B 355 6.29 53.22 36.49
N LEU B 356 6.21 54.28 37.28
CA LEU B 356 5.42 54.26 38.50
C LEU B 356 4.27 55.26 38.43
N SER B 357 3.80 55.53 37.22
CA SER B 357 2.82 56.60 37.03
C SER B 357 1.41 56.21 37.48
N HIS B 358 0.61 57.22 37.84
CA HIS B 358 -0.79 56.99 38.19
C HIS B 358 -1.03 56.00 39.34
N SER B 359 -0.03 55.79 40.16
CA SER B 359 -0.10 54.77 41.19
C SER B 359 -0.29 55.38 42.57
N ASP B 360 -0.84 56.60 42.59
CA ASP B 360 -1.24 57.23 43.83
C ASP B 360 -0.09 57.17 44.85
N ILE B 361 1.10 57.53 44.39
CA ILE B 361 2.31 57.53 45.22
C ILE B 361 2.47 58.91 45.85
N GLU B 362 2.62 58.98 47.17
CA GLU B 362 2.89 60.26 47.86
C GLU B 362 4.21 60.12 48.64
N ALA B 363 5.32 60.58 48.07
CA ALA B 363 6.66 60.30 48.64
C ALA B 363 7.20 61.38 49.59
N SER B 364 8.05 60.93 50.51
CA SER B 364 8.53 61.71 51.66
C SER B 364 9.83 62.45 51.36
N ASP B 365 10.98 61.90 51.74
CA ASP B 365 12.27 62.52 51.40
C ASP B 365 12.82 61.72 50.22
N CYS B 366 12.35 62.05 49.02
CA CYS B 366 12.52 61.21 47.83
C CYS B 366 13.73 61.66 46.99
N CYS B 367 14.48 60.76 46.34
CA CYS B 367 14.18 59.33 46.19
C CYS B 367 15.37 58.39 46.43
N ASN B 368 16.38 58.88 47.16
CA ASN B 368 17.63 58.14 47.37
C ASN B 368 17.49 56.89 48.24
N LEU B 369 16.48 56.85 49.10
CA LEU B 369 16.21 55.68 49.91
C LEU B 369 15.36 54.70 49.08
N GLN B 370 14.46 55.25 48.29
CA GLN B 370 13.52 54.44 47.51
C GLN B 370 14.23 53.64 46.43
N LEU B 371 15.18 54.27 45.76
CA LEU B 371 15.73 53.77 44.50
C LEU B 371 17.15 53.21 44.60
N LYS B 372 17.61 52.93 45.82
CA LYS B 372 18.95 52.35 46.07
C LYS B 372 19.37 51.33 45.01
N ASN B 373 20.63 51.43 44.61
CA ASN B 373 21.29 50.50 43.70
C ASN B 373 20.84 50.53 42.25
N LEU B 374 19.87 51.35 41.87
CA LEU B 374 19.41 51.34 40.47
C LEU B 374 20.38 52.11 39.57
N ARG B 375 21.67 51.80 39.74
CA ARG B 375 22.78 52.49 39.06
C ARG B 375 22.50 52.67 37.57
N HIS B 376 21.85 51.68 36.93
CA HIS B 376 21.65 51.65 35.47
C HIS B 376 20.31 52.23 34.95
N LEU B 377 19.54 52.90 35.80
CA LEU B 377 18.21 53.35 35.39
C LEU B 377 18.32 54.50 34.39
N GLN B 378 17.58 54.40 33.30
CA GLN B 378 17.59 55.43 32.22
C GLN B 378 16.27 56.20 32.06
N TYR B 379 15.15 55.53 32.36
CA TYR B 379 13.85 56.13 32.23
C TYR B 379 13.10 55.96 33.53
N LEU B 380 12.69 57.07 34.14
CA LEU B 380 11.83 57.05 35.32
C LEU B 380 10.60 57.93 35.11
N ASN B 381 9.43 57.36 35.35
CA ASN B 381 8.18 58.05 35.13
C ASN B 381 7.42 58.02 36.44
N LEU B 382 7.31 59.19 37.07
CA LEU B 382 6.57 59.37 38.32
C LEU B 382 5.38 60.34 38.11
N SER B 383 4.95 60.46 36.87
CA SER B 383 3.89 61.40 36.50
C SER B 383 2.54 61.01 37.09
N TYR B 384 1.67 62.00 37.19
CA TYR B 384 0.31 61.83 37.67
C TYR B 384 0.25 61.16 39.05
N ASN B 385 1.07 61.65 39.97
CA ASN B 385 1.07 61.15 41.35
C ASN B 385 0.77 62.28 42.32
N GLU B 386 0.48 61.90 43.57
CA GLU B 386 0.35 62.87 44.64
C GLU B 386 1.72 63.53 44.89
N PRO B 387 1.74 64.62 45.67
CA PRO B 387 2.95 65.43 45.84
C PRO B 387 4.23 64.68 46.15
N LEU B 388 5.32 65.16 45.56
CA LEU B 388 6.66 64.63 45.81
C LEU B 388 7.51 65.66 46.57
N GLY B 389 8.15 65.19 47.63
CA GLY B 389 9.22 65.93 48.25
C GLY B 389 10.52 65.51 47.61
N LEU B 390 11.12 66.41 46.85
CA LEU B 390 12.43 66.18 46.28
C LEU B 390 13.43 66.96 47.10
N GLU B 391 14.19 66.26 47.95
CA GLU B 391 15.27 66.86 48.75
C GLU B 391 16.41 67.45 47.87
N ASP B 392 17.51 67.87 48.49
CA ASP B 392 18.69 68.28 47.69
C ASP B 392 19.28 67.02 47.11
N GLN B 393 19.68 67.06 45.83
CA GLN B 393 20.20 65.89 45.15
C GLN B 393 19.20 64.70 45.26
N ALA B 394 18.01 64.87 44.71
CA ALA B 394 16.93 63.90 44.84
C ALA B 394 17.25 62.54 44.21
N PHE B 395 18.10 62.53 43.18
CA PHE B 395 18.31 61.34 42.37
C PHE B 395 19.77 60.96 42.25
N LYS B 396 20.52 61.17 43.34
CA LYS B 396 21.95 60.83 43.39
C LYS B 396 22.21 59.32 43.37
N GLU B 397 21.16 58.51 43.34
CA GLU B 397 21.35 57.08 43.32
C GLU B 397 21.11 56.48 41.92
N CYS B 398 20.65 57.32 40.97
CA CYS B 398 20.37 56.92 39.57
C CYS B 398 21.17 57.76 38.57
N PRO B 399 22.51 57.84 38.74
CA PRO B 399 23.34 58.73 37.93
C PRO B 399 23.15 58.61 36.41
N GLN B 400 22.74 57.43 35.95
CA GLN B 400 22.57 57.07 34.52
C GLN B 400 21.27 57.55 33.83
N LEU B 401 20.47 58.30 34.56
CA LEU B 401 19.12 58.68 34.12
C LEU B 401 19.16 59.57 32.88
N GLU B 402 18.23 59.33 31.99
CA GLU B 402 18.27 59.89 30.64
C GLU B 402 16.96 60.65 30.32
N LEU B 403 15.84 60.05 30.71
CA LEU B 403 14.54 60.68 30.57
C LEU B 403 13.79 60.58 31.89
N LEU B 404 13.48 61.72 32.49
CA LEU B 404 12.69 61.78 33.72
C LEU B 404 11.37 62.52 33.49
N ASP B 405 10.25 61.88 33.84
CA ASP B 405 8.92 62.47 33.61
C ASP B 405 8.14 62.50 34.92
N VAL B 406 7.82 63.71 35.40
CA VAL B 406 7.01 63.91 36.63
C VAL B 406 5.78 64.82 36.41
N ALA B 407 5.33 64.89 35.17
CA ALA B 407 4.23 65.76 34.78
C ALA B 407 3.01 65.53 35.65
N PHE B 408 2.38 66.63 36.08
CA PHE B 408 1.15 66.59 36.90
C PHE B 408 1.35 66.01 38.31
N THR B 409 2.61 65.80 38.69
CA THR B 409 2.97 65.48 40.07
C THR B 409 3.55 66.74 40.70
N HIS B 410 2.79 67.36 41.60
CA HIS B 410 3.25 68.55 42.31
C HIS B 410 4.54 68.24 43.05
N LEU B 411 5.59 69.00 42.81
CA LEU B 411 6.86 68.78 43.50
C LEU B 411 6.97 69.68 44.75
N HIS B 412 7.71 69.18 45.75
CA HIS B 412 8.11 69.98 46.91
C HIS B 412 9.63 70.07 47.04
N VAL B 413 10.17 71.09 46.39
CA VAL B 413 11.57 71.45 46.44
C VAL B 413 11.70 72.42 47.62
N LYS B 414 12.92 72.82 47.96
CA LYS B 414 13.13 73.71 49.11
C LYS B 414 14.34 74.62 48.90
N ALA B 415 14.10 75.79 48.33
CA ALA B 415 15.16 76.75 47.99
C ALA B 415 16.35 76.76 48.97
N PRO B 416 17.58 76.65 48.46
CA PRO B 416 17.99 76.58 47.04
C PRO B 416 18.30 75.14 46.53
N HIS B 417 17.53 74.15 46.97
CA HIS B 417 17.88 72.75 46.72
C HIS B 417 17.86 72.47 45.23
N SER B 418 18.71 71.56 44.78
CA SER B 418 18.87 71.26 43.36
C SER B 418 18.61 69.81 43.02
N PRO B 419 17.34 69.39 43.09
CA PRO B 419 16.93 68.00 42.89
C PRO B 419 17.69 67.19 41.85
N PHE B 420 18.08 67.80 40.74
CA PHE B 420 18.59 67.02 39.60
C PHE B 420 20.08 67.08 39.45
N GLN B 421 20.76 67.69 40.41
CA GLN B 421 22.19 68.04 40.28
C GLN B 421 23.05 66.90 39.75
N ASN B 422 22.89 65.73 40.36
CA ASN B 422 23.66 64.53 40.01
C ASN B 422 23.36 63.99 38.61
N LEU B 423 22.14 64.24 38.12
CA LEU B 423 21.68 63.67 36.85
C LEU B 423 22.37 64.31 35.62
N HIS B 424 23.56 63.82 35.29
CA HIS B 424 24.35 64.37 34.18
C HIS B 424 23.96 63.83 32.82
N LEU B 425 23.60 62.55 32.76
CA LEU B 425 23.31 61.96 31.44
C LEU B 425 21.85 62.21 30.98
N LEU B 426 21.11 63.03 31.74
CA LEU B 426 19.72 63.37 31.42
C LEU B 426 19.60 64.32 30.22
N ARG B 427 18.67 64.00 29.30
CA ARG B 427 18.41 64.76 28.07
C ARG B 427 16.94 65.17 27.85
N VAL B 428 16.02 64.64 28.64
CA VAL B 428 14.63 65.01 28.53
C VAL B 428 14.01 65.07 29.92
N LEU B 429 13.48 66.24 30.28
CA LEU B 429 12.85 66.45 31.56
C LEU B 429 11.47 67.10 31.38
N ASN B 430 10.44 66.47 31.92
CA ASN B 430 9.08 67.00 31.83
C ASN B 430 8.59 67.39 33.21
N LEU B 431 8.46 68.69 33.45
CA LEU B 431 7.91 69.20 34.71
C LEU B 431 6.59 69.92 34.48
N SER B 432 5.80 69.45 33.52
CA SER B 432 4.48 70.06 33.20
C SER B 432 3.49 70.01 34.39
N HIS B 433 2.80 71.14 34.60
CA HIS B 433 1.88 71.33 35.74
C HIS B 433 2.40 70.68 37.00
N CYS B 434 3.69 70.89 37.28
CA CYS B 434 4.32 70.40 38.51
C CYS B 434 4.25 71.41 39.64
N LEU B 435 3.81 72.64 39.35
CA LEU B 435 3.63 73.68 40.37
C LEU B 435 4.96 74.12 41.04
N LEU B 436 6.02 74.13 40.26
CA LEU B 436 7.36 74.43 40.75
C LEU B 436 7.48 75.80 41.43
N ASP B 437 8.56 76.02 42.17
CA ASP B 437 8.89 77.36 42.63
C ASP B 437 9.99 77.96 41.73
N THR B 438 9.55 78.57 40.64
CA THR B 438 10.43 79.15 39.64
C THR B 438 11.29 80.30 40.17
N SER B 439 11.06 80.74 41.41
CA SER B 439 12.00 81.65 42.10
C SER B 439 13.35 80.96 42.30
N ASN B 440 13.30 79.76 42.86
CA ASN B 440 14.50 78.99 43.18
C ASN B 440 15.43 78.90 41.98
N GLN B 441 16.44 79.75 42.00
CA GLN B 441 17.37 79.88 40.90
C GLN B 441 18.21 78.63 40.63
N HIS B 442 18.10 77.65 41.52
CA HIS B 442 18.88 76.42 41.43
C HIS B 442 17.99 75.18 41.46
N LEU B 443 16.73 75.32 41.07
CA LEU B 443 15.86 74.15 40.88
C LEU B 443 16.46 73.25 39.76
N LEU B 444 17.12 73.89 38.80
CA LEU B 444 17.67 73.20 37.63
C LEU B 444 19.19 73.05 37.64
N ALA B 445 19.83 73.38 38.77
CA ALA B 445 21.28 73.17 38.90
C ALA B 445 21.69 71.75 38.51
N GLY B 446 22.87 71.61 37.91
CA GLY B 446 23.41 70.29 37.53
C GLY B 446 23.07 69.81 36.14
N LEU B 447 22.12 70.50 35.48
CA LEU B 447 21.56 70.07 34.19
C LEU B 447 21.99 71.01 33.07
N GLN B 448 23.29 71.13 32.88
CA GLN B 448 23.85 72.02 31.87
C GLN B 448 23.51 71.47 30.49
N ASP B 449 23.37 70.15 30.38
CA ASP B 449 23.37 69.50 29.08
C ASP B 449 22.07 68.75 28.72
N LEU B 450 20.99 69.13 29.37
CA LEU B 450 19.66 68.64 29.01
C LEU B 450 19.23 69.25 27.66
N ARG B 451 18.73 68.42 26.73
CA ARG B 451 18.34 68.90 25.39
C ARG B 451 16.84 69.22 25.23
N HIS B 452 16.02 68.90 26.24
CA HIS B 452 14.57 69.00 26.13
C HIS B 452 13.93 69.25 27.51
N LEU B 453 13.36 70.44 27.72
CA LEU B 453 12.69 70.80 28.99
C LEU B 453 11.25 71.25 28.76
N ASN B 454 10.33 70.70 29.56
CA ASN B 454 8.91 71.03 29.49
C ASN B 454 8.46 71.68 30.79
N LEU B 455 8.29 73.00 30.78
CA LEU B 455 7.84 73.77 31.97
C LEU B 455 6.43 74.30 31.77
N GLN B 456 5.65 73.58 30.95
CA GLN B 456 4.27 73.91 30.69
C GLN B 456 3.45 74.01 31.97
N GLY B 457 2.50 74.95 32.00
CA GLY B 457 1.53 75.04 33.11
C GLY B 457 2.02 75.63 34.43
N ASN B 458 3.21 76.25 34.39
CA ASN B 458 3.87 76.80 35.59
C ASN B 458 3.79 78.35 35.61
N SER B 459 4.57 79.01 36.48
CA SER B 459 4.47 80.46 36.66
C SER B 459 5.71 81.14 37.26
N PHE B 460 5.76 82.46 37.13
CA PHE B 460 6.96 83.23 37.42
C PHE B 460 6.68 84.49 38.25
N GLN B 461 7.76 85.15 38.68
CA GLN B 461 7.67 86.42 39.39
C GLN B 461 6.81 87.33 38.54
N ASP B 462 5.69 87.77 39.11
CA ASP B 462 4.82 88.77 38.49
C ASP B 462 4.38 88.40 37.05
N GLY B 463 4.43 87.12 36.73
CA GLY B 463 4.02 86.64 35.42
C GLY B 463 4.99 87.00 34.30
N SER B 464 6.25 87.28 34.65
CA SER B 464 7.26 87.57 33.64
C SER B 464 8.58 86.87 33.95
N ILE B 465 9.37 86.65 32.91
CA ILE B 465 10.73 86.10 33.03
C ILE B 465 11.76 87.21 33.11
N SER B 466 12.53 87.23 34.19
CA SER B 466 13.53 88.27 34.46
C SER B 466 14.84 88.01 33.73
N LYS B 467 15.81 88.90 33.92
CA LYS B 467 17.18 88.70 33.42
C LYS B 467 17.79 87.48 34.13
N THR B 468 18.19 87.65 35.38
CA THR B 468 18.56 86.52 36.23
C THR B 468 17.37 85.54 36.34
N ASN B 469 17.50 84.32 35.82
CA ASN B 469 16.36 83.37 35.76
C ASN B 469 16.72 81.89 36.05
N LEU B 470 15.67 81.06 36.17
CA LEU B 470 15.83 79.60 36.28
C LEU B 470 16.72 79.04 35.17
N LEU B 471 16.36 79.37 33.94
CA LEU B 471 16.87 78.71 32.75
C LEU B 471 18.38 78.80 32.63
N GLN B 472 18.98 79.84 33.19
CA GLN B 472 20.43 80.00 33.09
C GLN B 472 21.27 78.81 33.63
N MET B 473 20.62 77.83 34.26
CA MET B 473 21.28 76.56 34.61
C MET B 473 21.26 75.54 33.46
N VAL B 474 20.48 75.82 32.41
CA VAL B 474 20.39 74.93 31.26
C VAL B 474 20.58 75.69 29.93
N GLY B 475 21.82 75.88 29.51
CA GLY B 475 22.10 76.54 28.22
C GLY B 475 21.83 75.63 27.03
N SER B 476 22.23 74.37 27.17
CA SER B 476 22.32 73.46 26.04
C SER B 476 20.98 72.99 25.46
N LEU B 477 19.86 73.28 26.13
CA LEU B 477 18.50 72.94 25.63
C LEU B 477 18.27 73.19 24.14
N GLU B 478 17.64 72.25 23.43
CA GLU B 478 17.12 72.49 22.06
C GLU B 478 15.60 72.71 22.04
N ILE B 479 14.90 72.05 22.95
CA ILE B 479 13.47 72.22 23.08
C ILE B 479 13.13 72.91 24.41
N LEU B 480 12.36 73.99 24.33
CA LEU B 480 11.88 74.68 25.51
C LEU B 480 10.37 74.94 25.39
N ILE B 481 9.60 74.42 26.32
CA ILE B 481 8.15 74.62 26.32
C ILE B 481 7.73 75.47 27.51
N LEU B 482 7.21 76.66 27.20
CA LEU B 482 6.77 77.64 28.19
C LEU B 482 5.30 78.04 27.97
N SER B 483 4.47 77.09 27.53
CA SER B 483 3.08 77.39 27.21
C SER B 483 2.20 77.37 28.46
N SER B 484 1.02 78.00 28.34
CA SER B 484 0.00 78.10 29.41
C SER B 484 0.55 78.49 30.77
N CYS B 485 1.50 79.44 30.75
CA CYS B 485 2.23 79.88 31.95
C CYS B 485 1.87 81.30 32.46
N ASN B 486 0.84 81.93 31.90
CA ASN B 486 0.42 83.30 32.32
C ASN B 486 1.52 84.35 32.20
N LEU B 487 2.28 84.24 31.11
CA LEU B 487 3.38 85.17 30.86
C LEU B 487 2.82 86.48 30.32
N LEU B 488 3.38 87.59 30.75
CA LEU B 488 3.04 88.89 30.18
C LEU B 488 4.21 89.42 29.34
N SER B 489 5.43 89.30 29.90
CA SER B 489 6.63 89.78 29.26
C SER B 489 7.82 88.88 29.51
N ILE B 490 8.56 88.56 28.45
CA ILE B 490 9.90 88.03 28.61
C ILE B 490 10.75 89.28 28.65
N ASP B 491 11.81 89.27 29.44
CA ASP B 491 12.81 90.33 29.37
C ASP B 491 13.61 90.10 28.10
N GLN B 492 14.11 91.19 27.51
CA GLN B 492 14.93 91.11 26.30
C GLN B 492 16.07 90.11 26.53
N GLN B 493 16.81 90.29 27.63
CA GLN B 493 17.95 89.45 27.97
C GLN B 493 17.59 88.14 28.72
N ALA B 494 16.32 87.73 28.67
CA ALA B 494 15.88 86.56 29.41
C ALA B 494 16.60 85.30 28.93
N PHE B 495 16.58 85.06 27.61
CA PHE B 495 17.07 83.81 27.02
C PHE B 495 18.51 83.86 26.52
N HIS B 496 19.20 84.98 26.75
CA HIS B 496 20.60 85.09 26.36
C HIS B 496 21.43 84.14 27.26
N GLY B 497 21.77 82.97 26.73
CA GLY B 497 22.32 81.87 27.54
C GLY B 497 21.91 80.56 26.91
N LEU B 498 20.71 80.57 26.32
CA LEU B 498 20.20 79.47 25.49
C LEU B 498 20.89 79.53 24.12
N ARG B 499 22.03 78.85 24.02
CA ARG B 499 22.80 78.78 22.78
C ARG B 499 22.14 77.93 21.67
N ASN B 500 21.35 76.92 22.04
CA ASN B 500 20.92 75.87 21.09
C ASN B 500 19.42 75.68 20.78
N VAL B 501 18.60 76.69 21.02
CA VAL B 501 17.14 76.51 20.99
C VAL B 501 16.56 76.38 19.57
N ASN B 502 16.13 75.16 19.23
CA ASN B 502 15.48 74.84 17.94
C ASN B 502 13.97 75.00 17.99
N HIS B 503 13.41 74.83 19.17
CA HIS B 503 11.98 74.63 19.32
C HIS B 503 11.54 75.45 20.53
N LEU B 504 10.75 76.50 20.29
CA LEU B 504 10.34 77.40 21.36
C LEU B 504 8.82 77.57 21.34
N ASP B 505 8.17 77.14 22.42
CA ASP B 505 6.71 77.15 22.51
C ASP B 505 6.32 78.14 23.58
N LEU B 506 5.84 79.30 23.13
CA LEU B 506 5.33 80.33 24.03
C LEU B 506 3.81 80.48 23.90
N SER B 507 3.17 79.46 23.32
CA SER B 507 1.73 79.51 23.07
C SER B 507 0.89 79.52 24.36
N HIS B 508 -0.34 80.01 24.24
CA HIS B 508 -1.27 80.11 25.38
C HIS B 508 -0.72 80.91 26.55
N ASN B 509 -0.03 82.00 26.22
CA ASN B 509 0.45 82.94 27.21
C ASN B 509 -0.22 84.28 26.93
N SER B 510 0.23 85.35 27.57
CA SER B 510 -0.29 86.69 27.29
C SER B 510 0.85 87.61 26.86
N LEU B 511 1.64 87.13 25.89
CA LEU B 511 2.78 87.89 25.37
C LEU B 511 2.29 88.98 24.42
N THR B 512 3.15 89.97 24.18
CA THR B 512 2.83 91.09 23.31
C THR B 512 3.95 91.23 22.31
N GLY B 513 3.78 92.16 21.38
CA GLY B 513 4.83 92.44 20.40
C GLY B 513 6.19 92.67 21.04
N ASP B 514 6.21 93.30 22.21
CA ASP B 514 7.45 93.68 22.89
C ASP B 514 8.26 92.50 23.41
N SER B 515 7.65 91.32 23.49
CA SER B 515 8.31 90.09 23.96
C SER B 515 9.15 89.41 22.88
N MET B 516 8.94 89.76 21.63
CA MET B 516 9.74 89.20 20.55
C MET B 516 11.19 89.69 20.58
N ASP B 517 11.44 90.77 21.32
CA ASP B 517 12.81 91.25 21.54
C ASP B 517 13.70 90.16 22.12
N ALA B 518 13.17 89.42 23.08
CA ALA B 518 13.91 88.32 23.72
C ALA B 518 14.37 87.23 22.73
N LEU B 519 13.84 87.22 21.51
CA LEU B 519 14.21 86.24 20.49
C LEU B 519 15.24 86.73 19.46
N SER B 520 15.59 88.02 19.50
CA SER B 520 16.46 88.61 18.46
C SER B 520 17.78 87.87 18.19
N HIS B 521 18.40 87.31 19.24
CA HIS B 521 19.72 86.65 19.14
C HIS B 521 19.65 85.19 18.62
N LEU B 522 18.47 84.73 18.26
CA LEU B 522 18.27 83.33 17.85
C LEU B 522 17.95 83.22 16.36
N LYS B 523 18.27 82.08 15.77
CA LYS B 523 18.06 81.86 14.35
C LYS B 523 17.41 80.51 14.07
N GLY B 524 16.58 80.48 13.03
CA GLY B 524 16.02 79.25 12.48
C GLY B 524 15.26 78.35 13.44
N LEU B 525 14.61 78.91 14.44
CA LEU B 525 13.80 78.05 15.31
C LEU B 525 12.39 77.83 14.77
N TYR B 526 11.72 76.82 15.33
CA TYR B 526 10.26 76.71 15.26
C TYR B 526 9.74 77.57 16.40
N LEU B 527 9.08 78.68 16.07
CA LEU B 527 8.58 79.63 17.08
C LEU B 527 7.05 79.60 17.10
N ASN B 528 6.48 79.07 18.18
CA ASN B 528 5.03 79.08 18.33
C ASN B 528 4.54 80.14 19.33
N MET B 529 3.92 81.19 18.79
CA MET B 529 3.39 82.29 19.58
C MET B 529 1.85 82.34 19.50
N ALA B 530 1.25 81.20 19.17
CA ALA B 530 -0.19 81.10 19.00
C ALA B 530 -0.92 81.47 20.30
N SER B 531 -2.13 81.99 20.18
CA SER B 531 -3.00 82.27 21.34
C SER B 531 -2.33 83.13 22.39
N ASN B 532 -1.90 84.33 21.97
CA ASN B 532 -1.29 85.32 22.85
C ASN B 532 -2.09 86.63 22.77
N ASN B 533 -1.49 87.75 23.18
CA ASN B 533 -2.11 89.07 23.08
C ASN B 533 -1.26 89.98 22.18
N ILE B 534 -0.74 89.42 21.10
CA ILE B 534 0.03 90.21 20.13
C ILE B 534 -0.93 90.99 19.23
N ARG B 535 -0.72 92.30 19.15
CA ARG B 535 -1.53 93.18 18.30
C ARG B 535 -0.64 93.83 17.23
N ILE B 536 0.10 94.88 17.59
CA ILE B 536 1.07 95.46 16.69
C ILE B 536 2.43 94.80 16.90
N ILE B 537 3.09 94.45 15.80
CA ILE B 537 4.45 93.94 15.86
C ILE B 537 5.41 95.05 15.44
N PRO B 538 6.10 95.67 16.40
CA PRO B 538 6.96 96.79 16.03
C PRO B 538 7.96 96.37 14.95
N PRO B 539 8.19 97.23 13.94
CA PRO B 539 9.03 96.85 12.81
C PRO B 539 10.50 96.61 13.15
N HIS B 540 11.06 97.35 14.12
CA HIS B 540 12.48 97.19 14.46
C HIS B 540 12.83 95.75 14.88
N LEU B 541 11.86 95.04 15.46
CA LEU B 541 12.07 93.66 15.87
C LEU B 541 11.34 92.67 14.97
N LEU B 542 10.96 93.13 13.79
CA LEU B 542 10.46 92.27 12.72
C LEU B 542 11.52 91.30 12.19
N PRO B 543 12.80 91.72 12.11
CA PRO B 543 13.82 90.74 11.68
C PRO B 543 14.03 89.56 12.64
N ALA B 544 13.58 89.70 13.88
CA ALA B 544 13.61 88.59 14.83
C ALA B 544 12.72 87.47 14.34
N LEU B 545 11.58 87.81 13.75
CA LEU B 545 10.69 86.80 13.16
C LEU B 545 11.26 86.20 11.87
N SER B 546 11.82 87.05 11.02
CA SER B 546 12.37 86.64 9.73
C SER B 546 13.61 85.75 9.88
N GLN B 547 14.30 85.84 11.01
CA GLN B 547 15.45 84.97 11.28
C GLN B 547 15.08 83.50 11.53
N GLN B 548 13.79 83.17 11.63
CA GLN B 548 13.37 81.82 12.05
C GLN B 548 12.88 80.98 10.86
N SER B 549 12.56 79.72 11.11
CA SER B 549 12.22 78.75 10.05
C SER B 549 10.70 78.59 9.89
N ILE B 550 10.05 78.33 11.01
CA ILE B 550 8.59 78.24 11.05
C ILE B 550 8.07 79.15 12.18
N ILE B 551 7.04 79.93 11.88
CA ILE B 551 6.39 80.77 12.89
C ILE B 551 4.89 80.44 12.96
N ASN B 552 4.33 80.48 14.17
CA ASN B 552 2.88 80.38 14.36
C ASN B 552 2.36 81.58 15.17
N LEU B 553 1.66 82.49 14.51
CA LEU B 553 1.07 83.68 15.15
C LEU B 553 -0.48 83.60 15.19
N SER B 554 -1.02 82.38 15.03
CA SER B 554 -2.47 82.18 14.98
C SER B 554 -3.16 82.51 16.30
N HIS B 555 -4.45 82.80 16.21
CA HIS B 555 -5.26 83.17 17.37
C HIS B 555 -4.69 84.32 18.20
N ASN B 556 -4.21 85.36 17.51
CA ASN B 556 -3.80 86.59 18.18
C ASN B 556 -4.67 87.73 17.69
N PRO B 557 -4.98 88.70 18.57
CA PRO B 557 -5.76 89.85 18.15
C PRO B 557 -4.92 90.81 17.29
N LEU B 558 -4.42 90.28 16.16
CA LEU B 558 -3.46 90.99 15.34
C LEU B 558 -4.08 92.30 14.81
N ASP B 559 -3.27 93.35 14.70
CA ASP B 559 -3.75 94.67 14.25
C ASP B 559 -3.67 94.82 12.73
N CYS B 560 -4.75 95.30 12.12
CA CYS B 560 -4.79 95.52 10.66
C CYS B 560 -5.11 96.96 10.31
N THR B 561 -4.44 97.88 10.99
CA THR B 561 -4.45 99.29 10.62
C THR B 561 -3.11 99.56 9.96
N CYS B 562 -2.87 100.80 9.54
CA CYS B 562 -1.59 101.17 8.92
C CYS B 562 -0.42 101.12 9.92
N SER B 563 -0.72 101.21 11.21
CA SER B 563 0.30 101.10 12.27
C SER B 563 1.00 99.73 12.28
N ASN B 564 0.38 98.72 11.66
CA ASN B 564 0.99 97.39 11.54
C ASN B 564 1.31 97.05 10.09
N ILE B 565 1.54 98.07 9.26
CA ILE B 565 1.76 97.87 7.82
C ILE B 565 3.02 97.05 7.54
N HIS B 566 4.12 97.34 8.24
CA HIS B 566 5.37 96.63 8.03
C HIS B 566 5.20 95.12 8.29
N PHE B 567 4.51 94.76 9.37
CA PHE B 567 4.24 93.35 9.70
C PHE B 567 3.37 92.66 8.66
N ILE B 568 2.43 93.40 8.06
CA ILE B 568 1.49 92.81 7.11
C ILE B 568 2.18 92.46 5.79
N THR B 569 3.06 93.34 5.31
CA THR B 569 3.83 93.04 4.09
C THR B 569 4.84 91.91 4.35
N TRP B 570 5.47 91.93 5.52
CA TRP B 570 6.31 90.79 5.95
C TRP B 570 5.56 89.46 5.89
N TYR B 571 4.35 89.43 6.43
CA TYR B 571 3.57 88.20 6.55
C TYR B 571 3.20 87.63 5.18
N LYS B 572 2.81 88.51 4.26
CA LYS B 572 2.43 88.09 2.90
C LYS B 572 3.67 87.53 2.21
N GLU B 573 4.75 88.31 2.21
CA GLU B 573 6.05 87.89 1.69
C GLU B 573 6.47 86.49 2.18
N ASN B 574 6.36 86.22 3.48
CA ASN B 574 6.86 84.96 4.05
C ASN B 574 5.75 83.91 4.38
N LEU B 575 4.63 83.97 3.66
CA LEU B 575 3.48 83.07 3.92
C LEU B 575 3.88 81.59 4.09
N HIS B 576 4.84 81.15 3.27
CA HIS B 576 5.29 79.75 3.28
C HIS B 576 5.86 79.31 4.63
N LYS B 577 6.62 80.20 5.27
CA LYS B 577 7.22 79.96 6.59
C LYS B 577 6.19 79.94 7.74
N LEU B 578 4.95 80.34 7.49
CA LEU B 578 3.99 80.58 8.57
C LEU B 578 3.02 79.42 8.78
N GLU B 579 3.11 78.80 9.95
CA GLU B 579 2.23 77.69 10.36
C GLU B 579 0.87 78.17 10.87
N ASP B 580 -0.17 77.38 10.60
CA ASP B 580 -1.56 77.67 11.00
C ASP B 580 -2.05 79.04 10.48
N SER B 581 -1.66 79.34 9.24
CA SER B 581 -2.03 80.57 8.54
C SER B 581 -3.54 80.83 8.51
N GLU B 582 -4.32 79.78 8.16
CA GLU B 582 -5.79 79.88 8.04
C GLU B 582 -6.46 80.50 9.29
N GLU B 583 -5.95 80.19 10.48
CA GLU B 583 -6.51 80.72 11.73
C GLU B 583 -5.76 81.98 12.26
N THR B 584 -5.09 82.73 11.39
CA THR B 584 -4.38 83.95 11.80
C THR B 584 -5.08 85.18 11.19
N THR B 585 -5.83 85.90 12.02
CA THR B 585 -6.83 86.85 11.53
C THR B 585 -6.90 88.14 12.33
N CYS B 586 -7.37 89.22 11.69
CA CYS B 586 -7.39 90.56 12.31
C CYS B 586 -8.39 90.69 13.45
N ALA B 587 -8.08 91.52 14.43
CA ALA B 587 -9.02 91.95 15.46
C ALA B 587 -9.53 93.33 15.09
N ASN B 588 -8.60 94.28 14.91
CA ASN B 588 -8.92 95.66 14.50
C ASN B 588 -8.61 95.85 13.01
N PRO B 589 -9.30 96.80 12.34
CA PRO B 589 -10.51 97.49 12.76
C PRO B 589 -11.74 96.57 12.58
N PRO B 590 -12.91 97.01 13.05
CA PRO B 590 -14.14 96.23 12.92
C PRO B 590 -14.41 95.74 11.51
N SER B 591 -14.22 96.60 10.51
CA SER B 591 -14.43 96.22 9.11
C SER B 591 -13.64 94.97 8.69
N LEU B 592 -12.43 94.82 9.21
CA LEU B 592 -11.56 93.70 8.84
C LEU B 592 -11.55 92.60 9.89
N ARG B 593 -12.35 92.72 10.96
CA ARG B 593 -12.38 91.70 12.02
C ARG B 593 -12.71 90.33 11.44
N GLY B 594 -11.84 89.34 11.67
CA GLY B 594 -12.04 87.98 11.14
C GLY B 594 -11.32 87.68 9.83
N VAL B 595 -11.02 88.74 9.06
CA VAL B 595 -10.25 88.62 7.81
C VAL B 595 -8.88 88.00 8.06
N LYS B 596 -8.57 86.93 7.32
CA LYS B 596 -7.22 86.32 7.32
C LYS B 596 -6.14 87.34 6.96
N PRO C 5 -6.24 -72.04 28.18
CA PRO C 5 -5.93 -70.79 27.48
C PRO C 5 -5.26 -71.05 26.11
N LYS C 6 -6.07 -71.18 25.06
CA LYS C 6 -5.56 -71.47 23.71
C LYS C 6 -6.30 -70.69 22.64
N CYS C 7 -5.56 -70.19 21.65
CA CYS C 7 -6.13 -69.46 20.52
C CYS C 7 -6.84 -70.47 19.61
N THR C 8 -7.54 -69.99 18.58
CA THR C 8 -8.30 -70.84 17.67
C THR C 8 -7.82 -70.68 16.22
N GLU C 9 -7.46 -71.78 15.55
CA GLU C 9 -6.99 -71.73 14.16
C GLU C 9 -8.18 -71.59 13.23
N LYS C 10 -8.63 -70.35 13.00
CA LYS C 10 -9.78 -70.07 12.14
C LYS C 10 -9.53 -70.35 10.64
N GLU C 11 -8.27 -70.38 10.22
CA GLU C 11 -7.92 -70.84 8.86
C GLU C 11 -6.47 -71.35 8.83
N GLY C 12 -6.23 -72.37 8.02
CA GLY C 12 -4.99 -73.13 8.05
C GLY C 12 -3.75 -72.26 8.10
N ASN C 13 -3.15 -72.18 9.28
CA ASN C 13 -1.86 -71.49 9.47
C ASN C 13 -1.87 -69.98 9.15
N ARG C 14 -3.03 -69.41 8.77
CA ARG C 14 -3.10 -68.01 8.31
C ARG C 14 -4.00 -67.06 9.13
N THR C 15 -5.07 -67.57 9.74
CA THR C 15 -5.94 -66.73 10.60
C THR C 15 -6.15 -67.33 11.98
N TYR C 16 -5.94 -66.55 13.02
CA TYR C 16 -6.17 -67.00 14.40
C TYR C 16 -6.97 -66.01 15.25
N ASN C 17 -7.74 -66.58 16.19
CA ASN C 17 -8.54 -65.79 17.10
C ASN C 17 -8.07 -66.02 18.52
N CYS C 18 -7.69 -64.95 19.21
CA CYS C 18 -7.18 -65.03 20.59
C CYS C 18 -7.97 -64.11 21.54
N GLU C 19 -9.23 -63.91 21.22
CA GLU C 19 -10.03 -62.93 21.94
C GLU C 19 -10.36 -63.34 23.38
N ASN C 20 -10.51 -62.35 24.24
CA ASN C 20 -10.90 -62.55 25.64
C ASN C 20 -10.00 -63.49 26.43
N LEU C 21 -8.76 -63.74 25.99
CA LEU C 21 -7.89 -64.67 26.72
C LEU C 21 -6.98 -64.02 27.77
N GLY C 22 -7.05 -62.70 27.90
CA GLY C 22 -6.19 -62.00 28.87
C GLY C 22 -4.68 -62.26 28.72
N LEU C 23 -4.23 -62.48 27.49
CA LEU C 23 -2.82 -62.68 27.22
C LEU C 23 -2.04 -61.38 27.41
N ARG C 24 -0.82 -61.47 27.94
CA ARG C 24 0.07 -60.31 28.10
C ARG C 24 1.14 -60.25 27.03
N GLU C 25 1.10 -61.20 26.09
CA GLU C 25 2.11 -61.31 25.06
C GLU C 25 1.63 -62.21 23.92
N ILE C 26 2.34 -62.18 22.79
CA ILE C 26 1.97 -63.04 21.67
C ILE C 26 2.47 -64.45 21.96
N PRO C 27 1.61 -65.47 21.81
CA PRO C 27 2.08 -66.81 22.12
C PRO C 27 3.12 -67.35 21.16
N ASP C 28 4.06 -68.13 21.69
CA ASP C 28 5.03 -68.87 20.85
C ASP C 28 4.28 -69.85 19.94
N THR C 29 3.14 -70.35 20.39
CA THR C 29 2.25 -71.14 19.55
C THR C 29 1.98 -70.50 18.18
N LEU C 30 1.63 -69.22 18.15
CA LEU C 30 1.30 -68.58 16.87
C LEU C 30 2.50 -68.62 15.90
N PRO C 31 2.26 -69.10 14.66
CA PRO C 31 3.32 -69.28 13.68
C PRO C 31 3.71 -68.05 12.85
N ASN C 32 4.94 -68.05 12.34
CA ASN C 32 5.44 -67.15 11.29
C ASN C 32 4.41 -66.78 10.22
N THR C 33 3.60 -67.76 9.80
CA THR C 33 2.68 -67.59 8.67
C THR C 33 1.37 -66.83 8.98
N THR C 34 1.23 -66.28 10.18
CA THR C 34 -0.01 -65.63 10.58
C THR C 34 -0.20 -64.30 9.85
N GLU C 35 -1.39 -64.12 9.31
CA GLU C 35 -1.73 -62.93 8.52
C GLU C 35 -2.94 -62.18 9.07
N VAL C 36 -3.86 -62.88 9.75
CA VAL C 36 -4.99 -62.23 10.43
C VAL C 36 -5.03 -62.62 11.91
N LEU C 37 -4.84 -61.65 12.80
CA LEU C 37 -4.84 -61.89 14.24
C LEU C 37 -5.88 -61.04 14.93
N GLU C 38 -6.90 -61.70 15.48
CA GLU C 38 -7.93 -61.04 16.26
C GLU C 38 -7.51 -61.15 17.70
N PHE C 39 -7.06 -60.03 18.27
CA PHE C 39 -6.44 -60.03 19.59
C PHE C 39 -7.23 -59.19 20.64
N SER C 40 -8.51 -59.00 20.41
CA SER C 40 -9.33 -58.17 21.30
C SER C 40 -9.33 -58.67 22.72
N PHE C 41 -9.48 -57.75 23.64
CA PHE C 41 -9.68 -58.10 25.04
C PHE C 41 -8.54 -58.94 25.61
N ASN C 42 -7.32 -58.49 25.34
CA ASN C 42 -6.14 -59.01 26.01
C ASN C 42 -5.48 -57.86 26.77
N PHE C 43 -4.27 -58.04 27.25
CA PHE C 43 -3.68 -57.03 28.13
C PHE C 43 -2.30 -56.58 27.67
N LEU C 44 -2.26 -55.48 26.93
CA LEU C 44 -0.99 -54.95 26.42
C LEU C 44 -0.85 -53.46 26.74
N PRO C 45 -0.69 -53.11 28.03
CA PRO C 45 -0.49 -51.73 28.47
C PRO C 45 0.47 -50.98 27.59
N THR C 46 1.57 -51.61 27.22
CA THR C 46 2.60 -51.00 26.39
C THR C 46 2.77 -51.84 25.17
N ILE C 47 3.07 -51.20 24.05
CA ILE C 47 3.28 -51.88 22.77
C ILE C 47 4.57 -51.36 22.17
N GLN C 48 5.41 -52.27 21.68
CA GLN C 48 6.79 -51.93 21.27
C GLN C 48 7.26 -52.69 20.07
N ASN C 49 8.45 -52.34 19.58
CA ASN C 49 9.14 -53.10 18.51
C ASN C 49 9.18 -54.61 18.78
N THR C 50 9.40 -54.98 20.03
CA THR C 50 9.46 -56.40 20.42
C THR C 50 8.08 -57.09 20.50
N THR C 51 6.97 -56.35 20.64
CA THR C 51 5.65 -56.98 20.90
C THR C 51 5.18 -57.98 19.82
N PHE C 52 5.37 -57.63 18.55
CA PHE C 52 4.83 -58.41 17.41
C PHE C 52 5.92 -58.91 16.42
N SER C 53 7.16 -58.98 16.89
CA SER C 53 8.29 -59.22 15.98
C SER C 53 8.26 -60.63 15.44
N ARG C 54 8.00 -61.61 16.29
CA ARG C 54 7.81 -62.98 15.81
C ARG C 54 6.79 -63.02 14.64
N LEU C 55 5.70 -62.24 14.70
CA LEU C 55 4.65 -62.30 13.65
C LEU C 55 4.86 -61.29 12.50
N ILE C 56 5.93 -61.49 11.74
CA ILE C 56 6.33 -60.55 10.67
C ILE C 56 5.35 -60.37 9.48
N ASN C 57 4.41 -61.30 9.27
CA ASN C 57 3.54 -61.25 8.07
C ASN C 57 2.10 -60.85 8.33
N LEU C 58 1.86 -60.04 9.36
CA LEU C 58 0.50 -59.63 9.63
C LEU C 58 -0.03 -58.71 8.54
N ILE C 59 -1.28 -58.99 8.14
CA ILE C 59 -2.05 -58.14 7.21
C ILE C 59 -3.13 -57.37 7.98
N PHE C 60 -3.78 -58.06 8.92
CA PHE C 60 -4.86 -57.48 9.69
C PHE C 60 -4.62 -57.74 11.18
N LEU C 61 -4.57 -56.68 11.96
CA LEU C 61 -4.29 -56.79 13.40
C LEU C 61 -5.34 -56.02 14.20
N ASP C 62 -6.10 -56.73 15.04
CA ASP C 62 -7.13 -56.10 15.86
C ASP C 62 -6.77 -56.09 17.33
N LEU C 63 -6.45 -54.91 17.86
CA LEU C 63 -6.02 -54.77 19.26
C LEU C 63 -7.11 -54.08 20.11
N THR C 64 -8.37 -54.26 19.73
CA THR C 64 -9.45 -53.59 20.39
C THR C 64 -9.45 -53.93 21.85
N ARG C 65 -9.61 -52.90 22.66
CA ARG C 65 -9.91 -53.04 24.07
C ARG C 65 -8.83 -53.88 24.81
N CYS C 66 -7.58 -53.63 24.45
CA CYS C 66 -6.45 -54.30 25.06
C CYS C 66 -5.73 -53.47 26.12
N GLN C 67 -6.39 -52.41 26.59
CA GLN C 67 -5.83 -51.52 27.62
C GLN C 67 -4.47 -50.91 27.22
N ILE C 68 -4.27 -50.67 25.94
CA ILE C 68 -3.01 -50.10 25.50
C ILE C 68 -2.98 -48.64 25.96
N ASN C 69 -1.89 -48.27 26.61
CA ASN C 69 -1.62 -46.90 27.00
C ASN C 69 -0.57 -46.26 26.11
N TRP C 70 0.43 -47.03 25.70
CA TRP C 70 1.55 -46.48 24.97
C TRP C 70 1.78 -47.30 23.74
N VAL C 71 1.97 -46.61 22.62
CA VAL C 71 2.42 -47.20 21.35
C VAL C 71 3.76 -46.54 21.03
N HIS C 72 4.84 -47.25 21.35
CA HIS C 72 6.19 -46.73 21.26
C HIS C 72 6.79 -46.79 19.88
N GLU C 73 7.84 -46.02 19.69
CA GLU C 73 8.51 -45.85 18.42
C GLU C 73 8.90 -47.17 17.78
N ASP C 74 8.79 -47.22 16.47
CA ASP C 74 9.20 -48.38 15.63
C ASP C 74 8.44 -49.68 15.88
N THR C 75 7.29 -49.57 16.56
CA THR C 75 6.48 -50.76 16.86
C THR C 75 6.25 -51.65 15.64
N PHE C 76 5.97 -51.03 14.49
CA PHE C 76 5.59 -51.79 13.31
C PHE C 76 6.61 -51.73 12.17
N GLN C 77 7.88 -51.41 12.50
CA GLN C 77 8.94 -51.30 11.47
C GLN C 77 9.07 -52.57 10.61
N SER C 78 8.93 -53.75 11.24
CA SER C 78 9.12 -55.04 10.55
C SER C 78 7.82 -55.65 9.98
N HIS C 79 6.82 -54.82 9.71
CA HIS C 79 5.48 -55.32 9.37
C HIS C 79 5.01 -54.73 8.04
N HIS C 80 5.75 -55.04 7.00
CA HIS C 80 5.60 -54.37 5.73
C HIS C 80 4.18 -54.53 5.15
N GLN C 81 3.57 -55.69 5.33
CA GLN C 81 2.28 -55.99 4.70
C GLN C 81 1.06 -55.61 5.56
N LEU C 82 1.25 -54.88 6.66
CA LEU C 82 0.11 -54.45 7.48
C LEU C 82 -0.85 -53.56 6.72
N ASN C 83 -2.10 -53.98 6.66
CA ASN C 83 -3.12 -53.28 5.91
C ASN C 83 -4.10 -52.52 6.79
N THR C 84 -4.50 -53.15 7.91
CA THR C 84 -5.47 -52.61 8.87
C THR C 84 -5.00 -52.77 10.29
N ILE C 85 -5.00 -51.68 11.04
CA ILE C 85 -4.73 -51.68 12.49
C ILE C 85 -5.97 -51.19 13.24
N VAL C 86 -6.48 -51.98 14.17
CA VAL C 86 -7.64 -51.60 14.95
C VAL C 86 -7.26 -51.34 16.40
N LEU C 87 -7.40 -50.09 16.83
CA LEU C 87 -7.04 -49.65 18.19
C LEU C 87 -8.24 -49.17 19.06
N THR C 88 -9.45 -49.42 18.59
CA THR C 88 -10.67 -49.01 19.27
C THR C 88 -10.69 -49.35 20.74
N GLY C 89 -11.10 -48.38 21.56
CA GLY C 89 -11.36 -48.64 22.97
C GLY C 89 -10.11 -48.81 23.83
N ASN C 90 -8.98 -48.26 23.41
CA ASN C 90 -7.80 -48.28 24.25
C ASN C 90 -7.57 -46.87 24.82
N PRO C 91 -7.20 -46.77 26.10
CA PRO C 91 -6.93 -45.50 26.74
C PRO C 91 -5.55 -45.00 26.40
N LEU C 92 -5.37 -44.55 25.16
CA LEU C 92 -4.05 -44.19 24.67
C LEU C 92 -3.59 -42.94 25.34
N ILE C 93 -2.34 -42.93 25.80
CA ILE C 93 -1.74 -41.77 26.44
C ILE C 93 -0.85 -41.05 25.47
N PHE C 94 -0.11 -41.79 24.66
CA PHE C 94 0.82 -41.19 23.72
C PHE C 94 1.24 -42.16 22.61
N MET C 95 1.34 -41.67 21.40
CA MET C 95 1.80 -42.48 20.25
C MET C 95 3.03 -41.82 19.66
N ALA C 96 4.15 -42.53 19.60
CA ALA C 96 5.41 -41.94 19.11
C ALA C 96 5.28 -41.50 17.67
N GLU C 97 6.12 -40.57 17.23
CA GLU C 97 6.04 -40.08 15.83
C GLU C 97 6.08 -41.21 14.81
N THR C 98 6.97 -42.18 15.02
CA THR C 98 7.18 -43.27 14.05
C THR C 98 6.46 -44.56 14.44
N SER C 99 5.56 -44.48 15.43
CA SER C 99 4.87 -45.64 15.99
C SER C 99 4.05 -46.46 14.98
N LEU C 100 3.59 -45.84 13.90
CA LEU C 100 2.88 -46.56 12.84
C LEU C 100 3.67 -46.66 11.55
N THR C 101 4.93 -46.19 11.52
CA THR C 101 5.70 -46.34 10.28
C THR C 101 6.25 -47.77 10.24
N GLY C 102 6.45 -48.27 9.03
CA GLY C 102 6.81 -49.66 8.80
C GLY C 102 6.04 -50.26 7.63
N PRO C 103 4.71 -50.40 7.77
CA PRO C 103 3.91 -50.96 6.69
C PRO C 103 4.00 -50.11 5.44
N LYS C 104 4.08 -50.77 4.29
CA LYS C 104 4.23 -50.06 3.01
C LYS C 104 2.87 -49.50 2.57
N PHE C 105 1.75 -50.12 2.97
CA PHE C 105 0.44 -49.66 2.54
C PHE C 105 -0.62 -49.84 3.61
N LEU C 106 -0.52 -49.03 4.65
CA LEU C 106 -1.50 -49.01 5.72
C LEU C 106 -2.72 -48.25 5.20
N LYS C 107 -3.82 -49.00 5.00
CA LYS C 107 -5.00 -48.45 4.35
C LYS C 107 -6.16 -48.17 5.31
N HIS C 108 -6.12 -48.73 6.51
CA HIS C 108 -7.24 -48.56 7.47
C HIS C 108 -6.83 -48.45 8.94
N LEU C 109 -7.11 -47.31 9.55
CA LEU C 109 -6.76 -47.07 10.95
C LEU C 109 -8.02 -46.78 11.76
N PHE C 110 -8.30 -47.61 12.75
CA PHE C 110 -9.41 -47.36 13.68
C PHE C 110 -8.90 -46.77 14.99
N LEU C 111 -9.25 -45.52 15.24
CA LEU C 111 -8.94 -44.87 16.53
C LEU C 111 -10.22 -44.50 17.33
N THR C 112 -11.26 -45.32 17.16
CA THR C 112 -12.53 -45.12 17.80
C THR C 112 -12.46 -45.18 19.32
N GLN C 113 -13.14 -44.27 19.98
CA GLN C 113 -13.17 -44.23 21.43
C GLN C 113 -11.81 -44.49 22.05
N THR C 114 -10.82 -43.71 21.63
CA THR C 114 -9.50 -43.79 22.22
C THR C 114 -9.15 -42.55 22.99
N GLY C 115 -10.15 -41.70 23.24
CA GLY C 115 -9.99 -40.57 24.13
C GLY C 115 -9.44 -39.35 23.45
N ILE C 116 -9.47 -39.38 22.12
CA ILE C 116 -8.84 -38.33 21.37
C ILE C 116 -9.70 -37.10 21.35
N SER C 117 -9.17 -36.01 21.88
CA SER C 117 -9.85 -34.70 21.78
C SER C 117 -9.07 -33.72 20.91
N ASN C 118 -7.78 -33.96 20.73
CA ASN C 118 -6.96 -33.15 19.85
C ASN C 118 -6.40 -33.98 18.70
N LEU C 119 -6.81 -33.67 17.47
CA LEU C 119 -6.36 -34.42 16.30
C LEU C 119 -4.84 -34.42 16.06
N GLU C 120 -4.12 -33.47 16.68
CA GLU C 120 -2.65 -33.45 16.67
C GLU C 120 -2.07 -34.74 17.28
N PHE C 121 -2.87 -35.43 18.07
CA PHE C 121 -2.48 -36.66 18.73
C PHE C 121 -2.15 -37.78 17.75
N ILE C 122 -2.75 -37.73 16.56
CA ILE C 122 -2.61 -38.81 15.59
C ILE C 122 -1.30 -38.61 14.81
N PRO C 123 -0.42 -39.62 14.80
CA PRO C 123 0.83 -39.48 14.08
C PRO C 123 0.67 -39.53 12.55
N VAL C 124 1.05 -38.45 11.89
CA VAL C 124 0.81 -38.33 10.46
C VAL C 124 1.81 -39.06 9.61
N HIS C 125 2.96 -39.42 10.17
CA HIS C 125 4.13 -39.82 9.36
C HIS C 125 3.82 -40.74 8.15
N ASN C 126 3.00 -41.77 8.39
CA ASN C 126 2.75 -42.82 7.41
C ASN C 126 1.23 -43.01 7.16
N LEU C 127 0.55 -41.92 6.88
CA LEU C 127 -0.88 -41.98 6.67
C LEU C 127 -1.28 -41.61 5.25
N GLU C 128 -0.30 -41.28 4.39
CA GLU C 128 -0.62 -40.83 3.00
C GLU C 128 -1.35 -41.85 2.15
N ASN C 129 -1.30 -43.12 2.54
CA ASN C 129 -2.05 -44.18 1.89
C ASN C 129 -3.35 -44.56 2.63
N LEU C 130 -3.80 -43.76 3.59
CA LEU C 130 -5.09 -44.04 4.25
C LEU C 130 -6.29 -43.89 3.33
N GLU C 131 -7.11 -44.93 3.27
CA GLU C 131 -8.40 -44.85 2.55
C GLU C 131 -9.55 -44.57 3.51
N SER C 132 -9.42 -44.99 4.77
CA SER C 132 -10.46 -44.73 5.76
C SER C 132 -9.86 -44.45 7.14
N LEU C 133 -10.43 -43.44 7.81
CA LEU C 133 -10.01 -43.04 9.15
C LEU C 133 -11.23 -42.97 10.05
N HIS C 134 -11.24 -43.76 11.10
CA HIS C 134 -12.41 -43.86 11.98
C HIS C 134 -12.17 -43.24 13.34
N LEU C 135 -12.81 -42.10 13.59
CA LEU C 135 -12.57 -41.28 14.79
C LEU C 135 -13.83 -41.13 15.67
N GLY C 136 -14.78 -42.06 15.56
CA GLY C 136 -16.05 -41.91 16.23
C GLY C 136 -15.93 -42.09 17.72
N SER C 137 -16.88 -41.49 18.45
CA SER C 137 -17.02 -41.65 19.90
C SER C 137 -15.79 -41.16 20.65
N ASN C 138 -15.13 -40.17 20.10
CA ASN C 138 -13.99 -39.57 20.76
C ASN C 138 -14.52 -38.28 21.37
N HIS C 139 -13.63 -37.40 21.81
CA HIS C 139 -14.02 -36.14 22.45
C HIS C 139 -13.65 -35.00 21.50
N ILE C 140 -14.01 -35.12 20.22
CA ILE C 140 -13.63 -34.14 19.17
C ILE C 140 -14.69 -33.06 18.98
N SER C 141 -14.25 -31.83 18.72
CA SER C 141 -15.21 -30.75 18.49
C SER C 141 -14.97 -29.89 17.23
N SER C 142 -13.93 -30.24 16.47
CA SER C 142 -13.66 -29.56 15.21
C SER C 142 -13.07 -30.51 14.19
N ILE C 143 -13.76 -30.65 13.05
CA ILE C 143 -13.27 -31.54 12.00
C ILE C 143 -12.06 -30.98 11.29
N ASN C 144 -11.66 -29.75 11.65
CA ASN C 144 -10.46 -29.14 11.09
C ASN C 144 -9.22 -29.99 11.34
N LEU C 145 -8.61 -30.50 10.26
CA LEU C 145 -7.44 -31.36 10.38
C LEU C 145 -6.22 -30.51 10.60
N PRO C 146 -5.17 -31.09 11.20
CA PRO C 146 -3.92 -30.35 11.34
C PRO C 146 -3.29 -30.07 10.00
N GLU C 147 -2.53 -28.98 9.90
CA GLU C 147 -1.80 -28.66 8.66
C GLU C 147 -0.78 -29.78 8.35
N ASN C 148 -0.63 -30.08 7.07
CA ASN C 148 0.27 -31.14 6.67
C ASN C 148 -0.24 -32.51 7.14
N PHE C 149 -1.56 -32.69 7.11
CA PHE C 149 -2.20 -33.99 7.39
C PHE C 149 -2.66 -34.50 6.02
N PRO C 150 -2.15 -35.67 5.61
CA PRO C 150 -2.47 -36.21 4.28
C PRO C 150 -3.94 -36.55 4.14
N THR C 151 -4.56 -36.11 3.05
CA THR C 151 -5.97 -36.37 2.81
C THR C 151 -6.28 -36.85 1.39
N GLN C 152 -5.24 -37.00 0.56
CA GLN C 152 -5.38 -37.23 -0.88
C GLN C 152 -6.18 -38.49 -1.17
N ASN C 153 -5.79 -39.62 -0.58
CA ASN C 153 -6.49 -40.88 -0.80
C ASN C 153 -7.62 -41.16 0.15
N LEU C 154 -7.89 -40.21 1.04
CA LEU C 154 -8.92 -40.39 2.04
C LEU C 154 -10.28 -40.46 1.34
N LYS C 155 -10.98 -41.60 1.52
CA LYS C 155 -12.29 -41.81 0.90
C LYS C 155 -13.45 -41.91 1.92
N VAL C 156 -13.16 -42.35 3.14
CA VAL C 156 -14.14 -42.39 4.25
C VAL C 156 -13.55 -41.78 5.50
N LEU C 157 -14.29 -40.88 6.14
CA LEU C 157 -13.81 -40.15 7.34
C LEU C 157 -14.94 -40.09 8.36
N ASP C 158 -14.87 -40.91 9.38
CA ASP C 158 -16.00 -41.09 10.28
C ASP C 158 -15.87 -40.29 11.57
N PHE C 159 -16.77 -39.33 11.79
CA PHE C 159 -16.75 -38.46 12.97
C PHE C 159 -17.94 -38.66 13.96
N GLN C 160 -18.62 -39.79 13.88
CA GLN C 160 -19.80 -40.01 14.67
C GLN C 160 -19.66 -39.76 16.16
N ASN C 161 -20.79 -39.44 16.80
CA ASN C 161 -20.86 -39.32 18.27
C ASN C 161 -19.69 -38.58 18.88
N ASN C 162 -19.48 -37.36 18.44
CA ASN C 162 -18.41 -36.53 18.95
C ASN C 162 -19.10 -35.24 19.41
N ALA C 163 -18.36 -34.16 19.57
CA ALA C 163 -18.92 -32.90 20.06
C ALA C 163 -18.78 -31.77 19.03
N ILE C 164 -19.07 -32.08 17.77
CA ILE C 164 -18.93 -31.10 16.69
C ILE C 164 -20.21 -30.27 16.60
N HIS C 165 -20.14 -28.99 16.88
CA HIS C 165 -21.34 -28.15 16.88
C HIS C 165 -21.35 -27.14 15.73
N TYR C 166 -20.17 -26.78 15.23
CA TYR C 166 -20.07 -25.88 14.07
C TYR C 166 -19.07 -26.37 13.04
N ILE C 167 -19.42 -26.20 11.77
CA ILE C 167 -18.53 -26.50 10.65
C ILE C 167 -18.33 -25.22 9.84
N SER C 168 -17.08 -24.81 9.68
CA SER C 168 -16.76 -23.57 8.96
C SER C 168 -16.15 -23.88 7.61
N ARG C 169 -16.10 -22.86 6.74
CA ARG C 169 -15.38 -22.95 5.47
C ARG C 169 -13.90 -23.28 5.72
N LYS C 170 -13.29 -22.64 6.72
CA LYS C 170 -11.92 -22.95 7.10
C LYS C 170 -11.77 -24.43 7.41
N ASP C 171 -12.67 -24.96 8.25
CA ASP C 171 -12.66 -26.37 8.66
C ASP C 171 -12.65 -27.33 7.45
N THR C 172 -13.59 -27.16 6.54
CA THR C 172 -13.73 -28.08 5.40
C THR C 172 -12.60 -27.95 4.38
N ASN C 173 -12.01 -26.76 4.30
CA ASN C 173 -10.94 -26.47 3.33
C ASN C 173 -9.74 -27.38 3.55
N SER C 174 -9.55 -27.73 4.80
CA SER C 174 -8.59 -28.76 5.23
C SER C 174 -8.60 -30.00 4.34
N LEU C 175 -9.79 -30.41 3.87
CA LEU C 175 -9.96 -31.69 3.16
C LEU C 175 -9.86 -31.55 1.64
N GLU C 176 -9.40 -30.41 1.17
CA GLU C 176 -9.49 -30.07 -0.26
C GLU C 176 -8.77 -31.06 -1.20
N GLN C 177 -7.71 -31.69 -0.69
CA GLN C 177 -6.96 -32.70 -1.43
C GLN C 177 -7.72 -34.01 -1.67
N ALA C 178 -8.83 -34.25 -0.98
CA ALA C 178 -9.57 -35.49 -1.14
C ALA C 178 -10.37 -35.53 -2.44
N THR C 179 -10.77 -36.73 -2.85
CA THR C 179 -11.64 -36.93 -4.01
C THR C 179 -12.64 -38.01 -3.70
N ASN C 180 -13.92 -37.73 -3.97
CA ASN C 180 -15.02 -38.62 -3.58
C ASN C 180 -14.94 -39.05 -2.10
N LEU C 181 -15.01 -38.05 -1.23
CA LEU C 181 -14.90 -38.25 0.21
C LEU C 181 -16.28 -38.35 0.83
N SER C 182 -16.45 -39.25 1.78
CA SER C 182 -17.74 -39.40 2.44
C SER C 182 -17.54 -39.21 3.91
N LEU C 183 -18.40 -38.40 4.54
CA LEU C 183 -18.25 -38.05 5.94
C LEU C 183 -19.49 -38.43 6.74
N ASN C 184 -19.29 -38.95 7.93
CA ASN C 184 -20.39 -39.30 8.81
C ASN C 184 -20.41 -38.44 10.07
N PHE C 185 -21.45 -37.62 10.23
CA PHE C 185 -21.57 -36.75 11.40
C PHE C 185 -22.70 -37.19 12.32
N ASN C 186 -23.22 -38.40 12.09
CA ASN C 186 -24.29 -38.94 12.91
C ASN C 186 -24.01 -38.69 14.40
N GLY C 187 -25.05 -38.25 15.11
CA GLY C 187 -24.96 -38.07 16.54
C GLY C 187 -24.14 -36.88 17.03
N ASN C 188 -23.72 -36.00 16.13
CA ASN C 188 -23.20 -34.69 16.51
C ASN C 188 -24.33 -33.67 16.42
N ASP C 189 -24.47 -32.83 17.44
CA ASP C 189 -25.54 -31.84 17.45
C ASP C 189 -25.07 -30.59 16.68
N ILE C 190 -25.31 -30.57 15.36
CA ILE C 190 -24.79 -29.47 14.53
C ILE C 190 -25.71 -28.25 14.67
N LYS C 191 -25.19 -27.17 15.24
CA LYS C 191 -26.00 -25.94 15.44
C LYS C 191 -25.86 -24.93 14.30
N GLY C 192 -24.77 -25.04 13.53
CA GLY C 192 -24.55 -24.18 12.37
C GLY C 192 -23.51 -24.69 11.40
N ILE C 193 -23.70 -24.36 10.12
CA ILE C 193 -22.70 -24.61 9.08
C ILE C 193 -22.54 -23.32 8.28
N GLU C 194 -21.30 -22.81 8.22
CA GLU C 194 -21.01 -21.63 7.41
C GLU C 194 -21.42 -21.95 5.98
N PRO C 195 -22.24 -21.10 5.36
CA PRO C 195 -22.71 -21.47 4.03
C PRO C 195 -21.58 -21.58 3.00
N GLY C 196 -21.70 -22.56 2.11
CA GLY C 196 -20.72 -22.80 1.08
C GLY C 196 -19.56 -23.68 1.48
N ALA C 197 -19.57 -24.16 2.73
CA ALA C 197 -18.49 -25.04 3.21
C ALA C 197 -18.34 -26.31 2.38
N PHE C 198 -19.41 -26.70 1.68
CA PHE C 198 -19.39 -27.90 0.87
C PHE C 198 -19.55 -27.62 -0.64
N ILE C 199 -19.23 -26.39 -1.07
CA ILE C 199 -19.17 -26.08 -2.50
C ILE C 199 -18.18 -26.97 -3.24
N SER C 200 -17.09 -27.36 -2.56
CA SER C 200 -16.08 -28.22 -3.16
C SER C 200 -16.75 -29.46 -3.74
N LYS C 201 -16.41 -29.81 -4.97
CA LYS C 201 -17.02 -30.97 -5.64
C LYS C 201 -16.53 -32.30 -5.07
N ILE C 202 -15.44 -32.25 -4.30
CA ILE C 202 -14.82 -33.45 -3.73
C ILE C 202 -15.69 -34.26 -2.75
N PHE C 203 -16.84 -33.72 -2.31
CA PHE C 203 -17.71 -34.41 -1.33
C PHE C 203 -18.77 -35.29 -1.99
N GLN C 204 -18.66 -36.60 -1.78
CA GLN C 204 -19.58 -37.56 -2.37
C GLN C 204 -20.84 -37.70 -1.52
N SER C 205 -20.67 -38.01 -0.24
CA SER C 205 -21.80 -38.32 0.63
C SER C 205 -21.64 -37.86 2.09
N LEU C 206 -22.71 -37.32 2.67
CA LEU C 206 -22.70 -36.79 4.05
C LEU C 206 -23.87 -37.36 4.87
N LYS C 207 -23.63 -37.66 6.13
CA LYS C 207 -24.68 -38.14 7.03
C LYS C 207 -24.77 -37.21 8.24
N PHE C 208 -25.98 -36.74 8.53
CA PHE C 208 -26.21 -35.83 9.65
C PHE C 208 -27.26 -36.40 10.57
N GLY C 209 -27.17 -37.69 10.84
CA GLY C 209 -28.20 -38.38 11.59
C GLY C 209 -28.52 -37.76 12.93
N GLY C 210 -29.79 -37.77 13.28
CA GLY C 210 -30.26 -37.30 14.59
C GLY C 210 -30.32 -35.79 14.75
N SER C 211 -29.89 -35.07 13.71
CA SER C 211 -29.75 -33.61 13.76
C SER C 211 -31.11 -32.99 14.05
N LEU C 212 -31.10 -31.96 14.89
CA LEU C 212 -32.35 -31.36 15.34
C LEU C 212 -32.83 -30.17 14.52
N ASN C 213 -32.02 -29.71 13.56
CA ASN C 213 -32.48 -28.56 12.72
C ASN C 213 -32.04 -28.62 11.24
N LEU C 214 -32.89 -29.24 10.43
CA LEU C 214 -32.54 -29.45 9.02
C LEU C 214 -32.47 -28.14 8.22
N PHE C 215 -33.27 -27.16 8.60
CA PHE C 215 -33.18 -25.85 7.97
C PHE C 215 -31.72 -25.38 8.00
N ILE C 216 -31.13 -25.38 9.20
CA ILE C 216 -29.72 -25.01 9.38
C ILE C 216 -28.83 -25.79 8.43
N ILE C 217 -29.03 -27.09 8.36
CA ILE C 217 -28.17 -27.96 7.53
C ILE C 217 -28.27 -27.64 6.04
N PHE C 218 -29.49 -27.59 5.53
CA PHE C 218 -29.68 -27.29 4.13
C PHE C 218 -29.03 -25.95 3.78
N LYS C 219 -29.35 -24.91 4.56
CA LYS C 219 -28.79 -23.59 4.29
C LYS C 219 -27.26 -23.66 4.21
N GLY C 220 -26.65 -24.48 5.04
CA GLY C 220 -25.20 -24.67 5.00
C GLY C 220 -24.70 -25.35 3.73
N LEU C 221 -25.46 -26.32 3.24
CA LEU C 221 -25.06 -27.10 2.07
C LEU C 221 -25.35 -26.39 0.73
N GLN C 222 -25.67 -25.11 0.79
CA GLN C 222 -26.02 -24.34 -0.40
C GLN C 222 -24.95 -24.46 -1.49
N ASN C 223 -25.40 -24.53 -2.74
CA ASN C 223 -24.53 -24.67 -3.92
C ASN C 223 -23.56 -25.86 -3.83
N SER C 224 -24.10 -27.05 -3.51
CA SER C 224 -23.26 -28.24 -3.41
C SER C 224 -23.83 -29.43 -4.19
N THR C 225 -22.93 -30.34 -4.57
CA THR C 225 -23.27 -31.53 -5.33
C THR C 225 -22.94 -32.73 -4.47
N LEU C 226 -23.95 -33.51 -4.14
CA LEU C 226 -23.78 -34.69 -3.30
C LEU C 226 -24.43 -35.88 -3.94
N GLN C 227 -23.81 -37.04 -3.84
CA GLN C 227 -24.46 -38.27 -4.24
C GLN C 227 -25.61 -38.57 -3.28
N SER C 228 -25.33 -38.56 -1.98
CA SER C 228 -26.37 -38.82 -0.97
C SER C 228 -26.21 -38.07 0.33
N LEU C 229 -27.35 -37.85 0.98
CA LEU C 229 -27.46 -37.05 2.18
C LEU C 229 -28.40 -37.77 3.14
N TRP C 230 -27.88 -38.23 4.28
CA TRP C 230 -28.66 -39.00 5.24
C TRP C 230 -29.10 -38.09 6.35
N LEU C 231 -30.39 -37.72 6.37
CA LEU C 231 -30.92 -36.81 7.38
C LEU C 231 -31.97 -37.49 8.25
N GLY C 232 -31.87 -38.80 8.37
CA GLY C 232 -32.78 -39.56 9.20
C GLY C 232 -32.64 -39.25 10.67
N THR C 233 -33.67 -39.55 11.45
CA THR C 233 -33.65 -39.32 12.89
C THR C 233 -33.85 -40.66 13.60
N PHE C 234 -33.85 -40.66 14.92
CA PHE C 234 -34.01 -41.88 15.71
C PHE C 234 -35.11 -41.76 16.76
N GLU C 235 -35.53 -42.90 17.30
CA GLU C 235 -36.56 -42.94 18.33
C GLU C 235 -36.17 -41.99 19.45
N ASP C 236 -34.99 -42.24 20.00
CA ASP C 236 -34.50 -41.49 21.15
C ASP C 236 -34.24 -39.99 20.89
N THR C 237 -34.09 -39.58 19.63
CA THR C 237 -33.75 -38.17 19.37
C THR C 237 -34.94 -37.23 19.65
N ASP C 238 -34.65 -36.04 20.18
CA ASP C 238 -35.71 -35.10 20.63
C ASP C 238 -36.73 -34.76 19.51
N ASP C 239 -37.91 -34.29 19.90
CA ASP C 239 -39.03 -34.13 18.95
C ASP C 239 -38.98 -32.84 18.11
N GLN C 240 -38.92 -32.99 16.79
CA GLN C 240 -39.03 -31.86 15.85
C GLN C 240 -40.23 -32.10 14.90
N TYR C 241 -40.45 -31.19 13.95
CA TYR C 241 -41.54 -31.30 12.98
C TYR C 241 -41.16 -30.68 11.66
N LEU C 242 -41.04 -31.48 10.62
CA LEU C 242 -40.65 -30.97 9.31
C LEU C 242 -41.78 -30.17 8.63
N THR C 243 -41.39 -29.12 7.91
CA THR C 243 -42.32 -28.25 7.16
C THR C 243 -41.83 -28.06 5.74
N SER C 244 -42.73 -27.67 4.85
CA SER C 244 -42.34 -27.17 3.53
C SER C 244 -41.21 -26.14 3.62
N ALA C 245 -41.33 -25.24 4.60
CA ALA C 245 -40.30 -24.26 4.92
C ALA C 245 -38.93 -24.90 5.12
N THR C 246 -38.90 -26.05 5.79
CA THR C 246 -37.66 -26.75 6.11
C THR C 246 -36.80 -27.02 4.87
N PHE C 247 -37.45 -27.32 3.75
CA PHE C 247 -36.73 -27.77 2.57
C PHE C 247 -36.48 -26.66 1.53
N GLU C 248 -36.74 -25.41 1.91
CA GLU C 248 -36.50 -24.29 0.99
C GLU C 248 -35.07 -24.32 0.47
N GLY C 249 -34.11 -24.58 1.37
CA GLY C 249 -32.70 -24.58 1.02
C GLY C 249 -32.30 -25.66 0.03
N LEU C 250 -33.16 -26.64 -0.16
CA LEU C 250 -32.81 -27.81 -0.97
C LEU C 250 -32.68 -27.49 -2.46
N CYS C 251 -33.52 -26.58 -2.96
CA CYS C 251 -33.45 -26.27 -4.39
C CYS C 251 -32.34 -25.24 -4.76
N ASP C 252 -31.46 -24.95 -3.80
CA ASP C 252 -30.18 -24.30 -4.10
C ASP C 252 -29.02 -25.31 -3.96
N MET C 253 -29.31 -26.59 -4.21
CA MET C 253 -28.28 -27.63 -4.17
C MET C 253 -28.73 -28.85 -4.98
N SER C 254 -27.86 -29.84 -5.10
CA SER C 254 -28.16 -31.05 -5.87
C SER C 254 -27.72 -32.30 -5.15
N VAL C 255 -28.68 -33.17 -4.86
CA VAL C 255 -28.42 -34.44 -4.20
C VAL C 255 -29.24 -35.53 -4.89
N GLU C 256 -28.58 -36.64 -5.20
CA GLU C 256 -29.25 -37.74 -5.88
C GLU C 256 -30.14 -38.53 -4.93
N SER C 257 -29.71 -38.66 -3.68
CA SER C 257 -30.35 -39.57 -2.74
C SER C 257 -30.52 -38.94 -1.36
N ILE C 258 -31.77 -38.88 -0.87
CA ILE C 258 -32.07 -38.35 0.46
C ILE C 258 -32.76 -39.39 1.32
N ASN C 259 -32.39 -39.42 2.60
CA ASN C 259 -33.05 -40.27 3.58
C ASN C 259 -33.62 -39.42 4.70
N LEU C 260 -34.91 -39.56 4.97
CA LEU C 260 -35.57 -38.80 6.01
C LEU C 260 -36.30 -39.73 6.97
N GLN C 261 -35.65 -40.84 7.33
CA GLN C 261 -36.31 -41.88 8.13
C GLN C 261 -36.81 -41.35 9.46
N LYS C 262 -37.91 -41.91 9.93
CA LYS C 262 -38.44 -41.66 11.27
C LYS C 262 -38.90 -40.21 11.58
N HIS C 263 -38.98 -39.36 10.57
CA HIS C 263 -39.39 -37.96 10.77
C HIS C 263 -40.90 -37.81 10.78
N ARG C 264 -41.36 -36.65 11.26
CA ARG C 264 -42.79 -36.36 11.31
C ARG C 264 -43.09 -35.12 10.46
N PHE C 265 -43.92 -35.31 9.44
CA PHE C 265 -44.29 -34.21 8.55
C PHE C 265 -45.50 -33.44 9.11
N SER C 266 -45.28 -32.16 9.43
CA SER C 266 -46.28 -31.31 10.09
C SER C 266 -47.53 -31.10 9.26
N ASP C 267 -47.37 -30.58 8.05
CA ASP C 267 -48.52 -30.28 7.20
C ASP C 267 -48.28 -30.73 5.76
N LEU C 268 -48.14 -32.04 5.58
CA LEU C 268 -47.75 -32.60 4.29
C LEU C 268 -48.70 -32.17 3.17
N SER C 269 -48.20 -31.32 2.29
CA SER C 269 -48.89 -30.91 1.07
C SER C 269 -48.01 -31.32 -0.11
N SER C 270 -48.54 -31.22 -1.32
CA SER C 270 -47.73 -31.44 -2.52
C SER C 270 -46.63 -30.38 -2.62
N SER C 271 -46.90 -29.21 -2.04
CA SER C 271 -45.93 -28.12 -1.97
C SER C 271 -44.69 -28.49 -1.15
N THR C 272 -44.83 -29.45 -0.22
CA THR C 272 -43.70 -29.91 0.60
C THR C 272 -42.53 -30.42 -0.24
N PHE C 273 -42.82 -30.98 -1.40
CA PHE C 273 -41.78 -31.52 -2.28
C PHE C 273 -41.40 -30.58 -3.43
N ARG C 274 -41.52 -29.27 -3.22
CA ARG C 274 -41.18 -28.31 -4.26
C ARG C 274 -39.74 -28.50 -4.76
N CYS C 275 -38.80 -28.69 -3.84
CA CYS C 275 -37.37 -28.74 -4.21
C CYS C 275 -36.80 -30.16 -4.39
N PHE C 276 -37.65 -31.17 -4.59
CA PHE C 276 -37.17 -32.54 -4.79
C PHE C 276 -37.09 -32.89 -6.29
N THR C 277 -36.99 -31.89 -7.15
CA THR C 277 -37.12 -32.10 -8.59
C THR C 277 -35.97 -32.87 -9.23
N ARG C 278 -34.77 -32.76 -8.65
CA ARG C 278 -33.61 -33.46 -9.19
C ARG C 278 -33.23 -34.67 -8.33
N VAL C 279 -34.06 -34.99 -7.34
CA VAL C 279 -33.82 -36.15 -6.50
C VAL C 279 -34.16 -37.42 -7.28
N GLN C 280 -33.32 -38.44 -7.13
CA GLN C 280 -33.51 -39.74 -7.81
C GLN C 280 -33.95 -40.86 -6.86
N GLU C 281 -33.60 -40.74 -5.59
CA GLU C 281 -33.97 -41.72 -4.58
C GLU C 281 -34.46 -41.01 -3.33
N LEU C 282 -35.63 -41.41 -2.85
CA LEU C 282 -36.19 -40.83 -1.63
C LEU C 282 -36.59 -41.93 -0.70
N ASP C 283 -36.16 -41.82 0.57
CA ASP C 283 -36.49 -42.79 1.61
C ASP C 283 -37.28 -42.12 2.74
N LEU C 284 -38.53 -42.52 2.88
CA LEU C 284 -39.41 -41.96 3.92
C LEU C 284 -39.81 -43.04 4.90
N THR C 285 -38.86 -43.91 5.24
CA THR C 285 -39.11 -45.04 6.14
C THR C 285 -39.62 -44.63 7.53
N ALA C 286 -40.69 -45.28 7.98
CA ALA C 286 -41.24 -45.04 9.30
C ALA C 286 -41.52 -43.56 9.55
N ALA C 287 -42.00 -42.88 8.51
CA ALA C 287 -42.24 -41.44 8.58
C ALA C 287 -43.65 -41.11 9.03
N HIS C 288 -44.33 -42.08 9.65
CA HIS C 288 -45.72 -41.91 10.14
C HIS C 288 -46.74 -41.57 9.06
N LEU C 289 -46.48 -41.95 7.81
CA LEU C 289 -47.35 -41.61 6.70
C LEU C 289 -48.62 -42.48 6.70
N ASN C 290 -49.78 -41.87 6.47
CA ASN C 290 -51.02 -42.60 6.14
C ASN C 290 -51.34 -42.53 4.63
N GLY C 291 -50.59 -41.69 3.93
CA GLY C 291 -50.71 -41.58 2.49
C GLY C 291 -49.72 -40.56 1.97
N LEU C 292 -49.72 -40.34 0.67
CA LEU C 292 -48.97 -39.24 0.09
C LEU C 292 -49.94 -38.31 -0.59
N PRO C 293 -49.58 -37.02 -0.73
CA PRO C 293 -50.46 -36.08 -1.38
C PRO C 293 -50.57 -36.39 -2.87
N SER C 294 -51.61 -35.89 -3.52
CA SER C 294 -51.78 -36.12 -4.93
C SER C 294 -51.16 -34.98 -5.75
N GLY C 295 -50.73 -35.31 -6.97
CA GLY C 295 -50.17 -34.35 -7.92
C GLY C 295 -48.97 -33.56 -7.43
N ILE C 296 -47.87 -34.24 -7.11
CA ILE C 296 -46.67 -33.57 -6.58
C ILE C 296 -45.94 -32.72 -7.62
N GLU C 297 -45.68 -33.27 -8.81
CA GLU C 297 -44.88 -32.59 -9.86
C GLU C 297 -43.37 -32.49 -9.54
N GLY C 298 -43.03 -32.33 -8.26
CA GLY C 298 -41.64 -32.31 -7.76
C GLY C 298 -41.04 -33.65 -7.31
N MET C 299 -41.57 -34.75 -7.83
CA MET C 299 -40.85 -36.02 -7.83
C MET C 299 -41.06 -36.62 -9.23
N ASN C 300 -40.86 -35.75 -10.24
CA ASN C 300 -41.00 -36.14 -11.63
C ASN C 300 -39.88 -37.06 -12.13
N SER C 301 -38.69 -36.94 -11.54
CA SER C 301 -37.53 -37.74 -11.95
C SER C 301 -37.01 -38.68 -10.86
N LEU C 302 -37.91 -39.11 -9.97
CA LEU C 302 -37.62 -40.17 -8.99
C LEU C 302 -37.47 -41.53 -9.66
N LYS C 303 -36.47 -42.31 -9.26
CA LYS C 303 -36.34 -43.68 -9.73
C LYS C 303 -36.57 -44.69 -8.61
N LYS C 304 -36.28 -44.31 -7.36
CA LYS C 304 -36.38 -45.20 -6.18
C LYS C 304 -37.10 -44.50 -5.03
N LEU C 305 -38.23 -45.07 -4.60
CA LEU C 305 -38.98 -44.56 -3.45
C LEU C 305 -39.14 -45.65 -2.39
N VAL C 306 -38.78 -45.33 -1.14
CA VAL C 306 -38.92 -46.28 -0.04
C VAL C 306 -39.93 -45.75 0.98
N LEU C 307 -41.06 -46.45 1.12
CA LEU C 307 -42.10 -46.07 2.06
C LEU C 307 -42.30 -47.13 3.15
N ASN C 308 -41.24 -47.87 3.46
CA ASN C 308 -41.29 -48.95 4.45
C ASN C 308 -41.74 -48.49 5.83
N ALA C 309 -42.37 -49.39 6.58
CA ALA C 309 -42.70 -49.14 7.99
C ALA C 309 -43.67 -47.98 8.23
N ASN C 310 -44.49 -47.65 7.24
CA ASN C 310 -45.48 -46.58 7.42
C ASN C 310 -46.86 -47.15 7.80
N SER C 311 -47.93 -46.36 7.67
CA SER C 311 -49.29 -46.81 8.07
C SER C 311 -50.36 -46.53 7.02
N PHE C 312 -50.24 -47.16 5.86
CA PHE C 312 -51.20 -47.00 4.78
C PHE C 312 -52.41 -47.92 5.02
N ASP C 313 -53.56 -47.55 4.46
CA ASP C 313 -54.76 -48.38 4.51
C ASP C 313 -55.06 -48.98 3.14
N GLN C 314 -55.05 -48.14 2.11
CA GLN C 314 -55.23 -48.60 0.74
C GLN C 314 -54.00 -48.19 -0.05
N LEU C 315 -53.53 -49.09 -0.91
CA LEU C 315 -52.34 -48.85 -1.73
C LEU C 315 -52.44 -47.56 -2.56
N CYS C 316 -53.64 -47.28 -3.07
CA CYS C 316 -53.87 -46.09 -3.88
C CYS C 316 -53.59 -44.75 -3.17
N GLN C 317 -53.48 -44.77 -1.84
CA GLN C 317 -53.21 -43.55 -1.07
C GLN C 317 -51.79 -43.02 -1.27
N ILE C 318 -50.90 -43.82 -1.87
CA ILE C 318 -49.56 -43.33 -2.18
C ILE C 318 -49.59 -42.39 -3.39
N ASN C 319 -50.72 -42.36 -4.11
CA ASN C 319 -50.89 -41.48 -5.26
C ASN C 319 -49.76 -41.61 -6.25
N ALA C 320 -49.62 -42.82 -6.78
CA ALA C 320 -48.51 -43.19 -7.65
C ALA C 320 -48.38 -42.28 -8.88
N ALA C 321 -49.50 -41.69 -9.31
CA ALA C 321 -49.51 -40.71 -10.42
C ALA C 321 -48.34 -39.73 -10.36
N SER C 322 -47.92 -39.40 -9.13
CA SER C 322 -46.84 -38.44 -8.92
C SER C 322 -45.45 -38.86 -9.42
N PHE C 323 -45.19 -40.16 -9.58
CA PHE C 323 -43.83 -40.62 -9.91
C PHE C 323 -43.81 -41.60 -11.09
N PRO C 324 -44.05 -41.11 -12.32
CA PRO C 324 -44.14 -41.97 -13.49
C PRO C 324 -42.86 -42.71 -13.83
N SER C 325 -41.72 -42.08 -13.60
CA SER C 325 -40.44 -42.64 -14.01
C SER C 325 -39.89 -43.66 -13.02
N LEU C 326 -40.71 -44.07 -12.06
CA LEU C 326 -40.26 -44.89 -10.93
C LEU C 326 -39.83 -46.28 -11.35
N ARG C 327 -38.73 -46.75 -10.76
CA ARG C 327 -38.18 -48.06 -11.09
C ARG C 327 -38.40 -49.03 -9.94
N ASP C 328 -38.05 -48.59 -8.73
CA ASP C 328 -38.10 -49.44 -7.55
C ASP C 328 -39.00 -48.84 -6.48
N LEU C 329 -39.95 -49.61 -5.98
CA LEU C 329 -40.89 -49.15 -4.96
C LEU C 329 -40.95 -50.12 -3.80
N TYR C 330 -40.64 -49.66 -2.59
CA TYR C 330 -40.61 -50.50 -1.40
C TYR C 330 -41.67 -50.08 -0.39
N ILE C 331 -42.59 -50.98 -0.09
CA ILE C 331 -43.58 -50.75 0.94
C ILE C 331 -43.56 -51.97 1.86
N LYS C 332 -42.40 -52.21 2.47
CA LYS C 332 -42.21 -53.34 3.38
C LYS C 332 -42.51 -52.94 4.83
N GLY C 333 -43.21 -53.82 5.54
CA GLY C 333 -43.44 -53.64 6.95
C GLY C 333 -44.52 -52.65 7.30
N ASN C 334 -45.53 -52.51 6.45
CA ASN C 334 -46.67 -51.67 6.78
C ASN C 334 -47.29 -52.10 8.11
N MET C 335 -47.73 -51.11 8.89
CA MET C 335 -48.13 -51.36 10.27
C MET C 335 -49.64 -51.56 10.47
N ARG C 336 -50.37 -51.83 9.39
CA ARG C 336 -51.79 -52.18 9.48
C ARG C 336 -52.26 -52.77 8.16
N LYS C 337 -53.39 -53.48 8.19
CA LYS C 337 -53.90 -54.20 7.02
C LYS C 337 -53.87 -53.34 5.76
N LEU C 338 -52.94 -53.65 4.85
CA LEU C 338 -52.79 -52.89 3.61
C LEU C 338 -53.67 -53.51 2.53
N ASP C 339 -54.63 -52.72 2.05
CA ASP C 339 -55.52 -53.16 0.98
C ASP C 339 -54.92 -52.71 -0.36
N LEU C 340 -54.56 -53.70 -1.18
CA LEU C 340 -53.89 -53.45 -2.47
C LEU C 340 -54.79 -52.75 -3.51
N GLY C 341 -56.10 -52.84 -3.33
CA GLY C 341 -57.05 -52.21 -4.24
C GLY C 341 -57.00 -52.81 -5.64
N THR C 342 -57.22 -51.98 -6.65
CA THR C 342 -57.15 -52.40 -8.07
C THR C 342 -56.65 -51.27 -8.96
N ARG C 343 -55.84 -51.63 -9.96
CA ARG C 343 -55.21 -50.68 -10.87
C ARG C 343 -54.47 -49.53 -10.18
N CYS C 344 -54.02 -49.74 -8.93
CA CYS C 344 -53.45 -48.66 -8.11
C CYS C 344 -52.07 -48.21 -8.58
N LEU C 345 -51.26 -49.15 -9.07
CA LEU C 345 -49.92 -48.83 -9.59
C LEU C 345 -49.94 -48.73 -11.11
N GLU C 346 -51.13 -48.83 -11.71
CA GLU C 346 -51.35 -48.72 -13.15
C GLU C 346 -50.50 -47.66 -13.86
N LYS C 347 -50.26 -46.52 -13.22
CA LYS C 347 -49.51 -45.43 -13.83
C LYS C 347 -47.98 -45.65 -13.83
N LEU C 348 -47.49 -46.61 -13.03
CA LEU C 348 -46.04 -46.88 -12.89
C LEU C 348 -45.51 -47.86 -13.94
N GLU C 349 -45.57 -47.42 -15.20
CA GLU C 349 -45.30 -48.28 -16.36
C GLU C 349 -43.90 -48.91 -16.40
N ASN C 350 -42.92 -48.29 -15.77
CA ASN C 350 -41.54 -48.75 -15.88
C ASN C 350 -41.01 -49.44 -14.62
N LEU C 351 -41.91 -49.78 -13.69
CA LEU C 351 -41.51 -50.39 -12.43
C LEU C 351 -40.77 -51.71 -12.67
N GLN C 352 -39.68 -51.94 -11.93
CA GLN C 352 -38.88 -53.16 -12.05
C GLN C 352 -38.79 -53.94 -10.74
N LYS C 353 -38.77 -53.24 -9.61
CA LYS C 353 -38.73 -53.87 -8.30
C LYS C 353 -39.91 -53.41 -7.45
N LEU C 354 -40.62 -54.36 -6.85
CA LEU C 354 -41.74 -54.05 -5.96
C LEU C 354 -41.68 -54.95 -4.75
N ASP C 355 -41.45 -54.37 -3.58
CA ASP C 355 -41.39 -55.13 -2.33
C ASP C 355 -42.58 -54.79 -1.46
N LEU C 356 -43.47 -55.75 -1.28
CA LEU C 356 -44.66 -55.56 -0.45
C LEU C 356 -44.64 -56.49 0.76
N SER C 357 -43.44 -56.84 1.24
CA SER C 357 -43.34 -57.88 2.26
C SER C 357 -43.70 -57.36 3.65
N HIS C 358 -44.14 -58.25 4.52
CA HIS C 358 -44.42 -57.91 5.92
C HIS C 358 -45.43 -56.80 6.13
N SER C 359 -46.28 -56.56 5.13
CA SER C 359 -47.19 -55.40 5.17
C SER C 359 -48.61 -55.81 5.36
N ASP C 360 -48.76 -57.01 5.86
CA ASP C 360 -50.08 -57.45 6.24
C ASP C 360 -51.07 -57.37 5.05
N ILE C 361 -50.62 -57.84 3.89
CA ILE C 361 -51.42 -57.84 2.66
C ILE C 361 -52.24 -59.13 2.57
N LEU C 377 -41.52 -55.43 -14.75
CA LEU C 377 -41.18 -55.80 -13.38
C LEU C 377 -40.27 -57.03 -13.38
N GLN C 378 -39.16 -56.96 -12.64
CA GLN C 378 -38.19 -58.07 -12.57
C GLN C 378 -38.14 -58.74 -11.19
N TYR C 379 -38.36 -57.97 -10.12
CA TYR C 379 -38.28 -58.48 -8.76
C TYR C 379 -39.59 -58.13 -8.03
N LEU C 380 -40.30 -59.16 -7.57
CA LEU C 380 -41.50 -58.97 -6.73
C LEU C 380 -41.36 -59.77 -5.44
N ASN C 381 -41.56 -59.09 -4.31
CA ASN C 381 -41.40 -59.70 -3.00
C ASN C 381 -42.70 -59.53 -2.23
N LEU C 382 -43.43 -60.62 -2.07
CA LEU C 382 -44.70 -60.61 -1.34
C LEU C 382 -44.58 -61.46 -0.08
N SER C 383 -43.35 -61.69 0.37
CA SER C 383 -43.09 -62.58 1.50
C SER C 383 -43.70 -62.06 2.79
N TYR C 384 -43.86 -62.97 3.76
CA TYR C 384 -44.33 -62.63 5.10
C TYR C 384 -45.64 -61.84 5.07
N ASN C 385 -46.60 -62.32 4.29
CA ASN C 385 -47.92 -61.72 4.24
C ASN C 385 -48.99 -62.73 4.62
N GLU C 386 -50.19 -62.22 4.85
CA GLU C 386 -51.37 -63.07 5.03
C GLU C 386 -51.68 -63.78 3.72
N PRO C 387 -52.54 -64.82 3.76
CA PRO C 387 -52.77 -65.70 2.60
C PRO C 387 -53.04 -65.01 1.25
N LEU C 401 -40.71 -60.94 -15.23
CA LEU C 401 -40.38 -61.25 -13.85
C LEU C 401 -39.23 -62.26 -13.81
N GLU C 402 -38.30 -62.02 -12.90
CA GLU C 402 -37.02 -62.71 -12.88
C GLU C 402 -36.78 -63.40 -11.53
N LEU C 403 -37.10 -62.71 -10.44
CA LEU C 403 -37.03 -63.24 -9.10
C LEU C 403 -38.35 -62.95 -8.37
N LEU C 404 -39.06 -64.02 -7.98
CA LEU C 404 -40.30 -63.89 -7.21
C LEU C 404 -40.12 -64.53 -5.84
N ASP C 405 -40.44 -63.78 -4.78
CA ASP C 405 -40.29 -64.27 -3.41
C ASP C 405 -41.59 -64.14 -2.62
N VAL C 406 -42.17 -65.27 -2.23
CA VAL C 406 -43.41 -65.29 -1.43
C VAL C 406 -43.28 -66.10 -0.13
N ALA C 407 -42.05 -66.25 0.35
CA ALA C 407 -41.76 -67.09 1.52
C ALA C 407 -42.60 -66.69 2.74
N PHE C 408 -43.13 -67.69 3.43
CA PHE C 408 -43.95 -67.51 4.63
C PHE C 408 -45.27 -66.80 4.34
N VAL C 428 -35.45 -67.48 -10.25
CA VAL C 428 -35.39 -67.74 -8.81
C VAL C 428 -36.78 -67.61 -8.21
N LEU C 429 -37.26 -68.70 -7.61
CA LEU C 429 -38.59 -68.73 -6.99
C LEU C 429 -38.45 -69.29 -5.57
N ASN C 430 -38.94 -68.53 -4.58
CA ASN C 430 -38.91 -68.97 -3.19
C ASN C 430 -40.32 -69.18 -2.66
N LEU C 431 -40.70 -70.44 -2.44
CA LEU C 431 -42.01 -70.78 -1.89
C LEU C 431 -41.88 -71.40 -0.49
N SER C 432 -40.85 -71.00 0.27
CA SER C 432 -40.57 -71.56 1.61
C SER C 432 -41.73 -71.38 2.58
N HIS C 452 -33.44 -71.95 -9.86
CA HIS C 452 -33.36 -71.91 -8.41
C HIS C 452 -34.77 -71.98 -7.80
N LEU C 453 -35.10 -73.10 -7.15
CA LEU C 453 -36.39 -73.29 -6.47
C LEU C 453 -36.20 -73.61 -4.97
N ASN C 454 -36.96 -72.93 -4.12
CA ASN C 454 -36.92 -73.16 -2.68
C ASN C 454 -38.28 -73.66 -2.20
N LEU C 455 -38.38 -74.97 -1.93
CA LEU C 455 -39.63 -75.59 -1.45
C LEU C 455 -39.52 -76.01 0.01
N GLN C 456 -38.66 -75.31 0.75
CA GLN C 456 -38.45 -75.57 2.18
C GLN C 456 -39.75 -75.52 2.98
N ILE C 479 -30.50 -75.33 -8.75
CA ILE C 479 -30.63 -75.33 -7.29
C ILE C 479 -32.03 -75.79 -6.90
N LEU C 480 -32.10 -76.83 -6.07
CA LEU C 480 -33.35 -77.32 -5.54
C LEU C 480 -33.23 -77.49 -4.02
N ILE C 481 -34.10 -76.78 -3.27
CA ILE C 481 -34.10 -76.87 -1.81
C ILE C 481 -35.39 -77.52 -1.30
N LEU C 482 -35.24 -78.71 -0.71
CA LEU C 482 -36.36 -79.51 -0.21
C LEU C 482 -36.16 -79.83 1.28
N SER C 483 -35.60 -78.89 2.03
CA SER C 483 -35.30 -79.12 3.45
C SER C 483 -36.53 -78.89 4.32
N HIS C 503 -27.01 -78.42 -7.03
CA HIS C 503 -27.15 -78.08 -5.62
C HIS C 503 -28.45 -78.70 -5.11
N LEU C 504 -28.35 -79.71 -4.26
CA LEU C 504 -29.53 -80.42 -3.77
C LEU C 504 -29.51 -80.45 -2.24
N ASP C 505 -30.51 -79.83 -1.63
CA ASP C 505 -30.62 -79.75 -0.19
C ASP C 505 -31.83 -80.59 0.27
N LEU C 506 -31.54 -81.74 0.86
CA LEU C 506 -32.57 -82.61 1.43
C LEU C 506 -32.44 -82.66 2.96
N SER C 507 -31.73 -81.68 3.54
CA SER C 507 -31.47 -81.65 4.98
C SER C 507 -32.75 -81.46 5.81
N HIS C 508 -32.68 -81.85 7.08
CA HIS C 508 -33.80 -81.71 8.03
C HIS C 508 -35.06 -82.44 7.53
N PRO D 5 -29.43 -23.43 -65.38
CA PRO D 5 -28.78 -24.08 -66.48
C PRO D 5 -27.92 -23.26 -67.46
N LYS D 6 -28.15 -21.96 -67.66
CA LYS D 6 -27.43 -21.30 -68.78
C LYS D 6 -26.55 -20.09 -68.40
N CYS D 7 -25.32 -20.07 -68.92
CA CYS D 7 -24.39 -18.96 -68.73
C CYS D 7 -24.89 -17.76 -69.53
N THR D 8 -24.23 -16.62 -69.42
CA THR D 8 -24.64 -15.40 -70.12
C THR D 8 -23.51 -14.87 -70.96
N GLU D 9 -23.77 -14.63 -72.25
CA GLU D 9 -22.77 -14.10 -73.16
C GLU D 9 -22.60 -12.60 -72.97
N LYS D 10 -21.75 -12.20 -72.03
CA LYS D 10 -21.51 -10.80 -71.71
C LYS D 10 -20.79 -10.03 -72.85
N GLU D 11 -20.02 -10.71 -73.71
CA GLU D 11 -19.43 -10.05 -74.90
C GLU D 11 -19.15 -11.11 -75.97
N GLY D 12 -19.33 -10.71 -77.23
CA GLY D 12 -19.39 -11.63 -78.37
C GLY D 12 -18.31 -12.70 -78.38
N ASN D 13 -18.68 -13.92 -78.00
CA ASN D 13 -17.78 -15.07 -78.09
C ASN D 13 -16.53 -14.98 -77.15
N ARG D 14 -16.36 -13.88 -76.40
CA ARG D 14 -15.14 -13.63 -75.62
C ARG D 14 -15.32 -13.55 -74.07
N THR D 15 -16.48 -13.07 -73.57
CA THR D 15 -16.71 -13.01 -72.09
C THR D 15 -18.01 -13.67 -71.67
N TYR D 16 -17.95 -14.56 -70.68
CA TYR D 16 -19.16 -15.24 -70.18
C TYR D 16 -19.28 -15.17 -68.67
N ASN D 17 -20.51 -15.19 -68.20
CA ASN D 17 -20.78 -15.22 -66.78
C ASN D 17 -21.56 -16.46 -66.45
N CYS D 18 -21.04 -17.28 -65.54
CA CYS D 18 -21.68 -18.55 -65.14
C CYS D 18 -21.93 -18.63 -63.65
N GLU D 19 -22.13 -17.48 -63.01
CA GLU D 19 -22.13 -17.38 -61.56
C GLU D 19 -23.34 -18.03 -60.94
N ASN D 20 -23.21 -18.50 -59.72
CA ASN D 20 -24.32 -19.08 -58.97
C ASN D 20 -25.10 -20.17 -59.66
N LEU D 21 -24.51 -20.85 -60.65
CA LEU D 21 -25.24 -21.94 -61.35
C LEU D 21 -25.02 -23.36 -60.79
N GLY D 22 -24.19 -23.52 -59.78
CA GLY D 22 -23.89 -24.83 -59.24
C GLY D 22 -23.31 -25.85 -60.20
N LEU D 23 -22.59 -25.40 -61.21
CA LEU D 23 -22.03 -26.31 -62.21
C LEU D 23 -20.89 -27.14 -61.61
N ARG D 24 -20.74 -28.39 -62.03
CA ARG D 24 -19.66 -29.24 -61.55
C ARG D 24 -18.59 -29.40 -62.63
N GLU D 25 -18.76 -28.70 -63.74
CA GLU D 25 -17.83 -28.81 -64.84
C GLU D 25 -18.00 -27.60 -65.80
N ILE D 26 -17.06 -27.44 -66.72
CA ILE D 26 -17.20 -26.39 -67.73
C ILE D 26 -18.16 -26.86 -68.83
N PRO D 27 -19.14 -26.04 -69.18
CA PRO D 27 -20.08 -26.49 -70.19
C PRO D 27 -19.47 -26.64 -71.62
N ASP D 28 -19.97 -27.63 -72.34
CA ASP D 28 -19.62 -27.81 -73.74
C ASP D 28 -20.12 -26.61 -74.53
N THR D 29 -21.20 -25.98 -74.09
CA THR D 29 -21.63 -24.69 -74.63
C THR D 29 -20.49 -23.67 -74.76
N LEU D 30 -19.72 -23.44 -73.70
CA LEU D 30 -18.68 -22.43 -73.73
C LEU D 30 -17.68 -22.72 -74.87
N PRO D 31 -17.39 -21.70 -75.71
CA PRO D 31 -16.53 -21.87 -76.88
C PRO D 31 -15.02 -21.74 -76.64
N ASN D 32 -14.23 -22.39 -77.52
CA ASN D 32 -12.77 -22.17 -77.70
C ASN D 32 -12.34 -20.69 -77.47
N THR D 33 -13.12 -19.75 -77.95
CA THR D 33 -12.74 -18.35 -77.97
C THR D 33 -12.90 -17.59 -76.65
N THR D 34 -13.25 -18.28 -75.57
CA THR D 34 -13.51 -17.64 -74.30
C THR D 34 -12.23 -17.12 -73.68
N GLU D 35 -12.27 -15.88 -73.19
CA GLU D 35 -11.09 -15.23 -72.61
C GLU D 35 -11.34 -14.72 -71.21
N VAL D 36 -12.59 -14.38 -70.88
CA VAL D 36 -12.98 -13.97 -69.52
C VAL D 36 -14.14 -14.83 -69.04
N LEU D 37 -13.88 -15.66 -68.02
CA LEU D 37 -14.88 -16.54 -67.42
C LEU D 37 -15.08 -16.19 -65.96
N GLU D 38 -16.27 -15.70 -65.62
CA GLU D 38 -16.66 -15.50 -64.20
C GLU D 38 -17.39 -16.72 -63.71
N PHE D 39 -16.70 -17.53 -62.91
CA PHE D 39 -17.21 -18.85 -62.53
C PHE D 39 -17.57 -18.98 -61.02
N SER D 40 -17.79 -17.86 -60.35
CA SER D 40 -18.08 -17.84 -58.93
C SER D 40 -19.26 -18.67 -58.54
N PHE D 41 -19.20 -19.25 -57.35
CA PHE D 41 -20.32 -19.97 -56.77
C PHE D 41 -20.77 -21.15 -57.61
N ASN D 42 -19.80 -21.95 -58.03
CA ASN D 42 -20.07 -23.23 -58.64
C ASN D 42 -19.39 -24.28 -57.78
N PHE D 43 -19.32 -25.54 -58.23
CA PHE D 43 -18.87 -26.64 -57.38
C PHE D 43 -17.70 -27.41 -58.02
N LEU D 44 -16.48 -27.05 -57.65
CA LEU D 44 -15.31 -27.76 -58.16
C LEU D 44 -14.37 -28.17 -57.01
N PRO D 45 -14.81 -29.14 -56.19
CA PRO D 45 -13.98 -29.72 -55.13
C PRO D 45 -12.52 -29.98 -55.52
N THR D 46 -12.32 -30.52 -56.71
CA THR D 46 -11.01 -30.83 -57.20
C THR D 46 -10.88 -30.08 -58.50
N ILE D 47 -9.67 -29.62 -58.78
CA ILE D 47 -9.33 -28.96 -60.03
C ILE D 47 -8.10 -29.66 -60.62
N GLN D 48 -8.10 -29.89 -61.93
CA GLN D 48 -7.06 -30.72 -62.61
C GLN D 48 -6.76 -30.24 -64.00
N ASN D 49 -5.75 -30.87 -64.62
CA ASN D 49 -5.39 -30.65 -66.01
C ASN D 49 -6.60 -30.75 -66.92
N THR D 50 -7.49 -31.68 -66.66
CA THR D 50 -8.69 -31.85 -67.48
C THR D 50 -9.80 -30.78 -67.26
N THR D 51 -9.81 -30.08 -66.11
CA THR D 51 -10.94 -29.19 -65.76
C THR D 51 -11.22 -28.07 -66.75
N PHE D 52 -10.16 -27.42 -67.26
CA PHE D 52 -10.29 -26.25 -68.14
C PHE D 52 -9.64 -26.43 -69.52
N SER D 53 -9.43 -27.68 -69.93
CA SER D 53 -8.65 -27.93 -71.14
C SER D 53 -9.37 -27.42 -72.36
N ARG D 54 -10.67 -27.71 -72.48
CA ARG D 54 -11.46 -27.13 -73.57
C ARG D 54 -11.24 -25.60 -73.70
N LEU D 55 -11.16 -24.87 -72.59
CA LEU D 55 -11.00 -23.40 -72.69
C LEU D 55 -9.55 -22.88 -72.70
N ILE D 56 -8.82 -23.20 -73.78
CA ILE D 56 -7.36 -22.94 -73.87
C ILE D 56 -6.94 -21.45 -73.85
N ASN D 57 -7.84 -20.52 -74.15
CA ASN D 57 -7.47 -19.10 -74.31
C ASN D 57 -7.90 -18.18 -73.17
N LEU D 58 -8.03 -18.70 -71.96
CA LEU D 58 -8.49 -17.86 -70.85
C LEU D 58 -7.43 -16.81 -70.52
N ILE D 59 -7.89 -15.60 -70.27
CA ILE D 59 -7.06 -14.49 -69.82
C ILE D 59 -7.36 -14.21 -68.37
N PHE D 60 -8.65 -14.24 -68.01
CA PHE D 60 -9.15 -13.92 -66.66
C PHE D 60 -10.10 -15.00 -66.15
N LEU D 61 -9.76 -15.67 -65.05
CA LEU D 61 -10.53 -16.79 -64.57
C LEU D 61 -10.86 -16.58 -63.11
N ASP D 62 -12.14 -16.49 -62.79
CA ASP D 62 -12.57 -16.27 -61.40
C ASP D 62 -13.25 -17.49 -60.83
N LEU D 63 -12.60 -18.16 -59.88
CA LEU D 63 -13.15 -19.38 -59.28
C LEU D 63 -13.61 -19.13 -57.86
N THR D 64 -14.03 -17.90 -57.57
CA THR D 64 -14.36 -17.53 -56.19
C THR D 64 -15.44 -18.39 -55.57
N ARG D 65 -15.19 -18.90 -54.39
CA ARG D 65 -16.22 -19.58 -53.62
C ARG D 65 -16.79 -20.79 -54.41
N CYS D 66 -15.91 -21.57 -55.01
CA CYS D 66 -16.29 -22.77 -55.71
C CYS D 66 -16.01 -24.07 -54.91
N GLN D 67 -15.78 -23.94 -53.60
CA GLN D 67 -15.52 -25.09 -52.75
C GLN D 67 -14.29 -25.89 -53.21
N ILE D 68 -13.30 -25.23 -53.80
CA ILE D 68 -12.12 -25.97 -54.24
C ILE D 68 -11.33 -26.41 -53.01
N ASN D 69 -10.98 -27.70 -52.97
CA ASN D 69 -10.11 -28.26 -51.94
C ASN D 69 -8.73 -28.52 -52.45
N TRP D 70 -8.66 -28.99 -53.70
CA TRP D 70 -7.41 -29.45 -54.30
C TRP D 70 -7.20 -28.78 -55.61
N VAL D 71 -5.99 -28.25 -55.79
CA VAL D 71 -5.51 -27.76 -57.07
C VAL D 71 -4.33 -28.64 -57.48
N HIS D 72 -4.60 -29.63 -58.33
CA HIS D 72 -3.60 -30.64 -58.67
C HIS D 72 -2.61 -30.20 -59.70
N GLU D 73 -1.53 -30.95 -59.80
CA GLU D 73 -0.39 -30.65 -60.70
C GLU D 73 -0.81 -30.45 -62.15
N ASP D 74 -0.16 -29.48 -62.80
CA ASP D 74 -0.33 -29.19 -64.23
C ASP D 74 -1.72 -28.71 -64.62
N THR D 75 -2.48 -28.23 -63.63
CA THR D 75 -3.81 -27.72 -63.92
C THR D 75 -3.83 -26.68 -65.05
N PHE D 76 -2.85 -25.80 -65.08
CA PHE D 76 -2.87 -24.70 -66.03
C PHE D 76 -1.78 -24.77 -67.09
N GLN D 77 -1.25 -25.97 -67.35
CA GLN D 77 -0.15 -26.14 -68.33
C GLN D 77 -0.51 -25.60 -69.72
N SER D 78 -1.75 -25.80 -70.16
CA SER D 78 -2.18 -25.40 -71.51
C SER D 78 -2.80 -24.01 -71.61
N HIS D 79 -2.48 -23.12 -70.66
CA HIS D 79 -3.19 -21.83 -70.49
C HIS D 79 -2.21 -20.67 -70.53
N HIS D 80 -1.53 -20.57 -71.66
CA HIS D 80 -0.39 -19.67 -71.79
C HIS D 80 -0.75 -18.21 -71.51
N GLN D 81 -1.94 -17.78 -71.91
CA GLN D 81 -2.30 -16.37 -71.77
C GLN D 81 -3.01 -16.01 -70.46
N LEU D 82 -3.03 -16.91 -69.46
CA LEU D 82 -3.68 -16.61 -68.18
C LEU D 82 -3.02 -15.47 -67.44
N ASN D 83 -3.79 -14.45 -67.14
CA ASN D 83 -3.27 -13.21 -66.55
C ASN D 83 -3.66 -13.10 -65.07
N THR D 84 -4.90 -13.43 -64.76
CA THR D 84 -5.43 -13.34 -63.41
C THR D 84 -6.17 -14.61 -63.00
N ILE D 85 -5.79 -15.17 -61.86
CA ILE D 85 -6.52 -16.29 -61.25
C ILE D 85 -7.12 -15.86 -59.91
N VAL D 86 -8.43 -16.04 -59.73
CA VAL D 86 -9.08 -15.64 -58.48
C VAL D 86 -9.58 -16.86 -57.74
N LEU D 87 -8.97 -17.12 -56.58
CA LEU D 87 -9.27 -18.29 -55.74
C LEU D 87 -9.92 -17.99 -54.37
N THR D 88 -10.31 -16.73 -54.17
CA THR D 88 -10.93 -16.26 -52.93
C THR D 88 -11.97 -17.16 -52.36
N GLY D 89 -11.88 -17.46 -51.09
CA GLY D 89 -12.98 -18.14 -50.45
C GLY D 89 -13.10 -19.63 -50.74
N ASN D 90 -12.02 -20.27 -51.10
CA ASN D 90 -12.06 -21.68 -51.25
C ASN D 90 -11.31 -22.30 -50.09
N PRO D 91 -11.87 -23.35 -49.49
CA PRO D 91 -11.17 -24.11 -48.46
C PRO D 91 -10.01 -24.98 -49.00
N LEU D 92 -8.93 -24.34 -49.41
CA LEU D 92 -7.86 -25.09 -50.06
C LEU D 92 -7.16 -26.00 -49.03
N ILE D 93 -6.92 -27.24 -49.42
CA ILE D 93 -6.21 -28.19 -48.57
C ILE D 93 -4.77 -28.31 -49.02
N PHE D 94 -4.54 -28.28 -50.33
CA PHE D 94 -3.22 -28.45 -50.88
C PHE D 94 -3.11 -27.98 -52.33
N MET D 95 -2.03 -27.30 -52.68
CA MET D 95 -1.75 -26.89 -54.06
C MET D 95 -0.44 -27.51 -54.52
N ALA D 96 -0.46 -28.28 -55.59
CA ALA D 96 0.75 -28.99 -56.06
C ALA D 96 1.85 -28.02 -56.48
N GLU D 97 3.12 -28.45 -56.46
CA GLU D 97 4.23 -27.52 -56.78
C GLU D 97 4.07 -26.80 -58.13
N THR D 98 3.55 -27.53 -59.12
CA THR D 98 3.37 -27.04 -60.51
C THR D 98 1.91 -26.67 -60.82
N SER D 99 1.08 -26.57 -59.79
CA SER D 99 -0.33 -26.31 -59.98
C SER D 99 -0.65 -25.02 -60.69
N LEU D 100 0.22 -24.02 -60.57
CA LEU D 100 0.01 -22.74 -61.26
C LEU D 100 1.00 -22.52 -62.38
N THR D 101 1.85 -23.50 -62.72
CA THR D 101 2.76 -23.29 -63.85
C THR D 101 1.99 -23.57 -65.14
N GLY D 102 2.38 -22.90 -66.22
CA GLY D 102 1.66 -22.93 -67.49
C GLY D 102 1.61 -21.55 -68.14
N PRO D 103 0.89 -20.60 -67.50
CA PRO D 103 0.80 -19.26 -68.06
C PRO D 103 2.17 -18.58 -68.20
N LYS D 104 2.37 -17.87 -69.29
CA LYS D 104 3.65 -17.21 -69.53
C LYS D 104 3.77 -15.90 -68.74
N PHE D 105 2.65 -15.27 -68.37
CA PHE D 105 2.69 -14.02 -67.60
C PHE D 105 1.52 -13.90 -66.63
N LEU D 106 1.56 -14.68 -65.56
CA LEU D 106 0.55 -14.62 -64.51
C LEU D 106 0.88 -13.45 -63.65
N LYS D 107 0.05 -12.43 -63.70
CA LYS D 107 0.33 -11.15 -63.07
C LYS D 107 -0.46 -10.90 -61.80
N HIS D 108 -1.53 -11.66 -61.57
CA HIS D 108 -2.42 -11.41 -60.42
C HIS D 108 -2.97 -12.72 -59.84
N LEU D 109 -2.67 -12.97 -58.57
CA LEU D 109 -3.17 -14.12 -57.85
C LEU D 109 -3.92 -13.67 -56.61
N PHE D 110 -5.20 -14.04 -56.50
CA PHE D 110 -6.01 -13.76 -55.31
C PHE D 110 -6.17 -15.00 -54.45
N LEU D 111 -5.54 -15.03 -53.28
CA LEU D 111 -5.70 -16.14 -52.35
C LEU D 111 -6.42 -15.71 -51.06
N THR D 112 -7.28 -14.71 -51.18
CA THR D 112 -8.03 -14.17 -50.06
C THR D 112 -8.92 -15.22 -49.38
N GLN D 113 -8.95 -15.18 -48.06
CA GLN D 113 -9.75 -16.08 -47.26
C GLN D 113 -9.71 -17.50 -47.79
N THR D 114 -8.52 -18.04 -47.95
CA THR D 114 -8.37 -19.44 -48.35
C THR D 114 -7.80 -20.28 -47.22
N GLY D 115 -7.73 -19.74 -46.02
CA GLY D 115 -7.32 -20.51 -44.86
C GLY D 115 -5.81 -20.60 -44.66
N ILE D 116 -5.02 -19.83 -45.41
CA ILE D 116 -3.58 -19.97 -45.37
C ILE D 116 -3.07 -19.41 -44.04
N SER D 117 -2.30 -20.21 -43.33
CA SER D 117 -1.55 -19.73 -42.17
C SER D 117 -0.05 -19.85 -42.36
N ASN D 118 0.41 -20.69 -43.28
CA ASN D 118 1.84 -20.80 -43.56
C ASN D 118 2.15 -20.42 -45.00
N LEU D 119 2.88 -19.33 -45.20
CA LEU D 119 3.16 -18.89 -46.57
C LEU D 119 3.93 -19.92 -47.44
N GLU D 120 4.56 -20.91 -46.82
CA GLU D 120 5.18 -22.01 -47.55
C GLU D 120 4.17 -22.77 -48.38
N PHE D 121 2.89 -22.59 -48.08
CA PHE D 121 1.79 -23.24 -48.80
C PHE D 121 1.65 -22.82 -50.25
N ILE D 122 2.13 -21.62 -50.57
CA ILE D 122 1.97 -21.04 -51.89
C ILE D 122 3.08 -21.57 -52.78
N PRO D 123 2.72 -22.15 -53.92
CA PRO D 123 3.75 -22.65 -54.81
C PRO D 123 4.47 -21.53 -55.51
N VAL D 124 5.78 -21.46 -55.34
CA VAL D 124 6.61 -20.37 -55.90
C VAL D 124 7.00 -20.57 -57.35
N HIS D 125 6.88 -21.76 -57.88
CA HIS D 125 7.52 -22.09 -59.16
C HIS D 125 7.38 -21.02 -60.26
N ASN D 126 6.18 -20.50 -60.44
CA ASN D 126 5.86 -19.59 -61.55
C ASN D 126 5.26 -18.28 -61.07
N LEU D 127 5.92 -17.65 -60.12
CA LEU D 127 5.39 -16.43 -59.57
C LEU D 127 6.29 -15.21 -59.87
N GLU D 128 7.42 -15.41 -60.56
CA GLU D 128 8.38 -14.29 -60.80
C GLU D 128 7.83 -13.12 -61.60
N ASN D 129 6.72 -13.34 -62.31
CA ASN D 129 6.02 -12.27 -63.01
C ASN D 129 4.82 -11.72 -62.25
N LEU D 130 4.67 -12.07 -60.98
CA LEU D 130 3.57 -11.51 -60.19
C LEU D 130 3.72 -10.00 -59.99
N GLU D 131 2.67 -9.26 -60.35
CA GLU D 131 2.53 -7.83 -59.99
C GLU D 131 1.70 -7.56 -58.72
N SER D 132 0.77 -8.47 -58.40
CA SER D 132 -0.03 -8.35 -57.18
C SER D 132 -0.35 -9.70 -56.55
N LEU D 133 -0.27 -9.75 -55.22
CA LEU D 133 -0.54 -10.98 -54.48
C LEU D 133 -1.48 -10.61 -53.36
N HIS D 134 -2.64 -11.25 -53.34
CA HIS D 134 -3.69 -10.91 -52.39
C HIS D 134 -3.85 -12.03 -51.38
N LEU D 135 -3.46 -11.74 -50.14
CA LEU D 135 -3.46 -12.71 -49.05
C LEU D 135 -4.32 -12.29 -47.87
N GLY D 136 -5.35 -11.50 -48.11
CA GLY D 136 -6.15 -11.02 -46.98
C GLY D 136 -7.06 -12.08 -46.36
N SER D 137 -7.47 -11.82 -45.12
CA SER D 137 -8.46 -12.65 -44.41
C SER D 137 -8.04 -14.10 -44.29
N ASN D 138 -6.74 -14.32 -44.23
CA ASN D 138 -6.20 -15.64 -44.02
C ASN D 138 -5.84 -15.70 -42.55
N HIS D 139 -5.08 -16.71 -42.14
CA HIS D 139 -4.69 -16.90 -40.73
C HIS D 139 -3.17 -16.64 -40.61
N ILE D 140 -2.70 -15.53 -41.19
CA ILE D 140 -1.25 -15.21 -41.27
C ILE D 140 -0.81 -14.34 -40.11
N SER D 141 0.40 -14.56 -39.61
CA SER D 141 0.92 -13.75 -38.50
C SER D 141 2.33 -13.17 -38.73
N SER D 142 2.95 -13.43 -39.87
CA SER D 142 4.25 -12.88 -40.15
C SER D 142 4.39 -12.65 -41.63
N ILE D 143 4.64 -11.40 -42.00
CA ILE D 143 4.79 -11.03 -43.42
C ILE D 143 6.10 -11.55 -44.00
N ASN D 144 6.93 -12.15 -43.15
CA ASN D 144 8.17 -12.75 -43.61
C ASN D 144 7.95 -13.79 -44.70
N LEU D 145 8.44 -13.52 -45.92
CA LEU D 145 8.23 -14.44 -47.02
C LEU D 145 9.23 -15.56 -46.91
N PRO D 146 8.91 -16.73 -47.50
CA PRO D 146 9.88 -17.82 -47.54
C PRO D 146 11.09 -17.44 -48.35
N GLU D 147 12.24 -18.06 -48.06
CA GLU D 147 13.46 -17.84 -48.85
C GLU D 147 13.24 -18.31 -50.28
N ASN D 148 13.80 -17.58 -51.24
CA ASN D 148 13.66 -17.91 -52.66
C ASN D 148 12.19 -17.77 -53.10
N PHE D 149 11.53 -16.74 -52.58
CA PHE D 149 10.19 -16.35 -53.00
C PHE D 149 10.37 -15.12 -53.84
N PRO D 150 10.00 -15.18 -55.13
CA PRO D 150 10.20 -14.04 -56.02
C PRO D 150 9.43 -12.79 -55.57
N THR D 151 10.11 -11.65 -55.54
CA THR D 151 9.50 -10.37 -55.16
C THR D 151 9.83 -9.21 -56.12
N GLN D 152 10.62 -9.46 -57.17
CA GLN D 152 11.19 -8.40 -58.02
C GLN D 152 10.11 -7.51 -58.65
N ASN D 153 9.13 -8.11 -59.32
CA ASN D 153 8.06 -7.34 -59.96
C ASN D 153 6.85 -7.09 -59.08
N LEU D 154 6.92 -7.52 -57.82
CA LEU D 154 5.79 -7.36 -56.92
C LEU D 154 5.55 -5.86 -56.67
N LYS D 155 4.35 -5.40 -56.99
CA LYS D 155 4.02 -3.98 -56.81
C LYS D 155 2.89 -3.75 -55.77
N VAL D 156 2.04 -4.76 -55.56
CA VAL D 156 0.97 -4.72 -54.54
C VAL D 156 0.96 -6.01 -53.75
N LEU D 157 0.93 -5.90 -52.43
CA LEU D 157 0.97 -7.07 -51.54
C LEU D 157 -0.02 -6.84 -50.42
N ASP D 158 -1.15 -7.51 -50.47
CA ASP D 158 -2.24 -7.24 -49.58
C ASP D 158 -2.33 -8.23 -48.43
N PHE D 159 -2.13 -7.75 -47.20
CA PHE D 159 -2.16 -8.58 -45.98
C PHE D 159 -3.32 -8.28 -45.00
N GLN D 160 -4.37 -7.61 -45.46
CA GLN D 160 -5.49 -7.20 -44.60
C GLN D 160 -6.10 -8.28 -43.73
N ASN D 161 -6.66 -7.87 -42.61
CA ASN D 161 -7.43 -8.78 -41.77
C ASN D 161 -6.76 -10.12 -41.57
N ASN D 162 -5.54 -10.06 -41.05
CA ASN D 162 -4.80 -11.24 -40.71
C ASN D 162 -4.40 -11.08 -39.25
N ALA D 163 -3.43 -11.85 -38.77
CA ALA D 163 -3.03 -11.84 -37.38
C ALA D 163 -1.58 -11.36 -37.21
N ILE D 164 -1.22 -10.27 -37.91
CA ILE D 164 0.13 -9.73 -37.86
C ILE D 164 0.22 -8.73 -36.72
N HIS D 165 1.03 -9.05 -35.71
CA HIS D 165 1.14 -8.21 -34.53
C HIS D 165 2.51 -7.53 -34.42
N TYR D 166 3.53 -8.14 -35.03
CA TYR D 166 4.86 -7.56 -35.03
C TYR D 166 5.47 -7.59 -36.42
N ILE D 167 6.18 -6.52 -36.78
CA ILE D 167 6.96 -6.47 -38.01
C ILE D 167 8.40 -6.18 -37.65
N SER D 168 9.31 -7.07 -38.06
CA SER D 168 10.74 -6.92 -37.75
C SER D 168 11.57 -6.50 -38.97
N ARG D 169 12.79 -6.03 -38.74
CA ARG D 169 13.74 -5.75 -39.83
C ARG D 169 13.95 -7.02 -40.66
N LYS D 170 14.11 -8.17 -40.00
CA LYS D 170 14.26 -9.45 -40.69
C LYS D 170 13.08 -9.69 -41.61
N ASP D 171 11.86 -9.49 -41.10
CA ASP D 171 10.64 -9.68 -41.87
C ASP D 171 10.67 -8.88 -43.16
N THR D 172 10.88 -7.56 -43.07
CA THR D 172 10.79 -6.65 -44.22
C THR D 172 11.91 -6.88 -45.21
N ASN D 173 13.06 -7.35 -44.72
CA ASN D 173 14.23 -7.56 -45.57
C ASN D 173 13.94 -8.57 -46.68
N SER D 174 13.06 -9.51 -46.36
CA SER D 174 12.50 -10.43 -47.31
C SER D 174 12.08 -9.78 -48.63
N LEU D 175 11.57 -8.55 -48.56
CA LEU D 175 10.98 -7.88 -49.72
C LEU D 175 11.96 -6.96 -50.45
N GLU D 176 13.27 -7.09 -50.19
CA GLU D 176 14.25 -6.10 -50.65
C GLU D 176 14.34 -5.98 -52.19
N GLN D 177 14.09 -7.10 -52.88
CA GLN D 177 14.08 -7.14 -54.35
C GLN D 177 12.97 -6.32 -55.03
N ALA D 178 11.94 -5.91 -54.28
CA ALA D 178 10.83 -5.17 -54.87
C ALA D 178 11.23 -3.72 -55.20
N THR D 179 10.40 -3.08 -56.03
CA THR D 179 10.54 -1.65 -56.33
C THR D 179 9.15 -1.02 -56.41
N ASN D 180 8.98 0.12 -55.74
CA ASN D 180 7.66 0.77 -55.59
C ASN D 180 6.59 -0.22 -55.14
N LEU D 181 6.80 -0.79 -53.97
CA LEU D 181 5.89 -1.77 -53.41
C LEU D 181 4.89 -1.10 -52.46
N SER D 182 3.65 -1.52 -52.50
CA SER D 182 2.64 -0.95 -51.62
C SER D 182 2.05 -2.08 -50.82
N LEU D 183 1.91 -1.88 -49.51
CA LEU D 183 1.44 -2.95 -48.62
C LEU D 183 0.22 -2.48 -47.86
N ASN D 184 -0.75 -3.38 -47.72
CA ASN D 184 -1.96 -3.09 -46.93
C ASN D 184 -2.04 -3.96 -45.64
N PHE D 185 -2.01 -3.30 -44.49
CA PHE D 185 -2.09 -4.00 -43.21
C PHE D 185 -3.39 -3.70 -42.49
N ASN D 186 -4.32 -3.06 -43.16
CA ASN D 186 -5.60 -2.74 -42.58
C ASN D 186 -6.17 -3.92 -41.79
N GLY D 187 -6.65 -3.61 -40.60
CA GLY D 187 -7.30 -4.63 -39.78
C GLY D 187 -6.39 -5.65 -39.14
N ASN D 188 -5.08 -5.43 -39.17
CA ASN D 188 -4.13 -6.15 -38.30
C ASN D 188 -3.84 -5.29 -37.09
N ASP D 189 -3.85 -5.88 -35.91
CA ASP D 189 -3.58 -5.14 -34.67
C ASP D 189 -2.06 -5.06 -34.41
N ILE D 190 -1.40 -4.06 -34.97
CA ILE D 190 0.06 -4.00 -34.93
C ILE D 190 0.52 -3.47 -33.58
N LYS D 191 1.16 -4.31 -32.78
CA LYS D 191 1.59 -3.89 -31.43
C LYS D 191 3.02 -3.33 -31.41
N GLY D 192 3.82 -3.66 -32.41
CA GLY D 192 5.18 -3.13 -32.53
C GLY D 192 5.79 -3.25 -33.92
N ILE D 193 6.66 -2.30 -34.26
CA ILE D 193 7.48 -2.38 -35.47
C ILE D 193 8.92 -2.07 -35.08
N GLU D 194 9.84 -2.99 -35.38
CA GLU D 194 11.26 -2.79 -35.11
C GLU D 194 11.67 -1.56 -35.88
N PRO D 195 12.30 -0.58 -35.19
CA PRO D 195 12.58 0.65 -35.91
C PRO D 195 13.54 0.44 -37.08
N GLY D 196 13.28 1.18 -38.16
CA GLY D 196 14.11 1.13 -39.35
C GLY D 196 13.73 0.02 -40.32
N ALA D 197 12.69 -0.76 -40.00
CA ALA D 197 12.23 -1.82 -40.89
C ALA D 197 11.83 -1.31 -42.28
N PHE D 198 11.48 -0.02 -42.38
CA PHE D 198 11.08 0.58 -43.65
C PHE D 198 12.05 1.68 -44.16
N ILE D 199 13.31 1.63 -43.70
CA ILE D 199 14.38 2.48 -44.27
C ILE D 199 14.58 2.25 -45.76
N SER D 200 14.36 1.02 -46.22
CA SER D 200 14.53 0.67 -47.64
C SER D 200 13.68 1.62 -48.46
N LYS D 201 14.25 2.19 -49.53
CA LYS D 201 13.55 3.15 -50.38
C LYS D 201 12.49 2.49 -51.29
N ILE D 202 12.51 1.16 -51.35
CA ILE D 202 11.56 0.39 -52.18
C ILE D 202 10.07 0.51 -51.81
N PHE D 203 9.74 1.04 -50.62
CA PHE D 203 8.34 1.11 -50.16
C PHE D 203 7.69 2.40 -50.62
N GLN D 204 6.66 2.27 -51.44
CA GLN D 204 5.91 3.41 -51.95
C GLN D 204 4.80 3.81 -50.98
N SER D 205 3.94 2.86 -50.61
CA SER D 205 2.76 3.18 -49.81
C SER D 205 2.35 2.10 -48.80
N LEU D 206 1.95 2.53 -47.60
CA LEU D 206 1.56 1.60 -46.54
C LEU D 206 0.23 2.01 -45.92
N LYS D 207 -0.61 1.03 -45.59
CA LYS D 207 -1.89 1.27 -44.91
C LYS D 207 -1.93 0.52 -43.61
N PHE D 208 -2.29 1.21 -42.53
CA PHE D 208 -2.34 0.61 -41.21
C PHE D 208 -3.68 0.90 -40.61
N GLY D 209 -4.73 0.74 -41.40
CA GLY D 209 -6.09 1.06 -40.96
C GLY D 209 -6.53 0.40 -39.67
N GLY D 210 -7.24 1.15 -38.86
CA GLY D 210 -7.83 0.63 -37.61
C GLY D 210 -6.84 0.40 -36.48
N SER D 211 -5.57 0.72 -36.73
CA SER D 211 -4.51 0.51 -35.76
C SER D 211 -4.77 1.34 -34.49
N LEU D 212 -4.52 0.72 -33.34
CA LEU D 212 -4.88 1.34 -32.07
C LEU D 212 -3.76 2.14 -31.43
N ASN D 213 -2.54 2.14 -31.99
CA ASN D 213 -1.45 2.96 -31.43
C ASN D 213 -0.49 3.60 -32.46
N LEU D 214 -0.82 4.81 -32.90
CA LEU D 214 -0.05 5.45 -33.95
C LEU D 214 1.37 5.81 -33.48
N PHE D 215 1.55 6.13 -32.21
CA PHE D 215 2.90 6.39 -31.71
C PHE D 215 3.81 5.23 -32.09
N ILE D 216 3.38 4.01 -31.75
CA ILE D 216 4.16 2.80 -32.08
C ILE D 216 4.51 2.80 -33.56
N ILE D 217 3.52 3.07 -34.40
CA ILE D 217 3.69 2.98 -35.85
C ILE D 217 4.70 4.00 -36.37
N PHE D 218 4.51 5.26 -36.00
CA PHE D 218 5.41 6.28 -36.44
C PHE D 218 6.85 5.93 -36.01
N LYS D 219 7.03 5.60 -34.74
CA LYS D 219 8.36 5.27 -34.24
C LYS D 219 8.99 4.19 -35.11
N GLY D 220 8.21 3.22 -35.52
CA GLY D 220 8.70 2.15 -36.38
C GLY D 220 9.14 2.63 -37.76
N LEU D 221 8.38 3.57 -38.32
CA LEU D 221 8.64 4.06 -39.66
C LEU D 221 9.77 5.09 -39.73
N GLN D 222 10.55 5.22 -38.65
CA GLN D 222 11.63 6.20 -38.57
C GLN D 222 12.62 6.11 -39.74
N ASN D 223 13.10 7.26 -40.22
CA ASN D 223 14.01 7.37 -41.37
C ASN D 223 13.46 6.67 -42.61
N SER D 224 12.22 6.96 -43.01
CA SER D 224 11.64 6.32 -44.22
C SER D 224 11.00 7.32 -45.16
N THR D 225 10.92 6.93 -46.43
CA THR D 225 10.33 7.75 -47.49
C THR D 225 9.14 7.03 -48.06
N LEU D 226 7.96 7.63 -47.91
CA LEU D 226 6.72 7.03 -48.36
C LEU D 226 5.99 8.02 -49.21
N GLN D 227 5.32 7.55 -50.25
CA GLN D 227 4.40 8.38 -51.00
C GLN D 227 3.16 8.64 -50.13
N SER D 228 2.56 7.58 -49.60
CA SER D 228 1.39 7.74 -48.74
C SER D 228 1.26 6.74 -47.61
N LEU D 229 0.57 7.17 -46.56
CA LEU D 229 0.43 6.45 -45.32
C LEU D 229 -1.01 6.58 -44.86
N TRP D 230 -1.74 5.48 -44.83
CA TRP D 230 -3.16 5.50 -44.47
C TRP D 230 -3.33 5.07 -43.01
N LEU D 231 -3.61 6.02 -42.13
CA LEU D 231 -3.74 5.74 -40.71
C LEU D 231 -5.14 6.03 -40.21
N GLY D 232 -6.11 5.96 -41.12
CA GLY D 232 -7.50 6.17 -40.74
C GLY D 232 -8.02 5.09 -39.83
N THR D 233 -9.09 5.39 -39.10
CA THR D 233 -9.74 4.43 -38.20
C THR D 233 -11.21 4.22 -38.63
N PHE D 234 -11.92 3.32 -37.97
CA PHE D 234 -13.31 3.03 -38.30
C PHE D 234 -14.27 3.19 -37.12
N GLU D 235 -15.56 3.26 -37.43
CA GLU D 235 -16.60 3.38 -36.39
C GLU D 235 -16.40 2.28 -35.36
N ASP D 236 -16.42 1.05 -35.85
CA ASP D 236 -16.32 -0.14 -34.98
C ASP D 236 -14.97 -0.24 -34.17
N THR D 237 -13.91 0.46 -34.62
CA THR D 237 -12.60 0.28 -33.99
C THR D 237 -12.60 0.92 -32.58
N ASP D 238 -11.90 0.30 -31.64
CA ASP D 238 -11.91 0.76 -30.22
C ASP D 238 -11.46 2.22 -30.05
N ASP D 239 -11.82 2.84 -28.94
CA ASP D 239 -11.62 4.30 -28.82
C ASP D 239 -10.22 4.75 -28.30
N GLN D 240 -9.54 5.56 -29.13
CA GLN D 240 -8.26 6.20 -28.79
C GLN D 240 -8.40 7.73 -28.85
N TYR D 241 -7.30 8.44 -28.66
CA TYR D 241 -7.31 9.91 -28.71
C TYR D 241 -5.96 10.43 -29.15
N LEU D 242 -5.91 11.04 -30.32
CA LEU D 242 -4.63 11.53 -30.83
C LEU D 242 -4.17 12.77 -30.11
N THR D 243 -2.85 12.89 -29.91
CA THR D 243 -2.20 14.04 -29.24
C THR D 243 -1.04 14.55 -30.06
N SER D 244 -0.64 15.80 -29.82
CA SER D 244 0.60 16.33 -30.37
C SER D 244 1.75 15.34 -30.19
N ALA D 245 1.80 14.74 -29.00
CA ALA D 245 2.77 13.69 -28.66
C ALA D 245 2.77 12.54 -29.66
N THR D 246 1.58 12.15 -30.09
CA THR D 246 1.41 11.02 -31.04
C THR D 246 2.25 11.17 -32.33
N PHE D 247 2.39 12.42 -32.80
CA PHE D 247 3.03 12.67 -34.09
C PHE D 247 4.52 13.02 -33.99
N GLU D 248 5.10 12.94 -32.79
CA GLU D 248 6.53 13.29 -32.60
C GLU D 248 7.40 12.53 -33.59
N GLY D 249 7.09 11.25 -33.79
CA GLY D 249 7.87 10.42 -34.69
C GLY D 249 7.82 10.82 -36.14
N LEU D 250 6.83 11.65 -36.50
CA LEU D 250 6.59 11.99 -37.91
C LEU D 250 7.69 12.86 -38.50
N CYS D 251 8.32 13.74 -37.73
CA CYS D 251 9.38 14.59 -38.29
C CYS D 251 10.77 13.92 -38.33
N ASP D 252 10.82 12.62 -38.09
CA ASP D 252 11.99 11.80 -38.41
C ASP D 252 11.70 10.89 -39.62
N MET D 253 10.80 11.34 -40.50
CA MET D 253 10.44 10.59 -41.70
C MET D 253 9.83 11.53 -42.75
N SER D 254 9.53 11.00 -43.94
CA SER D 254 8.97 11.83 -45.02
C SER D 254 7.85 11.09 -45.75
N VAL D 255 6.66 11.69 -45.71
CA VAL D 255 5.49 11.13 -46.35
C VAL D 255 4.72 12.25 -47.05
N GLU D 256 4.39 12.03 -48.32
CA GLU D 256 3.69 13.03 -49.12
C GLU D 256 2.22 13.16 -48.75
N SER D 257 1.62 12.04 -48.37
CA SER D 257 0.18 11.97 -48.19
C SER D 257 -0.24 11.16 -46.96
N ILE D 258 -0.96 11.79 -46.04
CA ILE D 258 -1.44 11.14 -44.82
C ILE D 258 -2.95 11.16 -44.74
N ASN D 259 -3.54 10.08 -44.26
CA ASN D 259 -4.98 10.02 -44.02
C ASN D 259 -5.20 9.68 -42.57
N LEU D 260 -5.99 10.51 -41.90
CA LEU D 260 -6.31 10.29 -40.50
C LEU D 260 -7.82 10.29 -40.29
N GLN D 261 -8.56 9.62 -41.19
CA GLN D 261 -10.01 9.67 -41.16
C GLN D 261 -10.61 9.17 -39.84
N LYS D 262 -11.72 9.75 -39.44
CA LYS D 262 -12.51 9.26 -38.30
C LYS D 262 -11.82 9.29 -36.92
N HIS D 263 -10.68 9.97 -36.82
CA HIS D 263 -9.96 10.06 -35.54
C HIS D 263 -10.50 11.18 -34.66
N ARG D 264 -10.12 11.15 -33.40
CA ARG D 264 -10.49 12.22 -32.48
C ARG D 264 -9.27 12.90 -31.89
N PHE D 265 -9.18 14.20 -32.11
CA PHE D 265 -8.05 14.98 -31.62
C PHE D 265 -8.32 15.47 -30.22
N SER D 266 -7.48 15.02 -29.28
CA SER D 266 -7.64 15.35 -27.87
C SER D 266 -7.55 16.85 -27.56
N ASP D 267 -6.42 17.47 -27.88
CA ASP D 267 -6.23 18.88 -27.54
C ASP D 267 -5.65 19.63 -28.72
N LEU D 268 -6.44 19.72 -29.80
CA LEU D 268 -5.95 20.28 -31.06
C LEU D 268 -5.42 21.69 -30.87
N SER D 269 -4.09 21.82 -31.00
CA SER D 269 -3.42 23.12 -31.02
C SER D 269 -2.66 23.26 -32.35
N SER D 270 -2.14 24.43 -32.63
CA SER D 270 -1.29 24.59 -33.82
C SER D 270 -0.02 23.78 -33.68
N SER D 271 0.38 23.54 -32.43
CA SER D 271 1.52 22.66 -32.12
C SER D 271 1.30 21.18 -32.55
N THR D 272 0.05 20.77 -32.70
CA THR D 272 -0.27 19.39 -33.13
C THR D 272 0.31 19.07 -34.52
N PHE D 273 0.45 20.08 -35.36
CA PHE D 273 0.97 19.88 -36.71
C PHE D 273 2.45 20.25 -36.85
N ARG D 274 3.22 20.14 -35.76
CA ARG D 274 4.64 20.51 -35.78
C ARG D 274 5.40 19.74 -36.86
N CYS D 275 5.11 18.45 -37.02
CA CYS D 275 5.85 17.60 -37.96
C CYS D 275 5.19 17.37 -39.32
N PHE D 276 4.22 18.19 -39.69
CA PHE D 276 3.56 18.05 -40.98
C PHE D 276 4.17 18.97 -42.05
N THR D 277 5.42 19.39 -41.86
CA THR D 277 6.02 20.44 -42.69
C THR D 277 6.29 20.00 -44.12
N ARG D 278 6.52 18.71 -44.34
CA ARG D 278 6.82 18.23 -45.69
C ARG D 278 5.64 17.43 -46.27
N VAL D 279 4.50 17.47 -45.59
CA VAL D 279 3.29 16.82 -46.10
C VAL D 279 2.65 17.66 -47.19
N GLN D 280 2.19 17.00 -48.24
CA GLN D 280 1.59 17.65 -49.39
C GLN D 280 0.09 17.45 -49.48
N GLU D 281 -0.40 16.36 -48.90
CA GLU D 281 -1.81 16.05 -48.85
C GLU D 281 -2.20 15.61 -47.45
N LEU D 282 -3.26 16.19 -46.91
CA LEU D 282 -3.75 15.80 -45.59
C LEU D 282 -5.24 15.55 -45.67
N ASP D 283 -5.68 14.41 -45.15
CA ASP D 283 -7.10 14.04 -45.11
C ASP D 283 -7.59 13.87 -43.67
N LEU D 284 -8.46 14.77 -43.22
CA LEU D 284 -9.00 14.76 -41.88
C LEU D 284 -10.50 14.51 -41.93
N THR D 285 -10.93 13.62 -42.83
CA THR D 285 -12.35 13.29 -43.02
C THR D 285 -13.02 12.78 -41.74
N ALA D 286 -14.20 13.32 -41.45
CA ALA D 286 -15.00 12.88 -40.31
C ALA D 286 -14.17 12.82 -39.01
N ALA D 287 -13.30 13.83 -38.83
CA ALA D 287 -12.42 13.90 -37.68
C ALA D 287 -13.02 14.64 -36.51
N HIS D 288 -14.34 14.83 -36.53
CA HIS D 288 -15.07 15.56 -35.48
C HIS D 288 -14.65 17.00 -35.30
N LEU D 289 -14.13 17.62 -36.34
CA LEU D 289 -13.62 18.99 -36.25
C LEU D 289 -14.76 20.02 -36.25
N ASN D 290 -14.66 21.02 -35.37
CA ASN D 290 -15.53 22.22 -35.44
C ASN D 290 -14.77 23.40 -36.06
N GLY D 291 -13.47 23.26 -36.18
CA GLY D 291 -12.62 24.26 -36.79
C GLY D 291 -11.21 23.73 -36.90
N LEU D 292 -10.31 24.57 -37.37
CA LEU D 292 -8.88 24.30 -37.26
C LEU D 292 -8.23 25.45 -36.49
N PRO D 293 -7.05 25.18 -35.87
CA PRO D 293 -6.39 26.22 -35.09
C PRO D 293 -5.83 27.27 -36.00
N SER D 294 -5.58 28.45 -35.48
CA SER D 294 -5.00 29.52 -36.30
C SER D 294 -3.47 29.48 -36.25
N GLY D 295 -2.85 29.98 -37.32
CA GLY D 295 -1.39 30.11 -37.44
C GLY D 295 -0.61 28.82 -37.21
N ILE D 296 -0.82 27.82 -38.09
CA ILE D 296 -0.14 26.54 -37.93
C ILE D 296 1.37 26.58 -38.24
N GLU D 297 1.76 27.18 -39.37
CA GLU D 297 3.18 27.21 -39.82
C GLU D 297 3.71 25.84 -40.33
N GLY D 298 3.22 24.74 -39.72
CA GLY D 298 3.54 23.37 -40.15
C GLY D 298 2.56 22.71 -41.15
N MET D 299 1.86 23.53 -41.91
CA MET D 299 1.24 23.05 -43.14
C MET D 299 1.53 24.13 -44.18
N ASN D 300 2.79 24.56 -44.22
CA ASN D 300 3.24 25.59 -45.16
C ASN D 300 3.31 25.12 -46.63
N SER D 301 3.54 23.82 -46.84
CA SER D 301 3.68 23.26 -48.19
C SER D 301 2.59 22.23 -48.55
N LEU D 302 1.42 22.39 -47.93
CA LEU D 302 0.24 21.60 -48.28
C LEU D 302 -0.33 22.00 -49.62
N LYS D 303 -0.67 21.02 -50.44
CA LYS D 303 -1.31 21.28 -51.70
C LYS D 303 -2.77 20.82 -51.68
N LYS D 304 -3.09 19.75 -50.95
CA LYS D 304 -4.43 19.18 -50.92
C LYS D 304 -4.89 18.92 -49.48
N LEU D 305 -6.01 19.53 -49.07
CA LEU D 305 -6.58 19.32 -47.74
C LEU D 305 -8.03 18.82 -47.85
N VAL D 306 -8.36 17.73 -47.16
CA VAL D 306 -9.72 17.18 -47.20
C VAL D 306 -10.33 17.28 -45.81
N LEU D 307 -11.36 18.10 -45.66
CA LEU D 307 -12.05 18.27 -44.37
C LEU D 307 -13.51 17.78 -44.43
N ASN D 308 -13.77 16.80 -45.29
CA ASN D 308 -15.11 16.26 -45.50
C ASN D 308 -15.74 15.65 -44.26
N ALA D 309 -17.06 15.72 -44.20
CA ALA D 309 -17.82 15.07 -43.16
C ALA D 309 -17.55 15.62 -41.73
N ASN D 310 -17.10 16.87 -41.62
CA ASN D 310 -16.83 17.43 -40.28
C ASN D 310 -18.02 18.23 -39.74
N SER D 311 -17.82 19.10 -38.75
CA SER D 311 -18.93 19.91 -38.18
C SER D 311 -18.59 21.38 -38.01
N PHE D 312 -18.32 22.07 -39.12
CA PHE D 312 -18.00 23.49 -39.08
C PHE D 312 -19.28 24.30 -38.98
N ASP D 313 -19.19 25.51 -38.41
CA ASP D 313 -20.32 26.45 -38.39
C ASP D 313 -20.10 27.58 -39.38
N GLN D 314 -18.94 28.21 -39.33
CA GLN D 314 -18.60 29.27 -40.29
C GLN D 314 -17.34 28.83 -41.02
N LEU D 315 -17.29 29.06 -42.34
CA LEU D 315 -16.15 28.66 -43.18
C LEU D 315 -14.79 29.21 -42.69
N CYS D 316 -14.80 30.42 -42.14
CA CYS D 316 -13.59 31.06 -41.62
C CYS D 316 -12.93 30.31 -40.45
N GLN D 317 -13.65 29.37 -39.83
CA GLN D 317 -13.10 28.59 -38.74
C GLN D 317 -12.01 27.63 -39.19
N ILE D 318 -11.89 27.37 -40.50
CA ILE D 318 -10.81 26.52 -40.97
C ILE D 318 -9.48 27.26 -40.93
N ASN D 319 -9.51 28.57 -40.72
CA ASN D 319 -8.30 29.39 -40.60
C ASN D 319 -7.35 29.16 -41.79
N ALA D 320 -7.85 29.50 -42.98
CA ALA D 320 -7.17 29.25 -44.23
C ALA D 320 -5.79 29.89 -44.29
N ALA D 321 -5.60 30.95 -43.54
CA ALA D 321 -4.27 31.60 -43.46
C ALA D 321 -3.12 30.59 -43.33
N SER D 322 -3.40 29.48 -42.68
CA SER D 322 -2.39 28.46 -42.44
C SER D 322 -1.84 27.76 -43.68
N PHE D 323 -2.56 27.76 -44.80
CA PHE D 323 -2.13 26.96 -45.96
C PHE D 323 -2.18 27.74 -47.26
N PRO D 324 -1.23 28.69 -47.45
CA PRO D 324 -1.23 29.57 -48.62
C PRO D 324 -1.01 28.87 -49.96
N SER D 325 -0.24 27.80 -49.97
CA SER D 325 0.09 27.13 -51.21
C SER D 325 -0.97 26.11 -51.65
N LEU D 326 -2.15 26.16 -51.02
CA LEU D 326 -3.17 25.14 -51.21
C LEU D 326 -3.74 25.17 -52.62
N ARG D 327 -3.96 23.99 -53.18
CA ARG D 327 -4.50 23.87 -54.52
C ARG D 327 -5.92 23.36 -54.46
N ASP D 328 -6.12 22.27 -53.73
CA ASP D 328 -7.40 21.59 -53.69
C ASP D 328 -7.92 21.56 -52.24
N LEU D 329 -9.17 22.01 -52.04
CA LEU D 329 -9.82 22.04 -50.73
C LEU D 329 -11.21 21.43 -50.76
N TYR D 330 -11.43 20.37 -49.99
CA TYR D 330 -12.69 19.63 -50.00
C TYR D 330 -13.35 19.79 -48.66
N ILE D 331 -14.56 20.34 -48.66
CA ILE D 331 -15.40 20.42 -47.48
C ILE D 331 -16.79 19.89 -47.87
N LYS D 332 -16.84 18.64 -48.30
CA LYS D 332 -18.08 17.99 -48.71
C LYS D 332 -18.71 17.23 -47.53
N GLY D 333 -20.00 17.37 -47.38
CA GLY D 333 -20.72 16.58 -46.38
C GLY D 333 -20.72 17.13 -44.98
N ASN D 334 -20.55 18.43 -44.83
CA ASN D 334 -20.60 19.05 -43.50
C ASN D 334 -21.90 18.68 -42.79
N MET D 335 -21.80 18.45 -41.50
CA MET D 335 -22.91 17.89 -40.74
C MET D 335 -23.77 18.92 -40.03
N ARG D 336 -23.69 20.19 -40.44
CA ARG D 336 -24.59 21.23 -39.95
C ARG D 336 -24.46 22.49 -40.79
N LYS D 337 -25.46 23.37 -40.69
CA LYS D 337 -25.56 24.55 -41.56
C LYS D 337 -24.19 25.28 -41.66
N LEU D 338 -23.55 25.18 -42.81
CA LEU D 338 -22.26 25.82 -42.98
C LEU D 338 -22.46 27.22 -43.54
N ASP D 339 -22.01 28.21 -42.76
CA ASP D 339 -22.11 29.61 -43.17
C ASP D 339 -20.80 29.99 -43.90
N LEU D 340 -20.91 30.33 -45.18
CA LEU D 340 -19.73 30.61 -46.00
C LEU D 340 -19.01 31.91 -45.62
N GLY D 341 -19.69 32.80 -44.91
CA GLY D 341 -19.11 34.06 -44.47
C GLY D 341 -18.76 34.96 -45.64
N THR D 342 -17.68 35.74 -45.49
CA THR D 342 -17.17 36.61 -46.54
C THR D 342 -15.64 36.76 -46.48
N ARG D 343 -15.01 36.84 -47.65
CA ARG D 343 -13.56 36.86 -47.78
C ARG D 343 -12.81 35.75 -46.99
N CYS D 344 -13.47 34.62 -46.72
CA CYS D 344 -12.89 33.61 -45.82
C CYS D 344 -11.77 32.79 -46.43
N LEU D 345 -11.82 32.57 -47.73
CA LEU D 345 -10.76 31.87 -48.45
C LEU D 345 -9.84 32.85 -49.17
N GLU D 346 -10.08 34.15 -48.99
CA GLU D 346 -9.26 35.24 -49.54
C GLU D 346 -7.75 34.96 -49.61
N LYS D 347 -7.21 34.31 -48.59
CA LYS D 347 -5.76 34.06 -48.51
C LYS D 347 -5.29 32.90 -49.42
N LEU D 348 -6.23 32.09 -49.92
CA LEU D 348 -5.91 30.93 -50.74
C LEU D 348 -5.79 31.30 -52.22
N GLU D 349 -4.80 32.13 -52.55
CA GLU D 349 -4.66 32.72 -53.89
C GLU D 349 -4.52 31.71 -55.06
N ASN D 350 -4.03 30.51 -54.78
CA ASN D 350 -3.71 29.53 -55.81
C ASN D 350 -4.67 28.35 -55.87
N LEU D 351 -5.81 28.46 -55.20
CA LEU D 351 -6.79 27.40 -55.19
C LEU D 351 -7.31 27.07 -56.61
N GLN D 352 -7.42 25.77 -56.93
CA GLN D 352 -7.90 25.33 -58.23
C GLN D 352 -9.16 24.50 -58.14
N LYS D 353 -9.28 23.69 -57.09
CA LYS D 353 -10.45 22.87 -56.87
C LYS D 353 -11.11 23.20 -55.53
N LEU D 354 -12.42 23.40 -55.52
CA LEU D 354 -13.14 23.67 -54.29
C LEU D 354 -14.48 22.90 -54.27
N ASP D 355 -14.60 21.91 -53.38
CA ASP D 355 -15.79 21.12 -53.29
C ASP D 355 -16.54 21.46 -52.01
N LEU D 356 -17.71 22.06 -52.14
CA LEU D 356 -18.53 22.40 -51.00
C LEU D 356 -19.87 21.68 -51.03
N SER D 357 -19.89 20.49 -51.62
CA SER D 357 -21.15 19.80 -51.84
C SER D 357 -21.71 19.16 -50.57
N HIS D 358 -23.02 18.98 -50.52
CA HIS D 358 -23.68 18.26 -49.43
C HIS D 358 -23.43 18.84 -48.00
N SER D 359 -23.07 20.12 -47.94
CA SER D 359 -22.70 20.73 -46.68
C SER D 359 -23.82 21.68 -46.18
N ASP D 360 -25.08 21.44 -46.59
CA ASP D 360 -26.27 22.12 -46.05
C ASP D 360 -26.05 23.62 -46.05
N ILE D 361 -25.59 24.12 -47.19
CA ILE D 361 -25.27 25.56 -47.38
C ILE D 361 -26.46 26.34 -47.95
N GLU D 362 -26.82 27.45 -47.31
CA GLU D 362 -27.91 28.28 -47.86
C GLU D 362 -27.50 29.75 -47.91
N ALA D 363 -26.57 30.09 -48.82
CA ALA D 363 -26.23 31.49 -49.16
C ALA D 363 -27.34 32.07 -50.02
N SER D 364 -27.47 33.38 -49.98
CA SER D 364 -28.71 34.06 -50.41
C SER D 364 -28.47 35.34 -51.23
N ASP D 365 -27.27 35.91 -51.13
CA ASP D 365 -26.81 36.95 -52.06
C ASP D 365 -25.43 36.48 -52.53
N CYS D 366 -25.44 35.27 -53.08
CA CYS D 366 -24.23 34.60 -53.53
C CYS D 366 -23.72 35.15 -54.88
N CYS D 367 -22.43 35.11 -55.21
CA CYS D 367 -21.33 34.44 -54.47
C CYS D 367 -19.99 35.24 -54.36
N ASN D 368 -19.95 36.48 -54.88
CA ASN D 368 -18.69 37.25 -54.97
C ASN D 368 -18.04 37.55 -53.60
N LEU D 369 -18.85 37.95 -52.62
CA LEU D 369 -18.35 38.15 -51.24
C LEU D 369 -17.93 36.85 -50.57
N GLN D 370 -18.70 35.78 -50.77
CA GLN D 370 -18.32 34.45 -50.27
C GLN D 370 -17.04 33.91 -50.96
N LEU D 371 -16.77 34.23 -52.22
CA LEU D 371 -15.55 33.72 -52.82
C LEU D 371 -14.48 34.80 -53.10
N LYS D 372 -14.44 35.86 -52.28
CA LYS D 372 -13.49 36.95 -52.56
C LYS D 372 -12.09 36.48 -52.86
N ASN D 373 -11.55 36.96 -53.97
CA ASN D 373 -10.15 36.80 -54.34
C ASN D 373 -9.70 35.41 -54.73
N LEU D 374 -10.63 34.47 -54.88
CA LEU D 374 -10.26 33.16 -55.42
C LEU D 374 -10.00 33.21 -56.94
N ARG D 375 -8.94 33.92 -57.37
CA ARG D 375 -8.69 34.27 -58.79
C ARG D 375 -8.34 33.10 -59.71
N HIS D 376 -7.94 31.97 -59.15
CA HIS D 376 -7.43 30.88 -59.96
C HIS D 376 -8.36 29.69 -59.96
N LEU D 377 -9.55 29.83 -59.34
CA LEU D 377 -10.45 28.66 -59.08
C LEU D 377 -10.94 28.07 -60.41
N GLN D 378 -10.81 26.76 -60.56
CA GLN D 378 -11.23 26.09 -61.80
C GLN D 378 -12.45 25.20 -61.63
N TYR D 379 -12.60 24.58 -60.46
CA TYR D 379 -13.67 23.64 -60.20
C TYR D 379 -14.36 24.08 -58.94
N LEU D 380 -15.66 24.34 -59.06
CA LEU D 380 -16.52 24.65 -57.89
C LEU D 380 -17.75 23.72 -57.88
N ASN D 381 -17.99 23.09 -56.76
CA ASN D 381 -19.07 22.14 -56.64
C ASN D 381 -19.93 22.57 -55.47
N LEU D 382 -21.12 23.07 -55.77
CA LEU D 382 -22.09 23.51 -54.75
C LEU D 382 -23.35 22.64 -54.81
N SER D 383 -23.21 21.46 -55.41
CA SER D 383 -24.36 20.58 -55.59
C SER D 383 -24.96 20.10 -54.26
N TYR D 384 -26.19 19.62 -54.33
CA TYR D 384 -26.93 19.07 -53.19
C TYR D 384 -26.93 19.99 -51.97
N ASN D 385 -27.27 21.24 -52.19
CA ASN D 385 -27.38 22.23 -51.11
C ASN D 385 -28.77 22.82 -51.08
N GLU D 386 -29.07 23.51 -49.99
CA GLU D 386 -30.28 24.28 -49.90
C GLU D 386 -30.19 25.46 -50.88
N PRO D 387 -31.31 26.18 -51.13
CA PRO D 387 -31.39 27.18 -52.20
C PRO D 387 -30.25 28.20 -52.23
N LEU D 388 -29.82 28.53 -53.45
CA LEU D 388 -28.71 29.44 -53.69
C LEU D 388 -29.21 30.74 -54.36
N GLY D 389 -28.86 31.88 -53.80
CA GLY D 389 -29.33 33.14 -54.30
C GLY D 389 -28.30 33.75 -55.19
N LEU D 390 -28.64 33.87 -56.46
CA LEU D 390 -27.66 34.23 -57.45
C LEU D 390 -27.96 35.63 -57.93
N GLU D 391 -27.07 36.53 -57.56
CA GLU D 391 -26.99 37.85 -58.16
C GLU D 391 -26.69 37.83 -59.66
N ASP D 392 -26.85 39.00 -60.26
CA ASP D 392 -26.28 39.23 -61.54
C ASP D 392 -24.76 39.20 -61.32
N GLN D 393 -24.03 38.60 -62.26
CA GLN D 393 -22.58 38.39 -62.12
C GLN D 393 -22.16 37.73 -60.78
N ALA D 394 -22.91 36.67 -60.40
CA ALA D 394 -22.68 35.86 -59.18
C ALA D 394 -21.25 35.32 -58.97
N PHE D 395 -20.51 35.10 -60.06
CA PHE D 395 -19.15 34.56 -59.94
C PHE D 395 -18.11 35.48 -60.61
N LYS D 396 -18.23 36.79 -60.38
CA LYS D 396 -17.28 37.76 -60.94
C LYS D 396 -15.90 37.58 -60.31
N GLU D 397 -15.88 37.04 -59.12
CA GLU D 397 -14.67 36.86 -58.36
C GLU D 397 -13.96 35.48 -58.63
N CYS D 398 -14.46 34.70 -59.61
CA CYS D 398 -13.87 33.37 -60.01
C CYS D 398 -13.70 33.22 -61.53
N PRO D 399 -13.23 34.28 -62.19
CA PRO D 399 -13.28 34.29 -63.65
C PRO D 399 -12.61 33.10 -64.36
N GLN D 400 -11.60 32.47 -63.76
CA GLN D 400 -10.89 31.33 -64.39
C GLN D 400 -11.61 29.94 -64.25
N LEU D 401 -12.87 29.98 -63.82
CA LEU D 401 -13.70 28.79 -63.55
C LEU D 401 -13.96 28.02 -64.83
N GLU D 402 -13.90 26.70 -64.72
CA GLU D 402 -13.84 25.79 -65.86
C GLU D 402 -14.97 24.73 -65.79
N LEU D 403 -15.20 24.19 -64.60
CA LEU D 403 -16.29 23.29 -64.36
C LEU D 403 -17.08 23.74 -63.12
N LEU D 404 -18.35 24.09 -63.32
CA LEU D 404 -19.22 24.47 -62.21
C LEU D 404 -20.36 23.46 -62.06
N ASP D 405 -20.56 22.93 -60.87
CA ASP D 405 -21.61 21.94 -60.65
C ASP D 405 -22.51 22.37 -59.51
N VAL D 406 -23.80 22.61 -59.81
CA VAL D 406 -24.81 22.98 -58.77
C VAL D 406 -26.06 22.04 -58.77
N ALA D 407 -25.88 20.82 -59.27
CA ALA D 407 -26.98 19.88 -59.43
C ALA D 407 -27.73 19.71 -58.13
N PHE D 408 -29.06 19.68 -58.20
CA PHE D 408 -29.95 19.46 -57.05
C PHE D 408 -29.94 20.54 -55.99
N THR D 409 -29.38 21.70 -56.32
CA THR D 409 -29.49 22.90 -55.52
C THR D 409 -30.33 23.87 -56.35
N HIS D 410 -31.58 24.07 -55.93
CA HIS D 410 -32.44 25.11 -56.50
C HIS D 410 -31.70 26.43 -56.62
N LEU D 411 -31.89 27.07 -57.77
CA LEU D 411 -31.40 28.42 -58.00
C LEU D 411 -32.57 29.45 -57.92
N HIS D 412 -32.34 30.51 -57.16
CA HIS D 412 -33.30 31.57 -57.01
C HIS D 412 -32.65 32.71 -57.73
N VAL D 413 -32.95 32.80 -59.02
CA VAL D 413 -32.40 33.84 -59.89
C VAL D 413 -33.53 34.81 -60.27
N LYS D 414 -33.31 36.11 -60.16
CA LYS D 414 -34.33 37.09 -60.56
C LYS D 414 -34.20 37.36 -62.06
N ALA D 415 -35.32 37.22 -62.79
CA ALA D 415 -35.33 37.56 -64.22
C ALA D 415 -35.05 39.04 -64.36
N PRO D 416 -34.22 39.43 -65.34
CA PRO D 416 -33.50 38.66 -66.36
C PRO D 416 -32.01 38.55 -66.05
N HIS D 417 -31.65 38.38 -64.79
CA HIS D 417 -30.24 38.41 -64.42
C HIS D 417 -29.48 37.23 -65.07
N SER D 418 -28.19 37.43 -65.31
CA SER D 418 -27.28 36.40 -65.81
C SER D 418 -26.22 36.02 -64.76
N PRO D 419 -26.53 35.00 -63.93
CA PRO D 419 -25.58 34.56 -62.95
C PRO D 419 -24.17 34.30 -63.51
N PHE D 420 -24.08 33.80 -64.74
CA PHE D 420 -22.85 33.17 -65.19
C PHE D 420 -22.03 34.00 -66.20
N GLN D 421 -22.43 35.27 -66.32
CA GLN D 421 -21.92 36.26 -67.26
C GLN D 421 -20.40 36.32 -67.43
N ASN D 422 -19.70 36.46 -66.31
CA ASN D 422 -18.25 36.71 -66.29
C ASN D 422 -17.43 35.45 -66.64
N LEU D 423 -18.02 34.27 -66.41
CA LEU D 423 -17.33 32.98 -66.53
C LEU D 423 -17.13 32.60 -67.98
N HIS D 424 -16.19 33.30 -68.61
CA HIS D 424 -15.88 33.10 -70.02
C HIS D 424 -15.08 31.83 -70.36
N LEU D 425 -14.50 31.16 -69.37
CA LEU D 425 -13.69 29.97 -69.65
C LEU D 425 -14.41 28.67 -69.21
N LEU D 426 -15.66 28.81 -68.77
CA LEU D 426 -16.44 27.65 -68.31
C LEU D 426 -16.67 26.70 -69.46
N ARG D 427 -16.35 25.42 -69.29
CA ARG D 427 -16.58 24.41 -70.35
C ARG D 427 -17.65 23.37 -69.98
N VAL D 428 -17.90 23.18 -68.69
CA VAL D 428 -18.89 22.24 -68.23
C VAL D 428 -19.76 22.83 -67.12
N LEU D 429 -21.06 22.88 -67.36
CA LEU D 429 -22.04 23.40 -66.40
C LEU D 429 -23.16 22.38 -66.14
N ASN D 430 -23.36 22.01 -64.87
CA ASN D 430 -24.42 21.11 -64.49
C ASN D 430 -25.49 21.80 -63.64
N LEU D 431 -26.67 22.02 -64.26
CA LEU D 431 -27.80 22.65 -63.59
C LEU D 431 -28.96 21.68 -63.44
N SER D 432 -28.64 20.39 -63.30
CA SER D 432 -29.65 19.34 -63.13
C SER D 432 -30.55 19.54 -61.89
N HIS D 433 -31.84 19.35 -62.10
CA HIS D 433 -32.85 19.50 -61.04
C HIS D 433 -32.75 20.79 -60.20
N CYS D 434 -32.15 21.83 -60.79
CA CYS D 434 -32.03 23.14 -60.15
C CYS D 434 -33.31 23.96 -60.12
N LEU D 435 -34.38 23.47 -60.76
CA LEU D 435 -35.68 24.16 -60.70
C LEU D 435 -35.56 25.52 -61.39
N LEU D 436 -34.76 25.58 -62.45
CA LEU D 436 -34.55 26.81 -63.21
C LEU D 436 -35.88 27.35 -63.70
N ASP D 437 -35.95 28.66 -63.91
CA ASP D 437 -37.02 29.22 -64.69
C ASP D 437 -36.48 29.42 -66.10
N THR D 438 -36.82 28.50 -67.00
CA THR D 438 -36.25 28.48 -68.34
C THR D 438 -36.78 29.57 -69.27
N SER D 439 -37.76 30.35 -68.82
CA SER D 439 -38.31 31.45 -69.61
C SER D 439 -37.32 32.63 -69.70
N ASN D 440 -36.56 32.89 -68.64
CA ASN D 440 -35.53 33.94 -68.66
C ASN D 440 -34.50 33.62 -69.73
N GLN D 441 -34.46 34.43 -70.77
CA GLN D 441 -33.64 34.10 -71.94
C GLN D 441 -32.15 34.35 -71.70
N HIS D 442 -31.89 35.20 -70.70
CA HIS D 442 -30.57 35.71 -70.41
C HIS D 442 -29.83 35.00 -69.29
N LEU D 443 -30.40 33.91 -68.77
CA LEU D 443 -29.82 33.20 -67.63
C LEU D 443 -28.39 32.77 -67.95
N LEU D 444 -28.24 32.21 -69.17
CA LEU D 444 -26.99 31.66 -69.67
C LEU D 444 -26.21 32.64 -70.55
N ALA D 445 -26.67 33.88 -70.63
CA ALA D 445 -26.00 34.97 -71.34
C ALA D 445 -24.60 35.12 -70.82
N GLY D 446 -23.62 35.01 -71.72
CA GLY D 446 -22.18 35.05 -71.38
C GLY D 446 -21.46 33.71 -71.51
N LEU D 447 -22.21 32.65 -71.79
CA LEU D 447 -21.68 31.27 -71.81
C LEU D 447 -21.47 30.76 -73.25
N GLN D 448 -21.17 31.70 -74.14
CA GLN D 448 -20.84 31.45 -75.55
C GLN D 448 -20.10 30.13 -75.78
N ASP D 449 -18.96 29.97 -75.10
CA ASP D 449 -18.01 28.88 -75.36
C ASP D 449 -18.15 27.62 -74.49
N LEU D 450 -19.32 27.42 -73.89
CA LEU D 450 -19.52 26.23 -73.04
C LEU D 450 -19.64 24.94 -73.90
N ARG D 451 -18.80 23.94 -73.64
CA ARG D 451 -18.85 22.68 -74.42
C ARG D 451 -19.83 21.59 -73.86
N HIS D 452 -20.47 21.82 -72.72
CA HIS D 452 -21.22 20.76 -72.03
C HIS D 452 -22.23 21.37 -71.02
N LEU D 453 -23.51 21.26 -71.32
CA LEU D 453 -24.58 21.75 -70.47
C LEU D 453 -25.57 20.63 -70.06
N ASN D 454 -25.90 20.58 -68.77
CA ASN D 454 -26.84 19.63 -68.23
C ASN D 454 -28.05 20.34 -67.62
N LEU D 455 -29.16 20.31 -68.34
CA LEU D 455 -30.43 20.97 -67.91
C LEU D 455 -31.47 19.92 -67.56
N GLN D 456 -31.01 18.74 -67.19
CA GLN D 456 -31.90 17.66 -66.78
C GLN D 456 -32.87 18.09 -65.66
N GLY D 457 -34.08 17.54 -65.65
CA GLY D 457 -35.00 17.77 -64.55
C GLY D 457 -35.49 19.19 -64.32
N ASN D 458 -35.46 20.05 -65.34
CA ASN D 458 -36.12 21.34 -65.23
C ASN D 458 -37.29 21.30 -66.18
N SER D 459 -38.11 22.35 -66.23
CA SER D 459 -39.32 22.32 -67.04
C SER D 459 -39.46 23.58 -67.90
N PHE D 460 -40.18 23.43 -69.01
CA PHE D 460 -40.36 24.47 -70.03
C PHE D 460 -41.85 24.86 -70.22
N GLN D 461 -42.18 26.14 -70.08
CA GLN D 461 -43.52 26.67 -70.35
C GLN D 461 -44.27 25.91 -71.45
N ASP D 462 -45.49 25.44 -71.17
CA ASP D 462 -46.31 24.65 -72.10
C ASP D 462 -45.61 23.40 -72.66
N GLY D 463 -44.55 22.96 -71.99
CA GLY D 463 -43.81 21.80 -72.41
C GLY D 463 -43.19 21.88 -73.79
N SER D 464 -42.72 23.05 -74.19
CA SER D 464 -42.15 23.22 -75.51
C SER D 464 -40.91 24.08 -75.54
N ILE D 465 -39.85 23.56 -76.17
CA ILE D 465 -38.70 24.37 -76.54
C ILE D 465 -38.99 25.00 -77.91
N SER D 466 -39.28 26.31 -77.89
CA SER D 466 -39.80 27.09 -79.03
C SER D 466 -38.74 27.51 -80.05
N LYS D 467 -39.13 28.38 -80.99
CA LYS D 467 -38.18 29.02 -81.91
C LYS D 467 -37.12 29.67 -81.04
N THR D 468 -37.54 30.59 -80.19
CA THR D 468 -36.63 31.31 -79.28
C THR D 468 -36.64 30.61 -77.91
N ASN D 469 -35.50 30.61 -77.21
CA ASN D 469 -35.34 29.86 -75.95
C ASN D 469 -33.96 30.01 -75.32
N LEU D 470 -33.88 29.84 -74.00
CA LEU D 470 -32.65 30.12 -73.21
C LEU D 470 -31.35 29.58 -73.85
N LEU D 471 -31.44 28.49 -74.62
CA LEU D 471 -30.29 27.86 -75.28
C LEU D 471 -29.73 28.73 -76.39
N GLN D 472 -30.57 29.59 -76.97
CA GLN D 472 -30.16 30.52 -78.03
C GLN D 472 -29.26 31.59 -77.45
N MET D 473 -28.14 31.12 -76.90
CA MET D 473 -27.27 31.86 -76.00
C MET D 473 -26.04 31.02 -75.53
N VAL D 474 -26.05 29.72 -75.82
CA VAL D 474 -24.88 28.87 -75.56
C VAL D 474 -24.45 28.16 -76.85
N GLY D 475 -24.21 28.93 -77.91
CA GLY D 475 -24.00 28.40 -79.24
C GLY D 475 -23.04 27.24 -79.44
N SER D 476 -22.04 27.08 -78.58
CA SER D 476 -20.91 26.21 -78.86
C SER D 476 -21.05 24.74 -78.42
N LEU D 477 -22.18 24.41 -77.80
CA LEU D 477 -22.32 23.12 -77.07
C LEU D 477 -21.94 21.89 -77.89
N GLU D 478 -21.47 20.86 -77.19
CA GLU D 478 -21.28 19.49 -77.76
C GLU D 478 -22.15 18.49 -77.01
N ILE D 479 -22.17 18.65 -75.69
CA ILE D 479 -23.04 17.86 -74.88
C ILE D 479 -24.20 18.69 -74.37
N LEU D 480 -25.41 18.21 -74.64
CA LEU D 480 -26.63 18.83 -74.17
C LEU D 480 -27.51 17.76 -73.57
N ILE D 481 -27.87 17.93 -72.29
CA ILE D 481 -28.75 16.99 -71.61
C ILE D 481 -30.08 17.68 -71.22
N LEU D 482 -31.16 17.21 -71.85
CA LEU D 482 -32.51 17.75 -71.64
C LEU D 482 -33.47 16.65 -71.22
N SER D 483 -32.97 15.70 -70.42
CA SER D 483 -33.79 14.57 -70.00
C SER D 483 -34.69 14.92 -68.83
N SER D 484 -35.75 14.15 -68.70
CA SER D 484 -36.67 14.26 -67.59
C SER D 484 -37.07 15.71 -67.42
N CYS D 485 -37.36 16.39 -68.53
CA CYS D 485 -37.85 17.77 -68.51
C CYS D 485 -39.33 17.92 -68.87
N ASN D 486 -40.09 16.81 -68.92
CA ASN D 486 -41.54 16.84 -69.15
C ASN D 486 -41.91 17.45 -70.48
N LEU D 487 -41.04 17.23 -71.48
CA LEU D 487 -41.22 17.86 -72.77
C LEU D 487 -42.32 17.13 -73.52
N LEU D 488 -43.17 17.89 -74.20
CA LEU D 488 -44.17 17.37 -75.13
C LEU D 488 -43.77 17.59 -76.61
N SER D 489 -43.04 18.67 -76.88
CA SER D 489 -42.58 18.98 -78.24
C SER D 489 -41.37 19.91 -78.27
N ILE D 490 -40.47 19.69 -79.22
CA ILE D 490 -39.44 20.67 -79.50
C ILE D 490 -39.77 21.29 -80.87
N ASP D 491 -39.64 22.60 -81.00
CA ASP D 491 -39.97 23.30 -82.25
C ASP D 491 -38.91 22.96 -83.31
N GLN D 492 -39.36 22.94 -84.58
CA GLN D 492 -38.48 22.63 -85.72
C GLN D 492 -37.15 23.37 -85.53
N GLN D 493 -37.26 24.67 -85.23
CA GLN D 493 -36.09 25.54 -85.18
C GLN D 493 -35.52 25.76 -83.79
N ALA D 494 -35.85 24.89 -82.84
CA ALA D 494 -35.39 25.08 -81.47
C ALA D 494 -33.85 25.02 -81.39
N PHE D 495 -33.23 24.19 -82.22
CA PHE D 495 -31.78 23.96 -82.13
C PHE D 495 -30.95 24.44 -83.33
N HIS D 496 -31.58 25.11 -84.29
CA HIS D 496 -30.84 25.80 -85.35
C HIS D 496 -30.05 26.91 -84.69
N GLY D 497 -28.80 26.68 -84.38
CA GLY D 497 -28.03 27.68 -83.64
C GLY D 497 -26.98 27.06 -82.78
N LEU D 498 -27.04 25.73 -82.65
CA LEU D 498 -26.02 24.95 -81.97
C LEU D 498 -25.32 24.10 -83.03
N ARG D 499 -24.43 24.72 -83.80
CA ARG D 499 -23.81 24.02 -84.94
C ARG D 499 -22.74 22.95 -84.62
N ASN D 500 -22.29 22.79 -83.36
CA ASN D 500 -21.21 21.80 -83.05
C ASN D 500 -21.64 20.63 -82.11
N VAL D 501 -22.93 20.33 -82.02
CA VAL D 501 -23.47 19.39 -80.99
C VAL D 501 -23.32 17.91 -81.38
N ASN D 502 -22.83 17.08 -80.47
CA ASN D 502 -22.55 15.65 -80.76
C ASN D 502 -23.06 14.61 -79.73
N HIS D 503 -23.72 15.10 -78.69
CA HIS D 503 -24.29 14.25 -77.66
C HIS D 503 -25.60 14.94 -77.24
N LEU D 504 -26.73 14.33 -77.58
CA LEU D 504 -28.03 14.92 -77.29
C LEU D 504 -28.90 13.91 -76.55
N ASP D 505 -29.27 14.26 -75.32
CA ASP D 505 -30.06 13.39 -74.48
C ASP D 505 -31.43 14.03 -74.27
N LEU D 506 -32.43 13.48 -74.95
CA LEU D 506 -33.82 13.91 -74.79
C LEU D 506 -34.65 12.85 -74.07
N SER D 507 -33.98 11.90 -73.41
CA SER D 507 -34.66 10.76 -72.79
C SER D 507 -35.56 11.19 -71.63
N HIS D 508 -36.52 10.32 -71.30
CA HIS D 508 -37.48 10.55 -70.19
C HIS D 508 -38.30 11.84 -70.35
N ASN D 509 -38.82 12.04 -71.55
CA ASN D 509 -39.78 13.08 -71.82
C ASN D 509 -40.95 12.41 -72.49
N SER D 510 -41.91 13.17 -73.00
CA SER D 510 -43.00 12.55 -73.76
C SER D 510 -43.07 13.15 -75.19
N LEU D 511 -41.89 13.20 -75.80
CA LEU D 511 -41.74 13.64 -77.19
C LEU D 511 -42.19 12.53 -78.11
N THR D 512 -42.35 12.84 -79.40
CA THR D 512 -42.79 11.88 -80.41
C THR D 512 -42.03 12.10 -81.73
N GLY D 513 -42.39 11.36 -82.77
CA GLY D 513 -41.70 11.44 -84.05
C GLY D 513 -41.58 12.84 -84.65
N ASP D 514 -42.55 13.71 -84.37
CA ASP D 514 -42.50 15.10 -84.85
C ASP D 514 -41.37 15.93 -84.25
N SER D 515 -40.89 15.55 -83.06
CA SER D 515 -39.73 16.22 -82.49
C SER D 515 -38.43 16.01 -83.30
N MET D 516 -38.27 14.87 -83.98
CA MET D 516 -37.02 14.54 -84.69
C MET D 516 -36.72 15.53 -85.83
N ASP D 517 -37.71 16.30 -86.26
CA ASP D 517 -37.50 17.38 -87.21
C ASP D 517 -36.41 18.33 -86.71
N ALA D 518 -36.44 18.67 -85.42
CA ALA D 518 -35.43 19.57 -84.82
C ALA D 518 -33.97 19.08 -84.92
N LEU D 519 -33.76 17.80 -85.30
CA LEU D 519 -32.42 17.23 -85.45
C LEU D 519 -31.91 17.20 -86.89
N SER D 520 -32.75 17.51 -87.87
CA SER D 520 -32.41 17.31 -89.30
C SER D 520 -31.07 17.93 -89.73
N HIS D 521 -30.72 19.08 -89.16
CA HIS D 521 -29.52 19.82 -89.55
C HIS D 521 -28.22 19.32 -88.87
N LEU D 522 -28.31 18.24 -88.10
CA LEU D 522 -27.17 17.72 -87.38
C LEU D 522 -26.69 16.37 -87.95
N LYS D 523 -25.41 16.09 -87.74
CA LYS D 523 -24.81 14.85 -88.24
C LYS D 523 -24.00 14.11 -87.15
N GLY D 524 -24.01 12.78 -87.24
CA GLY D 524 -23.12 11.94 -86.46
C GLY D 524 -23.12 12.13 -84.98
N LEU D 525 -24.26 12.49 -84.40
CA LEU D 525 -24.33 12.56 -82.93
C LEU D 525 -24.63 11.23 -82.26
N TYR D 526 -24.40 11.20 -80.97
CA TYR D 526 -25.01 10.20 -80.10
C TYR D 526 -26.40 10.78 -79.74
N LEU D 527 -27.45 10.12 -80.21
CA LEU D 527 -28.84 10.59 -80.02
C LEU D 527 -29.61 9.63 -79.11
N ASN D 528 -29.86 10.04 -77.87
CA ASN D 528 -30.64 9.22 -76.95
C ASN D 528 -32.07 9.70 -76.77
N MET D 529 -33.01 8.97 -77.38
CA MET D 529 -34.46 9.30 -77.32
C MET D 529 -35.24 8.24 -76.52
N ALA D 530 -34.52 7.53 -75.64
CA ALA D 530 -35.12 6.44 -74.85
C ALA D 530 -36.23 6.98 -73.97
N SER D 531 -37.21 6.11 -73.66
CA SER D 531 -38.28 6.45 -72.71
C SER D 531 -39.01 7.74 -73.07
N ASN D 532 -39.54 7.77 -74.28
CA ASN D 532 -40.37 8.88 -74.75
C ASN D 532 -41.77 8.35 -75.15
N ASN D 533 -42.48 9.11 -75.98
CA ASN D 533 -43.78 8.71 -76.49
C ASN D 533 -43.75 8.63 -78.02
N ILE D 534 -42.63 8.15 -78.57
CA ILE D 534 -42.50 7.93 -80.01
C ILE D 534 -43.29 6.67 -80.43
N ARG D 535 -44.16 6.83 -81.42
CA ARG D 535 -44.94 5.70 -81.96
C ARG D 535 -44.59 5.51 -83.44
N ILE D 536 -45.18 6.31 -84.32
CA ILE D 536 -44.80 6.30 -85.72
C ILE D 536 -43.66 7.31 -85.93
N ILE D 537 -42.66 6.89 -86.71
CA ILE D 537 -41.60 7.79 -87.15
C ILE D 537 -41.82 8.16 -88.61
N PRO D 538 -42.31 9.38 -88.87
CA PRO D 538 -42.63 9.72 -90.26
C PRO D 538 -41.40 9.53 -91.16
N PRO D 539 -41.59 8.98 -92.36
CA PRO D 539 -40.45 8.64 -93.22
C PRO D 539 -39.65 9.83 -93.75
N HIS D 540 -40.32 10.95 -94.00
CA HIS D 540 -39.61 12.12 -94.52
C HIS D 540 -38.48 12.56 -93.62
N LEU D 541 -38.62 12.35 -92.32
CA LEU D 541 -37.58 12.75 -91.36
C LEU D 541 -36.83 11.56 -90.82
N LEU D 542 -36.95 10.44 -91.53
CA LEU D 542 -36.13 9.24 -91.27
C LEU D 542 -34.63 9.45 -91.56
N PRO D 543 -34.30 10.25 -92.59
CA PRO D 543 -32.87 10.53 -92.78
C PRO D 543 -32.21 11.31 -91.62
N ALA D 544 -33.00 12.00 -90.80
CA ALA D 544 -32.46 12.67 -89.61
C ALA D 544 -31.86 11.65 -88.66
N LEU D 545 -32.48 10.48 -88.57
CA LEU D 545 -31.93 9.39 -87.74
C LEU D 545 -30.70 8.74 -88.40
N SER D 546 -30.76 8.53 -89.72
CA SER D 546 -29.67 7.90 -90.46
C SER D 546 -28.40 8.78 -90.55
N GLN D 547 -28.55 10.09 -90.39
CA GLN D 547 -27.38 10.99 -90.33
C GLN D 547 -26.51 10.85 -89.04
N GLN D 548 -26.95 10.07 -88.06
CA GLN D 548 -26.27 10.05 -86.76
C GLN D 548 -25.43 8.79 -86.59
N SER D 549 -24.69 8.68 -85.49
CA SER D 549 -23.70 7.61 -85.27
C SER D 549 -24.28 6.50 -84.40
N ILE D 550 -24.81 6.90 -83.24
CA ILE D 550 -25.48 5.98 -82.35
C ILE D 550 -26.86 6.55 -82.01
N ILE D 551 -27.87 5.68 -82.05
CA ILE D 551 -29.24 6.05 -81.68
C ILE D 551 -29.75 5.10 -80.61
N ASN D 552 -30.52 5.65 -79.65
CA ASN D 552 -31.23 4.88 -78.65
C ASN D 552 -32.73 5.21 -78.64
N LEU D 553 -33.55 4.29 -79.19
CA LEU D 553 -35.01 4.46 -79.24
C LEU D 553 -35.75 3.51 -78.27
N SER D 554 -35.01 2.96 -77.29
CA SER D 554 -35.56 1.95 -76.39
C SER D 554 -36.65 2.51 -75.50
N HIS D 555 -37.47 1.62 -74.95
CA HIS D 555 -38.61 2.00 -74.09
C HIS D 555 -39.53 3.10 -74.70
N ASN D 556 -39.86 2.94 -75.98
CA ASN D 556 -40.87 3.77 -76.63
C ASN D 556 -42.01 2.90 -77.10
N PRO D 557 -43.24 3.42 -77.04
CA PRO D 557 -44.37 2.65 -77.52
C PRO D 557 -44.36 2.58 -79.06
N LEU D 558 -43.27 2.05 -79.61
CA LEU D 558 -43.05 2.08 -81.07
C LEU D 558 -44.17 1.32 -81.85
N ASP D 559 -44.57 1.84 -83.00
CA ASP D 559 -45.67 1.26 -83.79
C ASP D 559 -45.19 0.16 -84.73
N CYS D 560 -45.90 -0.97 -84.74
CA CYS D 560 -45.56 -2.09 -85.62
C CYS D 560 -46.72 -2.47 -86.52
N THR D 561 -47.33 -1.46 -87.11
CA THR D 561 -48.30 -1.66 -88.19
C THR D 561 -47.59 -1.28 -89.48
N CYS D 562 -48.29 -1.37 -90.62
CA CYS D 562 -47.70 -0.99 -91.91
C CYS D 562 -47.45 0.51 -92.04
N SER D 563 -48.16 1.30 -91.21
CA SER D 563 -47.97 2.76 -91.16
C SER D 563 -46.56 3.16 -90.69
N ASN D 564 -45.86 2.23 -90.04
CA ASN D 564 -44.46 2.45 -89.66
C ASN D 564 -43.48 1.55 -90.41
N ILE D 565 -43.85 1.13 -91.62
CA ILE D 565 -43.05 0.18 -92.39
C ILE D 565 -41.67 0.75 -92.75
N HIS D 566 -41.62 2.01 -93.17
CA HIS D 566 -40.35 2.61 -93.55
C HIS D 566 -39.35 2.61 -92.38
N PHE D 567 -39.82 2.94 -91.17
CA PHE D 567 -38.96 2.92 -89.95
C PHE D 567 -38.46 1.51 -89.57
N ILE D 568 -39.29 0.49 -89.83
CA ILE D 568 -38.93 -0.87 -89.45
C ILE D 568 -37.83 -1.43 -90.38
N THR D 569 -37.91 -1.15 -91.67
CA THR D 569 -36.83 -1.57 -92.57
C THR D 569 -35.55 -0.76 -92.28
N TRP D 570 -35.69 0.54 -92.03
CA TRP D 570 -34.54 1.34 -91.55
C TRP D 570 -33.86 0.75 -90.31
N TYR D 571 -34.66 0.34 -89.32
CA TYR D 571 -34.09 -0.16 -88.05
C TYR D 571 -33.33 -1.46 -88.23
N LYS D 572 -33.89 -2.35 -89.08
CA LYS D 572 -33.26 -3.65 -89.36
C LYS D 572 -31.95 -3.41 -90.10
N GLU D 573 -32.02 -2.66 -91.19
CA GLU D 573 -30.82 -2.23 -91.94
C GLU D 573 -29.69 -1.63 -91.06
N ASN D 574 -30.02 -0.78 -90.09
CA ASN D 574 -29.00 -0.09 -89.27
C ASN D 574 -28.84 -0.61 -87.82
N LEU D 575 -29.19 -1.90 -87.60
CA LEU D 575 -29.15 -2.50 -86.24
C LEU D 575 -27.86 -2.18 -85.46
N HIS D 576 -26.74 -2.19 -86.17
CA HIS D 576 -25.41 -1.96 -85.57
C HIS D 576 -25.30 -0.60 -84.90
N LYS D 577 -25.84 0.44 -85.57
CA LYS D 577 -25.85 1.82 -85.02
C LYS D 577 -26.78 2.03 -83.79
N LEU D 578 -27.61 1.03 -83.45
CA LEU D 578 -28.70 1.23 -82.48
C LEU D 578 -28.34 0.72 -81.10
N GLU D 579 -28.24 1.64 -80.14
CA GLU D 579 -27.97 1.30 -78.73
C GLU D 579 -29.22 0.78 -78.00
N ASP D 580 -29.00 -0.14 -77.04
CA ASP D 580 -30.04 -0.71 -76.18
C ASP D 580 -31.17 -1.40 -76.99
N SER D 581 -30.77 -2.02 -78.10
CA SER D 581 -31.67 -2.71 -79.04
C SER D 581 -32.61 -3.72 -78.38
N GLU D 582 -32.06 -4.56 -77.50
CA GLU D 582 -32.84 -5.58 -76.77
C GLU D 582 -34.10 -5.03 -76.07
N GLU D 583 -34.04 -3.81 -75.53
CA GLU D 583 -35.23 -3.21 -74.89
C GLU D 583 -36.03 -2.25 -75.82
N THR D 584 -35.96 -2.43 -77.14
CA THR D 584 -36.71 -1.59 -78.09
C THR D 584 -37.78 -2.42 -78.80
N THR D 585 -39.02 -2.26 -78.33
CA THR D 585 -40.10 -3.21 -78.63
C THR D 585 -41.45 -2.55 -78.98
N CYS D 586 -42.29 -3.29 -79.71
CA CYS D 586 -43.58 -2.77 -80.19
C CYS D 586 -44.61 -2.56 -79.08
N ALA D 587 -45.47 -1.58 -79.27
CA ALA D 587 -46.64 -1.37 -78.43
C ALA D 587 -47.88 -1.87 -79.18
N ASN D 588 -48.05 -1.38 -80.40
CA ASN D 588 -49.11 -1.82 -81.33
C ASN D 588 -48.57 -2.75 -82.42
N PRO D 589 -49.40 -3.64 -82.95
CA PRO D 589 -50.70 -4.08 -82.44
C PRO D 589 -50.51 -5.04 -81.23
N PRO D 590 -51.62 -5.41 -80.58
CA PRO D 590 -51.58 -6.37 -79.47
C PRO D 590 -50.79 -7.66 -79.78
N SER D 591 -51.03 -8.26 -80.95
CA SER D 591 -50.31 -9.46 -81.39
C SER D 591 -48.79 -9.32 -81.28
N LEU D 592 -48.26 -8.14 -81.61
CA LEU D 592 -46.82 -7.91 -81.61
C LEU D 592 -46.33 -7.14 -80.37
N ARG D 593 -47.23 -6.88 -79.42
CA ARG D 593 -46.84 -6.16 -78.19
C ARG D 593 -45.70 -6.89 -77.46
N GLY D 594 -44.58 -6.23 -77.20
CA GLY D 594 -43.45 -6.86 -76.53
C GLY D 594 -42.37 -7.40 -77.48
N VAL D 595 -42.77 -7.74 -78.72
CA VAL D 595 -41.82 -8.18 -79.76
C VAL D 595 -40.73 -7.11 -80.00
N LYS D 596 -39.46 -7.51 -79.87
CA LYS D 596 -38.31 -6.68 -80.29
C LYS D 596 -38.38 -6.28 -81.78
N LEU D 597 -38.00 -5.04 -82.10
CA LEU D 597 -37.96 -4.61 -83.51
C LEU D 597 -36.84 -5.35 -84.25
N LYS E 6 49.04 39.45 18.10
CA LYS E 6 47.84 40.01 18.83
C LYS E 6 46.55 39.71 18.03
N CYS E 7 45.47 39.35 18.74
CA CYS E 7 44.18 39.11 18.12
C CYS E 7 43.56 40.45 17.72
N THR E 8 42.43 40.42 17.03
CA THR E 8 41.81 41.65 16.51
C THR E 8 40.40 41.78 17.04
N GLU E 9 40.08 42.94 17.65
CA GLU E 9 38.73 43.19 18.20
C GLU E 9 37.79 43.58 17.05
N LYS E 10 37.23 42.58 16.38
CA LYS E 10 36.29 42.82 15.28
C LYS E 10 34.93 43.47 15.73
N GLU E 11 34.59 43.37 17.02
CA GLU E 11 33.39 44.08 17.54
C GLU E 11 33.43 44.23 19.07
N GLY E 12 33.00 45.39 19.54
CA GLY E 12 33.28 45.84 20.89
C GLY E 12 33.11 44.78 21.97
N ASN E 13 34.23 44.20 22.43
CA ASN E 13 34.22 43.25 23.53
C ASN E 13 33.49 41.91 23.23
N ARG E 14 32.95 41.74 22.00
CA ARG E 14 32.09 40.56 21.66
C ARG E 14 32.61 39.63 20.51
N THR E 15 33.35 40.15 19.54
CA THR E 15 33.90 39.31 18.49
C THR E 15 35.40 39.54 18.29
N TYR E 16 36.18 38.46 18.26
CA TYR E 16 37.61 38.58 18.03
C TYR E 16 38.11 37.60 17.00
N ASN E 17 39.15 38.01 16.27
CA ASN E 17 39.77 37.17 15.27
C ASN E 17 41.20 36.89 15.73
N CYS E 18 41.59 35.61 15.80
CA CYS E 18 42.95 35.20 16.20
C CYS E 18 43.60 34.28 15.16
N GLU E 19 43.21 34.45 13.91
CA GLU E 19 43.61 33.49 12.87
C GLU E 19 45.08 33.51 12.54
N ASN E 20 45.61 32.37 12.12
CA ASN E 20 47.01 32.23 11.66
C ASN E 20 48.07 32.67 12.69
N LEU E 21 47.72 32.77 13.98
CA LEU E 21 48.70 33.28 14.98
C LEU E 21 49.52 32.18 15.67
N GLY E 22 49.29 30.92 15.30
CA GLY E 22 50.05 29.83 15.93
C GLY E 22 49.95 29.73 17.45
N LEU E 23 48.85 30.21 18.03
CA LEU E 23 48.69 30.18 19.46
C LEU E 23 48.54 28.73 19.94
N ARG E 24 49.02 28.43 21.14
CA ARG E 24 48.85 27.11 21.77
C ARG E 24 47.85 27.14 22.89
N GLU E 25 47.25 28.30 23.14
CA GLU E 25 46.32 28.49 24.25
C GLU E 25 45.52 29.75 24.04
N ILE E 26 44.41 29.89 24.78
CA ILE E 26 43.56 31.09 24.66
C ILE E 26 44.25 32.20 25.40
N PRO E 27 44.41 33.36 24.78
CA PRO E 27 45.07 34.45 25.48
C PRO E 27 44.29 35.00 26.67
N ASP E 28 45.04 35.41 27.71
CA ASP E 28 44.47 36.10 28.86
C ASP E 28 43.86 37.40 28.39
N THR E 29 44.43 37.99 27.34
CA THR E 29 43.85 39.15 26.69
C THR E 29 42.34 39.04 26.41
N LEU E 30 41.92 37.93 25.80
CA LEU E 30 40.51 37.74 25.44
C LEU E 30 39.60 37.77 26.69
N PRO E 31 38.57 38.63 26.65
CA PRO E 31 37.69 38.85 27.78
C PRO E 31 36.52 37.88 27.96
N ASN E 32 36.09 37.71 29.21
CA ASN E 32 34.82 37.05 29.60
C ASN E 32 33.68 37.24 28.58
N THR E 33 33.55 38.45 28.05
CA THR E 33 32.39 38.80 27.22
C THR E 33 32.47 38.33 25.77
N THR E 34 33.48 37.49 25.46
CA THR E 34 33.65 37.02 24.06
C THR E 34 32.57 36.02 23.64
N GLU E 35 31.98 36.25 22.47
CA GLU E 35 30.88 35.43 21.96
C GLU E 35 31.18 34.83 20.57
N VAL E 36 32.04 35.47 19.80
CA VAL E 36 32.45 34.91 18.51
C VAL E 36 34.00 34.89 18.41
N LEU E 37 34.58 33.69 18.37
CA LEU E 37 36.03 33.55 18.32
C LEU E 37 36.38 32.79 17.08
N GLU E 38 37.07 33.46 16.17
CA GLU E 38 37.63 32.83 14.97
C GLU E 38 39.04 32.40 15.29
N PHE E 39 39.24 31.10 15.52
CA PHE E 39 40.52 30.59 16.00
C PHE E 39 41.29 29.70 15.00
N SER E 40 41.03 29.89 13.70
CA SER E 40 41.66 29.07 12.67
C SER E 40 43.15 29.15 12.65
N PHE E 41 43.77 28.04 12.29
CA PHE E 41 45.19 28.01 12.04
C PHE E 41 46.00 28.35 13.26
N ASN E 42 45.63 27.75 14.38
CA ASN E 42 46.43 27.80 15.60
C ASN E 42 46.84 26.38 15.94
N PHE E 43 47.32 26.12 17.15
CA PHE E 43 47.90 24.81 17.45
C PHE E 43 47.33 24.23 18.73
N LEU E 44 46.30 23.40 18.59
CA LEU E 44 45.68 22.77 19.75
C LEU E 44 45.56 21.26 19.53
N PRO E 45 46.70 20.54 19.60
CA PRO E 45 46.75 19.09 19.49
C PRO E 45 45.71 18.39 20.36
N THR E 46 45.55 18.87 21.59
CA THR E 46 44.58 18.32 22.54
C THR E 46 43.65 19.43 22.97
N ILE E 47 42.39 19.09 23.17
CA ILE E 47 41.36 20.02 23.59
C ILE E 47 40.64 19.43 24.81
N GLN E 48 40.43 20.25 25.85
CA GLN E 48 39.98 19.78 27.15
C GLN E 48 39.06 20.75 27.87
N ASN E 49 38.51 20.29 28.99
CA ASN E 49 37.72 21.13 29.88
C ASN E 49 38.39 22.42 30.18
N THR E 50 39.71 22.39 30.38
CA THR E 50 40.47 23.60 30.70
C THR E 50 40.66 24.54 29.49
N THR E 51 40.60 24.03 28.25
CA THR E 51 41.06 24.83 27.10
C THR E 51 40.31 26.14 26.91
N PHE E 52 39.00 26.13 27.12
CA PHE E 52 38.16 27.31 26.83
C PHE E 52 37.35 27.77 28.06
N SER E 53 37.81 27.43 29.26
CA SER E 53 37.03 27.70 30.46
C SER E 53 36.92 29.19 30.76
N ARG E 54 38.02 29.91 30.61
CA ARG E 54 38.00 31.37 30.72
C ARG E 54 36.87 31.94 29.83
N LEU E 55 36.69 31.45 28.60
CA LEU E 55 35.68 32.06 27.70
C LEU E 55 34.28 31.45 27.77
N ILE E 56 33.62 31.61 28.92
CA ILE E 56 32.33 30.91 29.23
C ILE E 56 31.13 31.27 28.32
N ASN E 57 31.17 32.41 27.61
CA ASN E 57 30.00 32.88 26.84
C ASN E 57 30.11 32.76 25.32
N LEU E 58 30.86 31.77 24.83
CA LEU E 58 31.00 31.61 23.38
C LEU E 58 29.67 31.20 22.76
N ILE E 59 29.38 31.79 21.62
CA ILE E 59 28.24 31.43 20.80
C ILE E 59 28.72 30.71 19.57
N PHE E 60 29.80 31.21 18.98
CA PHE E 60 30.37 30.70 17.72
C PHE E 60 31.89 30.47 17.88
N LEU E 61 32.32 29.23 17.72
CA LEU E 61 33.71 28.89 17.92
C LEU E 61 34.24 28.17 16.70
N ASP E 62 35.21 28.77 15.99
CA ASP E 62 35.80 28.16 14.81
C ASP E 62 37.21 27.64 15.10
N LEU E 63 37.38 26.31 15.16
CA LEU E 63 38.69 25.71 15.39
C LEU E 63 39.33 25.09 14.11
N THR E 64 38.98 25.64 12.95
CA THR E 64 39.41 25.06 11.69
C THR E 64 40.92 24.95 11.65
N ARG E 65 41.39 23.76 11.24
CA ARG E 65 42.80 23.57 10.89
C ARG E 65 43.73 23.98 12.05
N CYS E 66 43.39 23.51 13.25
CA CYS E 66 44.19 23.75 14.44
C CYS E 66 44.97 22.51 14.88
N GLN E 67 45.07 21.52 14.01
CA GLN E 67 45.81 20.30 14.30
C GLN E 67 45.28 19.52 15.49
N ILE E 68 43.97 19.64 15.74
CA ILE E 68 43.38 18.94 16.91
C ILE E 68 43.36 17.43 16.65
N ASN E 69 43.93 16.68 17.58
CA ASN E 69 43.90 15.21 17.53
C ASN E 69 42.88 14.62 18.47
N TRP E 70 42.70 15.25 19.62
CA TRP E 70 41.86 14.72 20.68
C TRP E 70 40.92 15.79 21.11
N VAL E 71 39.66 15.41 21.25
CA VAL E 71 38.64 16.21 21.94
C VAL E 71 38.18 15.40 23.16
N HIS E 72 38.71 15.76 24.31
CA HIS E 72 38.47 15.02 25.53
C HIS E 72 37.17 15.32 26.21
N GLU E 73 36.78 14.43 27.12
CA GLU E 73 35.51 14.50 27.85
C GLU E 73 35.29 15.80 28.58
N ASP E 74 34.03 16.27 28.54
CA ASP E 74 33.57 17.50 29.21
C ASP E 74 34.18 18.80 28.69
N THR E 75 34.77 18.76 27.51
CA THR E 75 35.41 19.94 26.95
C THR E 75 34.49 21.17 26.99
N PHE E 76 33.21 20.99 26.68
CA PHE E 76 32.30 22.12 26.54
C PHE E 76 31.22 22.17 27.62
N GLN E 77 31.44 21.50 28.76
CA GLN E 77 30.45 21.47 29.87
C GLN E 77 30.00 22.86 30.32
N SER E 78 30.94 23.81 30.36
CA SER E 78 30.67 25.16 30.86
C SER E 78 30.26 26.17 29.77
N HIS E 79 29.74 25.69 28.63
CA HIS E 79 29.54 26.54 27.43
C HIS E 79 28.10 26.46 26.95
N HIS E 80 27.19 26.90 27.82
CA HIS E 80 25.75 26.70 27.66
C HIS E 80 25.18 27.34 26.39
N GLN E 81 25.74 28.47 25.97
CA GLN E 81 25.21 29.17 24.80
C GLN E 81 25.91 28.85 23.48
N LEU E 82 26.76 27.81 23.43
CA LEU E 82 27.43 27.42 22.15
C LEU E 82 26.42 26.98 21.08
N ASN E 83 26.49 27.64 19.94
CA ASN E 83 25.55 27.43 18.87
C ASN E 83 26.19 26.69 17.69
N THR E 84 27.41 27.09 17.34
CA THR E 84 28.16 26.52 16.25
C THR E 84 29.58 26.13 16.68
N ILE E 85 29.97 24.90 16.35
CA ILE E 85 31.35 24.46 16.52
C ILE E 85 31.90 24.08 15.16
N VAL E 86 33.03 24.67 14.75
CA VAL E 86 33.66 24.33 13.45
C VAL E 86 34.98 23.57 13.64
N LEU E 87 35.01 22.30 13.23
CA LEU E 87 36.19 21.45 13.42
C LEU E 87 36.89 21.01 12.11
N THR E 88 36.50 21.64 10.99
CA THR E 88 37.03 21.35 9.68
C THR E 88 38.52 21.24 9.61
N GLY E 89 39.02 20.19 9.01
CA GLY E 89 40.43 20.11 8.69
C GLY E 89 41.32 19.67 9.82
N ASN E 90 40.76 19.06 10.86
CA ASN E 90 41.59 18.58 11.94
C ASN E 90 41.75 17.06 11.85
N PRO E 91 42.97 16.56 12.06
CA PRO E 91 43.20 15.12 12.06
C PRO E 91 42.72 14.42 13.34
N LEU E 92 41.42 14.36 13.52
CA LEU E 92 40.86 13.89 14.77
C LEU E 92 41.18 12.42 14.89
N ILE E 93 41.63 12.00 16.08
CA ILE E 93 41.91 10.59 16.40
C ILE E 93 40.77 9.98 17.21
N PHE E 94 40.23 10.76 18.13
CA PHE E 94 39.16 10.28 19.00
C PHE E 94 38.38 11.44 19.63
N MET E 95 37.06 11.31 19.72
CA MET E 95 36.21 12.26 20.43
C MET E 95 35.46 11.54 21.56
N ALA E 96 35.63 12.01 22.78
CA ALA E 96 35.01 11.33 23.94
C ALA E 96 33.47 11.38 23.89
N GLU E 97 32.80 10.43 24.54
CA GLU E 97 31.33 10.35 24.45
C GLU E 97 30.66 11.68 24.81
N THR E 98 31.19 12.34 25.84
CA THR E 98 30.61 13.58 26.34
C THR E 98 31.40 14.83 25.91
N SER E 99 32.24 14.69 24.87
CA SER E 99 33.09 15.77 24.40
C SER E 99 32.34 16.98 23.87
N LEU E 100 31.13 16.79 23.36
CA LEU E 100 30.31 17.92 22.89
C LEU E 100 29.08 18.19 23.78
N THR E 101 28.95 17.51 24.90
CA THR E 101 27.84 17.85 25.79
C THR E 101 28.21 19.09 26.62
N GLY E 102 27.16 19.84 26.99
CA GLY E 102 27.34 21.12 27.65
C GLY E 102 26.40 22.17 27.10
N PRO E 103 26.55 22.52 25.82
CA PRO E 103 25.69 23.55 25.24
C PRO E 103 24.26 23.12 25.27
N LYS E 104 23.36 24.06 25.52
CA LYS E 104 21.93 23.74 25.61
C LYS E 104 21.29 23.64 24.20
N PHE E 105 21.86 24.31 23.21
CA PHE E 105 21.29 24.26 21.86
C PHE E 105 22.34 24.34 20.78
N LEU E 106 23.11 23.26 20.65
CA LEU E 106 24.13 23.18 19.62
C LEU E 106 23.39 22.89 18.32
N LYS E 107 23.43 23.83 17.40
CA LYS E 107 22.63 23.74 16.19
C LYS E 107 23.46 23.46 14.91
N HIS E 108 24.78 23.60 14.97
CA HIS E 108 25.62 23.44 13.78
C HIS E 108 26.97 22.88 14.10
N LEU E 109 27.26 21.69 13.55
CA LEU E 109 28.54 21.01 13.75
C LEU E 109 29.19 20.79 12.42
N PHE E 110 30.40 21.33 12.22
CA PHE E 110 31.19 21.09 11.00
C PHE E 110 32.32 20.06 11.25
N LEU E 111 32.20 18.88 10.65
CA LEU E 111 33.22 17.86 10.74
C LEU E 111 33.84 17.58 9.36
N THR E 112 33.84 18.59 8.51
CA THR E 112 34.41 18.51 7.17
C THR E 112 35.89 18.15 7.16
N GLN E 113 36.27 17.25 6.26
CA GLN E 113 37.68 16.79 6.13
C GLN E 113 38.39 16.50 7.45
N THR E 114 37.75 15.72 8.30
CA THR E 114 38.37 15.35 9.56
C THR E 114 38.81 13.89 9.54
N GLY E 115 38.68 13.22 8.41
CA GLY E 115 39.19 11.88 8.34
C GLY E 115 38.20 10.82 8.74
N ILE E 116 36.91 11.18 8.84
CA ILE E 116 35.87 10.27 9.36
C ILE E 116 35.50 9.27 8.28
N SER E 117 35.59 8.00 8.58
CA SER E 117 35.02 6.97 7.72
C SER E 117 33.92 6.16 8.39
N ASN E 118 33.84 6.18 9.71
CA ASN E 118 32.77 5.54 10.45
C ASN E 118 31.93 6.55 11.21
N LEU E 119 30.65 6.70 10.85
CA LEU E 119 29.79 7.66 11.52
C LEU E 119 29.62 7.41 13.04
N GLU E 120 29.92 6.20 13.49
CA GLU E 120 29.94 5.88 14.93
C GLU E 120 30.94 6.76 15.70
N PHE E 121 31.89 7.35 14.97
CA PHE E 121 32.90 8.22 15.53
C PHE E 121 32.34 9.50 16.12
N ILE E 122 31.17 9.93 15.65
CA ILE E 122 30.59 11.20 16.09
C ILE E 122 29.82 11.00 17.41
N PRO E 123 30.16 11.76 18.44
CA PRO E 123 29.46 11.57 19.69
C PRO E 123 28.02 12.11 19.65
N VAL E 124 27.04 11.24 19.88
CA VAL E 124 25.60 11.62 19.77
C VAL E 124 25.01 12.33 20.99
N HIS E 125 25.70 12.26 22.12
CA HIS E 125 25.09 12.66 23.37
C HIS E 125 24.28 13.97 23.33
N ASN E 126 24.81 15.01 22.70
CA ASN E 126 24.20 16.33 22.76
C ASN E 126 23.97 16.91 21.38
N LEU E 127 23.38 16.09 20.51
CA LEU E 127 23.16 16.50 19.13
C LEU E 127 21.68 16.66 18.78
N GLU E 128 20.77 16.46 19.74
CA GLU E 128 19.34 16.53 19.44
C GLU E 128 18.82 17.89 19.02
N ASN E 129 19.59 18.95 19.25
CA ASN E 129 19.26 20.28 18.75
C ASN E 129 19.96 20.64 17.45
N LEU E 130 20.67 19.70 16.83
CA LEU E 130 21.38 20.03 15.61
C LEU E 130 20.40 20.43 14.50
N GLU E 131 20.66 21.57 13.88
CA GLU E 131 20.00 21.99 12.63
C GLU E 131 20.83 21.72 11.35
N SER E 132 22.15 21.66 11.48
CA SER E 132 23.02 21.33 10.31
C SER E 132 24.26 20.53 10.67
N LEU E 133 24.54 19.49 9.91
CA LEU E 133 25.68 18.62 10.16
C LEU E 133 26.46 18.51 8.89
N HIS E 134 27.71 18.94 8.92
CA HIS E 134 28.55 19.01 7.75
C HIS E 134 29.65 17.94 7.75
N LEU E 135 29.51 16.97 6.87
CA LEU E 135 30.39 15.80 6.84
C LEU E 135 31.11 15.62 5.49
N GLY E 136 31.30 16.70 4.77
CA GLY E 136 31.90 16.62 3.46
C GLY E 136 33.39 16.35 3.49
N SER E 137 33.87 15.74 2.38
CA SER E 137 35.30 15.46 2.15
C SER E 137 35.86 14.53 3.20
N ASN E 138 35.03 13.64 3.70
CA ASN E 138 35.51 12.63 4.63
C ASN E 138 35.74 11.34 3.86
N HIS E 139 35.88 10.23 4.54
CA HIS E 139 36.04 8.94 3.87
C HIS E 139 34.77 8.11 4.06
N ILE E 140 33.59 8.71 3.83
CA ILE E 140 32.30 8.04 4.10
C ILE E 140 31.75 7.30 2.89
N SER E 141 31.11 6.16 3.10
CA SER E 141 30.52 5.41 1.99
C SER E 141 29.06 4.98 2.18
N SER E 142 28.46 5.33 3.31
CA SER E 142 27.06 5.03 3.54
C SER E 142 26.42 6.13 4.38
N ILE E 143 25.37 6.74 3.85
CA ILE E 143 24.66 7.77 4.60
C ILE E 143 23.86 7.18 5.78
N ASN E 144 23.82 5.86 5.90
CA ASN E 144 23.09 5.21 6.99
C ASN E 144 23.59 5.66 8.34
N LEU E 145 22.76 6.35 9.10
CA LEU E 145 23.19 6.88 10.39
C LEU E 145 23.14 5.79 11.40
N PRO E 146 23.92 5.92 12.48
CA PRO E 146 23.83 4.92 13.57
C PRO E 146 22.47 4.96 14.21
N GLU E 147 22.05 3.83 14.79
CA GLU E 147 20.79 3.76 15.55
C GLU E 147 20.87 4.72 16.75
N ASN E 148 19.75 5.35 17.07
CA ASN E 148 19.72 6.28 18.21
C ASN E 148 20.59 7.48 17.94
N PHE E 149 20.63 7.92 16.67
CA PHE E 149 21.29 9.16 16.27
C PHE E 149 20.19 10.17 16.02
N PRO E 150 20.17 11.27 16.78
CA PRO E 150 19.09 12.24 16.65
C PRO E 150 19.05 12.91 15.30
N THR E 151 17.85 12.96 14.70
CA THR E 151 17.63 13.57 13.39
C THR E 151 16.38 14.48 13.33
N GLN E 152 15.68 14.65 14.46
CA GLN E 152 14.39 15.38 14.47
C GLN E 152 14.53 16.80 13.94
N ASN E 153 15.46 17.58 14.46
CA ASN E 153 15.62 18.99 14.05
C ASN E 153 16.59 19.17 12.93
N LEU E 154 17.11 18.07 12.40
CA LEU E 154 18.10 18.16 11.32
C LEU E 154 17.45 18.73 10.06
N LYS E 155 17.95 19.86 9.58
CA LYS E 155 17.40 20.51 8.37
C LYS E 155 18.40 20.52 7.17
N VAL E 156 19.70 20.48 7.45
CA VAL E 156 20.75 20.37 6.42
C VAL E 156 21.75 19.27 6.75
N LEU E 157 22.04 18.40 5.81
CA LEU E 157 22.96 17.27 6.04
C LEU E 157 23.89 17.12 4.85
N ASP E 158 25.13 17.56 4.98
CA ASP E 158 25.99 17.70 3.83
C ASP E 158 26.99 16.54 3.70
N PHE E 159 26.86 15.76 2.64
CA PHE E 159 27.71 14.58 2.41
C PHE E 159 28.66 14.69 1.20
N GLN E 160 28.93 15.90 0.72
CA GLN E 160 29.75 16.10 -0.47
C GLN E 160 31.10 15.40 -0.48
N ASN E 161 31.58 15.10 -1.69
CA ASN E 161 32.96 14.59 -1.91
C ASN E 161 33.34 13.50 -0.95
N ASN E 162 32.51 12.47 -0.90
CA ASN E 162 32.75 11.30 -0.08
C ASN E 162 32.75 10.09 -1.03
N ALA E 163 32.58 8.88 -0.51
CA ALA E 163 32.63 7.70 -1.36
C ALA E 163 31.30 6.96 -1.34
N ILE E 164 30.18 7.68 -1.48
CA ILE E 164 28.84 7.07 -1.44
C ILE E 164 28.51 6.59 -2.83
N HIS E 165 28.34 5.28 -3.02
CA HIS E 165 28.03 4.77 -4.34
C HIS E 165 26.64 4.19 -4.45
N TYR E 166 26.06 3.77 -3.32
CA TYR E 166 24.69 3.27 -3.31
C TYR E 166 23.89 3.87 -2.16
N ILE E 167 22.62 4.16 -2.43
CA ILE E 167 21.68 4.57 -1.40
C ILE E 167 20.53 3.56 -1.38
N SER E 168 20.28 2.97 -0.22
CA SER E 168 19.19 2.01 -0.06
C SER E 168 18.01 2.57 0.73
N ARG E 169 16.87 1.87 0.63
CA ARG E 169 15.70 2.20 1.45
C ARG E 169 16.12 2.13 2.93
N LYS E 170 16.85 1.09 3.33
CA LYS E 170 17.33 0.98 4.71
C LYS E 170 18.08 2.26 5.12
N ASP E 171 19.02 2.69 4.28
CA ASP E 171 19.85 3.86 4.52
C ASP E 171 19.00 5.11 4.81
N THR E 172 18.06 5.42 3.92
CA THR E 172 17.26 6.64 4.05
C THR E 172 16.28 6.61 5.22
N ASN E 173 15.85 5.41 5.59
CA ASN E 173 14.87 5.23 6.65
C ASN E 173 15.40 5.76 7.96
N SER E 174 16.71 5.64 8.12
CA SER E 174 17.44 6.26 9.21
C SER E 174 17.00 7.72 9.50
N LEU E 175 16.65 8.48 8.47
CA LEU E 175 16.42 9.91 8.57
C LEU E 175 14.92 10.24 8.74
N GLU E 176 14.11 9.24 9.09
CA GLU E 176 12.65 9.40 9.05
C GLU E 176 12.08 10.43 10.02
N GLN E 177 12.77 10.64 11.13
CA GLN E 177 12.40 11.66 12.10
C GLN E 177 12.56 13.12 11.60
N ALA E 178 13.27 13.34 10.51
CA ALA E 178 13.51 14.70 10.05
C ALA E 178 12.28 15.29 9.39
N THR E 179 12.29 16.62 9.21
CA THR E 179 11.21 17.33 8.52
C THR E 179 11.79 18.48 7.72
N ASN E 180 11.44 18.55 6.43
CA ASN E 180 12.08 19.44 5.47
C ASN E 180 13.60 19.35 5.47
N LEU E 181 14.12 18.17 5.20
CA LEU E 181 15.56 17.93 5.21
C LEU E 181 16.14 18.11 3.82
N SER E 182 17.33 18.71 3.73
CA SER E 182 17.99 18.88 2.46
C SER E 182 19.29 18.16 2.54
N LEU E 183 19.62 17.41 1.49
CA LEU E 183 20.87 16.65 1.44
C LEU E 183 21.72 17.04 0.25
N ASN E 184 23.03 17.13 0.45
CA ASN E 184 23.97 17.40 -0.64
C ASN E 184 24.89 16.19 -0.92
N PHE E 185 24.78 15.62 -2.11
CA PHE E 185 25.62 14.47 -2.50
C PHE E 185 26.64 14.83 -3.57
N ASN E 186 26.78 16.11 -3.83
CA ASN E 186 27.66 16.57 -4.89
C ASN E 186 28.99 15.91 -4.80
N GLY E 187 29.48 15.45 -5.94
CA GLY E 187 30.80 14.82 -6.00
C GLY E 187 30.91 13.41 -5.46
N ASN E 188 29.79 12.75 -5.16
CA ASN E 188 29.76 11.32 -4.93
C ASN E 188 29.34 10.68 -6.21
N ASP E 189 29.99 9.60 -6.61
CA ASP E 189 29.66 8.88 -7.85
C ASP E 189 28.54 7.86 -7.53
N ILE E 190 27.29 8.27 -7.65
CA ILE E 190 26.16 7.41 -7.28
C ILE E 190 25.87 6.41 -8.39
N LYS E 191 26.12 5.14 -8.15
CA LYS E 191 25.89 4.14 -9.19
C LYS E 191 24.47 3.54 -9.13
N GLY E 192 23.83 3.64 -7.97
CA GLY E 192 22.46 3.13 -7.82
C GLY E 192 21.69 3.71 -6.64
N ILE E 193 20.37 3.78 -6.79
CA ILE E 193 19.50 4.11 -5.68
C ILE E 193 18.35 3.14 -5.68
N GLU E 194 18.14 2.43 -4.58
CA GLU E 194 17.00 1.55 -4.44
C GLU E 194 15.73 2.36 -4.65
N PRO E 195 14.85 1.91 -5.56
CA PRO E 195 13.69 2.76 -5.85
C PRO E 195 12.75 2.93 -4.65
N GLY E 196 12.23 4.15 -4.51
CA GLY E 196 11.34 4.51 -3.43
C GLY E 196 12.05 5.00 -2.17
N ALA E 197 13.39 5.02 -2.19
CA ALA E 197 14.14 5.46 -1.00
C ALA E 197 13.72 6.85 -0.53
N PHE E 198 13.16 7.65 -1.44
CA PHE E 198 12.79 9.05 -1.13
C PHE E 198 11.29 9.29 -1.20
N ILE E 199 10.50 8.21 -1.14
CA ILE E 199 9.03 8.33 -1.02
C ILE E 199 8.62 9.19 0.19
N SER E 200 9.41 9.13 1.26
CA SER E 200 9.15 9.87 2.46
C SER E 200 8.98 11.34 2.09
N LYS E 201 7.95 11.99 2.63
CA LYS E 201 7.65 13.41 2.31
C LYS E 201 8.62 14.38 2.99
N ILE E 202 9.37 13.89 3.97
CA ILE E 202 10.33 14.70 4.75
C ILE E 202 11.49 15.35 3.94
N PHE E 203 11.70 14.95 2.68
CA PHE E 203 12.82 15.47 1.88
C PHE E 203 12.44 16.69 1.09
N GLN E 204 13.10 17.81 1.39
CA GLN E 204 12.83 19.06 0.72
C GLN E 204 13.65 19.19 -0.54
N SER E 205 14.96 19.05 -0.41
CA SER E 205 15.87 19.31 -1.53
C SER E 205 17.12 18.39 -1.59
N LEU E 206 17.46 17.93 -2.79
CA LEU E 206 18.59 17.01 -2.98
C LEU E 206 19.51 17.52 -4.07
N LYS E 207 20.83 17.37 -3.89
CA LYS E 207 21.81 17.76 -4.90
C LYS E 207 22.65 16.54 -5.27
N PHE E 208 22.80 16.28 -6.58
CA PHE E 208 23.54 15.13 -7.05
C PHE E 208 24.55 15.56 -8.06
N GLY E 209 25.21 16.68 -7.76
CA GLY E 209 26.13 17.30 -8.71
C GLY E 209 27.22 16.38 -9.24
N GLY E 210 27.54 16.53 -10.50
CA GLY E 210 28.61 15.76 -11.14
C GLY E 210 28.28 14.30 -11.44
N SER E 211 27.06 13.89 -11.12
CA SER E 211 26.65 12.51 -11.27
C SER E 211 26.67 12.07 -12.74
N LEU E 212 27.19 10.88 -13.01
CA LEU E 212 27.39 10.46 -14.38
C LEU E 212 26.24 9.69 -14.97
N ASN E 213 25.19 9.36 -14.18
CA ASN E 213 24.02 8.67 -14.78
C ASN E 213 22.64 9.07 -14.23
N LEU E 214 22.05 10.08 -14.86
CA LEU E 214 20.80 10.67 -14.38
C LEU E 214 19.64 9.66 -14.51
N PHE E 215 19.67 8.81 -15.52
CA PHE E 215 18.63 7.80 -15.59
C PHE E 215 18.54 7.02 -14.26
N ILE E 216 19.69 6.55 -13.78
CA ILE E 216 19.76 5.84 -12.50
C ILE E 216 19.15 6.68 -11.40
N ILE E 217 19.49 7.96 -11.33
CA ILE E 217 19.00 8.83 -10.26
C ILE E 217 17.48 9.01 -10.30
N PHE E 218 16.95 9.36 -11.46
CA PHE E 218 15.52 9.57 -11.60
C PHE E 218 14.75 8.30 -11.21
N LYS E 219 15.19 7.16 -11.74
CA LYS E 219 14.51 5.90 -11.44
C LYS E 219 14.46 5.70 -9.92
N GLY E 220 15.53 6.05 -9.23
CA GLY E 220 15.59 5.96 -7.77
C GLY E 220 14.63 6.88 -7.04
N LEU E 221 14.44 8.08 -7.57
CA LEU E 221 13.59 9.09 -6.92
C LEU E 221 12.12 8.92 -7.25
N GLN E 222 11.75 7.78 -7.82
CA GLN E 222 10.36 7.48 -8.20
C GLN E 222 9.39 7.69 -7.03
N ASN E 223 8.22 8.26 -7.33
CA ASN E 223 7.15 8.59 -6.36
C ASN E 223 7.66 9.48 -5.23
N SER E 224 8.30 10.58 -5.55
CA SER E 224 8.78 11.49 -4.51
C SER E 224 8.40 12.94 -4.77
N THR E 225 8.35 13.72 -3.69
CA THR E 225 8.01 15.13 -3.76
C THR E 225 9.21 15.92 -3.27
N LEU E 226 9.76 16.75 -4.13
CA LEU E 226 10.95 17.53 -3.80
C LEU E 226 10.69 18.96 -4.16
N GLN E 227 11.19 19.88 -3.35
CA GLN E 227 11.20 21.29 -3.69
C GLN E 227 12.21 21.51 -4.85
N SER E 228 13.44 21.04 -4.68
CA SER E 228 14.43 21.19 -5.74
C SER E 228 15.43 20.02 -5.86
N LEU E 229 15.97 19.88 -7.07
CA LEU E 229 16.85 18.79 -7.43
C LEU E 229 17.93 19.36 -8.32
N TRP E 230 19.17 19.35 -7.83
CA TRP E 230 20.31 19.93 -8.52
C TRP E 230 21.09 18.83 -9.20
N LEU E 231 20.96 18.72 -10.52
CA LEU E 231 21.60 17.67 -11.30
C LEU E 231 22.63 18.25 -12.26
N GLY E 232 23.15 19.43 -11.94
CA GLY E 232 24.17 20.06 -12.78
C GLY E 232 25.49 19.30 -12.78
N THR E 233 26.30 19.51 -13.83
CA THR E 233 27.59 18.85 -13.97
C THR E 233 28.70 19.90 -13.97
N PHE E 234 29.94 19.47 -14.06
CA PHE E 234 31.07 20.40 -14.07
C PHE E 234 32.04 20.22 -15.23
N GLU E 235 32.88 21.22 -15.47
CA GLU E 235 33.86 21.17 -16.55
C GLU E 235 34.64 19.89 -16.45
N ASP E 236 35.24 19.69 -15.30
CA ASP E 236 36.09 18.54 -15.06
C ASP E 236 35.36 17.16 -15.10
N THR E 237 34.04 17.13 -14.93
CA THR E 237 33.36 15.83 -14.81
C THR E 237 33.29 15.14 -16.18
N ASP E 238 33.42 13.81 -16.17
CA ASP E 238 33.52 13.01 -17.42
C ASP E 238 32.32 13.22 -18.39
N ASP E 239 32.52 12.90 -19.67
CA ASP E 239 31.53 13.31 -20.67
C ASP E 239 30.36 12.36 -20.79
N GLN E 240 29.15 12.90 -20.63
CA GLN E 240 27.90 12.17 -20.88
C GLN E 240 27.06 12.94 -21.94
N TYR E 241 25.85 12.42 -22.22
CA TYR E 241 24.95 13.05 -23.19
C TYR E 241 23.53 12.79 -22.79
N LEU E 242 22.79 13.83 -22.44
CA LEU E 242 21.38 13.66 -22.05
C LEU E 242 20.46 13.35 -23.26
N THR E 243 19.45 12.51 -23.03
CA THR E 243 18.46 12.13 -24.04
C THR E 243 17.06 12.30 -23.49
N SER E 244 16.07 12.40 -24.37
CA SER E 244 14.66 12.24 -23.97
C SER E 244 14.45 11.03 -23.05
N ALA E 245 15.10 9.93 -23.41
CA ALA E 245 15.09 8.70 -22.61
C ALA E 245 15.51 8.98 -21.18
N THR E 246 16.52 9.82 -21.01
CA THR E 246 17.07 10.11 -19.69
C THR E 246 16.00 10.57 -18.69
N PHE E 247 15.02 11.32 -19.17
CA PHE E 247 14.05 11.95 -18.27
C PHE E 247 12.74 11.17 -18.12
N GLU E 248 12.69 9.95 -18.65
CA GLU E 248 11.45 9.16 -18.59
C GLU E 248 11.02 9.05 -17.12
N GLY E 249 11.96 8.83 -16.22
CA GLY E 249 11.64 8.65 -14.79
C GLY E 249 11.04 9.88 -14.11
N LEU E 250 11.18 11.04 -14.74
CA LEU E 250 10.79 12.30 -14.12
C LEU E 250 9.28 12.45 -13.97
N CYS E 251 8.51 11.90 -14.90
CA CYS E 251 7.03 12.01 -14.77
C CYS E 251 6.37 10.95 -13.85
N ASP E 252 7.19 10.20 -13.12
CA ASP E 252 6.74 9.44 -11.96
C ASP E 252 7.22 10.09 -10.66
N MET E 253 7.40 11.41 -10.66
CA MET E 253 7.80 12.16 -9.47
C MET E 253 7.40 13.64 -9.60
N SER E 254 7.63 14.42 -8.54
CA SER E 254 7.26 15.85 -8.55
C SER E 254 8.38 16.70 -7.94
N VAL E 255 8.91 17.60 -8.76
CA VAL E 255 9.94 18.52 -8.33
C VAL E 255 9.60 19.91 -8.85
N GLU E 256 9.66 20.92 -7.98
CA GLU E 256 9.35 22.29 -8.38
C GLU E 256 10.49 22.91 -9.18
N SER E 257 11.73 22.56 -8.86
CA SER E 257 12.90 23.23 -9.38
C SER E 257 14.03 22.28 -9.79
N ILE E 258 14.43 22.33 -11.07
CA ILE E 258 15.51 21.48 -11.56
C ILE E 258 16.66 22.34 -12.07
N ASN E 259 17.88 21.89 -11.85
CA ASN E 259 19.07 22.49 -12.42
C ASN E 259 19.85 21.46 -13.24
N LEU E 260 20.12 21.80 -14.50
CA LEU E 260 20.85 20.90 -15.37
C LEU E 260 22.07 21.61 -15.98
N GLN E 261 22.75 22.41 -15.17
CA GLN E 261 23.82 23.25 -15.68
C GLN E 261 24.89 22.44 -16.42
N LYS E 262 25.53 23.05 -17.40
CA LYS E 262 26.70 22.50 -18.04
C LYS E 262 26.53 21.16 -18.74
N HIS E 263 25.30 20.70 -18.94
CA HIS E 263 25.03 19.42 -19.66
C HIS E 263 24.98 19.58 -21.18
N ARG E 264 25.07 18.48 -21.88
CA ARG E 264 24.96 18.48 -23.33
C ARG E 264 23.75 17.65 -23.74
N PHE E 265 22.83 18.28 -24.46
CA PHE E 265 21.65 17.60 -24.95
C PHE E 265 21.90 16.96 -26.33
N SER E 266 21.79 15.64 -26.38
CA SER E 266 22.13 14.86 -27.57
C SER E 266 21.24 15.15 -28.76
N ASP E 267 19.93 15.02 -28.59
CA ASP E 267 19.02 15.30 -29.69
C ASP E 267 17.81 16.08 -29.23
N LEU E 268 18.04 17.34 -28.86
CA LEU E 268 17.00 18.17 -28.27
C LEU E 268 15.78 18.32 -29.18
N SER E 269 14.68 17.69 -28.78
CA SER E 269 13.38 17.82 -29.44
C SER E 269 12.42 18.41 -28.40
N SER E 270 11.22 18.79 -28.85
CA SER E 270 10.18 19.20 -27.89
C SER E 270 9.79 18.01 -27.00
N SER E 271 9.96 16.80 -27.53
CA SER E 271 9.69 15.56 -26.80
C SER E 271 10.61 15.40 -25.59
N THR E 272 11.78 16.02 -25.62
CA THR E 272 12.75 15.97 -24.50
C THR E 272 12.14 16.47 -23.19
N PHE E 273 11.21 17.41 -23.26
CA PHE E 273 10.56 17.97 -22.07
C PHE E 273 9.18 17.35 -21.77
N ARG E 274 8.96 16.09 -22.16
CA ARG E 274 7.67 15.47 -21.97
C ARG E 274 7.30 15.53 -20.49
N CYS E 275 8.24 15.23 -19.59
CA CYS E 275 7.93 15.10 -18.16
C CYS E 275 8.20 16.34 -17.31
N PHE E 276 8.32 17.51 -17.94
CA PHE E 276 8.59 18.73 -17.21
C PHE E 276 7.30 19.51 -16.92
N THR E 277 6.15 18.83 -16.95
CA THR E 277 4.85 19.50 -16.93
C THR E 277 4.52 20.16 -15.61
N ARG E 278 5.06 19.64 -14.52
CA ARG E 278 4.78 20.23 -13.21
C ARG E 278 5.98 21.03 -12.68
N VAL E 279 7.01 21.20 -13.51
CA VAL E 279 8.17 21.95 -13.10
C VAL E 279 7.83 23.44 -13.14
N GLN E 280 8.32 24.18 -12.15
CA GLN E 280 8.08 25.62 -12.04
C GLN E 280 9.34 26.47 -12.30
N GLU E 281 10.52 25.88 -12.08
CA GLU E 281 11.79 26.54 -12.34
C GLU E 281 12.74 25.61 -13.07
N LEU E 282 13.28 26.04 -14.20
CA LEU E 282 14.23 25.25 -14.94
C LEU E 282 15.49 26.05 -15.18
N ASP E 283 16.65 25.47 -14.91
CA ASP E 283 17.93 26.13 -15.13
C ASP E 283 18.82 25.34 -16.11
N LEU E 284 19.04 25.92 -17.29
CA LEU E 284 19.81 25.26 -18.35
C LEU E 284 21.07 26.06 -18.61
N THR E 285 21.68 26.58 -17.55
CA THR E 285 22.88 27.40 -17.68
C THR E 285 24.04 26.68 -18.35
N ALA E 286 24.66 27.33 -19.32
CA ALA E 286 25.83 26.79 -19.99
C ALA E 286 25.58 25.38 -20.50
N ALA E 287 24.39 25.18 -21.10
CA ALA E 287 24.00 23.89 -21.63
C ALA E 287 24.29 23.74 -23.11
N HIS E 288 25.16 24.60 -23.64
CA HIS E 288 25.53 24.59 -25.06
C HIS E 288 24.39 24.81 -26.02
N LEU E 289 23.34 25.49 -25.59
CA LEU E 289 22.16 25.69 -26.43
C LEU E 289 22.39 26.75 -27.50
N ASN E 290 21.99 26.47 -28.74
CA ASN E 290 21.89 27.50 -29.78
C ASN E 290 20.45 27.98 -29.98
N GLY E 291 19.52 27.28 -29.33
CA GLY E 291 18.11 27.65 -29.32
C GLY E 291 17.31 26.66 -28.49
N LEU E 292 16.01 26.87 -28.43
CA LEU E 292 15.13 25.87 -27.88
C LEU E 292 14.15 25.40 -28.97
N PRO E 293 13.61 24.18 -28.83
CA PRO E 293 12.67 23.69 -29.82
C PRO E 293 11.37 24.45 -29.75
N SER E 294 10.59 24.42 -30.80
CA SER E 294 9.31 25.11 -30.79
C SER E 294 8.20 24.16 -30.33
N GLY E 295 7.15 24.75 -29.77
CA GLY E 295 5.95 24.04 -29.32
C GLY E 295 6.19 22.92 -28.33
N ILE E 296 6.72 23.25 -27.15
CA ILE E 296 7.02 22.22 -26.15
C ILE E 296 5.76 21.59 -25.52
N GLU E 297 4.80 22.42 -25.09
CA GLU E 297 3.60 21.95 -24.35
C GLU E 297 3.89 21.38 -22.91
N GLY E 298 5.09 20.78 -22.71
CA GLY E 298 5.61 20.36 -21.37
C GLY E 298 6.48 21.37 -20.56
N MET E 299 6.32 22.65 -20.86
CA MET E 299 6.73 23.67 -19.92
C MET E 299 5.58 24.70 -19.89
N ASN E 300 4.35 24.16 -19.78
CA ASN E 300 3.13 24.97 -19.70
C ASN E 300 2.97 25.75 -18.37
N SER E 301 3.53 25.23 -17.28
CA SER E 301 3.40 25.87 -15.94
C SER E 301 4.76 26.36 -15.34
N LEU E 302 5.74 26.63 -16.21
CA LEU E 302 7.02 27.24 -15.82
C LEU E 302 6.83 28.70 -15.39
N LYS E 303 7.46 29.08 -14.28
CA LYS E 303 7.49 30.48 -13.84
C LYS E 303 8.86 31.12 -13.97
N LYS E 304 9.93 30.32 -13.88
CA LYS E 304 11.31 30.79 -13.93
C LYS E 304 12.15 29.92 -14.86
N LEU E 305 12.73 30.54 -15.91
CA LEU E 305 13.65 29.85 -16.83
C LEU E 305 15.01 30.56 -16.82
N VAL E 306 16.10 29.81 -16.68
CA VAL E 306 17.44 30.40 -16.72
C VAL E 306 18.24 29.81 -17.89
N LEU E 307 18.55 30.63 -18.89
CA LEU E 307 19.30 30.20 -20.07
C LEU E 307 20.65 30.91 -20.15
N ASN E 308 21.21 31.28 -19.00
CA ASN E 308 22.50 31.99 -18.94
C ASN E 308 23.65 31.22 -19.55
N ALA E 309 24.64 31.94 -20.06
CA ALA E 309 25.88 31.36 -20.54
C ALA E 309 25.70 30.38 -21.71
N ASN E 310 24.67 30.55 -22.53
CA ASN E 310 24.47 29.70 -23.72
C ASN E 310 24.98 30.38 -25.01
N SER E 311 24.57 29.93 -26.19
CA SER E 311 25.09 30.50 -27.47
C SER E 311 24.00 30.84 -28.49
N PHE E 312 23.08 31.72 -28.13
CA PHE E 312 21.99 32.09 -29.04
C PHE E 312 22.46 33.12 -30.07
N ASP E 313 21.79 33.17 -31.22
CA ASP E 313 22.09 34.18 -32.23
C ASP E 313 20.98 35.20 -32.33
N GLN E 314 19.74 34.74 -32.35
CA GLN E 314 18.58 35.63 -32.32
C GLN E 314 17.74 35.25 -31.13
N LEU E 315 17.25 36.26 -30.40
CA LEU E 315 16.40 36.03 -29.22
C LEU E 315 15.20 35.10 -29.51
N CYS E 316 14.60 35.25 -30.69
CA CYS E 316 13.43 34.44 -31.05
C CYS E 316 13.69 32.93 -31.04
N GLN E 317 14.95 32.53 -31.08
CA GLN E 317 15.29 31.11 -31.13
C GLN E 317 14.97 30.40 -29.81
N ILE E 318 14.68 31.16 -28.75
CA ILE E 318 14.24 30.51 -27.51
C ILE E 318 12.81 29.99 -27.60
N ASN E 319 12.09 30.40 -28.66
CA ASN E 319 10.74 29.98 -28.88
C ASN E 319 9.89 30.17 -27.63
N ALA E 320 9.74 31.44 -27.25
CA ALA E 320 9.04 31.83 -26.02
C ALA E 320 7.58 31.36 -25.98
N ALA E 321 6.95 31.18 -27.15
CA ALA E 321 5.60 30.62 -27.24
C ALA E 321 5.40 29.48 -26.24
N SER E 322 6.43 28.69 -26.04
CA SER E 322 6.35 27.51 -25.21
C SER E 322 6.01 27.79 -23.74
N PHE E 323 6.30 28.98 -23.23
CA PHE E 323 6.17 29.22 -21.78
C PHE E 323 5.35 30.48 -21.42
N PRO E 324 4.03 30.46 -21.71
CA PRO E 324 3.20 31.64 -21.51
C PRO E 324 3.14 32.17 -20.07
N SER E 325 3.24 31.30 -19.09
CA SER E 325 3.02 31.68 -17.72
C SER E 325 4.27 32.19 -17.07
N LEU E 326 5.31 32.42 -17.88
CA LEU E 326 6.64 32.74 -17.36
C LEU E 326 6.69 34.08 -16.62
N ARG E 327 7.43 34.11 -15.54
CA ARG E 327 7.55 35.32 -14.74
C ARG E 327 8.94 35.93 -14.79
N ASP E 328 9.95 35.07 -14.67
CA ASP E 328 11.34 35.50 -14.69
C ASP E 328 12.13 34.79 -15.79
N LEU E 329 12.83 35.56 -16.61
CA LEU E 329 13.65 35.01 -17.72
C LEU E 329 15.06 35.55 -17.68
N TYR E 330 16.05 34.66 -17.58
CA TYR E 330 17.46 35.07 -17.47
C TYR E 330 18.25 34.58 -18.67
N ILE E 331 18.81 35.51 -19.43
CA ILE E 331 19.70 35.18 -20.55
C ILE E 331 20.98 36.01 -20.42
N LYS E 332 21.64 35.86 -19.29
CA LYS E 332 22.86 36.61 -18.96
C LYS E 332 24.08 35.84 -19.44
N GLY E 333 25.03 36.56 -20.00
CA GLY E 333 26.32 35.99 -20.36
C GLY E 333 26.32 35.20 -21.65
N ASN E 334 25.47 35.53 -22.59
CA ASN E 334 25.48 34.86 -23.90
C ASN E 334 26.85 34.95 -24.52
N MET E 335 27.27 33.88 -25.18
CA MET E 335 28.65 33.78 -25.68
C MET E 335 28.87 34.19 -27.14
N ARG E 336 27.93 34.97 -27.69
CA ARG E 336 28.10 35.59 -29.00
C ARG E 336 27.02 36.65 -29.26
N LYS E 337 27.26 37.52 -30.24
CA LYS E 337 26.35 38.63 -30.52
C LYS E 337 24.88 38.18 -30.51
N LEU E 338 24.11 38.60 -29.52
CA LEU E 338 22.70 38.22 -29.39
C LEU E 338 21.84 39.32 -30.02
N ASP E 339 21.13 38.94 -31.06
CA ASP E 339 20.23 39.87 -31.77
C ASP E 339 18.84 39.73 -31.12
N LEU E 340 18.38 40.83 -30.52
CA LEU E 340 17.10 40.84 -29.81
C LEU E 340 15.91 40.67 -30.74
N GLY E 341 16.07 41.02 -32.01
CA GLY E 341 14.97 40.92 -32.96
C GLY E 341 13.83 41.89 -32.69
N THR E 342 12.61 41.45 -32.98
CA THR E 342 11.40 42.25 -32.74
C THR E 342 10.18 41.39 -32.42
N ARG E 343 9.36 41.88 -31.49
CA ARG E 343 8.21 41.16 -30.94
C ARG E 343 8.53 39.71 -30.46
N CYS E 344 9.77 39.43 -30.09
CA CYS E 344 10.21 38.04 -29.81
C CYS E 344 9.66 37.49 -28.53
N LEU E 345 9.53 38.35 -27.52
CA LEU E 345 8.98 37.96 -26.20
C LEU E 345 7.49 38.33 -26.08
N GLU E 346 6.95 38.91 -27.17
CA GLU E 346 5.53 39.30 -27.28
C GLU E 346 4.56 38.34 -26.56
N LYS E 347 4.83 37.03 -26.61
CA LYS E 347 3.89 36.05 -26.05
C LYS E 347 3.99 35.93 -24.51
N LEU E 348 5.05 36.48 -23.93
CA LEU E 348 5.30 36.38 -22.48
C LEU E 348 4.60 37.49 -21.71
N GLU E 349 3.28 37.47 -21.75
CA GLU E 349 2.45 38.59 -21.23
C GLU E 349 2.64 38.90 -19.75
N ASN E 350 3.09 37.93 -18.95
CA ASN E 350 3.17 38.12 -17.50
C ASN E 350 4.58 38.29 -16.95
N LEU E 351 5.55 38.50 -17.84
CA LEU E 351 6.96 38.62 -17.44
C LEU E 351 7.19 39.78 -16.46
N GLN E 352 7.97 39.53 -15.41
CA GLN E 352 8.26 40.53 -14.39
C GLN E 352 9.76 40.81 -14.21
N LYS E 353 10.59 39.80 -14.44
CA LYS E 353 12.03 39.98 -14.40
C LYS E 353 12.63 39.53 -15.75
N LEU E 354 13.52 40.36 -16.32
CA LEU E 354 14.24 40.01 -17.55
C LEU E 354 15.67 40.45 -17.41
N ASP E 355 16.61 39.51 -17.36
CA ASP E 355 18.04 39.81 -17.31
C ASP E 355 18.71 39.46 -18.63
N LEU E 356 19.18 40.47 -19.33
CA LEU E 356 19.90 40.25 -20.60
C LEU E 356 21.35 40.73 -20.48
N SER E 357 21.93 40.70 -19.29
CA SER E 357 23.21 41.35 -19.09
C SER E 357 24.36 40.52 -19.68
N HIS E 358 25.48 41.18 -20.03
CA HIS E 358 26.69 40.49 -20.47
C HIS E 358 26.48 39.59 -21.69
N SER E 359 25.46 39.85 -22.49
CA SER E 359 25.14 38.95 -23.59
C SER E 359 25.45 39.52 -24.96
N ASP E 360 26.43 40.39 -25.04
CA ASP E 360 26.92 40.87 -26.31
C ASP E 360 25.77 41.35 -27.21
N ILE E 361 24.83 42.09 -26.63
CA ILE E 361 23.65 42.59 -27.34
C ILE E 361 23.93 43.98 -27.87
N GLU E 362 23.40 44.30 -29.03
CA GLU E 362 23.61 45.63 -29.58
C GLU E 362 22.39 46.05 -30.37
N ALA E 363 21.75 47.15 -30.01
CA ALA E 363 20.45 47.41 -30.59
C ALA E 363 20.35 48.84 -31.04
N SER E 364 19.44 49.05 -32.01
CA SER E 364 19.45 50.22 -32.84
C SER E 364 18.32 51.20 -32.46
N ASP E 365 17.06 50.77 -32.54
CA ASP E 365 15.93 51.64 -32.18
C ASP E 365 15.25 50.97 -31.04
N CYS E 366 15.84 51.11 -29.87
CA CYS E 366 15.41 50.33 -28.74
C CYS E 366 14.43 51.19 -27.94
N CYS E 367 13.42 50.62 -27.28
CA CYS E 367 13.19 49.19 -27.07
C CYS E 367 11.72 48.76 -27.19
N ASN E 368 10.85 49.62 -27.70
CA ASN E 368 9.43 49.34 -27.73
C ASN E 368 9.10 48.06 -28.49
N LEU E 369 9.67 47.93 -29.69
CA LEU E 369 9.52 46.72 -30.53
C LEU E 369 10.21 45.51 -29.93
N GLN E 370 11.41 45.73 -29.40
CA GLN E 370 12.19 44.66 -28.82
C GLN E 370 11.65 44.31 -27.46
N LEU E 371 10.79 45.10 -26.87
CA LEU E 371 10.15 44.67 -25.64
C LEU E 371 8.63 44.71 -25.76
N LYS E 372 8.11 44.53 -26.98
CA LYS E 372 6.66 44.52 -27.24
C LYS E 372 5.90 43.68 -26.24
N ASN E 373 4.79 44.26 -25.77
CA ASN E 373 3.78 43.62 -24.95
C ASN E 373 4.19 43.22 -23.56
N LEU E 374 5.33 43.71 -23.05
CA LEU E 374 5.76 43.33 -21.69
C LEU E 374 5.20 44.26 -20.63
N ARG E 375 3.89 44.39 -20.64
CA ARG E 375 3.10 45.25 -19.77
C ARG E 375 3.46 45.20 -18.29
N HIS E 376 3.90 44.04 -17.79
CA HIS E 376 4.12 43.87 -16.36
C HIS E 376 5.58 43.71 -15.94
N LEU E 377 6.53 44.10 -16.78
CA LEU E 377 7.96 43.96 -16.47
C LEU E 377 8.35 44.93 -15.39
N GLN E 378 9.08 44.47 -14.37
CA GLN E 378 9.54 45.33 -13.25
C GLN E 378 11.04 45.52 -13.19
N TYR E 379 11.79 44.51 -13.61
CA TYR E 379 13.25 44.53 -13.56
C TYR E 379 13.78 44.18 -14.92
N LEU E 380 14.53 45.10 -15.51
CA LEU E 380 15.26 44.87 -16.77
C LEU E 380 16.76 45.19 -16.60
N ASN E 381 17.58 44.24 -16.96
CA ASN E 381 19.01 44.37 -16.84
C ASN E 381 19.62 44.20 -18.24
N LEU E 382 20.14 45.30 -18.78
CA LEU E 382 20.82 45.31 -20.06
C LEU E 382 22.29 45.76 -19.90
N SER E 383 22.83 45.58 -18.70
CA SER E 383 24.20 46.01 -18.39
C SER E 383 25.26 45.16 -19.11
N TYR E 384 26.44 45.73 -19.24
CA TYR E 384 27.59 45.06 -19.86
C TYR E 384 27.27 44.54 -21.27
N ASN E 385 26.71 45.42 -22.08
CA ASN E 385 26.43 45.10 -23.47
C ASN E 385 27.11 46.10 -24.39
N GLU E 386 27.13 45.77 -25.67
CA GLU E 386 27.55 46.71 -26.71
C GLU E 386 26.53 47.84 -26.81
N PRO E 387 26.87 48.94 -27.49
CA PRO E 387 26.05 50.15 -27.50
C PRO E 387 24.57 49.97 -27.82
N LEU E 388 23.71 50.81 -27.24
CA LEU E 388 22.27 50.78 -27.47
C LEU E 388 21.81 52.18 -27.80
N GLY E 389 20.96 52.28 -28.82
CA GLY E 389 20.36 53.57 -29.21
C GLY E 389 18.97 53.58 -28.65
N LEU E 390 18.73 54.48 -27.70
CA LEU E 390 17.42 54.59 -27.12
C LEU E 390 16.76 55.76 -27.80
N GLU E 391 15.58 55.51 -28.38
CA GLU E 391 14.70 56.56 -28.90
C GLU E 391 13.93 57.32 -27.80
N ASP E 392 13.26 58.41 -28.16
CA ASP E 392 12.32 59.05 -27.23
C ASP E 392 11.30 58.00 -26.77
N GLN E 393 10.86 58.09 -25.53
CA GLN E 393 9.95 57.10 -24.97
C GLN E 393 10.31 55.65 -25.34
N ALA E 394 11.53 55.22 -25.02
CA ALA E 394 12.04 53.92 -25.51
C ALA E 394 11.53 52.68 -24.75
N PHE E 395 10.87 52.91 -23.62
CA PHE E 395 10.26 51.85 -22.80
C PHE E 395 8.75 52.08 -22.57
N LYS E 396 8.14 52.89 -23.45
CA LYS E 396 6.69 53.13 -23.51
C LYS E 396 5.87 51.84 -23.41
N GLU E 397 6.45 50.75 -23.88
CA GLU E 397 5.84 49.45 -23.75
C GLU E 397 6.23 48.72 -22.44
N CYS E 398 6.57 49.47 -21.38
CA CYS E 398 7.00 48.91 -20.08
C CYS E 398 6.54 49.69 -18.84
N PRO E 399 5.32 50.20 -18.85
CA PRO E 399 4.93 51.22 -17.90
C PRO E 399 5.15 50.93 -16.38
N GLN E 400 5.26 49.64 -16.01
CA GLN E 400 5.46 49.17 -14.62
C GLN E 400 6.92 48.93 -14.20
N LEU E 401 7.86 49.30 -15.06
CA LEU E 401 9.27 49.08 -14.81
C LEU E 401 9.66 49.82 -13.56
N GLU E 402 10.46 49.16 -12.74
CA GLU E 402 10.72 49.57 -11.36
C GLU E 402 12.20 49.74 -11.07
N LEU E 403 13.01 48.82 -11.61
CA LEU E 403 14.44 48.92 -11.56
C LEU E 403 14.98 48.66 -12.97
N LEU E 404 15.71 49.63 -13.52
CA LEU E 404 16.40 49.48 -14.79
C LEU E 404 17.91 49.63 -14.60
N ASP E 405 18.67 48.65 -15.07
CA ASP E 405 20.14 48.67 -14.97
C ASP E 405 20.80 48.51 -16.34
N VAL E 406 21.55 49.52 -16.78
CA VAL E 406 22.29 49.47 -18.07
C VAL E 406 23.80 49.83 -17.90
N ALA E 407 24.34 49.54 -16.72
CA ALA E 407 25.71 49.93 -16.36
C ALA E 407 26.68 49.33 -17.32
N PHE E 408 27.66 50.14 -17.76
CA PHE E 408 28.71 49.71 -18.69
C PHE E 408 28.23 49.41 -20.15
N THR E 409 26.99 49.77 -20.45
CA THR E 409 26.44 49.74 -21.77
C THR E 409 26.36 51.19 -22.25
N HIS E 410 27.18 51.54 -23.25
CA HIS E 410 27.12 52.88 -23.80
C HIS E 410 25.75 53.21 -24.34
N LEU E 411 25.19 54.34 -23.96
CA LEU E 411 23.90 54.70 -24.48
C LEU E 411 24.12 55.78 -25.53
N HIS E 412 23.42 55.66 -26.64
CA HIS E 412 23.36 56.73 -27.65
C HIS E 412 21.95 57.34 -27.73
N VAL E 413 21.83 58.59 -27.30
CA VAL E 413 20.55 59.28 -27.31
C VAL E 413 20.68 60.64 -27.99
N LYS E 414 19.80 60.94 -28.94
CA LYS E 414 19.84 62.21 -29.67
C LYS E 414 19.21 63.30 -28.80
N ALA E 415 19.97 64.29 -28.36
CA ALA E 415 19.38 65.44 -27.66
C ALA E 415 18.34 66.00 -28.61
N PRO E 416 17.17 66.38 -28.08
CA PRO E 416 16.84 66.44 -26.69
C PRO E 416 15.90 65.31 -26.27
N HIS E 417 16.09 64.11 -26.78
CA HIS E 417 15.12 63.05 -26.47
C HIS E 417 15.09 62.67 -24.99
N SER E 418 13.92 62.30 -24.49
CA SER E 418 13.79 61.85 -23.11
C SER E 418 13.47 60.33 -23.15
N PRO E 419 14.49 59.48 -23.03
CA PRO E 419 14.28 58.08 -23.23
C PRO E 419 13.45 57.37 -22.18
N PHE E 420 13.36 57.89 -20.96
CA PHE E 420 12.70 57.18 -19.87
C PHE E 420 11.33 57.81 -19.45
N GLN E 421 10.81 58.73 -20.27
CA GLN E 421 9.59 59.51 -19.96
C GLN E 421 8.41 58.76 -19.33
N ASN E 422 8.09 57.61 -19.89
CA ASN E 422 6.93 56.83 -19.50
C ASN E 422 7.08 56.10 -18.19
N LEU E 423 8.31 55.93 -17.68
CA LEU E 423 8.52 55.02 -16.56
C LEU E 423 8.26 55.65 -15.20
N HIS E 424 6.99 55.82 -14.89
CA HIS E 424 6.57 56.63 -13.76
C HIS E 424 6.59 55.92 -12.39
N LEU E 425 6.87 54.62 -12.39
CA LEU E 425 6.84 53.79 -11.17
C LEU E 425 8.24 53.29 -10.89
N LEU E 426 9.21 54.00 -11.43
CA LEU E 426 10.56 53.51 -11.54
C LEU E 426 11.29 54.14 -10.44
N ARG E 427 12.01 53.34 -9.66
CA ARG E 427 12.67 53.92 -8.50
C ARG E 427 14.18 53.82 -8.49
N VAL E 428 14.75 52.96 -9.32
CA VAL E 428 16.19 52.74 -9.30
C VAL E 428 16.71 52.65 -10.71
N LEU E 429 17.65 53.51 -11.05
CA LEU E 429 18.20 53.61 -12.38
C LEU E 429 19.70 53.74 -12.31
N ASN E 430 20.40 52.80 -12.95
CA ASN E 430 21.86 52.75 -12.95
C ASN E 430 22.40 52.99 -14.35
N LEU E 431 22.99 54.17 -14.54
CA LEU E 431 23.60 54.53 -15.82
C LEU E 431 25.12 54.62 -15.69
N SER E 432 25.72 53.82 -14.79
CA SER E 432 27.18 53.89 -14.59
C SER E 432 27.99 53.56 -15.86
N HIS E 433 29.01 54.37 -16.12
CA HIS E 433 29.90 54.14 -17.27
C HIS E 433 29.17 53.94 -18.61
N CYS E 434 27.99 54.53 -18.75
CA CYS E 434 27.30 54.55 -20.07
C CYS E 434 27.76 55.70 -21.00
N LEU E 435 28.70 56.51 -20.59
CA LEU E 435 29.12 57.59 -21.43
C LEU E 435 27.94 58.51 -21.89
N LEU E 436 27.01 58.76 -20.97
CA LEU E 436 25.84 59.58 -21.23
C LEU E 436 26.26 60.98 -21.61
N ASP E 437 25.55 61.57 -22.58
CA ASP E 437 25.70 62.98 -22.86
C ASP E 437 24.90 63.81 -21.89
N THR E 438 25.59 64.37 -20.89
CA THR E 438 24.89 65.01 -19.77
C THR E 438 24.38 66.40 -20.09
N SER E 439 24.56 66.87 -21.33
CA SER E 439 24.07 68.20 -21.78
C SER E 439 22.57 68.24 -21.87
N ASN E 440 22.00 67.10 -22.33
CA ASN E 440 20.59 66.97 -22.67
C ASN E 440 19.65 67.16 -21.49
N GLN E 441 19.36 68.40 -21.14
CA GLN E 441 18.51 68.70 -19.99
C GLN E 441 17.25 67.86 -19.90
N HIS E 442 16.85 67.21 -20.99
CA HIS E 442 15.67 66.35 -20.95
C HIS E 442 15.96 64.82 -21.05
N LEU E 443 17.15 64.43 -20.59
CA LEU E 443 17.52 63.06 -20.59
C LEU E 443 16.65 62.34 -19.59
N LEU E 444 16.64 62.85 -18.39
CA LEU E 444 15.96 62.19 -17.29
C LEU E 444 14.50 62.66 -17.10
N ALA E 445 13.95 63.45 -18.03
CA ALA E 445 12.51 63.79 -17.96
C ALA E 445 11.68 62.52 -17.74
N GLY E 446 10.53 62.66 -17.12
CA GLY E 446 9.71 61.53 -16.69
C GLY E 446 9.97 61.01 -15.27
N LEU E 447 11.16 61.27 -14.72
CA LEU E 447 11.59 60.62 -13.50
C LEU E 447 11.50 61.49 -12.25
N GLN E 448 10.46 62.33 -12.18
CA GLN E 448 10.16 63.15 -10.99
C GLN E 448 10.15 62.36 -9.70
N ASP E 449 9.66 61.12 -9.78
CA ASP E 449 9.46 60.32 -8.59
C ASP E 449 10.48 59.20 -8.42
N LEU E 450 11.56 59.21 -9.19
CA LEU E 450 12.63 58.23 -9.06
C LEU E 450 13.34 58.49 -7.74
N ARG E 451 13.94 57.44 -7.15
CA ARG E 451 14.54 57.49 -5.80
C ARG E 451 16.06 57.26 -5.76
N HIS E 452 16.58 56.60 -6.74
CA HIS E 452 17.95 56.17 -6.69
C HIS E 452 18.51 56.29 -8.08
N LEU E 453 19.50 57.17 -8.26
CA LEU E 453 20.18 57.37 -9.56
C LEU E 453 21.69 57.19 -9.47
N ASN E 454 22.26 56.39 -10.37
CA ASN E 454 23.70 56.15 -10.43
C ASN E 454 24.31 56.69 -11.75
N LEU E 455 25.00 57.83 -11.65
CA LEU E 455 25.61 58.49 -12.81
C LEU E 455 27.12 58.40 -12.72
N GLN E 456 27.59 57.37 -12.03
CA GLN E 456 29.01 57.15 -11.88
C GLN E 456 29.75 57.05 -13.23
N GLY E 457 30.91 57.67 -13.29
CA GLY E 457 31.76 57.53 -14.45
C GLY E 457 31.22 58.00 -15.79
N ASN E 458 30.38 59.04 -15.78
CA ASN E 458 30.02 59.74 -16.99
C ASN E 458 30.75 61.05 -16.88
N SER E 459 30.25 62.11 -17.46
CA SER E 459 31.04 63.36 -17.51
C SER E 459 30.24 64.60 -17.92
N PHE E 460 30.62 65.72 -17.29
CA PHE E 460 29.88 66.97 -17.39
C PHE E 460 30.72 68.05 -18.06
N GLN E 461 30.10 68.98 -18.75
CA GLN E 461 30.86 69.92 -19.58
C GLN E 461 31.79 70.76 -18.75
N ASP E 462 33.01 70.90 -19.24
CA ASP E 462 34.12 71.58 -18.53
C ASP E 462 34.51 70.88 -17.24
N GLY E 463 33.97 69.70 -17.02
CA GLY E 463 34.15 69.05 -15.75
C GLY E 463 33.36 69.76 -14.67
N SER E 464 32.21 70.29 -15.00
CA SER E 464 31.42 71.00 -14.01
C SER E 464 29.88 70.83 -14.10
N ILE E 465 29.26 70.65 -12.93
CA ILE E 465 27.81 70.69 -12.81
C ILE E 465 27.30 72.11 -12.52
N SER E 466 26.52 72.64 -13.46
CA SER E 466 26.03 74.01 -13.44
C SER E 466 24.84 74.29 -12.54
N LYS E 467 24.50 75.59 -12.45
CA LYS E 467 23.25 76.04 -11.83
C LYS E 467 22.07 75.24 -12.45
N THR E 468 22.07 75.16 -13.78
CA THR E 468 21.06 74.43 -14.54
C THR E 468 21.67 73.13 -15.07
N ASN E 469 20.91 72.04 -15.00
CA ASN E 469 21.47 70.71 -15.21
C ASN E 469 20.42 69.60 -15.15
N LEU E 470 20.74 68.44 -15.69
CA LEU E 470 19.75 67.36 -15.81
C LEU E 470 19.11 66.92 -14.51
N LEU E 471 19.78 67.13 -13.37
CA LEU E 471 19.27 66.62 -12.10
C LEU E 471 18.02 67.35 -11.72
N GLN E 472 17.72 68.44 -12.45
CA GLN E 472 16.50 69.20 -12.24
C GLN E 472 15.27 68.62 -12.92
N MET E 473 15.20 67.30 -12.97
CA MET E 473 14.12 66.58 -13.59
C MET E 473 13.87 65.32 -12.75
N VAL E 474 14.78 65.08 -11.79
CA VAL E 474 14.71 64.01 -10.82
C VAL E 474 14.84 64.63 -9.40
N GLY E 475 13.84 65.42 -9.00
CA GLY E 475 13.89 66.17 -7.74
C GLY E 475 13.61 65.34 -6.50
N SER E 476 12.84 64.27 -6.64
CA SER E 476 12.47 63.44 -5.49
C SER E 476 13.55 62.44 -5.00
N LEU E 477 14.79 62.53 -5.51
CA LEU E 477 15.84 61.54 -5.18
C LEU E 477 16.21 61.47 -3.70
N GLU E 478 16.68 60.28 -3.29
CA GLU E 478 17.31 60.04 -2.00
C GLU E 478 18.79 59.68 -2.16
N ILE E 479 19.11 58.77 -3.09
CA ILE E 479 20.50 58.34 -3.41
C ILE E 479 21.00 58.88 -4.77
N LEU E 480 22.12 59.58 -4.75
CA LEU E 480 22.76 60.12 -5.94
C LEU E 480 24.22 59.75 -5.96
N ILE E 481 24.65 59.03 -6.98
CA ILE E 481 26.04 58.62 -7.13
C ILE E 481 26.66 59.32 -8.34
N LEU E 482 27.65 60.17 -8.05
CA LEU E 482 28.38 60.96 -9.06
C LEU E 482 29.88 60.73 -8.94
N SER E 483 30.29 59.50 -8.63
CA SER E 483 31.70 59.22 -8.44
C SER E 483 32.38 58.99 -9.77
N SER E 484 33.67 59.29 -9.87
CA SER E 484 34.45 59.00 -11.09
C SER E 484 33.98 59.74 -12.36
N CYS E 485 33.32 60.88 -12.17
CA CYS E 485 32.91 61.73 -13.30
C CYS E 485 33.94 62.83 -13.66
N ASN E 486 35.16 62.73 -13.13
CA ASN E 486 36.17 63.76 -13.33
C ASN E 486 35.69 65.14 -13.06
N LEU E 487 34.79 65.29 -12.10
CA LEU E 487 34.32 66.63 -11.76
C LEU E 487 35.45 67.48 -11.12
N LEU E 488 35.70 68.63 -11.74
CA LEU E 488 36.49 69.72 -11.15
C LEU E 488 35.66 70.73 -10.33
N SER E 489 34.35 70.82 -10.54
CA SER E 489 33.51 71.82 -9.83
C SER E 489 31.95 71.57 -9.84
N ILE E 490 31.30 71.91 -8.71
CA ILE E 490 29.84 71.86 -8.58
C ILE E 490 29.35 73.20 -8.09
N ASP E 491 28.65 73.89 -8.99
CA ASP E 491 27.99 75.16 -8.71
C ASP E 491 27.16 75.18 -7.43
N GLN E 492 27.14 76.33 -6.78
CA GLN E 492 26.50 76.50 -5.48
C GLN E 492 25.02 76.09 -5.41
N GLN E 493 24.29 76.26 -6.51
CA GLN E 493 22.85 75.94 -6.65
C GLN E 493 22.55 74.66 -7.43
N ALA E 494 23.60 73.89 -7.73
CA ALA E 494 23.50 72.74 -8.62
C ALA E 494 22.47 71.77 -8.13
N PHE E 495 22.39 71.63 -6.82
CA PHE E 495 21.50 70.67 -6.16
C PHE E 495 20.40 71.31 -5.31
N HIS E 496 20.19 72.62 -5.37
CA HIS E 496 18.88 73.20 -4.88
C HIS E 496 17.88 72.46 -5.74
N GLY E 497 16.61 72.37 -5.33
CA GLY E 497 15.73 71.51 -6.12
C GLY E 497 15.74 70.03 -5.73
N LEU E 498 16.88 69.50 -5.24
CA LEU E 498 16.90 68.14 -4.62
C LEU E 498 16.45 68.13 -3.11
N ARG E 499 15.14 67.97 -2.94
CA ARG E 499 14.44 68.06 -1.66
C ARG E 499 14.73 66.96 -0.63
N ASN E 500 14.98 65.72 -1.06
CA ASN E 500 15.08 64.59 -0.12
C ASN E 500 16.37 63.75 -0.16
N VAL E 501 17.44 64.20 -0.82
CA VAL E 501 18.75 63.49 -0.80
C VAL E 501 19.21 63.08 0.58
N ASN E 502 19.73 61.87 0.71
CA ASN E 502 20.38 61.48 1.96
C ASN E 502 21.56 60.56 1.76
N HIS E 503 21.95 60.36 0.52
CA HIS E 503 23.17 59.61 0.24
C HIS E 503 23.84 60.23 -0.97
N LEU E 504 24.98 60.87 -0.78
CA LEU E 504 25.63 61.60 -1.86
C LEU E 504 27.07 61.18 -2.00
N ASP E 505 27.40 60.62 -3.14
CA ASP E 505 28.71 60.07 -3.38
C ASP E 505 29.43 60.85 -4.49
N LEU E 506 30.36 61.72 -4.06
CA LEU E 506 31.14 62.52 -4.96
C LEU E 506 32.59 62.04 -4.96
N SER E 507 32.82 60.81 -4.51
CA SER E 507 34.18 60.30 -4.42
C SER E 507 34.84 60.12 -5.78
N HIS E 508 36.16 60.02 -5.80
CA HIS E 508 36.93 59.78 -7.02
C HIS E 508 36.69 60.84 -8.12
N ASN E 509 36.64 62.10 -7.73
CA ASN E 509 36.58 63.17 -8.70
C ASN E 509 37.81 63.99 -8.43
N SER E 510 37.78 65.29 -8.73
CA SER E 510 38.89 66.17 -8.46
C SER E 510 38.41 67.42 -7.82
N LEU E 511 37.40 67.28 -6.94
CA LEU E 511 36.75 68.46 -6.31
C LEU E 511 37.62 69.09 -5.25
N THR E 512 37.41 70.37 -5.03
CA THR E 512 38.12 71.04 -3.96
C THR E 512 37.12 71.47 -2.89
N GLY E 513 37.64 72.06 -1.81
CA GLY E 513 36.82 72.42 -0.67
C GLY E 513 35.68 73.37 -0.96
N ASP E 514 35.85 74.26 -1.93
CA ASP E 514 34.79 75.24 -2.23
C ASP E 514 33.57 74.57 -2.86
N SER E 515 33.79 73.40 -3.40
CA SER E 515 32.71 72.65 -3.93
C SER E 515 31.73 72.21 -2.83
N MET E 516 32.16 72.21 -1.58
CA MET E 516 31.26 71.88 -0.49
C MET E 516 30.17 72.94 -0.32
N ASP E 517 30.36 74.10 -0.91
CA ASP E 517 29.32 75.11 -0.89
C ASP E 517 28.00 74.56 -1.39
N ALA E 518 28.06 73.79 -2.48
CA ALA E 518 26.85 73.17 -3.10
C ALA E 518 26.04 72.30 -2.13
N LEU E 519 26.64 71.92 -1.00
CA LEU E 519 25.97 71.08 0.00
C LEU E 519 25.32 71.86 1.16
N SER E 520 25.55 73.16 1.23
CA SER E 520 25.13 73.94 2.40
C SER E 520 23.66 73.80 2.78
N HIS E 521 22.78 73.62 1.81
CA HIS E 521 21.34 73.57 2.06
C HIS E 521 20.81 72.19 2.47
N LEU E 522 21.71 71.23 2.66
CA LEU E 522 21.30 69.86 2.93
C LEU E 522 21.68 69.48 4.36
N LYS E 523 20.97 68.49 4.90
CA LYS E 523 21.19 68.03 6.29
C LYS E 523 21.25 66.48 6.39
N GLY E 524 22.06 66.00 7.32
CA GLY E 524 22.09 64.61 7.70
C GLY E 524 22.29 63.59 6.60
N LEU E 525 23.07 63.92 5.57
CA LEU E 525 23.36 62.92 4.54
C LEU E 525 24.54 62.08 4.89
N TYR E 526 24.68 60.97 4.17
CA TYR E 526 25.93 60.24 4.06
C TYR E 526 26.67 60.94 2.92
N LEU E 527 27.76 61.63 3.25
CA LEU E 527 28.56 62.38 2.28
C LEU E 527 29.90 61.72 2.05
N ASN E 528 30.09 61.11 0.88
CA ASN E 528 31.40 60.54 0.51
C ASN E 528 32.23 61.37 -0.47
N MET E 529 33.30 62.00 0.04
CA MET E 529 34.17 62.88 -0.75
C MET E 529 35.56 62.30 -0.84
N ALA E 530 35.66 60.99 -0.66
CA ALA E 530 36.95 60.30 -0.68
C ALA E 530 37.64 60.47 -2.01
N SER E 531 38.97 60.39 -2.04
CA SER E 531 39.75 60.44 -3.27
C SER E 531 39.35 61.61 -4.16
N ASN E 532 39.53 62.80 -3.64
CA ASN E 532 39.35 64.03 -4.39
C ASN E 532 40.66 64.87 -4.28
N ASN E 533 40.57 66.17 -4.53
CA ASN E 533 41.69 67.09 -4.42
C ASN E 533 41.39 68.18 -3.39
N ILE E 534 40.73 67.81 -2.30
CA ILE E 534 40.48 68.70 -1.20
C ILE E 534 41.76 68.91 -0.40
N ARG E 535 42.15 70.18 -0.21
CA ARG E 535 43.33 70.53 0.59
C ARG E 535 42.91 71.35 1.80
N ILE E 536 42.65 72.64 1.62
CA ILE E 536 42.09 73.47 2.68
C ILE E 536 40.57 73.47 2.60
N ILE E 537 39.91 73.30 3.74
CA ILE E 537 38.47 73.43 3.82
C ILE E 537 38.12 74.78 4.45
N PRO E 538 37.71 75.76 3.63
CA PRO E 538 37.45 77.09 4.16
C PRO E 538 36.45 77.02 5.32
N PRO E 539 36.68 77.76 6.41
CA PRO E 539 35.86 77.65 7.61
C PRO E 539 34.41 78.08 7.45
N HIS E 540 34.15 79.08 6.61
CA HIS E 540 32.77 79.55 6.44
C HIS E 540 31.83 78.44 5.97
N LEU E 541 32.35 77.46 5.24
CA LEU E 541 31.51 76.36 4.77
C LEU E 541 31.81 75.05 5.50
N LEU E 542 32.46 75.15 6.63
CA LEU E 542 32.61 74.04 7.56
C LEU E 542 31.27 73.56 8.16
N PRO E 543 30.31 74.48 8.42
CA PRO E 543 29.03 73.97 8.94
C PRO E 543 28.26 73.08 7.94
N ALA E 544 28.60 73.16 6.66
CA ALA E 544 28.02 72.29 5.67
C ALA E 544 28.39 70.84 5.97
N LEU E 545 29.63 70.61 6.42
CA LEU E 545 30.06 69.27 6.81
C LEU E 545 29.38 68.84 8.10
N SER E 546 29.35 69.75 9.08
CA SER E 546 28.78 69.45 10.41
C SER E 546 27.28 69.17 10.35
N GLN E 547 26.60 69.66 9.33
CA GLN E 547 25.17 69.36 9.14
C GLN E 547 24.86 67.92 8.71
N GLN E 548 25.87 67.10 8.48
CA GLN E 548 25.62 65.77 7.95
C GLN E 548 25.83 64.67 9.00
N SER E 549 25.55 63.42 8.62
CA SER E 549 25.55 62.29 9.58
C SER E 549 26.81 61.51 9.54
N ILE E 550 27.22 61.13 8.34
CA ILE E 550 28.49 60.42 8.11
C ILE E 550 29.26 61.11 6.98
N ILE E 551 30.54 61.37 7.20
CA ILE E 551 31.39 61.98 6.20
C ILE E 551 32.59 61.11 5.88
N ASN E 552 33.00 61.06 4.61
CA ASN E 552 34.24 60.38 4.22
C ASN E 552 35.14 61.33 3.45
N LEU E 553 36.24 61.75 4.07
CA LEU E 553 37.23 62.63 3.46
C LEU E 553 38.56 61.94 3.25
N SER E 554 38.56 60.61 3.23
CA SER E 554 39.77 59.82 3.07
C SER E 554 40.41 60.00 1.72
N HIS E 555 41.69 59.67 1.62
CA HIS E 555 42.48 59.83 0.40
C HIS E 555 42.40 61.22 -0.25
N ASN E 556 42.46 62.27 0.56
CA ASN E 556 42.56 63.64 0.01
C ASN E 556 43.86 64.28 0.45
N PRO E 557 44.47 65.10 -0.41
CA PRO E 557 45.71 65.74 -0.01
C PRO E 557 45.44 66.82 1.03
N LEU E 558 44.89 66.43 2.16
CA LEU E 558 44.44 67.40 3.15
C LEU E 558 45.58 68.28 3.69
N ASP E 559 45.29 69.53 3.97
CA ASP E 559 46.30 70.47 4.44
C ASP E 559 46.43 70.48 5.97
N CYS E 560 47.67 70.41 6.46
CA CYS E 560 47.95 70.42 7.91
C CYS E 560 48.87 71.57 8.33
N THR E 561 48.60 72.75 7.80
CA THR E 561 49.23 73.96 8.23
C THR E 561 48.18 74.71 9.03
N CYS E 562 48.53 75.85 9.58
CA CYS E 562 47.57 76.63 10.39
C CYS E 562 46.40 77.17 9.55
N SER E 563 46.62 77.28 8.24
CA SER E 563 45.57 77.76 7.34
C SER E 563 44.38 76.82 7.31
N ASN E 564 44.55 75.60 7.78
CA ASN E 564 43.45 74.63 7.87
C ASN E 564 43.10 74.30 9.32
N ILE E 565 43.43 75.20 10.26
CA ILE E 565 43.24 74.92 11.68
C ILE E 565 41.80 74.69 12.08
N HIS E 566 40.89 75.47 11.53
CA HIS E 566 39.49 75.32 11.84
C HIS E 566 38.96 73.94 11.47
N PHE E 567 39.33 73.44 10.30
CA PHE E 567 38.96 72.09 9.88
C PHE E 567 39.54 70.99 10.74
N ILE E 568 40.74 71.20 11.27
CA ILE E 568 41.40 70.17 12.04
C ILE E 568 40.75 70.03 13.43
N THR E 569 40.39 71.14 14.06
CA THR E 569 39.67 71.04 15.34
C THR E 569 38.27 70.46 15.11
N TRP E 570 37.59 70.88 14.05
CA TRP E 570 36.34 70.23 13.66
C TRP E 570 36.46 68.72 13.57
N TYR E 571 37.49 68.24 12.88
CA TYR E 571 37.65 66.82 12.57
C TYR E 571 37.86 66.03 13.85
N LYS E 572 38.69 66.55 14.75
CA LYS E 572 38.97 65.85 16.01
C LYS E 572 37.69 65.81 16.85
N GLU E 573 37.04 66.97 17.01
CA GLU E 573 35.72 67.03 17.65
C GLU E 573 34.67 66.01 17.13
N ASN E 574 34.54 65.83 15.81
CA ASN E 574 33.51 64.95 15.23
C ASN E 574 33.99 63.58 14.72
N LEU E 575 35.11 63.10 15.26
CA LEU E 575 35.75 61.86 14.80
C LEU E 575 34.75 60.72 14.59
N HIS E 576 33.77 60.64 15.47
CA HIS E 576 32.76 59.58 15.45
C HIS E 576 31.93 59.58 14.18
N LYS E 577 31.58 60.77 13.70
CA LYS E 577 30.84 60.92 12.46
C LYS E 577 31.64 60.59 11.18
N LEU E 578 32.95 60.39 11.28
CA LEU E 578 33.83 60.32 10.11
C LEU E 578 34.16 58.91 9.71
N GLU E 579 33.74 58.53 8.51
CA GLU E 579 34.05 57.20 7.92
C GLU E 579 35.44 57.14 7.35
N ASP E 580 36.04 55.97 7.40
CA ASP E 580 37.37 55.71 6.85
C ASP E 580 38.45 56.65 7.37
N SER E 581 38.33 56.99 8.65
CA SER E 581 39.25 57.83 9.37
C SER E 581 40.73 57.41 9.24
N GLU E 582 41.03 56.13 9.46
CA GLU E 582 42.42 55.63 9.37
C GLU E 582 43.13 56.06 8.08
N GLU E 583 42.44 56.14 6.96
CA GLU E 583 43.09 56.52 5.70
C GLU E 583 42.89 57.99 5.33
N THR E 584 42.66 58.86 6.31
CA THR E 584 42.50 60.29 6.07
C THR E 584 43.71 61.03 6.66
N THR E 585 44.65 61.44 5.80
CA THR E 585 46.00 61.84 6.23
C THR E 585 46.52 63.11 5.54
N CYS E 586 47.49 63.78 6.15
CA CYS E 586 48.02 65.04 5.62
C CYS E 586 48.92 64.88 4.40
N ALA E 587 48.88 65.87 3.51
CA ALA E 587 49.80 65.98 2.38
C ALA E 587 50.88 66.99 2.74
N ASN E 588 50.47 68.20 3.13
CA ASN E 588 51.38 69.27 3.59
C ASN E 588 51.33 69.40 5.10
N PRO E 589 52.41 69.89 5.74
CA PRO E 589 53.74 70.05 5.21
C PRO E 589 54.47 68.71 5.18
N PRO E 590 55.64 68.66 4.55
CA PRO E 590 56.42 67.43 4.49
C PRO E 590 56.56 66.70 5.84
N SER E 591 56.89 67.43 6.90
CA SER E 591 57.04 66.84 8.23
C SER E 591 55.85 65.99 8.65
N LEU E 592 54.64 66.42 8.30
CA LEU E 592 53.41 65.71 8.69
C LEU E 592 52.82 64.86 7.59
N ARG E 593 53.51 64.76 6.46
CA ARG E 593 53.03 63.93 5.36
C ARG E 593 52.78 62.48 5.79
N GLY E 594 51.56 62.00 5.62
CA GLY E 594 51.25 60.63 6.04
C GLY E 594 50.59 60.53 7.40
N VAL E 595 50.82 61.52 8.27
CA VAL E 595 50.18 61.57 9.58
C VAL E 595 48.68 61.62 9.47
N LYS E 596 47.98 60.71 10.15
CA LYS E 596 46.52 60.72 10.25
C LYS E 596 46.03 62.02 10.86
N LEU E 597 44.91 62.56 10.38
CA LEU E 597 44.41 63.84 10.92
C LEU E 597 44.13 63.76 12.42
N SER E 598 43.55 62.67 12.88
CA SER E 598 43.40 62.38 14.31
C SER E 598 44.65 62.78 15.13
N ASP E 599 45.82 62.38 14.63
CA ASP E 599 47.10 62.58 15.34
C ASP E 599 47.80 63.96 15.17
N VAL E 600 47.29 64.79 14.28
CA VAL E 600 47.91 66.08 14.03
C VAL E 600 47.82 66.90 15.29
N LYS E 601 48.95 67.52 15.66
CA LYS E 601 49.07 68.39 16.80
C LYS E 601 49.66 69.74 16.32
N LEU E 602 48.82 70.77 16.17
CA LEU E 602 49.21 72.07 15.56
C LEU E 602 48.94 73.12 16.57
N HIS E 603 49.71 74.19 16.58
CA HIS E 603 49.37 75.33 17.44
C HIS E 603 49.40 76.69 16.74
N CYS E 604 48.30 77.45 16.88
CA CYS E 604 48.11 78.73 16.19
C CYS E 604 47.41 79.73 17.11
N LYS F 6 -49.24 50.36 -6.32
CA LYS F 6 -50.52 50.07 -5.62
C LYS F 6 -50.53 48.64 -5.05
N CYS F 7 -51.05 48.49 -3.82
CA CYS F 7 -51.17 47.18 -3.16
C CYS F 7 -52.27 46.36 -3.88
N THR F 8 -52.47 45.11 -3.48
CA THR F 8 -53.44 44.24 -4.13
C THR F 8 -54.41 43.73 -3.09
N GLU F 9 -55.72 43.91 -3.33
CA GLU F 9 -56.76 43.42 -2.41
C GLU F 9 -56.98 41.93 -2.62
N LYS F 10 -56.16 41.10 -1.97
CA LYS F 10 -56.25 39.63 -2.10
C LYS F 10 -57.56 39.05 -1.50
N GLU F 11 -58.22 39.76 -0.58
CA GLU F 11 -59.55 39.32 -0.08
C GLU F 11 -60.32 40.52 0.48
N GLY F 12 -61.64 40.51 0.27
CA GLY F 12 -62.48 41.68 0.48
C GLY F 12 -62.22 42.40 1.79
N ASN F 13 -61.53 43.55 1.70
CA ASN F 13 -61.31 44.44 2.84
C ASN F 13 -60.43 43.85 3.99
N ARG F 14 -59.97 42.60 3.84
CA ARG F 14 -59.28 41.90 4.95
C ARG F 14 -57.83 41.42 4.68
N THR F 15 -57.47 41.12 3.44
CA THR F 15 -56.09 40.71 3.13
C THR F 15 -55.48 41.54 1.99
N TYR F 16 -54.29 42.11 2.22
CA TYR F 16 -53.61 42.89 1.19
C TYR F 16 -52.15 42.48 0.99
N ASN F 17 -51.68 42.61 -0.24
CA ASN F 17 -50.30 42.32 -0.59
C ASN F 17 -49.62 43.58 -1.10
N CYS F 18 -48.54 44.00 -0.44
CA CYS F 18 -47.82 45.21 -0.81
C CYS F 18 -46.34 44.93 -1.05
N GLU F 19 -46.06 43.71 -1.51
CA GLU F 19 -44.69 43.26 -1.63
C GLU F 19 -43.90 44.04 -2.71
N ASN F 20 -42.58 44.09 -2.54
CA ASN F 20 -41.64 44.69 -3.52
C ASN F 20 -42.00 46.11 -3.97
N LEU F 21 -42.81 46.84 -3.20
CA LEU F 21 -43.22 48.20 -3.64
C LEU F 21 -42.33 49.34 -3.10
N GLY F 22 -41.29 49.01 -2.35
CA GLY F 22 -40.40 50.03 -1.81
C GLY F 22 -41.07 51.13 -1.00
N LEU F 23 -42.19 50.80 -0.35
CA LEU F 23 -42.93 51.79 0.47
C LEU F 23 -42.15 52.16 1.73
N ARG F 24 -42.21 53.41 2.15
CA ARG F 24 -41.55 53.85 3.37
C ARG F 24 -42.54 54.02 4.49
N GLU F 25 -43.81 53.69 4.24
CA GLU F 25 -44.87 53.90 5.23
C GLU F 25 -46.10 53.10 4.82
N ILE F 26 -47.04 52.93 5.75
CA ILE F 26 -48.27 52.23 5.43
C ILE F 26 -49.17 53.18 4.69
N PRO F 27 -49.71 52.75 3.52
CA PRO F 27 -50.58 53.64 2.74
C PRO F 27 -51.90 53.98 3.41
N ASP F 28 -52.35 55.22 3.23
CA ASP F 28 -53.67 55.67 3.70
C ASP F 28 -54.74 54.84 2.98
N THR F 29 -54.45 54.40 1.76
CA THR F 29 -55.30 53.44 1.06
C THR F 29 -55.74 52.26 1.93
N LEU F 30 -54.79 51.59 2.58
CA LEU F 30 -55.11 50.41 3.39
C LEU F 30 -56.14 50.77 4.48
N PRO F 31 -57.24 50.00 4.57
CA PRO F 31 -58.35 50.26 5.50
C PRO F 31 -58.20 49.70 6.91
N ASN F 32 -58.86 50.38 7.86
CA ASN F 32 -59.08 49.87 9.22
C ASN F 32 -59.28 48.35 9.32
N THR F 33 -60.01 47.76 8.39
CA THR F 33 -60.41 46.35 8.47
C THR F 33 -59.34 45.35 8.03
N THR F 34 -58.10 45.81 7.81
CA THR F 34 -57.02 44.92 7.36
C THR F 34 -56.57 43.96 8.49
N GLU F 35 -56.47 42.67 8.13
CA GLU F 35 -56.08 41.62 9.08
C GLU F 35 -54.83 40.86 8.62
N VAL F 36 -54.61 40.76 7.31
CA VAL F 36 -53.41 40.11 6.81
C VAL F 36 -52.65 41.04 5.85
N LEU F 37 -51.45 41.47 6.26
CA LEU F 37 -50.64 42.39 5.47
C LEU F 37 -49.32 41.76 5.11
N GLU F 38 -49.11 41.48 3.85
CA GLU F 38 -47.83 40.97 3.36
C GLU F 38 -47.01 42.17 2.93
N PHE F 39 -46.02 42.55 3.73
CA PHE F 39 -45.29 43.80 3.49
C PHE F 39 -43.80 43.61 3.09
N SER F 40 -43.48 42.43 2.57
CA SER F 40 -42.09 42.09 2.24
C SER F 40 -41.48 43.05 1.26
N PHE F 41 -40.17 43.25 1.40
CA PHE F 41 -39.38 44.02 0.44
C PHE F 41 -39.83 45.46 0.29
N ASN F 42 -40.07 46.09 1.44
CA ASN F 42 -40.33 47.52 1.53
C ASN F 42 -39.22 48.14 2.38
N PHE F 43 -39.34 49.41 2.75
CA PHE F 43 -38.23 50.09 3.37
C PHE F 43 -38.65 50.74 4.69
N LEU F 44 -38.40 50.02 5.80
CA LEU F 44 -38.73 50.52 7.12
C LEU F 44 -37.52 50.39 8.05
N PRO F 45 -36.47 51.21 7.84
CA PRO F 45 -35.30 51.25 8.71
C PRO F 45 -35.65 51.23 10.18
N THR F 46 -36.62 52.05 10.57
CA THR F 46 -37.07 52.18 11.95
C THR F 46 -38.54 51.81 12.01
N ILE F 47 -38.94 51.17 13.10
CA ILE F 47 -40.31 50.78 13.34
C ILE F 47 -40.72 51.31 14.72
N GLN F 48 -41.93 51.88 14.81
CA GLN F 48 -42.37 52.57 16.01
C GLN F 48 -43.85 52.42 16.30
N ASN F 49 -44.27 52.96 17.45
CA ASN F 49 -45.69 53.03 17.80
C ASN F 49 -46.52 53.64 16.68
N THR F 50 -46.00 54.66 16.02
CA THR F 50 -46.70 55.31 14.93
C THR F 50 -46.75 54.49 13.61
N THR F 51 -45.83 53.55 13.40
CA THR F 51 -45.74 52.88 12.10
C THR F 51 -47.00 52.16 11.59
N PHE F 52 -47.70 51.45 12.49
CA PHE F 52 -48.84 50.59 12.13
C PHE F 52 -50.11 50.96 12.91
N SER F 53 -50.19 52.20 13.40
CA SER F 53 -51.29 52.60 14.27
C SER F 53 -52.64 52.62 13.51
N ARG F 54 -52.65 53.23 12.34
CA ARG F 54 -53.84 53.18 11.48
C ARG F 54 -54.41 51.73 11.39
N LEU F 55 -53.55 50.70 11.23
CA LEU F 55 -54.01 49.31 11.00
C LEU F 55 -54.18 48.50 12.31
N ILE F 56 -55.11 48.92 13.17
CA ILE F 56 -55.27 48.35 14.53
C ILE F 56 -55.69 46.87 14.59
N ASN F 57 -56.18 46.29 13.50
CA ASN F 57 -56.74 44.91 13.53
C ASN F 57 -55.89 43.85 12.82
N LEU F 58 -54.57 44.05 12.78
CA LEU F 58 -53.72 43.06 12.15
C LEU F 58 -53.73 41.75 12.93
N ILE F 59 -53.79 40.64 12.20
CA ILE F 59 -53.64 39.30 12.74
C ILE F 59 -52.31 38.72 12.30
N PHE F 60 -51.93 38.98 11.04
CA PHE F 60 -50.73 38.43 10.44
C PHE F 60 -49.95 39.55 9.75
N LEU F 61 -48.71 39.79 10.16
CA LEU F 61 -47.90 40.88 9.63
C LEU F 61 -46.55 40.35 9.18
N ASP F 62 -46.25 40.46 7.89
CA ASP F 62 -44.96 39.96 7.36
C ASP F 62 -44.09 41.13 6.93
N LEU F 63 -43.02 41.36 7.68
CA LEU F 63 -42.10 42.46 7.41
C LEU F 63 -40.78 41.96 6.82
N THR F 64 -40.80 40.81 6.16
CA THR F 64 -39.58 40.19 5.69
C THR F 64 -38.76 41.08 4.79
N ARG F 65 -37.48 41.20 5.09
CA ARG F 65 -36.54 41.87 4.22
C ARG F 65 -36.94 43.33 3.98
N CYS F 66 -37.33 44.01 5.05
CA CYS F 66 -37.69 45.43 4.98
C CYS F 66 -36.58 46.37 5.44
N GLN F 67 -35.35 45.84 5.56
CA GLN F 67 -34.22 46.62 6.06
C GLN F 67 -34.48 47.26 7.45
N ILE F 68 -35.26 46.61 8.30
CA ILE F 68 -35.50 47.13 9.64
C ILE F 68 -34.19 47.02 10.44
N ASN F 69 -33.81 48.14 11.07
CA ASN F 69 -32.67 48.19 12.01
C ASN F 69 -33.15 48.29 13.45
N TRP F 70 -34.24 49.01 13.68
CA TRP F 70 -34.69 49.28 15.02
C TRP F 70 -36.14 48.92 15.13
N VAL F 71 -36.47 48.22 16.21
CA VAL F 71 -37.84 48.01 16.62
C VAL F 71 -38.04 48.69 17.97
N HIS F 72 -38.57 49.90 17.96
CA HIS F 72 -38.66 50.69 19.18
C HIS F 72 -39.79 50.33 20.12
N GLU F 73 -39.68 50.82 21.36
CA GLU F 73 -40.64 50.50 22.42
C GLU F 73 -42.08 50.80 22.04
N ASP F 74 -42.98 49.92 22.50
CA ASP F 74 -44.43 50.06 22.31
C ASP F 74 -44.91 50.03 20.86
N THR F 75 -44.07 49.49 19.97
CA THR F 75 -44.46 49.41 18.56
C THR F 75 -45.82 48.76 18.37
N PHE F 76 -46.12 47.71 19.13
CA PHE F 76 -47.34 46.93 18.90
C PHE F 76 -48.36 47.01 20.05
N GLN F 77 -48.27 48.07 20.86
CA GLN F 77 -49.19 48.24 22.01
C GLN F 77 -50.67 48.19 21.59
N SER F 78 -51.01 48.78 20.45
CA SER F 78 -52.40 48.88 19.99
C SER F 78 -52.87 47.71 19.11
N HIS F 79 -52.19 46.57 19.16
CA HIS F 79 -52.39 45.49 18.18
C HIS F 79 -52.75 44.17 18.90
N HIS F 80 -53.89 44.21 19.57
CA HIS F 80 -54.28 43.15 20.47
C HIS F 80 -54.40 41.79 19.76
N GLN F 81 -54.86 41.76 18.52
CA GLN F 81 -55.11 40.49 17.86
C GLN F 81 -53.94 39.98 17.01
N LEU F 82 -52.74 40.56 17.15
CA LEU F 82 -51.57 40.08 16.39
C LEU F 82 -51.20 38.65 16.76
N ASN F 83 -51.14 37.78 15.76
CA ASN F 83 -50.89 36.37 15.97
C ASN F 83 -49.50 35.96 15.52
N THR F 84 -49.10 36.47 14.35
CA THR F 84 -47.82 36.16 13.73
C THR F 84 -47.08 37.41 13.28
N ILE F 85 -45.82 37.56 13.72
CA ILE F 85 -44.93 38.61 13.25
C ILE F 85 -43.76 37.93 12.53
N VAL F 86 -43.50 38.34 11.28
CA VAL F 86 -42.37 37.80 10.51
C VAL F 86 -41.29 38.86 10.25
N LEU F 87 -40.10 38.66 10.86
CA LEU F 87 -39.00 39.62 10.76
C LEU F 87 -37.74 39.09 10.00
N THR F 88 -37.90 37.96 9.33
CA THR F 88 -36.83 37.33 8.58
C THR F 88 -36.04 38.28 7.70
N GLY F 89 -34.73 38.20 7.77
CA GLY F 89 -33.89 38.91 6.84
C GLY F 89 -33.71 40.38 7.09
N ASN F 90 -33.98 40.85 8.32
CA ASN F 90 -33.75 42.24 8.65
C ASN F 90 -32.49 42.38 9.48
N PRO F 91 -31.63 43.36 9.16
CA PRO F 91 -30.41 43.61 9.91
C PRO F 91 -30.67 44.33 11.25
N LEU F 92 -31.29 43.61 12.19
CA LEU F 92 -31.75 44.21 13.41
C LEU F 92 -30.53 44.62 14.23
N ILE F 93 -30.57 45.81 14.78
CA ILE F 93 -29.51 46.32 15.64
C ILE F 93 -29.94 46.23 17.09
N PHE F 94 -31.23 46.51 17.35
CA PHE F 94 -31.74 46.53 18.73
C PHE F 94 -33.28 46.43 18.82
N MET F 95 -33.78 45.62 19.73
CA MET F 95 -35.21 45.55 19.95
C MET F 95 -35.50 45.97 21.39
N ALA F 96 -36.34 46.98 21.57
CA ALA F 96 -36.62 47.48 22.90
C ALA F 96 -37.29 46.39 23.76
N GLU F 97 -37.21 46.52 25.09
CA GLU F 97 -37.77 45.49 25.98
C GLU F 97 -39.27 45.25 25.71
N THR F 98 -40.01 46.32 25.45
CA THR F 98 -41.47 46.23 25.25
C THR F 98 -41.89 46.28 23.82
N SER F 99 -40.92 46.13 22.90
CA SER F 99 -41.13 46.28 21.46
C SER F 99 -42.13 45.29 20.87
N LEU F 100 -42.30 44.13 21.48
CA LEU F 100 -43.31 43.17 21.06
C LEU F 100 -44.49 43.05 22.03
N THR F 101 -44.54 43.86 23.09
CA THR F 101 -45.71 43.75 23.99
C THR F 101 -46.86 44.51 23.36
N GLY F 102 -48.07 44.06 23.65
CA GLY F 102 -49.29 44.60 23.04
C GLY F 102 -50.29 43.50 22.69
N PRO F 103 -49.92 42.62 21.74
CA PRO F 103 -50.81 41.52 21.37
C PRO F 103 -51.14 40.62 22.58
N LYS F 104 -52.38 40.17 22.65
CA LYS F 104 -52.80 39.33 23.77
C LYS F 104 -52.36 37.86 23.53
N PHE F 105 -52.16 37.45 22.28
CA PHE F 105 -51.78 36.06 22.00
C PHE F 105 -50.89 35.95 20.78
N LEU F 106 -49.65 36.42 20.93
CA LEU F 106 -48.63 36.29 19.92
C LEU F 106 -48.13 34.85 19.95
N LYS F 107 -48.45 34.10 18.90
CA LYS F 107 -48.18 32.67 18.87
C LYS F 107 -47.02 32.30 17.91
N HIS F 108 -46.57 33.21 17.05
CA HIS F 108 -45.49 32.85 16.09
C HIS F 108 -44.55 34.00 15.75
N LEU F 109 -43.27 33.85 16.09
CA LEU F 109 -42.28 34.88 15.85
C LEU F 109 -41.15 34.36 14.97
N PHE F 110 -40.96 34.96 13.80
CA PHE F 110 -39.88 34.55 12.90
C PHE F 110 -38.72 35.54 13.00
N LEU F 111 -37.59 35.08 13.53
CA LEU F 111 -36.38 35.92 13.61
C LEU F 111 -35.25 35.32 12.77
N THR F 112 -35.62 34.62 11.70
CA THR F 112 -34.68 33.97 10.80
C THR F 112 -33.73 34.97 10.17
N GLN F 113 -32.47 34.59 10.02
CA GLN F 113 -31.45 35.42 9.42
C GLN F 113 -31.58 36.89 9.79
N THR F 114 -31.61 37.18 11.09
CA THR F 114 -31.62 38.56 11.55
C THR F 114 -30.32 38.93 12.27
N GLY F 115 -29.30 38.09 12.17
CA GLY F 115 -27.98 38.42 12.66
C GLY F 115 -27.71 38.12 14.10
N ILE F 116 -28.57 37.34 14.71
CA ILE F 116 -28.52 37.14 16.14
C ILE F 116 -27.43 36.14 16.50
N SER F 117 -26.54 36.53 17.41
CA SER F 117 -25.56 35.59 17.99
C SER F 117 -25.78 35.40 19.47
N ASN F 118 -26.44 36.36 20.13
CA ASN F 118 -26.76 36.23 21.56
C ASN F 118 -28.27 36.21 21.84
N LEU F 119 -28.81 35.08 22.29
CA LEU F 119 -30.24 34.96 22.50
C LEU F 119 -30.83 35.99 23.51
N GLU F 120 -29.97 36.63 24.29
CA GLU F 120 -30.39 37.72 25.16
C GLU F 120 -30.96 38.90 24.36
N PHE F 121 -30.65 38.92 23.08
CA PHE F 121 -31.12 39.97 22.18
C PHE F 121 -32.65 40.00 22.01
N ILE F 122 -33.27 38.84 22.21
CA ILE F 122 -34.71 38.66 21.94
C ILE F 122 -35.49 39.15 23.14
N PRO F 123 -36.42 40.09 22.94
CA PRO F 123 -37.17 40.58 24.07
C PRO F 123 -38.21 39.57 24.56
N VAL F 124 -38.09 39.16 25.83
CA VAL F 124 -38.95 38.10 26.41
C VAL F 124 -40.31 38.55 26.90
N HIS F 125 -40.48 39.85 27.07
CA HIS F 125 -41.66 40.38 27.77
C HIS F 125 -42.99 39.73 27.39
N ASN F 126 -43.26 39.55 26.10
CA ASN F 126 -44.56 39.10 25.63
C ASN F 126 -44.44 37.86 24.77
N LEU F 127 -43.69 36.87 25.23
CA LEU F 127 -43.47 35.70 24.44
C LEU F 127 -44.11 34.45 25.02
N GLU F 128 -44.78 34.57 26.17
CA GLU F 128 -45.35 33.41 26.88
C GLU F 128 -46.42 32.65 26.13
N ASN F 129 -47.01 33.25 25.10
CA ASN F 129 -47.93 32.56 24.20
C ASN F 129 -47.27 32.06 22.90
N LEU F 130 -45.94 32.10 22.79
CA LEU F 130 -45.31 31.62 21.56
C LEU F 130 -45.54 30.12 21.37
N GLU F 131 -46.01 29.76 20.18
CA GLU F 131 -46.07 28.36 19.74
C GLU F 131 -44.88 27.98 18.86
N SER F 132 -44.31 28.93 18.11
CA SER F 132 -43.15 28.63 17.28
C SER F 132 -42.17 29.81 17.25
N LEU F 133 -40.88 29.48 17.38
CA LEU F 133 -39.81 30.47 17.33
C LEU F 133 -38.77 30.04 16.26
N HIS F 134 -38.56 30.89 15.27
CA HIS F 134 -37.69 30.55 14.16
C HIS F 134 -36.40 31.35 14.20
N LEU F 135 -35.30 30.66 14.47
CA LEU F 135 -34.00 31.31 14.70
C LEU F 135 -32.92 30.81 13.74
N GLY F 136 -33.34 30.32 12.57
CA GLY F 136 -32.38 29.73 11.63
C GLY F 136 -31.50 30.76 10.94
N SER F 137 -30.33 30.29 10.50
CA SER F 137 -29.38 31.08 9.71
C SER F 137 -28.93 32.32 10.45
N ASN F 138 -28.84 32.20 11.76
CA ASN F 138 -28.28 33.26 12.59
C ASN F 138 -26.82 32.86 12.92
N HIS F 139 -26.21 33.53 13.89
CA HIS F 139 -24.85 33.25 14.27
C HIS F 139 -24.89 32.67 15.68
N ILE F 140 -25.74 31.67 15.89
CA ILE F 140 -25.93 31.06 17.23
C ILE F 140 -25.00 29.85 17.41
N SER F 141 -24.53 29.64 18.65
CA SER F 141 -23.71 28.47 18.96
C SER F 141 -24.14 27.69 20.22
N SER F 142 -25.19 28.11 20.91
CA SER F 142 -25.69 27.38 22.06
C SER F 142 -27.21 27.50 22.17
N ILE F 143 -27.90 26.38 22.12
CA ILE F 143 -29.35 26.40 22.24
C ILE F 143 -29.82 26.77 23.65
N ASN F 144 -28.88 26.93 24.58
CA ASN F 144 -29.22 27.32 25.95
C ASN F 144 -29.98 28.65 26.01
N LEU F 145 -31.24 28.61 26.42
CA LEU F 145 -32.04 29.82 26.43
C LEU F 145 -31.64 30.63 27.62
N PRO F 146 -31.92 31.94 27.62
CA PRO F 146 -31.69 32.76 28.82
C PRO F 146 -32.64 32.36 29.92
N GLU F 147 -32.24 32.60 31.17
CA GLU F 147 -33.11 32.35 32.33
C GLU F 147 -34.35 33.23 32.24
N ASN F 148 -35.49 32.69 32.63
CA ASN F 148 -36.73 33.44 32.60
C ASN F 148 -37.14 33.72 31.16
N PHE F 149 -36.90 32.75 30.29
CA PHE F 149 -37.37 32.79 28.92
C PHE F 149 -38.50 31.81 28.82
N PRO F 150 -39.71 32.29 28.49
CA PRO F 150 -40.87 31.42 28.46
C PRO F 150 -40.77 30.32 27.42
N THR F 151 -41.07 29.09 27.84
CA THR F 151 -41.02 27.94 26.95
C THR F 151 -42.24 27.02 27.06
N GLN F 152 -43.23 27.39 27.88
CA GLN F 152 -44.36 26.49 28.22
C GLN F 152 -45.15 26.05 26.98
N ASN F 153 -45.61 27.01 26.18
CA ASN F 153 -46.39 26.69 24.99
C ASN F 153 -45.54 26.48 23.72
N LEU F 154 -44.23 26.52 23.88
CA LEU F 154 -43.36 26.38 22.74
C LEU F 154 -43.46 24.96 22.16
N LYS F 155 -43.90 24.86 20.91
CA LYS F 155 -44.09 23.55 20.26
C LYS F 155 -43.13 23.31 19.06
N VAL F 156 -42.64 24.39 18.45
CA VAL F 156 -41.62 24.33 17.39
C VAL F 156 -40.49 25.33 17.66
N LEU F 157 -39.25 24.87 17.60
CA LEU F 157 -38.09 25.71 17.87
C LEU F 157 -37.01 25.42 16.82
N ASP F 158 -36.85 26.32 15.86
CA ASP F 158 -36.01 26.07 14.69
C ASP F 158 -34.62 26.69 14.79
N PHE F 159 -33.58 25.85 14.85
CA PHE F 159 -32.20 26.31 14.99
C PHE F 159 -31.31 26.03 13.76
N GLN F 160 -31.88 25.80 12.59
CA GLN F 160 -31.11 25.40 11.41
C GLN F 160 -29.96 26.32 11.06
N ASN F 161 -28.97 25.76 10.37
CA ASN F 161 -27.88 26.53 9.80
C ASN F 161 -27.35 27.58 10.74
N ASN F 162 -26.90 27.12 11.90
CA ASN F 162 -26.29 27.96 12.90
C ASN F 162 -24.92 27.33 13.21
N ALA F 163 -24.30 27.71 14.32
CA ALA F 163 -22.97 27.20 14.66
C ALA F 163 -23.00 26.39 15.95
N ILE F 164 -24.00 25.50 16.08
CA ILE F 164 -24.16 24.69 17.29
C ILE F 164 -23.31 23.44 17.13
N HIS F 165 -22.29 23.30 17.98
CA HIS F 165 -21.39 22.14 17.88
C HIS F 165 -21.53 21.17 19.06
N TYR F 166 -22.01 21.65 20.20
CA TYR F 166 -22.25 20.79 21.35
C TYR F 166 -23.59 21.09 21.99
N ILE F 167 -24.23 20.04 22.47
CA ILE F 167 -25.47 20.17 23.25
C ILE F 167 -25.24 19.50 24.60
N SER F 168 -25.44 20.24 25.68
CA SER F 168 -25.26 19.69 27.02
C SER F 168 -26.58 19.44 27.75
N ARG F 169 -26.49 18.70 28.85
CA ARG F 169 -27.64 18.51 29.74
C ARG F 169 -28.11 19.88 30.24
N LYS F 170 -27.16 20.72 30.62
CA LYS F 170 -27.50 22.08 31.07
C LYS F 170 -28.30 22.82 29.98
N ASP F 171 -27.81 22.76 28.75
CA ASP F 171 -28.45 23.42 27.61
C ASP F 171 -29.91 23.00 27.48
N THR F 172 -30.17 21.69 27.42
CA THR F 172 -31.53 21.17 27.17
C THR F 172 -32.48 21.37 28.33
N ASN F 173 -31.92 21.45 29.53
CA ASN F 173 -32.73 21.63 30.74
C ASN F 173 -33.52 22.93 30.71
N SER F 174 -32.92 23.93 30.06
CA SER F 174 -33.58 25.19 29.74
C SER F 174 -35.03 25.00 29.23
N LEU F 175 -35.28 23.95 28.45
CA LEU F 175 -36.54 23.79 27.74
C LEU F 175 -37.55 22.94 28.53
N GLU F 176 -37.28 22.68 29.79
CA GLU F 176 -38.04 21.66 30.52
C GLU F 176 -39.55 21.96 30.64
N GLN F 177 -39.91 23.23 30.62
CA GLN F 177 -41.31 23.65 30.68
C GLN F 177 -42.14 23.30 29.42
N ALA F 178 -41.48 22.92 28.32
CA ALA F 178 -42.18 22.65 27.08
C ALA F 178 -42.86 21.28 27.11
N THR F 179 -43.82 21.09 26.21
CA THR F 179 -44.52 19.81 26.08
C THR F 179 -44.76 19.53 24.61
N ASN F 180 -44.38 18.32 24.16
CA ASN F 180 -44.36 17.97 22.73
C ASN F 180 -43.62 19.02 21.89
N LEU F 181 -42.34 19.20 22.19
CA LEU F 181 -41.51 20.18 21.51
C LEU F 181 -40.75 19.52 20.36
N SER F 182 -40.63 20.21 19.23
CA SER F 182 -39.88 19.69 18.08
C SER F 182 -38.76 20.65 17.74
N LEU F 183 -37.55 20.12 17.55
CA LEU F 183 -36.39 20.94 17.29
C LEU F 183 -35.73 20.57 15.99
N ASN F 184 -35.32 21.58 15.23
CA ASN F 184 -34.60 21.36 14.00
C ASN F 184 -33.15 21.85 14.14
N PHE F 185 -32.21 20.93 13.97
CA PHE F 185 -30.78 21.25 14.01
C PHE F 185 -30.11 21.06 12.65
N ASN F 186 -30.91 20.84 11.61
CA ASN F 186 -30.36 20.66 10.28
C ASN F 186 -29.25 21.67 9.99
N GLY F 187 -28.15 21.17 9.42
CA GLY F 187 -27.08 22.05 8.98
C GLY F 187 -26.21 22.62 10.09
N ASN F 188 -26.37 22.14 11.33
CA ASN F 188 -25.39 22.38 12.38
C ASN F 188 -24.45 21.18 12.45
N ASP F 189 -23.15 21.43 12.55
CA ASP F 189 -22.17 20.35 12.64
C ASP F 189 -22.02 19.87 14.10
N ILE F 190 -22.86 18.93 14.52
CA ILE F 190 -22.90 18.52 15.92
C ILE F 190 -21.75 17.56 16.23
N LYS F 191 -20.77 17.98 17.01
CA LYS F 191 -19.61 17.15 17.30
C LYS F 191 -19.79 16.29 18.55
N GLY F 192 -20.69 16.72 19.44
CA GLY F 192 -20.99 15.97 20.66
C GLY F 192 -22.33 16.33 21.30
N ILE F 193 -22.94 15.34 21.96
CA ILE F 193 -24.11 15.55 22.80
C ILE F 193 -23.86 14.85 24.11
N GLU F 194 -23.94 15.59 25.21
CA GLU F 194 -23.83 14.99 26.56
C GLU F 194 -24.92 13.93 26.68
N PRO F 195 -24.54 12.70 27.05
CA PRO F 195 -25.57 11.67 27.11
C PRO F 195 -26.70 11.96 28.12
N GLY F 196 -27.92 11.63 27.72
CA GLY F 196 -29.09 11.84 28.55
C GLY F 196 -29.72 13.21 28.42
N ALA F 197 -29.13 14.09 27.61
CA ALA F 197 -29.68 15.42 27.42
C ALA F 197 -31.15 15.39 26.96
N PHE F 198 -31.59 14.28 26.35
CA PHE F 198 -32.96 14.19 25.84
C PHE F 198 -33.78 13.11 26.57
N ILE F 199 -33.35 12.75 27.78
CA ILE F 199 -34.15 11.85 28.64
C ILE F 199 -35.54 12.43 28.91
N SER F 200 -35.65 13.76 28.93
CA SER F 200 -36.93 14.43 29.16
C SER F 200 -37.96 13.94 28.15
N LYS F 201 -39.15 13.59 28.63
CA LYS F 201 -40.21 13.05 27.77
C LYS F 201 -40.84 14.14 26.89
N ILE F 202 -40.57 15.40 27.24
CA ILE F 202 -41.13 16.55 26.53
C ILE F 202 -40.71 16.68 25.06
N PHE F 203 -39.72 15.93 24.58
CA PHE F 203 -39.24 16.06 23.19
C PHE F 203 -40.00 15.12 22.22
N GLN F 204 -40.72 15.71 21.28
CA GLN F 204 -41.48 14.94 20.32
C GLN F 204 -40.61 14.52 19.13
N SER F 205 -39.97 15.48 18.48
CA SER F 205 -39.26 15.22 17.24
C SER F 205 -37.98 16.07 17.05
N LEU F 206 -36.91 15.45 16.55
CA LEU F 206 -35.64 16.12 16.36
C LEU F 206 -35.11 15.85 14.97
N LYS F 207 -34.49 16.86 14.37
CA LYS F 207 -33.85 16.72 13.05
C LYS F 207 -32.38 17.08 13.15
N PHE F 208 -31.51 16.22 12.64
CA PHE F 208 -30.06 16.43 12.68
C PHE F 208 -29.47 16.35 11.27
N GLY F 209 -30.18 16.93 10.31
CA GLY F 209 -29.81 16.80 8.92
C GLY F 209 -28.37 17.17 8.62
N GLY F 210 -27.75 16.41 7.72
CA GLY F 210 -26.40 16.69 7.25
C GLY F 210 -25.28 16.36 8.24
N SER F 211 -25.66 15.86 9.41
CA SER F 211 -24.70 15.54 10.47
C SER F 211 -23.70 14.46 10.04
N LEU F 212 -22.43 14.69 10.37
CA LEU F 212 -21.36 13.83 9.87
C LEU F 212 -21.01 12.65 10.75
N ASN F 213 -21.61 12.54 11.94
CA ASN F 213 -21.33 11.38 12.80
C ASN F 213 -22.54 10.90 13.59
N LEU F 214 -23.25 9.94 13.03
CA LEU F 214 -24.48 9.43 13.67
C LEU F 214 -24.20 8.64 14.96
N PHE F 215 -23.05 7.96 15.04
CA PHE F 215 -22.66 7.29 16.29
C PHE F 215 -22.75 8.28 17.45
N ILE F 216 -22.09 9.43 17.30
CA ILE F 216 -22.13 10.48 18.30
C ILE F 216 -23.57 10.84 18.67
N ILE F 217 -24.40 11.04 17.66
CA ILE F 217 -25.78 11.45 17.89
C ILE F 217 -26.59 10.42 18.67
N PHE F 218 -26.56 9.17 18.21
CA PHE F 218 -27.29 8.11 18.90
C PHE F 218 -26.85 7.98 20.36
N LYS F 219 -25.54 7.93 20.58
CA LYS F 219 -25.03 7.82 21.95
C LYS F 219 -25.59 8.95 22.82
N GLY F 220 -25.71 10.15 22.26
CA GLY F 220 -26.27 11.29 22.99
C GLY F 220 -27.73 11.11 23.35
N LEU F 221 -28.50 10.52 22.43
CA LEU F 221 -29.94 10.38 22.60
C LEU F 221 -30.34 9.19 23.48
N GLN F 222 -29.37 8.59 24.14
CA GLN F 222 -29.60 7.40 24.96
C GLN F 222 -30.74 7.62 25.96
N ASN F 223 -31.52 6.56 26.19
CA ASN F 223 -32.70 6.59 27.08
C ASN F 223 -33.68 7.73 26.75
N SER F 224 -34.10 7.83 25.49
CA SER F 224 -35.05 8.85 25.11
C SER F 224 -36.20 8.31 24.28
N THR F 225 -37.33 9.03 24.33
CA THR F 225 -38.54 8.66 23.59
C THR F 225 -38.85 9.76 22.58
N LEU F 226 -38.81 9.41 21.30
CA LEU F 226 -39.04 10.38 20.24
C LEU F 226 -40.10 9.85 19.28
N GLN F 227 -40.96 10.74 18.79
CA GLN F 227 -41.87 10.36 17.73
C GLN F 227 -41.06 10.13 16.46
N SER F 228 -40.22 11.10 16.09
CA SER F 228 -39.39 10.97 14.89
C SER F 228 -38.02 11.64 14.97
N LEU F 229 -37.10 11.08 14.18
CA LEU F 229 -35.70 11.47 14.17
C LEU F 229 -35.26 11.50 12.71
N TRP F 230 -34.89 12.69 12.24
CA TRP F 230 -34.49 12.89 10.84
C TRP F 230 -32.98 12.94 10.77
N LEU F 231 -32.38 11.89 10.25
CA LEU F 231 -30.92 11.80 10.17
C LEU F 231 -30.47 11.73 8.72
N GLY F 232 -31.27 12.25 7.81
CA GLY F 232 -30.90 12.26 6.41
C GLY F 232 -29.70 13.13 6.14
N THR F 233 -29.05 12.90 5.01
CA THR F 233 -27.91 13.68 4.57
C THR F 233 -28.21 14.32 3.21
N PHE F 234 -27.28 15.10 2.68
CA PHE F 234 -27.49 15.79 1.39
C PHE F 234 -26.37 15.55 0.40
N GLU F 235 -26.63 15.87 -0.87
CA GLU F 235 -25.63 15.70 -1.93
C GLU F 235 -24.35 16.39 -1.52
N ASP F 236 -24.49 17.68 -1.21
CA ASP F 236 -23.34 18.50 -0.88
C ASP F 236 -22.61 18.12 0.42
N THR F 237 -23.26 17.36 1.30
CA THR F 237 -22.62 17.06 2.61
C THR F 237 -21.47 16.05 2.45
N ASP F 238 -20.40 16.24 3.24
CA ASP F 238 -19.16 15.43 3.10
C ASP F 238 -19.41 13.89 3.22
N ASP F 239 -18.50 13.09 2.67
CA ASP F 239 -18.75 11.65 2.51
C ASP F 239 -18.49 10.85 3.81
N GLN F 240 -19.53 10.16 4.30
CA GLN F 240 -19.40 9.17 5.39
C GLN F 240 -19.86 7.77 4.91
N TYR F 241 -19.90 6.80 5.83
CA TYR F 241 -20.31 5.44 5.51
C TYR F 241 -20.95 4.80 6.71
N LEU F 242 -22.24 4.50 6.66
CA LEU F 242 -22.91 3.89 7.80
C LEU F 242 -22.53 2.43 7.97
N THR F 243 -22.46 1.98 9.23
CA THR F 243 -22.14 0.59 9.60
C THR F 243 -23.13 0.07 10.63
N SER F 244 -23.26 -1.24 10.72
CA SER F 244 -23.97 -1.88 11.84
C SER F 244 -23.56 -1.24 13.17
N ALA F 245 -22.25 -1.04 13.32
CA ALA F 245 -21.68 -0.35 14.48
C ALA F 245 -22.35 1.00 14.75
N THR F 246 -22.65 1.72 13.67
CA THR F 246 -23.26 3.05 13.78
C THR F 246 -24.54 3.05 14.61
N PHE F 247 -25.34 2.00 14.49
CA PHE F 247 -26.67 1.99 15.09
C PHE F 247 -26.74 1.26 16.43
N GLU F 248 -25.59 0.92 17.00
CA GLU F 248 -25.57 0.22 18.29
C GLU F 248 -26.36 1.03 19.33
N GLY F 249 -26.18 2.36 19.32
CA GLY F 249 -26.84 3.25 20.29
C GLY F 249 -28.35 3.31 20.19
N LEU F 250 -28.90 2.81 19.08
CA LEU F 250 -30.33 2.94 18.80
C LEU F 250 -31.20 2.05 19.70
N CYS F 251 -30.70 0.86 20.08
CA CYS F 251 -31.51 -0.02 20.93
C CYS F 251 -31.40 0.31 22.43
N ASP F 252 -30.80 1.44 22.76
CA ASP F 252 -30.95 2.05 24.10
C ASP F 252 -31.83 3.31 24.02
N MET F 253 -32.76 3.32 23.07
CA MET F 253 -33.72 4.42 22.92
C MET F 253 -34.97 3.94 22.16
N SER F 254 -35.95 4.83 22.02
CA SER F 254 -37.19 4.50 21.31
C SER F 254 -37.65 5.64 20.37
N VAL F 255 -37.72 5.32 19.08
CA VAL F 255 -38.16 6.26 18.08
C VAL F 255 -39.10 5.55 17.12
N GLU F 256 -40.24 6.18 16.85
CA GLU F 256 -41.27 5.61 15.98
C GLU F 256 -40.89 5.72 14.50
N SER F 257 -40.19 6.80 14.15
CA SER F 257 -39.94 7.13 12.76
C SER F 257 -38.51 7.62 12.53
N ILE F 258 -37.79 6.94 11.65
CA ILE F 258 -36.42 7.34 11.29
C ILE F 258 -36.33 7.66 9.80
N ASN F 259 -35.53 8.67 9.47
CA ASN F 259 -35.20 8.97 8.08
C ASN F 259 -33.69 8.91 7.92
N LEU F 260 -33.23 8.16 6.93
CA LEU F 260 -31.81 8.06 6.66
C LEU F 260 -31.54 8.34 5.17
N GLN F 261 -32.22 9.34 4.63
CA GLN F 261 -32.13 9.61 3.20
C GLN F 261 -30.70 9.84 2.74
N LYS F 262 -30.42 9.46 1.50
CA LYS F 262 -29.16 9.78 0.80
C LYS F 262 -27.87 9.22 1.42
N HIS F 263 -28.01 8.30 2.39
CA HIS F 263 -26.84 7.68 3.06
C HIS F 263 -26.30 6.51 2.26
N ARG F 264 -25.08 6.10 2.59
CA ARG F 264 -24.43 4.97 1.92
C ARG F 264 -24.11 3.91 2.95
N PHE F 265 -24.69 2.74 2.77
CA PHE F 265 -24.47 1.63 3.69
C PHE F 265 -23.23 0.82 3.30
N SER F 266 -22.25 0.81 4.19
CA SER F 266 -20.96 0.17 3.94
C SER F 266 -21.04 -1.33 3.71
N ASP F 267 -21.60 -2.07 4.66
CA ASP F 267 -21.65 -3.52 4.56
C ASP F 267 -23.03 -4.04 4.96
N LEU F 268 -24.04 -3.68 4.21
CA LEU F 268 -25.43 -3.97 4.57
C LEU F 268 -25.65 -5.47 4.79
N SER F 269 -25.86 -5.84 6.05
CA SER F 269 -26.26 -7.19 6.43
C SER F 269 -27.60 -7.09 7.13
N SER F 270 -28.23 -8.24 7.39
CA SER F 270 -29.44 -8.26 8.21
C SER F 270 -29.13 -7.79 9.63
N SER F 271 -27.89 -8.01 10.05
CA SER F 271 -27.39 -7.53 11.34
C SER F 271 -27.43 -6.01 11.47
N THR F 272 -27.38 -5.30 10.34
CA THR F 272 -27.42 -3.84 10.34
C THR F 272 -28.67 -3.30 11.02
N PHE F 273 -29.76 -4.04 10.95
CA PHE F 273 -31.04 -3.60 11.53
C PHE F 273 -31.33 -4.27 12.89
N ARG F 274 -30.28 -4.59 13.65
CA ARG F 274 -30.48 -5.22 14.95
C ARG F 274 -31.38 -4.37 15.85
N CYS F 275 -31.14 -3.06 15.89
CA CYS F 275 -31.84 -2.18 16.84
C CYS F 275 -33.08 -1.46 16.27
N PHE F 276 -33.61 -1.92 15.14
CA PHE F 276 -34.79 -1.28 14.55
C PHE F 276 -36.10 -1.94 14.96
N THR F 277 -36.07 -2.68 16.08
CA THR F 277 -37.17 -3.59 16.45
C THR F 277 -38.44 -2.87 16.86
N ARG F 278 -38.31 -1.65 17.38
CA ARG F 278 -39.47 -0.88 17.81
C ARG F 278 -39.79 0.25 16.84
N VAL F 279 -39.09 0.29 15.71
CA VAL F 279 -39.33 1.32 14.70
C VAL F 279 -40.59 0.96 13.92
N GLN F 280 -41.40 1.98 13.62
CA GLN F 280 -42.67 1.81 12.89
C GLN F 280 -42.63 2.38 11.46
N GLU F 281 -41.76 3.34 11.24
CA GLU F 281 -41.57 3.94 9.92
C GLU F 281 -40.10 4.14 9.59
N LEU F 282 -39.68 3.62 8.45
CA LEU F 282 -38.29 3.72 8.03
C LEU F 282 -38.24 4.27 6.64
N ASP F 283 -37.42 5.30 6.43
CA ASP F 283 -37.25 5.94 5.13
C ASP F 283 -35.80 5.83 4.66
N LEU F 284 -35.59 5.06 3.60
CA LEU F 284 -34.26 4.83 3.05
C LEU F 284 -34.15 5.43 1.64
N THR F 285 -34.77 6.59 1.45
CA THR F 285 -34.82 7.25 0.15
C THR F 285 -33.42 7.51 -0.42
N ALA F 286 -33.21 7.16 -1.69
CA ALA F 286 -31.97 7.45 -2.39
C ALA F 286 -30.76 6.99 -1.61
N ALA F 287 -30.88 5.82 -0.98
CA ALA F 287 -29.80 5.26 -0.15
C ALA F 287 -28.88 4.33 -0.94
N HIS F 288 -28.88 4.46 -2.27
CA HIS F 288 -28.04 3.66 -3.16
C HIS F 288 -28.26 2.14 -3.07
N LEU F 289 -29.46 1.74 -2.67
CA LEU F 289 -29.76 0.33 -2.50
C LEU F 289 -29.96 -0.38 -3.84
N ASN F 290 -29.39 -1.56 -3.99
CA ASN F 290 -29.74 -2.48 -5.08
C ASN F 290 -30.63 -3.62 -4.59
N GLY F 291 -30.79 -3.70 -3.28
CA GLY F 291 -31.70 -4.66 -2.67
C GLY F 291 -31.66 -4.51 -1.16
N LEU F 292 -32.43 -5.34 -0.48
CA LEU F 292 -32.35 -5.42 0.96
C LEU F 292 -31.93 -6.83 1.31
N PRO F 293 -31.31 -7.02 2.48
CA PRO F 293 -30.88 -8.34 2.89
C PRO F 293 -32.09 -9.19 3.25
N SER F 294 -31.92 -10.50 3.24
CA SER F 294 -33.01 -11.41 3.57
C SER F 294 -33.01 -11.72 5.06
N GLY F 295 -34.20 -12.02 5.58
CA GLY F 295 -34.39 -12.42 6.97
C GLY F 295 -33.86 -11.45 8.02
N ILE F 296 -34.43 -10.25 8.07
CA ILE F 296 -33.96 -9.23 9.01
C ILE F 296 -34.33 -9.55 10.46
N GLU F 297 -35.60 -9.87 10.72
CA GLU F 297 -36.12 -10.08 12.10
C GLU F 297 -36.27 -8.77 12.93
N GLY F 298 -35.38 -7.80 12.69
CA GLY F 298 -35.41 -6.47 13.32
C GLY F 298 -36.16 -5.38 12.56
N MET F 299 -37.09 -5.76 11.69
CA MET F 299 -38.13 -4.83 11.22
C MET F 299 -39.43 -5.63 11.27
N ASN F 300 -39.63 -6.32 12.39
CA ASN F 300 -40.82 -7.14 12.63
C ASN F 300 -42.10 -6.32 12.87
N SER F 301 -41.96 -5.09 13.37
CA SER F 301 -43.11 -4.24 13.67
C SER F 301 -43.13 -2.93 12.85
N LEU F 302 -42.52 -2.95 11.66
CA LEU F 302 -42.62 -1.87 10.69
C LEU F 302 -44.02 -1.77 10.10
N LYS F 303 -44.53 -0.56 9.97
CA LYS F 303 -45.80 -0.31 9.29
C LYS F 303 -45.60 0.46 7.97
N LYS F 304 -44.56 1.30 7.88
CA LYS F 304 -44.31 2.14 6.69
C LYS F 304 -42.85 2.09 6.28
N LEU F 305 -42.57 1.65 5.06
CA LEU F 305 -41.21 1.61 4.51
C LEU F 305 -41.14 2.44 3.23
N VAL F 306 -40.15 3.32 3.14
CA VAL F 306 -39.97 4.14 1.94
C VAL F 306 -38.63 3.84 1.30
N LEU F 307 -38.66 3.24 0.12
CA LEU F 307 -37.45 2.87 -0.62
C LEU F 307 -37.33 3.66 -1.93
N ASN F 308 -37.92 4.86 -1.97
CA ASN F 308 -37.91 5.71 -3.16
C ASN F 308 -36.51 6.04 -3.67
N ALA F 309 -36.41 6.29 -4.98
CA ALA F 309 -35.17 6.78 -5.58
C ALA F 309 -33.95 5.85 -5.42
N ASN F 310 -34.18 4.55 -5.27
CA ASN F 310 -33.06 3.61 -5.17
C ASN F 310 -32.75 2.96 -6.52
N SER F 311 -32.01 1.85 -6.55
CA SER F 311 -31.65 1.18 -7.82
C SER F 311 -31.89 -0.34 -7.81
N PHE F 312 -33.16 -0.75 -7.68
CA PHE F 312 -33.52 -2.17 -7.70
C PHE F 312 -33.62 -2.68 -9.14
N ASP F 313 -33.40 -3.99 -9.33
CA ASP F 313 -33.57 -4.62 -10.64
C ASP F 313 -34.83 -5.49 -10.66
N GLN F 314 -35.00 -6.32 -9.64
CA GLN F 314 -36.21 -7.13 -9.50
C GLN F 314 -36.86 -6.78 -8.17
N LEU F 315 -38.18 -6.64 -8.17
CA LEU F 315 -38.94 -6.29 -6.96
C LEU F 315 -38.67 -7.23 -5.78
N CYS F 316 -38.45 -8.51 -6.08
CA CYS F 316 -38.18 -9.49 -5.04
C CYS F 316 -36.92 -9.23 -4.23
N GLN F 317 -36.02 -8.39 -4.74
CA GLN F 317 -34.76 -8.10 -4.05
C GLN F 317 -34.98 -7.32 -2.76
N ILE F 318 -36.18 -6.76 -2.56
CA ILE F 318 -36.45 -6.06 -1.31
C ILE F 318 -36.68 -7.05 -0.18
N ASN F 319 -36.83 -8.33 -0.52
CA ASN F 319 -36.99 -9.39 0.46
C ASN F 319 -38.08 -9.02 1.44
N ALA F 320 -39.30 -8.91 0.90
CA ALA F 320 -40.48 -8.49 1.67
C ALA F 320 -40.78 -9.39 2.87
N ALA F 321 -40.38 -10.66 2.81
CA ALA F 321 -40.50 -11.59 3.95
C ALA F 321 -40.16 -10.93 5.29
N SER F 322 -39.21 -10.00 5.27
CA SER F 322 -38.74 -9.33 6.48
C SER F 322 -39.78 -8.46 7.20
N PHE F 323 -40.81 -7.98 6.52
CA PHE F 323 -41.73 -7.00 7.12
C PHE F 323 -43.19 -7.40 6.95
N PRO F 324 -43.65 -8.43 7.64
CA PRO F 324 -45.03 -8.95 7.47
C PRO F 324 -46.13 -7.95 7.84
N SER F 325 -45.89 -7.11 8.84
CA SER F 325 -46.92 -6.23 9.37
C SER F 325 -47.06 -4.94 8.56
N LEU F 326 -46.40 -4.88 7.40
CA LEU F 326 -46.27 -3.64 6.64
C LEU F 326 -47.63 -3.16 6.10
N ARG F 327 -47.85 -1.85 6.16
CA ARG F 327 -49.08 -1.25 5.70
C ARG F 327 -48.85 -0.44 4.42
N ASP F 328 -47.82 0.39 4.44
CA ASP F 328 -47.53 1.29 3.31
C ASP F 328 -46.12 1.08 2.77
N LEU F 329 -46.01 0.87 1.48
CA LEU F 329 -44.71 0.60 0.82
C LEU F 329 -44.52 1.51 -0.38
N TYR F 330 -43.47 2.32 -0.37
CA TYR F 330 -43.21 3.27 -1.44
C TYR F 330 -41.93 2.93 -2.16
N ILE F 331 -42.06 2.66 -3.45
CA ILE F 331 -40.90 2.44 -4.30
C ILE F 331 -41.06 3.34 -5.54
N LYS F 332 -41.12 4.64 -5.29
CA LYS F 332 -41.27 5.65 -6.35
C LYS F 332 -39.92 6.14 -6.83
N GLY F 333 -39.79 6.29 -8.14
CA GLY F 333 -38.61 6.90 -8.71
C GLY F 333 -37.39 6.00 -8.82
N ASN F 334 -37.60 4.70 -8.95
CA ASN F 334 -36.49 3.77 -9.15
C ASN F 334 -35.63 4.16 -10.35
N MET F 335 -34.32 4.02 -10.23
CA MET F 335 -33.40 4.59 -11.21
C MET F 335 -32.94 3.62 -12.30
N ARG F 336 -33.71 2.55 -12.50
CA ARG F 336 -33.47 1.62 -13.60
C ARG F 336 -34.61 0.63 -13.74
N LYS F 337 -34.72 -0.01 -14.90
CA LYS F 337 -35.88 -0.86 -15.23
C LYS F 337 -36.21 -1.79 -14.07
N LEU F 338 -37.33 -1.54 -13.38
CA LEU F 338 -37.72 -2.38 -12.26
C LEU F 338 -38.63 -3.48 -12.75
N ASP F 339 -38.18 -4.71 -12.58
CA ASP F 339 -38.94 -5.89 -12.96
C ASP F 339 -39.78 -6.35 -11.76
N LEU F 340 -41.10 -6.27 -11.90
CA LEU F 340 -42.03 -6.59 -10.81
C LEU F 340 -42.01 -8.08 -10.39
N GLY F 341 -41.57 -8.94 -11.30
CA GLY F 341 -41.53 -10.37 -11.04
C GLY F 341 -42.91 -10.99 -10.87
N THR F 342 -43.01 -11.98 -9.99
CA THR F 342 -44.29 -12.62 -9.65
C THR F 342 -44.33 -13.07 -8.19
N ARG F 343 -45.49 -12.95 -7.56
CA ARG F 343 -45.69 -13.29 -6.15
C ARG F 343 -44.67 -12.63 -5.19
N CYS F 344 -44.08 -11.50 -5.60
CA CYS F 344 -42.96 -10.91 -4.85
C CYS F 344 -43.38 -10.25 -3.56
N LEU F 345 -44.57 -9.69 -3.54
CA LEU F 345 -45.11 -9.06 -2.32
C LEU F 345 -46.12 -9.98 -1.62
N GLU F 346 -46.26 -11.21 -2.14
CA GLU F 346 -47.13 -12.25 -1.60
C GLU F 346 -47.17 -12.32 -0.06
N LYS F 347 -46.04 -12.10 0.60
CA LYS F 347 -45.98 -12.21 2.07
C LYS F 347 -46.55 -10.98 2.80
N LEU F 348 -46.76 -9.86 2.08
CA LEU F 348 -47.24 -8.60 2.68
C LEU F 348 -48.77 -8.55 2.73
N GLU F 349 -49.35 -9.44 3.54
CA GLU F 349 -50.80 -9.68 3.57
C GLU F 349 -51.66 -8.46 3.96
N ASN F 350 -51.09 -7.52 4.70
CA ASN F 350 -51.86 -6.40 5.21
C ASN F 350 -51.61 -5.07 4.53
N LEU F 351 -50.93 -5.11 3.38
CA LEU F 351 -50.57 -3.89 2.66
C LEU F 351 -51.81 -3.09 2.25
N GLN F 352 -51.76 -1.78 2.46
CA GLN F 352 -52.88 -0.89 2.12
C GLN F 352 -52.50 0.14 1.08
N LYS F 353 -51.26 0.63 1.13
CA LYS F 353 -50.78 1.64 0.17
C LYS F 353 -49.53 1.12 -0.57
N LEU F 354 -49.53 1.19 -1.89
CA LEU F 354 -48.39 0.75 -2.69
C LEU F 354 -48.13 1.76 -3.82
N ASP F 355 -47.01 2.45 -3.74
CA ASP F 355 -46.63 3.46 -4.74
C ASP F 355 -45.44 2.95 -5.56
N LEU F 356 -45.70 2.67 -6.82
CA LEU F 356 -44.66 2.21 -7.73
C LEU F 356 -44.43 3.20 -8.88
N SER F 357 -44.70 4.48 -8.62
CA SER F 357 -44.70 5.44 -9.69
C SER F 357 -43.28 5.80 -10.11
N HIS F 358 -43.13 6.25 -11.35
CA HIS F 358 -41.85 6.78 -11.86
C HIS F 358 -40.68 5.80 -11.79
N SER F 359 -40.96 4.50 -11.72
CA SER F 359 -39.91 3.51 -11.48
C SER F 359 -39.58 2.63 -12.71
N ASP F 360 -39.85 3.11 -13.91
CA ASP F 360 -39.43 2.43 -15.14
C ASP F 360 -39.90 0.96 -15.18
N ILE F 361 -41.16 0.73 -14.83
CA ILE F 361 -41.74 -0.61 -14.80
C ILE F 361 -42.39 -0.92 -16.12
N GLU F 362 -42.02 -2.06 -16.69
CA GLU F 362 -42.65 -2.58 -17.90
C GLU F 362 -43.32 -3.91 -17.55
N ALA F 363 -44.57 -4.08 -18.00
CA ALA F 363 -45.30 -5.32 -17.72
C ALA F 363 -46.26 -5.72 -18.86
N SER F 364 -46.21 -7.00 -19.22
CA SER F 364 -46.96 -7.55 -20.34
C SER F 364 -48.09 -8.48 -19.90
N ASP F 365 -47.88 -9.22 -18.81
CA ASP F 365 -48.88 -10.19 -18.28
C ASP F 365 -49.54 -9.63 -17.00
N CYS F 366 -49.80 -8.32 -17.01
CA CYS F 366 -50.13 -7.61 -15.78
C CYS F 366 -51.64 -7.65 -15.50
N CYS F 367 -52.07 -7.64 -14.23
CA CYS F 367 -51.24 -7.44 -13.02
C CYS F 367 -51.56 -8.43 -11.89
N ASN F 368 -52.13 -9.58 -12.23
CA ASN F 368 -52.63 -10.48 -11.20
C ASN F 368 -51.54 -11.33 -10.57
N LEU F 369 -50.56 -11.71 -11.38
CA LEU F 369 -49.40 -12.46 -10.87
C LEU F 369 -48.40 -11.55 -10.16
N GLN F 370 -48.42 -10.28 -10.53
CA GLN F 370 -47.49 -9.30 -9.99
C GLN F 370 -47.99 -8.85 -8.63
N LEU F 371 -49.27 -8.50 -8.53
CA LEU F 371 -49.86 -8.06 -7.27
C LEU F 371 -50.59 -9.22 -6.54
N LYS F 372 -50.18 -10.45 -6.80
CA LYS F 372 -50.87 -11.64 -6.25
C LYS F 372 -50.97 -11.60 -4.73
N ASN F 373 -52.09 -12.08 -4.21
CA ASN F 373 -52.43 -12.04 -2.78
C ASN F 373 -52.40 -10.67 -2.06
N LEU F 374 -52.58 -9.58 -2.78
CA LEU F 374 -52.68 -8.27 -2.13
C LEU F 374 -54.14 -7.94 -1.91
N ARG F 375 -54.70 -8.44 -0.82
CA ARG F 375 -56.14 -8.46 -0.64
C ARG F 375 -56.71 -7.13 -0.14
N HIS F 376 -56.01 -6.44 0.74
CA HIS F 376 -56.56 -5.22 1.36
C HIS F 376 -55.97 -3.95 0.81
N LEU F 377 -55.47 -4.00 -0.42
CA LEU F 377 -54.84 -2.84 -1.04
C LEU F 377 -55.91 -1.81 -1.42
N GLN F 378 -55.70 -0.56 -1.03
CA GLN F 378 -56.65 0.53 -1.29
C GLN F 378 -56.13 1.58 -2.29
N TYR F 379 -54.83 1.80 -2.29
CA TYR F 379 -54.24 2.79 -3.17
C TYR F 379 -53.10 2.15 -3.97
N LEU F 380 -53.21 2.20 -5.29
CA LEU F 380 -52.15 1.71 -6.16
C LEU F 380 -51.81 2.80 -7.16
N ASN F 381 -50.53 3.12 -7.25
CA ASN F 381 -50.04 4.16 -8.13
C ASN F 381 -48.99 3.54 -9.05
N LEU F 382 -49.36 3.41 -10.33
CA LEU F 382 -48.45 2.89 -11.34
C LEU F 382 -48.19 3.96 -12.39
N SER F 383 -48.36 5.22 -12.03
CA SER F 383 -48.21 6.33 -12.98
C SER F 383 -46.79 6.51 -13.48
N TYR F 384 -46.64 7.18 -14.60
CA TYR F 384 -45.32 7.50 -15.18
C TYR F 384 -44.43 6.28 -15.37
N ASN F 385 -44.99 5.21 -15.93
CA ASN F 385 -44.22 4.02 -16.24
C ASN F 385 -44.26 3.68 -17.73
N GLU F 386 -43.39 2.78 -18.12
CA GLU F 386 -43.45 2.24 -19.46
C GLU F 386 -44.71 1.40 -19.60
N PRO F 387 -45.10 1.07 -20.85
CA PRO F 387 -46.40 0.45 -21.14
C PRO F 387 -46.81 -0.73 -20.26
N LEU F 388 -48.11 -0.92 -20.09
CA LEU F 388 -48.64 -2.05 -19.35
C LEU F 388 -49.70 -2.82 -20.15
N GLY F 389 -49.52 -4.14 -20.30
CA GLY F 389 -50.57 -4.97 -20.88
C GLY F 389 -51.56 -5.37 -19.79
N LEU F 390 -52.77 -4.81 -19.82
CA LEU F 390 -53.82 -5.16 -18.85
C LEU F 390 -54.90 -6.06 -19.47
N GLU F 391 -55.14 -7.18 -18.79
CA GLU F 391 -56.03 -8.24 -19.29
C GLU F 391 -57.50 -7.94 -18.99
N ASP F 392 -58.35 -8.93 -19.21
CA ASP F 392 -59.72 -8.91 -18.66
C ASP F 392 -59.62 -9.21 -17.16
N GLN F 393 -60.11 -8.29 -16.33
CA GLN F 393 -59.86 -8.33 -14.89
C GLN F 393 -58.35 -8.38 -14.58
N ALA F 394 -57.59 -7.39 -15.04
CA ALA F 394 -56.15 -7.36 -14.77
C ALA F 394 -55.83 -7.20 -13.27
N PHE F 395 -56.90 -7.02 -12.47
CA PHE F 395 -56.78 -6.66 -11.06
C PHE F 395 -57.67 -7.48 -10.12
N LYS F 396 -58.06 -8.71 -10.51
CA LYS F 396 -58.92 -9.54 -9.65
C LYS F 396 -58.41 -9.62 -8.19
N GLU F 397 -57.11 -9.64 -8.02
CA GLU F 397 -56.51 -9.88 -6.71
C GLU F 397 -56.63 -8.71 -5.70
N CYS F 398 -57.02 -7.50 -6.14
CA CYS F 398 -57.22 -6.36 -5.24
C CYS F 398 -58.60 -5.73 -5.34
N PRO F 399 -59.65 -6.45 -4.91
CA PRO F 399 -60.95 -5.79 -4.85
C PRO F 399 -60.97 -4.64 -3.83
N GLN F 400 -60.09 -4.71 -2.84
CA GLN F 400 -59.94 -3.65 -1.84
C GLN F 400 -59.89 -2.25 -2.43
N LEU F 401 -59.54 -2.19 -3.71
CA LEU F 401 -58.94 -1.01 -4.30
C LEU F 401 -59.92 0.16 -4.41
N GLU F 402 -59.42 1.33 -4.07
CA GLU F 402 -60.25 2.52 -3.83
C GLU F 402 -59.83 3.68 -4.73
N LEU F 403 -58.52 3.88 -4.85
CA LEU F 403 -57.95 4.86 -5.74
C LEU F 403 -56.85 4.19 -6.57
N LEU F 404 -57.03 4.19 -7.89
CA LEU F 404 -56.02 3.67 -8.83
C LEU F 404 -55.54 4.80 -9.75
N ASP F 405 -54.22 4.98 -9.82
CA ASP F 405 -53.62 6.04 -10.64
C ASP F 405 -52.58 5.45 -11.60
N VAL F 406 -52.84 5.56 -12.90
CA VAL F 406 -51.89 5.08 -13.93
C VAL F 406 -51.53 6.17 -14.96
N ALA F 407 -51.69 7.43 -14.56
CA ALA F 407 -51.52 8.57 -15.46
C ALA F 407 -50.16 8.53 -16.14
N PHE F 408 -50.14 8.81 -17.45
CA PHE F 408 -48.93 8.82 -18.24
C PHE F 408 -48.23 7.46 -18.41
N THR F 409 -48.92 6.38 -18.11
CA THR F 409 -48.36 5.06 -18.40
C THR F 409 -49.25 4.46 -19.46
N HIS F 410 -48.72 4.32 -20.68
CA HIS F 410 -49.51 3.83 -21.80
C HIS F 410 -50.12 2.46 -21.49
N LEU F 411 -51.45 2.38 -21.51
CA LEU F 411 -52.13 1.11 -21.33
C LEU F 411 -52.33 0.38 -22.65
N HIS F 412 -52.11 -0.93 -22.66
CA HIS F 412 -52.52 -1.79 -23.79
C HIS F 412 -53.66 -2.72 -23.37
N VAL F 413 -54.83 -2.52 -23.94
CA VAL F 413 -55.99 -3.34 -23.65
C VAL F 413 -56.47 -3.97 -24.94
N LYS F 414 -56.27 -5.28 -25.05
CA LYS F 414 -56.85 -6.06 -26.14
C LYS F 414 -58.37 -5.92 -26.00
N ALA F 415 -59.01 -5.26 -26.98
CA ALA F 415 -60.45 -5.01 -26.95
C ALA F 415 -61.17 -6.30 -27.27
N PRO F 416 -62.32 -6.57 -26.63
CA PRO F 416 -63.05 -5.78 -25.64
C PRO F 416 -62.87 -6.28 -24.22
N HIS F 417 -61.63 -6.44 -23.77
CA HIS F 417 -61.35 -6.87 -22.40
C HIS F 417 -61.67 -5.75 -21.41
N SER F 418 -62.23 -6.11 -20.26
CA SER F 418 -62.59 -5.16 -19.20
C SER F 418 -61.68 -5.36 -17.98
N PRO F 419 -60.56 -4.61 -17.92
CA PRO F 419 -59.56 -4.83 -16.89
C PRO F 419 -60.00 -4.37 -15.51
N PHE F 420 -60.99 -3.48 -15.47
CA PHE F 420 -61.48 -2.98 -14.19
C PHE F 420 -62.78 -3.58 -13.71
N GLN F 421 -63.20 -4.68 -14.36
CA GLN F 421 -64.44 -5.40 -14.05
C GLN F 421 -64.60 -5.55 -12.53
N ASN F 422 -63.57 -6.13 -11.91
CA ASN F 422 -63.59 -6.52 -10.50
C ASN F 422 -63.60 -5.38 -9.48
N LEU F 423 -63.27 -4.16 -9.91
CA LEU F 423 -63.06 -3.04 -8.97
C LEU F 423 -64.33 -2.27 -8.64
N HIS F 424 -65.27 -2.98 -8.03
CA HIS F 424 -66.59 -2.46 -7.65
C HIS F 424 -66.57 -1.68 -6.32
N LEU F 425 -65.39 -1.24 -5.89
CA LEU F 425 -65.26 -0.38 -4.72
C LEU F 425 -64.36 0.84 -5.05
N LEU F 426 -63.98 0.93 -6.33
CA LEU F 426 -63.09 1.97 -6.82
C LEU F 426 -63.88 3.25 -6.94
N ARG F 427 -63.32 4.36 -6.46
CA ARG F 427 -64.03 5.64 -6.54
C ARG F 427 -63.22 6.75 -7.22
N VAL F 428 -61.93 6.53 -7.40
CA VAL F 428 -61.13 7.49 -8.13
C VAL F 428 -60.20 6.75 -9.08
N LEU F 429 -60.34 7.03 -10.37
CA LEU F 429 -59.51 6.42 -11.39
C LEU F 429 -58.91 7.50 -12.29
N ASN F 430 -57.59 7.50 -12.41
CA ASN F 430 -56.91 8.46 -13.29
C ASN F 430 -56.24 7.75 -14.45
N LEU F 431 -56.78 7.96 -15.66
CA LEU F 431 -56.19 7.39 -16.87
C LEU F 431 -55.64 8.48 -17.80
N SER F 432 -55.19 9.59 -17.22
CA SER F 432 -54.66 10.71 -18.01
C SER F 432 -53.50 10.30 -18.92
N HIS F 433 -53.67 10.53 -20.22
CA HIS F 433 -52.60 10.32 -21.16
C HIS F 433 -52.18 8.81 -21.21
N CYS F 434 -53.15 7.92 -21.22
CA CYS F 434 -52.83 6.50 -21.28
C CYS F 434 -52.95 5.87 -22.66
N LEU F 435 -53.39 6.65 -23.64
CA LEU F 435 -53.56 6.19 -25.00
C LEU F 435 -54.65 5.12 -25.10
N LEU F 436 -55.74 5.35 -24.37
CA LEU F 436 -56.83 4.36 -24.27
C LEU F 436 -57.45 4.01 -25.62
N ASP F 437 -57.84 2.74 -25.78
CA ASP F 437 -58.78 2.42 -26.86
C ASP F 437 -60.20 2.89 -26.47
N THR F 438 -60.51 4.15 -26.79
CA THR F 438 -61.80 4.77 -26.44
C THR F 438 -63.00 4.30 -27.29
N SER F 439 -62.74 3.46 -28.30
CA SER F 439 -63.79 2.80 -29.07
C SER F 439 -64.40 1.66 -28.24
N ASN F 440 -63.51 0.94 -27.54
CA ASN F 440 -63.90 -0.14 -26.63
C ASN F 440 -64.98 0.37 -25.67
N GLN F 441 -66.22 -0.06 -25.86
CA GLN F 441 -67.34 0.37 -24.99
C GLN F 441 -67.43 -0.42 -23.67
N HIS F 442 -66.57 -1.42 -23.51
CA HIS F 442 -66.57 -2.26 -22.33
C HIS F 442 -65.31 -2.03 -21.51
N LEU F 443 -64.61 -0.94 -21.83
CA LEU F 443 -63.32 -0.59 -21.20
C LEU F 443 -63.50 -0.26 -19.72
N LEU F 444 -64.66 0.33 -19.39
CA LEU F 444 -64.95 0.77 -18.03
C LEU F 444 -65.99 -0.12 -17.37
N ALA F 445 -66.19 -1.32 -17.91
CA ALA F 445 -67.19 -2.24 -17.38
C ALA F 445 -67.03 -2.40 -15.88
N GLY F 446 -68.12 -2.23 -15.14
CA GLY F 446 -68.16 -2.57 -13.72
C GLY F 446 -67.97 -1.40 -12.78
N LEU F 447 -67.60 -0.26 -13.33
CA LEU F 447 -67.31 0.93 -12.54
C LEU F 447 -68.52 1.86 -12.56
N GLN F 448 -69.69 1.27 -12.32
CA GLN F 448 -70.96 1.97 -12.27
C GLN F 448 -71.08 2.88 -11.04
N ASP F 449 -70.38 2.50 -9.96
CA ASP F 449 -70.34 3.30 -8.74
C ASP F 449 -69.06 4.15 -8.61
N LEU F 450 -68.39 4.40 -9.73
CA LEU F 450 -67.23 5.30 -9.71
C LEU F 450 -67.72 6.74 -9.51
N ARG F 451 -66.94 7.52 -8.80
CA ARG F 451 -67.28 8.91 -8.52
C ARG F 451 -66.40 9.89 -9.34
N HIS F 452 -65.17 9.50 -9.62
CA HIS F 452 -64.17 10.42 -10.14
C HIS F 452 -63.33 9.74 -11.24
N LEU F 453 -63.51 10.20 -12.47
CA LEU F 453 -62.76 9.65 -13.62
C LEU F 453 -62.00 10.76 -14.37
N ASN F 454 -60.72 10.51 -14.63
CA ASN F 454 -59.88 11.43 -15.37
C ASN F 454 -59.44 10.80 -16.69
N LEU F 455 -60.06 11.24 -17.80
CA LEU F 455 -59.72 10.74 -19.16
C LEU F 455 -58.98 11.80 -19.97
N GLN F 456 -58.30 12.71 -19.28
CA GLN F 456 -57.52 13.75 -19.92
C GLN F 456 -56.56 13.17 -20.96
N GLY F 457 -56.37 13.87 -22.08
CA GLY F 457 -55.29 13.53 -23.01
C GLY F 457 -55.48 12.24 -23.77
N ASN F 458 -56.71 11.97 -24.17
CA ASN F 458 -57.07 10.76 -24.90
C ASN F 458 -57.97 11.10 -26.08
N SER F 459 -57.82 10.35 -27.18
CA SER F 459 -58.57 10.62 -28.42
C SER F 459 -59.81 9.73 -28.59
N PHE F 460 -60.80 10.24 -29.33
CA PHE F 460 -62.00 9.48 -29.66
C PHE F 460 -62.08 9.26 -31.17
N GLN F 461 -62.68 8.13 -31.56
CA GLN F 461 -63.03 7.86 -32.96
C GLN F 461 -63.68 9.11 -33.54
N ASP F 462 -63.11 9.60 -34.65
CA ASP F 462 -63.53 10.83 -35.36
C ASP F 462 -63.22 12.13 -34.63
N GLY F 463 -62.58 12.04 -33.48
CA GLY F 463 -62.42 13.20 -32.63
C GLY F 463 -63.75 13.71 -32.13
N SER F 464 -64.60 12.78 -31.68
CA SER F 464 -65.91 13.15 -31.23
C SER F 464 -66.54 12.06 -30.40
N ILE F 465 -67.46 12.48 -29.52
CA ILE F 465 -68.18 11.61 -28.61
C ILE F 465 -69.62 11.49 -29.08
N SER F 466 -69.99 10.30 -29.55
CA SER F 466 -71.34 10.01 -30.12
C SER F 466 -72.27 9.28 -29.15
N LYS F 467 -73.58 9.42 -29.37
CA LYS F 467 -74.65 8.92 -28.48
C LYS F 467 -74.24 7.70 -27.63
N THR F 468 -73.82 6.65 -28.33
CA THR F 468 -73.54 5.37 -27.72
C THR F 468 -72.04 5.31 -27.39
N ASN F 469 -71.69 5.56 -26.12
CA ASN F 469 -70.27 5.76 -25.74
C ASN F 469 -69.86 5.07 -24.42
N LEU F 470 -68.54 5.03 -24.16
CA LEU F 470 -67.97 4.25 -23.04
C LEU F 470 -68.38 4.75 -21.64
N LEU F 471 -68.75 6.02 -21.55
CA LEU F 471 -69.21 6.60 -20.29
C LEU F 471 -70.57 6.05 -19.89
N GLN F 472 -71.32 5.60 -20.88
CA GLN F 472 -72.58 4.92 -20.64
C GLN F 472 -72.32 3.55 -20.04
N MET F 473 -71.25 3.45 -19.27
CA MET F 473 -70.99 2.35 -18.37
C MET F 473 -70.87 2.96 -16.98
N VAL F 474 -69.89 3.85 -16.83
CA VAL F 474 -69.56 4.54 -15.56
C VAL F 474 -70.59 5.63 -15.18
N GLY F 475 -71.83 5.22 -14.90
CA GLY F 475 -72.93 6.17 -14.76
C GLY F 475 -73.04 7.07 -13.53
N SER F 476 -72.36 6.74 -12.43
CA SER F 476 -72.57 7.48 -11.17
C SER F 476 -71.54 8.60 -10.89
N LEU F 477 -70.68 8.89 -11.87
CA LEU F 477 -69.65 9.91 -11.70
C LEU F 477 -70.19 11.25 -11.20
N GLU F 478 -69.39 11.92 -10.37
CA GLU F 478 -69.60 13.32 -10.01
C GLU F 478 -68.63 14.22 -10.80
N ILE F 479 -67.35 13.80 -10.84
CA ILE F 479 -66.29 14.53 -11.52
C ILE F 479 -65.89 13.81 -12.79
N LEU F 480 -65.89 14.53 -13.89
CA LEU F 480 -65.44 14.01 -15.18
C LEU F 480 -64.47 15.01 -15.81
N ILE F 481 -63.26 14.55 -16.12
CA ILE F 481 -62.27 15.37 -16.78
C ILE F 481 -61.97 14.83 -18.18
N LEU F 482 -62.29 15.64 -19.20
CA LEU F 482 -62.07 15.30 -20.62
C LEU F 482 -61.25 16.36 -21.32
N SER F 483 -60.30 16.96 -20.61
CA SER F 483 -59.52 18.04 -21.19
C SER F 483 -58.41 17.51 -22.12
N SER F 484 -58.00 18.27 -23.12
CA SER F 484 -56.90 17.90 -24.01
C SER F 484 -57.12 16.66 -24.84
N CYS F 485 -58.36 16.43 -25.26
CA CYS F 485 -58.75 15.21 -26.00
C CYS F 485 -58.97 15.48 -27.49
N ASN F 486 -58.62 16.69 -27.91
CA ASN F 486 -58.83 17.13 -29.31
C ASN F 486 -60.26 16.94 -29.78
N LEU F 487 -61.21 17.09 -28.85
CA LEU F 487 -62.61 16.98 -29.18
C LEU F 487 -63.02 18.11 -30.10
N LEU F 488 -63.70 17.73 -31.18
CA LEU F 488 -64.37 18.66 -32.08
C LEU F 488 -65.86 18.70 -31.74
N SER F 489 -66.41 17.55 -31.38
CA SER F 489 -67.85 17.46 -31.10
C SER F 489 -68.21 16.49 -30.00
N ILE F 490 -69.02 16.95 -29.05
CA ILE F 490 -69.83 16.08 -28.25
C ILE F 490 -71.16 16.01 -28.97
N ASP F 491 -71.65 14.81 -29.23
CA ASP F 491 -72.98 14.63 -29.80
C ASP F 491 -74.04 15.07 -28.77
N GLN F 492 -75.18 15.52 -29.28
CA GLN F 492 -76.23 16.07 -28.46
C GLN F 492 -76.57 15.17 -27.28
N GLN F 493 -76.60 13.85 -27.52
CA GLN F 493 -77.03 12.85 -26.49
C GLN F 493 -75.91 12.03 -25.83
N ALA F 494 -74.66 12.49 -25.97
CA ALA F 494 -73.53 11.76 -25.39
C ALA F 494 -73.61 11.64 -23.87
N PHE F 495 -74.05 12.70 -23.19
CA PHE F 495 -73.98 12.76 -21.72
C PHE F 495 -75.30 12.45 -21.06
N HIS F 496 -76.37 12.30 -21.83
CA HIS F 496 -77.65 11.91 -21.21
C HIS F 496 -77.32 10.68 -20.37
N GLY F 497 -77.93 10.56 -19.21
CA GLY F 497 -77.58 9.45 -18.31
C GLY F 497 -76.28 9.64 -17.53
N LEU F 498 -76.15 10.80 -16.87
CA LEU F 498 -75.14 11.00 -15.81
C LEU F 498 -75.80 11.75 -14.63
N ARG F 499 -76.86 11.16 -14.09
CA ARG F 499 -77.72 11.84 -13.09
C ARG F 499 -76.99 12.52 -11.91
N ASN F 500 -75.68 12.26 -11.78
CA ASN F 500 -74.91 12.69 -10.62
C ASN F 500 -73.88 13.79 -10.87
N VAL F 501 -73.52 14.01 -12.12
CA VAL F 501 -72.33 14.81 -12.44
C VAL F 501 -72.51 16.25 -12.03
N ASN F 502 -71.43 16.86 -11.54
CA ASN F 502 -71.44 18.26 -11.16
C ASN F 502 -70.09 19.00 -11.30
N HIS F 503 -69.10 18.33 -11.88
CA HIS F 503 -67.83 18.94 -12.24
C HIS F 503 -67.44 18.41 -13.62
N LEU F 504 -67.47 19.27 -14.63
CA LEU F 504 -67.19 18.83 -15.98
C LEU F 504 -66.12 19.71 -16.62
N ASP F 505 -65.00 19.11 -16.96
CA ASP F 505 -63.87 19.84 -17.55
C ASP F 505 -63.68 19.42 -19.01
N LEU F 506 -64.10 20.30 -19.91
CA LEU F 506 -63.92 20.06 -21.34
C LEU F 506 -62.90 21.04 -21.89
N SER F 507 -62.07 21.60 -21.02
CA SER F 507 -61.07 22.60 -21.44
C SER F 507 -59.98 22.03 -22.35
N HIS F 508 -59.30 22.92 -23.08
CA HIS F 508 -58.22 22.55 -24.01
C HIS F 508 -58.70 21.51 -25.03
N ASN F 509 -59.92 21.71 -25.53
CA ASN F 509 -60.44 20.92 -26.63
C ASN F 509 -60.74 21.91 -27.74
N SER F 510 -61.57 21.54 -28.73
CA SER F 510 -61.91 22.46 -29.82
C SER F 510 -63.41 22.55 -30.01
N LEU F 511 -64.15 22.63 -28.92
CA LEU F 511 -65.60 22.59 -29.02
C LEU F 511 -66.16 23.96 -29.36
N THR F 512 -67.35 24.00 -29.94
CA THR F 512 -67.99 25.25 -30.31
C THR F 512 -69.28 25.42 -29.54
N GLY F 513 -69.77 26.65 -29.51
CA GLY F 513 -71.05 26.95 -28.87
C GLY F 513 -72.01 25.78 -28.90
N ASP F 514 -72.27 25.27 -30.09
CA ASP F 514 -73.28 24.22 -30.27
C ASP F 514 -72.99 22.95 -29.48
N SER F 515 -71.72 22.66 -29.23
CA SER F 515 -71.41 21.54 -28.37
C SER F 515 -72.00 21.68 -26.95
N MET F 516 -72.48 22.87 -26.60
CA MET F 516 -73.19 23.10 -25.33
C MET F 516 -74.57 22.45 -25.27
N ASP F 517 -75.09 22.06 -26.43
CA ASP F 517 -76.36 21.33 -26.49
C ASP F 517 -76.29 20.10 -25.58
N ALA F 518 -75.15 19.38 -25.64
CA ALA F 518 -74.93 18.18 -24.84
C ALA F 518 -75.07 18.40 -23.33
N LEU F 519 -75.05 19.65 -22.89
CA LEU F 519 -75.14 19.97 -21.46
C LEU F 519 -76.54 20.36 -20.99
N SER F 520 -77.49 20.51 -21.92
CA SER F 520 -78.82 21.07 -21.61
C SER F 520 -79.60 20.38 -20.46
N HIS F 521 -79.41 19.07 -20.32
CA HIS F 521 -80.14 18.27 -19.30
C HIS F 521 -79.50 18.30 -17.92
N LEU F 522 -78.44 19.08 -17.73
CA LEU F 522 -77.68 19.13 -16.47
C LEU F 522 -77.88 20.45 -15.75
N LYS F 523 -77.71 20.43 -14.44
CA LYS F 523 -77.89 21.63 -13.61
C LYS F 523 -76.74 21.82 -12.61
N GLY F 524 -76.42 23.07 -12.34
CA GLY F 524 -75.50 23.46 -11.26
C GLY F 524 -74.11 22.86 -11.25
N LEU F 525 -73.56 22.55 -12.41
CA LEU F 525 -72.19 22.04 -12.45
C LEU F 525 -71.12 23.13 -12.46
N TYR F 526 -69.90 22.73 -12.15
CA TYR F 526 -68.73 23.52 -12.51
C TYR F 526 -68.40 23.11 -13.96
N LEU F 527 -68.57 24.07 -14.88
CA LEU F 527 -68.38 23.83 -16.31
C LEU F 527 -67.17 24.59 -16.81
N ASN F 528 -66.09 23.89 -17.12
CA ASN F 528 -64.90 24.54 -17.65
C ASN F 528 -64.73 24.29 -19.15
N MET F 529 -64.97 25.35 -19.95
CA MET F 529 -64.87 25.29 -21.41
C MET F 529 -63.72 26.16 -21.93
N ALA F 530 -62.74 26.42 -21.06
CA ALA F 530 -61.62 27.29 -21.38
C ALA F 530 -60.83 26.72 -22.56
N SER F 531 -60.18 27.63 -23.31
CA SER F 531 -59.28 27.24 -24.39
C SER F 531 -59.99 26.27 -25.31
N ASN F 532 -61.05 26.75 -25.94
CA ASN F 532 -61.73 26.02 -27.01
C ASN F 532 -61.82 26.88 -28.28
N ASN F 533 -62.76 26.55 -29.18
CA ASN F 533 -63.01 27.32 -30.39
C ASN F 533 -64.45 27.81 -30.42
N ILE F 534 -64.92 28.27 -29.25
CA ILE F 534 -66.25 28.88 -29.13
C ILE F 534 -66.19 30.31 -29.63
N ARG F 535 -67.07 30.64 -30.57
CA ARG F 535 -67.18 32.00 -31.11
C ARG F 535 -68.55 32.59 -30.82
N ILE F 536 -69.56 32.19 -31.58
CA ILE F 536 -70.95 32.57 -31.28
C ILE F 536 -71.59 31.51 -30.40
N ILE F 537 -72.31 31.93 -29.37
CA ILE F 537 -73.08 31.01 -28.53
C ILE F 537 -74.55 31.19 -28.87
N PRO F 538 -75.10 30.23 -29.64
CA PRO F 538 -76.50 30.40 -30.08
C PRO F 538 -77.44 30.59 -28.89
N PRO F 539 -78.39 31.53 -29.01
CA PRO F 539 -79.22 31.88 -27.86
C PRO F 539 -80.15 30.79 -27.36
N HIS F 540 -80.63 29.92 -28.25
CA HIS F 540 -81.54 28.87 -27.80
C HIS F 540 -80.91 27.96 -26.76
N LEU F 541 -79.58 27.80 -26.81
CA LEU F 541 -78.90 26.94 -25.84
C LEU F 541 -78.09 27.74 -24.81
N LEU F 542 -78.42 29.02 -24.71
CA LEU F 542 -77.93 29.91 -23.66
C LEU F 542 -78.44 29.51 -22.25
N PRO F 543 -79.68 29.00 -22.14
CA PRO F 543 -80.11 28.54 -20.80
C PRO F 543 -79.33 27.31 -20.28
N ALA F 544 -78.66 26.58 -21.16
CA ALA F 544 -77.78 25.50 -20.74
C ALA F 544 -76.63 26.04 -19.88
N LEU F 545 -76.09 27.21 -20.23
CA LEU F 545 -75.05 27.87 -19.41
C LEU F 545 -75.68 28.42 -18.10
N SER F 546 -76.84 29.06 -18.19
CA SER F 546 -77.45 29.69 -17.03
C SER F 546 -77.86 28.67 -15.98
N GLN F 547 -78.08 27.42 -16.39
CA GLN F 547 -78.42 26.33 -15.45
C GLN F 547 -77.27 25.90 -14.54
N GLN F 548 -76.07 26.43 -14.73
CA GLN F 548 -74.90 25.95 -14.00
C GLN F 548 -74.46 26.93 -12.89
N SER F 549 -73.45 26.54 -12.10
CA SER F 549 -73.02 27.28 -10.91
C SER F 549 -71.81 28.16 -11.17
N ILE F 550 -70.79 27.53 -11.75
CA ILE F 550 -69.61 28.24 -12.19
C ILE F 550 -69.29 27.86 -13.63
N ILE F 551 -68.98 28.87 -14.44
CA ILE F 551 -68.62 28.66 -15.85
C ILE F 551 -67.28 29.30 -16.14
N ASN F 552 -66.46 28.65 -16.95
CA ASN F 552 -65.21 29.22 -17.42
C ASN F 552 -65.17 29.17 -18.92
N LEU F 553 -65.26 30.35 -19.56
CA LEU F 553 -65.22 30.47 -21.03
C LEU F 553 -63.95 31.18 -21.53
N SER F 554 -62.93 31.25 -20.67
CA SER F 554 -61.72 32.02 -20.95
C SER F 554 -60.91 31.42 -22.09
N HIS F 555 -60.07 32.24 -22.69
CA HIS F 555 -59.26 31.86 -23.84
C HIS F 555 -60.07 31.21 -24.98
N ASN F 556 -61.20 31.82 -25.34
CA ASN F 556 -61.94 31.43 -26.52
C ASN F 556 -62.02 32.59 -27.47
N PRO F 557 -61.96 32.32 -28.76
CA PRO F 557 -62.13 33.41 -29.73
C PRO F 557 -63.58 33.94 -29.76
N LEU F 558 -64.06 34.41 -28.62
CA LEU F 558 -65.47 34.80 -28.48
C LEU F 558 -65.86 35.97 -29.42
N ASP F 559 -67.08 35.89 -29.97
CA ASP F 559 -67.54 36.87 -30.96
C ASP F 559 -68.16 38.08 -30.29
N CYS F 560 -67.78 39.27 -30.74
CA CYS F 560 -68.34 40.52 -30.20
C CYS F 560 -68.99 41.39 -31.29
N THR F 561 -69.77 40.76 -32.15
CA THR F 561 -70.63 41.44 -33.09
C THR F 561 -72.04 41.35 -32.55
N CYS F 562 -73.02 41.89 -33.27
CA CYS F 562 -74.43 41.80 -32.84
C CYS F 562 -75.00 40.39 -32.90
N SER F 563 -74.36 39.54 -33.70
CA SER F 563 -74.78 38.15 -33.82
C SER F 563 -74.59 37.38 -32.51
N ASN F 564 -73.78 37.91 -31.60
CA ASN F 564 -73.58 37.31 -30.29
C ASN F 564 -74.13 38.20 -29.16
N ILE F 565 -75.13 39.03 -29.48
CA ILE F 565 -75.68 39.99 -28.51
C ILE F 565 -76.32 39.31 -27.30
N HIS F 566 -77.08 38.25 -27.54
CA HIS F 566 -77.74 37.56 -26.45
C HIS F 566 -76.73 37.02 -25.44
N PHE F 567 -75.66 36.42 -25.92
CA PHE F 567 -74.61 35.92 -25.02
C PHE F 567 -73.90 37.03 -24.24
N ILE F 568 -73.73 38.20 -24.84
CA ILE F 568 -73.01 39.27 -24.18
C ILE F 568 -73.81 39.86 -23.02
N THR F 569 -75.13 40.02 -23.19
CA THR F 569 -75.97 40.54 -22.09
C THR F 569 -76.06 39.48 -20.99
N TRP F 570 -76.18 38.22 -21.39
CA TRP F 570 -76.11 37.11 -20.43
C TRP F 570 -74.82 37.16 -19.60
N TYR F 571 -73.69 37.38 -20.24
CA TYR F 571 -72.39 37.33 -19.57
C TYR F 571 -72.28 38.44 -18.56
N LYS F 572 -72.74 39.64 -18.90
CA LYS F 572 -72.64 40.80 -18.02
C LYS F 572 -73.56 40.55 -16.83
N GLU F 573 -74.81 40.19 -17.11
CA GLU F 573 -75.78 39.82 -16.07
C GLU F 573 -75.22 38.80 -15.03
N ASN F 574 -74.54 37.75 -15.51
CA ASN F 574 -74.07 36.67 -14.62
C ASN F 574 -72.56 36.70 -14.31
N LEU F 575 -71.96 37.89 -14.35
CA LEU F 575 -70.49 38.04 -14.14
C LEU F 575 -69.95 37.27 -12.93
N HIS F 576 -70.73 37.25 -11.86
CA HIS F 576 -70.37 36.60 -10.59
C HIS F 576 -70.16 35.08 -10.72
N LYS F 577 -71.02 34.43 -11.51
CA LYS F 577 -70.89 33.00 -11.78
C LYS F 577 -69.65 32.63 -12.66
N LEU F 578 -69.00 33.61 -13.27
CA LEU F 578 -68.01 33.32 -14.33
C LEU F 578 -66.59 33.33 -13.79
N GLU F 579 -65.93 32.17 -13.89
CA GLU F 579 -64.53 31.98 -13.49
C GLU F 579 -63.57 32.47 -14.57
N ASP F 580 -62.43 32.99 -14.12
CA ASP F 580 -61.37 33.49 -15.01
C ASP F 580 -61.88 34.53 -16.00
N SER F 581 -62.77 35.39 -15.50
CA SER F 581 -63.35 36.50 -16.26
C SER F 581 -62.29 37.41 -16.93
N GLU F 582 -61.26 37.81 -16.19
CA GLU F 582 -60.18 38.69 -16.73
C GLU F 582 -59.56 38.20 -18.04
N GLU F 583 -59.46 36.89 -18.23
CA GLU F 583 -58.88 36.37 -19.48
C GLU F 583 -59.93 35.87 -20.50
N THR F 584 -61.15 36.43 -20.44
CA THR F 584 -62.22 36.08 -21.41
C THR F 584 -62.52 37.28 -22.29
N THR F 585 -62.01 37.24 -23.53
CA THR F 585 -61.90 38.44 -24.37
C THR F 585 -62.28 38.22 -25.84
N CYS F 586 -62.68 39.28 -26.53
CA CYS F 586 -63.16 39.17 -27.90
C CYS F 586 -62.06 38.85 -28.92
N ALA F 587 -62.44 38.11 -29.96
CA ALA F 587 -61.60 37.88 -31.14
C ALA F 587 -62.03 38.84 -32.25
N ASN F 588 -63.31 38.78 -32.63
CA ASN F 588 -63.91 39.67 -33.63
C ASN F 588 -64.77 40.74 -32.95
N PRO F 589 -64.93 41.91 -33.57
CA PRO F 589 -64.21 42.41 -34.73
C PRO F 589 -62.86 42.98 -34.30
N PRO F 590 -62.02 43.33 -35.29
CA PRO F 590 -60.68 43.86 -35.00
C PRO F 590 -60.65 44.99 -33.96
N SER F 591 -61.57 45.94 -34.09
CA SER F 591 -61.67 47.07 -33.15
C SER F 591 -61.78 46.62 -31.69
N LEU F 592 -62.47 45.51 -31.42
CA LEU F 592 -62.67 45.03 -30.06
C LEU F 592 -61.75 43.88 -29.69
N ARG F 593 -60.86 43.48 -30.59
CA ARG F 593 -59.94 42.36 -30.32
C ARG F 593 -59.18 42.59 -29.01
N GLY F 594 -59.28 41.66 -28.08
CA GLY F 594 -58.55 41.82 -26.82
C GLY F 594 -59.37 42.42 -25.70
N VAL F 595 -60.41 43.19 -26.06
CA VAL F 595 -61.35 43.74 -25.05
C VAL F 595 -62.03 42.63 -24.24
N LYS F 596 -61.96 42.75 -22.91
CA LYS F 596 -62.69 41.84 -21.98
C LYS F 596 -64.20 41.88 -22.27
N LEU F 597 -64.88 40.73 -22.26
CA LEU F 597 -66.34 40.71 -22.46
C LEU F 597 -67.13 41.52 -21.42
N SER F 598 -66.69 41.51 -20.16
CA SER F 598 -67.29 42.38 -19.13
C SER F 598 -67.13 43.88 -19.40
N ASP F 599 -66.34 44.26 -20.40
CA ASP F 599 -66.28 45.67 -20.85
C ASP F 599 -66.90 45.96 -22.22
N VAL F 600 -67.38 44.94 -22.94
CA VAL F 600 -67.95 45.18 -24.29
C VAL F 600 -69.17 46.07 -24.11
N LYS F 601 -69.39 46.94 -25.09
CA LYS F 601 -70.58 47.78 -25.15
C LYS F 601 -71.07 47.86 -26.59
N LEU F 602 -71.90 46.91 -26.98
CA LEU F 602 -72.53 46.91 -28.28
C LEU F 602 -73.97 47.29 -28.04
N HIS F 603 -74.66 47.70 -29.08
CA HIS F 603 -76.10 47.93 -29.04
C HIS F 603 -76.68 47.56 -30.39
N CYS F 604 -77.77 46.78 -30.41
CA CYS F 604 -78.38 46.33 -31.67
C CYS F 604 -79.91 46.41 -31.61
N LYS G 6 2.92 -52.03 52.04
CA LYS G 6 2.27 -51.61 53.32
C LYS G 6 1.80 -50.16 53.23
N CYS G 7 0.62 -49.86 53.82
CA CYS G 7 0.09 -48.48 53.86
C CYS G 7 0.91 -47.67 54.86
N THR G 8 0.65 -46.37 54.96
CA THR G 8 1.41 -45.48 55.85
C THR G 8 0.49 -44.76 56.82
N GLU G 9 0.76 -44.90 58.12
CA GLU G 9 -0.07 -44.27 59.16
C GLU G 9 0.29 -42.78 59.24
N LYS G 10 -0.36 -41.98 58.40
CA LYS G 10 -0.11 -40.53 58.36
C LYS G 10 -0.59 -39.79 59.64
N GLU G 11 -1.52 -40.36 60.40
CA GLU G 11 -1.90 -39.79 61.72
C GLU G 11 -2.52 -40.88 62.61
N GLY G 12 -2.25 -40.78 63.91
CA GLY G 12 -2.52 -41.87 64.84
C GLY G 12 -3.88 -42.52 64.69
N ASN G 13 -3.92 -43.70 64.08
CA ASN G 13 -5.15 -44.50 63.99
C ASN G 13 -6.31 -43.83 63.20
N ARG G 14 -6.08 -42.64 62.63
CA ARG G 14 -7.16 -41.88 61.94
C ARG G 14 -6.92 -41.57 60.42
N THR G 15 -5.67 -41.41 59.98
CA THR G 15 -5.39 -41.15 58.56
C THR G 15 -4.38 -42.12 57.95
N TYR G 16 -4.69 -42.73 56.82
CA TYR G 16 -3.75 -43.66 56.18
C TYR G 16 -3.59 -43.38 54.67
N ASN G 17 -2.40 -43.65 54.15
CA ASN G 17 -2.13 -43.48 52.74
C ASN G 17 -1.77 -44.83 52.14
N CYS G 18 -2.50 -45.27 51.12
CA CYS G 18 -2.26 -46.58 50.46
C CYS G 18 -2.01 -46.46 48.96
N GLU G 19 -1.48 -45.31 48.56
CA GLU G 19 -1.43 -44.96 47.17
C GLU G 19 -0.45 -45.83 46.41
N ASN G 20 -0.71 -46.01 45.11
CA ASN G 20 0.17 -46.75 44.17
C ASN G 20 0.51 -48.16 44.65
N LEU G 21 -0.28 -48.75 45.55
CA LEU G 21 0.05 -50.12 46.02
C LEU G 21 -0.62 -51.29 45.25
N GLY G 22 -1.39 -50.98 44.21
CA GLY G 22 -2.06 -52.02 43.43
C GLY G 22 -2.90 -53.00 44.24
N LEU G 23 -3.47 -52.53 45.35
CA LEU G 23 -4.34 -53.37 46.18
C LEU G 23 -5.67 -53.67 45.47
N ARG G 24 -6.18 -54.87 45.65
CA ARG G 24 -7.49 -55.23 45.09
C ARG G 24 -8.59 -55.25 46.14
N GLU G 25 -8.25 -54.85 47.36
CA GLU G 25 -9.17 -54.91 48.49
C GLU G 25 -8.61 -54.09 49.65
N ILE G 26 -9.49 -53.74 50.60
CA ILE G 26 -9.06 -52.97 51.76
C ILE G 26 -8.32 -53.92 52.69
N PRO G 27 -7.11 -53.54 53.15
CA PRO G 27 -6.37 -54.43 54.05
C PRO G 27 -7.01 -54.62 55.44
N ASP G 28 -6.88 -55.84 55.96
CA ASP G 28 -7.30 -56.15 57.32
C ASP G 28 -6.47 -55.32 58.31
N THR G 29 -5.22 -55.01 57.93
CA THR G 29 -4.40 -54.04 58.64
C THR G 29 -5.16 -52.76 59.03
N LEU G 30 -5.82 -52.11 58.06
CA LEU G 30 -6.52 -50.85 58.33
C LEU G 30 -7.59 -51.02 59.43
N PRO G 31 -7.55 -50.16 60.46
CA PRO G 31 -8.44 -50.27 61.64
C PRO G 31 -9.82 -49.61 61.52
N ASN G 32 -10.77 -50.14 62.28
CA ASN G 32 -12.07 -49.50 62.53
C ASN G 32 -12.03 -47.96 62.57
N THR G 33 -11.00 -47.41 63.21
CA THR G 33 -10.95 -45.98 63.52
C THR G 33 -10.52 -45.09 62.33
N THR G 34 -10.39 -45.67 61.15
CA THR G 34 -9.93 -44.90 59.97
C THR G 34 -10.96 -43.90 59.48
N GLU G 35 -10.51 -42.66 59.27
CA GLU G 35 -11.40 -41.57 58.86
C GLU G 35 -10.96 -40.95 57.53
N VAL G 36 -9.67 -40.96 57.24
CA VAL G 36 -9.17 -40.43 55.96
C VAL G 36 -8.32 -41.50 55.25
N LEU G 37 -8.82 -41.98 54.12
CA LEU G 37 -8.15 -43.01 53.34
C LEU G 37 -7.82 -42.49 51.95
N GLU G 38 -6.52 -42.36 51.67
CA GLU G 38 -6.06 -42.01 50.34
C GLU G 38 -5.76 -43.28 49.58
N PHE G 39 -6.64 -43.66 48.67
CA PHE G 39 -6.56 -44.98 48.05
C PHE G 39 -6.22 -44.95 46.54
N SER G 40 -5.61 -43.85 46.08
CA SER G 40 -5.35 -43.64 44.66
C SER G 40 -4.50 -44.72 44.07
N PHE G 41 -4.73 -45.02 42.80
CA PHE G 41 -3.90 -45.93 42.03
C PHE G 41 -3.84 -47.32 42.63
N ASN G 42 -5.02 -47.84 42.96
CA ASN G 42 -5.19 -49.24 43.32
C ASN G 42 -6.16 -49.84 42.30
N PHE G 43 -6.62 -51.07 42.52
CA PHE G 43 -7.35 -51.78 41.48
C PHE G 43 -8.71 -52.27 41.98
N LEU G 44 -9.74 -51.47 41.75
CA LEU G 44 -11.10 -51.82 42.19
C LEU G 44 -12.12 -51.73 41.05
N PRO G 45 -12.01 -52.66 40.06
CA PRO G 45 -12.92 -52.71 38.92
C PRO G 45 -14.37 -52.55 39.33
N THR G 46 -14.75 -53.25 40.39
CA THR G 46 -16.11 -53.22 40.90
C THR G 46 -16.05 -52.72 42.32
N ILE G 47 -17.09 -52.00 42.72
CA ILE G 47 -17.21 -51.46 44.08
C ILE G 47 -18.61 -51.81 44.61
N GLN G 48 -18.68 -52.28 45.86
CA GLN G 48 -19.92 -52.86 46.39
C GLN G 48 -20.11 -52.60 47.87
N ASN G 49 -21.28 -52.97 48.38
CA ASN G 49 -21.57 -52.91 49.82
C ASN G 49 -20.47 -53.55 50.66
N THR G 50 -19.91 -54.64 50.18
CA THR G 50 -18.84 -55.34 50.89
C THR G 50 -17.45 -54.66 50.82
N THR G 51 -17.21 -53.76 49.85
CA THR G 51 -15.85 -53.23 49.61
C THR G 51 -15.25 -52.45 50.79
N PHE G 52 -16.06 -51.64 51.44
CA PHE G 52 -15.57 -50.75 52.50
C PHE G 52 -16.30 -50.94 53.84
N SER G 53 -16.88 -52.14 54.04
CA SER G 53 -17.73 -52.38 55.21
C SER G 53 -16.93 -52.38 56.50
N ARG G 54 -15.78 -53.05 56.50
CA ARG G 54 -14.84 -52.99 57.62
C ARG G 54 -14.59 -51.52 58.07
N LEU G 55 -14.41 -50.59 57.12
CA LEU G 55 -14.06 -49.18 57.46
C LEU G 55 -15.27 -48.25 57.63
N ILE G 56 -16.11 -48.51 58.65
CA ILE G 56 -17.40 -47.83 58.84
C ILE G 56 -17.34 -46.31 59.11
N ASN G 57 -16.18 -45.79 59.55
CA ASN G 57 -16.07 -44.36 59.98
C ASN G 57 -15.31 -43.44 59.01
N LEU G 58 -15.37 -43.75 57.73
CA LEU G 58 -14.71 -42.89 56.76
C LEU G 58 -15.39 -41.51 56.70
N ILE G 59 -14.55 -40.48 56.65
CA ILE G 59 -14.97 -39.10 56.43
C ILE G 59 -14.54 -38.64 55.04
N PHE G 60 -13.34 -39.04 54.63
CA PHE G 60 -12.76 -38.66 53.34
C PHE G 60 -12.21 -39.89 52.61
N LEU G 61 -12.73 -40.17 51.43
CA LEU G 61 -12.31 -41.36 50.69
C LEU G 61 -11.89 -40.96 49.29
N ASP G 62 -10.62 -41.21 48.94
CA ASP G 62 -10.12 -40.89 47.61
C ASP G 62 -9.85 -42.15 46.78
N LEU G 63 -10.67 -42.38 45.77
CA LEU G 63 -10.53 -43.58 44.93
C LEU G 63 -10.01 -43.24 43.54
N THR G 64 -9.21 -42.16 43.45
CA THR G 64 -8.73 -41.65 42.17
C THR G 64 -8.00 -42.72 41.39
N ARG G 65 -8.37 -42.88 40.12
CA ARG G 65 -7.58 -43.68 39.22
C ARG G 65 -7.43 -45.11 39.77
N CYS G 66 -8.54 -45.68 40.21
CA CYS G 66 -8.58 -47.08 40.67
C CYS G 66 -9.20 -48.04 39.66
N GLN G 67 -9.37 -47.60 38.42
CA GLN G 67 -9.97 -48.41 37.38
C GLN G 67 -11.37 -48.91 37.75
N ILE G 68 -12.13 -48.13 38.49
CA ILE G 68 -13.48 -48.52 38.85
C ILE G 68 -14.36 -48.42 37.60
N ASN G 69 -15.09 -49.50 37.31
CA ASN G 69 -16.07 -49.54 36.22
C ASN G 69 -17.50 -49.51 36.73
N TRP G 70 -17.72 -50.10 37.88
CA TRP G 70 -19.07 -50.23 38.43
C TRP G 70 -19.07 -49.75 39.85
N VAL G 71 -20.06 -48.95 40.19
CA VAL G 71 -20.36 -48.60 41.57
C VAL G 71 -21.76 -49.13 41.84
N HIS G 72 -21.84 -50.28 42.49
CA HIS G 72 -23.12 -50.99 42.69
C HIS G 72 -23.95 -50.45 43.83
N GLU G 73 -25.21 -50.84 43.83
CA GLU G 73 -26.20 -50.38 44.80
C GLU G 73 -25.81 -50.59 46.26
N ASP G 74 -26.13 -49.62 47.09
CA ASP G 74 -25.88 -49.66 48.54
C ASP G 74 -24.41 -49.72 48.94
N THR G 75 -23.52 -49.33 48.04
CA THR G 75 -22.08 -49.34 48.34
C THR G 75 -21.75 -48.61 49.63
N PHE G 76 -22.39 -47.46 49.87
CA PHE G 76 -22.05 -46.63 51.01
C PHE G 76 -23.13 -46.55 52.09
N GLN G 77 -24.04 -47.53 52.13
CA GLN G 77 -25.15 -47.53 53.11
C GLN G 77 -24.66 -47.40 54.56
N SER G 78 -23.53 -48.04 54.88
CA SER G 78 -23.01 -48.08 56.25
C SER G 78 -21.97 -47.00 56.55
N HIS G 79 -22.02 -45.88 55.84
CA HIS G 79 -20.95 -44.86 55.90
C HIS G 79 -21.53 -43.48 56.18
N HIS G 80 -22.16 -43.37 57.34
CA HIS G 80 -22.96 -42.21 57.71
C HIS G 80 -22.17 -40.88 57.73
N GLN G 81 -20.90 -40.94 58.13
CA GLN G 81 -20.10 -39.72 58.24
C GLN G 81 -19.30 -39.37 56.96
N LEU G 82 -19.56 -40.04 55.82
CA LEU G 82 -18.83 -39.71 54.58
C LEU G 82 -19.09 -38.27 54.13
N ASN G 83 -18.02 -37.52 53.95
CA ASN G 83 -18.11 -36.12 53.61
C ASN G 83 -17.69 -35.84 52.17
N THR G 84 -16.59 -36.47 51.76
CA THR G 84 -16.02 -36.31 50.41
C THR G 84 -15.74 -37.66 49.76
N ILE G 85 -16.23 -37.84 48.54
CA ILE G 85 -15.89 -39.00 47.71
C ILE G 85 -15.18 -38.54 46.44
N VAL G 86 -13.97 -39.04 46.19
CA VAL G 86 -13.19 -38.66 45.00
C VAL G 86 -13.07 -39.82 43.97
N LEU G 87 -13.71 -39.64 42.81
CA LEU G 87 -13.79 -40.68 41.78
C LEU G 87 -13.04 -40.35 40.48
N THR G 88 -12.25 -39.29 40.51
CA THR G 88 -11.53 -38.79 39.36
C THR G 88 -10.78 -39.84 38.64
N GLY G 89 -10.92 -39.85 37.32
CA GLY G 89 -10.10 -40.71 36.47
C GLY G 89 -10.48 -42.16 36.46
N ASN G 90 -11.72 -42.49 36.78
CA ASN G 90 -12.17 -43.87 36.66
C ASN G 90 -13.07 -44.03 35.45
N PRO G 91 -12.86 -45.08 34.66
CA PRO G 91 -13.71 -45.36 33.51
C PRO G 91 -15.08 -45.93 33.91
N LEU G 92 -15.93 -45.09 34.50
CA LEU G 92 -17.20 -45.55 35.05
C LEU G 92 -18.14 -45.95 33.91
N ILE G 93 -18.76 -47.12 34.06
CA ILE G 93 -19.70 -47.62 33.07
C ILE G 93 -21.11 -47.36 33.55
N PHE G 94 -21.34 -47.55 34.85
CA PHE G 94 -22.68 -47.41 35.43
C PHE G 94 -22.66 -47.21 36.95
N MET G 95 -23.48 -46.30 37.45
CA MET G 95 -23.63 -46.07 38.90
C MET G 95 -25.07 -46.34 39.26
N ALA G 96 -25.31 -47.25 40.20
CA ALA G 96 -26.67 -47.62 40.58
C ALA G 96 -27.40 -46.43 41.23
N GLU G 97 -28.73 -46.42 41.19
CA GLU G 97 -29.51 -45.30 41.72
C GLU G 97 -29.15 -44.96 43.19
N THR G 98 -28.94 -46.00 44.00
CA THR G 98 -28.64 -45.81 45.41
C THR G 98 -27.16 -45.97 45.75
N SER G 99 -26.32 -45.95 44.72
CA SER G 99 -24.89 -46.20 44.89
C SER G 99 -24.18 -45.20 45.82
N LEU G 100 -24.69 -43.98 45.91
CA LEU G 100 -24.14 -42.99 46.82
C LEU G 100 -25.01 -42.68 48.02
N THR G 101 -26.15 -43.38 48.19
CA THR G 101 -26.97 -43.13 49.38
C THR G 101 -26.37 -43.86 50.58
N GLY G 102 -26.56 -43.30 51.77
CA GLY G 102 -25.92 -43.80 52.98
C GLY G 102 -25.42 -42.66 53.85
N PRO G 103 -24.43 -41.89 53.35
CA PRO G 103 -23.92 -40.77 54.15
C PRO G 103 -25.00 -39.75 54.44
N LYS G 104 -24.99 -39.21 55.66
CA LYS G 104 -26.00 -38.25 56.07
C LYS G 104 -25.66 -36.85 55.52
N PHE G 105 -24.38 -36.55 55.27
CA PHE G 105 -24.02 -35.22 54.74
C PHE G 105 -22.84 -35.30 53.77
N LEU G 106 -23.12 -35.83 52.58
CA LEU G 106 -22.15 -35.88 51.51
C LEU G 106 -22.08 -34.49 50.89
N LYS G 107 -20.96 -33.82 51.10
CA LYS G 107 -20.81 -32.41 50.73
C LYS G 107 -19.92 -32.18 49.51
N HIS G 108 -19.14 -33.18 49.08
CA HIS G 108 -18.21 -32.99 47.95
C HIS G 108 -18.05 -34.25 47.11
N LEU G 109 -18.42 -34.18 45.84
CA LEU G 109 -18.31 -35.31 44.90
C LEU G 109 -17.42 -34.94 43.72
N PHE G 110 -16.34 -35.66 43.52
CA PHE G 110 -15.48 -35.42 42.37
C PHE G 110 -15.71 -36.47 41.29
N LEU G 111 -16.30 -36.06 40.16
CA LEU G 111 -16.49 -36.94 39.01
C LEU G 111 -15.65 -36.53 37.80
N THR G 112 -14.49 -35.90 38.08
CA THR G 112 -13.58 -35.42 37.05
C THR G 112 -13.04 -36.53 36.15
N GLN G 113 -12.97 -36.24 34.87
CA GLN G 113 -12.49 -37.19 33.87
C GLN G 113 -12.99 -38.58 34.13
N THR G 114 -14.30 -38.75 34.23
CA THR G 114 -14.87 -40.07 34.38
C THR G 114 -15.64 -40.52 33.15
N GLY G 115 -15.55 -39.74 32.08
CA GLY G 115 -16.18 -40.11 30.83
C GLY G 115 -17.64 -39.73 30.69
N ILE G 116 -18.12 -38.84 31.58
CA ILE G 116 -19.54 -38.49 31.63
C ILE G 116 -19.88 -37.52 30.51
N SER G 117 -20.86 -37.88 29.69
CA SER G 117 -21.41 -36.97 28.67
C SER G 117 -22.87 -36.65 28.92
N ASN G 118 -23.56 -37.48 29.69
CA ASN G 118 -24.94 -37.21 30.05
C ASN G 118 -25.13 -37.06 31.57
N LEU G 119 -25.49 -35.86 32.02
CA LEU G 119 -25.61 -35.62 33.46
C LEU G 119 -26.66 -36.48 34.17
N GLU G 120 -27.53 -37.12 33.41
CA GLU G 120 -28.49 -38.09 33.96
C GLU G 120 -27.75 -39.28 34.59
N PHE G 121 -26.49 -39.47 34.20
CA PHE G 121 -25.66 -40.56 34.70
C PHE G 121 -25.41 -40.48 36.20
N ILE G 122 -25.45 -39.27 36.76
CA ILE G 122 -25.10 -39.03 38.15
C ILE G 122 -26.33 -39.36 38.99
N PRO G 123 -26.19 -40.27 39.98
CA PRO G 123 -27.31 -40.60 40.85
C PRO G 123 -27.63 -39.48 41.84
N VAL G 124 -28.85 -38.94 41.75
CA VAL G 124 -29.28 -37.77 42.54
C VAL G 124 -29.70 -38.10 43.98
N HIS G 125 -30.00 -39.36 44.25
CA HIS G 125 -30.70 -39.73 45.48
C HIS G 125 -30.20 -39.02 46.75
N ASN G 126 -28.89 -38.93 46.93
CA ASN G 126 -28.32 -38.41 48.18
C ASN G 126 -27.35 -37.27 47.93
N LEU G 127 -27.77 -36.30 47.13
CA LEU G 127 -26.89 -35.20 46.78
C LEU G 127 -27.34 -33.85 47.36
N GLU G 128 -28.46 -33.84 48.09
CA GLU G 128 -29.03 -32.56 48.57
C GLU G 128 -28.15 -31.80 49.55
N ASN G 129 -27.16 -32.47 50.12
CA ASN G 129 -26.16 -31.80 50.96
C ASN G 129 -24.86 -31.48 50.23
N LEU G 130 -24.83 -31.61 48.91
CA LEU G 130 -23.60 -31.30 48.18
C LEU G 130 -23.26 -29.82 48.26
N GLU G 131 -22.04 -29.52 48.67
CA GLU G 131 -21.48 -28.17 48.60
C GLU G 131 -20.62 -27.95 47.33
N SER G 132 -19.98 -29.00 46.83
CA SER G 132 -19.18 -28.89 45.62
C SER G 132 -19.34 -30.12 44.72
N LEU G 133 -19.47 -29.87 43.42
CA LEU G 133 -19.56 -30.92 42.42
C LEU G 133 -18.53 -30.66 41.30
N HIS G 134 -17.64 -31.61 41.10
CA HIS G 134 -16.54 -31.44 40.16
C HIS G 134 -16.72 -32.34 38.93
N LEU G 135 -17.00 -31.72 37.79
CA LEU G 135 -17.32 -32.43 36.57
C LEU G 135 -16.36 -32.08 35.42
N GLY G 136 -15.16 -31.64 35.75
CA GLY G 136 -14.25 -31.20 34.71
C GLY G 136 -13.70 -32.33 33.88
N SER G 137 -13.26 -32.01 32.67
CA SER G 137 -12.59 -32.98 31.76
C SER G 137 -13.44 -34.18 31.40
N ASN G 138 -14.75 -33.96 31.36
CA ASN G 138 -15.69 -34.98 30.93
C ASN G 138 -16.06 -34.64 29.49
N HIS G 139 -17.10 -35.27 28.96
CA HIS G 139 -17.54 -35.03 27.59
C HIS G 139 -18.90 -34.33 27.63
N ILE G 140 -19.01 -33.27 28.44
CA ILE G 140 -20.26 -32.55 28.64
C ILE G 140 -20.39 -31.39 27.65
N SER G 141 -21.62 -31.11 27.20
CA SER G 141 -21.88 -29.95 26.31
C SER G 141 -23.03 -29.02 26.73
N SER G 142 -23.69 -29.29 27.85
CA SER G 142 -24.76 -28.43 28.34
C SER G 142 -24.81 -28.44 29.85
N ILE G 143 -24.64 -27.28 30.47
CA ILE G 143 -24.66 -27.18 31.93
C ILE G 143 -26.05 -27.37 32.49
N ASN G 144 -27.05 -27.51 31.61
CA ASN G 144 -28.42 -27.77 32.03
C ASN G 144 -28.54 -29.03 32.88
N LEU G 145 -28.89 -28.87 34.15
CA LEU G 145 -28.98 -30.02 35.03
C LEU G 145 -30.27 -30.75 34.76
N PRO G 146 -30.34 -32.04 35.13
CA PRO G 146 -31.61 -32.75 35.05
C PRO G 146 -32.64 -32.19 36.02
N GLU G 147 -33.94 -32.33 35.67
CA GLU G 147 -35.04 -31.92 36.57
C GLU G 147 -34.99 -32.71 37.88
N ASN G 148 -35.30 -32.05 39.00
CA ASN G 148 -35.23 -32.71 40.30
C ASN G 148 -33.78 -33.10 40.67
N PHE G 149 -32.83 -32.25 40.30
CA PHE G 149 -31.42 -32.38 40.69
C PHE G 149 -31.17 -31.34 41.75
N PRO G 150 -30.82 -31.76 42.97
CA PRO G 150 -30.69 -30.80 44.06
C PRO G 150 -29.56 -29.81 43.81
N THR G 151 -29.86 -28.52 44.04
CA THR G 151 -28.88 -27.46 43.86
C THR G 151 -28.85 -26.46 45.02
N GLN G 152 -29.69 -26.66 46.05
CA GLN G 152 -29.86 -25.67 47.12
C GLN G 152 -28.54 -25.29 47.82
N ASN G 153 -27.81 -26.28 48.33
CA ASN G 153 -26.54 -26.03 49.03
C ASN G 153 -25.33 -26.00 48.11
N LEU G 154 -25.54 -26.11 46.81
CA LEU G 154 -24.43 -26.11 45.89
C LEU G 154 -23.72 -24.77 45.87
N LYS G 155 -22.44 -24.74 46.24
CA LYS G 155 -21.67 -23.49 46.29
C LYS G 155 -20.53 -23.45 45.25
N VAL G 156 -20.03 -24.60 44.82
CA VAL G 156 -19.01 -24.67 43.75
C VAL G 156 -19.40 -25.72 42.70
N LEU G 157 -19.37 -25.36 41.43
CA LEU G 157 -19.78 -26.26 40.35
C LEU G 157 -18.77 -26.14 39.21
N ASP G 158 -17.92 -27.15 39.07
CA ASP G 158 -16.78 -27.05 38.17
C ASP G 158 -16.97 -27.77 36.82
N PHE G 159 -17.01 -26.99 35.74
CA PHE G 159 -17.28 -27.53 34.40
C PHE G 159 -16.08 -27.44 33.42
N GLN G 160 -14.87 -27.28 33.94
CA GLN G 160 -13.69 -27.05 33.11
C GLN G 160 -13.49 -28.07 32.03
N ASN G 161 -12.81 -27.63 30.97
CA ASN G 161 -12.35 -28.53 29.89
C ASN G 161 -13.42 -29.52 29.49
N ASN G 162 -14.55 -29.00 29.04
CA ASN G 162 -15.63 -29.82 28.56
C ASN G 162 -15.95 -29.26 27.17
N ALA G 163 -17.14 -29.55 26.64
CA ALA G 163 -17.49 -29.10 25.30
C ALA G 163 -18.70 -28.18 25.32
N ILE G 164 -18.71 -27.23 26.24
CA ILE G 164 -19.85 -26.32 26.39
C ILE G 164 -19.62 -25.16 25.46
N HIS G 165 -20.51 -24.99 24.47
CA HIS G 165 -20.37 -23.92 23.49
C HIS G 165 -21.45 -22.83 23.60
N TYR G 166 -22.62 -23.19 24.13
CA TYR G 166 -23.69 -22.22 24.35
C TYR G 166 -24.28 -22.34 25.74
N ILE G 167 -24.61 -21.20 26.33
CA ILE G 167 -25.33 -21.16 27.61
C ILE G 167 -26.61 -20.39 27.39
N SER G 168 -27.75 -21.01 27.70
CA SER G 168 -29.06 -20.40 27.53
C SER G 168 -29.70 -20.00 28.86
N ARG G 169 -30.73 -19.16 28.79
CA ARG G 169 -31.53 -18.81 29.96
C ARG G 169 -32.13 -20.09 30.56
N LYS G 170 -32.64 -20.96 29.69
CA LYS G 170 -33.16 -22.26 30.13
C LYS G 170 -32.11 -23.01 30.95
N ASP G 171 -30.89 -23.11 30.41
CA ASP G 171 -29.78 -23.82 31.06
C ASP G 171 -29.55 -23.31 32.48
N THR G 172 -29.34 -22.01 32.63
CA THR G 172 -28.99 -21.41 33.91
C THR G 172 -30.13 -21.47 34.93
N ASN G 173 -31.37 -21.44 34.45
CA ASN G 173 -32.55 -21.45 35.33
C ASN G 173 -32.58 -22.71 36.20
N SER G 174 -32.04 -23.78 35.64
CA SER G 174 -31.80 -25.01 36.37
C SER G 174 -31.20 -24.79 37.77
N LEU G 175 -30.31 -23.81 37.90
CA LEU G 175 -29.52 -23.61 39.12
C LEU G 175 -30.16 -22.61 40.09
N GLU G 176 -31.43 -22.27 39.88
CA GLU G 176 -32.07 -21.13 40.59
C GLU G 176 -32.14 -21.29 42.12
N GLN G 177 -32.19 -22.54 42.58
CA GLN G 177 -32.21 -22.86 44.00
C GLN G 177 -30.89 -22.56 44.74
N ALA G 178 -29.80 -22.34 44.02
CA ALA G 178 -28.51 -22.12 44.65
C ALA G 178 -28.38 -20.72 45.22
N THR G 179 -27.41 -20.54 46.10
CA THR G 179 -27.11 -19.23 46.70
C THR G 179 -25.59 -19.07 46.82
N ASN G 180 -25.07 -17.93 46.34
CA ASN G 180 -23.63 -17.70 46.24
C ASN G 180 -22.93 -18.87 45.54
N LEU G 181 -23.33 -19.10 44.31
CA LEU G 181 -22.77 -20.19 43.51
C LEU G 181 -21.62 -19.69 42.64
N SER G 182 -20.56 -20.48 42.53
CA SER G 182 -19.43 -20.12 41.71
C SER G 182 -19.25 -21.18 40.64
N LEU G 183 -19.05 -20.77 39.40
CA LEU G 183 -18.91 -21.70 38.29
C LEU G 183 -17.61 -21.52 37.52
N ASN G 184 -16.98 -22.62 37.16
CA ASN G 184 -15.75 -22.56 36.38
C ASN G 184 -15.94 -23.15 34.97
N PHE G 185 -15.81 -22.29 33.95
CA PHE G 185 -15.95 -22.71 32.57
C PHE G 185 -14.62 -22.72 31.81
N ASN G 186 -13.53 -22.55 32.55
CA ASN G 186 -12.20 -22.51 31.95
C ASN G 186 -12.02 -23.62 30.92
N GLY G 187 -11.49 -23.24 29.76
CA GLY G 187 -11.19 -24.22 28.73
C GLY G 187 -12.39 -24.75 27.96
N ASN G 188 -13.57 -24.14 28.13
CA ASN G 188 -14.69 -24.37 27.21
C ASN G 188 -14.72 -23.23 26.21
N ASP G 189 -14.90 -23.55 24.95
CA ASP G 189 -14.94 -22.53 23.90
C ASP G 189 -16.36 -21.94 23.78
N ILE G 190 -16.66 -20.91 24.57
CA ILE G 190 -18.02 -20.38 24.63
C ILE G 190 -18.30 -19.46 23.43
N LYS G 191 -19.15 -19.90 22.52
CA LYS G 191 -19.44 -19.14 21.30
C LYS G 191 -20.61 -18.16 21.48
N GLY G 192 -21.48 -18.44 22.44
CA GLY G 192 -22.62 -17.57 22.74
C GLY G 192 -23.24 -17.76 24.12
N ILE G 193 -23.77 -16.68 24.68
CA ILE G 193 -24.55 -16.73 25.90
C ILE G 193 -25.83 -15.94 25.67
N GLU G 194 -26.98 -16.59 25.85
CA GLU G 194 -28.26 -15.89 25.75
C GLU G 194 -28.24 -14.74 26.77
N PRO G 195 -28.56 -13.51 26.31
CA PRO G 195 -28.45 -12.39 27.26
C PRO G 195 -29.42 -12.50 28.44
N GLY G 196 -28.94 -12.13 29.62
CA GLY G 196 -29.72 -12.16 30.85
C GLY G 196 -29.70 -13.49 31.57
N ALA G 197 -28.97 -14.48 31.03
CA ALA G 197 -28.85 -15.80 31.66
C ALA G 197 -28.33 -15.72 33.09
N PHE G 198 -27.59 -14.65 33.41
CA PHE G 198 -27.02 -14.49 34.74
C PHE G 198 -27.60 -13.29 35.51
N ILE G 199 -28.80 -12.85 35.11
CA ILE G 199 -29.53 -11.82 35.89
C ILE G 199 -29.80 -12.27 37.33
N SER G 200 -29.95 -13.59 37.53
CA SER G 200 -30.17 -14.13 38.87
C SER G 200 -29.06 -13.67 39.81
N LYS G 201 -29.44 -13.20 41.00
CA LYS G 201 -28.48 -12.67 41.98
C LYS G 201 -27.67 -13.78 42.67
N ILE G 202 -28.11 -15.02 42.50
CA ILE G 202 -27.45 -16.20 43.10
C ILE G 202 -26.00 -16.49 42.65
N PHE G 203 -25.53 -15.83 41.59
CA PHE G 203 -24.19 -16.11 41.06
C PHE G 203 -23.14 -15.20 41.69
N GLN G 204 -22.21 -15.82 42.40
CA GLN G 204 -21.13 -15.09 43.07
C GLN G 204 -19.95 -14.87 42.12
N SER G 205 -19.44 -15.94 41.52
CA SER G 205 -18.23 -15.86 40.72
C SER G 205 -18.16 -16.82 39.50
N LEU G 206 -17.67 -16.29 38.37
CA LEU G 206 -17.61 -17.05 37.13
C LEU G 206 -16.21 -16.95 36.54
N LYS G 207 -15.73 -18.05 35.95
CA LYS G 207 -14.45 -18.09 35.25
C LYS G 207 -14.65 -18.54 33.81
N PHE G 208 -14.11 -17.78 32.87
CA PHE G 208 -14.25 -18.09 31.44
C PHE G 208 -12.86 -18.17 30.79
N GLY G 209 -11.94 -18.79 31.49
CA GLY G 209 -10.56 -18.83 31.05
C GLY G 209 -10.37 -19.32 29.63
N GLY G 210 -9.44 -18.68 28.92
CA GLY G 210 -9.05 -19.08 27.58
C GLY G 210 -10.05 -18.73 26.49
N SER G 211 -11.16 -18.11 26.88
CA SER G 211 -12.25 -17.79 25.95
C SER G 211 -11.77 -16.86 24.83
N LEU G 212 -12.19 -17.14 23.61
CA LEU G 212 -11.67 -16.40 22.46
C LEU G 212 -12.49 -15.16 22.07
N ASN G 213 -13.62 -14.90 22.71
CA ASN G 213 -14.40 -13.69 22.39
C ASN G 213 -15.09 -13.03 23.59
N LEU G 214 -14.40 -12.09 24.20
CA LEU G 214 -14.93 -11.45 25.41
C LEU G 214 -16.17 -10.58 25.14
N PHE G 215 -16.25 -9.97 23.95
CA PHE G 215 -17.45 -9.22 23.55
C PHE G 215 -18.69 -10.09 23.77
N ILE G 216 -18.67 -11.29 23.18
CA ILE G 216 -19.76 -12.25 23.35
C ILE G 216 -20.08 -12.48 24.82
N ILE G 217 -19.05 -12.69 25.61
CA ILE G 217 -19.24 -12.98 27.04
C ILE G 217 -19.90 -11.81 27.77
N PHE G 218 -19.32 -10.62 27.65
CA PHE G 218 -19.87 -9.46 28.33
C PHE G 218 -21.33 -9.22 27.95
N LYS G 219 -21.62 -9.25 26.65
CA LYS G 219 -22.99 -9.05 26.21
C LYS G 219 -23.93 -10.07 26.89
N GLY G 220 -23.48 -11.31 27.05
CA GLY G 220 -24.28 -12.32 27.73
C GLY G 220 -24.53 -12.04 29.20
N LEU G 221 -23.54 -11.48 29.87
CA LEU G 221 -23.61 -11.20 31.32
C LEU G 221 -24.36 -9.91 31.65
N GLN G 222 -25.05 -9.32 30.66
CA GLN G 222 -25.77 -8.05 30.83
C GLN G 222 -26.73 -8.08 32.02
N ASN G 223 -26.79 -6.95 32.75
CA ASN G 223 -27.62 -6.81 33.97
C ASN G 223 -27.35 -7.88 35.04
N SER G 224 -26.09 -8.09 35.40
CA SER G 224 -25.73 -9.10 36.40
C SER G 224 -24.78 -8.57 37.46
N THR G 225 -24.83 -9.20 38.63
CA THR G 225 -24.02 -8.81 39.79
C THR G 225 -23.10 -9.97 40.15
N LEU G 226 -21.80 -9.73 40.04
CA LEU G 226 -20.81 -10.76 40.28
C LEU G 226 -19.78 -10.22 41.26
N GLN G 227 -19.31 -11.09 42.13
CA GLN G 227 -18.16 -10.76 42.96
C GLN G 227 -16.93 -10.71 42.07
N SER G 228 -16.68 -11.77 41.30
CA SER G 228 -15.51 -11.82 40.42
C SER G 228 -15.71 -12.57 39.11
N LEU G 229 -14.94 -12.15 38.11
CA LEU G 229 -15.05 -12.64 36.75
C LEU G 229 -13.63 -12.84 36.25
N TRP G 230 -13.27 -14.07 35.94
CA TRP G 230 -11.92 -14.43 35.50
C TRP G 230 -11.91 -14.59 33.99
N LEU G 231 -11.33 -13.64 33.28
CA LEU G 231 -11.32 -13.66 31.83
C LEU G 231 -9.89 -13.74 31.31
N GLY G 232 -8.99 -14.28 32.13
CA GLY G 232 -7.62 -14.45 31.70
C GLY G 232 -7.47 -15.43 30.55
N THR G 233 -6.35 -15.33 29.84
CA THR G 233 -6.04 -16.24 28.74
C THR G 233 -4.74 -17.00 29.04
N PHE G 234 -4.32 -17.86 28.14
CA PHE G 234 -3.09 -18.64 28.35
C PHE G 234 -2.15 -18.60 27.15
N GLU G 235 -0.91 -18.99 27.37
CA GLU G 235 0.12 -18.99 26.32
C GLU G 235 -0.41 -19.73 25.10
N ASP G 236 -0.82 -20.97 25.34
CA ASP G 236 -1.28 -21.85 24.28
C ASP G 236 -2.59 -21.42 23.58
N THR G 237 -3.37 -20.52 24.21
CA THR G 237 -4.68 -20.15 23.62
C THR G 237 -4.49 -19.24 22.39
N ASP G 238 -5.32 -19.43 21.36
CA ASP G 238 -5.17 -18.73 20.07
C ASP G 238 -5.15 -17.18 20.23
N ASP G 239 -4.60 -16.48 19.23
CA ASP G 239 -4.32 -15.05 19.39
C ASP G 239 -5.54 -14.17 19.12
N GLN G 240 -5.91 -13.36 20.11
CA GLN G 240 -6.93 -12.30 19.95
C GLN G 240 -6.33 -10.91 20.28
N TYR G 241 -7.16 -9.87 20.27
CA TYR G 241 -6.69 -8.53 20.58
C TYR G 241 -7.82 -7.74 21.21
N LEU G 242 -7.65 -7.34 22.46
CA LEU G 242 -8.70 -6.57 23.15
C LEU G 242 -8.76 -5.10 22.70
N THR G 243 -9.98 -4.57 22.64
CA THR G 243 -10.25 -3.18 22.23
C THR G 243 -11.18 -2.50 23.23
N SER G 244 -11.16 -1.17 23.27
CA SER G 244 -12.18 -0.40 23.98
C SER G 244 -13.58 -0.95 23.67
N ALA G 245 -13.81 -1.25 22.40
CA ALA G 245 -15.06 -1.87 21.91
C ALA G 245 -15.39 -3.13 22.69
N THR G 246 -14.37 -3.93 22.99
CA THR G 246 -14.56 -5.19 23.70
C THR G 246 -15.33 -5.03 25.01
N PHE G 247 -15.08 -3.95 25.71
CA PHE G 247 -15.60 -3.78 27.07
C PHE G 247 -16.88 -2.95 27.15
N GLU G 248 -17.47 -2.62 26.00
CA GLU G 248 -18.70 -1.81 25.99
C GLU G 248 -19.77 -2.46 26.87
N GLY G 249 -19.89 -3.80 26.79
CA GLY G 249 -20.88 -4.54 27.56
C GLY G 249 -20.72 -4.47 29.07
N LEU G 250 -19.53 -4.06 29.52
CA LEU G 250 -19.19 -4.11 30.94
C LEU G 250 -19.99 -3.11 31.77
N CYS G 251 -20.27 -1.92 31.20
CA CYS G 251 -20.98 -0.91 32.00
C CYS G 251 -22.51 -1.11 32.00
N ASP G 252 -22.98 -2.27 31.48
CA ASP G 252 -24.36 -2.74 31.73
C ASP G 252 -24.34 -3.92 32.71
N MET G 253 -23.35 -3.95 33.59
CA MET G 253 -23.22 -4.99 34.63
C MET G 253 -22.36 -4.51 35.79
N SER G 254 -22.24 -5.33 36.84
CA SER G 254 -21.45 -4.97 38.04
C SER G 254 -20.57 -6.13 38.53
N VAL G 255 -19.28 -5.91 38.53
CA VAL G 255 -18.34 -6.91 38.99
C VAL G 255 -17.29 -6.22 39.84
N GLU G 256 -17.03 -6.79 41.02
CA GLU G 256 -16.04 -6.22 41.94
C GLU G 256 -14.60 -6.49 41.49
N SER G 257 -14.37 -7.66 40.87
CA SER G 257 -13.03 -8.13 40.59
C SER G 257 -12.91 -8.74 39.20
N ILE G 258 -12.02 -8.20 38.37
CA ILE G 258 -11.77 -8.71 37.02
C ILE G 258 -10.33 -9.15 36.85
N ASN G 259 -10.11 -10.26 36.15
CA ASN G 259 -8.78 -10.71 35.79
C ASN G 259 -8.67 -10.80 34.28
N LEU G 260 -7.66 -10.15 33.72
CA LEU G 260 -7.46 -10.18 32.28
C LEU G 260 -6.03 -10.60 31.97
N GLN G 261 -5.53 -11.62 32.68
CA GLN G 261 -4.13 -12.00 32.56
C GLN G 261 -3.76 -12.38 31.13
N LYS G 262 -2.50 -12.12 30.77
CA LYS G 262 -1.91 -12.61 29.52
C LYS G 262 -2.54 -12.09 28.21
N HIS G 263 -3.43 -11.09 28.32
CA HIS G 263 -4.08 -10.50 27.14
C HIS G 263 -3.24 -9.43 26.48
N ARG G 264 -3.59 -9.09 25.24
CA ARG G 264 -2.88 -8.08 24.47
C ARG G 264 -3.84 -6.95 24.13
N PHE G 265 -3.54 -5.75 24.62
CA PHE G 265 -4.37 -4.59 24.36
C PHE G 265 -3.97 -3.92 23.06
N SER G 266 -4.90 -3.88 22.11
CA SER G 266 -4.65 -3.37 20.76
C SER G 266 -4.27 -1.88 20.71
N ASP G 267 -5.13 -1.02 21.25
CA ASP G 267 -4.88 0.41 21.20
C ASP G 267 -5.19 1.06 22.53
N LEU G 268 -4.41 0.69 23.54
CA LEU G 268 -4.69 1.12 24.92
C LEU G 268 -4.76 2.64 25.03
N SER G 269 -5.98 3.14 25.28
CA SER G 269 -6.23 4.54 25.59
C SER G 269 -6.89 4.62 26.96
N SER G 270 -6.99 5.82 27.51
CA SER G 270 -7.74 6.01 28.76
C SER G 270 -9.21 5.63 28.56
N SER G 271 -9.68 5.80 27.32
CA SER G 271 -11.04 5.41 26.93
C SER G 271 -11.29 3.90 27.05
N THR G 272 -10.23 3.10 27.01
CA THR G 272 -10.34 1.65 27.16
C THR G 272 -11.00 1.25 28.49
N PHE G 273 -10.81 2.06 29.53
CA PHE G 273 -11.36 1.76 30.85
C PHE G 273 -12.64 2.55 31.16
N ARG G 274 -13.42 2.88 30.13
CA ARG G 274 -14.65 3.66 30.33
C ARG G 274 -15.58 2.96 31.31
N CYS G 275 -15.74 1.64 31.19
CA CYS G 275 -16.72 0.91 32.00
C CYS G 275 -16.16 0.24 33.27
N PHE G 276 -14.97 0.63 33.70
CA PHE G 276 -14.37 0.01 34.90
C PHE G 276 -14.67 0.79 36.17
N THR G 277 -15.72 1.63 36.13
CA THR G 277 -15.96 2.63 37.17
C THR G 277 -16.36 2.05 38.52
N ARG G 278 -16.98 0.88 38.51
CA ARG G 278 -17.40 0.26 39.75
C ARG G 278 -16.51 -0.93 40.10
N VAL G 279 -15.44 -1.14 39.34
CA VAL G 279 -14.49 -2.23 39.62
C VAL G 279 -13.63 -1.86 40.83
N GLN G 280 -13.38 -2.84 41.69
CA GLN G 280 -12.58 -2.63 42.91
C GLN G 280 -11.23 -3.32 42.83
N GLU G 281 -11.13 -4.37 42.02
CA GLU G 281 -9.86 -5.09 41.83
C GLU G 281 -9.61 -5.40 40.36
N LEU G 282 -8.44 -5.04 39.87
CA LEU G 282 -8.11 -5.28 38.47
C LEU G 282 -6.76 -5.98 38.39
N ASP G 283 -6.70 -7.07 37.64
CA ASP G 283 -5.48 -7.82 37.45
C ASP G 283 -5.09 -7.86 35.97
N LEU G 284 -3.98 -7.20 35.65
CA LEU G 284 -3.47 -7.13 34.28
C LEU G 284 -2.11 -7.83 34.20
N THR G 285 -1.99 -8.97 34.90
CA THR G 285 -0.74 -9.74 34.92
C THR G 285 -0.28 -10.18 33.53
N ALA G 286 1.00 -9.96 33.23
CA ALA G 286 1.61 -10.37 31.99
C ALA G 286 0.81 -9.92 30.77
N ALA G 287 0.29 -8.69 30.83
CA ALA G 287 -0.54 -8.15 29.77
C ALA G 287 0.27 -7.36 28.74
N HIS G 288 1.58 -7.60 28.69
CA HIS G 288 2.49 -6.95 27.74
C HIS G 288 2.55 -5.43 27.86
N LEU G 289 2.24 -4.92 29.03
CA LEU G 289 2.20 -3.47 29.24
C LEU G 289 3.61 -2.86 29.34
N ASN G 290 3.82 -1.73 28.64
CA ASN G 290 5.01 -0.87 28.86
C ASN G 290 4.68 0.37 29.69
N GLY G 291 3.38 0.58 29.92
CA GLY G 291 2.90 1.65 30.78
C GLY G 291 1.40 1.59 30.84
N LEU G 292 0.81 2.55 31.57
CA LEU G 292 -0.62 2.75 31.53
C LEU G 292 -0.87 4.15 31.01
N PRO G 293 -2.06 4.39 30.44
CA PRO G 293 -2.38 5.72 29.95
C PRO G 293 -2.60 6.67 31.10
N SER G 294 -2.47 7.97 30.82
CA SER G 294 -2.66 8.96 31.86
C SER G 294 -4.13 9.43 31.91
N GLY G 295 -4.55 9.85 33.09
CA GLY G 295 -5.89 10.38 33.32
C GLY G 295 -7.03 9.47 32.91
N ILE G 296 -7.17 8.32 33.58
CA ILE G 296 -8.22 7.36 33.22
C ILE G 296 -9.62 7.84 33.63
N GLU G 297 -9.79 8.29 34.89
CA GLU G 297 -11.12 8.64 35.44
C GLU G 297 -12.04 7.42 35.74
N GLY G 298 -11.95 6.38 34.91
CA GLY G 298 -12.69 5.10 35.08
C GLY G 298 -11.98 3.99 35.86
N MET G 299 -11.02 4.36 36.70
CA MET G 299 -10.58 3.50 37.79
C MET G 299 -10.49 4.39 39.03
N ASN G 300 -11.55 5.19 39.23
CA ASN G 300 -11.65 6.12 40.36
C ASN G 300 -11.89 5.43 41.71
N SER G 301 -12.50 4.24 41.69
CA SER G 301 -12.82 3.48 42.91
C SER G 301 -12.11 2.10 42.98
N LEU G 302 -10.96 1.99 42.33
CA LEU G 302 -10.08 0.81 42.47
C LEU G 302 -9.41 0.76 43.85
N LYS G 303 -9.38 -0.41 44.45
CA LYS G 303 -8.64 -0.61 45.70
C LYS G 303 -7.40 -1.51 45.50
N LYS G 304 -7.46 -2.44 44.52
CA LYS G 304 -6.37 -3.41 44.29
C LYS G 304 -6.03 -3.51 42.80
N LEU G 305 -4.78 -3.18 42.44
CA LEU G 305 -4.31 -3.28 41.06
C LEU G 305 -3.11 -4.22 40.99
N VAL G 306 -3.13 -5.19 40.08
CA VAL G 306 -2.02 -6.11 39.90
C VAL G 306 -1.42 -5.96 38.51
N LEU G 307 -0.18 -5.49 38.44
CA LEU G 307 0.52 -5.28 37.17
C LEU G 307 1.76 -6.17 37.06
N ASN G 308 1.71 -7.33 37.73
CA ASN G 308 2.83 -8.28 37.74
C ASN G 308 3.24 -8.75 36.35
N ALA G 309 4.51 -9.13 36.20
CA ALA G 309 5.01 -9.77 34.98
C ALA G 309 4.86 -8.91 33.72
N ASN G 310 4.83 -7.58 33.86
CA ASN G 310 4.76 -6.71 32.68
C ASN G 310 6.15 -6.19 32.27
N SER G 311 6.23 -5.15 31.43
CA SER G 311 7.53 -4.64 30.95
C SER G 311 7.65 -3.11 31.08
N PHE G 312 7.65 -2.61 32.31
CA PHE G 312 7.80 -1.17 32.56
C PHE G 312 9.27 -0.78 32.55
N ASP G 313 9.56 0.47 32.23
CA ASP G 313 10.92 1.01 32.28
C ASP G 313 11.11 1.97 33.46
N GLN G 314 10.17 2.89 33.63
CA GLN G 314 10.15 3.78 34.79
C GLN G 314 8.84 3.57 35.52
N LEU G 315 8.89 3.56 36.84
CA LEU G 315 7.70 3.37 37.68
C LEU G 315 6.59 4.38 37.38
N CYS G 316 6.96 5.62 37.08
CA CYS G 316 6.01 6.69 36.78
C CYS G 316 5.12 6.42 35.56
N GLN G 317 5.51 5.48 34.71
CA GLN G 317 4.72 5.15 33.52
C GLN G 317 3.38 4.47 33.84
N ILE G 318 3.20 4.01 35.08
CA ILE G 318 1.90 3.46 35.48
C ILE G 318 0.87 4.58 35.67
N ASN G 319 1.33 5.83 35.71
CA ASN G 319 0.45 6.98 35.84
C ASN G 319 -0.51 6.80 37.01
N ALA G 320 0.08 6.73 38.20
CA ALA G 320 -0.64 6.44 39.44
C ALA G 320 -1.76 7.45 39.71
N ALA G 321 -1.61 8.67 39.21
CA ALA G 321 -2.65 9.70 39.33
C ALA G 321 -4.06 9.15 39.09
N SER G 322 -4.16 8.16 38.21
CA SER G 322 -5.45 7.57 37.85
C SER G 322 -6.20 6.87 38.99
N PHE G 323 -5.50 6.38 40.02
CA PHE G 323 -6.14 5.53 41.05
C PHE G 323 -5.83 6.01 42.47
N PRO G 324 -6.43 7.14 42.87
CA PRO G 324 -6.14 7.74 44.19
C PRO G 324 -6.52 6.85 45.38
N SER G 325 -7.62 6.11 45.26
CA SER G 325 -8.16 5.35 46.37
C SER G 325 -7.47 3.99 46.54
N LEU G 326 -6.36 3.78 45.83
CA LEU G 326 -5.71 2.48 45.79
C LEU G 326 -5.15 2.04 47.14
N ARG G 327 -5.32 0.77 47.46
CA ARG G 327 -4.84 0.23 48.73
C ARG G 327 -3.66 -0.71 48.51
N ASP G 328 -3.78 -1.60 47.54
CA ASP G 328 -2.76 -2.62 47.28
C ASP G 328 -2.28 -2.52 45.84
N LEU G 329 -0.97 -2.43 45.64
CA LEU G 329 -0.36 -2.34 44.31
C LEU G 329 0.75 -3.38 44.15
N TYR G 330 0.60 -4.26 43.16
CA TYR G 330 1.58 -5.32 42.92
C TYR G 330 2.27 -5.10 41.58
N ILE G 331 3.59 -4.96 41.62
CA ILE G 331 4.40 -4.91 40.40
C ILE G 331 5.56 -5.92 40.58
N LYS G 332 5.20 -7.19 40.74
CA LYS G 332 6.16 -8.27 40.91
C LYS G 332 6.54 -8.90 39.57
N GLY G 333 7.82 -9.18 39.40
CA GLY G 333 8.28 -9.91 38.25
C GLY G 333 8.41 -9.12 36.98
N ASN G 334 8.67 -7.82 37.09
CA ASN G 334 8.87 -6.98 35.91
C ASN G 334 9.98 -7.54 35.03
N MET G 335 9.81 -7.46 33.72
CA MET G 335 10.69 -8.19 32.79
C MET G 335 11.85 -7.37 32.21
N ARG G 336 12.17 -6.26 32.86
CA ARG G 336 13.35 -5.48 32.53
C ARG G 336 13.62 -4.45 33.61
N LYS G 337 14.85 -3.90 33.59
CA LYS G 337 15.30 -2.99 34.66
C LYS G 337 14.24 -1.92 34.95
N LEU G 338 13.58 -2.03 36.11
CA LEU G 338 12.57 -1.06 36.51
C LEU G 338 13.22 0.05 37.30
N ASP G 339 13.11 1.26 36.79
CA ASP G 339 13.62 2.46 37.46
C ASP G 339 12.51 3.08 38.30
N LEU G 340 12.70 3.07 39.61
CA LEU G 340 11.68 3.55 40.55
C LEU G 340 11.39 5.05 40.42
N GLY G 341 12.36 5.80 39.91
CA GLY G 341 12.20 7.25 39.78
C GLY G 341 12.14 7.96 41.12
N THR G 342 11.36 9.04 41.17
CA THR G 342 11.15 9.80 42.41
C THR G 342 9.74 10.41 42.46
N ARG G 343 9.17 10.41 43.66
CA ARG G 343 7.80 10.89 43.90
C ARG G 343 6.74 10.26 42.98
N CYS G 344 7.02 9.06 42.45
CA CYS G 344 6.16 8.46 41.42
C CYS G 344 4.82 7.95 41.95
N LEU G 345 4.82 7.45 43.18
CA LEU G 345 3.60 6.98 43.82
C LEU G 345 3.04 8.03 44.78
N GLU G 346 3.68 9.20 44.82
CA GLU G 346 3.28 10.36 45.62
C GLU G 346 1.75 10.58 45.73
N LYS G 347 1.01 10.32 44.66
CA LYS G 347 -0.44 10.55 44.66
C LYS G 347 -1.24 9.42 45.35
N LEU G 348 -0.62 8.27 45.60
CA LEU G 348 -1.30 7.11 46.23
C LEU G 348 -1.29 7.18 47.76
N GLU G 349 -1.97 8.18 48.29
CA GLU G 349 -1.92 8.53 49.72
C GLU G 349 -2.37 7.42 50.68
N ASN G 350 -3.20 6.50 50.21
CA ASN G 350 -3.77 5.47 51.10
C ASN G 350 -3.23 4.08 50.91
N LEU G 351 -2.13 3.97 50.18
CA LEU G 351 -1.52 2.67 49.87
C LEU G 351 -1.10 1.93 51.15
N GLN G 352 -1.44 0.64 51.22
CA GLN G 352 -1.11 -0.17 52.38
C GLN G 352 -0.17 -1.33 52.04
N LYS G 353 -0.31 -1.90 50.85
CA LYS G 353 0.53 -3.01 50.40
C LYS G 353 1.24 -2.64 49.09
N LEU G 354 2.55 -2.86 49.02
CA LEU G 354 3.31 -2.57 47.80
C LEU G 354 4.31 -3.68 47.61
N ASP G 355 4.13 -4.44 46.54
CA ASP G 355 5.03 -5.55 46.20
C ASP G 355 5.81 -5.20 44.95
N LEU G 356 7.11 -5.01 45.11
CA LEU G 356 8.01 -4.71 43.99
C LEU G 356 9.06 -5.79 43.80
N SER G 357 8.72 -7.03 44.17
CA SER G 357 9.72 -8.09 44.19
C SER G 357 10.03 -8.62 42.78
N HIS G 358 11.22 -9.18 42.60
CA HIS G 358 11.61 -9.82 41.35
C HIS G 358 11.55 -8.89 40.12
N SER G 359 11.63 -7.59 40.33
CA SER G 359 11.45 -6.66 39.23
C SER G 359 12.73 -5.90 38.74
N ASP G 360 13.95 -6.41 38.97
CA ASP G 360 15.21 -5.85 38.43
C ASP G 360 15.41 -4.37 38.76
N ILE G 361 15.15 -4.03 40.03
CA ILE G 361 15.25 -2.66 40.54
C ILE G 361 16.63 -2.40 41.16
N GLU G 362 17.22 -1.26 40.86
CA GLU G 362 18.48 -0.86 41.47
C GLU G 362 18.31 0.56 41.97
N ALA G 363 18.84 0.89 43.15
CA ALA G 363 18.62 2.22 43.71
C ALA G 363 19.80 2.74 44.54
N SER G 364 19.76 4.05 44.78
CA SER G 364 20.76 4.77 45.59
C SER G 364 20.16 5.47 46.81
N ASP G 365 19.70 6.72 46.68
CA ASP G 365 19.24 7.49 47.88
C ASP G 365 17.92 6.93 48.39
N CYS G 366 17.94 5.61 48.66
CA CYS G 366 16.73 4.81 48.85
C CYS G 366 16.30 4.77 50.35
N CYS G 367 15.01 4.94 50.65
CA CYS G 367 13.92 4.96 49.65
C CYS G 367 12.87 6.03 49.94
N ASN G 368 13.29 7.12 50.61
CA ASN G 368 12.38 8.20 51.02
C ASN G 368 11.87 9.02 49.86
N LEU G 369 12.73 9.26 48.86
CA LEU G 369 12.36 9.98 47.67
C LEU G 369 11.58 9.09 46.72
N GLN G 370 11.97 7.83 46.67
CA GLN G 370 11.37 6.88 45.73
C GLN G 370 9.93 6.58 46.13
N LEU G 371 9.72 6.26 47.40
CA LEU G 371 8.37 6.01 47.93
C LEU G 371 7.79 7.25 48.66
N LYS G 372 8.19 8.43 48.20
CA LYS G 372 7.78 9.68 48.86
C LYS G 372 6.28 9.71 49.03
N ASN G 373 5.86 9.91 50.28
CA ASN G 373 4.48 10.19 50.70
C ASN G 373 3.55 8.96 50.87
N LEU G 374 4.10 7.74 50.94
CA LEU G 374 3.29 6.54 51.22
C LEU G 374 3.28 6.26 52.73
N ARG G 375 2.67 7.19 53.46
CA ARG G 375 2.63 7.22 54.93
C ARG G 375 2.03 5.95 55.56
N HIS G 376 0.90 5.48 55.01
CA HIS G 376 0.16 4.34 55.57
C HIS G 376 0.71 2.94 55.17
N LEU G 377 1.87 2.88 54.54
CA LEU G 377 2.36 1.61 54.00
C LEU G 377 2.69 0.63 55.11
N GLN G 378 2.21 -0.61 55.01
CA GLN G 378 2.41 -1.65 56.03
C GLN G 378 3.32 -2.78 55.57
N TYR G 379 3.25 -3.13 54.29
CA TYR G 379 4.01 -4.22 53.73
C TYR G 379 4.78 -3.71 52.53
N LEU G 380 6.09 -3.83 52.57
CA LEU G 380 6.95 -3.52 51.43
C LEU G 380 7.84 -4.73 51.11
N ASN G 381 7.86 -5.12 49.85
CA ASN G 381 8.63 -6.28 49.40
C ASN G 381 9.57 -5.84 48.28
N LEU G 382 10.86 -5.77 48.58
CA LEU G 382 11.87 -5.38 47.60
C LEU G 382 12.84 -6.53 47.38
N SER G 383 12.38 -7.75 47.67
CA SER G 383 13.22 -8.95 47.56
C SER G 383 13.61 -9.27 46.12
N TYR G 384 14.67 -10.04 45.97
CA TYR G 384 15.14 -10.50 44.67
C TYR G 384 15.38 -9.39 43.67
N ASN G 385 16.07 -8.35 44.13
CA ASN G 385 16.43 -7.24 43.28
C ASN G 385 17.93 -7.04 43.26
N GLU G 386 18.38 -6.23 42.30
CA GLU G 386 19.76 -5.77 42.25
C GLU G 386 20.03 -4.88 43.47
N PRO G 387 21.32 -4.60 43.75
CA PRO G 387 21.72 -3.92 44.98
C PRO G 387 20.99 -2.62 45.33
N LEU G 388 20.88 -2.36 46.62
CA LEU G 388 20.22 -1.16 47.11
C LEU G 388 21.11 -0.38 48.08
N GLY G 389 21.20 0.92 47.91
CA GLY G 389 21.94 1.75 48.85
C GLY G 389 21.01 2.07 50.01
N LEU G 390 21.38 1.70 51.23
CA LEU G 390 20.54 2.04 52.38
C LEU G 390 21.24 3.05 53.24
N GLU G 391 20.84 4.30 53.02
CA GLU G 391 21.32 5.48 53.75
C GLU G 391 20.95 5.35 55.22
N ASP G 392 21.26 6.35 56.04
CA ASP G 392 20.85 6.33 57.44
C ASP G 392 19.37 6.72 57.46
N GLN G 393 18.54 5.90 58.10
CA GLN G 393 17.08 6.14 58.16
C GLN G 393 16.46 6.16 56.74
N ALA G 394 16.67 5.07 56.00
CA ALA G 394 16.23 4.95 54.60
C ALA G 394 14.69 4.95 54.44
N PHE G 395 13.99 4.51 55.49
CA PHE G 395 12.53 4.40 55.45
C PHE G 395 11.79 5.34 56.44
N LYS G 396 12.36 6.52 56.72
CA LYS G 396 11.68 7.56 57.52
C LYS G 396 10.32 8.01 56.93
N GLU G 397 10.05 7.62 55.70
CA GLU G 397 8.85 8.00 54.99
C GLU G 397 7.68 7.01 55.18
N CYS G 398 7.84 5.96 55.98
CA CYS G 398 6.80 4.93 56.10
C CYS G 398 6.65 4.37 57.50
N PRO G 399 6.50 5.24 58.51
CA PRO G 399 6.55 4.81 59.92
C PRO G 399 5.70 3.58 60.26
N GLN G 400 4.52 3.48 59.63
CA GLN G 400 3.56 2.41 59.96
C GLN G 400 4.03 1.05 59.42
N LEU G 401 5.17 1.02 58.74
CA LEU G 401 5.66 -0.21 58.10
C LEU G 401 5.71 -1.33 59.13
N GLU G 402 5.24 -2.50 58.74
CA GLU G 402 4.95 -3.59 59.65
C GLU G 402 5.72 -4.86 59.29
N LEU G 403 5.78 -5.15 57.98
CA LEU G 403 6.55 -6.23 57.45
C LEU G 403 7.38 -5.69 56.29
N LEU G 404 8.71 -5.80 56.41
CA LEU G 404 9.62 -5.44 55.33
C LEU G 404 10.41 -6.66 54.89
N ASP G 405 10.41 -6.96 53.58
CA ASP G 405 11.14 -8.10 53.02
C ASP G 405 12.09 -7.67 51.90
N VAL G 406 13.40 -7.86 52.12
CA VAL G 406 14.42 -7.55 51.09
C VAL G 406 15.35 -8.73 50.83
N ALA G 407 14.86 -9.95 51.03
CA ALA G 407 15.65 -11.18 50.88
C ALA G 407 16.26 -11.28 49.50
N PHE G 408 17.53 -11.67 49.45
CA PHE G 408 18.29 -11.87 48.22
C PHE G 408 18.53 -10.59 47.44
N THR G 409 18.26 -9.46 48.08
CA THR G 409 18.60 -8.19 47.51
C THR G 409 19.80 -7.71 48.28
N HIS G 410 20.95 -7.54 47.62
CA HIS G 410 22.14 -7.06 48.30
C HIS G 410 21.93 -5.64 48.87
N LEU G 411 22.51 -5.42 50.03
CA LEU G 411 22.39 -4.16 50.71
C LEU G 411 23.80 -3.73 51.11
N HIS G 412 24.06 -2.42 51.01
CA HIS G 412 25.33 -1.83 51.44
C HIS G 412 25.11 -0.69 52.37
N VAL G 413 25.68 -0.83 53.56
CA VAL G 413 25.63 0.20 54.59
C VAL G 413 27.08 0.56 54.98
N LYS G 414 27.42 1.84 54.85
CA LYS G 414 28.63 2.40 55.44
C LYS G 414 28.30 2.63 56.93
N ALA G 415 28.64 1.63 57.76
CA ALA G 415 28.42 1.72 59.20
C ALA G 415 28.91 3.08 59.74
N PRO G 416 28.31 3.58 60.85
CA PRO G 416 27.33 2.93 61.74
C PRO G 416 25.87 2.93 61.25
N HIS G 417 25.49 3.90 60.40
CA HIS G 417 24.22 3.89 59.63
C HIS G 417 23.18 2.87 60.11
N SER G 418 22.06 3.33 60.64
CA SER G 418 20.98 2.42 61.05
C SER G 418 19.76 2.68 60.17
N PRO G 419 19.59 1.89 59.09
CA PRO G 419 18.54 2.26 58.13
C PRO G 419 17.15 1.99 58.64
N PHE G 420 17.03 1.21 59.70
CA PHE G 420 15.72 0.87 60.23
C PHE G 420 15.40 1.62 61.55
N GLN G 421 16.02 2.79 61.75
CA GLN G 421 16.00 3.49 63.04
C GLN G 421 14.63 3.99 63.46
N ASN G 422 13.70 4.02 62.51
CA ASN G 422 12.51 4.87 62.59
C ASN G 422 11.23 4.11 62.33
N LEU G 423 11.33 2.78 62.39
CA LEU G 423 10.24 1.91 62.01
C LEU G 423 9.56 1.36 63.25
N HIS G 424 9.20 2.25 64.16
CA HIS G 424 8.46 1.91 65.40
C HIS G 424 7.66 0.58 65.28
N LEU G 425 6.75 0.50 64.29
CA LEU G 425 5.76 -0.59 64.24
C LEU G 425 6.25 -1.84 63.53
N LEU G 426 7.53 -1.87 63.12
CA LEU G 426 8.08 -3.05 62.43
C LEU G 426 8.07 -4.27 63.38
N ARG G 427 7.72 -5.42 62.83
CA ARG G 427 7.66 -6.68 63.58
C ARG G 427 8.31 -7.83 62.83
N VAL G 428 8.29 -7.78 61.50
CA VAL G 428 8.89 -8.86 60.71
C VAL G 428 9.85 -8.25 59.67
N LEU G 429 11.12 -8.64 59.76
CA LEU G 429 12.14 -8.14 58.86
C LEU G 429 12.93 -9.30 58.33
N ASN G 430 12.98 -9.46 57.00
CA ASN G 430 13.74 -10.53 56.35
C ASN G 430 14.90 -9.97 55.56
N LEU G 431 16.11 -10.23 56.07
CA LEU G 431 17.36 -9.80 55.41
C LEU G 431 18.17 -11.01 54.94
N SER G 432 17.48 -12.08 54.56
CA SER G 432 18.17 -13.30 54.09
C SER G 432 19.04 -13.03 52.86
N HIS G 433 20.28 -13.49 52.90
CA HIS G 433 21.20 -13.46 51.74
C HIS G 433 21.49 -12.06 51.19
N CYS G 434 21.36 -11.06 52.06
CA CYS G 434 21.55 -9.66 51.68
C CYS G 434 23.02 -9.22 51.67
N LEU G 435 23.87 -9.94 52.39
CA LEU G 435 25.34 -9.70 52.40
C LEU G 435 25.76 -8.50 53.25
N LEU G 436 25.27 -8.49 54.48
CA LEU G 436 25.43 -7.35 55.35
C LEU G 436 26.86 -7.35 55.96
N ASP G 437 27.37 -6.19 56.39
CA ASP G 437 28.62 -6.14 57.20
C ASP G 437 28.23 -6.17 58.65
N THR G 438 28.03 -7.38 59.19
CA THR G 438 27.47 -7.56 60.55
C THR G 438 28.37 -7.05 61.65
N SER G 439 29.50 -6.40 61.31
CA SER G 439 30.35 -5.76 62.32
C SER G 439 29.82 -4.39 62.83
N ASN G 440 28.96 -3.75 62.05
CA ASN G 440 28.20 -2.59 62.52
C ASN G 440 27.22 -3.07 63.58
N GLN G 441 27.35 -2.57 64.82
CA GLN G 441 26.45 -2.96 65.93
C GLN G 441 25.28 -1.99 66.01
N HIS G 442 25.14 -1.13 65.00
CA HIS G 442 24.04 -0.19 64.92
C HIS G 442 23.25 -0.48 63.64
N LEU G 443 23.41 -1.67 63.09
CA LEU G 443 22.68 -1.99 61.86
C LEU G 443 21.19 -2.14 62.13
N LEU G 444 20.87 -2.63 63.32
CA LEU G 444 19.51 -2.95 63.71
C LEU G 444 19.06 -1.96 64.76
N ALA G 445 19.69 -0.79 64.76
CA ALA G 445 19.42 0.23 65.74
C ALA G 445 18.00 0.70 65.54
N GLY G 446 17.34 0.95 66.67
CA GLY G 446 15.98 1.53 66.70
C GLY G 446 14.83 0.54 66.61
N LEU G 447 15.15 -0.76 66.44
CA LEU G 447 14.14 -1.80 66.35
C LEU G 447 13.91 -2.42 67.72
N GLN G 448 13.38 -1.60 68.62
CA GLN G 448 13.20 -1.98 70.02
C GLN G 448 12.33 -3.25 70.16
N ASP G 449 11.27 -3.32 69.35
CA ASP G 449 10.16 -4.29 69.56
C ASP G 449 9.90 -5.27 68.39
N LEU G 450 10.88 -5.39 67.50
CA LEU G 450 10.88 -6.45 66.49
C LEU G 450 10.54 -7.79 67.13
N ARG G 451 9.71 -8.58 66.44
CA ARG G 451 9.34 -9.92 66.92
C ARG G 451 9.93 -11.05 66.03
N HIS G 452 10.36 -10.71 64.83
CA HIS G 452 10.80 -11.71 63.86
C HIS G 452 11.91 -11.18 62.94
N LEU G 453 13.12 -11.73 63.08
CA LEU G 453 14.25 -11.35 62.24
C LEU G 453 14.86 -12.57 61.54
N ASN G 454 15.12 -12.42 60.26
CA ASN G 454 15.72 -13.46 59.43
C ASN G 454 17.07 -12.97 58.89
N LEU G 455 18.15 -13.45 59.49
CA LEU G 455 19.52 -13.11 59.07
C LEU G 455 20.23 -14.30 58.40
N GLN G 456 19.44 -15.17 57.80
CA GLN G 456 19.97 -16.30 57.06
C GLN G 456 20.95 -15.86 55.93
N GLY G 457 21.94 -16.70 55.59
CA GLY G 457 22.78 -16.47 54.41
C GLY G 457 23.88 -15.40 54.49
N ASN G 458 24.13 -14.88 55.69
CA ASN G 458 25.11 -13.81 55.91
C ASN G 458 26.31 -14.32 56.68
N SER G 459 27.33 -13.46 56.82
CA SER G 459 28.51 -13.79 57.61
C SER G 459 28.75 -12.84 58.77
N PHE G 460 29.60 -13.29 59.67
CA PHE G 460 30.14 -12.45 60.71
C PHE G 460 31.64 -12.46 60.52
N GLN G 461 32.34 -11.72 61.38
CA GLN G 461 33.79 -11.71 61.32
C GLN G 461 34.27 -13.06 61.85
N ASP G 462 35.31 -13.60 61.21
CA ASP G 462 35.96 -14.81 61.73
C ASP G 462 34.92 -15.83 62.18
N GLY G 463 34.15 -16.37 61.25
CA GLY G 463 33.02 -17.27 61.58
C GLY G 463 32.47 -17.25 63.02
N SER G 464 32.17 -16.07 63.54
CA SER G 464 31.77 -16.00 64.94
C SER G 464 30.86 -14.83 65.30
N ILE G 465 29.75 -15.13 65.97
CA ILE G 465 29.03 -14.13 66.75
C ILE G 465 29.82 -13.88 68.04
N SER G 466 29.78 -12.64 68.56
CA SER G 466 30.66 -12.19 69.66
C SER G 466 29.94 -11.95 70.99
N LYS G 467 30.71 -11.55 72.01
CA LYS G 467 30.18 -11.18 73.33
C LYS G 467 29.22 -10.02 73.13
N THR G 468 29.72 -8.99 72.46
CA THR G 468 28.89 -7.91 71.93
C THR G 468 28.76 -8.10 70.41
N ASN G 469 27.51 -8.09 69.94
CA ASN G 469 27.17 -8.35 68.54
C ASN G 469 25.98 -7.48 68.11
N LEU G 470 25.63 -7.51 66.82
CA LEU G 470 24.60 -6.62 66.28
C LEU G 470 23.20 -6.86 66.85
N LEU G 471 22.93 -8.08 67.29
CA LEU G 471 21.64 -8.39 67.93
C LEU G 471 21.42 -7.59 69.23
N GLN G 472 22.48 -7.01 69.79
CA GLN G 472 22.39 -6.20 71.02
C GLN G 472 21.18 -5.24 71.07
N MET G 473 20.62 -4.91 69.89
CA MET G 473 19.55 -3.93 69.76
C MET G 473 18.15 -4.50 69.40
N VAL G 474 17.92 -5.79 69.59
CA VAL G 474 16.63 -6.38 69.20
C VAL G 474 16.20 -7.45 70.21
N GLY G 475 15.89 -7.01 71.42
CA GLY G 475 15.73 -7.90 72.56
C GLY G 475 14.41 -8.62 72.66
N SER G 476 13.38 -8.06 72.02
CA SER G 476 12.04 -8.65 72.03
C SER G 476 11.86 -9.65 70.88
N LEU G 477 12.95 -10.02 70.20
CA LEU G 477 12.87 -11.04 69.18
C LEU G 477 12.17 -12.26 69.77
N GLU G 478 11.59 -13.03 68.86
CA GLU G 478 10.98 -14.32 69.20
C GLU G 478 11.53 -15.34 68.24
N ILE G 479 11.57 -14.91 66.99
CA ILE G 479 12.14 -15.72 65.94
C ILE G 479 13.44 -15.12 65.46
N LEU G 480 14.49 -15.92 65.49
CA LEU G 480 15.78 -15.52 64.97
C LEU G 480 16.31 -16.61 64.05
N ILE G 481 16.57 -16.25 62.80
CA ILE G 481 17.10 -17.21 61.85
C ILE G 481 18.52 -16.80 61.47
N LEU G 482 19.47 -17.69 61.79
CA LEU G 482 20.89 -17.50 61.50
C LEU G 482 21.47 -18.66 60.72
N SER G 483 20.67 -19.24 59.82
CA SER G 483 21.12 -20.42 59.07
C SER G 483 22.01 -20.07 57.89
N SER G 484 22.86 -21.03 57.52
CA SER G 484 23.70 -20.92 56.35
C SER G 484 24.64 -19.73 56.40
N CYS G 485 25.23 -19.50 57.58
CA CYS G 485 26.04 -18.28 57.87
C CYS G 485 27.57 -18.49 57.94
N ASN G 486 28.02 -19.71 57.68
CA ASN G 486 29.43 -20.10 57.81
C ASN G 486 29.98 -19.93 59.22
N LEU G 487 29.14 -20.16 60.22
CA LEU G 487 29.57 -19.97 61.62
C LEU G 487 30.53 -21.08 62.02
N LEU G 488 31.40 -20.73 62.95
CA LEU G 488 32.34 -21.67 63.55
C LEU G 488 32.22 -21.68 65.07
N SER G 489 31.71 -20.60 65.65
CA SER G 489 31.26 -20.62 67.04
C SER G 489 30.33 -19.47 67.37
N ILE G 490 29.66 -19.62 68.50
CA ILE G 490 28.91 -18.54 69.09
C ILE G 490 29.40 -18.37 70.53
N ASP G 491 30.18 -17.33 70.79
CA ASP G 491 30.58 -16.95 72.15
C ASP G 491 29.45 -17.15 73.16
N GLN G 492 29.78 -17.73 74.30
CA GLN G 492 28.79 -18.03 75.37
C GLN G 492 27.80 -16.89 75.64
N GLN G 493 28.34 -15.71 75.90
CA GLN G 493 27.53 -14.60 76.40
C GLN G 493 26.68 -13.93 75.30
N ALA G 494 26.71 -14.49 74.08
CA ALA G 494 26.18 -13.81 72.86
C ALA G 494 24.67 -13.56 72.88
N PHE G 495 23.90 -14.58 73.24
CA PHE G 495 22.44 -14.47 73.18
C PHE G 495 21.80 -14.03 74.48
N HIS G 496 22.64 -13.70 75.45
CA HIS G 496 22.15 -13.06 76.67
C HIS G 496 21.36 -11.84 76.19
N GLY G 497 20.37 -11.43 76.98
CA GLY G 497 19.56 -10.26 76.66
C GLY G 497 18.55 -10.36 75.51
N LEU G 498 18.35 -11.55 74.97
CA LEU G 498 17.25 -11.77 74.02
C LEU G 498 16.05 -12.35 74.77
N ARG G 499 15.47 -11.55 75.66
CA ARG G 499 14.44 -11.99 76.63
C ARG G 499 13.55 -13.12 76.10
N ASN G 500 12.64 -12.83 75.16
CA ASN G 500 11.63 -13.82 74.70
C ASN G 500 11.90 -14.71 73.46
N VAL G 501 13.15 -14.90 73.04
CA VAL G 501 13.39 -15.81 71.87
C VAL G 501 12.73 -17.17 72.14
N ASN G 502 11.92 -17.65 71.18
CA ASN G 502 11.32 -18.99 71.23
C ASN G 502 11.51 -19.83 69.93
N HIS G 503 12.28 -19.32 68.98
CA HIS G 503 12.55 -20.06 67.75
C HIS G 503 13.95 -19.67 67.27
N LEU G 504 14.88 -20.62 67.31
CA LEU G 504 16.26 -20.30 66.99
C LEU G 504 16.79 -21.28 65.97
N ASP G 505 17.14 -20.76 64.81
CA ASP G 505 17.61 -21.59 63.72
C ASP G 505 19.08 -21.31 63.41
N LEU G 506 19.92 -22.24 63.83
CA LEU G 506 21.35 -22.16 63.58
C LEU G 506 21.78 -23.22 62.59
N SER G 507 20.84 -23.78 61.85
CA SER G 507 21.13 -24.87 60.90
C SER G 507 22.05 -24.45 59.75
N HIS G 508 22.66 -25.44 59.10
CA HIS G 508 23.53 -25.22 57.94
C HIS G 508 24.72 -24.29 58.23
N ASN G 509 25.37 -24.58 59.34
CA ASN G 509 26.60 -23.91 59.75
C ASN G 509 27.63 -24.97 60.08
N SER G 510 28.77 -24.56 60.63
CA SER G 510 29.81 -25.50 61.01
C SER G 510 30.03 -25.36 62.49
N LEU G 511 28.94 -25.35 63.23
CA LEU G 511 29.03 -25.31 64.68
C LEU G 511 29.42 -26.69 65.21
N THR G 512 29.97 -26.70 66.42
CA THR G 512 30.36 -27.94 67.07
C THR G 512 29.96 -27.90 68.54
N GLY G 513 29.39 -29.01 69.04
CA GLY G 513 28.94 -29.14 70.43
C GLY G 513 29.14 -27.99 71.40
N ASP G 514 30.38 -27.55 71.53
CA ASP G 514 30.74 -26.51 72.50
C ASP G 514 29.92 -25.21 72.38
N SER G 515 29.52 -24.86 71.17
CA SER G 515 28.75 -23.63 70.94
C SER G 515 27.36 -23.67 71.58
N MET G 516 26.88 -24.85 71.96
CA MET G 516 25.61 -24.99 72.70
C MET G 516 25.64 -24.27 74.04
N ASP G 517 26.85 -23.92 74.48
CA ASP G 517 27.03 -23.09 75.67
C ASP G 517 26.24 -21.79 75.58
N ALA G 518 26.29 -21.16 74.39
CA ALA G 518 25.58 -19.92 74.11
C ALA G 518 24.05 -20.01 74.34
N LEU G 519 23.53 -21.23 74.43
CA LEU G 519 22.10 -21.44 74.64
C LEU G 519 21.68 -21.68 76.10
N SER G 520 22.64 -21.86 77.00
CA SER G 520 22.36 -22.29 78.39
C SER G 520 21.30 -21.47 79.14
N HIS G 521 21.27 -20.18 78.89
CA HIS G 521 20.37 -19.27 79.61
C HIS G 521 18.95 -19.24 79.06
N LEU G 522 18.66 -20.04 78.03
CA LEU G 522 17.35 -20.04 77.36
C LEU G 522 16.54 -21.30 77.64
N LYS G 523 15.23 -21.17 77.56
CA LYS G 523 14.33 -22.29 77.87
C LYS G 523 13.27 -22.46 76.78
N GLY G 524 12.85 -23.71 76.58
CA GLY G 524 11.71 -24.05 75.76
C GLY G 524 11.65 -23.51 74.34
N LEU G 525 12.81 -23.31 73.71
CA LEU G 525 12.79 -22.89 72.31
C LEU G 525 12.63 -24.08 71.36
N TYR G 526 12.32 -23.73 70.11
CA TYR G 526 12.55 -24.60 68.95
C TYR G 526 14.00 -24.36 68.53
N LEU G 527 14.86 -25.37 68.72
CA LEU G 527 16.28 -25.25 68.42
C LEU G 527 16.68 -26.14 67.24
N ASN G 528 16.96 -25.51 66.09
CA ASN G 528 17.39 -26.25 64.93
C ASN G 528 18.89 -26.16 64.67
N MET G 529 19.60 -27.26 64.92
CA MET G 529 21.04 -27.32 64.75
C MET G 529 21.41 -28.31 63.65
N ALA G 530 20.47 -28.53 62.74
CA ALA G 530 20.66 -29.49 61.67
C ALA G 530 21.83 -29.11 60.78
N SER G 531 22.45 -30.09 60.14
CA SER G 531 23.52 -29.85 59.16
C SER G 531 24.61 -28.93 59.70
N ASN G 532 25.23 -29.37 60.77
CA ASN G 532 26.39 -28.68 61.36
C ASN G 532 27.58 -29.62 61.46
N ASN G 533 28.54 -29.31 62.31
CA ASN G 533 29.71 -30.17 62.57
C ASN G 533 29.78 -30.58 64.05
N ILE G 534 28.61 -30.89 64.62
CA ILE G 534 28.54 -31.44 65.97
C ILE G 534 28.95 -32.92 65.93
N ARG G 535 29.87 -33.28 66.81
CA ARG G 535 30.32 -34.67 66.98
C ARG G 535 30.06 -35.14 68.41
N ILE G 536 30.90 -34.74 69.35
CA ILE G 536 30.65 -34.99 70.76
C ILE G 536 29.90 -33.80 71.39
N ILE G 537 28.87 -34.10 72.18
CA ILE G 537 28.15 -33.08 72.93
C ILE G 537 28.58 -33.21 74.37
N PRO G 538 29.45 -32.29 74.84
CA PRO G 538 29.94 -32.40 76.21
C PRO G 538 28.80 -32.43 77.21
N PRO G 539 28.88 -33.31 78.24
CA PRO G 539 27.77 -33.53 79.15
C PRO G 539 27.39 -32.32 80.01
N HIS G 540 28.36 -31.50 80.39
CA HIS G 540 28.08 -30.37 81.27
C HIS G 540 27.06 -29.40 80.64
N LEU G 541 27.02 -29.34 79.31
CA LEU G 541 26.09 -28.45 78.62
C LEU G 541 24.96 -29.23 77.92
N LEU G 542 24.79 -30.47 78.32
CA LEU G 542 23.63 -31.29 77.92
C LEU G 542 22.31 -30.75 78.49
N PRO G 543 22.31 -30.16 79.71
CA PRO G 543 21.05 -29.56 80.17
C PRO G 543 20.57 -28.34 79.36
N ALA G 544 21.47 -27.74 78.59
CA ALA G 544 21.09 -26.69 77.64
C ALA G 544 20.13 -27.24 76.57
N LEU G 545 20.35 -28.47 76.13
CA LEU G 545 19.44 -29.12 75.19
C LEU G 545 18.14 -29.52 75.88
N SER G 546 18.24 -30.10 77.08
CA SER G 546 17.06 -30.60 77.77
C SER G 546 16.10 -29.46 78.16
N GLN G 547 16.63 -28.24 78.32
CA GLN G 547 15.79 -27.08 78.64
C GLN G 547 14.84 -26.65 77.52
N GLN G 548 14.93 -27.25 76.34
CA GLN G 548 14.19 -26.77 75.17
C GLN G 548 12.99 -27.67 74.88
N SER G 549 12.17 -27.28 73.89
CA SER G 549 10.90 -27.97 73.59
C SER G 549 11.04 -28.95 72.42
N ILE G 550 11.59 -28.44 71.32
CA ILE G 550 11.89 -29.23 70.15
C ILE G 550 13.36 -29.00 69.75
N ILE G 551 14.08 -30.09 69.51
CA ILE G 551 15.46 -30.00 69.01
C ILE G 551 15.60 -30.75 67.68
N ASN G 552 16.42 -30.20 66.77
CA ASN G 552 16.78 -30.89 65.55
C ASN G 552 18.30 -30.98 65.43
N LEU G 553 18.84 -32.19 65.57
CA LEU G 553 20.27 -32.44 65.45
C LEU G 553 20.61 -33.31 64.22
N SER G 554 19.70 -33.34 63.25
CA SER G 554 19.86 -34.19 62.07
C SER G 554 21.00 -33.73 61.17
N HIS G 555 21.51 -34.66 60.36
CA HIS G 555 22.63 -34.40 59.47
C HIS G 555 23.89 -33.82 60.15
N ASN G 556 24.24 -34.36 61.30
CA ASN G 556 25.49 -34.01 61.97
C ASN G 556 26.32 -35.24 62.06
N PRO G 557 27.65 -35.10 61.97
CA PRO G 557 28.53 -36.25 62.11
C PRO G 557 28.62 -36.71 63.56
N LEU G 558 27.50 -37.08 64.14
CA LEU G 558 27.39 -37.34 65.58
C LEU G 558 28.28 -38.52 66.01
N ASP G 559 28.87 -38.43 67.20
CA ASP G 559 29.81 -39.45 67.68
C ASP G 559 29.09 -40.57 68.41
N CYS G 560 29.42 -41.82 68.10
CA CYS G 560 28.82 -42.96 68.78
C CYS G 560 29.86 -43.89 69.40
N THR G 561 30.82 -43.28 70.09
CA THR G 561 31.76 -44.00 70.93
C THR G 561 31.32 -43.76 72.35
N CYS G 562 32.03 -44.32 73.32
CA CYS G 562 31.67 -44.11 74.74
C CYS G 562 31.90 -42.67 75.24
N SER G 563 32.73 -41.92 74.50
CA SER G 563 32.97 -40.52 74.80
C SER G 563 31.72 -39.66 74.61
N ASN G 564 30.72 -40.17 73.89
CA ASN G 564 29.44 -39.47 73.76
C ASN G 564 28.28 -40.20 74.47
N ILE G 565 28.60 -41.02 75.47
CA ILE G 565 27.60 -41.89 76.12
C ILE G 565 26.48 -41.10 76.77
N HIS G 566 26.84 -40.00 77.45
CA HIS G 566 25.85 -39.17 78.14
C HIS G 566 24.81 -38.58 77.17
N PHE G 567 25.27 -38.12 75.99
CA PHE G 567 24.35 -37.61 74.98
C PHE G 567 23.43 -38.68 74.38
N ILE G 568 23.93 -39.89 74.23
CA ILE G 568 23.16 -40.95 73.60
C ILE G 568 22.01 -41.37 74.52
N THR G 569 22.26 -41.51 75.82
CA THR G 569 21.17 -41.86 76.75
C THR G 569 20.17 -40.70 76.82
N TRP G 570 20.68 -39.48 76.86
CA TRP G 570 19.80 -38.32 76.78
C TRP G 570 18.88 -38.40 75.54
N TYR G 571 19.45 -38.71 74.38
CA TYR G 571 18.70 -38.71 73.13
C TYR G 571 17.57 -39.72 73.16
N LYS G 572 17.88 -40.93 73.64
CA LYS G 572 16.89 -42.01 73.68
C LYS G 572 15.79 -41.62 74.65
N GLU G 573 16.17 -41.22 75.87
CA GLU G 573 15.22 -40.68 76.87
C GLU G 573 14.24 -39.62 76.27
N ASN G 574 14.73 -38.65 75.51
CA ASN G 574 13.89 -37.54 75.02
C ASN G 574 13.49 -37.64 73.56
N LEU G 575 13.42 -38.85 73.01
CA LEU G 575 13.13 -39.06 71.57
C LEU G 575 11.95 -38.21 71.06
N HIS G 576 10.92 -38.09 71.89
CA HIS G 576 9.69 -37.36 71.54
C HIS G 576 9.92 -35.88 71.24
N LYS G 577 10.79 -35.24 72.01
CA LYS G 577 11.17 -33.84 71.77
C LYS G 577 12.03 -33.62 70.49
N LEU G 578 12.53 -34.68 69.86
CA LEU G 578 13.55 -34.53 68.79
C LEU G 578 12.94 -34.58 67.41
N GLU G 579 13.06 -33.46 66.68
CA GLU G 579 12.59 -33.36 65.29
C GLU G 579 13.58 -33.99 64.30
N ASP G 580 13.04 -34.54 63.21
CA ASP G 580 13.84 -35.15 62.14
C ASP G 580 14.76 -36.28 62.65
N SER G 581 14.25 -37.01 63.64
CA SER G 581 14.95 -38.13 64.23
C SER G 581 15.49 -39.15 63.20
N GLU G 582 14.67 -39.54 62.23
CA GLU G 582 15.05 -40.54 61.22
C GLU G 582 16.34 -40.22 60.49
N GLU G 583 16.63 -38.93 60.27
CA GLU G 583 17.89 -38.52 59.63
C GLU G 583 19.00 -38.05 60.61
N THR G 584 19.00 -38.56 61.84
CA THR G 584 20.04 -38.22 62.80
C THR G 584 20.84 -39.45 63.14
N THR G 585 22.05 -39.54 62.57
CA THR G 585 22.80 -40.81 62.50
C THR G 585 24.30 -40.66 62.81
N CYS G 586 24.93 -41.76 63.23
CA CYS G 586 26.35 -41.76 63.62
C CYS G 586 27.34 -41.62 62.46
N ALA G 587 28.45 -40.93 62.73
CA ALA G 587 29.57 -40.83 61.82
C ALA G 587 30.64 -41.84 62.24
N ASN G 588 31.04 -41.76 63.49
CA ASN G 588 32.00 -42.71 64.10
C ASN G 588 31.31 -43.65 65.07
N PRO G 589 31.87 -44.85 65.28
CA PRO G 589 32.93 -45.50 64.53
C PRO G 589 32.38 -46.10 63.24
N PRO G 590 33.28 -46.60 62.38
CA PRO G 590 32.88 -47.16 61.10
C PRO G 590 31.76 -48.21 61.21
N SER G 591 31.86 -49.10 62.19
CA SER G 591 30.85 -50.14 62.39
C SER G 591 29.45 -49.57 62.55
N LEU G 592 29.33 -48.41 63.19
CA LEU G 592 28.03 -47.78 63.42
C LEU G 592 27.68 -46.64 62.46
N ARG G 593 28.54 -46.37 61.47
CA ARG G 593 28.30 -45.29 60.51
C ARG G 593 26.95 -45.48 59.81
N GLY G 594 26.08 -44.49 59.89
CA GLY G 594 24.76 -44.59 59.26
C GLY G 594 23.64 -45.05 60.18
N VAL G 595 23.99 -45.78 61.23
CA VAL G 595 23.02 -46.19 62.27
C VAL G 595 22.35 -44.97 62.89
N LYS G 596 21.01 -44.98 62.92
CA LYS G 596 20.20 -43.96 63.64
C LYS G 596 20.55 -43.88 65.13
N LEU G 597 20.62 -42.66 65.70
CA LEU G 597 20.88 -42.55 67.14
C LEU G 597 19.77 -43.14 68.02
N SER G 598 18.54 -43.07 67.53
CA SER G 598 17.44 -43.79 68.16
C SER G 598 17.74 -45.28 68.37
N ASP G 599 18.51 -45.91 67.48
CA ASP G 599 18.75 -47.35 67.58
C ASP G 599 20.11 -47.73 68.17
N VAL G 600 20.97 -46.75 68.47
CA VAL G 600 22.29 -47.06 69.06
C VAL G 600 22.19 -47.80 70.38
N LYS G 601 23.06 -48.79 70.59
CA LYS G 601 23.23 -49.48 71.86
C LYS G 601 24.71 -49.56 72.25
N LEU G 602 25.35 -48.44 72.64
CA LEU G 602 26.73 -48.50 73.20
C LEU G 602 26.60 -49.00 74.61
N HIS G 603 27.70 -49.46 75.20
CA HIS G 603 27.80 -49.63 76.68
C HIS G 603 29.18 -49.19 77.17
N CYS G 604 29.23 -48.66 78.39
CA CYS G 604 30.48 -48.12 78.95
C CYS G 604 30.65 -48.46 80.44
N LYS H 6 -26.58 -47.22 -44.56
CA LYS H 6 -27.27 -47.58 -43.28
C LYS H 6 -26.34 -47.27 -42.10
N CYS H 7 -26.94 -46.75 -41.00
CA CYS H 7 -26.21 -46.45 -39.76
C CYS H 7 -25.88 -47.77 -39.07
N THR H 8 -25.12 -47.73 -37.98
CA THR H 8 -24.69 -48.94 -37.27
C THR H 8 -25.08 -48.89 -35.81
N GLU H 9 -25.80 -49.91 -35.34
CA GLU H 9 -26.28 -49.96 -33.93
C GLU H 9 -25.12 -50.36 -33.01
N LYS H 10 -24.32 -49.39 -32.62
CA LYS H 10 -23.15 -49.66 -31.77
C LYS H 10 -23.54 -50.14 -30.34
N GLU H 11 -24.76 -49.85 -29.87
CA GLU H 11 -25.26 -50.45 -28.58
C GLU H 11 -26.79 -50.42 -28.56
N GLY H 12 -27.38 -51.47 -27.96
CA GLY H 12 -28.80 -51.79 -28.13
C GLY H 12 -29.74 -50.61 -27.99
N ASN H 13 -30.26 -50.12 -29.12
CA ASN H 13 -31.25 -49.03 -29.16
C ASN H 13 -30.78 -47.67 -28.61
N ARG H 14 -29.51 -47.57 -28.13
CA ARG H 14 -29.02 -46.35 -27.43
C ARG H 14 -27.81 -45.61 -28.13
N THR H 15 -26.93 -46.32 -28.82
CA THR H 15 -25.83 -45.65 -29.52
C THR H 15 -25.77 -46.03 -31.01
N TYR H 16 -25.68 -45.03 -31.88
CA TYR H 16 -25.55 -45.28 -33.31
C TYR H 16 -24.45 -44.46 -33.95
N ASN H 17 -23.88 -45.03 -35.01
CA ASN H 17 -22.85 -44.37 -35.78
C ASN H 17 -23.35 -44.20 -37.20
N CYS H 18 -23.37 -42.95 -37.69
CA CYS H 18 -23.82 -42.63 -39.06
C CYS H 18 -22.74 -41.86 -39.85
N GLU H 19 -21.49 -42.13 -39.54
CA GLU H 19 -20.39 -41.33 -40.08
C GLU H 19 -20.16 -41.54 -41.57
N ASN H 20 -19.67 -40.50 -42.26
CA ASN H 20 -19.33 -40.56 -43.67
C ASN H 20 -20.48 -41.04 -44.57
N LEU H 21 -21.74 -40.92 -44.18
CA LEU H 21 -22.84 -41.40 -45.03
C LEU H 21 -23.48 -40.31 -45.91
N GLY H 22 -22.97 -39.08 -45.83
CA GLY H 22 -23.54 -38.00 -46.64
C GLY H 22 -25.05 -37.78 -46.50
N LEU H 23 -25.59 -38.06 -45.30
CA LEU H 23 -27.02 -37.86 -45.03
C LEU H 23 -27.35 -36.36 -44.96
N ARG H 24 -28.52 -35.98 -45.46
CA ARG H 24 -28.99 -34.60 -45.38
C ARG H 24 -30.05 -34.42 -44.30
N GLU H 25 -30.33 -35.48 -43.55
CA GLU H 25 -31.37 -35.47 -42.56
C GLU H 25 -31.18 -36.63 -41.60
N ILE H 26 -31.88 -36.60 -40.46
CA ILE H 26 -31.84 -37.74 -39.52
C ILE H 26 -32.76 -38.84 -40.04
N PRO H 27 -32.26 -40.06 -40.14
CA PRO H 27 -33.10 -41.13 -40.63
C PRO H 27 -34.31 -41.48 -39.72
N ASP H 28 -35.42 -41.82 -40.37
CA ASP H 28 -36.59 -42.35 -39.67
C ASP H 28 -36.22 -43.67 -39.01
N THR H 29 -35.26 -44.41 -39.59
CA THR H 29 -34.68 -45.57 -38.91
C THR H 29 -34.27 -45.35 -37.44
N LEU H 30 -33.51 -44.28 -37.18
CA LEU H 30 -33.06 -43.97 -35.81
C LEU H 30 -34.26 -43.79 -34.83
N PRO H 31 -34.24 -44.55 -33.71
CA PRO H 31 -35.33 -44.59 -32.76
C PRO H 31 -35.34 -43.50 -31.68
N ASN H 32 -36.54 -43.19 -31.19
CA ASN H 32 -36.76 -42.37 -29.97
C ASN H 32 -35.72 -42.58 -28.87
N THR H 33 -35.27 -43.82 -28.68
CA THR H 33 -34.37 -44.11 -27.55
C THR H 33 -32.90 -43.75 -27.75
N THR H 34 -32.56 -43.07 -28.86
CA THR H 34 -31.15 -42.75 -29.16
C THR H 34 -30.55 -41.72 -28.22
N GLU H 35 -29.37 -42.03 -27.69
CA GLU H 35 -28.69 -41.16 -26.70
C GLU H 35 -27.29 -40.74 -27.14
N VAL H 36 -26.63 -41.54 -27.97
CA VAL H 36 -25.34 -41.15 -28.51
C VAL H 36 -25.36 -41.29 -30.03
N LEU H 37 -25.25 -40.14 -30.72
CA LEU H 37 -25.26 -40.11 -32.19
C LEU H 37 -23.98 -39.53 -32.72
N GLU H 38 -23.18 -40.37 -33.40
CA GLU H 38 -21.99 -39.92 -34.07
C GLU H 38 -22.36 -39.62 -35.51
N PHE H 39 -22.47 -38.32 -35.85
CA PHE H 39 -23.00 -37.90 -37.13
C PHE H 39 -21.96 -37.20 -38.03
N SER H 40 -20.68 -37.48 -37.82
CA SER H 40 -19.63 -36.81 -38.58
C SER H 40 -19.76 -37.02 -40.06
N PHE H 41 -19.30 -36.03 -40.82
CA PHE H 41 -19.13 -36.15 -42.25
C PHE H 41 -20.43 -36.45 -42.94
N ASN H 42 -21.47 -35.73 -42.56
CA ASN H 42 -22.74 -35.72 -43.28
C ASN H 42 -22.98 -34.30 -43.82
N PHE H 43 -24.17 -33.97 -44.30
CA PHE H 43 -24.41 -32.70 -44.94
C PHE H 43 -25.60 -31.95 -44.32
N LEU H 44 -25.33 -31.04 -43.41
CA LEU H 44 -26.37 -30.23 -42.78
C LEU H 44 -26.04 -28.70 -42.82
N PRO H 45 -26.08 -28.12 -44.02
CA PRO H 45 -25.83 -26.71 -44.21
C PRO H 45 -26.54 -25.84 -43.18
N THR H 46 -27.79 -26.18 -42.90
CA THR H 46 -28.58 -25.42 -41.95
C THR H 46 -29.07 -26.37 -40.90
N ILE H 47 -29.17 -25.90 -39.67
CA ILE H 47 -29.60 -26.70 -38.53
C ILE H 47 -30.67 -25.90 -37.80
N GLN H 48 -31.77 -26.59 -37.44
CA GLN H 48 -33.00 -25.93 -36.95
C GLN H 48 -33.72 -26.74 -35.91
N ASN H 49 -34.77 -26.14 -35.34
CA ASN H 49 -35.68 -26.82 -34.42
C ASN H 49 -36.21 -28.15 -34.95
N THR H 50 -36.43 -28.21 -36.26
CA THR H 50 -36.93 -29.45 -36.85
C THR H 50 -35.84 -30.52 -37.05
N THR H 51 -34.56 -30.14 -37.07
CA THR H 51 -33.52 -31.09 -37.51
C THR H 51 -33.40 -32.34 -36.67
N PHE H 52 -33.51 -32.18 -35.34
CA PHE H 52 -33.28 -33.29 -34.41
C PHE H 52 -34.47 -33.57 -33.51
N SER H 53 -35.67 -33.16 -33.93
CA SER H 53 -36.83 -33.20 -33.03
C SER H 53 -37.29 -34.63 -32.77
N ARG H 54 -37.32 -35.47 -33.81
CA ARG H 54 -37.54 -36.91 -33.60
C ARG H 54 -36.61 -37.45 -32.49
N LEU H 55 -35.33 -37.08 -32.44
CA LEU H 55 -34.42 -37.65 -31.45
C LEU H 55 -34.34 -36.89 -30.11
N ILE H 56 -35.45 -36.88 -29.37
CA ILE H 56 -35.58 -36.04 -28.14
C ILE H 56 -34.61 -36.38 -26.97
N ASN H 57 -34.01 -37.57 -26.94
CA ASN H 57 -33.23 -38.01 -25.76
C ASN H 57 -31.71 -38.07 -25.95
N LEU H 58 -31.20 -37.23 -26.86
CA LEU H 58 -29.76 -37.23 -27.10
C LEU H 58 -29.02 -36.75 -25.84
N ILE H 59 -27.92 -37.43 -25.56
CA ILE H 59 -27.00 -37.05 -24.52
C ILE H 59 -25.70 -36.50 -25.16
N PHE H 60 -25.26 -37.14 -26.24
CA PHE H 60 -24.00 -36.85 -26.92
C PHE H 60 -24.23 -36.76 -28.43
N LEU H 61 -23.95 -35.60 -29.02
CA LEU H 61 -24.24 -35.36 -30.42
C LEU H 61 -22.99 -34.84 -31.07
N ASP H 62 -22.44 -35.57 -32.02
CA ASP H 62 -21.24 -35.16 -32.77
C ASP H 62 -21.58 -34.77 -34.19
N LEU H 63 -21.52 -33.48 -34.50
CA LEU H 63 -21.80 -32.97 -35.84
C LEU H 63 -20.53 -32.53 -36.61
N THR H 64 -19.39 -33.14 -36.30
CA THR H 64 -18.12 -32.75 -36.84
C THR H 64 -18.15 -32.76 -38.38
N ARG H 65 -17.66 -31.66 -38.98
CA ARG H 65 -17.39 -31.63 -40.39
C ARG H 65 -18.63 -31.96 -41.21
N CYS H 66 -19.76 -31.37 -40.81
CA CYS H 66 -21.05 -31.57 -41.52
C CYS H 66 -21.44 -30.39 -42.37
N GLN H 67 -20.48 -29.51 -42.66
CA GLN H 67 -20.70 -28.33 -43.49
C GLN H 67 -21.82 -27.45 -42.95
N ILE H 68 -21.97 -27.39 -41.62
CA ILE H 68 -22.99 -26.53 -41.04
C ILE H 68 -22.57 -25.06 -41.21
N ASN H 69 -23.47 -24.24 -41.76
CA ASN H 69 -23.29 -22.81 -41.88
C ASN H 69 -24.10 -22.02 -40.87
N TRP H 70 -25.27 -22.53 -40.56
CA TRP H 70 -26.21 -21.83 -39.73
C TRP H 70 -26.71 -22.74 -38.64
N VAL H 71 -26.70 -22.22 -37.42
CA VAL H 71 -27.37 -22.84 -36.30
C VAL H 71 -28.47 -21.88 -35.86
N HIS H 72 -29.69 -22.17 -36.28
CA HIS H 72 -30.82 -21.28 -36.03
C HIS H 72 -31.44 -21.37 -34.64
N GLU H 73 -32.20 -20.35 -34.30
CA GLU H 73 -32.83 -20.24 -32.98
C GLU H 73 -33.64 -21.46 -32.58
N ASP H 74 -33.57 -21.80 -31.30
CA ASP H 74 -34.34 -22.91 -30.70
C ASP H 74 -33.99 -24.31 -31.24
N THR H 75 -32.85 -24.43 -31.88
CA THR H 75 -32.48 -25.72 -32.40
C THR H 75 -32.59 -26.82 -31.34
N PHE H 76 -32.13 -26.55 -30.13
CA PHE H 76 -32.05 -27.62 -29.12
C PHE H 76 -33.08 -27.49 -27.97
N GLN H 77 -34.16 -26.71 -28.18
CA GLN H 77 -35.17 -26.47 -27.15
C GLN H 77 -35.73 -27.76 -26.55
N SER H 78 -35.93 -28.79 -27.37
CA SER H 78 -36.55 -30.05 -26.93
C SER H 78 -35.55 -31.10 -26.45
N HIS H 79 -34.32 -30.71 -26.10
CA HIS H 79 -33.22 -31.66 -25.89
C HIS H 79 -32.61 -31.49 -24.51
N HIS H 80 -33.44 -31.77 -23.51
CA HIS H 80 -33.11 -31.43 -22.11
C HIS H 80 -31.87 -32.16 -21.59
N GLN H 81 -31.64 -33.39 -22.03
CA GLN H 81 -30.51 -34.16 -21.51
C GLN H 81 -29.22 -34.01 -22.33
N LEU H 82 -29.14 -33.07 -23.27
CA LEU H 82 -27.89 -32.88 -24.04
C LEU H 82 -26.72 -32.48 -23.15
N ASN H 83 -25.64 -33.25 -23.25
CA ASN H 83 -24.48 -33.06 -22.41
C ASN H 83 -23.31 -32.52 -23.17
N THR H 84 -23.08 -33.05 -24.37
CA THR H 84 -21.97 -32.66 -25.24
C THR H 84 -22.43 -32.37 -26.67
N ILE H 85 -22.07 -31.20 -27.20
CA ILE H 85 -22.27 -30.88 -28.61
C ILE H 85 -20.91 -30.68 -29.29
N VAL H 86 -20.66 -31.40 -30.37
CA VAL H 86 -19.36 -31.30 -31.09
C VAL H 86 -19.52 -30.67 -32.48
N LEU H 87 -19.01 -29.45 -32.65
CA LEU H 87 -19.22 -28.68 -33.88
C LEU H 87 -17.93 -28.45 -34.69
N THR H 88 -16.87 -29.15 -34.31
CA THR H 88 -15.58 -29.04 -34.95
C THR H 88 -15.60 -29.08 -36.46
N GLY H 89 -14.91 -28.14 -37.07
CA GLY H 89 -14.69 -28.20 -38.50
C GLY H 89 -15.84 -27.72 -39.37
N ASN H 90 -16.81 -27.02 -38.79
CA ASN H 90 -17.90 -26.51 -39.60
C ASN H 90 -17.66 -25.05 -39.91
N PRO H 91 -17.89 -24.64 -41.16
CA PRO H 91 -17.74 -23.23 -41.55
C PRO H 91 -18.91 -22.36 -41.05
N LEU H 92 -19.00 -22.15 -39.75
CA LEU H 92 -20.15 -21.49 -39.18
C LEU H 92 -20.15 -20.03 -39.61
N ILE H 93 -21.32 -19.55 -40.03
CA ILE H 93 -21.53 -18.16 -40.43
C ILE H 93 -22.19 -17.38 -39.31
N PHE H 94 -23.14 -18.00 -38.62
CA PHE H 94 -23.90 -17.32 -37.57
C PHE H 94 -24.61 -18.31 -36.64
N MET H 95 -24.63 -18.03 -35.34
CA MET H 95 -25.34 -18.86 -34.39
C MET H 95 -26.30 -17.96 -33.70
N ALA H 96 -27.59 -18.29 -33.68
CA ALA H 96 -28.62 -17.45 -33.04
C ALA H 96 -28.43 -17.36 -31.54
N GLU H 97 -28.96 -16.30 -30.91
CA GLU H 97 -28.79 -16.08 -29.45
C GLU H 97 -29.26 -17.28 -28.61
N THR H 98 -30.37 -17.90 -29.02
CA THR H 98 -30.93 -19.05 -28.31
C THR H 98 -30.64 -20.42 -28.98
N SER H 99 -29.70 -20.44 -29.93
CA SER H 99 -29.39 -21.64 -30.70
C SER H 99 -28.93 -22.84 -29.85
N LEU H 100 -28.28 -22.59 -28.72
CA LEU H 100 -27.87 -23.67 -27.80
C LEU H 100 -28.72 -23.74 -26.50
N THR H 101 -29.75 -22.92 -26.36
CA THR H 101 -30.57 -23.06 -25.16
C THR H 101 -31.55 -24.22 -25.36
N GLY H 102 -31.92 -24.87 -24.25
CA GLY H 102 -32.71 -26.08 -24.27
C GLY H 102 -32.19 -27.07 -23.24
N PRO H 103 -30.97 -27.56 -23.43
CA PRO H 103 -30.45 -28.56 -22.51
C PRO H 103 -30.35 -27.98 -21.12
N LYS H 104 -30.63 -28.79 -20.11
CA LYS H 104 -30.57 -28.34 -18.72
C LYS H 104 -29.11 -28.36 -18.19
N PHE H 105 -28.23 -29.18 -18.77
CA PHE H 105 -26.86 -29.22 -18.29
C PHE H 105 -25.90 -29.54 -19.42
N LEU H 106 -25.69 -28.55 -20.29
CA LEU H 106 -24.71 -28.64 -21.37
C LEU H 106 -23.32 -28.41 -20.76
N LYS H 107 -22.51 -29.45 -20.74
CA LYS H 107 -21.22 -29.42 -20.03
C LYS H 107 -20.01 -29.32 -20.97
N HIS H 108 -20.19 -29.61 -22.25
CA HIS H 108 -19.04 -29.64 -23.16
C HIS H 108 -19.39 -29.17 -24.55
N LEU H 109 -18.72 -28.11 -25.00
CA LEU H 109 -18.95 -27.53 -26.31
C LEU H 109 -17.65 -27.52 -27.06
N PHE H 110 -17.62 -28.14 -28.24
CA PHE H 110 -16.43 -28.10 -29.11
C PHE H 110 -16.66 -27.16 -30.31
N LEU H 111 -15.93 -26.06 -30.34
CA LEU H 111 -16.01 -25.13 -31.46
C LEU H 111 -14.66 -25.02 -32.20
N THR H 112 -13.92 -26.12 -32.19
CA THR H 112 -12.61 -26.22 -32.82
C THR H 112 -12.68 -25.99 -34.31
N GLN H 113 -11.71 -25.26 -34.82
CA GLN H 113 -11.66 -24.96 -36.26
C GLN H 113 -13.01 -24.63 -36.88
N THR H 114 -13.71 -23.68 -36.30
CA THR H 114 -14.97 -23.27 -36.87
C THR H 114 -14.87 -21.89 -37.43
N GLY H 115 -13.66 -21.36 -37.52
CA GLY H 115 -13.44 -20.04 -38.14
C GLY H 115 -13.65 -18.87 -37.22
N ILE H 116 -13.68 -19.08 -35.90
CA ILE H 116 -14.00 -18.03 -34.95
C ILE H 116 -12.81 -17.11 -34.75
N SER H 117 -13.00 -15.83 -34.98
CA SER H 117 -11.99 -14.83 -34.57
C SER H 117 -12.49 -13.85 -33.51
N ASN H 118 -13.81 -13.75 -33.32
CA ASN H 118 -14.38 -12.94 -32.27
C ASN H 118 -15.20 -13.75 -31.29
N LEU H 119 -14.76 -13.84 -30.04
CA LEU H 119 -15.45 -14.66 -29.03
C LEU H 119 -16.92 -14.24 -28.80
N GLU H 120 -17.27 -13.03 -29.19
CA GLU H 120 -18.67 -12.59 -29.13
C GLU H 120 -19.59 -13.50 -29.99
N PHE H 121 -18.99 -14.24 -30.91
CA PHE H 121 -19.72 -15.12 -31.81
C PHE H 121 -20.40 -16.27 -31.08
N ILE H 122 -19.86 -16.66 -29.93
CA ILE H 122 -20.35 -17.81 -29.19
C ILE H 122 -21.60 -17.36 -28.38
N PRO H 123 -22.72 -18.07 -28.56
CA PRO H 123 -23.91 -17.70 -27.79
C PRO H 123 -23.82 -18.12 -26.31
N VAL H 124 -23.89 -17.14 -25.41
CA VAL H 124 -23.69 -17.38 -23.96
C VAL H 124 -24.90 -17.90 -23.22
N HIS H 125 -26.07 -17.80 -23.83
CA HIS H 125 -27.31 -18.03 -23.10
C HIS H 125 -27.31 -19.23 -22.16
N ASN H 126 -26.86 -20.39 -22.64
CA ASN H 126 -26.98 -21.64 -21.90
C ASN H 126 -25.63 -22.32 -21.70
N LEU H 127 -24.65 -21.54 -21.24
CA LEU H 127 -23.31 -22.07 -21.09
C LEU H 127 -22.88 -22.12 -19.63
N GLU H 128 -23.74 -21.74 -18.68
CA GLU H 128 -23.33 -21.72 -17.27
C GLU H 128 -23.01 -23.06 -16.63
N ASN H 129 -23.38 -24.15 -17.27
CA ASN H 129 -22.97 -25.48 -16.85
C ASN H 129 -21.77 -26.02 -17.66
N LEU H 130 -21.11 -25.21 -18.47
CA LEU H 130 -19.98 -25.74 -19.25
C LEU H 130 -18.83 -26.14 -18.31
N GLU H 131 -18.32 -27.38 -18.49
CA GLU H 131 -17.08 -27.85 -17.84
C GLU H 131 -15.87 -27.76 -18.77
N SER H 132 -16.08 -27.82 -20.09
CA SER H 132 -14.98 -27.69 -21.04
C SER H 132 -15.40 -26.96 -22.30
N LEU H 133 -14.55 -26.05 -22.76
CA LEU H 133 -14.76 -25.28 -23.97
C LEU H 133 -13.55 -25.36 -24.87
N HIS H 134 -13.72 -25.92 -26.05
CA HIS H 134 -12.61 -26.18 -26.96
C HIS H 134 -12.63 -25.22 -28.14
N LEU H 135 -11.63 -24.33 -28.18
CA LEU H 135 -11.56 -23.25 -29.17
C LEU H 135 -10.29 -23.28 -30.02
N GLY H 136 -9.66 -24.43 -30.11
CA GLY H 136 -8.38 -24.53 -30.80
C GLY H 136 -8.51 -24.37 -32.30
N SER H 137 -7.40 -23.96 -32.92
CA SER H 137 -7.29 -23.84 -34.40
C SER H 137 -8.32 -22.90 -34.95
N ASN H 138 -8.63 -21.86 -34.20
CA ASN H 138 -9.49 -20.80 -34.70
C ASN H 138 -8.59 -19.63 -35.09
N HIS H 139 -9.18 -18.46 -35.29
CA HIS H 139 -8.42 -17.28 -35.64
C HIS H 139 -8.46 -16.29 -34.45
N ILE H 140 -8.21 -16.80 -33.24
CA ILE H 140 -8.31 -16.01 -31.99
C ILE H 140 -6.97 -15.33 -31.63
N SER H 141 -7.03 -14.11 -31.08
CA SER H 141 -5.82 -13.43 -30.64
C SER H 141 -5.87 -12.85 -29.24
N SER H 142 -6.98 -13.03 -28.51
CA SER H 142 -7.05 -12.57 -27.13
C SER H 142 -7.95 -13.47 -26.30
N ILE H 143 -7.41 -14.06 -25.24
CA ILE H 143 -8.19 -14.96 -24.41
C ILE H 143 -9.22 -14.22 -23.59
N ASN H 144 -9.23 -12.90 -23.68
CA ASN H 144 -10.20 -12.08 -22.94
C ASN H 144 -11.62 -12.48 -23.31
N LEU H 145 -12.38 -12.99 -22.35
CA LEU H 145 -13.74 -13.42 -22.66
C LEU H 145 -14.62 -12.21 -22.66
N PRO H 146 -15.76 -12.28 -23.37
CA PRO H 146 -16.76 -11.22 -23.27
C PRO H 146 -17.31 -11.07 -21.86
N GLU H 147 -17.75 -9.85 -21.53
CA GLU H 147 -18.41 -9.58 -20.23
C GLU H 147 -19.68 -10.40 -20.14
N ASN H 148 -19.98 -10.92 -18.94
CA ASN H 148 -21.18 -11.73 -18.76
C ASN H 148 -21.11 -13.06 -19.53
N PHE H 149 -19.89 -13.61 -19.60
CA PHE H 149 -19.66 -14.92 -20.16
C PHE H 149 -19.43 -15.83 -18.97
N PRO H 150 -20.28 -16.82 -18.76
CA PRO H 150 -20.17 -17.69 -17.59
C PRO H 150 -18.86 -18.46 -17.56
N THR H 151 -18.19 -18.46 -16.41
CA THR H 151 -16.93 -19.18 -16.24
C THR H 151 -16.84 -20.00 -14.94
N GLN H 152 -17.92 -20.01 -14.15
CA GLN H 152 -17.87 -20.64 -12.83
C GLN H 152 -17.47 -22.12 -12.90
N ASN H 153 -18.19 -22.92 -13.66
CA ASN H 153 -17.90 -24.36 -13.71
C ASN H 153 -16.87 -24.73 -14.73
N LEU H 154 -16.29 -23.73 -15.38
CA LEU H 154 -15.33 -24.00 -16.42
C LEU H 154 -14.09 -24.64 -15.80
N LYS H 155 -13.72 -25.84 -16.25
CA LYS H 155 -12.56 -26.55 -15.70
C LYS H 155 -11.45 -26.76 -16.77
N VAL H 156 -11.82 -26.79 -18.05
CA VAL H 156 -10.87 -26.92 -19.16
C VAL H 156 -11.18 -25.88 -20.24
N LEU H 157 -10.17 -25.15 -20.70
CA LEU H 157 -10.37 -24.10 -21.69
C LEU H 157 -9.22 -24.16 -22.69
N ASP H 158 -9.49 -24.67 -23.88
CA ASP H 158 -8.42 -25.00 -24.81
C ASP H 158 -8.28 -23.95 -25.89
N PHE H 159 -7.13 -23.28 -25.92
CA PHE H 159 -6.86 -22.22 -26.90
C PHE H 159 -5.72 -22.55 -27.93
N GLN H 160 -5.41 -23.83 -28.12
CA GLN H 160 -4.29 -24.22 -28.98
C GLN H 160 -4.30 -23.62 -30.37
N ASN H 161 -3.13 -23.54 -30.97
CA ASN H 161 -3.01 -23.17 -32.37
C ASN H 161 -3.90 -22.02 -32.77
N ASN H 162 -3.73 -20.90 -32.10
CA ASN H 162 -4.47 -19.69 -32.40
C ASN H 162 -3.42 -18.60 -32.60
N ALA H 163 -3.79 -17.34 -32.51
CA ALA H 163 -2.86 -16.24 -32.72
C ALA H 163 -2.74 -15.38 -31.46
N ILE H 164 -2.55 -16.02 -30.31
CA ILE H 164 -2.43 -15.29 -29.05
C ILE H 164 -0.96 -14.90 -28.84
N HIS H 165 -0.66 -13.61 -28.81
CA HIS H 165 0.73 -13.20 -28.65
C HIS H 165 0.99 -12.55 -27.31
N TYR H 166 -0.03 -11.92 -26.70
CA TYR H 166 0.11 -11.29 -25.39
C TYR H 166 -1.02 -11.71 -24.46
N ILE H 167 -0.70 -11.88 -23.19
CA ILE H 167 -1.71 -12.12 -22.18
C ILE H 167 -1.57 -11.04 -21.11
N SER H 168 -2.66 -10.32 -20.84
CA SER H 168 -2.63 -9.22 -19.85
C SER H 168 -3.38 -9.59 -18.58
N ARG H 169 -3.15 -8.80 -17.52
CA ARG H 169 -3.90 -8.92 -16.27
C ARG H 169 -5.38 -8.76 -16.58
N LYS H 170 -5.72 -7.76 -17.40
CA LYS H 170 -7.11 -7.55 -17.80
C LYS H 170 -7.69 -8.84 -18.36
N ASP H 171 -6.96 -9.43 -19.33
CA ASP H 171 -7.39 -10.66 -20.01
C ASP H 171 -7.74 -11.76 -19.01
N THR H 172 -6.80 -12.09 -18.12
CA THR H 172 -6.97 -13.23 -17.20
C THR H 172 -8.03 -12.99 -16.14
N ASN H 173 -8.27 -11.73 -15.83
CA ASN H 173 -9.25 -11.36 -14.80
C ASN H 173 -10.66 -11.80 -15.20
N SER H 174 -10.90 -11.80 -16.50
CA SER H 174 -12.08 -12.37 -17.09
C SER H 174 -12.45 -13.77 -16.54
N LEU H 175 -11.47 -14.58 -16.18
CA LEU H 175 -11.71 -15.96 -15.77
C LEU H 175 -11.81 -16.12 -14.25
N GLU H 176 -11.99 -15.04 -13.51
CA GLU H 176 -11.84 -15.07 -12.05
C GLU H 176 -12.85 -15.96 -11.32
N GLN H 177 -14.02 -16.11 -11.91
CA GLN H 177 -15.08 -16.99 -11.37
C GLN H 177 -14.74 -18.50 -11.42
N ALA H 178 -13.73 -18.89 -12.18
CA ALA H 178 -13.38 -20.28 -12.31
C ALA H 178 -12.70 -20.84 -11.05
N THR H 179 -12.66 -22.17 -10.93
CA THR H 179 -11.94 -22.83 -9.84
C THR H 179 -11.28 -24.10 -10.38
N ASN H 180 -9.99 -24.28 -10.09
CA ASN H 180 -9.19 -25.33 -10.71
C ASN H 180 -9.35 -25.38 -12.23
N LEU H 181 -8.96 -24.29 -12.87
CA LEU H 181 -9.06 -24.16 -14.33
C LEU H 181 -7.75 -24.53 -15.01
N SER H 182 -7.81 -25.25 -16.12
CA SER H 182 -6.59 -25.62 -16.84
C SER H 182 -6.65 -25.03 -18.21
N LEU H 183 -5.58 -24.40 -18.67
CA LEU H 183 -5.56 -23.76 -19.98
C LEU H 183 -4.45 -24.32 -20.88
N ASN H 184 -4.77 -24.50 -22.15
CA ASN H 184 -3.81 -24.95 -23.13
C ASN H 184 -3.51 -23.86 -24.18
N PHE H 185 -2.27 -23.40 -24.21
CA PHE H 185 -1.84 -22.38 -25.17
C PHE H 185 -0.85 -22.96 -26.19
N ASN H 186 -0.69 -24.29 -26.20
CA ASN H 186 0.23 -24.92 -27.11
C ASN H 186 0.10 -24.34 -28.49
N GLY H 187 1.22 -24.05 -29.11
CA GLY H 187 1.22 -23.57 -30.48
C GLY H 187 0.79 -22.13 -30.68
N ASN H 188 0.68 -21.35 -29.62
CA ASN H 188 0.59 -19.90 -29.72
C ASN H 188 1.96 -19.33 -29.44
N ASP H 189 2.38 -18.37 -30.24
CA ASP H 189 3.69 -17.75 -30.07
C ASP H 189 3.58 -16.62 -29.05
N ILE H 190 3.75 -16.92 -27.78
CA ILE H 190 3.53 -15.93 -26.71
C ILE H 190 4.75 -15.04 -26.56
N LYS H 191 4.62 -13.77 -26.94
CA LYS H 191 5.76 -12.84 -26.90
C LYS H 191 5.90 -12.13 -25.54
N GLY H 192 4.79 -12.04 -24.80
CA GLY H 192 4.77 -11.39 -23.49
C GLY H 192 3.58 -11.77 -22.61
N ILE H 193 3.81 -11.77 -21.30
CA ILE H 193 2.75 -11.92 -20.30
C ILE H 193 2.93 -10.87 -19.25
N GLU H 194 1.92 -10.02 -19.05
CA GLU H 194 1.96 -9.00 -18.02
C GLU H 194 2.19 -9.70 -16.69
N PRO H 195 3.19 -9.26 -15.94
CA PRO H 195 3.48 -10.03 -14.70
C PRO H 195 2.33 -10.00 -13.69
N GLY H 196 2.13 -11.15 -13.03
CA GLY H 196 1.08 -11.30 -12.05
C GLY H 196 -0.27 -11.70 -12.63
N ALA H 197 -0.36 -11.86 -13.95
CA ALA H 197 -1.62 -12.27 -14.57
C ALA H 197 -2.18 -13.61 -14.00
N PHE H 198 -1.30 -14.43 -13.44
CA PHE H 198 -1.69 -15.74 -12.89
C PHE H 198 -1.54 -15.84 -11.37
N ILE H 199 -1.46 -14.68 -10.68
CA ILE H 199 -1.48 -14.66 -9.22
C ILE H 199 -2.73 -15.35 -8.67
N SER H 200 -3.85 -15.25 -9.38
CA SER H 200 -5.09 -15.88 -8.94
C SER H 200 -4.87 -17.38 -8.71
N LYS H 201 -5.35 -17.84 -7.54
CA LYS H 201 -5.13 -19.24 -7.11
C LYS H 201 -6.01 -20.20 -7.90
N ILE H 202 -6.98 -19.67 -8.65
CA ILE H 202 -7.89 -20.51 -9.46
C ILE H 202 -7.23 -21.31 -10.60
N PHE H 203 -5.95 -21.06 -10.93
CA PHE H 203 -5.32 -21.78 -12.07
C PHE H 203 -4.60 -23.03 -11.62
N GLN H 204 -5.08 -24.17 -12.12
CA GLN H 204 -4.49 -25.45 -11.78
C GLN H 204 -3.31 -25.77 -12.68
N SER H 205 -3.53 -25.76 -13.99
CA SER H 205 -2.50 -26.18 -14.93
C SER H 205 -2.46 -25.39 -16.26
N LEU H 206 -1.24 -25.11 -16.76
CA LEU H 206 -1.06 -24.32 -17.99
C LEU H 206 -0.06 -24.96 -18.91
N LYS H 207 -0.34 -24.94 -20.21
CA LYS H 207 0.55 -25.52 -21.26
C LYS H 207 0.97 -24.45 -22.24
N PHE H 208 2.27 -24.32 -22.46
CA PHE H 208 2.82 -23.29 -23.34
C PHE H 208 3.71 -23.96 -24.36
N GLY H 209 3.25 -25.07 -24.88
CA GLY H 209 4.06 -25.86 -25.79
C GLY H 209 4.59 -25.12 -26.98
N GLY H 210 5.82 -25.42 -27.36
CA GLY H 210 6.43 -24.82 -28.57
C GLY H 210 6.87 -23.38 -28.42
N SER H 211 6.68 -22.82 -27.22
CA SER H 211 6.99 -21.41 -26.96
C SER H 211 8.49 -21.15 -27.15
N LEU H 212 8.83 -20.03 -27.78
CA LEU H 212 10.21 -19.77 -28.12
C LEU H 212 11.00 -18.97 -27.07
N ASN H 213 10.35 -18.48 -26.00
CA ASN H 213 11.07 -17.73 -24.94
C ASN H 213 10.60 -17.97 -23.50
N LEU H 214 11.19 -18.97 -22.86
CA LEU H 214 10.74 -19.37 -21.55
C LEU H 214 11.03 -18.31 -20.48
N PHE H 215 12.09 -17.53 -20.66
CA PHE H 215 12.33 -16.43 -19.75
C PHE H 215 11.10 -15.55 -19.64
N ILE H 216 10.58 -15.12 -20.79
CA ILE H 216 9.37 -14.31 -20.84
C ILE H 216 8.25 -14.97 -20.07
N ILE H 217 8.04 -16.27 -20.30
CA ILE H 217 6.95 -16.98 -19.65
C ILE H 217 7.07 -17.03 -18.13
N PHE H 218 8.21 -17.47 -17.63
CA PHE H 218 8.43 -17.52 -16.20
C PHE H 218 8.21 -16.16 -15.57
N LYS H 219 8.82 -15.12 -16.14
CA LYS H 219 8.69 -13.80 -15.58
C LYS H 219 7.21 -13.47 -15.45
N GLY H 220 6.42 -13.82 -16.44
CA GLY H 220 4.98 -13.56 -16.40
C GLY H 220 4.23 -14.30 -15.31
N LEU H 221 4.64 -15.55 -15.05
CA LEU H 221 3.99 -16.40 -14.06
C LEU H 221 4.43 -16.10 -12.61
N GLN H 222 5.15 -15.00 -12.40
CA GLN H 222 5.66 -14.62 -11.06
C GLN H 222 4.56 -14.61 -10.00
N ASN H 223 4.89 -15.10 -8.80
CA ASN H 223 3.95 -15.22 -7.67
C ASN H 223 2.70 -16.04 -8.00
N SER H 224 2.88 -17.24 -8.55
CA SER H 224 1.73 -18.09 -8.89
C SER H 224 1.91 -19.53 -8.39
N THR H 225 0.76 -20.19 -8.20
CA THR H 225 0.69 -21.56 -7.73
C THR H 225 0.04 -22.38 -8.83
N LEU H 226 0.78 -23.37 -9.32
CA LEU H 226 0.31 -24.24 -10.42
C LEU H 226 0.58 -25.68 -10.08
N GLN H 227 -0.36 -26.54 -10.42
CA GLN H 227 -0.16 -27.95 -10.26
C GLN H 227 0.89 -28.35 -11.28
N SER H 228 0.69 -28.00 -12.55
CA SER H 228 1.65 -28.34 -13.58
C SER H 228 1.75 -27.32 -14.72
N LEU H 229 2.94 -27.31 -15.32
CA LEU H 229 3.35 -26.36 -16.35
C LEU H 229 4.07 -27.11 -17.44
N TRP H 230 3.50 -27.15 -18.64
CA TRP H 230 4.05 -27.89 -19.76
C TRP H 230 4.80 -26.94 -20.67
N LEU H 231 6.13 -26.98 -20.64
CA LEU H 231 6.94 -26.06 -21.45
C LEU H 231 7.77 -26.81 -22.48
N GLY H 232 7.31 -28.00 -22.86
CA GLY H 232 8.00 -28.80 -23.86
C GLY H 232 8.00 -28.14 -25.22
N THR H 233 8.91 -28.58 -26.08
CA THR H 233 9.03 -28.07 -27.45
C THR H 233 8.90 -29.23 -28.43
N PHE H 234 8.93 -28.94 -29.72
CA PHE H 234 8.75 -29.96 -30.74
C PHE H 234 9.84 -29.94 -31.78
N GLU H 235 9.93 -31.02 -32.54
CA GLU H 235 10.92 -31.15 -33.60
C GLU H 235 10.86 -29.92 -34.48
N ASP H 236 9.69 -29.71 -35.04
CA ASP H 236 9.49 -28.62 -35.99
C ASP H 236 9.68 -27.22 -35.41
N THR H 237 9.65 -27.06 -34.08
CA THR H 237 9.69 -25.69 -33.51
C THR H 237 11.12 -25.12 -33.60
N ASP H 238 11.22 -23.81 -33.85
CA ASP H 238 12.53 -23.11 -34.13
C ASP H 238 13.56 -23.34 -33.00
N ASP H 239 14.85 -23.19 -33.31
CA ASP H 239 15.90 -23.60 -32.36
C ASP H 239 16.21 -22.55 -31.29
N GLN H 240 16.07 -22.95 -30.03
CA GLN H 240 16.48 -22.15 -28.86
C GLN H 240 17.53 -22.92 -28.03
N TYR H 241 17.97 -22.32 -26.92
CA TYR H 241 18.93 -22.95 -26.01
C TYR H 241 18.68 -22.53 -24.59
N LEU H 242 18.27 -23.46 -23.74
CA LEU H 242 18.03 -23.12 -22.33
C LEU H 242 19.32 -22.87 -21.52
N THR H 243 19.24 -21.93 -20.59
CA THR H 243 20.37 -21.57 -19.71
C THR H 243 19.90 -21.57 -18.27
N SER H 244 20.84 -21.60 -17.33
CA SER H 244 20.55 -21.29 -15.93
C SER H 244 19.76 -19.99 -15.78
N ALA H 245 20.16 -18.98 -16.55
CA ALA H 245 19.48 -17.69 -16.63
C ALA H 245 18.01 -17.83 -16.93
N THR H 246 17.69 -18.75 -17.84
CA THR H 246 16.31 -18.98 -18.25
C THR H 246 15.36 -19.24 -17.07
N PHE H 247 15.84 -19.93 -16.05
CA PHE H 247 14.96 -20.39 -14.97
C PHE H 247 14.98 -19.49 -13.72
N GLU H 248 15.63 -18.33 -13.82
CA GLU H 248 15.70 -17.41 -12.68
C GLU H 248 14.30 -17.11 -12.15
N GLY H 249 13.35 -16.89 -13.06
CA GLY H 249 11.98 -16.54 -12.67
C GLY H 249 11.23 -17.63 -11.91
N LEU H 250 11.75 -18.86 -11.96
CA LEU H 250 11.03 -20.01 -11.42
C LEU H 250 10.97 -20.00 -9.91
N CYS H 251 12.01 -19.51 -9.24
CA CYS H 251 11.99 -19.48 -7.77
C CYS H 251 11.23 -18.28 -7.18
N ASP H 252 10.49 -17.56 -8.01
CA ASP H 252 9.46 -16.64 -7.53
C ASP H 252 8.07 -17.17 -7.86
N MET H 253 7.93 -18.49 -7.89
CA MET H 253 6.65 -19.16 -8.14
C MET H 253 6.69 -20.60 -7.65
N SER H 254 5.56 -21.28 -7.72
CA SER H 254 5.48 -22.66 -7.21
C SER H 254 4.70 -23.57 -8.15
N VAL H 255 5.38 -24.61 -8.64
CA VAL H 255 4.79 -25.57 -9.57
C VAL H 255 5.22 -26.96 -9.16
N GLU H 256 4.26 -27.87 -9.08
CA GLU H 256 4.53 -29.25 -8.67
C GLU H 256 5.17 -30.05 -9.78
N SER H 257 4.80 -29.76 -11.01
CA SER H 257 5.18 -30.61 -12.15
C SER H 257 5.59 -29.82 -13.39
N ILE H 258 6.81 -30.01 -13.86
CA ILE H 258 7.32 -29.32 -15.05
C ILE H 258 7.70 -30.32 -16.12
N ASN H 259 7.40 -29.97 -17.37
CA ASN H 259 7.82 -30.75 -18.52
C ASN H 259 8.66 -29.91 -19.45
N LEU H 260 9.85 -30.37 -19.78
CA LEU H 260 10.74 -29.62 -20.64
C LEU H 260 11.19 -30.49 -21.81
N GLN H 261 10.27 -31.26 -22.35
CA GLN H 261 10.62 -32.25 -23.39
C GLN H 261 11.34 -31.63 -24.60
N LYS H 262 12.24 -32.40 -25.21
CA LYS H 262 12.86 -32.02 -26.48
C LYS H 262 13.70 -30.73 -26.48
N HIS H 263 13.99 -30.17 -25.30
CA HIS H 263 14.82 -28.94 -25.22
C HIS H 263 16.31 -29.24 -25.24
N ARG H 264 17.11 -28.20 -25.47
CA ARG H 264 18.56 -28.33 -25.51
C ARG H 264 19.19 -27.45 -24.44
N PHE H 265 19.91 -28.07 -23.49
CA PHE H 265 20.54 -27.34 -22.40
C PHE H 265 21.94 -26.88 -22.79
N SER H 266 22.11 -25.56 -22.81
CA SER H 266 23.33 -24.93 -23.30
C SER H 266 24.56 -25.26 -22.47
N ASP H 267 24.51 -24.99 -21.16
CA ASP H 267 25.67 -25.24 -20.30
C ASP H 267 25.26 -25.88 -18.99
N LEU H 268 24.70 -27.09 -19.08
CA LEU H 268 24.10 -27.78 -17.94
C LEU H 268 25.09 -27.92 -16.79
N SER H 269 24.81 -27.18 -15.72
CA SER H 269 25.57 -27.26 -14.47
C SER H 269 24.57 -27.67 -13.40
N SER H 270 25.06 -27.97 -12.20
CA SER H 270 24.16 -28.16 -11.06
C SER H 270 23.42 -26.85 -10.72
N SER H 271 24.06 -25.71 -11.02
CA SER H 271 23.45 -24.38 -10.85
C SER H 271 22.17 -24.19 -11.70
N THR H 272 22.07 -24.92 -12.80
CA THR H 272 20.90 -24.84 -13.69
C THR H 272 19.58 -25.14 -12.94
N PHE H 273 19.64 -26.00 -11.94
CA PHE H 273 18.46 -26.40 -11.17
C PHE H 273 18.33 -25.64 -9.83
N ARG H 274 18.87 -24.42 -9.76
CA ARG H 274 18.79 -23.67 -8.52
C ARG H 274 17.34 -23.53 -8.06
N CYS H 275 16.41 -23.22 -8.96
CA CYS H 275 15.02 -22.92 -8.58
C CYS H 275 14.05 -24.10 -8.68
N PHE H 276 14.57 -25.33 -8.71
CA PHE H 276 13.70 -26.50 -8.81
C PHE H 276 13.42 -27.12 -7.43
N THR H 277 13.62 -26.35 -6.36
CA THR H 277 13.63 -26.88 -5.00
C THR H 277 12.27 -27.38 -4.52
N ARG H 278 11.19 -26.81 -5.05
CA ARG H 278 9.85 -27.23 -4.63
C ARG H 278 9.17 -28.08 -5.70
N VAL H 279 9.90 -28.41 -6.77
CA VAL H 279 9.34 -29.25 -7.82
C VAL H 279 9.29 -30.72 -7.36
N GLN H 280 8.19 -31.39 -7.69
CA GLN H 280 7.95 -32.78 -7.29
C GLN H 280 8.05 -33.75 -8.46
N GLU H 281 7.80 -33.25 -9.68
CA GLU H 281 7.91 -34.06 -10.88
C GLU H 281 8.63 -33.28 -11.96
N LEU H 282 9.66 -33.89 -12.56
CA LEU H 282 10.42 -33.26 -13.64
C LEU H 282 10.51 -34.23 -14.79
N ASP H 283 10.22 -33.74 -15.98
CA ASP H 283 10.27 -34.54 -17.22
C ASP H 283 11.25 -33.91 -18.20
N LEU H 284 12.35 -34.61 -18.47
CA LEU H 284 13.40 -34.14 -19.38
C LEU H 284 13.51 -35.08 -20.57
N THR H 285 12.37 -35.54 -21.05
CA THR H 285 12.31 -36.50 -22.18
C THR H 285 12.97 -35.97 -23.44
N ALA H 286 13.84 -36.77 -24.04
CA ALA H 286 14.48 -36.42 -25.31
C ALA H 286 15.19 -35.08 -25.25
N ALA H 287 15.80 -34.80 -24.10
CA ALA H 287 16.46 -33.51 -23.87
C ALA H 287 17.94 -33.52 -24.27
N HIS H 288 18.32 -34.47 -25.11
CA HIS H 288 19.70 -34.62 -25.58
C HIS H 288 20.72 -34.83 -24.48
N LEU H 289 20.30 -35.37 -23.35
CA LEU H 289 21.20 -35.57 -22.21
C LEU H 289 22.14 -36.77 -22.39
N ASN H 290 23.42 -36.58 -22.09
CA ASN H 290 24.38 -37.69 -21.96
C ASN H 290 24.66 -38.02 -20.50
N GLY H 291 24.16 -37.17 -19.62
CA GLY H 291 24.24 -37.40 -18.19
C GLY H 291 23.59 -36.26 -17.44
N LEU H 292 23.59 -36.35 -16.11
CA LEU H 292 23.17 -35.23 -15.29
C LEU H 292 24.36 -34.77 -14.44
N PRO H 293 24.36 -33.51 -14.03
CA PRO H 293 25.47 -33.04 -13.22
C PRO H 293 25.42 -33.68 -11.85
N SER H 294 26.53 -33.66 -11.14
CA SER H 294 26.56 -34.24 -9.81
C SER H 294 26.28 -33.14 -8.77
N GLY H 295 25.74 -33.58 -7.62
CA GLY H 295 25.43 -32.72 -6.48
C GLY H 295 24.53 -31.53 -6.78
N ILE H 296 23.28 -31.79 -7.19
CA ILE H 296 22.36 -30.70 -7.53
C ILE H 296 21.87 -29.90 -6.31
N GLU H 297 21.42 -30.58 -5.26
CA GLU H 297 20.83 -29.92 -4.04
C GLU H 297 19.42 -29.29 -4.30
N GLY H 298 19.20 -28.78 -5.53
CA GLY H 298 17.90 -28.25 -5.98
C GLY H 298 16.96 -29.24 -6.69
N MET H 299 17.12 -30.53 -6.41
CA MET H 299 16.05 -31.49 -6.67
C MET H 299 16.00 -32.39 -5.43
N ASN H 300 16.05 -31.75 -4.26
CA ASN H 300 16.01 -32.43 -2.96
C ASN H 300 14.64 -33.08 -2.63
N SER H 301 13.55 -32.52 -3.18
CA SER H 301 12.18 -32.97 -2.91
C SER H 301 11.44 -33.48 -4.18
N LEU H 302 12.21 -33.94 -5.17
CA LEU H 302 11.67 -34.64 -6.34
C LEU H 302 11.11 -36.02 -5.97
N LYS H 303 9.94 -36.35 -6.49
CA LYS H 303 9.36 -37.68 -6.36
C LYS H 303 9.33 -38.46 -7.66
N LYS H 304 9.25 -37.75 -8.78
CA LYS H 304 9.15 -38.37 -10.11
C LYS H 304 10.09 -37.69 -11.10
N LEU H 305 11.02 -38.45 -11.68
CA LEU H 305 11.93 -37.95 -12.72
C LEU H 305 11.78 -38.78 -13.97
N VAL H 306 11.59 -38.13 -15.12
CA VAL H 306 11.49 -38.83 -16.42
C VAL H 306 12.64 -38.42 -17.33
N LEU H 307 13.52 -39.38 -17.65
CA LEU H 307 14.67 -39.13 -18.50
C LEU H 307 14.58 -39.96 -19.79
N ASN H 308 13.37 -40.28 -20.22
CA ASN H 308 13.15 -41.08 -21.42
C ASN H 308 13.79 -40.50 -22.66
N ALA H 309 14.14 -41.37 -23.61
CA ALA H 309 14.59 -40.96 -24.97
C ALA H 309 15.84 -40.12 -24.96
N ASN H 310 16.70 -40.25 -23.96
CA ASN H 310 17.97 -39.51 -23.92
C ASN H 310 19.14 -40.36 -24.46
N SER H 311 20.39 -39.98 -24.18
CA SER H 311 21.57 -40.71 -24.69
C SER H 311 22.62 -40.98 -23.62
N PHE H 312 22.28 -41.75 -22.61
CA PHE H 312 23.23 -42.11 -21.56
C PHE H 312 24.13 -43.26 -22.00
N ASP H 313 25.31 -43.37 -21.40
CA ASP H 313 26.22 -44.52 -21.67
C ASP H 313 26.33 -45.45 -20.49
N GLN H 314 26.49 -44.88 -19.30
CA GLN H 314 26.43 -45.65 -18.05
C GLN H 314 25.35 -45.09 -17.16
N LEU H 315 24.58 -45.97 -16.52
CA LEU H 315 23.49 -45.56 -15.64
C LEU H 315 23.95 -44.57 -14.55
N CYS H 316 25.15 -44.75 -14.03
CA CYS H 316 25.67 -43.90 -12.98
C CYS H 316 25.80 -42.42 -13.39
N GLN H 317 25.78 -42.13 -14.68
CA GLN H 317 25.91 -40.74 -15.15
C GLN H 317 24.70 -39.89 -14.79
N ILE H 318 23.60 -40.50 -14.37
CA ILE H 318 22.44 -39.71 -13.94
C ILE H 318 22.69 -39.09 -12.56
N ASN H 319 23.76 -39.54 -11.90
CA ASN H 319 24.13 -39.01 -10.59
C ASN H 319 22.94 -39.00 -9.65
N ALA H 320 22.47 -40.21 -9.35
CA ALA H 320 21.26 -40.41 -8.53
C ALA H 320 21.36 -39.79 -7.12
N ALA H 321 22.59 -39.66 -6.61
CA ALA H 321 22.82 -38.98 -5.33
C ALA H 321 21.96 -37.72 -5.19
N SER H 322 21.74 -37.01 -6.29
CA SER H 322 21.01 -35.76 -6.27
C SER H 322 19.55 -35.86 -5.82
N PHE H 323 18.92 -37.01 -5.95
CA PHE H 323 17.48 -37.11 -5.67
C PHE H 323 17.12 -38.27 -4.73
N PRO H 324 17.48 -38.14 -3.45
CA PRO H 324 17.23 -39.20 -2.48
C PRO H 324 15.76 -39.56 -2.28
N SER H 325 14.85 -38.61 -2.39
CA SER H 325 13.47 -38.86 -2.04
C SER H 325 12.68 -39.46 -3.18
N LEU H 326 13.38 -39.85 -4.24
CA LEU H 326 12.74 -40.22 -5.50
C LEU H 326 11.90 -41.48 -5.38
N ARG H 327 10.75 -41.47 -6.02
CA ARG H 327 9.83 -42.61 -5.98
C ARG H 327 9.74 -43.34 -7.31
N ASP H 328 9.60 -42.59 -8.39
CA ASP H 328 9.46 -43.14 -9.72
C ASP H 328 10.55 -42.61 -10.65
N LEU H 329 11.24 -43.52 -11.35
CA LEU H 329 12.32 -43.15 -12.27
C LEU H 329 12.16 -43.84 -13.63
N TYR H 330 12.05 -43.05 -14.69
CA TYR H 330 11.81 -43.58 -16.02
C TYR H 330 12.97 -43.27 -16.93
N ILE H 331 13.60 -44.32 -17.44
CA ILE H 331 14.68 -44.21 -18.44
C ILE H 331 14.34 -45.16 -19.60
N LYS H 332 13.21 -44.88 -20.23
CA LYS H 332 12.73 -45.68 -21.36
C LYS H 332 13.23 -45.10 -22.64
N GLY H 333 13.63 -45.98 -23.55
CA GLY H 333 13.93 -45.59 -24.91
C GLY H 333 15.26 -44.93 -25.10
N ASN H 334 16.23 -45.25 -24.25
CA ASN H 334 17.60 -44.71 -24.41
C ASN H 334 18.18 -45.01 -25.80
N MET H 335 18.87 -44.04 -26.37
CA MET H 335 19.24 -44.10 -27.77
C MET H 335 20.63 -44.65 -28.05
N ARG H 336 21.18 -45.38 -27.08
CA ARG H 336 22.44 -46.13 -27.27
C ARG H 336 22.69 -47.09 -26.12
N LYS H 337 23.56 -48.09 -26.33
CA LYS H 337 23.75 -49.16 -25.35
C LYS H 337 23.94 -48.64 -23.93
N LEU H 338 22.94 -48.83 -23.07
CA LEU H 338 23.00 -48.31 -21.70
C LEU H 338 23.58 -49.38 -20.79
N ASP H 339 24.72 -49.05 -20.19
CA ASP H 339 25.39 -49.95 -19.26
C ASP H 339 24.92 -49.66 -17.85
N LEU H 340 24.23 -50.63 -17.24
CA LEU H 340 23.61 -50.47 -15.93
C LEU H 340 24.63 -50.30 -14.80
N GLY H 341 25.86 -50.73 -15.03
CA GLY H 341 26.90 -50.63 -14.02
C GLY H 341 26.63 -51.45 -12.78
N THR H 342 27.04 -50.95 -11.61
CA THR H 342 26.78 -51.62 -10.32
C THR H 342 26.64 -50.62 -9.18
N ARG H 343 25.70 -50.91 -8.27
CA ARG H 343 25.34 -50.02 -7.16
C ARG H 343 24.97 -48.58 -7.59
N CYS H 344 24.55 -48.39 -8.83
CA CYS H 344 24.35 -47.03 -9.37
C CYS H 344 23.13 -46.31 -8.79
N LEU H 345 22.06 -47.05 -8.52
CA LEU H 345 20.87 -46.48 -7.92
C LEU H 345 20.83 -46.69 -6.41
N GLU H 346 21.91 -47.28 -5.88
CA GLU H 346 22.11 -47.54 -4.45
C GLU H 346 21.55 -46.46 -3.53
N LYS H 347 21.68 -45.19 -3.90
CA LYS H 347 21.26 -44.08 -3.05
C LYS H 347 19.75 -43.82 -3.07
N LEU H 348 19.04 -44.42 -4.03
CA LEU H 348 17.59 -44.20 -4.18
C LEU H 348 16.79 -45.21 -3.34
N GLU H 349 16.91 -45.09 -2.02
CA GLU H 349 16.35 -46.04 -1.06
C GLU H 349 14.82 -46.23 -1.13
N ASN H 350 14.09 -45.21 -1.59
CA ASN H 350 12.63 -45.25 -1.55
C ASN H 350 11.96 -45.49 -2.89
N LEU H 351 12.76 -45.86 -3.89
CA LEU H 351 12.25 -46.06 -5.25
C LEU H 351 11.14 -47.13 -5.29
N GLN H 352 10.05 -46.86 -6.01
CA GLN H 352 8.93 -47.78 -6.14
C GLN H 352 8.67 -48.20 -7.62
N LYS H 353 8.91 -47.30 -8.55
CA LYS H 353 8.73 -47.61 -9.95
C LYS H 353 10.06 -47.36 -10.67
N LEU H 354 10.49 -48.33 -11.51
CA LEU H 354 11.68 -48.19 -12.34
C LEU H 354 11.43 -48.74 -13.73
N ASP H 355 11.41 -47.86 -14.73
CA ASP H 355 11.19 -48.28 -16.11
C ASP H 355 12.46 -48.12 -16.91
N LEU H 356 13.03 -49.24 -17.31
CA LEU H 356 14.24 -49.24 -18.12
C LEU H 356 14.00 -49.85 -19.52
N SER H 357 12.78 -49.73 -20.04
CA SER H 357 12.41 -50.49 -21.24
C SER H 357 13.00 -49.84 -22.46
N HIS H 358 13.20 -50.62 -23.52
CA HIS H 358 13.59 -50.08 -24.83
C HIS H 358 14.91 -49.29 -24.81
N SER H 359 15.75 -49.53 -23.82
CA SER H 359 16.95 -48.71 -23.66
C SER H 359 18.26 -49.45 -23.96
N ASP H 360 18.23 -50.47 -24.80
CA ASP H 360 19.44 -51.15 -25.31
C ASP H 360 20.38 -51.60 -24.18
N ILE H 361 19.81 -52.20 -23.15
CA ILE H 361 20.57 -52.66 -21.99
C ILE H 361 20.99 -54.12 -22.19
N GLU H 362 22.29 -54.41 -22.03
CA GLU H 362 22.77 -55.82 -22.05
C GLU H 362 23.60 -56.06 -20.81
N ALA H 363 23.28 -57.15 -20.11
CA ALA H 363 23.92 -57.47 -18.84
C ALA H 363 24.17 -58.97 -18.75
N SER H 364 25.22 -59.33 -18.01
CA SER H 364 25.75 -60.70 -18.01
C SER H 364 25.45 -61.47 -16.71
N ASP H 365 25.65 -60.84 -15.55
CA ASP H 365 25.36 -61.49 -14.28
C ASP H 365 24.42 -60.57 -13.50
N CYS H 366 23.11 -60.83 -13.58
CA CYS H 366 22.08 -59.90 -13.09
C CYS H 366 21.18 -60.55 -12.01
N CYS H 367 20.57 -59.79 -11.09
CA CYS H 367 20.52 -58.30 -11.08
C CYS H 367 20.83 -57.60 -9.75
N ASN H 368 21.11 -58.37 -8.70
CA ASN H 368 21.25 -57.82 -7.34
C ASN H 368 22.29 -56.70 -7.26
N LEU H 369 23.47 -56.94 -7.84
CA LEU H 369 24.51 -55.90 -7.90
C LEU H 369 24.03 -54.62 -8.60
N GLN H 370 23.35 -54.79 -9.74
CA GLN H 370 22.89 -53.66 -10.53
C GLN H 370 21.85 -52.89 -9.76
N LEU H 371 20.80 -53.59 -9.33
CA LEU H 371 19.75 -53.03 -8.46
C LEU H 371 20.07 -53.01 -6.94
N LYS H 372 21.35 -53.02 -6.56
CA LYS H 372 21.73 -52.90 -5.15
C LYS H 372 20.87 -51.87 -4.43
N ASN H 373 20.30 -52.32 -3.31
CA ASN H 373 19.60 -51.47 -2.35
C ASN H 373 18.20 -50.95 -2.77
N LEU H 374 17.65 -51.41 -3.89
CA LEU H 374 16.33 -50.94 -4.29
C LEU H 374 15.26 -51.74 -3.59
N ARG H 375 15.32 -51.73 -2.28
CA ARG H 375 14.54 -52.63 -1.47
C ARG H 375 13.03 -52.31 -1.49
N HIS H 376 12.63 -51.08 -1.81
CA HIS H 376 11.19 -50.74 -1.83
C HIS H 376 10.51 -50.83 -3.22
N LEU H 377 11.20 -51.41 -4.19
CA LEU H 377 10.76 -51.37 -5.59
C LEU H 377 9.54 -52.28 -5.81
N GLN H 378 8.53 -51.78 -6.52
CA GLN H 378 7.30 -52.54 -6.80
C GLN H 378 7.14 -52.86 -8.27
N TYR H 379 7.59 -51.96 -9.15
CA TYR H 379 7.43 -52.13 -10.59
C TYR H 379 8.77 -51.98 -11.28
N LEU H 380 9.20 -53.03 -11.96
CA LEU H 380 10.43 -53.01 -12.76
C LEU H 380 10.13 -53.50 -14.16
N ASN H 381 10.52 -52.68 -15.14
CA ASN H 381 10.25 -52.91 -16.55
C ASN H 381 11.60 -52.93 -17.28
N LEU H 382 12.01 -54.12 -17.69
CA LEU H 382 13.24 -54.31 -18.45
C LEU H 382 12.93 -54.85 -19.86
N SER H 383 11.70 -54.62 -20.31
CA SER H 383 11.25 -55.13 -21.61
C SER H 383 11.97 -54.49 -22.75
N TYR H 384 11.94 -55.17 -23.89
CA TYR H 384 12.56 -54.71 -25.13
C TYR H 384 14.01 -54.31 -24.92
N ASN H 385 14.77 -55.23 -24.32
CA ASN H 385 16.22 -55.04 -24.20
C ASN H 385 17.01 -56.19 -24.84
N GLU H 386 18.30 -55.99 -24.98
CA GLU H 386 19.20 -57.06 -25.36
C GLU H 386 19.28 -58.09 -24.23
N PRO H 387 19.82 -59.29 -24.50
CA PRO H 387 19.77 -60.42 -23.58
C PRO H 387 20.18 -60.13 -22.16
N LEU H 388 19.53 -60.82 -21.22
CA LEU H 388 19.92 -60.76 -19.82
C LEU H 388 20.21 -62.15 -19.28
N GLY H 389 21.36 -62.25 -18.60
CA GLY H 389 21.80 -63.45 -17.96
C GLY H 389 21.32 -63.33 -16.54
N LEU H 390 20.24 -64.03 -16.22
CA LEU H 390 19.70 -63.98 -14.89
C LEU H 390 20.34 -65.07 -14.07
N GLU H 391 20.93 -64.66 -12.96
CA GLU H 391 21.57 -65.56 -11.98
C GLU H 391 20.53 -66.32 -11.16
N ASP H 392 20.93 -67.41 -10.51
CA ASP H 392 20.10 -67.91 -9.42
C ASP H 392 19.78 -66.74 -8.42
N GLN H 393 18.54 -66.70 -7.93
CA GLN H 393 18.08 -65.60 -7.07
C GLN H 393 18.46 -64.18 -7.57
N ALA H 394 17.86 -63.81 -8.70
CA ALA H 394 18.29 -62.65 -9.49
C ALA H 394 18.01 -61.35 -8.82
N PHE H 395 16.86 -61.29 -8.16
CA PHE H 395 16.32 -60.04 -7.62
C PHE H 395 16.16 -60.09 -6.09
N LYS H 396 17.05 -60.82 -5.44
CA LYS H 396 17.10 -60.92 -3.97
C LYS H 396 17.03 -59.52 -3.36
N GLU H 397 17.70 -58.61 -4.05
CA GLU H 397 17.83 -57.20 -3.70
C GLU H 397 16.55 -56.34 -3.73
N CYS H 398 15.49 -56.81 -4.40
CA CYS H 398 14.19 -56.12 -4.35
C CYS H 398 12.98 -57.05 -4.20
N PRO H 399 12.72 -57.51 -2.95
CA PRO H 399 11.66 -58.43 -2.58
C PRO H 399 10.27 -57.82 -2.48
N GLN H 400 10.20 -56.48 -2.55
CA GLN H 400 8.93 -55.78 -2.55
C GLN H 400 8.26 -55.80 -3.93
N LEU H 401 8.90 -56.47 -4.86
CA LEU H 401 8.51 -56.40 -6.25
C LEU H 401 7.14 -57.03 -6.48
N GLU H 402 6.33 -56.35 -7.28
CA GLU H 402 4.91 -56.64 -7.42
C GLU H 402 4.52 -56.93 -8.85
N LEU H 403 5.08 -56.15 -9.77
CA LEU H 403 4.92 -56.35 -11.19
C LEU H 403 6.28 -56.30 -11.89
N LEU H 404 6.69 -57.42 -12.52
CA LEU H 404 7.94 -57.47 -13.28
C LEU H 404 7.66 -57.77 -14.73
N ASP H 405 8.16 -56.91 -15.63
CA ASP H 405 7.93 -57.03 -17.07
C ASP H 405 9.28 -57.09 -17.84
N VAL H 406 9.54 -58.21 -18.50
CA VAL H 406 10.75 -58.38 -19.32
C VAL H 406 10.44 -58.83 -20.76
N ALA H 407 9.23 -58.52 -21.24
CA ALA H 407 8.75 -58.99 -22.55
C ALA H 407 9.72 -58.61 -23.65
N PHE H 408 9.95 -59.53 -24.58
CA PHE H 408 10.85 -59.32 -25.71
C PHE H 408 12.31 -59.15 -25.32
N THR H 409 12.67 -59.59 -24.12
CA THR H 409 14.03 -59.58 -23.63
C THR H 409 14.37 -61.04 -23.33
N HIS H 410 15.26 -61.61 -24.16
CA HIS H 410 15.71 -62.99 -24.01
C HIS H 410 16.36 -63.19 -22.67
N LEU H 411 15.94 -64.20 -21.93
CA LEU H 411 16.58 -64.48 -20.66
C LEU H 411 17.45 -65.72 -20.82
N HIS H 412 18.68 -65.61 -20.35
CA HIS H 412 19.65 -66.72 -20.40
C HIS H 412 19.80 -67.26 -18.97
N VAL H 413 19.25 -68.44 -18.73
CA VAL H 413 19.20 -68.99 -17.39
C VAL H 413 19.83 -70.38 -17.36
N LYS H 414 20.91 -70.55 -16.61
CA LYS H 414 21.57 -71.87 -16.50
C LYS H 414 20.68 -72.84 -15.70
N ALA H 415 20.23 -73.93 -16.32
CA ALA H 415 19.37 -74.89 -15.61
C ALA H 415 20.18 -75.47 -14.48
N PRO H 416 19.59 -75.62 -13.30
CA PRO H 416 18.23 -75.38 -12.88
C PRO H 416 18.12 -74.14 -11.96
N HIS H 417 18.77 -73.05 -12.33
CA HIS H 417 18.69 -71.86 -11.51
C HIS H 417 17.25 -71.31 -11.44
N SER H 418 16.96 -70.51 -10.42
CA SER H 418 15.58 -70.09 -10.12
C SER H 418 15.54 -68.58 -9.89
N PRO H 419 15.46 -67.80 -10.96
CA PRO H 419 15.81 -66.39 -10.81
C PRO H 419 14.78 -65.56 -10.09
N PHE H 420 13.56 -66.04 -9.92
CA PHE H 420 12.51 -65.25 -9.28
C PHE H 420 12.20 -65.66 -7.84
N GLN H 421 12.75 -66.77 -7.38
CA GLN H 421 12.48 -67.29 -6.03
C GLN H 421 12.25 -66.29 -4.88
N ASN H 422 13.04 -65.23 -4.80
CA ASN H 422 12.91 -64.34 -3.64
C ASN H 422 11.62 -63.46 -3.65
N LEU H 423 10.84 -63.48 -4.74
CA LEU H 423 9.83 -62.46 -4.95
C LEU H 423 8.44 -62.90 -4.55
N HIS H 424 8.25 -63.07 -3.25
CA HIS H 424 6.96 -63.59 -2.74
C HIS H 424 5.76 -62.61 -2.81
N LEU H 425 5.95 -61.40 -3.33
CA LEU H 425 4.84 -60.46 -3.45
C LEU H 425 4.53 -60.11 -4.92
N LEU H 426 5.22 -60.80 -5.82
CA LEU H 426 5.01 -60.68 -7.24
C LEU H 426 3.65 -61.23 -7.57
N ARG H 427 2.82 -60.42 -8.23
CA ARG H 427 1.53 -60.90 -8.72
C ARG H 427 1.45 -61.00 -10.23
N VAL H 428 2.24 -60.19 -10.94
CA VAL H 428 2.14 -60.11 -12.40
C VAL H 428 3.51 -60.22 -12.99
N LEU H 429 3.70 -61.23 -13.84
CA LEU H 429 4.99 -61.45 -14.47
C LEU H 429 4.76 -61.66 -15.93
N ASN H 430 5.46 -60.89 -16.76
CA ASN H 430 5.37 -60.98 -18.20
C ASN H 430 6.69 -61.45 -18.80
N LEU H 431 6.71 -62.69 -19.30
CA LEU H 431 7.89 -63.26 -19.94
C LEU H 431 7.62 -63.51 -21.45
N SER H 432 6.79 -62.69 -22.07
CA SER H 432 6.47 -62.86 -23.50
C SER H 432 7.71 -62.75 -24.37
N HIS H 433 7.89 -63.70 -25.28
CA HIS H 433 8.97 -63.63 -26.25
C HIS H 433 10.37 -63.53 -25.62
N CYS H 434 10.56 -64.22 -24.50
CA CYS H 434 11.86 -64.27 -23.82
C CYS H 434 12.69 -65.54 -24.17
N LEU H 435 12.21 -66.38 -25.09
CA LEU H 435 12.97 -67.55 -25.49
C LEU H 435 13.41 -68.31 -24.23
N LEU H 436 12.46 -68.58 -23.34
CA LEU H 436 12.80 -69.23 -22.09
C LEU H 436 13.12 -70.67 -22.39
N ASP H 437 13.97 -71.30 -21.60
CA ASP H 437 14.04 -72.74 -21.59
C ASP H 437 13.00 -73.22 -20.56
N THR H 438 11.88 -73.74 -21.10
CA THR H 438 10.77 -74.23 -20.30
C THR H 438 10.95 -75.67 -19.82
N SER H 439 12.10 -76.29 -20.14
CA SER H 439 12.50 -77.59 -19.55
C SER H 439 12.76 -77.49 -18.06
N ASN H 440 13.41 -76.39 -17.66
CA ASN H 440 13.83 -76.17 -16.30
C ASN H 440 12.66 -76.02 -15.37
N GLN H 441 12.18 -77.13 -14.84
CA GLN H 441 11.08 -77.16 -13.88
C GLN H 441 11.17 -76.14 -12.74
N HIS H 442 12.40 -75.79 -12.38
CA HIS H 442 12.64 -74.83 -11.32
C HIS H 442 12.73 -73.37 -11.76
N LEU H 443 12.28 -73.05 -12.97
CA LEU H 443 12.41 -71.69 -13.49
C LEU H 443 11.50 -70.72 -12.72
N LEU H 444 10.36 -71.20 -12.31
CA LEU H 444 9.42 -70.37 -11.60
C LEU H 444 9.34 -70.69 -10.10
N ALA H 445 10.23 -71.51 -9.56
CA ALA H 445 10.26 -71.70 -8.10
C ALA H 445 10.13 -70.34 -7.39
N GLY H 446 9.25 -70.23 -6.39
CA GLY H 446 9.08 -68.97 -5.61
C GLY H 446 7.73 -68.31 -5.84
N LEU H 447 7.14 -68.59 -6.98
CA LEU H 447 6.00 -67.82 -7.43
C LEU H 447 4.66 -68.53 -7.12
N GLN H 448 4.63 -69.19 -5.97
CA GLN H 448 3.46 -69.89 -5.46
C GLN H 448 2.21 -69.01 -5.57
N ASP H 449 2.37 -67.71 -5.27
CA ASP H 449 1.22 -66.80 -5.18
C ASP H 449 1.14 -65.76 -6.31
N LEU H 450 1.73 -66.09 -7.46
CA LEU H 450 1.65 -65.28 -8.66
C LEU H 450 0.24 -65.48 -9.20
N ARG H 451 -0.44 -64.36 -9.48
CA ARG H 451 -1.82 -64.35 -10.02
C ARG H 451 -1.88 -64.32 -11.57
N HIS H 452 -0.89 -63.71 -12.21
CA HIS H 452 -0.95 -63.37 -13.62
C HIS H 452 0.41 -63.68 -14.28
N LEU H 453 0.44 -64.68 -15.16
CA LEU H 453 1.67 -65.06 -15.88
C LEU H 453 1.47 -65.06 -17.39
N ASN H 454 2.39 -64.45 -18.11
CA ASN H 454 2.35 -64.33 -19.55
C ASN H 454 3.55 -65.05 -20.17
N LEU H 455 3.32 -66.24 -20.72
CA LEU H 455 4.38 -67.07 -21.33
C LEU H 455 4.22 -67.09 -22.84
N GLN H 456 3.59 -66.06 -23.38
CA GLN H 456 3.34 -65.96 -24.83
C GLN H 456 4.64 -66.06 -25.62
N GLY H 457 4.60 -66.70 -26.78
CA GLY H 457 5.77 -66.67 -27.66
C GLY H 457 7.05 -67.33 -27.14
N ASN H 458 6.89 -68.34 -26.28
CA ASN H 458 7.99 -69.23 -25.92
C ASN H 458 7.62 -70.63 -26.40
N SER H 459 8.35 -71.65 -25.95
CA SER H 459 8.20 -72.96 -26.57
C SER H 459 8.61 -74.13 -25.67
N PHE H 460 7.99 -75.27 -25.97
CA PHE H 460 8.13 -76.47 -25.15
C PHE H 460 8.64 -77.62 -25.99
N GLN H 461 9.09 -78.65 -25.30
CA GLN H 461 9.71 -79.79 -25.92
C GLN H 461 8.65 -80.51 -26.70
N ASP H 462 8.96 -80.79 -27.97
CA ASP H 462 8.03 -81.44 -28.93
C ASP H 462 6.75 -80.63 -29.06
N GLY H 463 6.83 -79.36 -28.71
CA GLY H 463 5.67 -78.49 -28.70
C GLY H 463 4.54 -79.09 -27.93
N SER H 464 4.82 -79.54 -26.71
CA SER H 464 3.72 -79.89 -25.84
C SER H 464 4.03 -79.79 -24.34
N ILE H 465 3.01 -79.39 -23.59
CA ILE H 465 3.07 -79.25 -22.16
C ILE H 465 2.77 -80.61 -21.51
N SER H 466 3.78 -81.15 -20.82
CA SER H 466 3.69 -82.51 -20.26
C SER H 466 2.85 -82.63 -18.97
N LYS H 467 2.74 -83.87 -18.49
CA LYS H 467 2.13 -84.17 -17.19
C LYS H 467 2.82 -83.34 -16.12
N THR H 468 4.14 -83.40 -16.12
CA THR H 468 4.95 -82.57 -15.25
C THR H 468 5.59 -81.48 -16.13
N ASN H 469 5.69 -80.26 -15.59
CA ASN H 469 6.07 -79.08 -16.38
C ASN H 469 6.25 -77.91 -15.48
N LEU H 470 6.85 -76.84 -15.96
CA LEU H 470 7.20 -75.71 -15.08
C LEU H 470 6.05 -75.02 -14.31
N LEU H 471 4.82 -75.16 -14.78
CA LEU H 471 3.68 -74.51 -14.17
C LEU H 471 3.34 -75.07 -12.79
N GLN H 472 3.95 -76.21 -12.46
CA GLN H 472 3.68 -76.86 -11.19
C GLN H 472 4.53 -76.20 -10.14
N MET H 473 4.19 -74.96 -9.81
CA MET H 473 5.11 -74.03 -9.15
C MET H 473 4.47 -72.65 -9.02
N VAL H 474 3.68 -72.31 -10.02
CA VAL H 474 2.90 -71.09 -9.98
C VAL H 474 1.44 -71.51 -9.94
N GLY H 475 1.04 -72.10 -8.82
CA GLY H 475 -0.22 -72.86 -8.74
C GLY H 475 -1.46 -72.04 -8.50
N SER H 476 -1.28 -70.81 -8.03
CA SER H 476 -2.39 -69.98 -7.54
C SER H 476 -2.97 -69.01 -8.61
N LEU H 477 -2.46 -69.10 -9.85
CA LEU H 477 -2.78 -68.16 -10.93
C LEU H 477 -4.26 -68.02 -11.25
N GLU H 478 -4.67 -66.82 -11.66
CA GLU H 478 -5.99 -66.60 -12.22
C GLU H 478 -5.93 -66.36 -13.73
N ILE H 479 -4.86 -65.68 -14.21
CA ILE H 479 -4.62 -65.43 -15.66
C ILE H 479 -3.39 -66.17 -16.19
N LEU H 480 -3.58 -66.97 -17.22
CA LEU H 480 -2.47 -67.68 -17.86
C LEU H 480 -2.51 -67.47 -19.35
N ILE H 481 -1.45 -66.89 -19.92
CA ILE H 481 -1.37 -66.66 -21.36
C ILE H 481 -0.31 -67.53 -22.03
N LEU H 482 -0.79 -68.45 -22.88
CA LEU H 482 0.07 -69.42 -23.57
C LEU H 482 -0.09 -69.31 -25.09
N SER H 483 -0.30 -68.10 -25.59
CA SER H 483 -0.54 -67.91 -27.00
C SER H 483 0.77 -67.90 -27.76
N SER H 484 0.73 -68.22 -29.04
CA SER H 484 1.91 -68.22 -29.87
C SER H 484 3.10 -69.05 -29.33
N CYS H 485 2.86 -70.24 -28.77
CA CYS H 485 3.96 -71.13 -28.36
C CYS H 485 4.18 -72.37 -29.23
N ASN H 486 3.51 -72.41 -30.37
CA ASN H 486 3.58 -73.54 -31.29
C ASN H 486 3.21 -74.81 -30.60
N LEU H 487 2.17 -74.73 -29.81
CA LEU H 487 1.71 -75.89 -29.13
C LEU H 487 0.95 -76.79 -30.11
N LEU H 488 1.28 -78.08 -30.05
CA LEU H 488 0.52 -79.12 -30.72
C LEU H 488 -0.29 -79.93 -29.71
N SER H 489 0.09 -79.94 -28.43
CA SER H 489 -0.72 -80.69 -27.48
C SER H 489 -0.55 -80.24 -26.03
N ILE H 490 -1.58 -80.44 -25.23
CA ILE H 490 -1.49 -80.26 -23.81
C ILE H 490 -1.89 -81.58 -23.17
N ASP H 491 -1.11 -82.05 -22.22
CA ASP H 491 -1.38 -83.29 -21.53
C ASP H 491 -2.65 -83.22 -20.70
N GLN H 492 -3.40 -84.31 -20.67
CA GLN H 492 -4.70 -84.37 -19.98
C GLN H 492 -4.63 -83.79 -18.57
N GLN H 493 -3.50 -83.98 -17.91
CA GLN H 493 -3.29 -83.50 -16.55
C GLN H 493 -2.38 -82.26 -16.47
N ALA H 494 -2.21 -81.57 -17.58
CA ALA H 494 -1.16 -80.54 -17.65
C ALA H 494 -1.41 -79.40 -16.71
N PHE H 495 -2.69 -79.09 -16.45
CA PHE H 495 -3.06 -77.95 -15.61
C PHE H 495 -3.75 -78.42 -14.36
N HIS H 496 -3.59 -79.67 -14.01
CA HIS H 496 -4.16 -80.12 -12.75
C HIS H 496 -3.41 -79.27 -11.72
N GLY H 497 -4.09 -78.87 -10.66
CA GLY H 497 -3.43 -77.97 -9.73
C GLY H 497 -3.19 -76.51 -10.12
N LEU H 498 -3.79 -76.03 -11.20
CA LEU H 498 -4.00 -74.60 -11.31
C LEU H 498 -5.41 -74.46 -10.76
N ARG H 499 -5.47 -74.21 -9.45
CA ARG H 499 -6.72 -74.22 -8.68
C ARG H 499 -7.62 -73.03 -9.02
N ASN H 500 -7.05 -71.91 -9.47
CA ASN H 500 -7.80 -70.64 -9.51
C ASN H 500 -7.86 -69.91 -10.85
N VAL H 501 -7.32 -70.52 -11.93
CA VAL H 501 -7.36 -69.95 -13.28
C VAL H 501 -8.78 -69.55 -13.58
N ASN H 502 -8.95 -68.43 -14.24
CA ASN H 502 -10.24 -68.12 -14.80
C ASN H 502 -10.10 -67.34 -16.12
N HIS H 503 -8.87 -67.22 -16.62
CA HIS H 503 -8.60 -66.59 -17.92
C HIS H 503 -7.49 -67.38 -18.59
N LEU H 504 -7.81 -68.14 -19.63
CA LEU H 504 -6.84 -69.01 -20.25
C LEU H 504 -6.80 -68.75 -21.74
N ASP H 505 -5.64 -68.31 -22.20
CA ASP H 505 -5.44 -67.95 -23.60
C ASP H 505 -4.53 -68.95 -24.25
N LEU H 506 -5.11 -69.82 -25.07
CA LEU H 506 -4.34 -70.79 -25.83
C LEU H 506 -4.35 -70.48 -27.33
N SER H 507 -4.66 -69.25 -27.69
CA SER H 507 -4.80 -68.81 -29.08
C SER H 507 -3.50 -68.85 -29.83
N HIS H 508 -3.59 -68.88 -31.16
CA HIS H 508 -2.43 -68.86 -32.04
C HIS H 508 -1.46 -69.99 -31.77
N ASN H 509 -2.00 -71.18 -31.50
CA ASN H 509 -1.19 -72.37 -31.39
C ASN H 509 -1.72 -73.34 -32.43
N SER H 510 -1.36 -74.61 -32.36
CA SER H 510 -1.86 -75.56 -33.34
C SER H 510 -2.58 -76.69 -32.62
N LEU H 511 -3.36 -76.30 -31.62
CA LEU H 511 -4.12 -77.25 -30.80
C LEU H 511 -5.31 -77.90 -31.54
N THR H 512 -5.71 -79.09 -31.13
CA THR H 512 -6.81 -79.75 -31.80
C THR H 512 -7.88 -79.98 -30.79
N GLY H 513 -9.07 -80.34 -31.23
CA GLY H 513 -10.18 -80.57 -30.32
C GLY H 513 -9.82 -81.37 -29.07
N ASP H 514 -8.91 -82.33 -29.22
CA ASP H 514 -8.60 -83.29 -28.12
C ASP H 514 -7.78 -82.69 -26.97
N SER H 515 -7.30 -81.49 -27.14
CA SER H 515 -6.53 -80.85 -26.11
C SER H 515 -7.45 -80.08 -25.17
N MET H 516 -8.74 -80.04 -25.50
CA MET H 516 -9.77 -79.54 -24.59
C MET H 516 -9.97 -80.46 -23.39
N ASP H 517 -9.49 -81.69 -23.51
CA ASP H 517 -9.53 -82.60 -22.37
C ASP H 517 -8.85 -81.96 -21.16
N ALA H 518 -7.71 -81.31 -21.41
CA ALA H 518 -6.94 -80.63 -20.35
C ALA H 518 -7.76 -79.58 -19.57
N LEU H 519 -8.90 -79.17 -20.11
CA LEU H 519 -9.72 -78.14 -19.46
C LEU H 519 -10.90 -78.70 -18.66
N SER H 520 -11.12 -80.02 -18.74
CA SER H 520 -12.33 -80.67 -18.14
C SER H 520 -12.56 -80.36 -16.65
N HIS H 521 -11.48 -80.19 -15.88
CA HIS H 521 -11.60 -79.98 -14.44
C HIS H 521 -11.83 -78.52 -14.03
N LEU H 522 -12.00 -77.64 -15.01
CA LEU H 522 -12.13 -76.20 -14.73
C LEU H 522 -13.54 -75.70 -15.04
N LYS H 523 -13.93 -74.62 -14.37
CA LYS H 523 -15.26 -74.04 -14.55
C LYS H 523 -15.23 -72.50 -14.79
N GLY H 524 -16.18 -72.02 -15.58
CA GLY H 524 -16.44 -70.60 -15.72
C GLY H 524 -15.27 -69.71 -16.11
N LEU H 525 -14.33 -70.22 -16.88
CA LEU H 525 -13.24 -69.36 -17.37
C LEU H 525 -13.60 -68.60 -18.62
N TYR H 526 -12.79 -67.60 -18.91
CA TYR H 526 -12.71 -67.02 -20.23
C TYR H 526 -11.70 -67.89 -21.01
N LEU H 527 -12.17 -68.66 -22.00
CA LEU H 527 -11.32 -69.59 -22.74
C LEU H 527 -11.19 -69.10 -24.14
N ASN H 528 -10.00 -68.63 -24.50
CA ASN H 528 -9.72 -68.21 -25.88
C ASN H 528 -8.89 -69.25 -26.65
N MET H 529 -9.54 -69.92 -27.62
CA MET H 529 -8.90 -70.94 -28.45
C MET H 529 -8.81 -70.50 -29.91
N ALA H 530 -8.88 -69.20 -30.11
CA ALA H 530 -8.90 -68.63 -31.46
C ALA H 530 -7.67 -69.03 -32.26
N SER H 531 -7.77 -69.07 -33.57
CA SER H 531 -6.61 -69.31 -34.44
C SER H 531 -5.77 -70.53 -34.05
N ASN H 532 -6.43 -71.69 -34.05
CA ASN H 532 -5.82 -72.98 -33.78
C ASN H 532 -6.12 -73.91 -34.94
N ASN H 533 -5.99 -75.21 -34.74
CA ASN H 533 -6.27 -76.22 -35.76
C ASN H 533 -7.38 -77.16 -35.27
N ILE H 534 -8.37 -76.60 -34.58
CA ILE H 534 -9.53 -77.36 -34.16
C ILE H 534 -10.44 -77.59 -35.36
N ARG H 535 -10.81 -78.86 -35.58
CA ARG H 535 -11.73 -79.25 -36.65
C ARG H 535 -12.97 -79.90 -36.03
N ILE H 536 -12.89 -81.17 -35.67
CA ILE H 536 -13.96 -81.84 -34.95
C ILE H 536 -13.76 -81.68 -33.45
N ILE H 537 -14.82 -81.34 -32.73
CA ILE H 537 -14.77 -81.30 -31.27
C ILE H 537 -15.50 -82.54 -30.75
N PRO H 538 -14.75 -83.57 -30.32
CA PRO H 538 -15.40 -84.81 -29.91
C PRO H 538 -16.47 -84.50 -28.84
N PRO H 539 -17.64 -85.16 -28.89
CA PRO H 539 -18.75 -84.85 -28.00
C PRO H 539 -18.50 -85.15 -26.53
N HIS H 540 -17.76 -86.21 -26.21
CA HIS H 540 -17.53 -86.56 -24.80
C HIS H 540 -16.86 -85.42 -24.01
N LEU H 541 -16.08 -84.58 -24.70
CA LEU H 541 -15.44 -83.44 -24.04
C LEU H 541 -16.06 -82.12 -24.46
N LEU H 542 -17.28 -82.18 -24.95
CA LEU H 542 -18.09 -80.99 -25.15
C LEU H 542 -18.52 -80.29 -23.83
N PRO H 543 -18.81 -81.07 -22.77
CA PRO H 543 -19.16 -80.40 -21.52
C PRO H 543 -18.01 -79.57 -20.90
N ALA H 544 -16.78 -79.81 -21.34
CA ALA H 544 -15.66 -78.98 -20.93
C ALA H 544 -15.87 -77.58 -21.44
N LEU H 545 -16.41 -77.44 -22.65
CA LEU H 545 -16.69 -76.11 -23.17
C LEU H 545 -17.87 -75.49 -22.42
N SER H 546 -18.92 -76.28 -22.23
CA SER H 546 -20.16 -75.78 -21.62
C SER H 546 -19.96 -75.33 -20.17
N GLN H 547 -18.94 -75.87 -19.50
CA GLN H 547 -18.59 -75.46 -18.12
C GLN H 547 -18.02 -74.04 -18.02
N GLN H 548 -17.77 -73.36 -19.13
CA GLN H 548 -17.08 -72.08 -19.05
C GLN H 548 -18.03 -70.89 -19.28
N SER H 549 -17.51 -69.66 -19.19
CA SER H 549 -18.35 -68.45 -19.22
C SER H 549 -18.35 -67.82 -20.58
N ILE H 550 -17.15 -67.60 -21.11
CA ILE H 550 -17.00 -67.05 -22.46
C ILE H 550 -16.01 -67.90 -23.21
N ILE H 551 -16.35 -68.29 -24.44
CA ILE H 551 -15.46 -69.07 -25.29
C ILE H 551 -15.19 -68.34 -26.59
N ASN H 552 -13.97 -68.44 -27.11
CA ASN H 552 -13.63 -67.95 -28.44
C ASN H 552 -13.02 -69.08 -29.26
N LEU H 553 -13.75 -69.56 -30.29
CA LEU H 553 -13.27 -70.58 -31.21
C LEU H 553 -13.05 -70.03 -32.64
N SER H 554 -12.92 -68.71 -32.76
CA SER H 554 -12.83 -68.07 -34.07
C SER H 554 -11.55 -68.42 -34.79
N HIS H 555 -11.55 -68.24 -36.11
CA HIS H 555 -10.42 -68.60 -36.98
C HIS H 555 -9.89 -70.05 -36.78
N ASN H 556 -10.80 -71.01 -36.66
CA ASN H 556 -10.42 -72.41 -36.65
C ASN H 556 -11.00 -73.10 -37.87
N PRO H 557 -10.31 -74.09 -38.41
CA PRO H 557 -10.87 -74.82 -39.54
C PRO H 557 -11.97 -75.75 -39.10
N LEU H 558 -13.02 -75.20 -38.53
CA LEU H 558 -14.05 -76.00 -37.89
C LEU H 558 -14.76 -76.91 -38.90
N ASP H 559 -15.15 -78.11 -38.47
CA ASP H 559 -15.79 -79.08 -39.35
C ASP H 559 -17.31 -78.94 -39.36
N CYS H 560 -17.91 -78.93 -40.55
CA CYS H 560 -19.38 -78.83 -40.71
C CYS H 560 -19.98 -79.99 -41.48
N THR H 561 -19.54 -81.19 -41.14
CA THR H 561 -20.13 -82.43 -41.59
C THR H 561 -20.91 -82.98 -40.42
N CYS H 562 -21.60 -84.09 -40.60
CA CYS H 562 -22.40 -84.67 -39.51
C CYS H 562 -21.53 -85.20 -38.36
N SER H 563 -20.25 -85.47 -38.64
CA SER H 563 -19.29 -85.93 -37.61
C SER H 563 -19.09 -84.88 -36.50
N ASN H 564 -19.45 -83.63 -36.79
CA ASN H 564 -19.37 -82.58 -35.81
C ASN H 564 -20.75 -82.05 -35.39
N ILE H 565 -21.77 -82.89 -35.54
CA ILE H 565 -23.14 -82.45 -35.30
C ILE H 565 -23.38 -82.04 -33.85
N HIS H 566 -22.83 -82.78 -32.90
CA HIS H 566 -23.04 -82.46 -31.49
C HIS H 566 -22.50 -81.06 -31.17
N PHE H 567 -21.31 -80.74 -31.69
CA PHE H 567 -20.73 -79.41 -31.46
C PHE H 567 -21.54 -78.31 -32.13
N ILE H 568 -22.19 -78.60 -33.25
CA ILE H 568 -22.93 -77.53 -33.95
C ILE H 568 -24.19 -77.15 -33.20
N THR H 569 -24.90 -78.14 -32.67
CA THR H 569 -26.12 -77.86 -31.89
C THR H 569 -25.74 -77.19 -30.55
N TRP H 570 -24.63 -77.63 -29.94
CA TRP H 570 -24.09 -76.90 -28.78
C TRP H 570 -23.86 -75.42 -29.07
N TYR H 571 -23.19 -75.13 -30.17
CA TYR H 571 -22.76 -73.77 -30.52
C TYR H 571 -23.96 -72.85 -30.72
N LYS H 572 -24.99 -73.36 -31.38
CA LYS H 572 -26.19 -72.59 -31.66
C LYS H 572 -26.91 -72.34 -30.33
N GLU H 573 -27.14 -73.39 -29.55
CA GLU H 573 -27.69 -73.28 -28.19
C GLU H 573 -26.99 -72.23 -27.31
N ASN H 574 -25.65 -72.19 -27.31
CA ASN H 574 -24.91 -71.26 -26.42
C ASN H 574 -24.34 -69.99 -27.10
N LEU H 575 -24.95 -69.56 -28.19
CA LEU H 575 -24.41 -68.44 -29.01
C LEU H 575 -23.99 -67.23 -28.16
N HIS H 576 -24.77 -66.97 -27.12
CA HIS H 576 -24.55 -65.83 -26.25
C HIS H 576 -23.19 -65.87 -25.53
N LYS H 577 -22.79 -67.07 -25.08
CA LYS H 577 -21.50 -67.28 -24.43
C LYS H 577 -20.30 -67.18 -25.36
N LEU H 578 -20.51 -67.09 -26.67
CA LEU H 578 -19.40 -67.22 -27.64
C LEU H 578 -18.88 -65.90 -28.14
N GLU H 579 -17.63 -65.60 -27.82
CA GLU H 579 -16.96 -64.38 -28.30
C GLU H 579 -16.49 -64.55 -29.74
N ASP H 580 -16.52 -63.44 -30.47
CA ASP H 580 -16.04 -63.39 -31.85
C ASP H 580 -16.72 -64.36 -32.78
N SER H 581 -18.01 -64.53 -32.52
CA SER H 581 -18.88 -65.39 -33.29
C SER H 581 -18.83 -65.12 -34.80
N GLU H 582 -18.96 -63.87 -35.22
CA GLU H 582 -18.93 -63.50 -36.68
C GLU H 582 -17.76 -64.09 -37.47
N GLU H 583 -16.59 -64.23 -36.85
CA GLU H 583 -15.41 -64.82 -37.52
C GLU H 583 -15.19 -66.32 -37.19
N THR H 584 -16.24 -67.06 -36.81
CA THR H 584 -16.12 -68.48 -36.52
C THR H 584 -16.89 -69.23 -37.61
N THR H 585 -16.15 -69.84 -38.53
CA THR H 585 -16.72 -70.33 -39.79
C THR H 585 -16.19 -71.71 -40.22
N CYS H 586 -16.95 -72.41 -41.06
CA CYS H 586 -16.59 -73.76 -41.52
C CYS H 586 -15.41 -73.82 -42.51
N ALA H 587 -14.63 -74.89 -42.42
CA ALA H 587 -13.60 -75.21 -43.38
C ALA H 587 -14.14 -76.28 -44.33
N ASN H 588 -14.63 -77.38 -43.76
CA ASN H 588 -15.27 -78.45 -44.54
C ASN H 588 -16.79 -78.44 -44.35
N PRO H 589 -17.54 -78.95 -45.33
CA PRO H 589 -17.15 -79.30 -46.67
C PRO H 589 -17.02 -78.04 -47.52
N PRO H 590 -16.52 -78.18 -48.75
CA PRO H 590 -16.41 -77.03 -49.65
C PRO H 590 -17.70 -76.21 -49.82
N SER H 591 -18.85 -76.84 -49.93
CA SER H 591 -20.12 -76.14 -50.08
C SER H 591 -20.37 -75.16 -48.97
N LEU H 592 -19.94 -75.49 -47.74
CA LEU H 592 -20.16 -74.65 -46.56
C LEU H 592 -18.91 -73.85 -46.14
N ARG H 593 -17.85 -73.93 -46.92
CA ARG H 593 -16.64 -73.18 -46.61
C ARG H 593 -16.92 -71.68 -46.48
N GLY H 594 -16.59 -71.09 -45.34
CA GLY H 594 -16.87 -69.67 -45.14
C GLY H 594 -18.14 -69.36 -44.40
N VAL H 595 -19.11 -70.27 -44.44
CA VAL H 595 -20.37 -70.12 -43.71
C VAL H 595 -20.12 -70.03 -42.22
N LYS H 596 -20.67 -69.00 -41.57
CA LYS H 596 -20.66 -68.83 -40.11
C LYS H 596 -21.35 -69.97 -39.40
N LEU H 597 -20.82 -70.42 -38.27
CA LEU H 597 -21.43 -71.61 -37.66
C LEU H 597 -22.86 -71.39 -37.24
N SER H 598 -23.21 -70.17 -36.87
CA SER H 598 -24.60 -69.89 -36.48
C SER H 598 -25.62 -70.06 -37.63
N ASP H 599 -25.21 -69.86 -38.89
CA ASP H 599 -26.07 -70.11 -40.06
C ASP H 599 -26.21 -71.59 -40.50
N VAL H 600 -25.25 -72.43 -40.14
CA VAL H 600 -25.21 -73.81 -40.60
C VAL H 600 -26.53 -74.48 -40.37
N LYS H 601 -26.98 -75.25 -41.37
CA LYS H 601 -28.20 -76.04 -41.32
C LYS H 601 -27.94 -77.48 -41.81
N LEU H 602 -27.61 -78.38 -40.90
CA LEU H 602 -27.37 -79.81 -41.23
C LEU H 602 -28.58 -80.56 -40.78
N HIS H 603 -28.75 -81.76 -41.31
CA HIS H 603 -29.69 -82.70 -40.74
C HIS H 603 -29.09 -84.12 -40.68
N CYS H 604 -29.01 -84.71 -39.50
CA CYS H 604 -28.34 -86.01 -39.29
C CYS H 604 -29.22 -86.92 -38.46
N GLY I 2 56.98 15.66 30.88
CA GLY I 2 56.52 16.71 31.86
C GLY I 2 55.44 16.15 32.77
N GLU I 3 54.18 16.57 32.55
CA GLU I 3 53.03 15.94 33.23
C GLU I 3 52.84 14.57 32.58
N ALA I 4 52.34 13.59 33.33
CA ALA I 4 51.88 12.28 32.78
C ALA I 4 50.58 12.47 32.00
N TRP I 5 50.19 11.45 31.23
CA TRP I 5 48.98 11.54 30.39
C TRP I 5 47.73 11.64 31.24
N PRO I 6 46.69 12.30 30.71
CA PRO I 6 45.47 12.49 31.50
C PRO I 6 44.67 11.19 31.67
N THR I 7 44.00 11.06 32.81
CA THR I 7 43.13 9.93 33.10
C THR I 7 41.76 10.12 32.44
N HIS I 8 41.43 9.26 31.48
CA HIS I 8 40.15 9.33 30.78
C HIS I 8 39.13 8.38 31.37
N THR I 9 37.86 8.66 31.13
CA THR I 9 36.78 7.78 31.56
C THR I 9 36.38 6.85 30.43
N ALA I 10 36.70 5.57 30.54
CA ALA I 10 36.26 4.58 29.54
C ALA I 10 34.74 4.45 29.55
N CYS I 11 34.14 4.62 30.72
CA CYS I 11 32.67 4.65 30.85
C CYS I 11 32.17 5.01 32.28
N ARG I 12 30.86 5.27 32.40
CA ARG I 12 30.21 5.55 33.69
C ARG I 12 28.73 5.25 33.55
N ASN I 13 28.27 4.13 34.12
CA ASN I 13 26.84 3.80 34.18
C ASN I 13 26.23 4.38 35.44
N GLY I 14 26.34 3.66 36.56
CA GLY I 14 25.63 4.04 37.81
C GLY I 14 26.62 4.52 38.86
N ASN I 15 26.82 3.69 39.89
CA ASN I 15 28.00 3.73 40.76
C ASN I 15 29.22 3.08 40.08
N LEU I 16 28.99 2.26 39.06
CA LEU I 16 30.09 1.66 38.28
C LEU I 16 30.79 2.72 37.43
N GLN I 17 32.12 2.64 37.33
CA GLN I 17 32.90 3.39 36.31
C GLN I 17 34.29 2.79 36.07
N VAL I 18 34.76 2.89 34.83
CA VAL I 18 36.08 2.40 34.43
C VAL I 18 36.95 3.55 33.94
N LEU I 19 38.06 3.82 34.65
CA LEU I 19 39.02 4.87 34.26
C LEU I 19 40.30 4.25 33.74
N TYR I 20 41.00 4.94 32.85
CA TYR I 20 42.30 4.47 32.38
C TYR I 20 43.21 5.63 32.03
N GLN I 21 44.51 5.38 32.06
CA GLN I 21 45.48 6.34 31.58
C GLN I 21 46.58 5.60 30.86
N SER I 22 47.09 6.20 29.80
CA SER I 22 48.10 5.57 28.95
C SER I 22 49.45 5.50 29.63
N CYS I 23 50.06 4.33 29.67
CA CYS I 23 51.41 4.18 30.20
C CYS I 23 52.43 3.99 29.09
N ASP I 24 52.09 4.40 27.86
CA ASP I 24 53.10 4.55 26.80
C ASP I 24 53.58 5.98 26.89
N PRO I 25 54.84 6.18 27.21
CA PRO I 25 55.30 7.53 27.34
C PRO I 25 55.22 8.34 26.09
N LEU I 26 55.29 7.70 24.94
CA LEU I 26 55.28 8.41 23.66
C LEU I 26 53.93 9.07 23.28
N GLN I 27 52.80 8.51 23.74
CA GLN I 27 51.50 8.99 23.25
C GLN I 27 50.30 8.49 24.02
N ASP I 28 49.19 9.23 23.90
CA ASP I 28 47.90 8.86 24.50
C ASP I 28 47.16 7.96 23.53
N PHE I 29 45.99 7.49 23.96
CA PHE I 29 45.05 6.89 23.02
C PHE I 29 43.61 6.94 23.56
N GLY I 30 42.67 6.83 22.63
CA GLY I 30 41.25 6.94 22.92
C GLY I 30 40.57 5.60 23.02
N PHE I 31 39.90 5.35 24.12
CA PHE I 31 39.20 4.09 24.35
C PHE I 31 37.89 4.32 25.09
N SER I 32 36.91 3.48 24.76
CA SER I 32 35.62 3.55 25.40
C SER I 32 34.91 2.22 25.23
N VAL I 33 34.12 1.84 26.24
CA VAL I 33 33.27 0.66 26.21
C VAL I 33 31.83 1.13 26.15
N ASP I 34 30.97 0.35 25.49
CA ASP I 34 29.66 0.86 25.14
C ASP I 34 28.64 0.62 26.24
N GLN I 35 28.53 -0.62 26.71
CA GLN I 35 27.68 -0.93 27.87
C GLN I 35 28.57 -1.14 29.10
N CYS I 36 28.33 -0.38 30.17
CA CYS I 36 29.03 -0.62 31.43
C CYS I 36 28.12 -1.26 32.49
N ALA I 37 28.39 -2.53 32.75
CA ALA I 37 27.59 -3.31 33.68
C ALA I 37 28.47 -4.26 34.48
N ARG I 38 27.98 -4.60 35.67
CA ARG I 38 28.60 -5.61 36.52
C ARG I 38 28.68 -6.91 35.73
N GLN I 39 27.54 -7.31 35.17
CA GLN I 39 27.49 -8.48 34.30
C GLN I 39 27.96 -8.11 32.89
N LEU I 40 29.24 -8.38 32.59
CA LEU I 40 29.74 -8.18 31.23
C LEU I 40 29.27 -9.27 30.27
N LYS I 41 28.47 -8.88 29.29
CA LYS I 41 28.03 -9.81 28.26
C LYS I 41 29.21 -10.33 27.47
N PRO I 42 29.04 -11.49 26.80
CA PRO I 42 30.12 -11.93 25.94
C PRO I 42 30.17 -11.09 24.66
N ASN I 43 31.29 -11.14 23.96
CA ASN I 43 31.43 -10.46 22.69
C ASN I 43 31.00 -8.98 22.79
N ILE I 44 31.48 -8.29 23.82
CA ILE I 44 31.17 -6.86 24.03
C ILE I 44 31.79 -5.96 22.95
N ASN I 45 31.19 -4.79 22.74
CA ASN I 45 31.69 -3.81 21.75
C ASN I 45 32.53 -2.68 22.36
N ILE I 46 33.67 -2.39 21.70
CA ILE I 46 34.55 -1.30 22.13
C ILE I 46 34.70 -0.20 21.06
N ARG I 47 35.43 0.86 21.42
CA ARG I 47 35.84 1.93 20.50
C ARG I 47 37.23 2.39 20.84
N PHE I 48 38.05 2.59 19.81
CA PHE I 48 39.48 2.70 19.96
C PHE I 48 40.08 3.64 18.90
N GLY I 49 40.95 4.52 19.33
CA GLY I 49 41.56 5.48 18.45
C GLY I 49 43.00 5.73 18.79
N MET I 50 43.88 5.52 17.82
CA MET I 50 45.29 5.55 18.09
C MET I 50 46.05 5.69 16.81
N VAL I 51 47.29 6.17 16.89
CA VAL I 51 48.26 6.07 15.79
C VAL I 51 49.31 4.99 16.10
N LEU I 52 49.48 4.03 15.19
CA LEU I 52 50.44 2.92 15.37
C LEU I 52 51.89 3.41 15.22
N ARG I 53 52.75 2.92 16.10
CA ARG I 53 54.17 3.21 16.08
C ARG I 53 54.96 1.94 15.85
N GLU I 54 54.27 0.87 15.51
CA GLU I 54 54.91 -0.42 15.26
C GLU I 54 53.99 -1.20 14.36
N ASP I 55 54.56 -2.07 13.51
CA ASP I 55 53.76 -2.95 12.65
C ASP I 55 53.05 -4.03 13.50
N ILE I 56 51.79 -4.33 13.17
CA ILE I 56 50.97 -5.23 13.98
C ILE I 56 50.44 -6.44 13.19
N GLU I 57 51.23 -6.95 12.27
CA GLU I 57 50.97 -8.26 11.69
C GLU I 57 50.94 -9.28 12.82
N GLN I 58 51.84 -9.11 13.78
CA GLN I 58 51.82 -9.90 15.01
C GLN I 58 51.56 -8.97 16.18
N LEU I 59 50.59 -9.32 17.02
CA LEU I 59 50.15 -8.44 18.10
C LEU I 59 49.60 -9.25 19.23
N PHE I 60 50.09 -9.00 20.43
CA PHE I 60 49.71 -9.78 21.61
C PHE I 60 49.27 -8.90 22.77
N LEU I 61 48.33 -9.41 23.56
CA LEU I 61 47.78 -8.68 24.72
C LEU I 61 48.18 -9.35 26.00
N ASP I 62 48.73 -8.57 26.93
CA ASP I 62 49.04 -9.06 28.27
C ASP I 62 48.17 -8.33 29.26
N VAL I 63 47.53 -9.07 30.15
CA VAL I 63 46.61 -8.50 31.14
C VAL I 63 47.09 -8.94 32.50
N ALA I 64 47.26 -7.99 33.42
CA ALA I 64 47.56 -8.32 34.81
C ALA I 64 46.53 -7.60 35.69
N LEU I 65 45.93 -8.33 36.62
CA LEU I 65 44.86 -7.80 37.43
C LEU I 65 45.24 -7.79 38.91
N PHE I 66 44.84 -6.72 39.61
CA PHE I 66 45.19 -6.54 41.02
C PHE I 66 43.98 -6.13 41.82
N SER I 67 44.11 -6.04 43.14
CA SER I 67 42.99 -5.73 44.01
C SER I 67 43.49 -5.77 45.44
N LYS I 68 43.33 -4.65 46.16
CA LYS I 68 43.95 -4.46 47.48
C LYS I 68 45.48 -4.49 47.32
N GLY I 69 45.92 -4.05 46.13
CA GLY I 69 47.30 -4.19 45.67
C GLY I 69 47.89 -5.59 45.86
N LEU I 70 47.11 -6.62 45.54
CA LEU I 70 47.58 -8.02 45.53
C LEU I 70 47.21 -8.63 44.17
N SER I 71 48.06 -9.50 43.62
CA SER I 71 47.91 -9.98 42.24
C SER I 71 46.99 -11.19 42.03
N ILE I 72 45.80 -10.97 41.49
CA ILE I 72 44.79 -12.05 41.31
C ILE I 72 44.71 -12.77 39.94
N LEU I 73 45.31 -12.26 38.88
CA LEU I 73 45.39 -13.05 37.62
C LEU I 73 46.29 -12.42 36.55
N ASN I 74 47.04 -13.25 35.84
CA ASN I 74 47.86 -12.83 34.70
C ASN I 74 47.57 -13.73 33.51
N PHE I 75 47.29 -13.16 32.34
CA PHE I 75 47.25 -13.97 31.13
C PHE I 75 47.72 -13.21 29.91
N SER I 76 48.00 -13.95 28.84
CA SER I 76 48.38 -13.38 27.55
C SER I 76 47.48 -13.99 26.47
N TYR I 77 47.05 -13.18 25.52
CA TYR I 77 46.19 -13.63 24.42
C TYR I 77 46.68 -12.96 23.15
N PRO I 78 46.79 -13.71 22.03
CA PRO I 78 47.22 -13.09 20.79
C PRO I 78 46.04 -12.46 20.10
N VAL I 79 46.21 -11.24 19.63
CA VAL I 79 45.18 -10.51 18.87
C VAL I 79 45.41 -10.72 17.36
N CYS I 80 46.68 -10.69 16.94
CA CYS I 80 47.03 -10.97 15.55
C CYS I 80 48.24 -11.88 15.47
N GLU I 81 48.14 -12.90 14.63
CA GLU I 81 49.25 -13.81 14.40
C GLU I 81 49.42 -13.98 12.89
N VAL I 82 50.61 -14.33 12.43
CA VAL I 82 50.88 -14.41 10.98
C VAL I 82 49.97 -15.42 10.32
N ASP I 83 49.62 -16.48 11.02
CA ASP I 83 48.72 -17.52 10.47
C ASP I 83 47.25 -17.36 10.94
N LEU I 84 46.94 -16.26 11.62
CA LEU I 84 45.57 -15.98 12.06
C LEU I 84 45.34 -14.51 12.48
N PRO I 85 45.02 -13.65 11.51
CA PRO I 85 44.57 -12.29 11.83
C PRO I 85 43.12 -12.31 12.26
N LYS I 86 42.86 -12.07 13.53
CA LYS I 86 41.52 -12.19 14.07
C LYS I 86 40.69 -10.99 13.78
N PHE I 87 41.34 -9.88 13.49
CA PHE I 87 40.66 -8.61 13.32
C PHE I 87 41.06 -7.97 12.00
N SER I 88 40.18 -7.10 11.52
CA SER I 88 40.37 -6.49 10.22
C SER I 88 41.59 -5.62 10.25
N PHE I 89 41.90 -5.03 11.40
CA PHE I 89 43.09 -4.18 11.53
C PHE I 89 44.46 -4.88 11.64
N CYS I 90 44.49 -6.22 11.67
CA CYS I 90 45.75 -6.91 11.72
C CYS I 90 46.56 -6.70 10.45
N GLY I 91 47.88 -6.68 10.58
CA GLY I 91 48.73 -6.43 9.44
C GLY I 91 48.78 -4.97 8.99
N ARG I 92 48.34 -4.05 9.82
CA ARG I 92 48.53 -2.63 9.50
C ARG I 92 49.95 -2.25 9.80
N ARG I 93 50.41 -1.19 9.16
CA ARG I 93 51.79 -0.78 9.28
C ARG I 93 51.96 0.28 10.35
N LYS I 94 53.20 0.37 10.84
CA LYS I 94 53.62 1.47 11.69
C LYS I 94 53.38 2.75 10.97
N GLY I 95 52.73 3.70 11.65
CA GLY I 95 52.44 4.99 11.13
C GLY I 95 51.00 5.17 10.72
N GLU I 96 50.23 4.08 10.59
CA GLU I 96 48.81 4.19 10.27
C GLU I 96 47.95 4.56 11.48
N GLN I 97 47.05 5.53 11.28
CA GLN I 97 45.99 5.84 12.25
C GLN I 97 44.86 4.82 12.19
N ILE I 98 44.38 4.39 13.36
CA ILE I 98 43.28 3.43 13.46
C ILE I 98 42.09 4.01 14.19
N TYR I 99 40.90 3.69 13.70
CA TYR I 99 39.68 3.82 14.48
C TYR I 99 38.89 2.51 14.39
N TYR I 100 38.75 1.82 15.50
CA TYR I 100 38.01 0.57 15.53
C TYR I 100 36.79 0.76 16.40
N ALA I 101 35.62 0.40 15.85
CA ALA I 101 34.37 0.38 16.63
C ALA I 101 33.61 -0.90 16.30
N GLY I 102 33.82 -1.92 17.14
CA GLY I 102 33.28 -3.26 16.93
C GLY I 102 33.48 -4.17 18.14
N PRO I 103 33.21 -5.47 17.98
CA PRO I 103 33.31 -6.43 19.04
C PRO I 103 34.71 -6.94 19.27
N ILE I 104 35.01 -7.31 20.51
CA ILE I 104 36.19 -8.12 20.84
C ILE I 104 35.60 -9.45 21.24
N ASN I 105 36.36 -10.53 21.31
CA ASN I 105 35.69 -11.81 21.66
C ASN I 105 35.91 -12.12 23.12
N ASN I 106 35.28 -11.36 24.01
CA ASN I 106 35.30 -11.68 25.44
C ASN I 106 34.23 -12.71 25.75
N PRO I 107 34.31 -13.33 26.94
CA PRO I 107 33.19 -14.09 27.50
C PRO I 107 32.49 -13.33 28.67
N GLY I 108 31.58 -13.98 29.39
CA GLY I 108 30.89 -13.35 30.54
C GLY I 108 31.86 -12.89 31.63
N PHE I 109 31.34 -12.32 32.72
CA PHE I 109 32.19 -11.89 33.86
C PHE I 109 31.43 -11.06 34.91
N GLU I 110 30.64 -11.68 35.76
CA GLU I 110 30.04 -10.94 36.86
C GLU I 110 31.17 -10.22 37.59
N ILE I 111 31.25 -8.89 37.45
CA ILE I 111 32.24 -8.08 38.19
C ILE I 111 31.87 -8.02 39.68
N PRO I 112 32.74 -8.54 40.55
CA PRO I 112 32.39 -8.51 41.98
C PRO I 112 32.56 -7.12 42.62
N GLU I 113 31.81 -6.85 43.69
CA GLU I 113 31.81 -5.54 44.39
C GLU I 113 33.23 -5.08 44.73
N GLY I 114 33.43 -3.77 44.80
CA GLY I 114 34.73 -3.22 45.19
C GLY I 114 35.57 -2.76 44.03
N ASP I 115 36.90 -2.73 44.20
CA ASP I 115 37.81 -1.90 43.38
C ASP I 115 39.04 -2.63 42.82
N TYR I 116 39.38 -2.31 41.57
CA TYR I 116 40.30 -3.15 40.78
C TYR I 116 41.29 -2.38 39.90
N GLN I 117 42.56 -2.76 39.96
CA GLN I 117 43.61 -2.09 39.21
C GLN I 117 44.07 -3.05 38.09
N VAL I 118 43.84 -2.68 36.83
CA VAL I 118 44.17 -3.57 35.69
C VAL I 118 45.24 -2.96 34.79
N LEU I 119 46.25 -3.75 34.44
CA LEU I 119 47.32 -3.29 33.58
C LEU I 119 47.33 -4.06 32.26
N LEU I 120 47.03 -3.36 31.17
CA LEU I 120 46.88 -3.96 29.84
C LEU I 120 48.03 -3.50 28.94
N GLU I 121 48.65 -4.44 28.22
CA GLU I 121 49.81 -4.10 27.39
C GLU I 121 49.78 -4.78 26.04
N LEU I 122 49.63 -4.01 24.98
CA LEU I 122 49.67 -4.53 23.61
C LEU I 122 51.10 -4.42 23.08
N TYR I 123 51.62 -5.51 22.53
CA TYR I 123 52.96 -5.52 22.00
C TYR I 123 53.10 -6.46 20.83
N ASN I 124 54.12 -6.24 20.00
CA ASN I 124 54.36 -7.12 18.82
C ASN I 124 55.47 -8.15 19.09
N GLN I 125 55.88 -8.84 18.03
CA GLN I 125 56.78 -9.98 18.19
C GLN I 125 58.16 -9.63 18.71
N ASP I 126 58.55 -8.38 18.56
CA ASP I 126 59.83 -7.93 19.12
C ASP I 126 59.61 -7.22 20.43
N HIS I 127 58.51 -7.52 21.10
CA HIS I 127 58.21 -6.91 22.39
C HIS I 127 58.18 -5.38 22.35
N ALA I 128 57.97 -4.79 21.18
CA ALA I 128 57.81 -3.34 21.05
C ALA I 128 56.42 -2.90 21.53
N THR I 129 56.33 -1.84 22.32
CA THR I 129 55.04 -1.38 22.79
C THR I 129 54.21 -0.85 21.64
N VAL I 130 52.97 -1.31 21.54
CA VAL I 130 52.00 -0.74 20.65
C VAL I 130 51.07 0.13 21.47
N ALA I 131 50.70 -0.34 22.67
CA ALA I 131 49.78 0.39 23.57
C ALA I 131 49.87 -0.09 25.00
N CYS I 132 49.61 0.79 25.96
CA CYS I 132 49.74 0.45 27.39
C CYS I 132 48.68 1.19 28.21
N ALA I 133 47.84 0.47 28.96
CA ALA I 133 46.82 1.14 29.81
C ALA I 133 46.95 0.77 31.26
N ASN I 134 47.02 1.77 32.15
CA ASN I 134 46.93 1.52 33.59
C ASN I 134 45.47 1.85 33.90
N ALA I 135 44.65 0.82 34.11
CA ALA I 135 43.18 1.01 34.21
C ALA I 135 42.66 0.77 35.62
N THR I 136 41.66 1.54 36.02
CA THR I 136 41.03 1.35 37.32
C THR I 136 39.53 1.08 37.14
N VAL I 137 39.05 0.01 37.77
CA VAL I 137 37.63 -0.38 37.78
C VAL I 137 37.03 -0.11 39.18
N LEU I 138 35.97 0.70 39.22
CA LEU I 138 35.37 1.12 40.49
C LEU I 138 33.90 0.72 40.64
N TYR I 139 33.59 -0.18 41.58
CA TYR I 139 32.18 -0.45 42.03
C TYR I 139 32.05 -0.47 43.57
N ALA J 4 61.72 34.22 1.86
CA ALA J 4 60.59 34.09 0.89
C ALA J 4 60.42 32.66 0.44
N TRP J 5 59.25 32.33 -0.11
CA TRP J 5 58.97 30.95 -0.55
C TRP J 5 59.88 30.53 -1.70
N PRO J 6 60.15 29.24 -1.83
CA PRO J 6 61.05 28.77 -2.89
C PRO J 6 60.42 28.82 -4.26
N THR J 7 61.27 29.10 -5.27
CA THR J 7 60.85 29.10 -6.67
C THR J 7 60.78 27.70 -7.25
N HIS J 8 59.58 27.26 -7.63
CA HIS J 8 59.35 25.92 -8.18
C HIS J 8 59.29 25.96 -9.68
N THR J 9 59.49 24.81 -10.29
CA THR J 9 59.39 24.68 -11.74
C THR J 9 58.02 24.11 -12.12
N ALA J 10 57.14 24.93 -12.68
CA ALA J 10 55.85 24.46 -13.19
C ALA J 10 56.04 23.44 -14.30
N CYS J 11 57.10 23.63 -15.10
CA CYS J 11 57.49 22.68 -16.16
C CYS J 11 58.82 23.01 -16.89
N ARG J 12 59.30 22.06 -17.69
CA ARG J 12 60.50 22.26 -18.52
C ARG J 12 60.53 21.26 -19.68
N ASN J 13 60.22 21.72 -20.89
CA ASN J 13 60.30 20.87 -22.09
C ASN J 13 61.69 20.95 -22.70
N GLY J 14 61.93 21.97 -23.51
CA GLY J 14 63.25 22.13 -24.12
C GLY J 14 64.01 23.30 -23.54
N ASN J 15 64.24 24.31 -24.39
CA ASN J 15 64.66 25.63 -23.94
C ASN J 15 63.50 26.36 -23.20
N LEU J 16 62.26 25.92 -23.44
CA LEU J 16 61.10 26.47 -22.74
C LEU J 16 61.14 26.02 -21.27
N GLN J 17 60.75 26.91 -20.36
CA GLN J 17 60.41 26.52 -18.97
C GLN J 17 59.59 27.60 -18.25
N VAL J 18 58.71 27.17 -17.37
CA VAL J 18 57.86 28.08 -16.60
C VAL J 18 58.16 27.92 -15.10
N LEU J 19 58.66 28.98 -14.47
CA LEU J 19 58.90 29.00 -13.03
C LEU J 19 57.86 29.86 -12.30
N TYR J 20 57.61 29.53 -11.04
CA TYR J 20 56.69 30.36 -10.23
C TYR J 20 57.09 30.36 -8.76
N GLN J 21 56.69 31.39 -8.03
CA GLN J 21 56.82 31.37 -6.60
C GLN J 21 55.62 32.03 -5.95
N SER J 22 55.20 31.48 -4.81
CA SER J 22 54.03 31.93 -4.13
C SER J 22 54.23 33.30 -3.51
N CYS J 23 53.34 34.24 -3.82
CA CYS J 23 53.35 35.57 -3.17
C CYS J 23 52.23 35.69 -2.13
N ASP J 24 51.72 34.58 -1.62
CA ASP J 24 50.88 34.60 -0.44
C ASP J 24 51.86 34.37 0.68
N PRO J 25 52.04 35.37 1.56
CA PRO J 25 52.96 35.21 2.67
C PRO J 25 52.63 34.04 3.59
N LEU J 26 51.36 33.69 3.73
CA LEU J 26 50.95 32.66 4.68
C LEU J 26 51.33 31.23 4.27
N GLN J 27 51.51 30.94 2.98
CA GLN J 27 51.75 29.57 2.54
C GLN J 27 52.23 29.43 1.10
N ASP J 28 52.82 28.27 0.81
CA ASP J 28 53.21 27.87 -0.54
C ASP J 28 52.04 27.15 -1.15
N PHE J 29 52.20 26.76 -2.42
CA PHE J 29 51.32 25.77 -3.05
C PHE J 29 51.98 25.11 -4.20
N GLY J 30 51.43 23.99 -4.60
CA GLY J 30 52.01 23.12 -5.64
C GLY J 30 51.24 23.21 -6.93
N PHE J 31 51.97 23.48 -8.01
CA PHE J 31 51.39 23.64 -9.34
C PHE J 31 52.31 23.10 -10.42
N SER J 32 51.69 22.55 -11.46
CA SER J 32 52.42 21.99 -12.58
C SER J 32 51.50 21.98 -13.78
N VAL J 33 52.09 22.15 -14.96
CA VAL J 33 51.37 22.03 -16.22
C VAL J 33 51.91 20.79 -16.92
N ASP J 34 51.07 20.11 -17.70
CA ASP J 34 51.42 18.77 -18.19
C ASP J 34 52.21 18.78 -19.47
N GLN J 35 51.69 19.48 -20.48
CA GLN J 35 52.45 19.76 -21.74
C GLN J 35 52.98 21.21 -21.74
N CYS J 36 54.31 21.35 -21.88
CA CYS J 36 54.93 22.68 -22.05
C CYS J 36 55.39 22.96 -23.47
N ALA J 37 54.61 23.78 -24.15
CA ALA J 37 54.85 24.08 -25.54
C ALA J 37 54.60 25.56 -25.82
N ARG J 38 55.31 26.07 -26.82
CA ARG J 38 55.08 27.42 -27.32
C ARG J 38 53.60 27.53 -27.69
N GLN J 39 53.15 26.60 -28.53
CA GLN J 39 51.75 26.53 -28.94
C GLN J 39 50.93 25.88 -27.85
N LEU J 40 50.29 26.69 -27.01
CA LEU J 40 49.41 26.18 -25.96
C LEU J 40 48.07 25.72 -26.54
N LYS J 41 47.81 24.41 -26.51
CA LYS J 41 46.53 23.88 -26.97
C LYS J 41 45.40 24.47 -26.11
N PRO J 42 44.16 24.41 -26.62
CA PRO J 42 43.05 24.84 -25.81
C PRO J 42 42.73 23.76 -24.78
N ASN J 43 41.98 24.13 -23.75
CA ASN J 43 41.57 23.22 -22.70
C ASN J 43 42.72 22.34 -22.20
N ILE J 44 43.83 23.00 -21.85
CA ILE J 44 45.02 22.37 -21.26
C ILE J 44 44.75 21.77 -19.86
N ASN J 45 45.53 20.77 -19.48
CA ASN J 45 45.43 20.13 -18.15
C ASN J 45 46.48 20.61 -17.15
N ILE J 46 46.02 20.89 -15.92
CA ILE J 46 46.92 21.30 -14.83
C ILE J 46 46.88 20.37 -13.62
N ARG J 47 47.77 20.62 -12.66
CA ARG J 47 47.79 19.92 -11.37
C ARG J 47 48.07 20.94 -10.28
N PHE J 48 47.33 20.81 -9.18
CA PHE J 48 47.27 21.83 -8.16
C PHE J 48 47.10 21.26 -6.79
N GLY J 49 47.88 21.74 -5.84
CA GLY J 49 47.82 21.21 -4.47
C GLY J 49 47.97 22.30 -3.46
N MET J 50 46.97 22.47 -2.57
CA MET J 50 46.92 23.63 -1.69
C MET J 50 45.97 23.35 -0.55
N VAL J 51 46.13 24.07 0.57
CA VAL J 51 45.10 24.09 1.63
C VAL J 51 44.38 25.43 1.62
N LEU J 52 43.05 25.40 1.56
CA LEU J 52 42.27 26.63 1.46
C LEU J 52 42.24 27.38 2.78
N ARG J 53 42.41 28.68 2.72
CA ARG J 53 42.29 29.54 3.88
C ARG J 53 41.09 30.47 3.79
N GLU J 54 40.24 30.26 2.77
CA GLU J 54 39.04 31.07 2.56
C GLU J 54 38.01 30.20 1.87
N ASP J 55 36.71 30.49 2.04
CA ASP J 55 35.65 29.76 1.32
C ASP J 55 35.67 30.20 -0.11
N ILE J 56 35.43 29.28 -1.03
CA ILE J 56 35.51 29.58 -2.46
C ILE J 56 34.23 29.29 -3.22
N GLU J 57 33.10 29.47 -2.59
CA GLU J 57 31.84 29.46 -3.35
C GLU J 57 31.91 30.53 -4.43
N GLN J 58 32.55 31.64 -4.15
CA GLN J 58 32.82 32.65 -5.14
C GLN J 58 34.32 32.75 -5.22
N LEU J 59 34.87 32.67 -6.45
CA LEU J 59 36.32 32.65 -6.65
C LEU J 59 36.65 33.29 -7.98
N PHE J 60 37.61 34.21 -7.98
CA PHE J 60 37.93 34.98 -9.18
C PHE J 60 39.43 34.93 -9.45
N LEU J 61 39.82 35.00 -10.73
CA LEU J 61 41.22 35.03 -11.12
C LEU J 61 41.57 36.37 -11.77
N ASP J 62 42.66 36.99 -11.32
CA ASP J 62 43.17 38.18 -11.94
C ASP J 62 44.49 37.80 -12.53
N VAL J 63 44.74 38.18 -13.77
CA VAL J 63 46.04 37.90 -14.44
C VAL J 63 46.62 39.21 -14.97
N ALA J 64 47.86 39.52 -14.61
CA ALA J 64 48.56 40.69 -15.18
C ALA J 64 49.83 40.19 -15.81
N LEU J 65 50.11 40.62 -17.03
CA LEU J 65 51.26 40.14 -17.78
C LEU J 65 52.27 41.26 -18.01
N PHE J 66 53.53 40.96 -17.73
CA PHE J 66 54.62 41.97 -17.79
C PHE J 66 55.80 41.62 -18.71
N SER J 67 56.43 42.66 -19.26
CA SER J 67 57.67 42.52 -20.06
C SER J 67 58.63 43.65 -19.77
N LYS J 68 59.84 43.29 -19.36
CA LYS J 68 60.88 44.27 -19.00
C LYS J 68 60.32 45.29 -17.99
N GLY J 69 59.61 44.76 -16.99
CA GLY J 69 59.11 45.56 -15.87
C GLY J 69 57.91 46.42 -16.19
N LEU J 70 57.77 46.87 -17.45
CA LEU J 70 56.55 47.54 -17.90
C LEU J 70 55.48 46.46 -18.11
N SER J 71 54.22 46.89 -18.19
CA SER J 71 53.05 46.01 -18.27
C SER J 71 52.49 45.88 -19.71
N ILE J 72 51.43 45.08 -19.89
CA ILE J 72 51.02 44.64 -21.23
C ILE J 72 49.52 44.32 -21.36
N LEU J 73 49.06 43.32 -20.61
CA LEU J 73 47.65 42.90 -20.64
C LEU J 73 47.18 42.61 -19.21
N ASN J 74 45.95 43.00 -18.90
CA ASN J 74 45.29 42.70 -17.60
C ASN J 74 43.91 42.13 -17.86
N PHE J 75 43.55 41.02 -17.24
CA PHE J 75 42.15 40.61 -17.25
C PHE J 75 41.76 39.88 -15.97
N SER J 76 40.45 39.75 -15.78
CA SER J 76 39.86 39.04 -14.65
C SER J 76 38.82 38.05 -15.16
N TYR J 77 38.79 36.86 -14.60
CA TYR J 77 37.86 35.83 -15.02
C TYR J 77 37.33 35.16 -13.78
N PRO J 78 36.05 34.82 -13.75
CA PRO J 78 35.53 34.15 -12.59
C PRO J 78 35.67 32.65 -12.74
N VAL J 79 36.12 31.99 -11.67
CA VAL J 79 36.29 30.54 -11.63
C VAL J 79 35.07 29.88 -10.99
N CYS J 80 34.57 30.49 -9.91
CA CYS J 80 33.35 30.03 -9.24
C CYS J 80 32.47 31.21 -8.91
N GLU J 81 31.18 31.10 -9.25
CA GLU J 81 30.18 32.10 -8.96
C GLU J 81 28.97 31.42 -8.34
N VAL J 82 28.20 32.14 -7.50
CA VAL J 82 27.08 31.51 -6.80
C VAL J 82 26.08 30.87 -7.76
N ASP J 83 25.90 31.47 -8.93
CA ASP J 83 24.97 30.97 -9.93
C ASP J 83 25.67 30.20 -11.04
N LEU J 84 26.96 29.86 -10.86
CA LEU J 84 27.69 29.05 -11.82
C LEU J 84 29.06 28.55 -11.27
N PRO J 85 29.03 27.45 -10.51
CA PRO J 85 30.28 26.74 -10.22
C PRO J 85 30.79 25.99 -11.44
N LYS J 86 31.89 26.44 -12.01
CA LYS J 86 32.42 25.87 -13.24
C LYS J 86 33.17 24.56 -12.95
N PHE J 87 33.71 24.45 -11.75
CA PHE J 87 34.59 23.36 -11.37
C PHE J 87 34.03 22.57 -10.20
N SER J 88 34.46 21.31 -10.08
CA SER J 88 33.93 20.46 -9.05
C SER J 88 34.32 20.99 -7.69
N PHE J 89 35.46 21.66 -7.58
CA PHE J 89 35.94 22.19 -6.28
C PHE J 89 35.28 23.48 -5.83
N CYS J 90 34.35 24.03 -6.60
CA CYS J 90 33.70 25.25 -6.18
C CYS J 90 32.87 24.99 -4.93
N GLY J 91 32.70 26.02 -4.11
CA GLY J 91 31.92 25.85 -2.87
C GLY J 91 32.59 25.01 -1.80
N ARG J 92 33.89 24.79 -1.89
CA ARG J 92 34.62 24.16 -0.78
C ARG J 92 34.87 25.17 0.30
N ARG J 93 35.07 24.67 1.50
CA ARG J 93 35.19 25.51 2.67
C ARG J 93 36.63 25.88 2.99
N LYS J 94 36.79 26.98 3.70
CA LYS J 94 38.05 27.31 4.29
C LYS J 94 38.52 26.19 5.18
N GLY J 95 39.77 25.76 4.97
CA GLY J 95 40.38 24.70 5.75
C GLY J 95 40.51 23.40 5.02
N GLU J 96 39.79 23.23 3.92
CA GLU J 96 39.88 22.01 3.15
C GLU J 96 41.14 22.00 2.27
N GLN J 97 41.82 20.85 2.26
CA GLN J 97 42.92 20.56 1.32
C GLN J 97 42.38 20.15 -0.03
N ILE J 98 42.99 20.63 -1.09
CA ILE J 98 42.56 20.32 -2.44
C ILE J 98 43.69 19.69 -3.22
N TYR J 99 43.35 18.70 -4.03
CA TYR J 99 44.21 18.28 -5.14
C TYR J 99 43.35 18.21 -6.39
N TYR J 100 43.67 19.04 -7.38
CA TYR J 100 42.96 19.05 -8.64
C TYR J 100 43.92 18.66 -9.72
N ALA J 101 43.53 17.67 -10.51
CA ALA J 101 44.27 17.26 -11.72
C ALA J 101 43.24 17.11 -12.83
N GLY J 102 43.16 18.13 -13.68
CA GLY J 102 42.17 18.18 -14.76
C GLY J 102 42.33 19.41 -15.64
N PRO J 103 41.35 19.64 -16.53
CA PRO J 103 41.41 20.73 -17.48
C PRO J 103 40.95 22.06 -16.92
N ILE J 104 41.51 23.14 -17.44
CA ILE J 104 40.95 24.48 -17.24
C ILE J 104 40.37 24.80 -18.63
N ASN J 105 39.42 25.71 -18.82
CA ASN J 105 38.93 25.91 -20.22
C ASN J 105 39.54 27.13 -20.91
N ASN J 106 40.86 27.13 -21.06
CA ASN J 106 41.53 28.22 -21.77
C ASN J 106 41.36 28.11 -23.29
N PRO J 107 41.09 29.25 -23.96
CA PRO J 107 41.24 29.21 -25.41
C PRO J 107 42.70 29.04 -25.70
N GLY J 108 43.01 28.50 -26.88
CA GLY J 108 44.38 28.47 -27.32
C GLY J 108 44.89 29.89 -27.45
N PHE J 109 46.20 30.04 -27.29
CA PHE J 109 46.88 31.31 -27.52
C PHE J 109 48.34 30.94 -27.68
N GLU J 110 49.08 31.71 -28.47
CA GLU J 110 50.54 31.57 -28.46
C GLU J 110 51.06 32.39 -27.28
N ILE J 111 52.37 32.36 -27.09
CA ILE J 111 53.08 33.34 -26.26
C ILE J 111 54.27 33.84 -27.09
N PRO J 112 54.25 35.13 -27.47
CA PRO J 112 55.41 35.62 -28.22
C PRO J 112 56.70 35.35 -27.44
N GLU J 113 57.77 35.07 -28.15
CA GLU J 113 59.05 34.79 -27.52
C GLU J 113 59.57 36.01 -26.76
N GLY J 114 60.27 35.77 -25.66
CA GLY J 114 60.69 36.82 -24.76
C GLY J 114 60.48 36.40 -23.32
N ASP J 115 61.32 36.90 -22.43
CA ASP J 115 61.20 36.65 -21.01
C ASP J 115 60.14 37.59 -20.45
N TYR J 116 59.18 37.01 -19.73
CA TYR J 116 58.03 37.72 -19.20
C TYR J 116 57.79 37.31 -17.76
N GLN J 117 57.16 38.19 -16.99
CA GLN J 117 56.72 37.83 -15.65
C GLN J 117 55.20 37.97 -15.65
N VAL J 118 54.51 36.93 -15.21
CA VAL J 118 53.06 36.93 -15.11
C VAL J 118 52.71 36.92 -13.64
N LEU J 119 51.74 37.73 -13.24
CA LEU J 119 51.27 37.74 -11.85
C LEU J 119 49.82 37.28 -11.80
N LEU J 120 49.58 36.14 -11.16
CA LEU J 120 48.24 35.50 -11.06
C LEU J 120 47.70 35.61 -9.63
N GLU J 121 46.43 35.96 -9.45
CA GLU J 121 45.87 36.14 -8.10
C GLU J 121 44.45 35.55 -8.04
N LEU J 122 44.27 34.56 -7.19
CA LEU J 122 42.96 34.01 -6.92
C LEU J 122 42.42 34.63 -5.65
N TYR J 123 41.20 35.14 -5.71
CA TYR J 123 40.55 35.76 -4.58
C TYR J 123 39.02 35.55 -4.57
N ASN J 124 38.41 35.72 -3.39
CA ASN J 124 36.95 35.54 -3.28
C ASN J 124 36.22 36.86 -3.26
N GLN J 125 34.93 36.83 -2.98
CA GLN J 125 34.11 38.05 -3.07
C GLN J 125 34.54 39.15 -2.14
N ASP J 126 35.19 38.81 -1.02
CA ASP J 126 35.64 39.83 -0.08
C ASP J 126 37.07 40.24 -0.35
N HIS J 127 37.54 39.98 -1.55
CA HIS J 127 38.93 40.24 -1.94
C HIS J 127 39.97 39.57 -1.04
N ALA J 128 39.62 38.48 -0.35
CA ALA J 128 40.58 37.71 0.46
C ALA J 128 41.45 36.85 -0.44
N THR J 129 42.74 36.82 -0.16
CA THR J 129 43.62 36.00 -0.98
C THR J 129 43.38 34.51 -0.77
N VAL J 130 43.17 33.79 -1.85
CA VAL J 130 43.13 32.34 -1.84
C VAL J 130 44.45 31.83 -2.33
N ALA J 131 45.02 32.46 -3.35
CA ALA J 131 46.35 32.06 -3.86
C ALA J 131 46.99 33.16 -4.73
N CYS J 132 48.31 33.21 -4.74
CA CYS J 132 49.05 34.27 -5.43
C CYS J 132 50.35 33.69 -6.03
N ALA J 133 50.53 33.80 -7.35
CA ALA J 133 51.77 33.32 -7.99
C ALA J 133 52.47 34.44 -8.74
N ASN J 134 53.77 34.64 -8.48
CA ASN J 134 54.64 35.50 -9.28
C ASN J 134 55.35 34.51 -10.22
N ALA J 135 54.93 34.48 -11.48
CA ALA J 135 55.41 33.46 -12.41
C ALA J 135 56.34 34.03 -13.48
N THR J 136 57.33 33.25 -13.88
CA THR J 136 58.23 33.65 -14.97
C THR J 136 58.25 32.64 -16.09
N VAL J 137 57.96 33.11 -17.31
CA VAL J 137 57.96 32.27 -18.52
C VAL J 137 59.23 32.53 -19.32
N LEU J 138 59.99 31.49 -19.60
CA LEU J 138 61.28 31.68 -20.25
C LEU J 138 61.45 31.02 -21.61
N TYR J 139 61.62 31.89 -22.61
CA TYR J 139 61.93 31.52 -24.00
C TYR J 139 63.43 31.75 -24.34
N GLY K 2 -35.16 68.20 9.13
CA GLY K 2 -34.80 67.06 10.00
C GLY K 2 -35.62 67.09 11.27
N GLU K 3 -35.63 65.97 11.99
CA GLU K 3 -36.26 65.85 13.31
C GLU K 3 -35.26 65.08 14.14
N ALA K 4 -34.76 65.69 15.22
CA ALA K 4 -33.78 65.07 16.13
C ALA K 4 -34.14 63.63 16.49
N TRP K 5 -33.18 62.87 17.00
CA TRP K 5 -33.41 61.46 17.28
C TRP K 5 -34.46 61.30 18.37
N PRO K 6 -35.18 60.17 18.36
CA PRO K 6 -36.21 59.94 19.34
C PRO K 6 -35.65 59.60 20.70
N THR K 7 -36.38 60.06 21.74
CA THR K 7 -36.06 59.78 23.16
C THR K 7 -36.49 58.37 23.54
N HIS K 8 -35.54 57.53 23.90
CA HIS K 8 -35.85 56.16 24.29
C HIS K 8 -35.85 56.01 25.79
N THR K 9 -36.51 54.96 26.28
CA THR K 9 -36.51 54.65 27.71
C THR K 9 -35.44 53.60 28.02
N ALA K 10 -34.35 54.00 28.67
CA ALA K 10 -33.33 53.03 29.10
C ALA K 10 -33.93 52.05 30.10
N CYS K 11 -34.87 52.53 30.93
CA CYS K 11 -35.63 51.70 31.90
C CYS K 11 -36.79 52.41 32.64
N ARG K 12 -37.61 51.64 33.35
CA ARG K 12 -38.69 52.19 34.20
C ARG K 12 -39.15 51.19 35.25
N ASN K 13 -38.69 51.35 36.48
CA ASN K 13 -39.10 50.46 37.57
C ASN K 13 -40.39 50.97 38.18
N GLY K 14 -40.31 51.95 39.07
CA GLY K 14 -41.50 52.46 39.72
C GLY K 14 -41.78 53.88 39.31
N ASN K 15 -41.64 54.80 40.28
CA ASN K 15 -41.53 56.22 40.00
C ASN K 15 -40.16 56.55 39.35
N LEU K 16 -39.17 55.67 39.53
CA LEU K 16 -37.88 55.83 38.85
C LEU K 16 -37.97 55.55 37.32
N GLN K 17 -37.28 56.37 36.52
CA GLN K 17 -37.05 56.06 35.11
C GLN K 17 -35.87 56.85 34.51
N VAL K 18 -35.16 56.21 33.58
CA VAL K 18 -34.02 56.81 32.90
C VAL K 18 -34.29 56.90 31.39
N LEU K 19 -34.34 58.14 30.89
CA LEU K 19 -34.50 58.39 29.46
C LEU K 19 -33.19 58.88 28.81
N TYR K 20 -33.02 58.60 27.54
CA TYR K 20 -31.87 59.13 26.82
C TYR K 20 -32.20 59.39 25.35
N GLN K 21 -31.43 60.27 24.73
CA GLN K 21 -31.52 60.45 23.31
C GLN K 21 -30.15 60.71 22.77
N SER K 22 -29.89 60.18 21.57
CA SER K 22 -28.58 60.22 20.95
C SER K 22 -28.27 61.64 20.49
N CYS K 23 -27.11 62.15 20.89
CA CYS K 23 -26.63 63.44 20.40
C CYS K 23 -25.50 63.27 19.38
N ASP K 24 -25.39 62.10 18.75
CA ASP K 24 -24.57 61.94 17.56
C ASP K 24 -25.50 62.21 16.40
N PRO K 25 -25.22 63.27 15.63
CA PRO K 25 -26.12 63.57 14.52
C PRO K 25 -26.18 62.48 13.48
N LEU K 26 -25.12 61.70 13.34
CA LEU K 26 -25.09 60.68 12.28
C LEU K 26 -26.00 59.47 12.50
N GLN K 27 -26.33 59.15 13.75
CA GLN K 27 -27.05 57.90 14.05
C GLN K 27 -27.56 57.74 15.48
N ASP K 28 -28.57 56.90 15.62
CA ASP K 28 -29.13 56.51 16.91
C ASP K 28 -28.33 55.34 17.47
N PHE K 29 -28.67 54.92 18.68
CA PHE K 29 -28.18 53.66 19.22
C PHE K 29 -29.11 53.14 20.29
N GLY K 30 -28.99 51.84 20.55
CA GLY K 30 -29.87 51.15 21.48
C GLY K 30 -29.17 50.86 22.79
N PHE K 31 -29.79 51.31 23.88
CA PHE K 31 -29.25 51.12 25.22
C PHE K 31 -30.36 50.80 26.22
N SER K 32 -30.02 49.94 27.18
CA SER K 32 -30.94 49.58 28.24
C SER K 32 -30.18 49.07 29.44
N VAL K 33 -30.70 49.35 30.65
CA VAL K 33 -30.14 48.87 31.89
C VAL K 33 -31.12 47.85 32.46
N ASP K 34 -30.61 46.84 33.16
CA ASP K 34 -31.43 45.69 33.49
C ASP K 34 -32.21 45.88 34.79
N GLN K 35 -31.50 46.27 35.87
CA GLN K 35 -32.15 46.64 37.13
C GLN K 35 -32.14 48.17 37.31
N CYS K 36 -33.32 48.77 37.42
CA CYS K 36 -33.43 50.19 37.74
C CYS K 36 -33.86 50.45 39.17
N ALA K 37 -32.88 50.88 39.97
CA ALA K 37 -33.07 51.12 41.39
C ALA K 37 -32.32 52.36 41.84
N ARG K 38 -32.85 52.98 42.91
CA ARG K 38 -32.19 54.11 43.55
C ARG K 38 -30.79 53.65 43.95
N GLN K 39 -30.72 52.52 44.66
CA GLN K 39 -29.45 51.92 45.03
C GLN K 39 -28.88 51.12 43.85
N LEU K 40 -27.95 51.72 43.10
CA LEU K 40 -27.26 51.03 42.03
C LEU K 40 -26.21 50.07 42.60
N LYS K 41 -26.41 48.78 42.36
CA LYS K 41 -25.40 47.80 42.78
C LYS K 41 -24.09 48.01 42.01
N PRO K 42 -23.00 47.46 42.53
CA PRO K 42 -21.76 47.57 41.75
C PRO K 42 -21.78 46.57 40.59
N ASN K 43 -20.92 46.78 39.61
CA ASN K 43 -20.81 45.87 38.48
C ASN K 43 -22.20 45.53 37.87
N ILE K 44 -22.97 46.57 37.60
CA ILE K 44 -24.29 46.44 36.96
C ILE K 44 -24.22 45.98 35.50
N ASN K 45 -25.28 45.31 35.03
CA ASN K 45 -25.36 44.81 33.64
C ASN K 45 -26.12 45.74 32.68
N ILE K 46 -25.54 45.95 31.49
CA ILE K 46 -26.19 46.77 30.45
C ILE K 46 -26.44 46.00 29.15
N ARG K 47 -27.12 46.66 28.20
CA ARG K 47 -27.30 46.14 26.85
C ARG K 47 -27.19 47.27 25.87
N PHE K 48 -26.53 47.00 24.76
CA PHE K 48 -26.04 48.06 23.87
C PHE K 48 -25.97 47.60 22.43
N GLY K 49 -26.50 48.43 21.54
CA GLY K 49 -26.59 48.06 20.13
C GLY K 49 -26.28 49.24 19.23
N MET K 50 -25.29 49.09 18.37
CA MET K 50 -24.80 50.22 17.61
C MET K 50 -23.96 49.72 16.46
N VAL K 51 -23.80 50.56 15.42
CA VAL K 51 -22.79 50.35 14.39
C VAL K 51 -21.66 51.35 14.56
N LEU K 52 -20.43 50.85 14.60
CA LEU K 52 -19.24 51.68 14.82
C LEU K 52 -18.89 52.48 13.58
N ARG K 53 -18.54 53.75 13.79
CA ARG K 53 -18.11 54.63 12.72
C ARG K 53 -16.66 55.05 12.92
N GLU K 54 -15.99 54.45 13.91
CA GLU K 54 -14.60 54.75 14.19
C GLU K 54 -13.97 53.51 14.80
N ASP K 55 -12.67 53.33 14.65
CA ASP K 55 -11.99 52.22 15.31
C ASP K 55 -11.93 52.49 16.83
N ILE K 56 -12.10 51.43 17.63
CA ILE K 56 -12.12 51.58 19.08
C ILE K 56 -11.05 50.76 19.83
N GLU K 57 -9.89 50.58 19.19
CA GLU K 57 -8.73 50.09 19.94
C GLU K 57 -8.47 50.99 21.14
N GLN K 58 -8.62 52.29 20.95
CA GLN K 58 -8.59 53.24 22.04
C GLN K 58 -9.95 53.90 22.15
N LEU K 59 -10.54 53.89 23.35
CA LEU K 59 -11.90 54.39 23.56
C LEU K 59 -11.99 54.98 24.95
N PHE K 60 -12.59 56.17 25.04
CA PHE K 60 -12.68 56.87 26.31
C PHE K 60 -14.09 57.38 26.58
N LEU K 61 -14.49 57.42 27.86
CA LEU K 61 -15.81 57.88 28.26
C LEU K 61 -15.71 59.18 29.01
N ASP K 62 -16.50 60.16 28.63
CA ASP K 62 -16.61 61.40 29.38
C ASP K 62 -18.02 61.49 29.93
N VAL K 63 -18.13 61.80 31.20
CA VAL K 63 -19.42 61.92 31.85
C VAL K 63 -19.49 63.29 32.47
N ALA K 64 -20.56 64.04 32.18
CA ALA K 64 -20.83 65.33 32.87
C ALA K 64 -22.25 65.27 33.43
N LEU K 65 -22.39 65.63 34.69
CA LEU K 65 -23.67 65.52 35.38
C LEU K 65 -24.22 66.88 35.84
N PHE K 66 -25.53 67.07 35.64
CA PHE K 66 -26.21 68.33 35.95
C PHE K 66 -27.47 68.12 36.76
N SER K 67 -27.87 69.16 37.50
CA SER K 67 -29.13 69.16 38.23
C SER K 67 -29.53 70.58 38.59
N LYS K 68 -30.79 70.91 38.34
CA LYS K 68 -31.30 72.28 38.44
C LYS K 68 -30.51 73.22 37.51
N GLY K 69 -29.96 72.68 36.42
CA GLY K 69 -28.95 73.37 35.58
C GLY K 69 -27.78 73.89 36.42
N LEU K 70 -26.76 73.05 36.59
CA LEU K 70 -25.59 73.36 37.43
C LEU K 70 -24.67 72.13 37.44
N SER K 71 -23.41 72.32 37.07
CA SER K 71 -22.45 71.21 37.07
C SER K 71 -22.33 70.69 38.50
N ILE K 72 -22.41 69.38 38.62
CA ILE K 72 -22.23 68.69 39.86
C ILE K 72 -20.94 67.87 39.81
N LEU K 73 -20.64 67.27 38.65
CA LEU K 73 -19.45 66.42 38.54
C LEU K 73 -19.06 66.17 37.07
N ASN K 74 -17.74 66.13 36.81
CA ASN K 74 -17.18 65.77 35.50
C ASN K 74 -16.08 64.76 35.70
N PHE K 75 -16.10 63.66 34.97
CA PHE K 75 -14.92 62.78 34.94
C PHE K 75 -14.75 62.09 33.59
N SER K 76 -13.56 61.52 33.39
CA SER K 76 -13.23 60.76 32.18
C SER K 76 -12.62 59.45 32.60
N TYR K 77 -13.00 58.36 31.93
CA TYR K 77 -12.55 57.01 32.24
C TYR K 77 -12.24 56.32 30.91
N PRO K 78 -11.13 55.61 30.82
CA PRO K 78 -10.85 54.89 29.60
C PRO K 78 -11.51 53.52 29.60
N VAL K 79 -12.16 53.18 28.48
CA VAL K 79 -12.83 51.91 28.29
C VAL K 79 -11.88 50.94 27.60
N CYS K 80 -11.18 51.40 26.57
CA CYS K 80 -10.17 50.58 25.88
C CYS K 80 -8.91 51.39 25.69
N GLU K 81 -7.77 50.80 26.03
CA GLU K 81 -6.47 51.42 25.82
C GLU K 81 -5.56 50.39 25.12
N VAL K 82 -4.55 50.86 24.39
CA VAL K 82 -3.69 49.96 23.61
C VAL K 82 -3.02 48.93 24.50
N ASP K 83 -2.68 49.32 25.72
CA ASP K 83 -2.04 48.42 26.67
C ASP K 83 -3.03 47.81 27.69
N LEU K 84 -4.33 48.03 27.50
CA LEU K 84 -5.35 47.43 28.36
C LEU K 84 -6.76 47.48 27.75
N PRO K 85 -7.11 46.49 26.91
CA PRO K 85 -8.50 46.31 26.51
C PRO K 85 -9.33 45.68 27.66
N LYS K 86 -10.23 46.46 28.23
CA LYS K 86 -10.99 46.02 29.39
C LYS K 86 -12.14 45.14 28.97
N PHE K 87 -12.58 45.29 27.72
CA PHE K 87 -13.79 44.64 27.26
C PHE K 87 -13.52 43.85 26.03
N SER K 88 -14.36 42.84 25.79
CA SER K 88 -14.14 41.95 24.65
C SER K 88 -14.24 42.69 23.33
N PHE K 89 -15.06 43.75 23.29
CA PHE K 89 -15.26 44.51 22.08
C PHE K 89 -14.13 45.50 21.76
N CYS K 90 -13.13 45.62 22.60
CA CYS K 90 -12.07 46.58 22.30
C CYS K 90 -11.32 46.17 21.07
N GLY K 91 -10.78 47.12 20.32
CA GLY K 91 -10.06 46.80 19.10
C GLY K 91 -10.92 46.38 17.93
N ARG K 92 -12.21 46.64 17.99
CA ARG K 92 -13.08 46.43 16.85
C ARG K 92 -12.91 47.57 15.89
N ARG K 93 -13.22 47.29 14.63
CA ARG K 93 -12.99 48.25 13.55
C ARG K 93 -14.20 49.14 13.29
N LYS K 94 -13.93 50.29 12.67
CA LYS K 94 -14.99 51.10 12.13
C LYS K 94 -15.79 50.29 11.12
N GLY K 95 -17.11 50.32 11.26
CA GLY K 95 -18.01 49.63 10.38
C GLY K 95 -18.62 48.37 10.96
N GLU K 96 -18.04 47.86 12.04
CA GLU K 96 -18.59 46.67 12.68
C GLU K 96 -19.81 47.02 13.54
N GLN K 97 -20.87 46.23 13.40
CA GLN K 97 -22.04 46.26 14.30
C GLN K 97 -21.74 45.54 15.62
N ILE K 98 -22.17 46.12 16.73
CA ILE K 98 -21.94 45.53 18.04
C ILE K 98 -23.25 45.29 18.76
N TYR K 99 -23.32 44.16 19.47
CA TYR K 99 -24.33 43.96 20.50
C TYR K 99 -23.63 43.47 21.74
N TYR K 100 -23.65 44.28 22.79
CA TYR K 100 -23.03 43.91 24.06
C TYR K 100 -24.11 43.75 25.11
N ALA K 101 -24.09 42.62 25.80
CA ALA K 101 -24.98 42.39 26.93
C ALA K 101 -24.17 41.76 28.05
N GLY K 102 -23.74 42.59 28.99
CA GLY K 102 -22.85 42.16 30.06
C GLY K 102 -22.62 43.27 31.09
N PRO K 103 -21.62 43.08 31.96
CA PRO K 103 -21.34 44.02 33.03
C PRO K 103 -20.41 45.14 32.64
N ILE K 104 -20.59 46.30 33.26
CA ILE K 104 -19.60 47.37 33.20
C ILE K 104 -19.01 47.37 34.60
N ASN K 105 -17.83 47.95 34.84
CA ASN K 105 -17.23 47.72 36.18
C ASN K 105 -17.35 48.92 37.11
N ASN K 106 -18.46 49.66 36.96
CA ASN K 106 -18.91 50.71 37.90
C ASN K 106 -18.92 50.30 39.37
N PRO K 107 -18.80 51.30 40.28
CA PRO K 107 -19.14 51.21 41.70
C PRO K 107 -20.55 51.74 42.02
N GLY K 108 -21.18 51.21 43.05
CA GLY K 108 -22.58 51.52 43.36
C GLY K 108 -22.81 52.86 44.05
N PHE K 109 -24.02 53.42 43.93
CA PHE K 109 -24.36 54.66 44.64
C PHE K 109 -25.86 54.85 44.87
N GLU K 110 -26.22 55.70 45.83
CA GLU K 110 -27.63 55.97 46.14
C GLU K 110 -28.09 57.31 45.53
N ILE K 111 -28.70 57.25 44.33
CA ILE K 111 -29.41 58.40 43.72
C ILE K 111 -30.30 59.16 44.70
N PRO K 112 -30.15 60.50 44.77
CA PRO K 112 -31.11 61.28 45.57
C PRO K 112 -32.31 61.77 44.73
N GLU K 113 -33.32 62.29 45.41
CA GLU K 113 -34.59 62.68 44.76
C GLU K 113 -34.40 63.81 43.74
N GLY K 114 -34.97 63.65 42.54
CA GLY K 114 -35.04 64.75 41.57
C GLY K 114 -34.88 64.41 40.09
N ASP K 115 -34.98 65.45 39.27
CA ASP K 115 -34.66 65.37 37.85
C ASP K 115 -33.15 65.64 37.67
N TYR K 116 -32.50 64.86 36.80
CA TYR K 116 -31.06 64.95 36.62
C TYR K 116 -30.70 64.82 35.15
N GLN K 117 -29.75 65.64 34.71
CA GLN K 117 -29.34 65.64 33.31
C GLN K 117 -27.89 65.12 33.20
N VAL K 118 -27.70 63.99 32.52
CA VAL K 118 -26.37 63.41 32.36
C VAL K 118 -25.98 63.41 30.91
N LEU K 119 -24.77 63.90 30.61
CA LEU K 119 -24.27 63.89 29.25
C LEU K 119 -23.08 62.94 29.17
N LEU K 120 -23.24 61.87 28.39
CA LEU K 120 -22.21 60.83 28.21
C LEU K 120 -21.63 60.88 26.79
N GLU K 121 -20.31 60.76 26.67
CA GLU K 121 -19.65 60.89 25.34
C GLU K 121 -18.50 59.88 25.15
N LEU K 122 -18.69 58.94 24.24
CA LEU K 122 -17.65 57.97 23.94
C LEU K 122 -16.85 58.48 22.75
N TYR K 123 -15.54 58.48 22.87
CA TYR K 123 -14.68 58.96 21.81
C TYR K 123 -13.35 58.21 21.80
N ASN K 124 -12.66 58.24 20.64
CA ASN K 124 -11.36 57.60 20.51
C ASN K 124 -10.19 58.59 20.61
N GLN K 125 -8.98 58.12 20.33
CA GLN K 125 -7.77 58.92 20.56
C GLN K 125 -7.68 60.20 19.74
N ASP K 126 -8.38 60.22 18.61
CA ASP K 126 -8.43 61.43 17.77
C ASP K 126 -9.67 62.24 18.07
N HIS K 127 -10.27 62.03 19.23
CA HIS K 127 -11.45 62.77 19.63
C HIS K 127 -12.58 62.60 18.61
N ALA K 128 -12.59 61.52 17.86
CA ALA K 128 -13.74 61.20 17.00
C ALA K 128 -14.91 60.67 17.85
N THR K 129 -16.12 61.13 17.58
CA THR K 129 -17.29 60.61 18.30
C THR K 129 -17.54 59.16 17.95
N VAL K 130 -17.68 58.32 18.96
CA VAL K 130 -18.18 56.97 18.79
C VAL K 130 -19.66 56.91 19.19
N ALA K 131 -20.00 57.62 20.25
CA ALA K 131 -21.39 57.66 20.73
C ALA K 131 -21.63 58.82 21.68
N CYS K 132 -22.85 59.32 21.71
CA CYS K 132 -23.20 60.49 22.51
C CYS K 132 -24.61 60.36 23.04
N ALA K 133 -24.79 60.42 24.36
CA ALA K 133 -26.14 60.35 24.95
C ALA K 133 -26.46 61.59 25.80
N ASN K 134 -27.59 62.22 25.54
CA ASN K 134 -28.13 63.25 26.43
C ASN K 134 -29.18 62.54 27.28
N ALA K 135 -28.84 62.22 28.52
CA ALA K 135 -29.67 61.33 29.33
C ALA K 135 -30.36 62.07 30.46
N THR K 136 -31.58 61.66 30.78
CA THR K 136 -32.32 62.25 31.89
C THR K 136 -32.72 61.19 32.90
N VAL K 137 -32.33 61.39 34.16
CA VAL K 137 -32.71 60.50 35.26
C VAL K 137 -33.81 61.15 36.11
N LEU K 138 -34.93 60.45 36.28
CA LEU K 138 -36.11 61.00 36.96
C LEU K 138 -36.50 60.19 38.20
N TYR K 139 -36.33 60.78 39.40
CA TYR K 139 -36.80 60.17 40.68
C TYR K 139 -37.62 61.14 41.54
N ALA L 4 -31.73 46.66 -18.38
CA ALA L 4 -31.68 45.19 -18.09
C ALA L 4 -30.46 44.82 -17.26
N TRP L 5 -30.47 43.66 -16.64
CA TRP L 5 -29.35 43.25 -15.77
C TRP L 5 -28.08 43.00 -16.59
N PRO L 6 -26.91 43.15 -15.96
CA PRO L 6 -25.65 42.98 -16.69
C PRO L 6 -25.34 41.53 -16.98
N THR L 7 -24.68 41.29 -18.12
CA THR L 7 -24.25 39.95 -18.51
C THR L 7 -22.96 39.56 -17.81
N HIS L 8 -23.01 38.52 -16.98
CA HIS L 8 -21.84 38.07 -16.24
C HIS L 8 -21.18 36.90 -16.92
N THR L 9 -19.92 36.66 -16.58
CA THR L 9 -19.17 35.51 -17.09
C THR L 9 -19.19 34.41 -16.04
N ALA L 10 -19.94 33.34 -16.30
CA ALA L 10 -19.95 32.15 -15.42
C ALA L 10 -18.57 31.46 -15.45
N CYS L 11 -17.87 31.55 -16.59
CA CYS L 11 -16.47 31.09 -16.67
C CYS L 11 -15.76 31.41 -18.00
N ARG L 12 -14.44 31.19 -18.05
CA ARG L 12 -13.64 31.31 -19.30
C ARG L 12 -12.34 30.52 -19.24
N ASN L 13 -12.28 29.37 -19.90
CA ASN L 13 -11.05 28.59 -19.94
C ASN L 13 -10.18 29.07 -21.09
N GLY L 14 -10.49 28.69 -22.32
CA GLY L 14 -9.59 29.05 -23.43
C GLY L 14 -10.32 29.88 -24.47
N ASN L 15 -10.70 29.22 -25.58
CA ASN L 15 -11.76 29.71 -26.49
C ASN L 15 -13.17 29.48 -25.88
N LEU L 16 -13.31 28.49 -24.99
CA LEU L 16 -14.58 28.19 -24.33
C LEU L 16 -14.94 29.33 -23.38
N GLN L 17 -16.22 29.70 -23.30
CA GLN L 17 -16.75 30.56 -22.21
C GLN L 17 -18.27 30.49 -22.07
N VAL L 18 -18.77 30.65 -20.85
CA VAL L 18 -20.21 30.61 -20.57
C VAL L 18 -20.68 31.92 -19.94
N LEU L 19 -21.54 32.64 -20.65
CA LEU L 19 -22.10 33.92 -20.15
C LEU L 19 -23.56 33.72 -19.77
N TYR L 20 -24.03 34.52 -18.83
CA TYR L 20 -25.46 34.49 -18.44
C TYR L 20 -25.92 35.86 -17.99
N GLN L 21 -27.23 36.07 -18.09
CA GLN L 21 -27.81 37.25 -17.50
C GLN L 21 -29.16 36.88 -16.93
N SER L 22 -29.49 37.51 -15.79
CA SER L 22 -30.70 37.22 -15.05
C SER L 22 -31.93 37.74 -15.76
N CYS L 23 -32.91 36.86 -15.99
CA CYS L 23 -34.20 37.27 -16.57
C CYS L 23 -35.31 37.32 -15.51
N ASP L 24 -34.92 37.42 -14.24
CA ASP L 24 -35.87 37.81 -13.18
C ASP L 24 -35.77 39.33 -13.10
N PRO L 25 -36.89 40.02 -13.39
CA PRO L 25 -36.85 41.50 -13.37
C PRO L 25 -36.61 42.10 -11.99
N LEU L 26 -36.94 41.37 -10.95
CA LEU L 26 -36.77 41.87 -9.60
C LEU L 26 -35.32 41.94 -9.08
N GLN L 27 -34.42 41.09 -9.61
CA GLN L 27 -33.05 40.98 -9.05
C GLN L 27 -32.07 40.16 -9.88
N ASP L 28 -30.78 40.44 -9.66
CA ASP L 28 -29.68 39.71 -10.30
C ASP L 28 -29.39 38.51 -9.40
N PHE L 29 -28.42 37.70 -9.84
CA PHE L 29 -27.80 36.73 -8.95
C PHE L 29 -26.42 36.34 -9.46
N GLY L 30 -25.63 35.75 -8.56
CA GLY L 30 -24.23 35.41 -8.80
C GLY L 30 -24.08 33.92 -8.98
N PHE L 31 -23.43 33.57 -10.08
CA PHE L 31 -23.21 32.18 -10.43
C PHE L 31 -21.88 32.01 -11.13
N SER L 32 -21.24 30.90 -10.83
CA SER L 32 -19.96 30.56 -11.45
C SER L 32 -19.77 29.05 -11.41
N VAL L 33 -19.10 28.53 -12.45
CA VAL L 33 -18.73 27.12 -12.53
C VAL L 33 -17.23 27.04 -12.36
N ASP L 34 -16.74 25.95 -11.79
CA ASP L 34 -15.33 25.91 -11.35
C ASP L 34 -14.39 25.45 -12.46
N GLN L 35 -14.70 24.29 -13.06
CA GLN L 35 -13.99 23.82 -14.27
C GLN L 35 -14.83 24.10 -15.55
N CYS L 36 -14.24 24.85 -16.50
CA CYS L 36 -14.87 25.01 -17.84
C CYS L 36 -14.24 24.21 -18.97
N ALA L 37 -14.90 23.10 -19.31
CA ALA L 37 -14.39 22.16 -20.27
C ALA L 37 -15.49 21.66 -21.20
N ARG L 38 -15.10 21.33 -22.43
CA ARG L 38 -15.98 20.74 -23.41
C ARG L 38 -16.54 19.47 -22.78
N GLN L 39 -15.64 18.63 -22.24
CA GLN L 39 -16.05 17.40 -21.55
C GLN L 39 -16.43 17.71 -20.10
N LEU L 40 -17.73 17.88 -19.86
CA LEU L 40 -18.24 18.14 -18.50
C LEU L 40 -18.23 16.85 -17.71
N LYS L 41 -17.38 16.79 -16.69
CA LYS L 41 -17.35 15.66 -15.77
C LYS L 41 -18.70 15.53 -15.05
N PRO L 42 -19.00 14.35 -14.50
CA PRO L 42 -20.22 14.22 -13.72
C PRO L 42 -20.04 14.85 -12.34
N ASN L 43 -21.15 15.16 -11.68
CA ASN L 43 -21.14 15.74 -10.35
C ASN L 43 -20.19 16.96 -10.26
N ILE L 44 -20.34 17.89 -11.21
CA ILE L 44 -19.58 19.13 -11.24
C ILE L 44 -19.92 20.06 -10.05
N ASN L 45 -18.97 20.94 -9.68
CA ASN L 45 -19.15 21.91 -8.60
C ASN L 45 -19.50 23.31 -9.07
N ILE L 46 -20.51 23.92 -8.45
CA ILE L 46 -20.90 25.29 -8.76
C ILE L 46 -20.75 26.27 -7.57
N ARG L 47 -21.02 27.55 -7.83
CA ARG L 47 -21.10 28.60 -6.80
C ARG L 47 -22.22 29.54 -7.12
N PHE L 48 -22.97 29.91 -6.09
CA PHE L 48 -24.24 30.54 -6.28
C PHE L 48 -24.54 31.50 -5.14
N GLY L 49 -24.99 32.70 -5.49
CA GLY L 49 -25.29 33.72 -4.49
C GLY L 49 -26.55 34.49 -4.84
N MET L 50 -27.49 34.52 -3.90
CA MET L 50 -28.80 35.06 -4.20
C MET L 50 -29.57 35.30 -2.91
N VAL L 51 -30.54 36.22 -2.94
CA VAL L 51 -31.53 36.36 -1.88
C VAL L 51 -32.87 35.78 -2.35
N LEU L 52 -33.44 34.89 -1.54
CA LEU L 52 -34.69 34.20 -1.91
C LEU L 52 -35.88 35.12 -1.75
N ARG L 53 -36.78 35.07 -2.72
CA ARG L 53 -38.01 35.84 -2.70
C ARG L 53 -39.22 34.93 -2.59
N GLU L 54 -38.97 33.64 -2.43
CA GLU L 54 -40.03 32.66 -2.34
C GLU L 54 -39.52 31.52 -1.45
N ASP L 55 -40.42 30.81 -0.75
CA ASP L 55 -40.03 29.61 0.01
C ASP L 55 -39.65 28.50 -0.96
N ILE L 56 -38.64 27.72 -0.64
CA ILE L 56 -38.15 26.68 -1.56
C ILE L 56 -38.13 25.27 -0.95
N GLU L 57 -39.09 24.98 -0.07
CA GLU L 57 -39.35 23.61 0.34
C GLU L 57 -39.58 22.77 -0.91
N GLN L 58 -40.31 23.34 -1.86
CA GLN L 58 -40.48 22.72 -3.17
C GLN L 58 -39.82 23.59 -4.24
N LEU L 59 -38.96 23.00 -5.06
CA LEU L 59 -38.20 23.78 -6.02
C LEU L 59 -37.92 22.94 -7.25
N PHE L 60 -38.13 23.52 -8.42
CA PHE L 60 -38.02 22.78 -9.64
C PHE L 60 -37.23 23.54 -10.68
N LEU L 61 -36.49 22.82 -11.52
CA LEU L 61 -35.66 23.43 -12.55
C LEU L 61 -36.17 23.07 -13.93
N ASP L 62 -36.36 24.08 -14.78
CA ASP L 62 -36.72 23.87 -16.16
C ASP L 62 -35.57 24.33 -17.02
N VAL L 63 -35.17 23.50 -17.97
CA VAL L 63 -34.07 23.83 -18.86
C VAL L 63 -34.55 23.73 -20.29
N ALA L 64 -34.36 24.80 -21.08
CA ALA L 64 -34.65 24.77 -22.52
C ALA L 64 -33.40 25.15 -23.29
N LEU L 65 -33.04 24.35 -24.26
CA LEU L 65 -31.80 24.55 -24.99
C LEU L 65 -32.04 24.89 -26.45
N PHE L 66 -31.33 25.89 -26.93
CA PHE L 66 -31.51 26.36 -28.29
C PHE L 66 -30.22 26.43 -29.06
N SER L 67 -30.30 26.19 -30.35
CA SER L 67 -29.20 26.56 -31.26
C SER L 67 -29.72 27.23 -32.51
N LYS L 68 -29.10 28.37 -32.81
CA LYS L 68 -29.54 29.29 -33.84
C LYS L 68 -31.07 29.41 -33.73
N GLY L 69 -31.53 29.95 -32.60
CA GLY L 69 -32.95 30.21 -32.38
C GLY L 69 -33.86 28.99 -32.35
N LEU L 70 -33.50 27.96 -33.14
CA LEU L 70 -34.21 26.69 -33.13
C LEU L 70 -34.06 26.01 -31.74
N SER L 71 -34.99 25.10 -31.42
CA SER L 71 -34.99 24.41 -30.12
C SER L 71 -34.50 22.97 -30.26
N ILE L 72 -33.78 22.49 -29.24
CA ILE L 72 -33.07 21.21 -29.28
C ILE L 72 -33.53 20.22 -28.22
N LEU L 73 -33.76 20.69 -27.01
CA LEU L 73 -34.16 19.82 -25.90
C LEU L 73 -34.83 20.65 -24.79
N ASN L 74 -35.85 20.06 -24.15
CA ASN L 74 -36.55 20.65 -22.98
C ASN L 74 -36.69 19.60 -21.89
N PHE L 75 -36.26 19.90 -20.66
CA PHE L 75 -36.59 19.03 -19.55
C PHE L 75 -36.84 19.78 -18.25
N SER L 76 -37.42 19.07 -17.28
CA SER L 76 -37.68 19.58 -15.94
C SER L 76 -37.17 18.60 -14.93
N TYR L 77 -36.52 19.09 -13.89
CA TYR L 77 -35.96 18.24 -12.83
C TYR L 77 -36.28 18.90 -11.48
N PRO L 78 -36.69 18.10 -10.49
CA PRO L 78 -36.94 18.71 -9.20
C PRO L 78 -35.66 18.78 -8.40
N VAL L 79 -35.43 19.94 -7.78
CA VAL L 79 -34.28 20.16 -6.91
C VAL L 79 -34.69 19.87 -5.45
N CYS L 80 -35.86 20.35 -5.04
CA CYS L 80 -36.37 20.07 -3.70
C CYS L 80 -37.82 19.66 -3.78
N GLU L 81 -38.16 18.56 -3.10
CA GLU L 81 -39.53 18.09 -3.01
C GLU L 81 -39.83 17.84 -1.53
N VAL L 82 -41.10 17.91 -1.15
CA VAL L 82 -41.48 17.77 0.27
C VAL L 82 -41.00 16.43 0.84
N ASP L 83 -41.00 15.40 0.01
CA ASP L 83 -40.56 14.05 0.43
C ASP L 83 -39.12 13.73 0.02
N LEU L 84 -38.38 14.71 -0.48
CA LEU L 84 -36.97 14.52 -0.84
C LEU L 84 -36.21 15.81 -1.06
N PRO L 85 -35.70 16.44 0.02
CA PRO L 85 -34.77 17.56 -0.11
C PRO L 85 -33.38 17.07 -0.50
N LYS L 86 -32.98 17.35 -1.74
CA LYS L 86 -31.74 16.78 -2.26
C LYS L 86 -30.54 17.58 -1.76
N PHE L 87 -30.79 18.83 -1.41
CA PHE L 87 -29.74 19.78 -1.07
C PHE L 87 -29.96 20.35 0.32
N SER L 88 -28.86 20.80 0.92
CA SER L 88 -28.92 21.31 2.29
C SER L 88 -29.78 22.58 2.37
N PHE L 89 -29.83 23.34 1.28
CA PHE L 89 -30.58 24.57 1.22
C PHE L 89 -32.08 24.38 1.00
N CYS L 90 -32.56 23.15 0.80
CA CYS L 90 -34.01 22.96 0.63
C CYS L 90 -34.77 23.33 1.90
N GLY L 91 -35.99 23.80 1.74
CA GLY L 91 -36.78 24.25 2.88
C GLY L 91 -36.34 25.57 3.53
N ARG L 92 -35.55 26.37 2.82
CA ARG L 92 -35.27 27.71 3.27
C ARG L 92 -36.42 28.62 2.96
N ARG L 93 -36.52 29.70 3.73
CA ARG L 93 -37.65 30.59 3.64
C ARG L 93 -37.38 31.75 2.70
N LYS L 94 -38.47 32.29 2.15
CA LYS L 94 -38.41 33.54 1.43
C LYS L 94 -37.76 34.60 2.31
N GLY L 95 -36.78 35.30 1.75
CA GLY L 95 -36.08 36.35 2.46
C GLY L 95 -34.70 35.96 2.93
N GLU L 96 -34.40 34.68 2.98
CA GLU L 96 -33.07 34.23 3.34
C GLU L 96 -32.07 34.42 2.19
N GLN L 97 -30.88 34.95 2.52
CA GLN L 97 -29.72 34.99 1.59
C GLN L 97 -29.03 33.63 1.56
N ILE L 98 -28.63 33.19 0.37
CA ILE L 98 -27.95 31.91 0.20
C ILE L 98 -26.59 32.10 -0.43
N TYR L 99 -25.61 31.36 0.08
CA TYR L 99 -24.38 31.10 -0.67
C TYR L 99 -24.09 29.62 -0.76
N TYR L 100 -24.21 29.01 -1.93
CA TYR L 100 -23.94 27.58 -2.09
C TYR L 100 -22.68 27.39 -2.91
N ALA L 101 -21.77 26.58 -2.39
CA ALA L 101 -20.56 26.22 -3.10
C ALA L 101 -20.36 24.73 -2.89
N GLY L 102 -20.81 23.96 -3.87
CA GLY L 102 -20.77 22.51 -3.80
C GLY L 102 -21.15 21.86 -5.12
N PRO L 103 -21.38 20.53 -5.09
CA PRO L 103 -21.76 19.74 -6.28
C PRO L 103 -23.23 19.76 -6.60
N ILE L 104 -23.55 19.67 -7.88
CA ILE L 104 -24.91 19.40 -8.32
C ILE L 104 -24.83 17.96 -8.78
N ASN L 105 -25.92 17.20 -8.72
CA ASN L 105 -25.85 15.74 -9.02
C ASN L 105 -25.96 15.43 -10.52
N ASN L 106 -25.10 16.00 -11.36
CA ASN L 106 -25.20 15.78 -12.79
C ASN L 106 -24.40 14.57 -13.23
N PRO L 107 -24.76 14.01 -14.39
CA PRO L 107 -23.98 13.00 -15.05
C PRO L 107 -23.14 13.62 -16.17
N GLY L 108 -22.12 12.90 -16.60
CA GLY L 108 -21.21 13.38 -17.61
C GLY L 108 -21.98 13.70 -18.86
N PHE L 109 -21.58 14.77 -19.56
CA PHE L 109 -21.97 15.01 -20.94
C PHE L 109 -20.71 15.56 -21.62
N GLU L 110 -20.44 15.17 -22.86
CA GLU L 110 -19.50 15.91 -23.71
C GLU L 110 -20.37 16.96 -24.41
N ILE L 111 -20.11 18.25 -24.21
CA ILE L 111 -20.84 19.26 -24.99
C ILE L 111 -20.17 19.34 -26.37
N PRO L 112 -20.97 19.28 -27.45
CA PRO L 112 -20.35 19.40 -28.76
C PRO L 112 -19.81 20.81 -29.06
N GLU L 113 -18.72 20.89 -29.83
CA GLU L 113 -18.13 22.21 -30.20
C GLU L 113 -19.20 22.98 -30.98
N GLY L 114 -19.59 24.15 -30.44
CA GLY L 114 -20.72 24.90 -30.97
C GLY L 114 -21.27 25.90 -29.97
N ASP L 115 -22.24 26.70 -30.43
CA ASP L 115 -22.85 27.77 -29.65
C ASP L 115 -24.34 27.50 -29.32
N TYR L 116 -24.66 27.54 -28.02
CA TYR L 116 -26.00 27.26 -27.51
C TYR L 116 -26.48 28.40 -26.65
N GLN L 117 -27.73 28.82 -26.85
CA GLN L 117 -28.43 29.67 -25.88
C GLN L 117 -29.18 28.71 -24.99
N VAL L 118 -29.03 28.86 -23.69
CA VAL L 118 -29.75 28.02 -22.72
C VAL L 118 -30.60 28.87 -21.79
N LEU L 119 -31.86 28.49 -21.61
CA LEU L 119 -32.74 29.24 -20.71
C LEU L 119 -33.12 28.37 -19.49
N LEU L 120 -32.65 28.78 -18.31
CA LEU L 120 -32.84 28.04 -17.07
C LEU L 120 -33.85 28.76 -16.16
N GLU L 121 -34.77 28.03 -15.54
CA GLU L 121 -35.78 28.66 -14.69
C GLU L 121 -36.04 27.86 -13.42
N LEU L 122 -35.75 28.45 -12.28
CA LEU L 122 -36.05 27.83 -11.00
C LEU L 122 -37.37 28.39 -10.50
N TYR L 123 -38.28 27.51 -10.11
CA TYR L 123 -39.58 27.92 -9.61
C TYR L 123 -40.13 26.96 -8.56
N ASN L 124 -41.06 27.42 -7.75
CA ASN L 124 -41.65 26.56 -6.71
C ASN L 124 -43.02 26.02 -7.11
N GLN L 125 -43.70 25.39 -6.17
CA GLN L 125 -44.93 24.70 -6.51
C GLN L 125 -46.04 25.62 -7.08
N ASP L 126 -45.98 26.90 -6.72
CA ASP L 126 -46.98 27.84 -7.20
C ASP L 126 -46.46 28.55 -8.41
N HIS L 127 -45.49 27.95 -9.10
CA HIS L 127 -44.92 28.53 -10.32
C HIS L 127 -44.33 29.93 -10.12
N ALA L 128 -44.02 30.30 -8.87
CA ALA L 128 -43.39 31.58 -8.54
C ALA L 128 -41.92 31.52 -8.91
N THR L 129 -41.41 32.57 -9.55
CA THR L 129 -40.01 32.58 -9.94
C THR L 129 -39.12 32.70 -8.72
N VAL L 130 -38.14 31.81 -8.62
CA VAL L 130 -37.08 31.89 -7.66
C VAL L 130 -35.85 32.44 -8.35
N ALA L 131 -35.60 31.99 -9.59
CA ALA L 131 -34.44 32.42 -10.38
C ALA L 131 -34.61 32.11 -11.86
N CYS L 132 -34.00 32.94 -12.72
CA CYS L 132 -34.13 32.86 -14.18
C CYS L 132 -32.84 33.28 -14.86
N ALA L 133 -32.23 32.40 -15.66
CA ALA L 133 -31.00 32.76 -16.40
C ALA L 133 -31.19 32.61 -17.89
N ASN L 134 -30.85 33.64 -18.64
CA ASN L 134 -30.71 33.53 -20.11
C ASN L 134 -29.22 33.32 -20.36
N ALA L 135 -28.80 32.08 -20.62
CA ALA L 135 -27.38 31.77 -20.67
C ALA L 135 -26.88 31.54 -22.11
N THR L 136 -25.63 31.93 -22.38
CA THR L 136 -25.00 31.68 -23.65
C THR L 136 -23.72 30.87 -23.50
N VAL L 137 -23.64 29.73 -24.20
CA VAL L 137 -22.44 28.88 -24.22
C VAL L 137 -21.69 29.08 -25.55
N LEU L 138 -20.43 29.49 -25.47
CA LEU L 138 -19.65 29.80 -26.64
C LEU L 138 -18.49 28.81 -26.68
N TYR L 139 -18.75 27.60 -27.16
CA TYR L 139 -17.71 26.57 -27.23
C TYR L 139 -17.36 26.29 -28.69
N SER L 140 -17.88 27.13 -29.58
CA SER L 140 -17.51 27.09 -30.98
C SER L 140 -16.06 27.50 -31.06
N ALA L 141 -15.28 26.91 -31.97
CA ALA L 141 -13.95 27.44 -32.35
C ALA L 141 -14.08 28.82 -33.00
N GLY M 2 -14.23 -69.23 40.67
CA GLY M 2 -15.21 -68.60 39.74
C GLY M 2 -16.56 -68.47 40.42
N GLU M 3 -17.31 -67.40 40.09
CA GLU M 3 -18.61 -67.12 40.72
C GLU M 3 -19.52 -66.36 39.75
N ALA M 4 -20.81 -66.72 39.65
CA ALA M 4 -21.72 -66.11 38.66
C ALA M 4 -21.92 -64.62 38.94
N TRP M 5 -22.39 -63.87 37.93
CA TRP M 5 -22.54 -62.42 38.09
C TRP M 5 -23.59 -62.10 39.14
N PRO M 6 -23.47 -60.93 39.79
CA PRO M 6 -24.39 -60.58 40.85
C PRO M 6 -25.76 -60.19 40.34
N THR M 7 -26.80 -60.50 41.12
CA THR M 7 -28.17 -60.12 40.80
C THR M 7 -28.45 -58.67 41.18
N HIS M 8 -28.76 -57.84 40.19
CA HIS M 8 -29.02 -56.41 40.40
C HIS M 8 -30.51 -56.15 40.43
N THR M 9 -30.89 -55.03 41.04
CA THR M 9 -32.28 -54.59 41.10
C THR M 9 -32.51 -53.57 39.99
N ALA M 10 -33.26 -53.97 38.96
CA ALA M 10 -33.64 -53.02 37.89
C ALA M 10 -34.55 -51.92 38.44
N CYS M 11 -35.35 -52.27 39.45
CA CYS M 11 -36.19 -51.30 40.17
C CYS M 11 -36.93 -51.87 41.38
N ARG M 12 -37.55 -50.98 42.17
CA ARG M 12 -38.40 -51.39 43.31
C ARG M 12 -39.33 -50.25 43.71
N ASN M 13 -40.60 -50.34 43.35
CA ASN M 13 -41.61 -49.35 43.77
C ASN M 13 -42.23 -49.73 45.10
N ASN M 15 -44.56 -53.27 46.67
CA ASN M 15 -44.39 -54.72 46.62
C ASN M 15 -43.82 -55.19 45.28
N LEU M 16 -43.96 -54.36 44.23
CA LEU M 16 -43.37 -54.66 42.92
C LEU M 16 -41.85 -54.51 42.95
N GLN M 17 -41.15 -55.42 42.27
CA GLN M 17 -39.72 -55.24 41.98
C GLN M 17 -39.23 -56.14 40.81
N VAL M 18 -38.27 -55.63 40.03
CA VAL M 18 -37.70 -56.38 38.91
C VAL M 18 -36.20 -56.59 39.13
N LEU M 19 -35.78 -57.86 39.24
CA LEU M 19 -34.38 -58.23 39.39
C LEU M 19 -33.85 -58.88 38.11
N TYR M 20 -32.56 -58.72 37.87
CA TYR M 20 -31.94 -59.39 36.73
C TYR M 20 -30.51 -59.75 37.04
N GLN M 21 -29.99 -60.73 36.32
CA GLN M 21 -28.56 -61.01 36.36
C GLN M 21 -28.09 -61.41 34.96
N SER M 22 -26.86 -60.99 34.65
CA SER M 22 -26.29 -61.18 33.32
C SER M 22 -25.94 -62.64 33.06
N CYS M 23 -26.44 -63.19 31.96
CA CYS M 23 -26.08 -64.53 31.53
C CYS M 23 -25.11 -64.52 30.36
N ASP M 24 -24.37 -63.43 30.19
CA ASP M 24 -23.21 -63.43 29.31
C ASP M 24 -22.04 -63.72 30.21
N PRO M 25 -21.38 -64.85 29.99
CA PRO M 25 -20.28 -65.20 30.87
C PRO M 25 -19.14 -64.20 30.85
N LEU M 26 -18.97 -63.48 29.73
CA LEU M 26 -17.82 -62.60 29.59
C LEU M 26 -17.93 -61.32 30.41
N GLN M 27 -19.13 -60.86 30.73
CA GLN M 27 -19.29 -59.56 31.40
C GLN M 27 -20.67 -59.26 31.98
N ASP M 28 -20.70 -58.36 32.95
CA ASP M 28 -21.94 -57.84 33.50
C ASP M 28 -22.44 -56.68 32.62
N PHE M 29 -23.57 -56.10 33.00
CA PHE M 29 -24.01 -54.81 32.47
C PHE M 29 -25.00 -54.14 33.39
N GLY M 30 -25.15 -52.83 33.20
CA GLY M 30 -25.98 -52.01 34.06
C GLY M 30 -27.30 -51.68 33.40
N PHE M 31 -28.40 -51.94 34.09
CA PHE M 31 -29.73 -51.65 33.56
C PHE M 31 -30.64 -51.17 34.67
N SER M 32 -31.55 -50.27 34.32
CA SER M 32 -32.54 -49.78 35.26
C SER M 32 -33.73 -49.23 34.48
N VAL M 33 -34.92 -49.35 35.06
CA VAL M 33 -36.14 -48.79 34.49
C VAL M 33 -36.57 -47.67 35.43
N ASP M 34 -37.22 -46.64 34.89
CA ASP M 34 -37.41 -45.41 35.67
C ASP M 34 -38.68 -45.45 36.49
N GLN M 35 -39.81 -45.76 35.84
CA GLN M 35 -41.07 -45.99 36.55
C GLN M 35 -41.36 -47.49 36.65
N CYS M 36 -41.52 -47.99 37.88
CA CYS M 36 -41.96 -49.39 38.08
C CYS M 36 -43.40 -49.52 38.56
N ALA M 37 -44.26 -49.94 37.63
CA ALA M 37 -45.68 -50.03 37.86
C ALA M 37 -46.26 -51.28 37.22
N ARG M 38 -47.35 -51.78 37.80
CA ARG M 38 -48.12 -52.88 37.23
C ARG M 38 -48.55 -52.48 35.83
N GLN M 39 -49.16 -51.30 35.72
CA GLN M 39 -49.53 -50.73 34.42
C GLN M 39 -48.30 -50.08 33.76
N LEU M 40 -47.66 -50.80 32.83
CA LEU M 40 -46.54 -50.25 32.07
C LEU M 40 -47.06 -49.32 30.99
N LYS M 41 -46.75 -48.03 31.10
CA LYS M 41 -47.09 -47.06 30.07
C LYS M 41 -46.38 -47.42 28.75
N PRO M 42 -46.88 -46.91 27.63
CA PRO M 42 -46.16 -47.14 26.40
C PRO M 42 -44.94 -46.24 26.34
N ASN M 43 -44.00 -46.58 25.46
CA ASN M 43 -42.79 -45.79 25.25
C ASN M 43 -42.11 -45.43 26.58
N ILE M 44 -41.89 -46.44 27.41
CA ILE M 44 -41.20 -46.29 28.70
C ILE M 44 -39.73 -45.94 28.54
N ASN M 45 -39.15 -45.29 29.55
CA ASN M 45 -37.70 -44.92 29.52
C ASN M 45 -36.80 -45.86 30.31
N ILE M 46 -35.66 -46.23 29.71
CA ILE M 46 -34.67 -47.10 30.38
C ILE M 46 -33.30 -46.45 30.56
N ARG M 47 -32.40 -47.15 31.24
CA ARG M 47 -31.00 -46.73 31.37
C ARG M 47 -30.14 -47.94 31.29
N PHE M 48 -29.04 -47.79 30.56
CA PHE M 48 -28.26 -48.93 30.12
C PHE M 48 -26.77 -48.60 30.00
N GLY M 49 -25.94 -49.49 30.54
CA GLY M 49 -24.49 -49.25 30.57
C GLY M 49 -23.74 -50.53 30.32
N MET M 50 -22.89 -50.51 29.29
CA MET M 50 -22.25 -51.73 28.83
C MET M 50 -21.08 -51.37 27.91
N VAL M 51 -20.15 -52.32 27.77
CA VAL M 51 -19.12 -52.26 26.71
C VAL M 51 -19.48 -53.29 25.66
N LEU M 52 -19.51 -52.87 24.40
CA LEU M 52 -19.84 -53.77 23.30
C LEU M 52 -18.67 -54.70 22.99
N ARG M 53 -19.01 -55.96 22.71
CA ARG M 53 -18.04 -56.97 22.27
C ARG M 53 -18.30 -57.45 20.86
N GLU M 54 -19.25 -56.81 20.19
CA GLU M 54 -19.63 -57.16 18.83
C GLU M 54 -20.15 -55.90 18.14
N ASP M 55 -20.01 -55.80 16.83
CA ASP M 55 -20.59 -54.68 16.07
C ASP M 55 -22.13 -54.81 16.10
N ILE M 56 -22.83 -53.69 16.22
CA ILE M 56 -24.30 -53.72 16.30
C ILE M 56 -25.00 -52.90 15.21
N GLU M 57 -24.44 -52.87 13.99
CA GLU M 57 -25.17 -52.36 12.85
C GLU M 57 -26.46 -53.15 12.71
N GLN M 58 -26.37 -54.45 12.95
CA GLN M 58 -27.53 -55.33 12.99
C GLN M 58 -27.64 -55.85 14.40
N LEU M 59 -28.81 -55.72 15.00
CA LEU M 59 -29.03 -56.11 16.39
C LEU M 59 -30.47 -56.54 16.59
N PHE M 60 -30.64 -57.68 17.26
CA PHE M 60 -31.95 -58.26 17.44
C PHE M 60 -32.20 -58.68 18.88
N LEU M 61 -33.45 -58.59 19.31
CA LEU M 61 -33.83 -58.93 20.67
C LEU M 61 -34.71 -60.15 20.66
N ASP M 62 -34.38 -61.13 21.49
CA ASP M 62 -35.24 -62.29 21.71
C ASP M 62 -35.75 -62.23 23.14
N VAL M 63 -37.05 -62.44 23.32
CA VAL M 63 -37.65 -62.43 24.64
C VAL M 63 -38.41 -63.73 24.83
N ALA M 64 -38.14 -64.44 25.92
CA ALA M 64 -38.91 -65.63 26.29
C ALA M 64 -39.42 -65.46 27.71
N LEU M 65 -40.70 -65.70 27.91
CA LEU M 65 -41.33 -65.44 29.20
C LEU M 65 -41.86 -66.72 29.81
N PHE M 66 -41.73 -66.82 31.13
CA PHE M 66 -42.19 -67.99 31.88
C PHE M 66 -42.94 -67.58 33.16
N SER M 67 -43.70 -68.53 33.71
CA SER M 67 -44.52 -68.33 34.92
C SER M 67 -45.24 -69.65 35.24
N LYS M 68 -44.87 -70.27 36.37
CA LYS M 68 -45.21 -71.67 36.66
C LYS M 68 -44.38 -72.59 35.76
N GLY M 69 -43.13 -72.20 35.54
CA GLY M 69 -42.17 -72.99 34.75
C GLY M 69 -42.55 -73.37 33.33
N LEU M 70 -43.70 -72.87 32.86
CA LEU M 70 -44.24 -73.27 31.56
C LEU M 70 -44.06 -72.11 30.60
N SER M 71 -43.41 -72.38 29.46
CA SER M 71 -43.16 -71.35 28.43
C SER M 71 -44.49 -70.78 27.96
N ILE M 72 -44.58 -69.46 27.99
CA ILE M 72 -45.84 -68.75 27.77
C ILE M 72 -45.80 -67.98 26.45
N LEU M 73 -44.80 -67.12 26.31
CA LEU M 73 -44.70 -66.30 25.12
C LEU M 73 -43.25 -66.20 24.68
N ASN M 74 -43.02 -66.29 23.37
CA ASN M 74 -41.71 -66.08 22.75
C ASN M 74 -41.83 -65.10 21.60
N PHE M 75 -41.00 -64.07 21.54
CA PHE M 75 -40.95 -63.27 20.31
C PHE M 75 -39.58 -62.71 20.06
N SER M 76 -39.37 -62.23 18.83
CA SER M 76 -38.13 -61.62 18.41
C SER M 76 -38.45 -60.29 17.76
N TYR M 77 -37.65 -59.26 18.04
CA TYR M 77 -37.84 -57.92 17.50
C TYR M 77 -36.49 -57.33 17.13
N PRO M 78 -36.37 -56.72 15.95
CA PRO M 78 -35.11 -56.14 15.59
C PRO M 78 -34.97 -54.76 16.15
N VAL M 79 -33.81 -54.48 16.75
CA VAL M 79 -33.48 -53.18 17.33
C VAL M 79 -32.76 -52.35 16.26
N CYS M 80 -31.80 -52.96 15.57
CA CYS M 80 -31.06 -52.27 14.49
C CYS M 80 -30.99 -53.16 13.27
N GLU M 81 -31.33 -52.61 12.10
CA GLU M 81 -31.23 -53.31 10.85
C GLU M 81 -30.49 -52.41 9.86
N VAL M 82 -29.81 -53.00 8.88
CA VAL M 82 -28.98 -52.21 7.96
C VAL M 82 -29.81 -51.13 7.24
N ASP M 83 -31.07 -51.44 6.95
CA ASP M 83 -31.96 -50.48 6.29
C ASP M 83 -32.89 -49.73 7.25
N LEU M 84 -32.65 -49.88 8.57
CA LEU M 84 -33.44 -49.14 9.59
C LEU M 84 -32.81 -49.17 10.99
N PRO M 85 -31.87 -48.23 11.25
CA PRO M 85 -31.38 -48.03 12.60
C PRO M 85 -32.41 -47.27 13.43
N LYS M 86 -33.02 -47.95 14.39
CA LYS M 86 -34.11 -47.33 15.13
C LYS M 86 -33.58 -46.40 16.19
N PHE M 87 -32.35 -46.66 16.63
CA PHE M 87 -31.79 -45.97 17.78
C PHE M 87 -30.50 -45.29 17.39
N SER M 88 -30.13 -44.27 18.15
CA SER M 88 -28.93 -43.51 17.84
C SER M 88 -27.70 -44.44 17.94
N PHE M 89 -27.73 -45.40 18.85
CA PHE M 89 -26.57 -46.25 19.08
C PHE M 89 -26.38 -47.35 18.03
N CYS M 90 -27.26 -47.46 17.06
CA CYS M 90 -27.10 -48.49 16.03
C CYS M 90 -25.85 -48.23 15.18
N GLY M 91 -25.21 -49.28 14.74
CA GLY M 91 -23.97 -49.13 13.96
C GLY M 91 -22.73 -48.77 14.76
N ARG M 92 -22.78 -48.93 16.07
CA ARG M 92 -21.60 -48.77 16.88
C ARG M 92 -20.74 -49.98 16.73
N ARG M 93 -19.45 -49.79 16.99
CA ARG M 93 -18.47 -50.84 16.79
C ARG M 93 -18.27 -51.66 18.04
N LYS M 94 -17.78 -52.87 17.85
CA LYS M 94 -17.26 -53.68 18.92
C LYS M 94 -16.13 -52.97 19.60
N GLY M 95 -16.23 -52.89 20.93
CA GLY M 95 -15.23 -52.21 21.78
C GLY M 95 -15.68 -50.86 22.32
N GLU M 96 -16.75 -50.30 21.75
CA GLU M 96 -17.29 -49.03 22.23
C GLU M 96 -18.09 -49.21 23.51
N GLN M 97 -17.87 -48.34 24.49
CA GLN M 97 -18.71 -48.23 25.69
C GLN M 97 -19.96 -47.41 25.39
N ILE M 98 -21.09 -47.89 25.89
CA ILE M 98 -22.38 -47.21 25.68
C ILE M 98 -23.01 -46.83 27.00
N TYR M 99 -23.61 -45.65 27.02
CA TYR M 99 -24.59 -45.28 28.04
C TYR M 99 -25.82 -44.75 27.33
N TYR M 100 -26.94 -45.47 27.43
CA TYR M 100 -28.19 -45.02 26.84
C TYR M 100 -29.21 -44.69 27.94
N ALA M 101 -29.77 -43.49 27.88
CA ALA M 101 -30.84 -43.11 28.79
C ALA M 101 -31.92 -42.44 27.97
N GLY M 102 -32.94 -43.21 27.61
CA GLY M 102 -34.00 -42.74 26.73
C GLY M 102 -35.10 -43.76 26.58
N PRO M 103 -36.03 -43.52 25.66
CA PRO M 103 -37.17 -44.39 25.46
C PRO M 103 -36.90 -45.63 24.60
N ILE M 104 -37.61 -46.70 24.88
CA ILE M 104 -37.72 -47.84 23.97
C ILE M 104 -39.16 -47.75 23.44
N ASN M 105 -39.50 -48.33 22.29
CA ASN M 105 -40.81 -47.95 21.68
C ASN M 105 -42.05 -48.72 22.11
N ASN M 106 -41.97 -49.49 23.20
CA ASN M 106 -43.02 -50.47 23.59
C ASN M 106 -44.47 -49.97 23.62
N PRO M 107 -45.41 -50.90 23.38
CA PRO M 107 -46.83 -50.63 23.61
C PRO M 107 -47.26 -50.99 25.04
N GLY M 108 -48.35 -50.37 25.49
CA GLY M 108 -48.85 -50.55 26.85
C GLY M 108 -49.30 -51.96 27.17
N PHE M 109 -48.75 -52.51 28.25
CA PHE M 109 -49.02 -53.87 28.71
C PHE M 109 -49.27 -53.84 30.21
N GLU M 110 -50.53 -53.68 30.63
CA GLU M 110 -50.89 -53.59 32.07
C GLU M 110 -50.64 -54.90 32.82
N ILE M 111 -49.36 -55.24 33.03
CA ILE M 111 -48.92 -56.54 33.55
C ILE M 111 -49.77 -56.99 34.74
N PRO M 112 -50.32 -58.22 34.66
CA PRO M 112 -51.10 -58.79 35.76
C PRO M 112 -50.29 -59.06 37.04
N GLU M 113 -51.01 -59.28 38.15
CA GLU M 113 -50.40 -59.59 39.44
C GLU M 113 -49.78 -60.99 39.43
N GLY M 114 -48.56 -61.10 39.95
CA GLY M 114 -47.86 -62.38 39.99
C GLY M 114 -46.43 -62.27 39.47
N ASP M 115 -45.75 -63.42 39.39
CA ASP M 115 -44.32 -63.49 39.09
C ASP M 115 -44.03 -64.08 37.71
N TYR M 116 -43.02 -63.54 37.04
CA TYR M 116 -42.63 -64.04 35.74
C TYR M 116 -41.12 -64.05 35.62
N GLN M 117 -40.57 -65.16 35.11
CA GLN M 117 -39.13 -65.31 34.87
C GLN M 117 -38.83 -65.04 33.39
N VAL M 118 -38.17 -63.93 33.08
CA VAL M 118 -38.01 -63.48 31.71
C VAL M 118 -36.55 -63.63 31.26
N LEU M 119 -36.36 -64.19 30.07
CA LEU M 119 -35.03 -64.34 29.51
C LEU M 119 -34.89 -63.48 28.25
N LEU M 120 -34.02 -62.47 28.32
CA LEU M 120 -33.79 -61.50 27.24
C LEU M 120 -32.41 -61.72 26.61
N GLU M 121 -32.35 -61.71 25.28
CA GLU M 121 -31.08 -61.95 24.58
C GLU M 121 -30.88 -61.01 23.40
N LEU M 122 -29.86 -60.16 23.48
CA LEU M 122 -29.50 -59.30 22.36
C LEU M 122 -28.40 -59.97 21.56
N TYR M 123 -28.56 -60.03 20.25
CA TYR M 123 -27.56 -60.65 19.38
C TYR M 123 -27.50 -60.01 17.99
N ASN M 124 -26.39 -60.19 17.28
CA ASN M 124 -26.25 -59.61 15.95
C ASN M 124 -26.47 -60.64 14.88
N GLN M 125 -26.21 -60.27 13.63
CA GLN M 125 -26.57 -61.14 12.49
C GLN M 125 -25.88 -62.48 12.48
N ASP M 126 -24.73 -62.56 13.13
CA ASP M 126 -24.00 -63.82 13.22
C ASP M 126 -24.32 -64.53 14.51
N HIS M 127 -25.45 -64.21 15.12
CA HIS M 127 -25.88 -64.84 16.37
C HIS M 127 -24.84 -64.69 17.50
N ALA M 128 -23.96 -63.69 17.40
CA ALA M 128 -23.00 -63.41 18.48
C ALA M 128 -23.72 -62.72 19.61
N THR M 129 -23.45 -63.11 20.85
CA THR M 129 -24.09 -62.45 21.99
C THR M 129 -23.60 -61.03 22.18
N VAL M 130 -24.52 -60.10 22.26
CA VAL M 130 -24.20 -58.73 22.66
C VAL M 130 -24.52 -58.57 24.12
N ALA M 131 -25.65 -59.13 24.56
CA ALA M 131 -26.09 -59.04 25.94
C ALA M 131 -27.14 -60.09 26.28
N CYS M 132 -27.18 -60.53 27.54
CA CYS M 132 -28.06 -61.62 27.99
C CYS M 132 -28.52 -61.38 29.41
N ALA M 133 -29.83 -61.31 29.64
CA ALA M 133 -30.38 -61.11 31.01
C ALA M 133 -31.32 -62.23 31.43
N ASN M 134 -31.07 -62.83 32.59
CA ASN M 134 -32.03 -63.73 33.23
C ASN M 134 -32.76 -62.86 34.25
N ALA M 135 -33.99 -62.45 33.92
CA ALA M 135 -34.70 -61.46 34.74
C ALA M 135 -35.85 -62.07 35.51
N THR M 136 -36.10 -61.55 36.71
CA THR M 136 -37.23 -61.98 37.53
C THR M 136 -38.13 -60.81 37.89
N VAL M 137 -39.41 -60.94 37.58
CA VAL M 137 -40.43 -59.93 37.92
C VAL M 137 -41.27 -60.42 39.10
N LEU M 138 -41.32 -59.63 40.16
CA LEU M 138 -42.00 -60.04 41.40
C LEU M 138 -43.16 -59.11 41.72
N ALA N 4 14.43 -50.82 34.12
CA ALA N 4 14.29 -49.33 33.98
C ALA N 4 13.44 -48.98 32.76
N TRP N 5 12.90 -47.76 32.72
CA TRP N 5 12.02 -47.38 31.60
C TRP N 5 12.80 -47.33 30.28
N PRO N 6 12.11 -47.54 29.15
CA PRO N 6 12.78 -47.53 27.87
C PRO N 6 13.20 -46.13 27.46
N THR N 7 14.32 -46.04 26.73
CA THR N 7 14.78 -44.77 26.16
C THR N 7 14.03 -44.45 24.89
N HIS N 8 13.30 -43.34 24.85
CA HIS N 8 12.56 -42.92 23.67
C HIS N 8 13.35 -41.86 22.88
N THR N 9 12.98 -41.68 21.61
CA THR N 9 13.55 -40.64 20.76
C THR N 9 12.62 -39.43 20.73
N ALA N 10 13.01 -38.34 21.38
CA ALA N 10 12.21 -37.11 21.33
C ALA N 10 12.19 -36.55 19.91
N CYS N 11 13.27 -36.79 19.17
CA CYS N 11 13.34 -36.43 17.74
C CYS N 11 14.60 -36.94 17.00
N ARG N 12 14.62 -36.79 15.68
CA ARG N 12 15.81 -37.10 14.86
C ARG N 12 15.73 -36.42 13.50
N ASN N 13 16.48 -35.35 13.30
CA ASN N 13 16.53 -34.68 12.00
C ASN N 13 17.56 -35.37 11.14
N GLY N 14 18.84 -35.19 11.43
CA GLY N 14 19.86 -35.82 10.58
C GLY N 14 20.87 -36.50 11.45
N ASN N 15 22.05 -35.87 11.58
CA ASN N 15 23.01 -36.31 12.59
C ASN N 15 22.50 -35.88 13.98
N LEU N 16 21.69 -34.82 14.04
CA LEU N 16 21.11 -34.37 15.30
C LEU N 16 20.08 -35.40 15.79
N GLN N 17 20.04 -35.67 17.10
CA GLN N 17 18.93 -36.38 17.74
C GLN N 17 18.89 -36.17 19.25
N VAL N 18 17.69 -36.15 19.82
CA VAL N 18 17.46 -35.99 21.27
C VAL N 18 16.74 -37.20 21.86
N LEU N 19 17.42 -37.91 22.77
CA LEU N 19 16.87 -39.08 23.45
C LEU N 19 16.57 -38.75 24.91
N TYR N 20 15.56 -39.40 25.47
CA TYR N 20 15.24 -39.23 26.88
C TYR N 20 14.69 -40.53 27.48
N GLN N 21 14.86 -40.68 28.79
CA GLN N 21 14.19 -41.75 29.49
C GLN N 21 13.71 -41.20 30.85
N SER N 22 12.55 -41.70 31.28
CA SER N 22 11.89 -41.25 32.48
C SER N 22 12.63 -41.70 33.70
N CYS N 23 12.94 -40.79 34.61
CA CYS N 23 13.55 -41.17 35.88
C CYS N 23 12.54 -41.07 37.04
N ASP N 24 11.23 -41.10 36.72
CA ASP N 24 10.21 -41.24 37.76
C ASP N 24 10.02 -42.72 37.80
N PRO N 25 10.29 -43.35 38.93
CA PRO N 25 10.14 -44.80 39.01
C PRO N 25 8.72 -45.28 38.84
N LEU N 26 7.74 -44.45 39.17
CA LEU N 26 6.35 -44.87 39.11
C LEU N 26 5.78 -44.98 37.69
N GLN N 27 6.33 -44.27 36.71
CA GLN N 27 5.72 -44.24 35.36
C GLN N 27 6.54 -43.59 34.26
N ASP N 28 6.26 -43.99 33.01
CA ASP N 28 6.84 -43.37 31.83
C ASP N 28 6.07 -42.12 31.47
N PHE N 29 6.51 -41.44 30.42
CA PHE N 29 5.68 -40.44 29.77
C PHE N 29 6.15 -40.23 28.35
N GLY N 30 5.25 -39.62 27.57
CA GLY N 30 5.46 -39.39 26.15
C GLY N 30 5.80 -37.94 25.85
N PHE N 31 6.90 -37.76 25.14
CA PHE N 31 7.37 -36.44 24.77
C PHE N 31 8.00 -36.43 23.38
N SER N 32 7.78 -35.34 22.67
CA SER N 32 8.36 -35.16 21.36
C SER N 32 8.44 -33.67 21.06
N VAL N 33 9.47 -33.29 20.30
CA VAL N 33 9.65 -31.92 19.82
C VAL N 33 9.43 -31.97 18.33
N ASP N 34 8.93 -30.87 17.75
CA ASP N 34 8.44 -30.92 16.38
C ASP N 34 9.57 -30.66 15.37
N GLN N 35 10.26 -29.53 15.53
CA GLN N 35 11.46 -29.22 14.73
C GLN N 35 12.75 -29.54 15.57
N CYS N 36 13.60 -30.42 15.05
CA CYS N 36 14.94 -30.63 15.63
C CYS N 36 16.09 -29.97 14.86
N ALA N 37 16.59 -28.87 15.40
CA ALA N 37 17.61 -28.07 14.75
C ALA N 37 18.64 -27.56 15.76
N ARG N 38 19.87 -27.38 15.28
CA ARG N 38 20.93 -26.79 16.09
C ARG N 38 20.41 -25.43 16.58
N GLN N 39 19.93 -24.62 15.64
CA GLN N 39 19.35 -23.31 15.96
C GLN N 39 17.91 -23.47 16.45
N LEU N 40 17.72 -23.49 17.77
CA LEU N 40 16.37 -23.59 18.35
C LEU N 40 15.70 -22.25 18.22
N LYS N 41 14.63 -22.19 17.44
CA LYS N 41 13.80 -20.97 17.35
C LYS N 41 13.16 -20.66 18.72
N PRO N 42 12.73 -19.42 18.91
CA PRO N 42 12.01 -19.12 20.16
C PRO N 42 10.58 -19.63 20.10
N ASN N 43 9.97 -19.79 21.27
CA ASN N 43 8.59 -20.26 21.35
C ASN N 43 8.35 -21.54 20.53
N ILE N 44 9.21 -22.54 20.70
CA ILE N 44 9.11 -23.84 20.04
C ILE N 44 7.86 -24.62 20.47
N ASN N 45 7.39 -25.53 19.62
CA ASN N 45 6.24 -26.39 19.94
C ASN N 45 6.62 -27.79 20.41
N ILE N 46 5.96 -28.25 21.47
CA ILE N 46 6.18 -29.62 21.98
C ILE N 46 4.89 -30.46 21.99
N ARG N 47 5.06 -31.75 22.32
CA ARG N 47 3.95 -32.71 22.51
C ARG N 47 4.25 -33.61 23.68
N PHE N 48 3.24 -33.81 24.51
CA PHE N 48 3.43 -34.34 25.83
C PHE N 48 2.23 -35.16 26.26
N GLY N 49 2.49 -36.34 26.83
CA GLY N 49 1.41 -37.25 27.24
C GLY N 49 1.78 -37.94 28.52
N MET N 50 0.89 -37.83 29.50
CA MET N 50 1.17 -38.29 30.84
C MET N 50 -0.13 -38.35 31.65
N VAL N 51 -0.11 -39.17 32.69
CA VAL N 51 -1.13 -39.12 33.74
C VAL N 51 -0.57 -38.48 34.99
N LEU N 52 -1.24 -37.47 35.50
CA LEU N 52 -0.76 -36.76 36.69
C LEU N 52 -0.93 -37.57 37.98
N ARG N 53 0.09 -37.55 38.82
CA ARG N 53 0.04 -38.20 40.12
C ARG N 53 0.11 -37.18 41.25
N GLU N 54 0.02 -35.90 40.92
CA GLU N 54 0.05 -34.82 41.88
C GLU N 54 -0.76 -33.64 41.32
N ASP N 55 -1.34 -32.82 42.18
CA ASP N 55 -2.01 -31.59 41.73
C ASP N 55 -0.97 -30.59 41.21
N ILE N 56 -1.29 -29.87 40.14
CA ILE N 56 -0.31 -28.97 39.54
C ILE N 56 -0.80 -27.54 39.44
N GLU N 57 -1.60 -27.09 40.41
CA GLU N 57 -1.88 -25.66 40.55
C GLU N 57 -0.58 -24.87 40.69
N GLN N 58 0.38 -25.45 41.43
CA GLN N 58 1.75 -24.97 41.48
C GLN N 58 2.69 -26.01 40.85
N LEU N 59 3.52 -25.58 39.91
CA LEU N 59 4.37 -26.49 39.17
C LEU N 59 5.62 -25.77 38.76
N PHE N 60 6.76 -26.40 39.02
CA PHE N 60 8.07 -25.80 38.77
C PHE N 60 8.96 -26.76 37.98
N LEU N 61 9.83 -26.18 37.16
CA LEU N 61 10.79 -26.94 36.35
C LEU N 61 12.22 -26.67 36.79
N ASP N 62 12.98 -27.73 37.02
CA ASP N 62 14.39 -27.62 37.30
C ASP N 62 15.14 -28.24 36.14
N VAL N 63 16.16 -27.53 35.65
CA VAL N 63 16.97 -28.00 34.55
C VAL N 63 18.44 -27.96 34.97
N ALA N 64 19.12 -29.09 34.84
CA ALA N 64 20.57 -29.16 35.08
C ALA N 64 21.22 -29.75 33.83
N LEU N 65 22.26 -29.08 33.34
CA LEU N 65 22.91 -29.46 32.09
C LEU N 65 24.36 -29.88 32.30
N PHE N 66 24.77 -30.97 31.65
CA PHE N 66 26.13 -31.50 31.78
C PHE N 66 26.78 -31.84 30.43
N SER N 67 28.11 -31.98 30.44
CA SER N 67 28.84 -32.54 29.31
C SER N 67 30.21 -33.04 29.75
N LYS N 68 30.54 -34.26 29.30
CA LYS N 68 31.72 -34.99 29.73
C LYS N 68 31.82 -34.98 31.28
N GLY N 69 30.76 -35.48 31.93
CA GLY N 69 30.74 -35.69 33.37
C GLY N 69 30.39 -34.45 34.15
N LEU N 70 30.93 -33.30 33.72
CA LEU N 70 30.89 -32.07 34.54
C LEU N 70 29.62 -31.21 34.30
N SER N 71 29.23 -30.45 35.33
CA SER N 71 28.08 -29.54 35.27
C SER N 71 28.45 -28.26 34.49
N ILE N 72 27.46 -27.45 34.16
CA ILE N 72 27.58 -26.41 33.12
C ILE N 72 26.56 -25.29 33.35
N LEU N 73 25.32 -25.64 33.67
CA LEU N 73 24.31 -24.64 34.04
C LEU N 73 23.15 -25.31 34.82
N ASN N 74 22.64 -24.59 35.81
CA ASN N 74 21.45 -25.00 36.58
C ASN N 74 20.47 -23.86 36.64
N PHE N 75 19.20 -24.10 36.32
CA PHE N 75 18.17 -23.10 36.62
C PHE N 75 16.83 -23.72 36.97
N SER N 76 15.95 -22.88 37.53
CA SER N 76 14.59 -23.25 37.90
C SER N 76 13.64 -22.20 37.35
N TYR N 77 12.51 -22.64 36.82
CA TYR N 77 11.52 -21.77 36.20
C TYR N 77 10.14 -22.26 36.62
N PRO N 78 9.23 -21.35 36.99
CA PRO N 78 7.91 -21.81 37.35
C PRO N 78 7.03 -21.94 36.13
N VAL N 79 6.31 -23.07 36.03
CA VAL N 79 5.39 -23.31 34.94
C VAL N 79 3.99 -22.87 35.36
N CYS N 80 3.59 -23.22 36.59
CA CYS N 80 2.29 -22.77 37.14
C CYS N 80 2.45 -22.21 38.55
N GLU N 81 1.87 -21.06 38.80
CA GLU N 81 1.90 -20.46 40.12
C GLU N 81 0.46 -20.05 40.47
N VAL N 82 0.14 -19.96 41.77
CA VAL N 82 -1.23 -19.68 42.18
C VAL N 82 -1.72 -18.34 41.63
N ASP N 83 -0.80 -17.40 41.51
CA ASP N 83 -1.13 -16.08 40.98
C ASP N 83 -0.78 -15.90 39.49
N LEU N 84 -0.38 -16.99 38.82
CA LEU N 84 -0.07 -16.94 37.38
C LEU N 84 0.02 -18.32 36.71
N PRO N 85 -1.14 -18.87 36.32
CA PRO N 85 -1.14 -20.07 35.50
C PRO N 85 -0.76 -19.71 34.07
N LYS N 86 0.40 -20.13 33.63
CA LYS N 86 0.92 -19.73 32.32
C LYS N 86 0.30 -20.55 31.24
N PHE N 87 -0.16 -21.74 31.60
CA PHE N 87 -0.62 -22.70 30.62
C PHE N 87 -2.04 -23.13 30.93
N SER N 88 -2.74 -23.61 29.91
CA SER N 88 -4.13 -24.01 30.08
C SER N 88 -4.25 -25.20 31.01
N PHE N 89 -3.23 -26.05 31.07
CA PHE N 89 -3.25 -27.22 31.94
C PHE N 89 -2.97 -26.95 33.41
N CYS N 90 -2.64 -25.71 33.77
CA CYS N 90 -2.40 -25.41 35.19
C CYS N 90 -3.66 -25.62 36.02
N GLY N 91 -3.47 -26.01 37.27
CA GLY N 91 -4.60 -26.27 38.16
C GLY N 91 -5.37 -27.54 37.87
N ARG N 92 -4.78 -28.46 37.10
CA ARG N 92 -5.35 -29.79 36.95
C ARG N 92 -5.04 -30.63 38.14
N ARG N 93 -5.88 -31.62 38.35
CA ARG N 93 -5.82 -32.45 39.54
C ARG N 93 -4.99 -33.70 39.33
N LYS N 94 -4.45 -34.20 40.43
CA LYS N 94 -3.86 -35.53 40.46
C LYS N 94 -4.85 -36.56 39.94
N GLY N 95 -4.39 -37.36 39.01
CA GLY N 95 -5.20 -38.41 38.41
C GLY N 95 -5.71 -38.10 37.01
N GLU N 96 -5.63 -36.85 36.59
CA GLU N 96 -6.06 -36.47 35.27
C GLU N 96 -5.01 -36.82 34.25
N GLN N 97 -5.43 -37.43 33.14
CA GLN N 97 -4.57 -37.65 31.98
C GLN N 97 -4.42 -36.36 31.19
N ILE N 98 -3.21 -36.07 30.70
CA ILE N 98 -2.97 -34.85 29.91
C ILE N 98 -2.43 -35.18 28.51
N TYR N 99 -2.94 -34.48 27.49
CA TYR N 99 -2.24 -34.38 26.24
C TYR N 99 -2.06 -32.93 25.83
N TYR N 100 -0.83 -32.42 25.84
CA TYR N 100 -0.55 -31.05 25.44
C TYR N 100 0.25 -31.02 24.14
N ALA N 101 -0.28 -30.30 23.16
CA ALA N 101 0.43 -30.06 21.90
C ALA N 101 0.34 -28.58 21.60
N GLY N 102 1.42 -27.86 21.94
CA GLY N 102 1.46 -26.41 21.80
C GLY N 102 2.84 -25.85 22.09
N PRO N 103 2.92 -24.54 22.24
CA PRO N 103 4.20 -23.85 22.46
C PRO N 103 4.60 -23.73 23.92
N ILE N 104 5.90 -23.76 24.17
CA ILE N 104 6.43 -23.43 25.48
C ILE N 104 7.00 -22.05 25.31
N ASN N 105 7.12 -21.31 26.41
CA ASN N 105 7.43 -19.86 26.33
C ASN N 105 8.91 -19.56 26.31
N ASN N 106 9.69 -20.37 25.59
CA ASN N 106 11.14 -20.22 25.61
C ASN N 106 11.64 -19.10 24.73
N PRO N 107 12.84 -18.56 25.06
CA PRO N 107 13.63 -17.65 24.25
C PRO N 107 14.65 -18.42 23.39
N GLY N 108 15.21 -17.81 22.36
CA GLY N 108 15.84 -18.56 21.28
C GLY N 108 17.35 -18.75 21.34
N PHE N 109 17.79 -19.73 22.11
CA PHE N 109 19.20 -20.12 22.11
C PHE N 109 19.52 -20.72 20.75
N GLU N 110 20.78 -20.60 20.32
CA GLU N 110 21.36 -21.56 19.37
C GLU N 110 22.32 -22.50 20.12
N ILE N 111 22.02 -23.80 20.10
CA ILE N 111 22.86 -24.80 20.77
C ILE N 111 24.18 -25.04 20.00
N PRO N 112 25.32 -25.03 20.73
CA PRO N 112 26.57 -25.35 20.08
C PRO N 112 26.61 -26.82 19.79
N GLU N 113 27.29 -27.18 18.70
CA GLU N 113 27.45 -28.57 18.28
C GLU N 113 28.31 -29.36 19.27
N GLY N 114 27.88 -30.59 19.53
CA GLY N 114 28.46 -31.43 20.59
C GLY N 114 27.38 -32.18 21.35
N ASP N 115 27.81 -33.00 22.31
CA ASP N 115 26.93 -33.94 23.03
C ASP N 115 26.66 -33.50 24.48
N TYR N 116 25.39 -33.40 24.88
CA TYR N 116 25.04 -33.04 26.26
C TYR N 116 24.17 -34.06 26.95
N GLN N 117 24.26 -34.11 28.28
CA GLN N 117 23.29 -34.85 29.10
C GLN N 117 22.47 -33.79 29.89
N VAL N 118 21.15 -33.82 29.77
CA VAL N 118 20.27 -32.85 30.47
C VAL N 118 19.32 -33.54 31.43
N LEU N 119 19.21 -33.04 32.64
CA LEU N 119 18.29 -33.62 33.61
C LEU N 119 17.19 -32.63 33.94
N LEU N 120 15.95 -32.98 33.59
CA LEU N 120 14.78 -32.10 33.75
C LEU N 120 13.87 -32.68 34.85
N GLU N 121 13.34 -31.82 35.71
CA GLU N 121 12.48 -32.30 36.80
C GLU N 121 11.29 -31.37 37.05
N LEU N 122 10.10 -31.90 36.85
CA LEU N 122 8.88 -31.14 37.14
C LEU N 122 8.38 -31.52 38.52
N TYR N 123 8.10 -30.53 39.38
CA TYR N 123 7.66 -30.81 40.74
C TYR N 123 6.72 -29.74 41.23
N ASN N 124 5.93 -30.03 42.25
CA ASN N 124 4.99 -29.06 42.80
C ASN N 124 5.51 -28.42 44.09
N GLN N 125 4.66 -27.64 44.76
CA GLN N 125 5.11 -26.89 45.92
C GLN N 125 5.65 -27.76 47.05
N ASP N 126 5.19 -29.02 47.12
CA ASP N 126 5.62 -29.94 48.18
C ASP N 126 6.75 -30.78 47.72
N HIS N 127 7.43 -30.33 46.66
CA HIS N 127 8.56 -31.05 46.07
C HIS N 127 8.18 -32.48 45.67
N ALA N 128 6.91 -32.73 45.40
CA ALA N 128 6.46 -34.03 44.87
C ALA N 128 6.77 -34.13 43.38
N THR N 129 7.32 -35.26 42.96
CA THR N 129 7.61 -35.41 41.56
C THR N 129 6.33 -35.44 40.74
N VAL N 130 6.30 -34.64 39.68
CA VAL N 130 5.29 -34.73 38.65
C VAL N 130 5.88 -35.45 37.44
N ALA N 131 7.13 -35.16 37.13
CA ALA N 131 7.81 -35.78 35.98
C ALA N 131 9.33 -35.60 36.04
N CYS N 132 10.07 -36.55 35.49
CA CYS N 132 11.54 -36.57 35.55
C CYS N 132 12.15 -37.18 34.29
N ALA N 133 12.97 -36.43 33.57
CA ALA N 133 13.60 -36.95 32.36
C ALA N 133 15.13 -36.87 32.44
N ASN N 134 15.80 -37.99 32.15
CA ASN N 134 17.25 -38.02 31.95
C ASN N 134 17.42 -37.97 30.44
N ALA N 135 17.79 -36.80 29.92
CA ALA N 135 17.80 -36.58 28.46
C ALA N 135 19.22 -36.49 27.88
N THR N 136 19.40 -37.02 26.68
CA THR N 136 20.69 -36.93 26.00
C THR N 136 20.54 -36.22 24.65
N VAL N 137 21.31 -35.15 24.46
CA VAL N 137 21.33 -34.44 23.20
C VAL N 137 22.58 -34.79 22.39
N LEU N 138 22.40 -35.29 21.17
CA LEU N 138 23.52 -35.79 20.36
C LEU N 138 23.65 -34.93 19.12
N TYR N 139 24.27 -33.77 19.26
CA TYR N 139 24.28 -32.78 18.19
C TYR N 139 25.69 -32.63 17.56
N SER N 140 26.67 -33.30 18.16
CA SER N 140 27.99 -33.48 17.58
C SER N 140 27.89 -34.16 16.21
N ALA N 141 28.88 -33.94 15.37
CA ALA N 141 28.99 -34.61 14.09
C ALA N 141 29.72 -35.95 14.22
N GLY O 2 -37.65 -23.74 -53.67
CA GLY O 2 -39.15 -23.87 -53.75
C GLY O 2 -39.92 -23.55 -52.45
N GLU O 3 -39.19 -23.05 -51.44
CA GLU O 3 -39.73 -22.58 -50.17
C GLU O 3 -38.90 -21.37 -49.75
N ALA O 4 -39.55 -20.27 -49.36
CA ALA O 4 -38.88 -18.99 -49.02
C ALA O 4 -38.02 -19.12 -47.77
N TRP O 5 -37.10 -18.17 -47.56
CA TRP O 5 -36.21 -18.23 -46.39
C TRP O 5 -36.99 -18.13 -45.07
N PRO O 6 -36.46 -18.72 -44.00
CA PRO O 6 -37.17 -18.70 -42.72
C PRO O 6 -37.15 -17.33 -42.03
N THR O 7 -38.23 -17.01 -41.34
CA THR O 7 -38.33 -15.78 -40.57
C THR O 7 -37.59 -15.91 -39.25
N HIS O 8 -36.56 -15.09 -39.06
CA HIS O 8 -35.76 -15.12 -37.83
C HIS O 8 -36.19 -14.03 -36.85
N THR O 9 -35.89 -14.22 -35.57
CA THR O 9 -36.14 -13.20 -34.57
C THR O 9 -34.87 -12.38 -34.34
N ALA O 10 -34.85 -11.14 -34.83
CA ALA O 10 -33.73 -10.21 -34.54
C ALA O 10 -33.64 -9.92 -33.04
N CYS O 11 -34.80 -9.90 -32.36
CA CYS O 11 -34.84 -9.77 -30.90
C CYS O 11 -36.24 -9.91 -30.23
N ARG O 12 -36.27 -10.03 -28.90
CA ARG O 12 -37.54 -10.09 -28.16
C ARG O 12 -37.29 -9.68 -26.70
N ASN O 13 -37.66 -8.45 -26.35
CA ASN O 13 -37.58 -8.00 -24.94
C ASN O 13 -38.85 -8.32 -24.20
N GLY O 14 -39.79 -7.39 -24.27
CA GLY O 14 -41.07 -7.55 -23.64
C GLY O 14 -42.07 -7.93 -24.71
N ASN O 15 -43.22 -7.25 -24.69
CA ASN O 15 -44.22 -7.32 -25.75
C ASN O 15 -43.60 -6.83 -27.08
N LEU O 16 -42.47 -6.14 -26.99
CA LEU O 16 -41.69 -5.76 -28.19
C LEU O 16 -40.99 -6.96 -28.84
N GLN O 17 -40.97 -7.03 -30.16
CA GLN O 17 -40.10 -7.96 -30.90
C GLN O 17 -39.91 -7.54 -32.35
N VAL O 18 -38.74 -7.82 -32.90
CA VAL O 18 -38.39 -7.49 -34.30
C VAL O 18 -38.06 -8.75 -35.07
N LEU O 19 -38.87 -9.06 -36.09
CA LEU O 19 -38.66 -10.24 -36.95
C LEU O 19 -38.18 -9.78 -38.32
N TYR O 20 -37.40 -10.63 -39.00
CA TYR O 20 -36.99 -10.34 -40.37
C TYR O 20 -36.88 -11.62 -41.15
N GLN O 21 -36.98 -11.51 -42.47
CA GLN O 21 -36.63 -12.59 -43.35
C GLN O 21 -35.94 -12.04 -44.59
N SER O 22 -34.97 -12.81 -45.09
CA SER O 22 -34.11 -12.40 -46.22
C SER O 22 -34.87 -12.42 -47.51
N CYS O 23 -34.86 -11.31 -48.23
CA CYS O 23 -35.45 -11.22 -49.56
C CYS O 23 -34.38 -11.23 -50.68
N ASP O 24 -33.18 -11.72 -50.39
CA ASP O 24 -32.21 -12.08 -51.42
C ASP O 24 -32.51 -13.53 -51.70
N PRO O 25 -32.93 -13.85 -52.93
CA PRO O 25 -33.22 -15.24 -53.25
C PRO O 25 -32.02 -16.17 -53.15
N LEU O 26 -30.83 -15.66 -53.36
CA LEU O 26 -29.65 -16.51 -53.34
C LEU O 26 -29.24 -17.03 -51.94
N GLN O 27 -29.61 -16.37 -50.87
CA GLN O 27 -29.07 -16.73 -49.54
C GLN O 27 -29.73 -16.03 -48.36
N ASP O 28 -29.58 -16.64 -47.18
CA ASP O 28 -30.04 -16.09 -45.90
C ASP O 28 -28.93 -15.29 -45.33
N PHE O 29 -29.20 -14.66 -44.19
CA PHE O 29 -28.14 -14.06 -43.38
C PHE O 29 -28.56 -13.91 -41.93
N GLY O 30 -27.57 -13.81 -41.06
CA GLY O 30 -27.79 -13.76 -39.64
C GLY O 30 -27.70 -12.34 -39.12
N PHE O 31 -28.72 -11.91 -38.40
CA PHE O 31 -28.77 -10.58 -37.82
C PHE O 31 -29.43 -10.61 -36.45
N SER O 32 -28.94 -9.75 -35.57
CA SER O 32 -29.49 -9.60 -34.25
C SER O 32 -29.14 -8.24 -33.70
N VAL O 33 -30.03 -7.68 -32.88
CA VAL O 33 -29.80 -6.42 -32.17
C VAL O 33 -29.69 -6.75 -30.69
N ASP O 34 -28.91 -5.97 -29.95
CA ASP O 34 -28.53 -6.38 -28.60
C ASP O 34 -29.53 -5.91 -27.56
N GLN O 35 -29.84 -4.62 -27.55
CA GLN O 35 -30.92 -4.09 -26.69
C GLN O 35 -32.18 -3.83 -27.53
N CYS O 36 -33.31 -4.43 -27.14
CA CYS O 36 -34.59 -4.14 -27.81
C CYS O 36 -35.51 -3.33 -26.93
N ALA O 37 -35.63 -2.06 -27.28
CA ALA O 37 -36.43 -1.10 -26.51
C ALA O 37 -37.19 -0.15 -27.40
N ARG O 38 -38.31 0.34 -26.89
CA ARG O 38 -39.09 1.38 -27.56
C ARG O 38 -38.18 2.56 -27.82
N GLN O 39 -37.50 3.02 -26.78
CA GLN O 39 -36.51 4.08 -26.90
C GLN O 39 -35.19 3.47 -27.41
N LEU O 40 -34.93 3.60 -28.71
CA LEU O 40 -33.65 3.20 -29.28
C LEU O 40 -32.58 4.22 -28.95
N LYS O 41 -31.57 3.82 -28.20
CA LYS O 41 -30.42 4.67 -27.93
C LYS O 41 -29.66 5.00 -29.22
N PRO O 42 -28.86 6.07 -29.19
CA PRO O 42 -28.03 6.32 -30.36
C PRO O 42 -26.86 5.35 -30.37
N ASN O 43 -26.25 5.19 -31.55
CA ASN O 43 -25.06 4.35 -31.72
C ASN O 43 -25.26 2.97 -31.11
N ILE O 44 -26.39 2.35 -31.44
CA ILE O 44 -26.74 0.99 -31.00
C ILE O 44 -25.81 -0.12 -31.59
N ASN O 45 -25.68 -1.24 -30.90
CA ASN O 45 -24.82 -2.34 -31.33
C ASN O 45 -25.60 -3.48 -32.02
N ILE O 46 -25.07 -3.93 -33.17
CA ILE O 46 -25.66 -5.06 -33.91
C ILE O 46 -24.71 -6.25 -34.04
N ARG O 47 -25.25 -7.35 -34.58
CA ARG O 47 -24.50 -8.54 -34.93
C ARG O 47 -24.98 -9.11 -36.24
N PHE O 48 -24.03 -9.49 -37.07
CA PHE O 48 -24.28 -9.72 -38.48
C PHE O 48 -23.36 -10.81 -39.04
N GLY O 49 -23.95 -11.73 -39.78
CA GLY O 49 -23.21 -12.85 -40.33
C GLY O 49 -23.70 -13.15 -41.71
N MET O 50 -22.77 -13.21 -42.66
CA MET O 50 -23.14 -13.34 -44.06
C MET O 50 -21.93 -13.68 -44.86
N VAL O 51 -22.12 -14.25 -46.05
CA VAL O 51 -21.07 -14.36 -47.08
C VAL O 51 -21.37 -13.35 -48.19
N LEU O 52 -20.37 -12.54 -48.55
CA LEU O 52 -20.50 -11.53 -49.60
C LEU O 52 -20.51 -12.18 -50.99
N ARG O 53 -21.40 -11.69 -51.85
CA ARG O 53 -21.49 -12.10 -53.24
C ARG O 53 -21.14 -10.95 -54.21
N GLU O 54 -20.66 -9.85 -53.66
CA GLU O 54 -20.32 -8.66 -54.42
C GLU O 54 -19.23 -7.92 -53.65
N ASP O 55 -18.36 -7.20 -54.34
CA ASP O 55 -17.38 -6.35 -53.66
C ASP O 55 -18.06 -5.15 -53.02
N ILE O 56 -17.63 -4.76 -51.81
CA ILE O 56 -18.30 -3.68 -51.05
C ILE O 56 -17.36 -2.50 -50.70
N GLU O 57 -16.45 -2.19 -51.61
CA GLU O 57 -15.73 -0.92 -51.52
C GLU O 57 -16.75 0.20 -51.49
N GLN O 58 -17.79 0.07 -52.31
CA GLN O 58 -18.91 1.00 -52.31
C GLN O 58 -20.13 0.25 -51.85
N LEU O 59 -20.85 0.77 -50.87
CA LEU O 59 -22.00 0.06 -50.29
C LEU O 59 -23.01 1.05 -49.77
N PHE O 60 -24.27 0.85 -50.15
CA PHE O 60 -25.34 1.80 -49.83
C PHE O 60 -26.56 1.11 -49.23
N LEU O 61 -27.22 1.79 -48.28
CA LEU O 61 -28.39 1.28 -47.62
C LEU O 61 -29.60 2.05 -48.03
N ASP O 62 -30.66 1.32 -48.41
CA ASP O 62 -31.99 1.90 -48.69
C ASP O 62 -32.97 1.37 -47.65
N VAL O 63 -33.72 2.27 -47.03
CA VAL O 63 -34.70 1.90 -46.04
C VAL O 63 -36.03 2.46 -46.50
N ALA O 64 -37.05 1.62 -46.52
CA ALA O 64 -38.42 2.02 -46.77
C ALA O 64 -39.31 1.51 -45.63
N LEU O 65 -40.10 2.41 -45.05
CA LEU O 65 -40.92 2.09 -43.88
C LEU O 65 -42.42 2.23 -44.15
N PHE O 66 -43.20 1.24 -43.74
CA PHE O 66 -44.63 1.21 -44.05
C PHE O 66 -45.40 0.86 -42.82
N SER O 67 -46.66 1.29 -42.79
CA SER O 67 -47.58 0.98 -41.70
C SER O 67 -49.01 0.97 -42.21
N LYS O 68 -49.76 -0.07 -41.85
CA LYS O 68 -51.19 -0.16 -42.16
C LYS O 68 -51.47 -0.09 -43.67
N GLY O 69 -50.45 -0.42 -44.47
CA GLY O 69 -50.54 -0.35 -45.93
C GLY O 69 -49.77 0.81 -46.53
N LEU O 70 -50.01 2.02 -46.05
CA LEU O 70 -49.40 3.22 -46.66
C LEU O 70 -47.90 3.33 -46.36
N SER O 71 -47.19 4.17 -47.12
CA SER O 71 -45.75 4.40 -46.96
C SER O 71 -45.48 5.64 -46.08
N ILE O 72 -44.60 5.49 -45.08
CA ILE O 72 -44.30 6.58 -44.11
C ILE O 72 -42.98 7.31 -44.38
N LEU O 73 -41.91 6.60 -44.75
CA LEU O 73 -40.61 7.26 -44.95
C LEU O 73 -39.65 6.40 -45.83
N ASN O 74 -38.90 7.08 -46.69
CA ASN O 74 -37.87 6.46 -47.52
C ASN O 74 -36.57 7.23 -47.39
N PHE O 75 -35.46 6.59 -47.13
CA PHE O 75 -34.17 7.26 -47.27
C PHE O 75 -33.05 6.32 -47.72
N SER O 76 -31.93 6.91 -48.12
CA SER O 76 -30.75 6.18 -48.55
C SER O 76 -29.55 6.74 -47.82
N TYR O 77 -28.66 5.87 -47.35
CA TYR O 77 -27.47 6.28 -46.59
C TYR O 77 -26.31 5.42 -47.09
N PRO O 78 -25.14 6.04 -47.35
CA PRO O 78 -24.00 5.26 -47.74
C PRO O 78 -23.27 4.70 -46.54
N VAL O 79 -22.95 3.40 -46.62
CA VAL O 79 -22.21 2.70 -45.58
C VAL O 79 -20.73 2.76 -45.90
N CYS O 80 -20.38 2.49 -47.17
CA CYS O 80 -18.97 2.57 -47.65
C CYS O 80 -18.87 3.35 -48.95
N GLU O 81 -17.94 4.29 -49.03
CA GLU O 81 -17.72 5.05 -50.23
C GLU O 81 -16.22 5.04 -50.50
N VAL O 82 -15.81 5.28 -51.74
CA VAL O 82 -14.40 5.15 -52.11
C VAL O 82 -13.55 6.10 -51.34
N ASP O 83 -14.12 7.27 -51.06
CA ASP O 83 -13.43 8.33 -50.31
C ASP O 83 -13.78 8.37 -48.83
N LEU O 84 -14.56 7.40 -48.35
CA LEU O 84 -14.92 7.30 -46.92
C LEU O 84 -15.46 5.91 -46.51
N PRO O 85 -14.56 4.96 -46.20
CA PRO O 85 -14.98 3.70 -45.59
C PRO O 85 -15.30 3.92 -44.11
N LYS O 86 -16.57 3.88 -43.76
CA LYS O 86 -17.00 4.19 -42.40
C LYS O 86 -16.77 3.03 -41.47
N PHE O 87 -16.68 1.84 -42.03
CA PHE O 87 -16.59 0.61 -41.25
C PHE O 87 -15.34 -0.18 -41.62
N SER O 88 -14.88 -0.99 -40.68
CA SER O 88 -13.69 -1.78 -40.91
C SER O 88 -13.90 -2.76 -42.04
N PHE O 89 -15.12 -3.25 -42.21
CA PHE O 89 -15.41 -4.20 -43.29
C PHE O 89 -15.54 -3.62 -44.70
N CYS O 90 -15.45 -2.30 -44.86
CA CYS O 90 -15.51 -1.72 -46.20
C CYS O 90 -14.34 -2.15 -47.08
N GLY O 91 -14.59 -2.30 -48.36
CA GLY O 91 -13.56 -2.78 -49.25
C GLY O 91 -13.25 -4.27 -49.15
N ARG O 92 -14.14 -5.02 -48.57
CA ARG O 92 -13.99 -6.47 -48.65
C ARG O 92 -14.38 -6.97 -50.02
N ARG O 93 -13.89 -8.13 -50.38
CA ARG O 93 -14.15 -8.68 -51.70
C ARG O 93 -15.36 -9.60 -51.71
N LYS O 94 -15.93 -9.73 -52.91
CA LYS O 94 -16.92 -10.76 -53.14
C LYS O 94 -16.30 -12.13 -52.78
N GLY O 95 -17.06 -12.90 -51.99
CA GLY O 95 -16.66 -14.22 -51.58
C GLY O 95 -16.16 -14.31 -50.17
N GLU O 96 -15.85 -13.19 -49.55
CA GLU O 96 -15.44 -13.19 -48.16
C GLU O 96 -16.62 -13.34 -47.20
N GLN O 97 -16.48 -14.23 -46.21
CA GLN O 97 -17.42 -14.33 -45.09
C GLN O 97 -17.18 -13.22 -44.09
N ILE O 98 -18.24 -12.61 -43.57
CA ILE O 98 -18.14 -11.55 -42.58
C ILE O 98 -18.84 -11.93 -41.31
N TYR O 99 -18.26 -11.53 -40.18
CA TYR O 99 -18.98 -11.45 -38.90
C TYR O 99 -18.70 -10.11 -38.27
N TYR O 100 -19.72 -9.27 -38.15
CA TYR O 100 -19.55 -7.97 -37.52
C TYR O 100 -20.34 -7.95 -36.22
N ALA O 101 -19.68 -7.51 -35.15
CA ALA O 101 -20.35 -7.26 -33.85
C ALA O 101 -19.82 -5.96 -33.29
N GLY O 102 -20.58 -4.90 -33.55
CA GLY O 102 -20.19 -3.55 -33.16
C GLY O 102 -21.31 -2.54 -33.37
N PRO O 103 -21.00 -1.26 -33.24
CA PRO O 103 -21.96 -0.19 -33.35
C PRO O 103 -22.25 0.24 -34.78
N ILE O 104 -23.48 0.67 -35.04
CA ILE O 104 -23.79 1.37 -36.28
C ILE O 104 -23.95 2.81 -35.95
N ASN O 105 -23.75 3.65 -36.97
CA ASN O 105 -23.46 5.08 -36.76
C ASN O 105 -24.76 5.89 -36.73
N ASN O 106 -25.51 5.78 -35.65
CA ASN O 106 -26.93 6.06 -35.79
C ASN O 106 -27.59 6.84 -34.67
N PRO O 107 -28.63 7.63 -35.02
CA PRO O 107 -29.38 8.38 -34.01
C PRO O 107 -30.37 7.46 -33.29
N GLY O 108 -30.95 7.95 -32.21
CA GLY O 108 -31.91 7.16 -31.43
C GLY O 108 -33.31 7.54 -31.84
N PHE O 109 -34.30 7.16 -31.02
CA PHE O 109 -35.72 7.56 -31.19
C PHE O 109 -36.67 6.56 -30.58
N GLU O 110 -37.74 7.06 -29.94
CA GLU O 110 -38.84 6.23 -29.46
C GLU O 110 -39.40 5.42 -30.64
N ILE O 111 -40.12 4.33 -30.35
CA ILE O 111 -40.73 3.51 -31.41
C ILE O 111 -42.21 3.46 -31.09
N PRO O 112 -43.05 4.14 -31.92
CA PRO O 112 -44.45 4.36 -31.53
C PRO O 112 -45.28 3.09 -31.71
N GLU O 113 -46.26 2.89 -30.84
CA GLU O 113 -46.99 1.63 -30.79
C GLU O 113 -47.69 1.32 -32.12
N GLY O 114 -47.65 0.05 -32.51
CA GLY O 114 -48.23 -0.44 -33.77
C GLY O 114 -47.41 -1.51 -34.48
N ASP O 115 -48.00 -2.10 -35.52
CA ASP O 115 -47.31 -3.03 -36.43
C ASP O 115 -46.63 -2.23 -37.51
N TYR O 116 -45.41 -2.61 -37.85
CA TYR O 116 -44.68 -1.90 -38.90
C TYR O 116 -43.97 -2.90 -39.80
N GLN O 117 -43.90 -2.59 -41.10
CA GLN O 117 -43.12 -3.39 -42.04
C GLN O 117 -42.01 -2.50 -42.53
N VAL O 118 -40.75 -2.95 -42.37
CA VAL O 118 -39.58 -2.23 -42.85
C VAL O 118 -38.84 -3.04 -43.90
N LEU O 119 -38.49 -2.41 -45.01
CA LEU O 119 -37.73 -3.07 -46.08
C LEU O 119 -36.33 -2.46 -46.25
N LEU O 120 -35.30 -3.24 -45.92
CA LEU O 120 -33.92 -2.76 -45.92
C LEU O 120 -33.15 -3.40 -47.07
N GLU O 121 -32.38 -2.61 -47.83
CA GLU O 121 -31.66 -3.14 -48.97
C GLU O 121 -30.23 -2.63 -49.06
N LEU O 122 -29.27 -3.52 -48.93
CA LEU O 122 -27.89 -3.14 -49.13
C LEU O 122 -27.52 -3.43 -50.59
N TYR O 123 -26.87 -2.47 -51.24
CA TYR O 123 -26.41 -2.66 -52.60
C TYR O 123 -25.14 -1.86 -52.89
N ASN O 124 -24.41 -2.26 -53.94
CA ASN O 124 -23.17 -1.54 -54.32
C ASN O 124 -23.40 -0.57 -55.46
N GLN O 125 -22.31 -0.03 -56.01
CA GLN O 125 -22.43 1.00 -57.06
C GLN O 125 -23.10 0.55 -58.35
N ASP O 126 -23.09 -0.75 -58.61
CA ASP O 126 -23.75 -1.27 -59.79
C ASP O 126 -25.13 -1.76 -59.46
N HIS O 127 -25.66 -1.33 -58.34
CA HIS O 127 -26.99 -1.78 -57.94
C HIS O 127 -27.11 -3.30 -57.77
N ALA O 128 -25.99 -4.00 -57.53
CA ALA O 128 -26.00 -5.44 -57.20
C ALA O 128 -26.44 -5.63 -55.78
N THR O 129 -27.34 -6.57 -55.52
CA THR O 129 -27.77 -6.84 -54.18
C THR O 129 -26.64 -7.43 -53.39
N VAL O 130 -26.38 -6.85 -52.21
CA VAL O 130 -25.49 -7.43 -51.21
C VAL O 130 -26.35 -8.12 -50.14
N ALA O 131 -27.45 -7.47 -49.75
CA ALA O 131 -28.35 -8.02 -48.73
C ALA O 131 -29.71 -7.37 -48.79
N CYS O 132 -30.75 -8.10 -48.40
CA CYS O 132 -32.15 -7.63 -48.46
C CYS O 132 -32.97 -8.19 -47.30
N ALA O 133 -33.55 -7.35 -46.45
CA ALA O 133 -34.38 -7.84 -45.34
C ALA O 133 -35.77 -7.29 -45.44
N ASN O 134 -36.78 -8.16 -45.34
CA ASN O 134 -38.18 -7.76 -45.19
C ASN O 134 -38.39 -7.89 -43.69
N ALA O 135 -38.42 -6.78 -42.98
CA ALA O 135 -38.48 -6.80 -41.51
C ALA O 135 -39.84 -6.37 -40.94
N THR O 136 -40.26 -6.98 -39.82
CA THR O 136 -41.48 -6.60 -39.14
C THR O 136 -41.20 -6.22 -37.68
N VAL O 137 -41.62 -5.02 -37.29
CA VAL O 137 -41.49 -4.53 -35.92
C VAL O 137 -42.85 -4.58 -35.23
N LEU O 138 -42.92 -5.26 -34.08
CA LEU O 138 -44.20 -5.49 -33.37
C LEU O 138 -44.24 -4.93 -31.95
N TYR O 139 -45.14 -3.98 -31.67
CA TYR O 139 -45.52 -3.54 -30.29
C TYR O 139 -47.02 -3.38 -30.14
N ALA P 4 -10.47 -44.88 -58.71
CA ALA P 4 -9.44 -44.76 -57.62
C ALA P 4 -8.84 -43.35 -57.62
N TRP P 5 -8.18 -42.99 -56.53
CA TRP P 5 -7.59 -41.64 -56.41
C TRP P 5 -6.45 -41.45 -57.40
N PRO P 6 -6.24 -40.20 -57.82
CA PRO P 6 -5.21 -39.91 -58.81
C PRO P 6 -3.80 -40.04 -58.25
N THR P 7 -2.88 -40.45 -59.12
CA THR P 7 -1.47 -40.57 -58.79
C THR P 7 -0.78 -39.22 -58.88
N HIS P 8 -0.28 -38.73 -57.76
CA HIS P 8 0.40 -37.43 -57.70
C HIS P 8 1.90 -37.62 -57.72
N THR P 9 2.61 -36.55 -58.11
CA THR P 9 4.07 -36.57 -58.10
C THR P 9 4.56 -35.91 -56.82
N ALA P 10 5.10 -36.70 -55.90
CA ALA P 10 5.72 -36.16 -54.69
C ALA P 10 6.93 -35.29 -55.03
N CYS P 11 7.65 -35.65 -56.11
CA CYS P 11 8.77 -34.83 -56.67
C CYS P 11 9.39 -35.36 -58.00
N ARG P 12 10.21 -34.53 -58.63
CA ARG P 12 10.92 -34.92 -59.85
C ARG P 12 12.19 -34.06 -60.06
N ASN P 13 13.37 -34.61 -59.74
CA ASN P 13 14.64 -33.90 -59.98
C ASN P 13 15.13 -34.14 -61.39
N GLY P 14 15.81 -35.26 -61.61
CA GLY P 14 16.35 -35.57 -62.94
C GLY P 14 15.62 -36.77 -63.52
N ASN P 15 16.36 -37.87 -63.69
CA ASN P 15 15.77 -39.18 -63.95
C ASN P 15 15.06 -39.72 -62.70
N LEU P 16 15.40 -39.18 -61.52
CA LEU P 16 14.72 -39.54 -60.27
C LEU P 16 13.31 -38.97 -60.25
N GLN P 17 12.35 -39.72 -59.73
CA GLN P 17 11.02 -39.19 -59.34
C GLN P 17 10.25 -40.10 -58.38
N VAL P 18 9.47 -39.50 -57.49
CA VAL P 18 8.68 -40.26 -56.52
C VAL P 18 7.18 -40.00 -56.71
N LEU P 19 6.43 -41.03 -57.07
CA LEU P 19 4.98 -40.93 -57.26
C LEU P 19 4.26 -41.63 -56.13
N TYR P 20 3.05 -41.17 -55.79
CA TYR P 20 2.22 -41.82 -54.77
C TYR P 20 0.76 -41.69 -55.07
N GLN P 21 -0.03 -42.61 -54.54
CA GLN P 21 -1.47 -42.46 -54.59
C GLN P 21 -2.10 -42.94 -53.30
N SER P 22 -3.16 -42.27 -52.88
CA SER P 22 -3.77 -42.53 -51.60
C SER P 22 -4.52 -43.84 -51.59
N CYS P 23 -4.25 -44.70 -50.64
CA CYS P 23 -5.00 -45.94 -50.48
C CYS P 23 -5.99 -45.88 -49.31
N ASP P 24 -6.37 -44.67 -48.88
CA ASP P 24 -7.49 -44.52 -47.99
C ASP P 24 -8.64 -44.28 -48.91
N PRO P 25 -9.63 -45.19 -48.92
CA PRO P 25 -10.77 -45.01 -49.81
C PRO P 25 -11.56 -43.74 -49.54
N LEU P 26 -11.57 -43.27 -48.31
CA LEU P 26 -12.41 -42.12 -47.95
C LEU P 26 -11.93 -40.78 -48.52
N GLN P 27 -10.62 -40.64 -48.79
CA GLN P 27 -10.05 -39.33 -49.20
C GLN P 27 -8.62 -39.35 -49.74
N ASP P 28 -8.28 -38.31 -50.50
CA ASP P 28 -6.92 -38.07 -50.98
C ASP P 28 -6.16 -37.30 -49.92
N PHE P 29 -4.88 -37.06 -50.18
CA PHE P 29 -4.12 -36.08 -49.44
C PHE P 29 -2.95 -35.55 -50.27
N GLY P 30 -2.43 -34.40 -49.84
CA GLY P 30 -1.36 -33.73 -50.54
C GLY P 30 -0.04 -33.90 -49.84
N PHE P 31 0.96 -34.37 -50.58
CA PHE P 31 2.30 -34.58 -50.06
C PHE P 31 3.35 -34.21 -51.08
N SER P 32 4.47 -33.70 -50.59
CA SER P 32 5.60 -33.35 -51.47
C SER P 32 6.87 -33.37 -50.62
N VAL P 33 8.00 -33.67 -51.28
CA VAL P 33 9.30 -33.61 -50.66
C VAL P 33 10.05 -32.49 -51.34
N ASP P 34 10.97 -31.83 -50.63
CA ASP P 34 11.54 -30.58 -51.16
C ASP P 34 12.77 -30.82 -52.02
N GLN P 35 13.75 -31.56 -51.50
CA GLN P 35 14.92 -32.01 -52.29
C GLN P 35 14.77 -33.48 -52.69
N CYS P 36 14.80 -33.76 -53.99
CA CYS P 36 14.80 -35.15 -54.46
C CYS P 36 16.13 -35.62 -54.99
N ALA P 37 16.78 -36.44 -54.18
CA ALA P 37 18.13 -36.91 -54.47
C ALA P 37 18.28 -38.38 -54.09
N ARG P 38 19.20 -39.04 -54.80
CA ARG P 38 19.58 -40.39 -54.47
C ARG P 38 20.02 -40.37 -53.00
N GLN P 39 21.00 -39.51 -52.71
CA GLN P 39 21.50 -39.34 -51.35
C GLN P 39 20.50 -38.52 -50.54
N LEU P 40 19.63 -39.18 -49.78
CA LEU P 40 18.71 -38.48 -48.87
C LEU P 40 19.46 -37.98 -47.63
N LYS P 41 19.53 -36.66 -47.48
CA LYS P 41 20.13 -36.05 -46.30
C LYS P 41 19.32 -36.46 -45.07
N PRO P 42 19.92 -36.33 -43.87
CA PRO P 42 19.14 -36.57 -42.67
C PRO P 42 18.22 -35.39 -42.38
N ASN P 43 17.23 -35.61 -41.55
CA ASN P 43 16.29 -34.56 -41.17
C ASN P 43 15.80 -33.76 -42.41
N ILE P 44 15.30 -34.48 -43.42
CA ILE P 44 14.70 -33.89 -44.63
C ILE P 44 13.37 -33.15 -44.35
N ASN P 45 13.03 -32.17 -45.19
CA ASN P 45 11.78 -31.39 -45.06
C ASN P 45 10.68 -31.84 -45.99
N ILE P 46 9.46 -31.98 -45.44
CA ILE P 46 8.29 -32.36 -46.22
C ILE P 46 7.17 -31.31 -46.17
N ARG P 47 6.12 -31.57 -46.95
CA ARG P 47 4.91 -30.76 -46.98
C ARG P 47 3.72 -31.70 -47.10
N PHE P 48 2.68 -31.40 -46.35
CA PHE P 48 1.60 -32.31 -46.14
C PHE P 48 0.28 -31.57 -45.89
N GLY P 49 -0.76 -32.02 -46.56
CA GLY P 49 -2.07 -31.38 -46.51
C GLY P 49 -3.17 -32.41 -46.49
N MET P 50 -4.00 -32.36 -45.45
CA MET P 50 -4.97 -33.40 -45.21
C MET P 50 -5.98 -32.91 -44.19
N VAL P 51 -7.17 -33.52 -44.21
CA VAL P 51 -8.19 -33.37 -43.17
C VAL P 51 -8.23 -34.66 -42.35
N LEU P 52 -8.13 -34.51 -41.02
CA LEU P 52 -8.08 -35.66 -40.12
C LEU P 52 -9.48 -36.23 -39.99
N ARG P 53 -9.55 -37.55 -39.96
CA ARG P 53 -10.76 -38.29 -39.71
C ARG P 53 -10.70 -39.11 -38.45
N GLU P 54 -9.64 -38.93 -37.66
CA GLU P 54 -9.42 -39.65 -36.39
C GLU P 54 -8.60 -38.73 -35.46
N ASP P 55 -8.70 -38.89 -34.15
CA ASP P 55 -7.83 -38.16 -33.25
C ASP P 55 -6.41 -38.71 -33.37
N ILE P 56 -5.38 -37.85 -33.26
CA ILE P 56 -3.99 -38.29 -33.39
C ILE P 56 -3.10 -37.95 -32.17
N GLU P 57 -3.66 -37.97 -30.98
CA GLU P 57 -2.84 -37.95 -29.79
C GLU P 57 -1.87 -39.11 -29.82
N GLN P 58 -2.33 -40.25 -30.30
CA GLN P 58 -1.44 -41.38 -30.56
C GLN P 58 -1.43 -41.65 -32.04
N LEU P 59 -0.24 -41.75 -32.64
CA LEU P 59 -0.13 -41.88 -34.10
C LEU P 59 1.11 -42.65 -34.49
N PHE P 60 0.94 -43.67 -35.32
CA PHE P 60 2.05 -44.57 -35.63
C PHE P 60 2.21 -44.71 -37.13
N LEU P 61 3.44 -44.93 -37.58
CA LEU P 61 3.75 -45.11 -39.01
C LEU P 61 4.28 -46.48 -39.29
N ASP P 62 3.68 -47.16 -40.27
CA ASP P 62 4.15 -48.45 -40.72
C ASP P 62 4.70 -48.22 -42.10
N VAL P 63 5.85 -48.80 -42.40
CA VAL P 63 6.46 -48.70 -43.73
C VAL P 63 6.84 -50.10 -44.20
N ALA P 64 6.39 -50.49 -45.38
CA ALA P 64 6.78 -51.76 -45.97
C ALA P 64 7.34 -51.44 -47.33
N LEU P 65 8.49 -52.02 -47.62
CA LEU P 65 9.18 -51.77 -48.87
C LEU P 65 9.12 -53.05 -49.67
N PHE P 66 8.29 -53.07 -50.71
CA PHE P 66 7.99 -54.25 -51.54
C PHE P 66 8.90 -54.33 -52.78
N SER P 67 9.04 -55.53 -53.36
CA SER P 67 9.70 -55.70 -54.65
C SER P 67 9.37 -57.06 -55.23
N LYS P 68 9.03 -57.13 -56.52
CA LYS P 68 8.53 -58.36 -57.14
C LYS P 68 7.19 -58.83 -56.56
N GLY P 69 6.44 -57.90 -55.94
CA GLY P 69 5.21 -58.25 -55.23
C GLY P 69 5.42 -58.85 -53.85
N LEU P 70 6.62 -59.39 -53.58
CA LEU P 70 6.99 -59.87 -52.24
C LEU P 70 7.40 -58.68 -51.32
N SER P 71 8.20 -58.92 -50.28
CA SER P 71 8.49 -57.90 -49.29
C SER P 71 9.91 -57.96 -48.74
N ILE P 72 10.59 -56.83 -48.66
CA ILE P 72 11.99 -56.82 -48.26
C ILE P 72 12.21 -56.26 -46.83
N LEU P 73 11.84 -55.01 -46.54
CA LEU P 73 12.05 -54.42 -45.20
C LEU P 73 10.68 -53.97 -44.66
N ASN P 74 10.42 -54.19 -43.38
CA ASN P 74 9.21 -53.70 -42.67
C ASN P 74 9.59 -53.05 -41.37
N PHE P 75 9.11 -51.85 -41.12
CA PHE P 75 9.25 -51.31 -39.76
C PHE P 75 8.08 -50.44 -39.36
N SER P 76 8.00 -50.13 -38.07
CA SER P 76 6.97 -49.29 -37.48
C SER P 76 7.63 -48.28 -36.56
N TYR P 77 7.19 -47.03 -36.61
CA TYR P 77 7.80 -45.96 -35.81
C TYR P 77 6.71 -45.09 -35.31
N PRO P 78 6.72 -44.70 -34.04
CA PRO P 78 5.65 -43.87 -33.53
C PRO P 78 5.94 -42.41 -33.79
N VAL P 79 4.92 -41.69 -34.29
CA VAL P 79 5.00 -40.27 -34.59
C VAL P 79 4.49 -39.45 -33.42
N CYS P 80 3.40 -39.90 -32.78
CA CYS P 80 2.90 -39.27 -31.57
C CYS P 80 2.54 -40.34 -30.56
N GLU P 81 2.96 -40.15 -29.33
CA GLU P 81 2.62 -40.99 -28.20
C GLU P 81 2.15 -40.11 -27.01
N VAL P 82 1.31 -40.67 -26.13
CA VAL P 82 0.71 -39.90 -25.06
C VAL P 82 1.78 -39.29 -24.21
N ASP P 83 2.90 -39.99 -24.04
CA ASP P 83 4.02 -39.49 -23.21
C ASP P 83 5.14 -38.85 -24.03
N LEU P 84 4.91 -38.66 -25.33
CA LEU P 84 5.90 -38.00 -26.21
C LEU P 84 5.30 -37.59 -27.58
N PRO P 85 4.70 -36.39 -27.63
CA PRO P 85 4.35 -35.78 -28.90
C PRO P 85 5.57 -35.20 -29.58
N LYS P 86 6.02 -35.80 -30.66
CA LYS P 86 7.26 -35.42 -31.32
C LYS P 86 7.05 -34.20 -32.18
N PHE P 87 5.81 -34.00 -32.60
CA PHE P 87 5.50 -32.97 -33.56
C PHE P 87 4.46 -32.02 -33.01
N SER P 88 4.44 -30.80 -33.55
CA SER P 88 3.51 -29.79 -33.05
C SER P 88 2.06 -30.20 -33.33
N PHE P 89 1.82 -30.94 -34.40
CA PHE P 89 0.47 -31.38 -34.74
C PHE P 89 -0.07 -32.56 -33.89
N CYS P 90 0.73 -33.14 -32.99
CA CYS P 90 0.23 -34.24 -32.19
C CYS P 90 -0.91 -33.77 -31.30
N GLY P 91 -1.84 -34.65 -30.99
CA GLY P 91 -2.99 -34.31 -30.18
C GLY P 91 -4.04 -33.45 -30.87
N ARG P 92 -4.01 -33.39 -32.19
CA ARG P 92 -5.10 -32.75 -32.92
C ARG P 92 -6.30 -33.67 -33.00
N ARG P 93 -7.46 -33.07 -33.19
CA ARG P 93 -8.70 -33.79 -33.16
C ARG P 93 -9.14 -34.22 -34.54
N LYS P 94 -9.95 -35.26 -34.55
CA LYS P 94 -10.63 -35.67 -35.75
C LYS P 94 -11.47 -34.51 -36.25
N GLY P 95 -11.30 -34.20 -37.52
CA GLY P 95 -12.04 -33.14 -38.15
C GLY P 95 -11.19 -31.92 -38.48
N GLU P 96 -10.03 -31.80 -37.84
CA GLU P 96 -9.16 -30.68 -38.09
C GLU P 96 -8.38 -30.84 -39.38
N GLN P 97 -8.33 -29.78 -40.18
CA GLN P 97 -7.44 -29.69 -41.35
C GLN P 97 -6.01 -29.38 -40.92
N ILE P 98 -5.05 -30.03 -41.55
CA ILE P 98 -3.63 -29.80 -41.24
C ILE P 98 -2.87 -29.39 -42.47
N TYR P 99 -1.96 -28.44 -42.30
CA TYR P 99 -0.90 -28.19 -43.25
C TYR P 99 0.42 -28.19 -42.48
N TYR P 100 1.29 -29.15 -42.76
CA TYR P 100 2.60 -29.20 -42.14
C TYR P 100 3.65 -28.97 -43.19
N ALA P 101 4.57 -28.03 -42.93
CA ALA P 101 5.73 -27.84 -43.78
C ALA P 101 6.91 -27.70 -42.85
N GLY P 102 7.68 -28.78 -42.72
CA GLY P 102 8.80 -28.83 -41.80
C GLY P 102 9.57 -30.15 -41.88
N PRO P 103 10.50 -30.37 -40.95
CA PRO P 103 11.35 -31.55 -40.98
C PRO P 103 10.71 -32.76 -40.36
N ILE P 104 11.08 -33.93 -40.85
CA ILE P 104 10.80 -35.20 -40.17
C ILE P 104 12.11 -35.70 -39.57
N ASN P 105 11.99 -36.66 -38.66
CA ASN P 105 13.11 -37.17 -37.85
C ASN P 105 14.00 -38.17 -38.63
N ASN P 106 14.43 -37.78 -39.81
CA ASN P 106 14.87 -38.76 -40.81
C ASN P 106 16.31 -39.26 -40.61
N PRO P 107 16.51 -40.58 -40.50
CA PRO P 107 17.90 -41.10 -40.54
C PRO P 107 18.33 -41.35 -41.99
N GLY P 108 19.36 -40.66 -42.44
CA GLY P 108 19.75 -40.68 -43.85
C GLY P 108 19.76 -42.05 -44.51
N PHE P 109 18.79 -42.31 -45.39
CA PHE P 109 18.70 -43.57 -46.17
C PHE P 109 18.89 -43.33 -47.66
N GLU P 110 18.94 -44.42 -48.44
CA GLU P 110 18.97 -44.39 -49.92
C GLU P 110 17.60 -44.82 -50.53
N ILE P 111 17.04 -44.02 -51.44
CA ILE P 111 15.85 -44.43 -52.21
C ILE P 111 16.26 -45.43 -53.32
N PRO P 112 16.21 -46.76 -53.03
CA PRO P 112 17.01 -47.77 -53.75
C PRO P 112 16.63 -48.02 -55.22
N GLU P 113 17.61 -48.20 -56.08
CA GLU P 113 17.37 -48.32 -57.52
C GLU P 113 16.51 -49.56 -57.79
N GLY P 114 15.90 -49.61 -58.97
CA GLY P 114 15.04 -50.75 -59.37
C GLY P 114 13.53 -50.57 -59.15
N ASP P 115 12.78 -51.64 -59.49
CA ASP P 115 11.32 -51.67 -59.35
C ASP P 115 10.90 -52.09 -57.95
N TYR P 116 10.74 -51.10 -57.09
CA TYR P 116 10.24 -51.32 -55.77
C TYR P 116 9.07 -50.37 -55.53
N GLN P 117 8.07 -50.87 -54.81
CA GLN P 117 6.95 -50.06 -54.30
C GLN P 117 7.13 -49.82 -52.80
N VAL P 118 6.75 -48.66 -52.29
CA VAL P 118 6.71 -48.44 -50.84
C VAL P 118 5.27 -48.23 -50.39
N LEU P 119 4.88 -48.93 -49.33
CA LEU P 119 3.56 -48.77 -48.77
C LEU P 119 3.64 -48.17 -47.36
N LEU P 120 3.12 -46.96 -47.20
CA LEU P 120 3.16 -46.20 -45.92
C LEU P 120 1.76 -46.09 -45.29
N GLU P 121 1.64 -46.32 -43.99
CA GLU P 121 0.32 -46.31 -43.35
C GLU P 121 0.41 -45.59 -42.03
N LEU P 122 -0.35 -44.51 -41.89
CA LEU P 122 -0.45 -43.82 -40.61
C LEU P 122 -1.72 -44.26 -39.91
N TYR P 123 -1.62 -44.65 -38.65
CA TYR P 123 -2.79 -45.12 -37.91
C TYR P 123 -2.68 -44.77 -36.42
N ASN P 124 -3.81 -44.80 -35.71
CA ASN P 124 -3.83 -44.48 -34.28
C ASN P 124 -3.91 -45.73 -33.43
N GLN P 125 -4.11 -45.56 -32.14
CA GLN P 125 -4.05 -46.68 -31.20
C GLN P 125 -5.12 -47.72 -31.45
N ASP P 126 -6.23 -47.34 -32.08
CA ASP P 126 -7.30 -48.26 -32.36
C ASP P 126 -7.17 -48.82 -33.76
N HIS P 127 -5.98 -48.72 -34.32
CA HIS P 127 -5.72 -49.16 -35.70
C HIS P 127 -6.63 -48.49 -36.75
N ALA P 128 -7.17 -47.31 -36.45
CA ALA P 128 -7.95 -46.54 -37.41
C ALA P 128 -7.05 -45.85 -38.39
N THR P 129 -7.39 -45.91 -39.66
CA THR P 129 -6.56 -45.28 -40.67
C THR P 129 -6.65 -43.78 -40.58
N VAL P 130 -5.49 -43.15 -40.52
CA VAL P 130 -5.36 -41.72 -40.61
C VAL P 130 -4.95 -41.37 -42.00
N ALA P 131 -4.04 -42.13 -42.60
CA ALA P 131 -3.56 -41.90 -44.00
C ALA P 131 -2.87 -43.13 -44.54
N CYS P 132 -2.93 -43.32 -45.85
CA CYS P 132 -2.38 -44.51 -46.51
C CYS P 132 -1.82 -44.16 -47.88
N ALA P 133 -0.54 -44.40 -48.14
CA ALA P 133 0.05 -44.09 -49.47
C ALA P 133 0.67 -45.30 -50.11
N ASN P 134 0.28 -45.58 -51.36
CA ASN P 134 0.95 -46.60 -52.21
C ASN P 134 1.95 -45.83 -53.07
N ALA P 135 3.23 -45.87 -52.71
CA ALA P 135 4.20 -44.99 -53.33
C ALA P 135 5.12 -45.75 -54.28
N THR P 136 5.57 -45.10 -55.34
CA THR P 136 6.55 -45.67 -56.26
C THR P 136 7.75 -44.77 -56.42
N VAL P 137 8.93 -45.32 -56.17
CA VAL P 137 10.20 -44.60 -56.33
C VAL P 137 10.84 -45.07 -57.63
N LEU P 138 11.18 -44.13 -58.50
CA LEU P 138 11.74 -44.46 -59.80
C LEU P 138 13.12 -43.82 -59.95
C1 NAG Q . 61.39 -26.52 19.99
C2 NAG Q . 60.58 -25.25 19.65
C3 NAG Q . 60.49 -25.04 18.15
C4 NAG Q . 61.90 -25.05 17.54
C5 NAG Q . 62.63 -26.32 18.00
C6 NAG Q . 64.05 -26.37 17.46
C7 NAG Q . 58.65 -24.37 20.95
C8 NAG Q . 57.23 -24.62 21.43
N2 NAG Q . 59.23 -25.34 20.19
O3 NAG Q . 59.78 -23.85 17.83
O4 NAG Q . 61.90 -25.20 16.13
O5 NAG Q . 62.67 -26.39 19.40
O6 NAG Q . 64.58 -25.07 17.28
O7 NAG Q . 59.22 -23.34 21.28
C1 NAG Q . 61.80 -23.97 15.46
C2 NAG Q . 62.51 -24.15 14.14
C3 NAG Q . 62.55 -22.90 13.26
C4 NAG Q . 61.18 -22.21 13.28
C5 NAG Q . 60.55 -22.21 14.69
C6 NAG Q . 59.21 -21.46 14.70
C7 NAG Q . 64.35 -25.65 13.81
C8 NAG Q . 65.79 -25.99 14.14
N2 NAG Q . 63.86 -24.55 14.39
O3 NAG Q . 62.95 -23.27 11.95
O4 NAG Q . 61.40 -20.88 12.90
O5 NAG Q . 60.46 -23.57 15.19
O6 NAG Q . 58.15 -22.36 14.93
O7 NAG Q . 63.62 -26.33 13.07
C1 BMA Q . 60.89 -20.59 11.57
C2 BMA Q . 60.42 -19.13 11.60
C3 BMA Q . 59.82 -18.72 10.26
C4 BMA Q . 60.70 -19.20 9.06
C5 BMA Q . 61.23 -20.64 9.22
C6 BMA Q . 62.19 -21.09 8.10
O2 BMA Q . 61.50 -18.23 11.94
O3 BMA Q . 59.56 -17.28 10.34
O4 BMA Q . 59.93 -19.15 7.83
O5 BMA Q . 61.87 -20.80 10.51
O6 BMA Q . 63.41 -20.31 8.07
C1 NAG R . 55.15 -26.36 17.12
C2 NAG R . 56.08 -25.29 16.57
C3 NAG R . 56.33 -24.19 17.59
C4 NAG R . 55.03 -23.65 18.20
C5 NAG R . 54.20 -24.84 18.69
C6 NAG R . 52.90 -24.44 19.42
C7 NAG R . 57.98 -25.90 15.10
C8 NAG R . 59.27 -26.66 15.03
N2 NAG R . 57.35 -25.95 16.27
O3 NAG R . 57.08 -23.19 16.96
O4 NAG R . 55.21 -22.77 19.31
O5 NAG R . 53.97 -25.70 17.58
O6 NAG R . 52.10 -23.55 18.68
O7 NAG R . 57.59 -25.26 14.13
C1 NAG R . 55.74 -21.47 18.91
C2 NAG R . 55.06 -20.33 19.68
C3 NAG R . 55.76 -18.97 19.56
C4 NAG R . 57.28 -19.03 19.42
C5 NAG R . 57.73 -20.27 18.63
C6 NAG R . 59.23 -20.49 18.75
C7 NAG R . 52.62 -20.55 19.96
C8 NAG R . 51.25 -20.40 19.37
N2 NAG R . 53.67 -20.23 19.19
O3 NAG R . 55.42 -18.16 20.68
O4 NAG R . 57.72 -17.89 18.71
O5 NAG R . 57.12 -21.43 19.14
O6 NAG R . 59.58 -20.79 20.09
O7 NAG R . 52.72 -20.95 21.12
C1 BMA R . 58.06 -16.70 19.49
C2 BMA R . 58.98 -15.77 18.66
C3 BMA R . 59.14 -14.35 19.22
C4 BMA R . 57.77 -13.80 19.63
C5 BMA R . 57.06 -14.79 20.56
C6 BMA R . 55.70 -14.25 21.00
O2 BMA R . 58.47 -15.56 17.32
O3 BMA R . 59.79 -13.48 18.24
O4 BMA R . 57.92 -12.53 20.30
O5 BMA R . 56.85 -16.04 19.89
O6 BMA R . 55.13 -15.24 21.85
C1 MAN R . 53.82 -14.82 22.25
C2 MAN R . 53.88 -14.16 23.62
C3 MAN R . 54.12 -15.16 24.74
C4 MAN R . 53.14 -16.35 24.62
C5 MAN R . 53.23 -16.95 23.23
C6 MAN R . 52.30 -18.17 23.08
O2 MAN R . 52.61 -13.57 23.81
O3 MAN R . 53.99 -14.55 26.04
O4 MAN R . 53.46 -17.37 25.54
O5 MAN R . 52.94 -15.92 22.25
O6 MAN R . 50.93 -17.76 23.20
C1 MAN R . 49.97 -18.84 23.28
C2 MAN R . 48.64 -18.15 23.63
C3 MAN R . 48.74 -17.73 25.09
C4 MAN R . 49.15 -18.93 25.93
C5 MAN R . 50.55 -19.35 25.50
C6 MAN R . 51.13 -20.46 26.38
O2 MAN R . 47.41 -18.84 23.57
O3 MAN R . 47.46 -17.32 25.53
O4 MAN R . 49.12 -18.62 27.30
O5 MAN R . 50.39 -19.84 24.20
O6 MAN R . 50.15 -21.46 26.62
C1 MAN R . 46.95 -19.46 22.36
C2 MAN R . 47.28 -18.75 21.04
C3 MAN R . 46.72 -19.51 19.85
C4 MAN R . 46.63 -20.95 20.40
C5 MAN R . 45.44 -20.85 21.41
C6 MAN R . 45.36 -22.09 22.28
O2 MAN R . 48.67 -18.82 20.79
O3 MAN R . 47.57 -19.38 18.75
O4 MAN R . 46.45 -21.94 19.40
O5 MAN R . 45.54 -19.71 22.26
O6 MAN R . 44.45 -22.94 21.63
C1 MAN R . 55.05 -14.99 26.94
C2 MAN R . 54.76 -14.64 28.41
C3 MAN R . 54.62 -13.14 28.51
C4 MAN R . 55.83 -12.45 27.92
C5 MAN R . 56.10 -12.96 26.52
C6 MAN R . 57.39 -12.40 25.94
O2 MAN R . 55.78 -15.11 29.32
O3 MAN R . 54.50 -12.73 29.85
O4 MAN R . 55.50 -11.07 27.84
O5 MAN R . 56.25 -14.36 26.57
O6 MAN R . 57.75 -11.21 26.60
C1 MAN R . 61.26 -13.71 18.34
C2 MAN R . 62.03 -12.36 18.28
C3 MAN R . 62.09 -11.84 16.85
C4 MAN R . 62.00 -12.87 15.73
C5 MAN R . 61.25 -14.14 16.07
C6 MAN R . 61.39 -15.18 14.96
O2 MAN R . 63.37 -12.36 18.84
O3 MAN R . 63.35 -11.22 16.76
O4 MAN R . 61.25 -12.29 14.71
O5 MAN R . 61.74 -14.61 17.34
O6 MAN R . 61.39 -16.50 15.54
C1 NAG S . 6.33 64.62 29.11
C2 NAG S . 5.16 63.73 28.65
C3 NAG S . 5.63 62.49 27.87
C4 NAG S . 6.56 62.95 26.74
C5 NAG S . 7.62 63.92 27.28
C6 NAG S . 8.52 64.47 26.17
C7 NAG S . 3.06 63.43 29.90
C8 NAG S . 2.41 62.94 31.18
N2 NAG S . 4.38 63.32 29.83
O3 NAG S . 4.52 61.72 27.36
O4 NAG S . 7.33 61.87 26.21
O5 NAG S . 7.02 65.00 27.94
O6 NAG S . 7.86 64.55 24.91
O7 NAG S . 2.38 63.89 28.98
C1 NAG S . 6.63 61.26 25.13
C2 NAG S . 7.68 60.76 24.19
C3 NAG S . 7.13 60.02 22.99
C4 NAG S . 6.06 59.02 23.42
C5 NAG S . 5.10 59.69 24.42
C6 NAG S . 3.92 58.77 24.82
C7 NAG S . 9.78 61.88 23.91
C8 NAG S . 10.55 63.06 23.40
N2 NAG S . 8.46 61.89 23.72
O3 NAG S . 8.26 59.40 22.37
O4 NAG S . 5.31 58.77 22.26
O5 NAG S . 5.86 60.15 25.55
O6 NAG S . 3.99 58.41 26.20
O7 NAG S . 10.36 60.93 24.48
C1 BMA S . 5.43 57.41 21.78
C2 BMA S . 4.07 57.02 21.14
C3 BMA S . 4.13 55.55 20.66
C4 BMA S . 5.44 55.24 19.88
C5 BMA S . 6.71 55.84 20.54
C6 BMA S . 8.01 55.63 19.69
O2 BMA S . 3.61 57.94 20.09
O3 BMA S . 2.90 55.30 19.90
O4 BMA S . 5.60 53.80 19.76
O5 BMA S . 6.50 57.24 20.82
O6 BMA S . 7.91 56.23 18.35
C1 NAG T . 4.75 58.44 31.56
C2 NAG T . 4.59 58.55 30.04
C3 NAG T . 3.37 59.40 29.65
C4 NAG T . 2.12 58.90 30.39
C5 NAG T . 2.45 58.88 31.88
C6 NAG T . 1.22 58.51 32.74
C7 NAG T . 6.56 58.68 28.54
C8 NAG T . 7.79 59.48 28.17
N2 NAG T . 5.81 59.19 29.54
O3 NAG T . 3.18 59.34 28.24
O4 NAG T . 1.00 59.75 30.22
O5 NAG T . 3.50 57.94 32.08
O6 NAG T . 0.57 57.32 32.24
O7 NAG T . 6.24 57.66 27.92
C1 NAG T . 0.43 59.69 28.87
C2 NAG T . -1.09 59.78 28.92
C3 NAG T . -1.77 59.98 27.55
C4 NAG T . -0.97 60.86 26.58
C5 NAG T . 0.55 60.66 26.74
C6 NAG T . 1.29 61.80 26.00
C7 NAG T . -2.08 58.43 30.74
C8 NAG T . -2.45 57.02 31.18
N2 NAG T . -1.51 58.50 29.49
O3 NAG T . -3.06 60.59 27.70
O4 NAG T . -1.29 60.51 25.23
O5 NAG T . 0.97 60.74 28.10
O6 NAG T . 1.04 63.05 26.63
O7 NAG T . -2.27 59.43 31.49
C1 BMA T . -2.47 61.22 24.70
C2 BMA T . -2.41 61.14 23.12
C3 BMA T . -3.70 61.58 22.42
C4 BMA T . -4.92 60.93 23.09
C5 BMA T . -4.91 61.22 24.58
C6 BMA T . -6.14 60.65 25.27
O2 BMA T . -2.18 59.75 22.72
O3 BMA T . -3.67 61.22 21.00
O4 BMA T . -6.12 61.41 22.50
O5 BMA T . -3.73 60.66 25.20
O6 BMA T . -6.05 61.04 26.67
C1 MAN T . -7.10 60.44 27.43
C2 MAN T . -8.22 61.46 27.59
C3 MAN T . -7.83 62.57 28.57
C4 MAN T . -7.29 61.95 29.86
C5 MAN T . -6.12 61.00 29.55
C6 MAN T . -5.53 60.38 30.82
O2 MAN T . -9.36 60.75 28.04
O3 MAN T . -8.96 63.38 28.89
O4 MAN T . -6.93 62.97 30.78
O5 MAN T . -6.60 59.99 28.68
O6 MAN T . -6.53 59.56 31.47
C1 MAN T . -6.17 59.07 32.80
C2 MAN T . -7.47 58.42 33.36
C3 MAN T . -8.41 59.55 33.71
C4 MAN T . -7.70 60.56 34.58
C5 MAN T . -6.58 61.18 33.76
C6 MAN T . -5.93 62.30 34.55
O2 MAN T . -7.52 57.62 34.55
O3 MAN T . -9.46 58.98 34.44
O4 MAN T . -8.60 61.58 35.02
O5 MAN T . -5.65 60.11 33.63
O6 MAN T . -5.83 61.94 35.93
C1 MAN T . -6.59 56.51 34.66
C2 MAN T . -6.37 55.69 33.40
C3 MAN T . -5.48 54.47 33.67
C4 MAN T . -4.67 54.95 34.89
C5 MAN T . -5.72 54.93 36.05
C6 MAN T . -5.22 55.63 37.29
O2 MAN T . -5.63 56.50 32.52
O3 MAN T . -4.65 54.09 32.57
O4 MAN T . -3.54 54.11 35.10
O5 MAN T . -6.95 55.54 35.65
O6 MAN T . -4.60 54.63 38.07
C1 MAN T . -8.57 64.80 28.91
C2 MAN T . -9.62 65.75 29.52
C3 MAN T . -10.91 65.58 28.72
C4 MAN T . -10.63 65.81 27.26
C5 MAN T . -9.49 64.96 26.77
C6 MAN T . -9.09 65.36 25.37
O2 MAN T . -9.18 67.12 29.55
O3 MAN T . -11.90 66.49 29.13
O4 MAN T . -11.73 65.38 26.51
O5 MAN T . -8.37 65.24 27.56
O6 MAN T . -10.18 65.98 24.67
C1 MAN T . -2.85 62.22 20.26
C2 MAN T . -3.50 62.57 18.90
C3 MAN T . -3.23 61.45 17.89
C4 MAN T . -1.97 60.63 18.11
C5 MAN T . -1.50 60.51 19.53
C6 MAN T . -0.13 59.85 19.62
O2 MAN T . -3.18 63.88 18.36
O3 MAN T . -3.10 62.07 16.64
O4 MAN T . -2.30 59.31 17.76
O5 MAN T . -1.50 61.85 20.00
O6 MAN T . 0.66 60.38 20.69
C1 NAG U . -36.02 -66.70 -0.80
C2 NAG U . -35.44 -65.79 0.27
C3 NAG U . -34.52 -64.69 -0.26
C4 NAG U . -33.46 -65.28 -1.18
C5 NAG U . -34.12 -66.26 -2.14
C6 NAG U . -33.05 -66.89 -3.08
C7 NAG U . -36.66 -65.26 2.34
C8 NAG U . -37.86 -64.57 2.88
N2 NAG U . -36.57 -65.20 1.01
O3 NAG U . -33.90 -63.95 0.80
O4 NAG U . -32.91 -64.27 -2.04
O5 NAG U . -34.90 -67.26 -1.43
O6 NAG U . -31.74 -66.97 -2.49
O7 NAG U . -35.82 -65.84 3.09
C1 NAG U . -31.75 -63.68 -1.42
C2 NAG U . -30.73 -63.38 -2.52
C3 NAG U . -29.45 -62.73 -2.02
C4 NAG U . -29.78 -61.63 -0.99
C5 NAG U . -30.85 -62.12 -0.02
C6 NAG U . -31.10 -61.11 1.10
C7 NAG U . -30.53 -64.58 -4.56
C8 NAG U . -30.13 -65.84 -5.28
N2 NAG U . -30.37 -64.58 -3.24
O3 NAG U . -28.75 -62.25 -3.15
O4 NAG U . -28.60 -61.43 -0.25
O5 NAG U . -32.03 -62.45 -0.74
O6 NAG U . -32.42 -60.61 0.95
O7 NAG U . -30.99 -63.59 -5.19
C1 BMA U . -27.98 -60.16 -0.50
C2 BMA U . -27.27 -59.78 0.81
C3 BMA U . -26.59 -58.41 0.66
C4 BMA U . -25.85 -58.24 -0.70
C5 BMA U . -26.64 -58.81 -1.91
C6 BMA U . -25.83 -58.78 -3.22
O2 BMA U . -26.32 -60.81 1.22
O3 BMA U . -25.69 -58.15 1.80
O4 BMA U . -25.59 -56.82 -0.95
O5 BMA U . -27.06 -60.15 -1.62
O6 BMA U . -24.60 -59.56 -3.15
C1 NAG V . -37.83 -60.23 0.39
C2 NAG V . -36.31 -60.43 0.53
C3 NAG V . -35.95 -61.23 1.80
C4 NAG V . -36.65 -60.65 3.04
C5 NAG V . -38.13 -60.49 2.73
C6 NAG V . -38.92 -59.96 3.94
C7 NAG V . -34.83 -60.87 -1.37
C8 NAG V . -34.53 -61.76 -2.57
N2 NAG V . -35.90 -61.20 -0.63
O3 NAG V . -34.53 -61.28 1.96
O4 NAG V . -36.55 -61.44 4.23
O5 NAG V . -38.31 -59.64 1.60
O6 NAG V . -38.29 -58.88 4.62
O7 NAG V . -34.11 -59.88 -1.13
C1 NAG V . -35.18 -61.46 4.74
C2 NAG V . -35.17 -61.46 6.26
C3 NAG V . -33.82 -61.73 6.92
C4 NAG V . -32.98 -62.77 6.19
C5 NAG V . -33.15 -62.65 4.66
C6 NAG V . -32.54 -63.89 4.00
C7 NAG V . -36.86 -59.89 7.15
C8 NAG V . -37.21 -58.45 7.50
N2 NAG V . -35.61 -60.13 6.63
O3 NAG V . -34.01 -62.14 8.27
O4 NAG V . -31.59 -62.58 6.42
O5 NAG V . -34.51 -62.59 4.21
O6 NAG V . -33.35 -65.03 4.41
O7 NAG V . -37.70 -60.79 7.35
C1 BMA V . -31.05 -63.23 7.63
C2 BMA V . -29.49 -63.32 7.52
C3 BMA V . -28.80 -63.70 8.83
C4 BMA V . -29.40 -62.98 10.06
C5 BMA V . -30.93 -63.11 10.06
C6 BMA V . -31.58 -62.42 11.26
O2 BMA V . -28.90 -62.06 7.13
O3 BMA V . -27.36 -63.47 8.71
O4 BMA V . -28.92 -63.55 11.29
O5 BMA V . -31.47 -62.55 8.84
O6 BMA V . -33.02 -62.69 11.20
C1 MAN V . -33.66 -61.94 12.26
C2 MAN V . -33.87 -62.87 13.44
C3 MAN V . -34.99 -63.87 13.17
C4 MAN V . -36.22 -63.14 12.63
C5 MAN V . -35.83 -62.31 11.41
C6 MAN V . -37.05 -61.61 10.77
O2 MAN V . -34.23 -62.02 14.51
O3 MAN V . -35.41 -64.60 14.33
O4 MAN V . -37.17 -64.13 12.30
O5 MAN V . -34.89 -61.36 11.91
O6 MAN V . -37.58 -60.67 11.72
C1 MAN V . -38.86 -60.07 11.35
C2 MAN V . -39.33 -59.32 12.65
C3 MAN V . -39.77 -60.38 13.63
C4 MAN V . -40.79 -61.26 12.96
C5 MAN V . -40.05 -62.03 11.88
C6 MAN V . -40.93 -63.12 11.30
O2 MAN V . -40.41 -58.35 12.68
O3 MAN V . -40.48 -59.79 14.69
O4 MAN V . -41.36 -62.12 13.91
O5 MAN V . -39.79 -61.04 10.88
O6 MAN V . -42.25 -62.59 11.14
C1 MAN V . -40.45 -57.31 11.70
C2 MAN V . -39.10 -56.64 11.38
C3 MAN V . -39.28 -55.48 10.41
C4 MAN V . -40.59 -55.87 9.69
C5 MAN V . -41.70 -55.65 10.77
C6 MAN V . -43.03 -56.23 10.31
O2 MAN V . -38.37 -57.56 10.62
O3 MAN V . -38.15 -55.31 9.53
O4 MAN V . -40.83 -55.06 8.56
O5 MAN V . -41.36 -56.25 12.02
O6 MAN V . -43.73 -55.17 9.66
C1 MAN V . -35.51 -66.05 14.03
C2 MAN V . -36.21 -66.87 15.15
C3 MAN V . -35.36 -66.73 16.41
C4 MAN V . -33.91 -67.10 16.14
C5 MAN V . -33.36 -66.40 14.92
C6 MAN V . -32.00 -66.93 14.49
O2 MAN V . -36.42 -68.26 14.80
O3 MAN V . -35.83 -67.59 17.43
O4 MAN V . -33.16 -66.68 17.26
O5 MAN V . -34.22 -66.65 13.84
O6 MAN V . -31.28 -67.53 15.54
C1 MAN V . -26.76 -64.62 8.02
C2 MAN V . -25.43 -65.04 8.66
C3 MAN V . -24.30 -64.08 8.29
C4 MAN V . -24.46 -63.30 6.99
C5 MAN V . -25.90 -63.09 6.54
C6 MAN V . -25.94 -62.52 5.11
O2 MAN V . -25.00 -66.38 8.28
O3 MAN V . -23.14 -64.87 8.16
O4 MAN V . -23.93 -61.99 7.15
O5 MAN V . -26.52 -64.37 6.64
O6 MAN V . -27.04 -62.99 4.34
C1 NAG W . -22.95 17.02 -63.18
C2 NAG W . -22.68 15.83 -62.23
C3 NAG W . -21.18 15.43 -62.25
C4 NAG W . -20.69 15.25 -63.67
C5 NAG W . -21.07 16.46 -64.49
C6 NAG W . -20.62 16.32 -65.93
C7 NAG W . -23.94 15.34 -60.15
C8 NAG W . -24.27 15.76 -58.76
N2 NAG W . -23.12 16.12 -60.86
O3 NAG W . -20.97 14.26 -61.50
O4 NAG W . -19.29 15.27 -63.75
O5 NAG W . -22.47 16.64 -64.46
O6 NAG W . -20.58 14.96 -66.35
O7 NAG W . -24.43 14.30 -60.58
C1 NAG W . -18.71 13.97 -63.56
C2 NAG W . -17.40 13.96 -64.33
C3 NAG W . -16.71 12.61 -64.31
C4 NAG W . -16.67 12.07 -62.88
C5 NAG W . -18.04 12.25 -62.18
C6 NAG W . -18.04 11.67 -60.78
C7 NAG W . -17.14 15.29 -66.28
C8 NAG W . -17.54 15.51 -67.71
N2 NAG W . -17.71 14.25 -65.69
O3 NAG W . -15.41 12.80 -64.82
O4 NAG W . -16.44 10.70 -62.97
O5 NAG W . -18.42 13.64 -62.22
O6 NAG W . -18.10 12.70 -59.84
O7 NAG W . -16.36 16.00 -65.68
C1 BMA W . -15.13 10.34 -62.48
C2 BMA W . -15.26 8.92 -61.90
C3 BMA W . -13.92 8.39 -61.38
C4 BMA W . -12.77 8.70 -62.34
C5 BMA W . -12.82 10.11 -62.94
C6 BMA W . -11.71 10.32 -64.01
O2 BMA W . -15.78 7.95 -62.87
O3 BMA W . -14.07 6.95 -61.09
O4 BMA W . -11.50 8.60 -61.63
O5 BMA W . -14.10 10.36 -63.50
O6 BMA W . -11.80 9.38 -65.12
C1 NAG X . -19.68 17.20 -57.08
C2 NAG X . -19.31 15.99 -57.95
C3 NAG X . -20.47 14.99 -58.02
C4 NAG X . -21.04 14.65 -56.63
C5 NAG X . -21.32 15.96 -55.92
C6 NAG X . -21.96 15.74 -54.54
C7 NAG X . -17.92 16.20 -59.96
C8 NAG X . -17.82 16.81 -61.34
N2 NAG X . -19.02 16.51 -59.28
O3 NAG X . -20.02 13.82 -58.67
O4 NAG X . -22.26 13.84 -56.63
O5 NAG X . -20.07 16.67 -55.80
O6 NAG X . -21.19 14.85 -53.74
O7 NAG X . -17.02 15.47 -59.57
C1 NAG X . -22.03 12.48 -57.07
C2 NAG X . -22.83 11.51 -56.24
C3 NAG X . -22.87 10.06 -56.80
C4 NAG X . -22.85 9.96 -58.33
C5 NAG X . -21.98 11.08 -58.93
C6 NAG X . -22.13 11.16 -60.45
C7 NAG X . -22.86 12.02 -53.83
C8 NAG X . -22.17 11.99 -52.49
N2 NAG X . -22.21 11.52 -54.91
O3 NAG X . -23.99 9.34 -56.30
O4 NAG X . -22.28 8.75 -58.75
O5 NAG X . -22.41 12.31 -58.40
O6 NAG X . -23.43 11.58 -60.79
O7 NAG X . -24.00 12.52 -53.88
C1 BMA X . -23.19 7.61 -58.83
C2 BMA X . -22.51 6.51 -59.67
C3 BMA X . -23.24 5.16 -59.66
C4 BMA X . -23.61 4.76 -58.24
C5 BMA X . -24.35 5.92 -57.57
C6 BMA X . -24.75 5.59 -56.14
O2 BMA X . -21.16 6.29 -59.17
O3 BMA X . -22.44 4.12 -60.29
O4 BMA X . -24.50 3.64 -58.29
O5 BMA X . -23.52 7.09 -57.54
O6 BMA X . -25.48 6.72 -55.62
C1 MAN X . -25.86 6.47 -54.24
C2 MAN X . -27.29 5.93 -54.16
C3 MAN X . -28.32 7.03 -54.43
C4 MAN X . -27.99 8.26 -53.60
C5 MAN X . -26.55 8.72 -53.86
C6 MAN X . -26.21 10.04 -53.10
O2 MAN X . -27.52 5.46 -52.88
O3 MAN X . -29.65 6.58 -54.14
O4 MAN X . -28.88 9.29 -53.88
O5 MAN X . -25.73 7.64 -53.45
O6 MAN X . -26.22 9.75 -51.69
C1 MAN X . -26.16 10.93 -50.85
C2 MAN X . -26.54 10.44 -49.43
C3 MAN X . -28.04 10.15 -49.38
C4 MAN X . -28.76 11.39 -49.87
C5 MAN X . -28.40 11.57 -51.33
C6 MAN X . -29.21 12.69 -51.97
O2 MAN X . -26.33 11.27 -48.29
O3 MAN X . -28.38 9.90 -48.04
O4 MAN X . -30.16 11.27 -49.71
O5 MAN X . -27.02 11.93 -51.37
O6 MAN X . -29.24 13.75 -51.05
C1 MAN X . -25.03 11.79 -47.97
C2 MAN X . -23.82 10.88 -48.27
C3 MAN X . -22.51 11.57 -47.89
C4 MAN X . -22.91 13.06 -47.90
C5 MAN X . -23.84 13.19 -46.66
C6 MAN X . -24.61 14.51 -46.68
O2 MAN X . -23.71 10.69 -49.65
O3 MAN X . -21.49 11.22 -48.82
O4 MAN X . -21.75 13.86 -47.82
O5 MAN X . -24.84 12.17 -46.60
O6 MAN X . -23.90 15.44 -45.91
C1 MAN X . -30.56 7.01 -55.20
C2 MAN X . -32.03 6.87 -54.86
C3 MAN X . -32.31 5.42 -54.56
C4 MAN X . -31.85 4.51 -55.72
C5 MAN X . -30.40 4.83 -56.07
C6 MAN X . -29.93 4.09 -57.32
O2 MAN X . -32.84 7.29 -55.94
O3 MAN X . -33.68 5.26 -54.34
O4 MAN X . -31.89 3.15 -55.32
O5 MAN X . -30.37 6.21 -56.35
O6 MAN X . -30.61 2.86 -57.42
C1 MAN X . -22.58 4.20 -61.76
C2 MAN X . -22.68 2.79 -62.40
C3 MAN X . -21.29 2.10 -62.47
C4 MAN X . -20.07 3.00 -62.50
C5 MAN X . -20.27 4.37 -61.88
C6 MAN X . -19.07 5.26 -62.20
O2 MAN X . -23.33 2.77 -63.69
O3 MAN X . -21.23 1.41 -63.70
O4 MAN X . -19.06 2.35 -61.78
O5 MAN X . -21.49 4.90 -62.38
O6 MAN X . -19.51 6.59 -62.37
C1 NAG Y . 23.57 49.31 -10.64
C2 NAG Y . 24.37 48.06 -10.30
C3 NAG Y . 23.53 47.07 -9.49
C4 NAG Y . 22.86 47.74 -8.29
C5 NAG Y . 22.20 49.02 -8.74
C6 NAG Y . 21.61 49.84 -7.60
C7 NAG Y . 26.10 47.05 -11.66
C8 NAG Y . 26.46 46.41 -12.98
N2 NAG Y . 24.86 47.43 -11.51
O3 NAG Y . 24.33 45.97 -9.05
O4 NAG Y . 21.80 46.99 -7.80
O5 NAG Y . 23.16 49.76 -9.40
O6 NAG Y . 22.41 49.75 -6.45
O7 NAG Y . 26.93 47.25 -10.79
C1 NAG Y . 22.17 46.08 -6.80
C2 NAG Y . 20.99 45.94 -5.85
C3 NAG Y . 21.27 44.96 -4.74
C4 NAG Y . 21.87 43.67 -5.28
C5 NAG Y . 22.98 43.97 -6.28
C6 NAG Y . 23.69 42.73 -6.79
C7 NAG Y . 19.49 47.70 -5.37
C8 NAG Y . 19.24 49.03 -4.74
N2 NAG Y . 20.70 47.21 -5.26
O3 NAG Y . 20.06 44.71 -4.09
O4 NAG Y . 22.47 43.08 -4.16
O5 NAG Y . 22.47 44.81 -7.32
O6 NAG Y . 23.45 42.56 -8.15
O7 NAG Y . 18.61 47.11 -5.98
C1 BMA Y . 21.88 41.81 -3.81
C2 BMA Y . 22.99 40.89 -3.26
C3 BMA Y . 22.40 39.55 -2.83
C4 BMA Y . 21.09 39.71 -2.04
C5 BMA Y . 20.11 40.76 -2.59
C6 BMA Y . 18.88 41.06 -1.68
O2 BMA Y . 23.77 41.50 -2.21
O3 BMA Y . 23.41 38.78 -2.09
O4 BMA Y . 20.44 38.43 -2.06
O5 BMA Y . 20.84 41.97 -2.85
O6 BMA Y . 19.23 41.58 -0.36
C1 NAG Z . 22.63 43.35 -13.55
C2 NAG Z . 22.81 43.20 -12.03
C3 NAG Z . 24.26 43.43 -11.65
C4 NAG Z . 25.22 42.59 -12.50
C5 NAG Z . 24.86 42.80 -13.94
C6 NAG Z . 25.76 42.03 -14.90
C7 NAG Z . 21.06 43.94 -10.46
C8 NAG Z . 20.24 45.11 -10.00
N2 NAG Z . 21.94 44.18 -11.41
O3 NAG Z . 24.40 43.15 -10.29
O4 NAG Z . 26.59 42.91 -12.30
O5 NAG Z . 23.54 42.45 -14.15
O6 NAG Z . 25.85 40.67 -14.56
O7 NAG Z . 20.88 42.86 -9.92
C1 NAG Z . 27.13 42.53 -11.03
C2 NAG Z . 28.54 42.04 -11.18
C3 NAG Z . 29.31 41.87 -9.87
C4 NAG Z . 29.02 42.93 -8.82
C5 NAG Z . 27.55 43.36 -8.90
C6 NAG Z . 27.26 44.62 -8.07
C7 NAG Z . 28.91 40.58 -13.15
C8 NAG Z . 28.79 39.21 -13.77
N2 NAG Z . 28.45 40.76 -11.87
O3 NAG Z . 30.69 41.84 -10.11
O4 NAG Z . 29.26 42.41 -7.53
O5 NAG Z . 27.18 43.65 -10.23
O6 NAG Z . 27.90 45.73 -8.61
O7 NAG Z . 29.39 41.49 -13.86
C1 BMA Z . 30.57 42.58 -6.94
C2 BMA Z . 30.48 42.39 -5.41
C3 BMA Z . 31.83 42.22 -4.75
C4 BMA Z . 32.68 41.21 -5.53
C5 BMA Z . 32.77 41.61 -6.99
C6 BMA Z . 33.61 40.65 -7.80
O2 BMA Z . 29.76 41.22 -5.05
O3 BMA Z . 31.64 41.78 -3.38
O4 BMA Z . 34.02 41.20 -5.00
O5 BMA Z . 31.46 41.64 -7.54
O6 BMA Z . 33.59 41.12 -9.15
C1 MAN Z . 34.40 40.29 -10.00
C2 MAN Z . 35.82 40.79 -10.16
C3 MAN Z . 35.88 42.02 -11.05
C4 MAN Z . 35.08 41.81 -12.32
C5 MAN Z . 33.67 41.34 -12.03
C6 MAN Z . 32.84 41.09 -13.31
O2 MAN Z . 36.64 39.77 -10.66
O3 MAN Z . 37.23 42.37 -11.37
O4 MAN Z . 35.05 43.00 -13.08
O5 MAN Z . 33.78 40.18 -11.24
O6 MAN Z . 33.38 40.01 -14.07
C1 MAN Z . 32.83 39.79 -15.40
C2 MAN Z . 33.75 38.74 -16.06
C3 MAN Z . 35.06 39.45 -16.37
C4 MAN Z . 34.72 40.66 -17.17
C5 MAN Z . 33.97 41.60 -16.27
C6 MAN Z . 33.77 42.97 -16.90
O2 MAN Z . 33.42 38.08 -17.29
O3 MAN Z . 35.83 38.58 -17.13
O4 MAN Z . 35.90 41.23 -17.57
O5 MAN Z . 32.72 40.97 -16.14
O6 MAN Z . 33.42 42.81 -18.26
C1 MAN Z . 32.16 37.37 -17.43
C2 MAN Z . 31.72 36.56 -16.21
C3 MAN Z . 30.41 35.86 -16.49
C4 MAN Z . 29.83 36.71 -17.61
C5 MAN Z . 30.71 36.33 -18.83
C6 MAN Z . 30.46 37.23 -19.99
O2 MAN Z . 31.39 37.42 -15.18
O3 MAN Z . 29.61 35.80 -15.34
O4 MAN Z . 28.45 36.46 -17.80
O5 MAN Z . 32.07 36.47 -18.54
O6 MAN Z . 29.43 36.57 -20.73
C1 MAN Z . 37.42 43.81 -11.28
C2 MAN Z . 38.72 44.31 -11.91
C3 MAN Z . 39.83 43.61 -11.16
C4 MAN Z . 39.73 43.85 -9.70
C5 MAN Z . 38.37 43.47 -9.20
C6 MAN Z . 38.13 43.89 -7.77
O2 MAN Z . 38.83 45.73 -11.83
O3 MAN Z . 41.06 44.10 -11.56
O4 MAN Z . 40.63 42.95 -9.12
O5 MAN Z . 37.48 44.22 -9.94
O6 MAN Z . 39.34 44.08 -7.11
C1 MAN Z . 31.35 42.94 -2.52
C2 MAN Z . 32.14 42.90 -1.18
C3 MAN Z . 31.52 41.92 -0.21
C4 MAN Z . 30.02 41.61 -0.39
C5 MAN Z . 29.49 41.84 -1.78
C6 MAN Z . 27.97 41.77 -1.81
O2 MAN Z . 32.25 44.18 -0.53
O3 MAN Z . 31.70 42.51 1.06
O4 MAN Z . 29.80 40.25 -0.09
O5 MAN Z . 29.99 43.09 -2.17
O6 MAN Z . 27.48 42.63 -2.85
C1 NAG AA . -54.64 11.40 -11.09
C2 NAG AA . -53.51 12.26 -10.56
C3 NAG AA . -53.52 12.32 -9.03
C4 NAG AA . -54.92 12.79 -8.56
C5 NAG AA . -55.98 11.93 -9.22
C6 NAG AA . -57.36 12.34 -8.79
C7 NAG AA . -51.31 12.45 -11.61
C8 NAG AA . -50.05 11.74 -12.01
N2 NAG AA . -52.25 11.70 -11.03
O3 NAG AA . -52.47 13.10 -8.49
O4 NAG AA . -55.15 12.49 -7.19
O5 NAG AA . -55.82 12.05 -10.62
O6 NAG AA . -57.39 13.73 -8.53
O7 NAG AA . -51.44 13.66 -11.84
C1 NAG AA . -54.65 13.49 -6.32
C2 NAG AA . -55.55 13.47 -5.10
C3 NAG AA . -55.23 14.57 -4.12
C4 NAG AA . -53.73 14.66 -3.92
C5 NAG AA . -52.97 14.55 -5.26
C6 NAG AA . -51.47 14.81 -5.09
C7 NAG AA . -57.82 12.68 -5.15
C8 NAG AA . -59.24 12.92 -5.57
N2 NAG AA . -56.94 13.63 -5.49
O3 NAG AA . -55.92 14.27 -2.91
O4 NAG AA . -53.48 15.94 -3.39
O5 NAG AA . -53.29 13.31 -5.92
O6 NAG AA . -50.75 13.66 -5.45
O7 NAG AA . -57.46 11.65 -4.53
C1 BMA AA . -53.02 15.90 -2.00
C2 BMA AA . -52.11 17.12 -1.81
C3 BMA AA . -51.57 17.16 -0.40
C4 BMA AA . -52.68 16.92 0.66
C5 BMA AA . -53.64 15.78 0.31
C6 BMA AA . -54.84 15.60 1.31
O2 BMA AA . -52.81 18.36 -2.14
O3 BMA AA . -50.84 18.43 -0.23
O4 BMA AA . -52.06 16.64 1.93
O5 BMA AA . -54.11 15.96 -1.04
O6 BMA AA . -55.75 16.76 1.46
C1 NAG BA . -49.14 9.01 -7.89
C2 NAG BA . -49.69 10.27 -7.21
C3 NAG BA . -49.41 11.49 -8.08
C4 NAG BA . -47.96 11.55 -8.55
C5 NAG BA . -47.59 10.20 -9.18
C6 NAG BA . -46.16 10.13 -9.73
C7 NAG BA . -51.81 10.31 -5.96
C8 NAG BA . -53.31 10.08 -6.04
N2 NAG BA . -51.12 10.09 -7.09
O3 NAG BA . -49.76 12.67 -7.38
O4 NAG BA . -47.75 12.56 -9.54
O5 NAG BA . -47.77 9.22 -8.18
O6 NAG BA . -45.17 10.63 -8.85
O7 NAG BA . -51.28 10.67 -4.91
C1 NAG BA . -47.80 13.92 -9.02
C2 NAG BA . -46.69 14.77 -9.61
C3 NAG BA . -46.85 16.28 -9.36
C4 NAG BA . -48.30 16.80 -9.35
C5 NAG BA . -49.24 15.74 -8.76
C6 NAG BA . -50.69 16.12 -9.03
C7 NAG BA . -44.51 13.65 -9.75
C8 NAG BA . -43.27 13.26 -9.01
N2 NAG BA . -45.42 14.32 -9.04
O3 NAG BA . -46.05 16.99 -10.29
O4 NAG BA . -48.37 17.94 -8.51
O5 NAG BA . -49.05 14.46 -9.34
O6 NAG BA . -50.91 15.95 -10.42
O7 NAG BA . -44.63 13.35 -10.93
C1 BMA BA . -48.20 19.22 -9.16
C2 BMA BA . -48.88 20.33 -8.32
C3 BMA BA . -48.43 21.75 -8.68
C4 BMA BA . -46.90 21.80 -8.90
C5 BMA BA . -46.47 20.71 -9.87
C6 BMA BA . -44.97 20.75 -10.17
O2 BMA BA . -48.53 20.16 -6.93
O3 BMA BA . -48.84 22.67 -7.63
O4 BMA BA . -46.55 23.06 -9.46
O5 BMA BA . -46.81 19.44 -9.30
O6 BMA BA . -44.69 19.74 -11.16
C1 MAN BA . -43.28 19.66 -11.40
C2 MAN BA . -42.92 20.44 -12.67
C3 MAN BA . -43.40 19.70 -13.91
C4 MAN BA . -42.95 18.25 -13.85
C5 MAN BA . -43.44 17.57 -12.58
C6 MAN BA . -43.03 16.10 -12.52
O2 MAN BA . -41.51 20.57 -12.72
O3 MAN BA . -42.89 20.26 -15.14
O4 MAN BA . -43.44 17.59 -15.00
O5 MAN BA . -42.88 18.29 -11.50
O6 MAN BA . -41.60 15.99 -12.53
C1 MAN BA . -41.06 14.63 -12.63
C2 MAN BA . -39.53 14.81 -12.82
C3 MAN BA . -39.29 15.40 -14.20
C4 MAN BA . -40.01 14.49 -15.16
C5 MAN BA . -41.49 14.59 -14.88
C6 MAN BA . -42.26 13.85 -15.96
O2 MAN BA . -38.63 13.69 -12.79
O3 MAN BA . -37.91 15.41 -14.48
O4 MAN BA . -39.70 14.92 -16.45
O5 MAN BA . -41.67 13.90 -13.67
O6 MAN BA . -41.60 12.64 -16.33
C1 MAN BA . -38.55 12.89 -11.60
C2 MAN BA . -38.70 13.58 -10.23
C3 MAN BA . -38.61 12.57 -9.11
C4 MAN BA . -38.98 11.25 -9.82
C5 MAN BA . -37.73 10.98 -10.70
C6 MAN BA . -38.00 9.87 -11.69
O2 MAN BA . -40.01 14.07 -10.06
O3 MAN BA . -39.51 12.92 -8.08
O4 MAN BA . -39.22 10.24 -8.90
O5 MAN BA . -37.36 12.14 -11.44
O6 MAN BA . -37.56 8.72 -11.02
C1 MAN BA . -43.98 20.39 -16.11
C2 MAN BA . -43.48 20.74 -17.52
C3 MAN BA . -42.80 22.10 -17.41
C4 MAN BA . -43.73 23.12 -16.79
C5 MAN BA . -44.31 22.62 -15.48
C6 MAN BA . -45.42 23.54 -14.96
O2 MAN BA . -44.54 20.75 -18.50
O3 MAN BA . -42.44 22.56 -18.68
O4 MAN BA . -42.97 24.25 -16.46
O5 MAN BA . -44.92 21.39 -15.71
O6 MAN BA . -45.33 24.85 -15.47
C1 MAN BA . -50.24 23.04 -7.87
C2 MAN BA . -50.52 24.55 -7.67
C3 MAN BA . -50.55 24.94 -6.21
C4 MAN BA . -50.86 23.86 -5.20
C5 MAN BA . -50.58 22.45 -5.67
C6 MAN BA . -51.24 21.42 -4.73
O2 MAN BA . -51.76 25.04 -8.21
O3 MAN BA . -51.59 25.91 -6.17
O4 MAN BA . -50.03 24.05 -4.10
O5 MAN BA . -51.08 22.34 -7.00
O6 MAN BA . -51.72 20.26 -5.47
C1 NAG CA . 11.25 -13.41 54.30
C2 NAG CA . 10.57 -14.27 53.21
C3 NAG CA . 9.04 -14.18 53.26
C4 NAG CA . 8.59 -14.51 54.71
C5 NAG CA . 9.38 -13.67 55.70
C6 NAG CA . 8.95 -13.97 57.13
C7 NAG CA . 11.59 -14.71 50.98
C8 NAG CA . 12.07 -14.13 49.68
N2 NAG CA . 11.06 -13.88 51.90
O3 NAG CA . 8.40 -14.97 52.26
O4 NAG CA . 7.26 -14.12 55.01
O5 NAG CA . 10.76 -13.92 55.53
O6 NAG CA . 8.49 -15.32 57.29
O7 NAG CA . 11.70 -15.91 51.19
C1 NAG CA . 6.29 -15.09 54.62
C2 NAG CA . 5.11 -14.82 55.52
C3 NAG CA . 3.96 -15.78 55.30
C4 NAG CA . 3.71 -15.98 53.80
C5 NAG CA . 5.05 -16.13 53.05
C6 NAG CA . 4.83 -16.43 51.56
C7 NAG CA . 5.30 -13.89 57.74
C8 NAG CA . 5.79 -14.12 59.13
N2 NAG CA . 5.54 -14.92 56.91
O3 NAG CA . 2.85 -15.28 56.05
O4 NAG CA . 3.06 -17.23 53.66
O5 NAG CA . 5.82 -14.96 53.29
O6 NAG CA . 5.33 -15.34 50.80
O7 NAG CA . 4.72 -12.84 57.37
C1 BMA CA . 1.68 -17.10 53.30
C2 BMA CA . 1.34 -18.37 52.51
C3 BMA CA . -0.11 -18.33 52.00
C4 BMA CA . -1.07 -17.90 53.13
C5 BMA CA . -0.54 -16.71 53.98
C6 BMA CA . -1.49 -16.37 55.19
O2 BMA CA . 1.54 -19.59 53.28
O3 BMA CA . -0.48 -19.61 51.40
O4 BMA CA . -2.30 -17.51 52.52
O5 BMA CA . 0.82 -16.94 54.43
O6 BMA CA . -1.69 -17.45 56.15
C1 NAG DA . 8.00 -11.11 48.72
C2 NAG DA . 7.27 -12.26 49.40
C3 NAG DA . 8.00 -13.58 49.16
C4 NAG DA . 8.38 -13.79 47.68
C5 NAG DA . 9.10 -12.53 47.20
C6 NAG DA . 9.60 -12.65 45.76
C7 NAG DA . 6.11 -12.10 51.57
C8 NAG DA . 6.20 -11.78 53.04
N2 NAG DA . 7.23 -11.99 50.82
O3 NAG DA . 7.15 -14.62 49.63
O4 NAG DA . 9.27 -14.88 47.49
O5 NAG DA . 8.18 -11.45 47.35
O6 NAG DA . 8.57 -13.09 44.90
O7 NAG DA . 5.03 -12.43 51.09
C1 NAG DA . 8.64 -16.18 47.67
C2 NAG DA . 9.08 -17.21 46.61
C3 NAG DA . 8.65 -18.68 46.90
C4 NAG DA . 8.68 -19.06 48.37
C5 NAG DA . 8.25 -17.87 49.26
C6 NAG DA . 8.57 -18.17 50.73
C7 NAG DA . 9.25 -16.29 44.35
C8 NAG DA . 8.49 -15.89 43.13
N2 NAG DA . 8.50 -16.80 45.34
O3 NAG DA . 9.51 -19.56 46.21
O4 NAG DA . 7.77 -20.13 48.57
O5 NAG DA . 8.99 -16.70 48.93
O6 NAG DA . 9.98 -18.14 50.88
O7 NAG DA . 10.48 -16.14 44.43
C1 BMA DA . 8.30 -21.44 48.47
C2 BMA DA . 7.37 -22.41 49.24
C3 BMA DA . 7.62 -23.89 48.92
C4 BMA DA . 7.77 -24.07 47.40
C5 BMA DA . 8.82 -23.11 46.84
C6 BMA DA . 9.07 -23.31 45.34
O2 BMA DA . 5.97 -22.20 48.91
O3 BMA DA . 6.53 -24.69 49.46
O4 BMA DA . 8.21 -25.39 47.18
O5 BMA DA . 8.37 -21.75 47.09
O6 BMA DA . 10.08 -22.40 44.94
C1 MAN DA . 10.28 -22.43 43.53
C2 MAN DA . 11.48 -23.35 43.22
C3 MAN DA . 12.79 -22.70 43.63
C4 MAN DA . 12.84 -21.29 43.04
C5 MAN DA . 11.66 -20.47 43.50
C6 MAN DA . 11.72 -19.02 42.98
O2 MAN DA . 11.51 -23.65 41.85
O3 MAN DA . 13.88 -23.49 43.16
O4 MAN DA . 14.01 -20.60 43.45
O5 MAN DA . 10.47 -21.12 43.05
O6 MAN DA . 11.58 -18.98 41.56
C1 MAN DA . 11.87 -17.71 40.92
C2 MAN DA . 12.00 -18.03 39.42
C3 MAN DA . 13.33 -18.76 39.24
C4 MAN DA . 14.41 -17.91 39.78
C5 MAN DA . 14.18 -17.90 41.27
C6 MAN DA . 15.36 -17.23 41.96
O2 MAN DA . 12.02 -17.00 38.43
O3 MAN DA . 13.61 -18.87 37.88
O4 MAN DA . 15.64 -18.50 39.46
O5 MAN DA . 13.03 -17.10 41.42
O6 MAN DA . 15.80 -16.15 41.13
C1 MAN DA . 10.94 -16.07 38.32
C2 MAN DA . 9.54 -16.60 38.58
C3 MAN DA . 8.51 -15.47 38.45
C4 MAN DA . 9.35 -14.22 38.71
C5 MAN DA . 10.20 -14.12 37.41
C6 MAN DA . 11.31 -13.09 37.54
O2 MAN DA . 9.53 -16.92 39.96
O3 MAN DA . 7.47 -15.64 39.42
O4 MAN DA . 8.53 -13.10 38.91
O5 MAN DA . 10.80 -15.39 37.08
O6 MAN DA . 10.81 -11.92 36.94
C1 MAN DA . 14.94 -23.58 44.15
C2 MAN DA . 16.30 -24.07 43.59
C3 MAN DA . 16.06 -25.46 43.00
C4 MAN DA . 15.40 -26.38 44.05
C5 MAN DA . 14.17 -25.69 44.64
C6 MAN DA . 13.59 -26.46 45.79
O2 MAN DA . 17.31 -24.07 44.61
O3 MAN DA . 17.24 -26.06 42.53
O4 MAN DA . 15.00 -27.56 43.39
O5 MAN DA . 14.59 -24.49 45.17
O6 MAN DA . 13.99 -27.82 45.69
C1 MAN DA . 6.77 -24.98 50.86
C2 MAN DA . 6.44 -26.45 51.22
C3 MAN DA . 4.92 -26.68 51.30
C4 MAN DA . 4.00 -25.48 51.61
C5 MAN DA . 4.62 -24.14 51.21
C6 MAN DA . 3.80 -22.96 51.80
O2 MAN DA . 7.10 -26.91 52.43
O3 MAN DA . 4.74 -27.62 52.31
O4 MAN DA . 2.75 -25.61 50.92
O5 MAN DA . 5.99 -24.15 51.68
O6 MAN DA . 4.64 -21.84 52.12
C1 NAG EA . 3.23 -57.47 -20.11
C2 NAG EA . 2.97 -56.25 -20.97
C3 NAG EA . 2.33 -55.12 -20.17
C4 NAG EA . 1.10 -55.61 -19.43
C5 NAG EA . 1.46 -56.88 -18.69
C6 NAG EA . 0.25 -57.42 -17.94
C7 NAG EA . 4.30 -55.59 -22.91
C8 NAG EA . 5.65 -55.12 -23.40
N2 NAG EA . 4.20 -55.82 -21.61
O3 NAG EA . 1.96 -54.00 -20.97
O4 NAG EA . 0.70 -54.74 -18.39
O5 NAG EA . 1.96 -57.80 -19.61
O6 NAG EA . -0.94 -57.14 -18.64
O7 NAG EA . 3.35 -55.75 -23.66
C1 NAG EA . -0.18 -53.72 -18.82
C2 NAG EA . -1.00 -53.36 -17.61
C3 NAG EA . -2.04 -52.29 -17.91
C4 NAG EA . -1.42 -51.15 -18.71
C5 NAG EA . -0.55 -51.69 -19.82
C6 NAG EA . 0.02 -50.57 -20.67
C7 NAG EA . -1.56 -54.91 -15.89
C8 NAG EA . -2.33 -56.10 -15.43
N2 NAG EA . -1.73 -54.51 -17.13
O3 NAG EA . -2.57 -51.80 -16.69
O4 NAG EA . -2.50 -50.50 -19.32
O5 NAG EA . 0.44 -52.54 -19.27
O6 NAG EA . 1.41 -50.49 -20.44
O7 NAG EA . -0.80 -54.31 -15.14
C1 BMA EA . -2.72 -49.16 -18.80
C2 BMA EA . -3.24 -48.30 -19.97
C3 BMA EA . -3.49 -46.85 -19.51
C4 BMA EA . -4.24 -46.81 -18.15
C5 BMA EA . -3.71 -47.82 -17.10
C6 BMA EA . -4.56 -47.85 -15.79
O2 BMA EA . -4.42 -48.88 -20.54
O3 BMA EA . -4.14 -46.10 -20.60
O4 BMA EA . -4.13 -45.47 -17.63
O5 BMA EA . -3.63 -49.14 -17.70
O6 BMA EA . -5.95 -48.20 -15.94
C1 NAG FA . 6.78 -51.76 -19.92
C2 NAG FA . 5.29 -51.52 -20.07
C3 NAG FA . 4.78 -51.87 -21.46
C4 NAG FA . 5.62 -51.19 -22.54
C5 NAG FA . 7.08 -51.52 -22.25
C6 NAG FA . 8.06 -50.98 -23.29
C7 NAG FA . 3.71 -51.89 -18.20
C8 NAG FA . 3.19 -52.91 -17.21
N2 NAG FA . 4.64 -52.35 -19.07
O3 NAG FA . 3.43 -51.52 -21.58
O4 NAG FA . 5.32 -51.61 -23.86
O5 NAG FA . 7.43 -51.06 -20.94
O6 NAG FA . 7.88 -49.60 -23.54
O7 NAG FA . 3.24 -50.74 -18.12
C1 NAG FA . 4.05 -51.17 -24.39
C2 NAG FA . 4.13 -50.85 -25.86
C3 NAG FA . 2.78 -50.58 -26.53
C4 NAG FA . 1.65 -51.47 -26.05
C5 NAG FA . 1.79 -51.76 -24.56
C6 NAG FA . 0.85 -52.88 -24.12
C7 NAG FA . 6.15 -49.64 -26.48
C8 NAG FA . 6.89 -48.31 -26.52
N2 NAG FA . 4.92 -49.64 -25.95
O3 NAG FA . 2.86 -50.66 -27.94
O4 NAG FA . 0.42 -50.79 -26.25
O5 NAG FA . 3.10 -52.18 -24.27
O6 NAG FA . 1.30 -54.09 -24.69
O7 NAG FA . 6.71 -50.65 -26.92
C1 BMA FA . -0.25 -51.02 -27.53
C2 BMA FA . -1.76 -50.72 -27.39
C3 BMA FA . -2.49 -50.64 -28.70
C4 BMA FA . -1.68 -49.78 -29.69
C5 BMA FA . -0.28 -50.35 -29.80
C6 BMA FA . 0.58 -49.63 -30.84
O2 BMA FA . -1.98 -49.45 -26.79
O3 BMA FA . -3.81 -50.08 -28.47
O4 BMA FA . -2.34 -49.84 -30.97
O5 BMA FA . 0.34 -50.23 -28.54
O6 BMA FA . 1.87 -50.24 -30.91
C1 MAN FA . 2.75 -49.52 -31.79
C2 MAN FA . 2.76 -50.17 -33.16
C3 MAN FA . 3.52 -51.49 -33.15
C4 MAN FA . 4.87 -51.33 -32.44
C5 MAN FA . 4.70 -50.70 -31.06
C6 MAN FA . 6.04 -50.51 -30.33
O2 MAN FA . 3.38 -49.35 -34.10
O3 MAN FA . 3.72 -52.01 -34.45
O4 MAN FA . 5.50 -52.58 -32.39
O5 MAN FA . 4.05 -49.44 -31.27
O6 MAN FA . 6.83 -49.54 -30.99
C1 MAN FA . 8.20 -49.44 -30.53
C2 MAN FA . 8.93 -48.59 -31.60
C3 MAN FA . 9.11 -49.44 -32.87
C4 MAN FA . 9.78 -50.73 -32.47
C5 MAN FA . 8.82 -51.48 -31.56
C6 MAN FA . 9.35 -52.87 -31.28
O2 MAN FA . 10.22 -48.07 -31.40
O3 MAN FA . 9.96 -48.77 -33.78
O4 MAN FA . 10.06 -51.48 -33.60
O5 MAN FA . 8.75 -50.71 -30.34
O6 MAN FA . 10.74 -52.78 -31.06
C1 MAN FA . 10.53 -47.24 -30.28
C2 MAN FA . 9.46 -46.22 -29.86
C3 MAN FA . 9.90 -45.45 -28.64
C4 MAN FA . 10.97 -46.36 -28.04
C5 MAN FA . 12.14 -46.24 -29.03
C6 MAN FA . 13.24 -47.26 -28.80
O2 MAN FA . 8.39 -46.89 -29.30
O3 MAN FA . 8.78 -45.26 -27.81
O4 MAN FA . 11.31 -45.94 -26.76
O5 MAN FA . 11.72 -46.44 -30.37
O6 MAN FA . 14.24 -46.62 -28.04
C1 MAN FA . 3.44 -53.44 -34.46
C2 MAN FA . 3.93 -54.17 -35.71
C3 MAN FA . 3.21 -53.53 -36.88
C4 MAN FA . 1.71 -53.58 -36.67
C5 MAN FA . 1.34 -52.98 -35.33
C6 MAN FA . -0.11 -53.21 -34.98
O2 MAN FA . 3.74 -55.59 -35.63
O3 MAN FA . 3.61 -54.12 -38.10
O4 MAN FA . 1.14 -52.78 -37.67
O5 MAN FA . 2.06 -53.64 -34.37
O6 MAN FA . -0.87 -53.42 -36.14
C1 MAN FA . -4.75 -51.10 -28.02
C2 MAN FA . -6.12 -50.98 -28.71
C3 MAN FA . -6.97 -49.86 -28.10
C4 MAN FA . -6.64 -49.41 -26.69
C5 MAN FA . -5.24 -49.73 -26.23
C6 MAN FA . -5.11 -49.52 -24.74
O2 MAN FA . -6.91 -52.20 -28.69
O3 MAN FA . -8.30 -50.31 -28.01
O4 MAN FA . -6.78 -48.00 -26.65
O5 MAN FA . -4.98 -51.08 -26.63
O6 MAN FA . -4.14 -50.44 -24.22
C43 PGT GA . 41.50 25.92 -6.09
C42 PGT GA . 42.13 26.71 -7.26
C41 PGT GA . 42.45 25.89 -8.55
C40 PGT GA . 42.98 26.78 -9.72
C39 PGT GA . 42.21 26.59 -11.06
C38 PGT GA . 42.06 27.87 -11.90
C37 PGT GA . 41.43 27.57 -13.27
C36 PGT GA . 40.80 28.79 -13.99
C35 PGT GA . 41.62 29.29 -15.20
C34 PGT GA . 40.78 29.58 -16.47
C33 PGT GA . 40.99 31.00 -17.03
C32 PGT GA . 41.13 31.06 -18.56
C31 PGT GA . 40.33 32.19 -19.30
O31 PGT GA . 39.24 31.96 -19.84
O2 PGT GA . 40.86 33.45 -19.46
C2 PGT GA . 40.68 34.01 -20.82
C3 PGT GA . 42.08 34.22 -21.48
O3 PGT GA . 42.82 32.96 -21.79
C11 PGT GA . 44.11 32.78 -21.32
O11 PGT GA . 45.02 33.43 -21.84
C12 PGT GA . 44.40 31.69 -20.24
C13 PGT GA . 45.39 32.00 -19.09
C14 PGT GA . 45.29 30.90 -18.00
C15 PGT GA . 46.51 30.81 -17.05
C16 PGT GA . 46.61 29.48 -16.26
C17 PGT GA . 45.87 29.54 -14.92
C18 PGT GA . 46.54 28.69 -13.83
C19 PGT GA . 45.86 28.84 -12.43
C20 PGT GA . 46.85 29.00 -11.25
C21 PGT GA . 46.49 30.15 -10.29
C22 PGT GA . 47.46 30.28 -9.11
C43 PGT HA . -30.91 27.79 -4.52
C42 PGT HA . -30.64 27.35 -5.98
C41 PGT HA . -29.26 26.64 -6.24
C40 PGT HA . -29.18 26.03 -7.68
C39 PGT HA . -28.80 24.52 -7.71
C38 PGT HA . -29.49 23.74 -8.85
C37 PGT HA . -28.91 22.30 -8.98
C36 PGT HA . -29.80 21.32 -9.77
C35 PGT HA . -29.24 20.95 -11.16
C34 PGT HA . -29.29 19.43 -11.46
C33 PGT HA . -30.02 19.08 -12.79
C32 PGT HA . -29.29 18.01 -13.65
C31 PGT HA . -30.19 16.88 -14.24
O31 PGT HA . -30.32 15.79 -13.66
O2 PGT HA . -30.84 17.03 -15.44
C2 PGT HA . -30.68 15.89 -16.40
C3 PGT HA . -29.87 16.28 -17.68
O3 PGT HA . -28.43 16.58 -17.43
C11 PGT HA . -27.91 17.80 -17.83
O11 PGT HA . -27.75 18.02 -19.02
C12 PGT HA . -27.41 18.86 -16.79
C13 PGT HA . -27.71 20.38 -17.05
C14 PGT HA . -27.45 21.20 -15.74
C15 PGT HA . -27.26 22.71 -15.91
C16 PGT HA . -26.57 23.39 -14.71
C17 PGT HA . -27.55 23.90 -13.65
C18 PGT HA . -27.08 25.20 -12.97
C19 PGT HA . -28.15 25.80 -12.01
C20 PGT HA . -28.36 27.34 -12.14
C21 PGT HA . -29.86 27.75 -12.20
C22 PGT HA . -30.07 29.26 -12.29
C43 PGT IA . 2.02 -30.98 32.32
C42 PGT IA . 3.48 -30.64 31.95
C41 PGT IA . 3.73 -30.10 30.50
C40 PGT IA . 5.21 -29.64 30.30
C39 PGT IA . 5.38 -28.17 29.80
C38 PGT IA . 6.63 -27.45 30.37
C37 PGT IA . 6.84 -26.08 29.69
C36 PGT IA . 7.76 -25.10 30.46
C35 PGT IA . 9.15 -24.92 29.80
C34 PGT IA . 9.60 -23.45 29.68
C33 PGT IA . 10.98 -23.19 30.32
C32 PGT IA . 11.90 -22.26 29.48
C31 PGT IA . 12.64 -21.12 30.25
O31 PGT IA . 12.19 -19.97 30.29
O2 PGT IA . 13.87 -21.35 30.83
C2 PGT IA . 14.90 -20.32 30.55
C3 PGT IA . 16.11 -20.92 29.76
O3 PGT IA . 15.73 -21.34 28.37
C11 PGT IA . 16.03 -22.62 27.92
O11 PGT IA . 17.21 -22.93 27.73
C12 PGT IA . 14.87 -23.60 27.55
C13 PGT IA . 15.00 -25.12 27.96
C14 PGT IA . 13.60 -25.80 27.83
C15 PGT IA . 13.63 -27.34 27.76
C16 PGT IA . 12.33 -27.96 27.17
C17 PGT IA . 11.27 -28.26 28.25
C18 PGT IA . 10.45 -29.53 27.95
C19 PGT IA . 9.47 -29.90 29.09
C20 PGT IA . 9.42 -31.41 29.45
C21 PGT IA . 9.52 -31.69 30.97
C22 PGT IA . 9.49 -33.18 31.33
C43 PGT JA . -0.13 -35.38 -39.89
C42 PGT JA . 0.89 -36.32 -40.56
C41 PGT JA . 2.24 -35.70 -41.02
C40 PGT JA . 3.24 -36.81 -41.53
C39 PGT JA . 4.62 -36.76 -40.85
C38 PGT JA . 5.27 -38.14 -40.67
C37 PGT JA . 6.72 -38.01 -40.14
C36 PGT JA . 7.29 -39.28 -39.45
C35 PGT JA . 8.37 -40.01 -40.29
C34 PGT JA . 9.63 -40.44 -39.51
C33 PGT JA . 9.98 -41.93 -39.66
C32 PGT JA . 11.47 -42.23 -39.87
C31 PGT JA . 12.10 -43.37 -39.02
O31 PGT JA . 12.73 -43.14 -37.98
O2 PGT JA . 12.02 -44.69 -39.42
C2 PGT JA . 13.32 -45.42 -39.37
C3 PGT JA . 13.86 -45.83 -40.77
O3 PGT JA . 14.29 -44.67 -41.60
C11 PGT JA . 13.77 -44.50 -42.88
O11 PGT JA . 14.14 -45.27 -43.77
C12 PGT JA . 12.86 -43.29 -43.23
C13 PGT JA . 11.60 -43.50 -44.13
C14 PGT JA . 10.70 -42.25 -44.03
C15 PGT JA . 9.70 -42.07 -45.21
C16 PGT JA . 9.12 -40.63 -45.34
C17 PGT JA . 7.83 -40.43 -44.49
C18 PGT JA . 6.81 -39.49 -45.17
C19 PGT JA . 5.45 -39.42 -44.40
C20 PGT JA . 4.19 -39.49 -45.31
C21 PGT JA . 3.12 -40.45 -44.82
C22 PGT JA . 1.88 -40.46 -45.72
#